data_1N6D
#
_entry.id   1N6D
#
_cell.length_a   95.44
_cell.length_b   245.43
_cell.length_c   159.40
_cell.angle_alpha   90
_cell.angle_beta   104.79
_cell.angle_gamma   90
#
_symmetry.space_group_name_H-M   'P 1 21 1'
#
loop_
_entity.id
_entity.type
_entity.pdbx_description
1 polymer 'Tricorn protease'
2 polymer RVRK
3 non-polymer DECANE
4 water water
#
loop_
_entity_poly.entity_id
_entity_poly.type
_entity_poly.pdbx_seq_one_letter_code
_entity_poly.pdbx_strand_id
1 'polypeptide(L)'
;MPSLMSFGSCQWIDQGRFSRSLYRNFKTFKLHEMHGLCMPNLLLNPDIHGDRIIFVCCDDLWEHDLKSGSTRKIVSNLGV
INNARFFPDGRKIAIRVMRGSSLNTADLYFYNGENGEIKRITYFSGKSTGRRMFTDVAGFDPDGNLIISTDAMQPFSSMT
CLYRVENDGINFVPLNLGPATHILFADGRRVIGRNTFELPHWKGYRGGTRGKIWIEVNSGAFKKIVDMSTHVSSPVIVGH
RIYFITDIDGFGQIYSTDLDGKDLRKHTSFTDYYPRHLNTDGRRILFSKGGSIYIFNPDTEKIEKIEIGDLESPEDRIIS
IPSKFAEDFSPLDGDLIAFVSRGQAFIQDVSGTYVLKVPEPLRIRYVRRGGDTKVAFIHGTREGDFLGIYDYRTGKAEKF
EENLGNVFAMGVDRNGKFAVVANDRFEIMTVDLETGKPTVIERSREAMITDFTISDNSRFIAYGFPLKHGETDGYVMQAI
HVYDMEGRKIFAATTENSHDYAPAFDADSKNLYYLSYRSLDPSPDRVVLNFSFEVVSKPFVIPLIPGSPNPTKLVPRSMT
SEAGEYDLNDMYKRSSPINVDPGDYRMIIPLESSILIYSVPVHGEFAAYYQGAPEKGVLLKYDVKTRKVTEVKNNLTDLR
LSADRKTVMVRKDDGKIYTFPLEKPEDERTVETDKRPLVSSIHEEFLQMYDEAWKLARDNYWNEAVAKEISERIYEKYRN
LVPLCKTRYDLSNVIVEMQGEYRTSHSYEMGGTFTDKDPFRSGRIACDFKLDGDHYVVAKAYAGDYSNEGEKSPIFEYGI
DPTGYLIEDIDGETVGAGSNIYRVLSEKAGTSARIRLSGKGGDKRDLMIDILDDDRFIRYRSWVEANRRYVHERSKGTIG
YIHIPDMGMMGLNEFYRLFINESSYQGLIVDVRFNGGGFVSQLIIEKLMNKRIGYDNPRRGTLSPYPTNSVRGKIIAITN
EYAGSDGDIFSFSFKKLGLGKLIGTRTWGGVVGITPKRRLIDGTVLTQPEFAFWFRDAGFGVENYGVDPDVEIEYAPHDY
LSGKDPQIDYAIDALIEELRNWNEELPQRPS
;
A,B,C,D,E,F
2 'polypeptide(L)' RVRK(0QE) G,H,I,J,K,L
#
# COMPACT_ATOMS: atom_id res chain seq x y z
N MET A 39 64.57 -5.25 30.92
CA MET A 39 63.29 -5.98 30.69
C MET A 39 63.47 -7.31 29.95
N PRO A 40 63.70 -8.40 30.69
CA PRO A 40 63.87 -9.71 30.08
C PRO A 40 62.54 -10.31 29.66
N ASN A 41 62.59 -11.37 28.86
CA ASN A 41 61.40 -12.06 28.40
C ASN A 41 61.06 -13.23 29.30
N LEU A 42 60.08 -14.01 28.86
CA LEU A 42 59.65 -15.21 29.59
C LEU A 42 60.04 -16.36 28.68
N LEU A 43 61.11 -17.06 29.02
CA LEU A 43 61.54 -18.16 28.18
C LEU A 43 60.85 -19.44 28.66
N LEU A 44 60.66 -20.39 27.75
CA LEU A 44 60.03 -21.62 28.14
C LEU A 44 60.01 -22.70 27.09
N ASN A 45 59.70 -23.93 27.55
CA ASN A 45 59.61 -25.14 26.72
C ASN A 45 60.76 -25.33 25.77
N PRO A 46 61.97 -25.52 26.31
CA PRO A 46 63.13 -25.71 25.47
C PRO A 46 63.37 -27.15 25.05
N ASP A 47 64.31 -27.32 24.12
CA ASP A 47 64.74 -28.62 23.63
C ASP A 47 66.22 -28.43 23.38
N ILE A 48 66.99 -29.49 23.59
CA ILE A 48 68.43 -29.40 23.40
C ILE A 48 68.96 -30.37 22.36
N HIS A 49 70.12 -30.03 21.81
CA HIS A 49 70.80 -30.85 20.84
C HIS A 49 72.20 -30.33 20.67
N GLY A 50 73.12 -30.99 21.34
CA GLY A 50 74.52 -30.59 21.27
C GLY A 50 74.73 -29.26 21.96
N ASP A 51 75.23 -28.28 21.24
CA ASP A 51 75.44 -26.96 21.83
C ASP A 51 74.23 -26.10 21.58
N ARG A 52 73.47 -26.44 20.54
CA ARG A 52 72.28 -25.67 20.18
C ARG A 52 71.11 -25.97 21.09
N ILE A 53 70.30 -24.95 21.36
CA ILE A 53 69.15 -25.06 22.25
C ILE A 53 67.96 -24.20 21.77
N ILE A 54 66.89 -24.85 21.31
CA ILE A 54 65.72 -24.13 20.84
C ILE A 54 64.74 -23.95 21.99
N PHE A 55 63.99 -22.85 21.98
CA PHE A 55 63.02 -22.57 23.04
C PHE A 55 62.01 -21.55 22.55
N VAL A 56 60.95 -21.35 23.32
CA VAL A 56 59.92 -20.40 22.91
C VAL A 56 59.98 -19.11 23.69
N CYS A 57 59.85 -18.01 22.96
CA CYS A 57 59.82 -16.65 23.51
C CYS A 57 58.91 -15.84 22.63
N CYS A 58 57.97 -15.13 23.26
CA CYS A 58 57.00 -14.31 22.52
C CYS A 58 56.29 -15.10 21.44
N ASP A 59 55.77 -16.28 21.79
CA ASP A 59 55.06 -17.11 20.82
C ASP A 59 55.90 -17.63 19.65
N ASP A 60 57.09 -17.03 19.47
CA ASP A 60 57.97 -17.44 18.39
C ASP A 60 59.05 -18.41 18.87
N LEU A 61 59.70 -19.08 17.91
CA LEU A 61 60.75 -20.06 18.20
C LEU A 61 62.14 -19.48 18.09
N TRP A 62 62.95 -19.70 19.11
CA TRP A 62 64.30 -19.18 19.07
C TRP A 62 65.34 -20.30 19.21
N GLU A 63 66.57 -20.00 18.82
CA GLU A 63 67.68 -20.95 18.89
C GLU A 63 68.84 -20.29 19.60
N HIS A 64 69.45 -21.02 20.52
CA HIS A 64 70.59 -20.49 21.25
C HIS A 64 71.80 -21.41 21.21
N ASP A 65 72.97 -20.81 21.00
CA ASP A 65 74.22 -21.57 20.92
C ASP A 65 75.12 -21.31 22.12
N LEU A 66 75.11 -22.24 23.06
CA LEU A 66 75.92 -22.17 24.27
C LEU A 66 77.35 -21.77 23.95
N LYS A 67 77.87 -22.35 22.88
CA LYS A 67 79.23 -22.06 22.46
C LYS A 67 79.41 -20.55 22.32
N SER A 68 78.86 -19.97 21.26
CA SER A 68 78.99 -18.54 21.01
C SER A 68 78.22 -17.66 21.99
N GLY A 69 77.16 -18.22 22.58
CA GLY A 69 76.37 -17.42 23.50
C GLY A 69 75.38 -16.50 22.80
N SER A 70 75.19 -16.68 21.49
CA SER A 70 74.25 -15.85 20.73
C SER A 70 72.88 -16.51 20.61
N THR A 71 71.88 -15.71 20.27
CA THR A 71 70.52 -16.22 20.15
C THR A 71 69.89 -15.60 18.89
N ARG A 72 68.90 -16.29 18.34
CA ARG A 72 68.24 -15.80 17.15
C ARG A 72 66.86 -16.41 16.96
N LYS A 73 65.95 -15.66 16.33
CA LYS A 73 64.59 -16.16 16.08
C LYS A 73 64.63 -16.90 14.76
N ILE A 74 64.41 -18.21 14.80
CA ILE A 74 64.46 -19.06 13.61
C ILE A 74 63.12 -19.20 12.89
N VAL A 75 62.03 -18.84 13.54
CA VAL A 75 60.72 -18.96 12.90
C VAL A 75 59.72 -18.05 13.63
N SER A 76 58.86 -17.38 12.87
CA SER A 76 57.86 -16.49 13.46
C SER A 76 56.67 -16.26 12.54
N ASN A 77 55.68 -15.55 13.07
CA ASN A 77 54.48 -15.19 12.33
C ASN A 77 53.66 -16.39 11.88
N LEU A 78 53.72 -17.47 12.65
CA LEU A 78 52.95 -18.68 12.33
C LEU A 78 51.77 -18.78 13.30
N GLY A 79 51.85 -17.99 14.36
CA GLY A 79 50.82 -18.00 15.38
C GLY A 79 51.52 -18.32 16.70
N VAL A 80 50.79 -18.89 17.64
CA VAL A 80 51.39 -19.20 18.92
C VAL A 80 51.99 -20.61 19.00
N ILE A 81 53.29 -20.65 19.24
CA ILE A 81 54.05 -21.88 19.37
C ILE A 81 54.35 -22.17 20.84
N ASN A 82 54.15 -23.42 21.22
CA ASN A 82 54.40 -23.87 22.59
C ASN A 82 55.34 -25.08 22.69
N ASN A 83 55.59 -25.76 21.57
CA ASN A 83 56.47 -26.92 21.58
C ASN A 83 57.30 -27.01 20.30
N ALA A 84 58.58 -27.28 20.45
CA ALA A 84 59.48 -27.41 19.32
C ALA A 84 60.37 -28.61 19.64
N ARG A 85 60.46 -29.55 18.72
CA ARG A 85 61.26 -30.74 18.94
C ARG A 85 62.28 -30.97 17.86
N PHE A 86 63.51 -31.26 18.30
CA PHE A 86 64.64 -31.55 17.41
C PHE A 86 64.50 -32.95 16.83
N PHE A 87 64.74 -33.06 15.54
CA PHE A 87 64.68 -34.35 14.87
C PHE A 87 65.95 -35.08 15.33
N PRO A 88 66.12 -36.36 14.93
CA PRO A 88 67.31 -37.10 15.32
C PRO A 88 68.58 -36.41 14.83
N ASP A 89 68.70 -36.21 13.52
CA ASP A 89 69.88 -35.57 12.96
C ASP A 89 70.12 -34.16 13.51
N GLY A 90 69.17 -33.61 14.26
CA GLY A 90 69.36 -32.27 14.80
C GLY A 90 69.23 -31.19 13.73
N ARG A 91 68.93 -31.60 12.49
CA ARG A 91 68.78 -30.66 11.38
C ARG A 91 67.38 -30.02 11.32
N LYS A 92 66.34 -30.84 11.19
CA LYS A 92 64.96 -30.38 11.11
C LYS A 92 64.35 -30.29 12.49
N ILE A 93 63.23 -29.57 12.57
CA ILE A 93 62.52 -29.36 13.83
C ILE A 93 61.00 -29.44 13.64
N ALA A 94 60.34 -30.24 14.48
CA ALA A 94 58.89 -30.35 14.42
C ALA A 94 58.33 -29.32 15.39
N ILE A 95 57.41 -28.50 14.89
CA ILE A 95 56.79 -27.43 15.67
C ILE A 95 55.27 -27.53 15.74
N ARG A 96 54.72 -27.33 16.93
CA ARG A 96 53.28 -27.35 17.15
C ARG A 96 52.85 -25.90 17.31
N VAL A 97 51.97 -25.43 16.45
CA VAL A 97 51.53 -24.06 16.54
C VAL A 97 50.03 -23.99 16.69
N MET A 98 49.56 -23.01 17.46
CA MET A 98 48.11 -22.82 17.69
C MET A 98 47.60 -21.56 16.99
N ARG A 99 46.33 -21.60 16.54
CA ARG A 99 45.66 -20.50 15.86
C ARG A 99 44.21 -20.38 16.33
N GLY A 100 43.55 -19.26 16.01
CA GLY A 100 42.19 -19.02 16.48
C GLY A 100 42.27 -18.01 17.61
N SER A 101 41.27 -17.15 17.74
CA SER A 101 41.31 -16.14 18.77
C SER A 101 41.71 -16.66 20.13
N SER A 102 41.20 -17.83 20.50
CA SER A 102 41.49 -18.46 21.80
C SER A 102 42.35 -19.69 21.70
N LEU A 103 43.15 -19.76 20.64
CA LEU A 103 44.05 -20.89 20.42
C LEU A 103 43.27 -22.20 20.52
N ASN A 104 42.05 -22.19 19.99
CA ASN A 104 41.17 -23.35 20.01
C ASN A 104 41.54 -24.38 18.96
N THR A 105 42.47 -24.04 18.08
CA THR A 105 42.90 -24.96 17.01
C THR A 105 44.40 -25.07 16.95
N ALA A 106 44.89 -26.18 16.40
CA ALA A 106 46.33 -26.38 16.28
C ALA A 106 46.73 -27.40 15.19
N ASP A 107 47.96 -27.28 14.71
CA ASP A 107 48.51 -28.15 13.70
C ASP A 107 50.05 -28.12 13.75
N LEU A 108 50.66 -29.11 13.12
CA LEU A 108 52.12 -29.25 13.13
C LEU A 108 52.84 -28.78 11.87
N TYR A 109 54.03 -28.21 12.08
CA TYR A 109 54.88 -27.66 11.01
C TYR A 109 56.30 -28.21 11.10
N PHE A 110 56.98 -28.23 9.95
CA PHE A 110 58.39 -28.67 9.83
C PHE A 110 59.27 -27.47 9.60
N TYR A 111 60.49 -27.55 10.08
CA TYR A 111 61.45 -26.48 9.90
C TYR A 111 62.81 -27.06 9.52
N ASN A 112 63.29 -26.69 8.34
CA ASN A 112 64.57 -27.19 7.85
C ASN A 112 65.61 -26.11 8.09
N GLY A 113 66.43 -26.28 9.12
CA GLY A 113 67.45 -25.29 9.39
C GLY A 113 68.54 -25.22 8.33
N GLU A 114 68.47 -26.09 7.32
CA GLU A 114 69.48 -26.09 6.27
C GLU A 114 69.15 -24.99 5.26
N ASN A 115 67.92 -24.97 4.76
CA ASN A 115 67.52 -23.99 3.77
C ASN A 115 66.54 -22.97 4.32
N GLY A 116 66.12 -23.18 5.56
CA GLY A 116 65.18 -22.25 6.18
C GLY A 116 63.78 -22.43 5.61
N GLU A 117 63.46 -23.67 5.24
CA GLU A 117 62.16 -24.00 4.68
C GLU A 117 61.19 -24.20 5.81
N ILE A 118 59.93 -23.82 5.60
CA ILE A 118 58.88 -23.99 6.59
C ILE A 118 57.77 -24.69 5.83
N LYS A 119 57.13 -25.66 6.49
CA LYS A 119 56.07 -26.45 5.85
C LYS A 119 55.06 -27.04 6.83
N ARG A 120 53.77 -26.81 6.56
CA ARG A 120 52.72 -27.35 7.42
C ARG A 120 52.63 -28.84 7.14
N ILE A 121 52.66 -29.64 8.19
CA ILE A 121 52.62 -31.09 8.09
C ILE A 121 51.25 -31.74 8.24
N THR A 122 50.47 -31.24 9.18
CA THR A 122 49.12 -31.78 9.43
C THR A 122 48.02 -30.76 9.19
N TYR A 123 46.89 -31.24 8.67
CA TYR A 123 45.73 -30.39 8.41
C TYR A 123 44.56 -31.02 9.16
N PHE A 124 44.82 -31.35 10.42
CA PHE A 124 43.83 -31.99 11.26
C PHE A 124 42.96 -30.98 11.99
N SER A 125 43.54 -29.81 12.25
CA SER A 125 42.89 -28.74 13.00
C SER A 125 42.44 -29.33 14.33
N GLY A 126 43.39 -29.98 15.01
CA GLY A 126 43.13 -30.59 16.30
C GLY A 126 42.54 -29.64 17.30
N LYS A 127 41.58 -30.11 18.10
CA LYS A 127 40.96 -29.24 19.07
C LYS A 127 41.81 -29.22 20.33
N SER A 128 42.05 -28.03 20.88
CA SER A 128 42.85 -27.94 22.09
C SER A 128 42.37 -26.86 23.05
N THR A 129 42.73 -26.99 24.31
CA THR A 129 42.34 -26.02 25.33
C THR A 129 43.60 -25.82 26.17
N GLY A 130 43.61 -24.84 27.05
CA GLY A 130 44.79 -24.65 27.88
C GLY A 130 45.22 -25.91 28.61
N ARG A 131 44.25 -26.61 29.21
CA ARG A 131 44.55 -27.81 29.99
C ARG A 131 44.89 -29.04 29.16
N ARG A 132 44.34 -29.14 27.95
CA ARG A 132 44.62 -30.29 27.09
C ARG A 132 45.03 -29.84 25.69
N MET A 133 46.30 -29.48 25.55
CA MET A 133 46.83 -29.02 24.27
C MET A 133 47.26 -30.20 23.42
N PHE A 134 46.26 -30.93 22.95
CA PHE A 134 46.47 -32.12 22.13
C PHE A 134 47.02 -31.89 20.73
N THR A 135 47.40 -32.97 20.04
CA THR A 135 47.98 -32.92 18.70
C THR A 135 49.37 -32.28 18.78
N ASP A 136 50.33 -33.09 19.21
CA ASP A 136 51.71 -32.67 19.41
C ASP A 136 52.69 -33.74 18.94
N VAL A 137 53.99 -33.51 19.18
CA VAL A 137 55.01 -34.48 18.83
C VAL A 137 55.14 -35.50 19.97
N ALA A 138 55.00 -36.77 19.65
CA ALA A 138 55.08 -37.84 20.64
C ALA A 138 56.52 -38.29 20.87
N GLY A 139 57.31 -38.23 19.81
CA GLY A 139 58.71 -38.64 19.90
C GLY A 139 59.22 -39.04 18.53
N PHE A 140 60.33 -39.78 18.50
CA PHE A 140 60.90 -40.23 17.23
C PHE A 140 61.29 -41.70 17.31
N ASP A 141 60.91 -42.46 16.30
CA ASP A 141 61.22 -43.89 16.27
C ASP A 141 62.70 -44.10 15.96
N PRO A 142 63.19 -45.33 16.14
CA PRO A 142 64.60 -45.62 15.87
C PRO A 142 65.09 -45.17 14.47
N ASP A 143 64.24 -45.32 13.45
CA ASP A 143 64.59 -44.95 12.10
C ASP A 143 64.74 -43.44 11.94
N GLY A 144 64.38 -42.70 12.98
CA GLY A 144 64.47 -41.25 12.93
C GLY A 144 63.18 -40.58 12.44
N ASN A 145 62.07 -41.30 12.50
CA ASN A 145 60.81 -40.74 12.06
C ASN A 145 60.00 -40.14 13.20
N LEU A 146 59.25 -39.10 12.84
CA LEU A 146 58.40 -38.40 13.79
C LEU A 146 57.14 -39.17 14.14
N ILE A 147 56.86 -39.27 15.43
CA ILE A 147 55.66 -39.93 15.93
C ILE A 147 54.83 -38.85 16.60
N ILE A 148 53.61 -38.67 16.11
CA ILE A 148 52.74 -37.65 16.69
C ILE A 148 51.60 -38.25 17.48
N SER A 149 51.05 -37.44 18.37
CA SER A 149 49.93 -37.82 19.18
C SER A 149 48.73 -36.93 18.84
N THR A 150 47.65 -37.51 18.32
CA THR A 150 46.47 -36.71 18.00
C THR A 150 45.16 -37.46 18.13
N ASP A 151 44.08 -36.70 18.30
CA ASP A 151 42.74 -37.23 18.42
C ASP A 151 41.90 -36.79 17.23
N ALA A 152 42.55 -36.15 16.25
CA ALA A 152 41.85 -35.62 15.07
C ALA A 152 40.88 -36.64 14.43
N MET A 153 41.26 -37.92 14.42
CA MET A 153 40.41 -38.93 13.82
C MET A 153 39.73 -39.84 14.83
N GLN A 154 39.73 -39.41 16.08
CA GLN A 154 39.11 -40.16 17.14
C GLN A 154 37.83 -39.49 17.60
N PRO A 155 36.94 -40.28 18.22
CA PRO A 155 35.65 -39.80 18.74
C PRO A 155 35.79 -39.01 20.03
N PHE A 156 36.77 -39.37 20.84
CA PHE A 156 36.96 -38.67 22.10
C PHE A 156 38.28 -37.92 22.07
N SER A 157 38.26 -36.69 22.56
CA SER A 157 39.48 -35.88 22.57
C SER A 157 40.61 -36.60 23.30
N SER A 158 40.29 -37.26 24.42
CA SER A 158 41.32 -37.97 25.18
C SER A 158 41.98 -39.12 24.40
N MET A 159 41.38 -39.56 23.30
CA MET A 159 42.01 -40.64 22.51
C MET A 159 43.12 -40.03 21.66
N THR A 160 44.14 -39.49 22.31
CA THR A 160 45.27 -38.89 21.58
C THR A 160 46.19 -40.02 21.17
N CYS A 161 45.69 -40.86 20.27
CA CYS A 161 46.41 -42.02 19.77
C CYS A 161 47.71 -41.67 19.03
N LEU A 162 48.65 -42.62 18.97
CA LEU A 162 49.93 -42.40 18.30
C LEU A 162 49.97 -42.71 16.79
N TYR A 163 50.60 -41.82 16.03
CA TYR A 163 50.70 -41.95 14.59
C TYR A 163 52.10 -41.64 14.05
N ARG A 164 52.57 -42.43 13.08
CA ARG A 164 53.87 -42.18 12.48
C ARG A 164 53.73 -41.34 11.20
N VAL A 165 54.43 -40.22 11.17
CA VAL A 165 54.36 -39.30 10.02
C VAL A 165 55.16 -39.77 8.82
N GLU A 166 54.51 -39.83 7.66
CA GLU A 166 55.19 -40.25 6.45
C GLU A 166 55.04 -39.24 5.31
N ASN A 167 56.06 -39.16 4.46
CA ASN A 167 56.06 -38.25 3.32
C ASN A 167 55.71 -36.84 3.70
N ASP A 168 56.16 -36.40 4.87
CA ASP A 168 55.90 -35.05 5.33
C ASP A 168 54.42 -34.70 5.45
N GLY A 169 53.63 -35.62 5.98
CA GLY A 169 52.21 -35.36 6.15
C GLY A 169 51.30 -35.96 5.11
N ILE A 170 51.89 -36.69 4.16
CA ILE A 170 51.11 -37.32 3.10
C ILE A 170 50.27 -38.45 3.66
N ASN A 171 50.95 -39.39 4.29
CA ASN A 171 50.30 -40.56 4.90
C ASN A 171 50.55 -40.62 6.41
N PHE A 172 49.68 -41.33 7.13
CA PHE A 172 49.79 -41.48 8.59
C PHE A 172 49.57 -42.93 8.97
N VAL A 173 50.58 -43.56 9.55
CA VAL A 173 50.44 -44.96 9.96
C VAL A 173 50.27 -45.09 11.47
N PRO A 174 49.10 -45.61 11.91
CA PRO A 174 48.80 -45.80 13.34
C PRO A 174 49.66 -46.87 14.03
N LEU A 175 50.08 -46.58 15.26
CA LEU A 175 50.90 -47.50 16.04
C LEU A 175 50.05 -48.41 16.92
N ASN A 176 48.73 -48.15 16.93
CA ASN A 176 47.77 -48.92 17.70
C ASN A 176 48.25 -49.27 19.09
N LEU A 177 48.81 -48.28 19.77
CA LEU A 177 49.28 -48.46 21.12
C LEU A 177 48.35 -47.81 22.12
N GLY A 178 47.24 -47.28 21.61
CA GLY A 178 46.29 -46.59 22.48
C GLY A 178 46.69 -45.15 22.70
N PRO A 179 45.95 -44.39 23.53
CA PRO A 179 46.27 -43.00 23.81
C PRO A 179 47.61 -42.79 24.51
N ALA A 180 48.39 -41.83 24.03
CA ALA A 180 49.70 -41.56 24.60
C ALA A 180 50.14 -40.13 24.39
N THR A 181 50.99 -39.65 25.27
CA THR A 181 51.47 -38.29 25.19
C THR A 181 52.93 -38.31 24.81
N HIS A 182 53.64 -39.37 25.20
CA HIS A 182 55.08 -39.53 24.89
C HIS A 182 55.39 -40.95 24.48
N ILE A 183 56.33 -41.11 23.56
CA ILE A 183 56.74 -42.43 23.10
C ILE A 183 58.26 -42.37 22.92
N LEU A 184 58.97 -43.05 23.81
CA LEU A 184 60.44 -43.10 23.78
C LEU A 184 60.88 -44.49 23.37
N PHE A 185 62.16 -44.64 23.06
CA PHE A 185 62.67 -45.94 22.70
C PHE A 185 63.97 -46.24 23.44
N ALA A 186 64.12 -47.47 23.91
CA ALA A 186 65.33 -47.82 24.62
C ALA A 186 65.59 -49.30 24.44
N ASP A 187 66.73 -49.62 23.83
CA ASP A 187 67.13 -51.00 23.62
C ASP A 187 66.07 -51.80 22.86
N GLY A 188 65.46 -51.15 21.87
CA GLY A 188 64.45 -51.79 21.07
C GLY A 188 63.17 -51.99 21.85
N ARG A 189 62.98 -51.18 22.89
CA ARG A 189 61.78 -51.30 23.70
C ARG A 189 60.98 -50.02 23.69
N ARG A 190 59.68 -50.14 23.39
CA ARG A 190 58.81 -48.99 23.35
C ARG A 190 58.49 -48.56 24.78
N VAL A 191 58.59 -47.26 25.05
CA VAL A 191 58.30 -46.71 26.36
C VAL A 191 57.15 -45.73 26.15
N ILE A 192 56.02 -46.04 26.77
CA ILE A 192 54.84 -45.20 26.61
C ILE A 192 54.46 -44.35 27.83
N GLY A 193 54.33 -43.05 27.60
CA GLY A 193 53.95 -42.13 28.66
C GLY A 193 52.51 -41.66 28.46
N ARG A 194 51.62 -42.09 29.36
CA ARG A 194 50.20 -41.78 29.33
C ARG A 194 49.83 -40.56 30.16
N ASN A 195 49.15 -39.60 29.54
CA ASN A 195 48.73 -38.39 30.25
C ASN A 195 49.92 -37.75 30.95
N THR A 196 51.08 -37.81 30.31
CA THR A 196 52.29 -37.26 30.85
C THR A 196 52.58 -35.79 30.51
N PHE A 197 51.58 -35.03 30.10
CA PHE A 197 51.80 -33.60 29.82
C PHE A 197 51.80 -32.86 31.17
N GLU A 198 52.25 -31.61 31.19
CA GLU A 198 52.30 -30.87 32.42
C GLU A 198 50.89 -30.46 32.91
N LEU A 199 50.71 -30.37 34.23
CA LEU A 199 49.44 -29.94 34.78
C LEU A 199 49.67 -28.77 35.73
N PRO A 200 50.05 -27.60 35.21
CA PRO A 200 50.29 -26.43 36.06
C PRO A 200 49.04 -25.95 36.81
N HIS A 201 47.87 -26.22 36.25
CA HIS A 201 46.62 -25.76 36.85
C HIS A 201 46.20 -26.56 38.04
N TRP A 202 46.86 -27.70 38.25
CA TRP A 202 46.51 -28.55 39.37
C TRP A 202 47.71 -29.16 39.99
N LYS A 203 48.30 -28.46 40.94
CA LYS A 203 49.49 -28.99 41.57
C LYS A 203 49.08 -30.03 42.60
N GLY A 204 49.90 -31.07 42.73
CA GLY A 204 49.60 -32.11 43.70
C GLY A 204 48.45 -33.01 43.28
N TYR A 205 48.15 -33.02 41.98
CA TYR A 205 47.06 -33.86 41.46
C TYR A 205 47.39 -35.34 41.67
N ARG A 206 46.46 -36.10 42.22
CA ARG A 206 46.65 -37.51 42.51
C ARG A 206 45.48 -38.36 42.03
N GLY A 207 44.77 -37.86 41.01
CA GLY A 207 43.61 -38.57 40.49
C GLY A 207 43.99 -39.65 39.51
N GLY A 208 42.97 -40.40 39.06
CA GLY A 208 43.19 -41.49 38.12
C GLY A 208 43.79 -41.13 36.75
N THR A 209 43.73 -39.87 36.35
CA THR A 209 44.27 -39.44 35.07
C THR A 209 45.69 -38.97 35.19
N ARG A 210 46.31 -39.30 36.33
CA ARG A 210 47.70 -38.91 36.59
C ARG A 210 48.61 -39.60 35.61
N GLY A 211 49.65 -38.89 35.19
CA GLY A 211 50.61 -39.41 34.24
C GLY A 211 51.27 -40.68 34.72
N LYS A 212 51.34 -41.67 33.84
CA LYS A 212 51.95 -42.96 34.14
C LYS A 212 52.88 -43.43 33.02
N ILE A 213 53.79 -44.34 33.31
CA ILE A 213 54.71 -44.84 32.29
C ILE A 213 54.68 -46.35 32.16
N TRP A 214 54.55 -46.84 30.92
CA TRP A 214 54.54 -48.28 30.66
C TRP A 214 55.79 -48.61 29.87
N ILE A 215 56.03 -49.91 29.67
CA ILE A 215 57.20 -50.36 28.93
C ILE A 215 57.04 -51.75 28.29
N GLU A 216 57.60 -51.91 27.10
CA GLU A 216 57.52 -53.17 26.38
C GLU A 216 58.49 -54.15 27.01
N VAL A 217 58.13 -55.43 27.03
CA VAL A 217 58.97 -56.50 27.62
C VAL A 217 59.06 -57.73 26.75
N ASN A 218 58.07 -57.92 25.88
CA ASN A 218 58.05 -59.07 25.01
C ASN A 218 57.51 -58.73 23.62
N SER A 219 58.33 -58.00 22.87
CA SER A 219 57.99 -57.54 21.52
C SER A 219 56.50 -57.53 21.23
N GLY A 220 55.74 -56.94 22.15
CA GLY A 220 54.30 -56.86 22.02
C GLY A 220 53.65 -56.81 23.39
N ALA A 221 54.37 -57.26 24.41
CA ALA A 221 53.82 -57.25 25.75
C ALA A 221 54.27 -56.02 26.51
N PHE A 222 53.34 -55.37 27.20
CA PHE A 222 53.67 -54.17 27.95
C PHE A 222 53.41 -54.25 29.45
N LYS A 223 54.20 -53.51 30.19
CA LYS A 223 54.08 -53.50 31.63
C LYS A 223 54.21 -52.10 32.20
N LYS A 224 53.28 -51.77 33.09
CA LYS A 224 53.28 -50.47 33.71
C LYS A 224 54.44 -50.41 34.69
N ILE A 225 55.34 -49.43 34.53
CA ILE A 225 56.48 -49.32 35.43
C ILE A 225 56.55 -48.10 36.33
N VAL A 226 55.98 -46.98 35.92
CA VAL A 226 55.99 -45.84 36.82
C VAL A 226 54.55 -45.44 37.02
N ASP A 227 54.09 -45.62 38.25
CA ASP A 227 52.72 -45.30 38.64
C ASP A 227 52.78 -44.81 40.09
N MET A 228 53.27 -43.59 40.31
CA MET A 228 53.38 -43.05 41.66
C MET A 228 52.02 -42.54 42.09
N SER A 229 51.94 -41.97 43.29
CA SER A 229 50.66 -41.48 43.76
C SER A 229 50.29 -40.17 43.07
N THR A 230 51.31 -39.41 42.69
CA THR A 230 51.09 -38.15 42.04
C THR A 230 51.34 -38.24 40.53
N HIS A 231 51.19 -37.09 39.88
CA HIS A 231 51.34 -36.92 38.44
C HIS A 231 52.79 -36.91 37.96
N VAL A 232 53.04 -37.67 36.90
CA VAL A 232 54.36 -37.73 36.30
C VAL A 232 54.30 -37.09 34.91
N SER A 233 55.15 -36.10 34.68
CA SER A 233 55.20 -35.36 33.41
C SER A 233 56.56 -35.28 32.74
N SER A 234 56.53 -35.01 31.43
CA SER A 234 57.72 -34.84 30.61
C SER A 234 58.86 -35.82 30.81
N PRO A 235 58.64 -37.08 30.41
CA PRO A 235 59.67 -38.12 30.55
C PRO A 235 60.76 -38.10 29.47
N VAL A 236 61.98 -38.41 29.91
CA VAL A 236 63.15 -38.48 29.03
C VAL A 236 64.02 -39.65 29.47
N ILE A 237 64.86 -40.14 28.55
CA ILE A 237 65.74 -41.26 28.83
C ILE A 237 67.20 -40.94 28.53
N VAL A 238 68.01 -40.79 29.57
CA VAL A 238 69.45 -40.53 29.37
C VAL A 238 70.17 -41.79 29.83
N GLY A 239 70.82 -42.45 28.88
CA GLY A 239 71.49 -43.70 29.20
C GLY A 239 70.44 -44.79 29.32
N HIS A 240 70.22 -45.27 30.53
CA HIS A 240 69.21 -46.30 30.73
C HIS A 240 68.33 -45.96 31.89
N ARG A 241 68.06 -44.67 32.03
CA ARG A 241 67.18 -44.18 33.09
C ARG A 241 66.18 -43.19 32.52
N ILE A 242 64.95 -43.26 33.03
CA ILE A 242 63.90 -42.38 32.58
C ILE A 242 63.81 -41.28 33.60
N TYR A 243 64.00 -40.05 33.12
CA TYR A 243 63.93 -38.91 34.00
C TYR A 243 62.62 -38.23 33.72
N PHE A 244 61.91 -37.91 34.79
CA PHE A 244 60.62 -37.26 34.64
C PHE A 244 60.47 -36.29 35.80
N ILE A 245 59.29 -35.68 35.89
CA ILE A 245 59.01 -34.71 36.92
C ILE A 245 57.77 -35.09 37.69
N THR A 246 57.79 -34.83 38.99
CA THR A 246 56.63 -35.11 39.84
C THR A 246 56.71 -34.25 41.10
N ASP A 247 55.62 -34.14 41.84
CA ASP A 247 55.63 -33.32 43.03
C ASP A 247 55.17 -34.11 44.21
N ILE A 248 55.64 -35.35 44.29
CA ILE A 248 55.25 -36.23 45.39
C ILE A 248 55.72 -35.72 46.75
N ASP A 249 56.82 -34.99 46.75
CA ASP A 249 57.39 -34.45 47.97
C ASP A 249 56.77 -33.11 48.35
N GLY A 250 55.83 -32.64 47.54
CA GLY A 250 55.16 -31.37 47.83
C GLY A 250 55.54 -30.26 46.87
N PHE A 251 56.43 -30.55 45.94
CA PHE A 251 56.86 -29.57 44.98
C PHE A 251 57.42 -30.29 43.76
N GLY A 252 57.43 -29.62 42.62
CA GLY A 252 57.93 -30.22 41.40
C GLY A 252 59.43 -30.40 41.45
N GLN A 253 59.88 -31.59 41.07
CA GLN A 253 61.31 -31.89 41.06
C GLN A 253 61.59 -32.95 40.00
N ILE A 254 62.87 -33.14 39.67
CA ILE A 254 63.24 -34.11 38.68
C ILE A 254 63.65 -35.41 39.38
N TYR A 255 63.26 -36.54 38.80
CA TYR A 255 63.59 -37.86 39.32
C TYR A 255 63.92 -38.75 38.14
N SER A 256 64.30 -39.99 38.43
CA SER A 256 64.61 -40.97 37.41
C SER A 256 64.56 -42.35 38.03
N THR A 257 64.49 -43.35 37.18
CA THR A 257 64.44 -44.74 37.63
C THR A 257 64.93 -45.58 36.47
N ASP A 258 65.38 -46.81 36.75
CA ASP A 258 65.84 -47.68 35.66
C ASP A 258 64.65 -48.04 34.77
N LEU A 259 64.92 -48.73 33.66
CA LEU A 259 63.86 -49.11 32.75
C LEU A 259 62.88 -50.11 33.36
N ASP A 260 62.81 -50.12 34.68
CA ASP A 260 61.89 -51.00 35.39
C ASP A 260 61.15 -50.29 36.51
N GLY A 261 61.16 -48.97 36.44
CA GLY A 261 60.49 -48.15 37.43
C GLY A 261 61.04 -48.32 38.83
N LYS A 262 62.19 -48.98 38.94
CA LYS A 262 62.82 -49.20 40.23
C LYS A 262 63.96 -48.23 40.48
N ASP A 263 64.48 -48.25 41.71
CA ASP A 263 65.58 -47.38 42.10
C ASP A 263 65.26 -45.90 41.95
N LEU A 264 64.23 -45.43 42.63
CA LEU A 264 63.84 -44.03 42.51
C LEU A 264 64.88 -43.12 43.10
N ARG A 265 65.08 -41.97 42.47
CA ARG A 265 66.05 -40.96 42.93
C ARG A 265 65.52 -39.55 42.70
N LYS A 266 65.69 -38.71 43.71
CA LYS A 266 65.29 -37.31 43.68
C LYS A 266 66.56 -36.48 43.36
N HIS A 267 66.57 -35.84 42.21
CA HIS A 267 67.71 -35.05 41.77
C HIS A 267 67.67 -33.57 42.11
N THR A 268 66.66 -32.84 41.67
CA THR A 268 66.62 -31.40 41.96
C THR A 268 65.92 -31.14 43.28
N SER A 269 66.02 -29.91 43.78
CA SER A 269 65.40 -29.55 45.06
C SER A 269 64.84 -28.14 45.03
N PHE A 270 64.34 -27.74 43.88
CA PHE A 270 63.77 -26.42 43.68
C PHE A 270 62.75 -25.99 44.74
N THR A 271 62.53 -24.68 44.83
CA THR A 271 61.55 -24.13 45.77
C THR A 271 60.85 -22.89 45.21
N ASP A 272 61.46 -22.26 44.19
CA ASP A 272 60.92 -21.05 43.56
C ASP A 272 59.77 -21.28 42.57
N TYR A 273 59.99 -22.13 41.57
CA TYR A 273 58.95 -22.44 40.58
C TYR A 273 59.11 -23.85 40.10
N TYR A 274 57.98 -24.52 39.83
CA TYR A 274 58.05 -25.90 39.32
C TYR A 274 58.77 -25.94 37.96
N PRO A 275 59.56 -26.98 37.74
CA PRO A 275 60.31 -27.18 36.49
C PRO A 275 59.33 -27.76 35.47
N ARG A 276 59.54 -27.50 34.18
CA ARG A 276 58.62 -28.05 33.18
C ARG A 276 59.29 -28.30 31.85
N HIS A 277 58.63 -29.13 31.03
CA HIS A 277 59.05 -29.44 29.66
C HIS A 277 60.42 -30.05 29.56
N LEU A 278 60.62 -31.26 30.10
CA LEU A 278 61.95 -31.89 30.00
C LEU A 278 62.21 -32.36 28.58
N ASN A 279 63.44 -32.18 28.12
CA ASN A 279 63.80 -32.62 26.80
C ASN A 279 65.30 -32.88 26.78
N THR A 280 65.71 -33.88 26.02
CA THR A 280 67.12 -34.21 25.97
C THR A 280 67.57 -34.59 24.57
N ASP A 281 68.87 -34.86 24.45
CA ASP A 281 69.52 -35.24 23.22
C ASP A 281 70.29 -36.54 23.42
N GLY A 282 70.23 -37.06 24.64
CA GLY A 282 70.93 -38.28 24.98
C GLY A 282 72.05 -38.04 25.97
N ARG A 283 72.53 -36.79 26.01
CA ARG A 283 73.60 -36.44 26.92
C ARG A 283 73.07 -35.63 28.10
N ARG A 284 72.65 -34.39 27.86
CA ARG A 284 72.11 -33.56 28.94
C ARG A 284 70.61 -33.27 28.79
N ILE A 285 69.97 -32.95 29.91
CA ILE A 285 68.56 -32.63 29.93
C ILE A 285 68.33 -31.13 29.96
N LEU A 286 67.29 -30.68 29.25
CA LEU A 286 66.94 -29.28 29.16
C LEU A 286 65.56 -29.08 29.74
N PHE A 287 65.31 -27.89 30.29
CA PHE A 287 63.97 -27.59 30.86
C PHE A 287 63.85 -26.12 31.21
N SER A 288 62.64 -25.70 31.58
CA SER A 288 62.42 -24.32 31.92
C SER A 288 61.82 -24.19 33.33
N LYS A 289 62.05 -23.04 33.95
CA LYS A 289 61.56 -22.79 35.30
C LYS A 289 61.50 -21.29 35.56
N GLY A 290 60.38 -20.86 36.10
CA GLY A 290 60.19 -19.44 36.38
C GLY A 290 60.57 -18.50 35.23
N GLY A 291 60.52 -19.00 34.00
CA GLY A 291 60.83 -18.16 32.86
C GLY A 291 62.24 -18.21 32.34
N SER A 292 63.09 -19.07 32.90
CA SER A 292 64.47 -19.20 32.45
C SER A 292 64.69 -20.59 31.92
N ILE A 293 65.75 -20.77 31.15
CA ILE A 293 66.08 -22.09 30.60
C ILE A 293 67.26 -22.66 31.40
N TYR A 294 67.09 -23.87 31.91
CA TYR A 294 68.10 -24.53 32.70
C TYR A 294 68.61 -25.81 32.05
N ILE A 295 69.75 -26.31 32.57
CA ILE A 295 70.35 -27.55 32.09
C ILE A 295 70.71 -28.42 33.29
N PHE A 296 70.59 -29.72 33.09
CA PHE A 296 70.90 -30.70 34.10
C PHE A 296 71.74 -31.76 33.40
N ASN A 297 72.91 -32.05 33.97
CA ASN A 297 73.78 -33.07 33.40
C ASN A 297 73.59 -34.32 34.24
N PRO A 298 73.07 -35.40 33.63
CA PRO A 298 72.85 -36.66 34.34
C PRO A 298 74.10 -37.17 35.04
N ASP A 299 75.24 -37.04 34.38
CA ASP A 299 76.51 -37.49 34.96
C ASP A 299 76.93 -36.65 36.14
N THR A 300 77.18 -35.38 35.89
CA THR A 300 77.62 -34.46 36.95
C THR A 300 76.52 -34.22 37.97
N GLU A 301 75.28 -34.31 37.52
CA GLU A 301 74.10 -34.05 38.35
C GLU A 301 74.06 -32.56 38.73
N LYS A 302 74.72 -31.72 37.93
CA LYS A 302 74.77 -30.29 38.16
C LYS A 302 73.71 -29.52 37.39
N ILE A 303 73.11 -28.55 38.06
CA ILE A 303 72.07 -27.74 37.47
C ILE A 303 72.64 -26.37 37.18
N GLU A 304 72.51 -25.93 35.94
CA GLU A 304 73.00 -24.62 35.55
C GLU A 304 72.01 -23.87 34.65
N LYS A 305 71.93 -22.56 34.89
CA LYS A 305 71.05 -21.66 34.15
C LYS A 305 71.76 -21.13 32.92
N ILE A 306 71.06 -21.17 31.78
CA ILE A 306 71.65 -20.65 30.56
C ILE A 306 71.44 -19.13 30.53
N GLU A 307 72.43 -18.38 30.04
CA GLU A 307 72.33 -16.93 29.97
C GLU A 307 71.79 -16.53 28.61
N ILE A 308 70.73 -15.73 28.60
CA ILE A 308 70.16 -15.30 27.32
C ILE A 308 69.84 -13.81 27.28
N GLY A 309 69.46 -13.27 28.42
CA GLY A 309 69.15 -11.85 28.50
C GLY A 309 68.00 -11.42 27.61
N ASP A 310 67.85 -10.11 27.45
CA ASP A 310 66.79 -9.53 26.64
C ASP A 310 66.77 -10.08 25.22
N LEU A 311 65.57 -10.27 24.68
CA LEU A 311 65.43 -10.80 23.32
C LEU A 311 64.47 -10.00 22.45
N GLU A 312 63.31 -9.68 23.01
CA GLU A 312 62.32 -8.94 22.27
C GLU A 312 61.40 -8.14 23.16
N SER A 313 61.18 -6.88 22.79
CA SER A 313 60.32 -5.97 23.53
C SER A 313 59.43 -5.20 22.54
N PRO A 314 58.30 -5.81 22.12
CA PRO A 314 57.37 -5.19 21.18
C PRO A 314 56.70 -3.94 21.71
N GLU A 315 56.03 -3.24 20.81
CA GLU A 315 55.31 -2.00 21.09
C GLU A 315 54.30 -2.19 22.21
N ASP A 316 54.53 -1.54 23.33
CA ASP A 316 53.63 -1.65 24.47
C ASP A 316 52.27 -1.04 24.26
N ARG A 317 52.21 0.02 23.45
CA ARG A 317 50.94 0.70 23.20
C ARG A 317 50.24 -0.01 22.05
N ILE A 318 49.16 -0.71 22.37
CA ILE A 318 48.38 -1.47 21.40
C ILE A 318 47.00 -0.86 21.09
N ILE A 319 46.53 -1.17 19.87
CA ILE A 319 45.26 -0.70 19.36
C ILE A 319 44.31 -1.90 19.23
N SER A 320 43.10 -1.77 19.79
CA SER A 320 42.08 -2.82 19.74
C SER A 320 40.77 -2.31 19.19
N ILE A 321 39.94 -3.24 18.76
CA ILE A 321 38.63 -2.92 18.20
C ILE A 321 37.53 -2.95 19.25
N PRO A 322 36.99 -1.78 19.61
CA PRO A 322 35.95 -1.74 20.63
C PRO A 322 34.83 -2.78 20.57
N SER A 323 34.32 -3.08 19.39
CA SER A 323 33.22 -4.03 19.28
C SER A 323 33.63 -5.41 19.78
N LYS A 324 34.88 -5.79 19.54
CA LYS A 324 35.39 -7.09 19.98
C LYS A 324 35.41 -7.26 21.52
N PHE A 325 35.35 -6.19 22.28
CA PHE A 325 35.39 -6.31 23.73
C PHE A 325 34.31 -5.48 24.39
N ALA A 326 33.37 -5.00 23.60
CA ALA A 326 32.30 -4.17 24.11
C ALA A 326 31.36 -4.89 25.06
N GLU A 327 30.55 -4.12 25.78
CA GLU A 327 29.56 -4.64 26.73
C GLU A 327 28.89 -3.50 27.49
N ASP A 328 27.80 -3.81 28.18
CA ASP A 328 27.11 -2.80 28.95
C ASP A 328 26.63 -1.58 28.14
N PHE A 329 26.19 -1.78 26.90
CA PHE A 329 25.67 -0.67 26.07
C PHE A 329 24.41 -0.07 26.72
N SER A 330 24.36 1.25 26.89
CA SER A 330 23.20 1.89 27.52
C SER A 330 22.83 3.24 26.86
N PRO A 331 21.52 3.50 26.67
CA PRO A 331 21.07 4.76 26.06
C PRO A 331 20.98 5.91 27.07
N LEU A 332 21.45 7.09 26.68
CA LEU A 332 21.43 8.27 27.54
C LEU A 332 20.49 9.34 26.98
N ASP A 333 20.61 10.56 27.48
CA ASP A 333 19.77 11.65 27.01
C ASP A 333 20.37 12.23 25.74
N GLY A 334 19.66 13.16 25.13
CA GLY A 334 20.14 13.78 23.90
C GLY A 334 20.48 12.74 22.85
N ASP A 335 19.85 11.56 22.95
CA ASP A 335 20.08 10.48 22.00
C ASP A 335 21.56 10.06 21.99
N LEU A 336 22.16 9.99 23.17
CA LEU A 336 23.55 9.59 23.31
C LEU A 336 23.60 8.13 23.77
N ILE A 337 24.80 7.56 23.69
CA ILE A 337 25.03 6.17 24.07
C ILE A 337 26.20 6.04 25.03
N ALA A 338 26.17 5.03 25.88
CA ALA A 338 27.26 4.77 26.80
C ALA A 338 27.57 3.29 26.67
N PHE A 339 28.85 2.93 26.68
CA PHE A 339 29.21 1.52 26.60
C PHE A 339 30.61 1.30 27.18
N VAL A 340 30.88 0.08 27.61
CA VAL A 340 32.16 -0.27 28.17
C VAL A 340 32.90 -1.26 27.26
N SER A 341 34.22 -1.14 27.22
CA SER A 341 35.01 -2.06 26.43
C SER A 341 36.44 -2.14 26.93
N ARG A 342 36.96 -3.36 26.96
CA ARG A 342 38.30 -3.62 27.42
C ARG A 342 38.61 -2.79 28.67
N GLY A 343 37.61 -2.65 29.55
CA GLY A 343 37.76 -1.90 30.78
C GLY A 343 37.63 -0.40 30.71
N GLN A 344 37.41 0.15 29.52
CA GLN A 344 37.26 1.60 29.33
C GLN A 344 35.80 1.95 29.07
N ALA A 345 35.42 3.19 29.32
CA ALA A 345 34.03 3.58 29.06
C ALA A 345 33.94 4.73 28.09
N PHE A 346 32.81 4.82 27.38
CA PHE A 346 32.62 5.89 26.41
C PHE A 346 31.21 6.47 26.26
N ILE A 347 31.16 7.76 25.93
CA ILE A 347 29.91 8.47 25.69
C ILE A 347 30.00 8.87 24.24
N GLN A 348 29.14 8.28 23.41
CA GLN A 348 29.16 8.58 22.01
C GLN A 348 27.76 8.67 21.42
N ASP A 349 27.67 9.08 20.14
CA ASP A 349 26.39 9.17 19.46
C ASP A 349 26.24 7.86 18.69
N VAL A 350 25.02 7.50 18.34
CA VAL A 350 24.78 6.24 17.63
C VAL A 350 25.80 6.01 16.52
N SER A 351 26.14 7.08 15.81
CA SER A 351 27.10 7.05 14.71
C SER A 351 28.50 6.57 15.12
N GLY A 352 28.93 6.97 16.30
CA GLY A 352 30.26 6.61 16.77
C GLY A 352 31.27 7.61 16.24
N THR A 353 30.77 8.75 15.77
CA THR A 353 31.65 9.78 15.24
C THR A 353 32.17 10.70 16.34
N TYR A 354 31.30 11.05 17.28
CA TYR A 354 31.65 11.89 18.42
C TYR A 354 31.76 10.97 19.64
N VAL A 355 32.99 10.64 20.04
CA VAL A 355 33.24 9.75 21.17
C VAL A 355 34.03 10.39 22.28
N LEU A 356 33.62 10.15 23.52
CA LEU A 356 34.33 10.67 24.69
C LEU A 356 34.64 9.50 25.61
N LYS A 357 35.88 9.43 26.07
CA LYS A 357 36.26 8.38 26.99
C LYS A 357 36.11 8.88 28.42
N VAL A 358 35.66 8.04 29.32
CA VAL A 358 35.53 8.49 30.69
C VAL A 358 36.96 8.57 31.21
N PRO A 359 37.35 9.70 31.83
CA PRO A 359 38.70 9.89 32.37
C PRO A 359 38.87 9.15 33.70
N GLU A 360 39.07 7.83 33.61
CA GLU A 360 39.25 6.99 34.79
C GLU A 360 40.18 5.82 34.46
N PRO A 361 41.06 5.45 35.41
CA PRO A 361 42.02 4.35 35.22
C PRO A 361 41.32 3.05 34.87
N LEU A 362 42.11 2.00 34.66
CA LEU A 362 41.53 0.70 34.29
C LEU A 362 40.50 0.11 35.22
N ARG A 363 39.67 -0.69 34.55
CA ARG A 363 38.53 -1.43 35.08
C ARG A 363 37.29 -0.70 35.49
N ILE A 364 36.52 -0.33 34.47
CA ILE A 364 35.23 0.31 34.67
C ILE A 364 34.26 -0.87 34.45
N ARG A 365 33.58 -1.28 35.51
CA ARG A 365 32.68 -2.39 35.36
C ARG A 365 31.33 -1.99 34.78
N TYR A 366 30.76 -0.89 35.27
CA TYR A 366 29.47 -0.46 34.77
C TYR A 366 29.28 1.06 34.57
N VAL A 367 28.48 1.40 33.57
CA VAL A 367 28.19 2.80 33.28
C VAL A 367 26.67 2.98 33.23
N ARG A 368 26.17 3.99 33.93
CA ARG A 368 24.74 4.21 33.99
C ARG A 368 24.30 5.67 34.01
N ARG A 369 23.33 6.00 33.18
CA ARG A 369 22.80 7.36 33.09
C ARG A 369 22.43 7.89 34.47
N GLY A 370 22.98 9.06 34.82
CA GLY A 370 22.73 9.65 36.13
C GLY A 370 22.34 11.11 36.06
N GLY A 371 21.89 11.57 34.90
CA GLY A 371 21.51 12.96 34.76
C GLY A 371 21.59 13.42 33.32
N ASP A 372 21.18 14.65 33.04
CA ASP A 372 21.21 15.18 31.69
C ASP A 372 22.54 14.98 31.00
N THR A 373 23.63 15.35 31.69
CA THR A 373 24.95 15.20 31.11
C THR A 373 25.86 14.44 32.06
N LYS A 374 25.28 13.85 33.10
CA LYS A 374 26.05 13.11 34.10
C LYS A 374 25.77 11.61 34.08
N VAL A 375 26.83 10.80 34.19
CA VAL A 375 26.72 9.35 34.18
C VAL A 375 27.41 8.76 35.42
N ALA A 376 26.79 7.76 36.04
CA ALA A 376 27.39 7.12 37.22
C ALA A 376 28.10 5.85 36.79
N PHE A 377 29.26 5.56 37.37
CA PHE A 377 29.97 4.37 36.98
C PHE A 377 30.46 3.55 38.17
N ILE A 378 30.85 2.30 37.88
CA ILE A 378 31.39 1.42 38.88
C ILE A 378 32.83 1.11 38.45
N HIS A 379 33.79 1.54 39.28
CA HIS A 379 35.22 1.33 39.02
C HIS A 379 35.78 0.23 39.92
N GLY A 380 36.46 -0.73 39.32
CA GLY A 380 37.01 -1.82 40.10
C GLY A 380 38.52 -1.80 40.21
N THR A 381 39.01 -2.18 41.38
CA THR A 381 40.45 -2.25 41.65
C THR A 381 40.70 -3.51 42.43
N ARG A 382 41.97 -3.78 42.73
CA ARG A 382 42.36 -4.98 43.46
C ARG A 382 41.68 -5.01 44.84
N GLU A 383 41.36 -3.81 45.36
CA GLU A 383 40.71 -3.68 46.65
C GLU A 383 39.22 -4.01 46.58
N GLY A 384 38.60 -3.61 45.48
CA GLY A 384 37.18 -3.87 45.29
C GLY A 384 36.52 -2.94 44.30
N ASP A 385 35.19 -2.84 44.39
CA ASP A 385 34.44 -1.98 43.50
C ASP A 385 33.95 -0.74 44.20
N PHE A 386 34.03 0.37 43.47
CA PHE A 386 33.63 1.66 44.00
C PHE A 386 32.75 2.43 43.03
N LEU A 387 31.82 3.21 43.59
CA LEU A 387 30.91 4.02 42.82
C LEU A 387 31.59 5.31 42.39
N GLY A 388 31.26 5.75 41.17
CA GLY A 388 31.84 6.97 40.63
C GLY A 388 30.81 7.74 39.84
N ILE A 389 31.13 8.98 39.49
CA ILE A 389 30.23 9.84 38.74
C ILE A 389 31.02 10.70 37.79
N TYR A 390 30.52 10.86 36.56
CA TYR A 390 31.20 11.65 35.55
C TYR A 390 30.21 12.49 34.77
N ASP A 391 30.62 13.72 34.47
CA ASP A 391 29.79 14.67 33.71
C ASP A 391 30.49 14.96 32.39
N TYR A 392 30.07 14.28 31.33
CA TYR A 392 30.70 14.44 30.04
C TYR A 392 30.57 15.83 29.42
N ARG A 393 29.92 16.74 30.13
CA ARG A 393 29.76 18.12 29.65
C ARG A 393 30.83 19.02 30.27
N THR A 394 30.82 19.13 31.59
CA THR A 394 31.79 19.95 32.31
C THR A 394 33.11 19.21 32.35
N GLY A 395 33.16 18.11 33.08
CA GLY A 395 34.38 17.33 33.20
C GLY A 395 34.56 16.77 34.60
N LYS A 396 33.90 17.41 35.57
CA LYS A 396 33.96 16.96 36.96
C LYS A 396 33.75 15.45 37.08
N ALA A 397 34.76 14.78 37.64
CA ALA A 397 34.70 13.34 37.82
C ALA A 397 35.16 12.91 39.22
N GLU A 398 34.41 13.32 40.24
CA GLU A 398 34.76 12.98 41.61
C GLU A 398 34.45 11.51 41.84
N LYS A 399 35.49 10.71 42.07
CA LYS A 399 35.31 9.28 42.30
C LYS A 399 35.27 8.98 43.81
N PHE A 400 34.31 8.17 44.24
CA PHE A 400 34.21 7.83 45.66
C PHE A 400 35.27 6.82 46.10
N GLU A 401 35.33 6.59 47.41
CA GLU A 401 36.30 5.66 48.00
C GLU A 401 35.63 4.60 48.87
N GLU A 402 34.37 4.81 49.26
CA GLU A 402 33.67 3.84 50.06
C GLU A 402 33.55 2.51 49.28
N ASN A 403 34.17 1.46 49.80
CA ASN A 403 34.15 0.16 49.12
C ASN A 403 32.75 -0.45 49.13
N LEU A 404 32.37 -1.08 48.02
CA LEU A 404 31.07 -1.70 47.89
C LEU A 404 31.15 -3.20 47.72
N GLY A 405 32.36 -3.72 47.78
CA GLY A 405 32.56 -5.14 47.61
C GLY A 405 32.61 -5.44 46.13
N ASN A 406 32.06 -6.59 45.75
CA ASN A 406 32.05 -6.96 44.35
C ASN A 406 30.70 -6.67 43.74
N VAL A 407 30.60 -5.55 43.02
CA VAL A 407 29.35 -5.15 42.40
C VAL A 407 28.97 -5.92 41.14
N PHE A 408 27.71 -6.33 41.04
CA PHE A 408 27.26 -7.03 39.85
C PHE A 408 26.01 -6.40 39.20
N ALA A 409 25.46 -5.38 39.85
CA ALA A 409 24.29 -4.69 39.33
C ALA A 409 24.32 -3.29 39.89
N MET A 410 23.98 -2.32 39.05
CA MET A 410 24.00 -0.93 39.45
C MET A 410 22.94 -0.18 38.68
N GLY A 411 22.27 0.75 39.37
CA GLY A 411 21.25 1.56 38.74
C GLY A 411 21.12 2.90 39.44
N VAL A 412 20.55 3.88 38.75
CA VAL A 412 20.36 5.21 39.33
C VAL A 412 18.92 5.67 39.18
N ASP A 413 18.39 6.35 40.19
CA ASP A 413 17.02 6.80 40.07
C ASP A 413 16.90 7.82 38.97
N ARG A 414 15.68 8.16 38.59
CA ARG A 414 15.48 9.11 37.50
C ARG A 414 15.72 10.53 37.91
N ASN A 415 15.93 10.76 39.19
CA ASN A 415 16.17 12.12 39.63
C ASN A 415 17.58 12.31 40.20
N GLY A 416 18.49 11.45 39.74
CA GLY A 416 19.89 11.52 40.14
C GLY A 416 20.22 11.81 41.59
N LYS A 417 19.39 11.36 42.51
CA LYS A 417 19.61 11.57 43.93
C LYS A 417 20.48 10.44 44.46
N PHE A 418 20.06 9.20 44.23
CA PHE A 418 20.81 8.04 44.73
C PHE A 418 20.97 6.95 43.68
N ALA A 419 21.61 5.87 44.08
CA ALA A 419 21.83 4.75 43.20
C ALA A 419 21.60 3.46 43.97
N VAL A 420 21.27 2.40 43.24
CA VAL A 420 21.07 1.09 43.85
C VAL A 420 22.20 0.20 43.37
N VAL A 421 22.73 -0.61 44.29
CA VAL A 421 23.84 -1.51 43.99
C VAL A 421 23.65 -2.90 44.63
N ALA A 422 24.10 -3.92 43.91
CA ALA A 422 24.03 -5.30 44.36
C ALA A 422 25.46 -5.88 44.32
N ASN A 423 25.90 -6.45 45.44
CA ASN A 423 27.25 -7.05 45.54
C ASN A 423 27.18 -8.56 45.69
N ASP A 424 28.34 -9.18 45.75
CA ASP A 424 28.39 -10.65 45.90
C ASP A 424 28.24 -11.09 47.36
N ARG A 425 27.85 -10.15 48.20
CA ARG A 425 27.62 -10.45 49.60
C ARG A 425 26.11 -10.70 49.70
N PHE A 426 25.42 -10.54 48.56
CA PHE A 426 23.98 -10.76 48.47
C PHE A 426 23.21 -9.60 49.08
N GLU A 427 23.80 -8.41 49.02
CA GLU A 427 23.17 -7.22 49.58
C GLU A 427 22.69 -6.29 48.50
N ILE A 428 21.63 -5.56 48.81
CA ILE A 428 21.12 -4.56 47.89
C ILE A 428 21.20 -3.29 48.76
N MET A 429 21.72 -2.23 48.15
CA MET A 429 21.90 -0.99 48.89
C MET A 429 21.73 0.27 48.08
N THR A 430 21.55 1.38 48.80
CA THR A 430 21.37 2.68 48.19
C THR A 430 22.57 3.55 48.55
N VAL A 431 23.22 4.07 47.52
CA VAL A 431 24.38 4.92 47.72
C VAL A 431 23.98 6.36 47.40
N ASP A 432 24.24 7.27 48.35
CA ASP A 432 23.91 8.68 48.17
C ASP A 432 24.83 9.24 47.09
N LEU A 433 24.29 9.56 45.91
CA LEU A 433 25.13 10.10 44.82
C LEU A 433 25.79 11.45 45.12
N GLU A 434 25.53 11.99 46.29
CA GLU A 434 26.09 13.26 46.70
C GLU A 434 27.22 13.03 47.69
N THR A 435 26.89 12.41 48.82
CA THR A 435 27.88 12.11 49.86
C THR A 435 28.72 10.89 49.52
N GLY A 436 28.06 9.77 49.23
CA GLY A 436 28.79 8.56 48.89
C GLY A 436 28.51 7.44 49.89
N LYS A 437 27.69 7.76 50.90
CA LYS A 437 27.35 6.81 51.93
C LYS A 437 26.38 5.72 51.49
N PRO A 438 26.89 4.48 51.36
CA PRO A 438 26.04 3.37 50.96
C PRO A 438 25.23 2.94 52.18
N THR A 439 23.98 2.54 51.96
CA THR A 439 23.14 2.09 53.05
C THR A 439 22.48 0.79 52.63
N VAL A 440 22.82 -0.28 53.34
CA VAL A 440 22.29 -1.61 53.05
C VAL A 440 20.81 -1.66 53.41
N ILE A 441 20.03 -2.13 52.45
CA ILE A 441 18.60 -2.23 52.65
C ILE A 441 18.26 -3.61 53.12
N GLU A 442 18.73 -4.59 52.38
CA GLU A 442 18.45 -5.97 52.77
C GLU A 442 19.49 -6.91 52.19
N ARG A 443 19.72 -8.01 52.90
CA ARG A 443 20.71 -8.99 52.49
C ARG A 443 20.14 -10.38 52.42
N SER A 444 20.20 -10.96 51.23
CA SER A 444 19.72 -12.32 50.99
C SER A 444 20.82 -13.25 51.43
N ARG A 445 20.50 -14.50 51.74
CA ARG A 445 21.53 -15.41 52.16
C ARG A 445 21.67 -16.55 51.16
N GLU A 446 21.01 -16.40 50.02
CA GLU A 446 21.06 -17.45 49.02
C GLU A 446 21.77 -17.04 47.72
N ALA A 447 21.46 -15.85 47.20
CA ALA A 447 22.06 -15.37 45.95
C ALA A 447 22.01 -13.87 45.88
N MET A 448 22.61 -13.31 44.84
CA MET A 448 22.64 -11.84 44.67
C MET A 448 21.29 -11.23 44.30
N ILE A 449 21.10 -9.97 44.68
CA ILE A 449 19.86 -9.27 44.39
C ILE A 449 20.11 -8.32 43.20
N THR A 450 20.25 -8.89 42.01
CA THR A 450 20.54 -8.14 40.81
C THR A 450 19.34 -7.62 40.06
N ASP A 451 18.17 -8.17 40.31
CA ASP A 451 16.94 -7.75 39.64
C ASP A 451 16.12 -6.78 40.49
N PHE A 452 16.27 -5.50 40.15
CA PHE A 452 15.58 -4.44 40.85
C PHE A 452 15.23 -3.26 39.96
N THR A 453 14.27 -2.48 40.41
CA THR A 453 13.81 -1.31 39.70
C THR A 453 13.43 -0.22 40.69
N ILE A 454 13.47 1.02 40.21
CA ILE A 454 13.14 2.15 41.05
C ILE A 454 11.92 2.87 40.46
N SER A 455 10.99 3.26 41.32
CA SER A 455 9.80 3.97 40.87
C SER A 455 10.23 5.31 40.29
N ASP A 456 9.48 5.81 39.32
CA ASP A 456 9.81 7.08 38.72
C ASP A 456 9.86 8.25 39.71
N ASN A 457 9.09 8.18 40.80
CA ASN A 457 9.12 9.26 41.75
C ASN A 457 10.20 9.04 42.82
N SER A 458 11.07 8.06 42.61
CA SER A 458 12.18 7.75 43.52
C SER A 458 11.77 7.34 44.94
N ARG A 459 10.54 6.88 45.13
CA ARG A 459 10.12 6.51 46.47
C ARG A 459 10.17 5.03 46.79
N PHE A 460 9.93 4.18 45.80
CA PHE A 460 9.94 2.77 46.08
C PHE A 460 11.03 2.05 45.33
N ILE A 461 11.48 0.92 45.87
CA ILE A 461 12.51 0.12 45.22
C ILE A 461 12.01 -1.33 45.25
N ALA A 462 11.59 -1.84 44.09
CA ALA A 462 11.10 -3.21 44.00
C ALA A 462 12.26 -4.05 43.49
N TYR A 463 12.43 -5.23 44.09
CA TYR A 463 13.52 -6.13 43.73
C TYR A 463 13.22 -7.59 44.01
N GLY A 464 13.95 -8.48 43.34
CA GLY A 464 13.76 -9.91 43.56
C GLY A 464 14.60 -10.32 44.76
N PHE A 465 13.97 -10.97 45.74
CA PHE A 465 14.71 -11.38 46.94
C PHE A 465 14.80 -12.91 47.03
N PRO A 466 15.94 -13.48 46.65
CA PRO A 466 16.07 -14.94 46.70
C PRO A 466 16.02 -15.51 48.12
N LEU A 467 15.19 -16.52 48.32
CA LEU A 467 15.04 -17.11 49.64
C LEU A 467 14.89 -18.65 49.64
N LYS A 468 14.93 -19.20 50.84
CA LYS A 468 14.78 -20.63 51.08
C LYS A 468 14.04 -20.78 52.40
N HIS A 469 13.34 -21.90 52.56
CA HIS A 469 12.61 -22.15 53.80
C HIS A 469 13.32 -23.34 54.43
N GLY A 470 14.63 -23.21 54.58
CA GLY A 470 15.40 -24.29 55.15
C GLY A 470 16.84 -24.24 54.66
N GLU A 471 17.78 -24.48 55.58
CA GLU A 471 19.19 -24.43 55.24
C GLU A 471 19.68 -25.55 54.34
N THR A 472 18.77 -26.29 53.72
CA THR A 472 19.15 -27.40 52.84
C THR A 472 18.15 -27.66 51.74
N ASP A 473 17.23 -26.71 51.52
CA ASP A 473 16.22 -26.87 50.47
C ASP A 473 16.88 -27.09 49.13
N GLY A 474 16.21 -27.86 48.27
CA GLY A 474 16.76 -28.13 46.95
C GLY A 474 16.54 -27.01 45.94
N TYR A 475 15.57 -26.13 46.22
CA TYR A 475 15.27 -25.01 45.34
C TYR A 475 15.35 -23.69 46.09
N VAL A 476 15.55 -22.60 45.34
CA VAL A 476 15.61 -21.28 45.92
C VAL A 476 14.45 -20.49 45.36
N MET A 477 13.60 -20.01 46.25
CA MET A 477 12.46 -19.22 45.81
C MET A 477 12.89 -17.75 45.66
N GLN A 478 12.03 -16.95 45.04
CA GLN A 478 12.28 -15.53 44.88
C GLN A 478 10.97 -14.77 44.96
N ALA A 479 10.92 -13.88 45.95
CA ALA A 479 9.76 -13.05 46.20
C ALA A 479 10.13 -11.58 45.95
N ILE A 480 9.28 -10.84 45.27
CA ILE A 480 9.57 -9.44 45.02
C ILE A 480 9.40 -8.69 46.34
N HIS A 481 10.34 -7.79 46.62
CA HIS A 481 10.25 -6.99 47.84
C HIS A 481 10.17 -5.53 47.44
N VAL A 482 9.42 -4.74 48.19
CA VAL A 482 9.38 -3.33 47.87
C VAL A 482 9.85 -2.56 49.10
N TYR A 483 10.79 -1.65 48.85
CA TYR A 483 11.36 -0.79 49.91
C TYR A 483 10.88 0.64 49.70
N ASP A 484 10.39 1.24 50.77
CA ASP A 484 9.90 2.61 50.76
C ASP A 484 10.95 3.56 51.34
N MET A 485 11.38 4.56 50.57
CA MET A 485 12.41 5.51 51.08
C MET A 485 11.87 6.32 52.28
N GLU A 486 10.56 6.50 52.36
CA GLU A 486 9.96 7.22 53.45
C GLU A 486 9.47 6.19 54.42
N GLY A 487 9.92 6.31 55.67
CA GLY A 487 9.50 5.33 56.67
C GLY A 487 10.51 4.20 56.66
N ARG A 488 11.28 4.13 55.59
CA ARG A 488 12.33 3.14 55.43
C ARG A 488 11.85 1.77 55.93
N LYS A 489 10.95 1.13 55.19
CA LYS A 489 10.48 -0.19 55.59
C LYS A 489 10.25 -1.08 54.38
N ILE A 490 10.53 -2.37 54.55
CA ILE A 490 10.36 -3.35 53.49
C ILE A 490 9.02 -4.04 53.54
N PHE A 491 8.40 -4.25 52.37
CA PHE A 491 7.10 -4.94 52.28
C PHE A 491 7.19 -6.11 51.31
N ALA A 492 6.30 -7.08 51.50
CA ALA A 492 6.26 -8.27 50.64
C ALA A 492 5.24 -8.07 49.52
N ALA A 493 5.73 -7.90 48.31
CA ALA A 493 4.85 -7.70 47.18
C ALA A 493 4.33 -9.05 46.75
N THR A 494 5.11 -10.09 46.96
CA THR A 494 4.72 -11.43 46.53
C THR A 494 4.95 -12.48 47.62
N THR A 495 4.35 -13.65 47.44
CA THR A 495 4.50 -14.74 48.43
C THR A 495 5.79 -15.49 48.09
N GLU A 496 6.29 -16.31 49.01
CA GLU A 496 7.53 -17.02 48.74
C GLU A 496 7.39 -18.47 48.31
N ASN A 497 6.55 -18.72 47.31
CA ASN A 497 6.35 -20.08 46.84
C ASN A 497 6.84 -20.42 45.43
N SER A 498 7.35 -19.45 44.70
CA SER A 498 7.84 -19.75 43.39
C SER A 498 8.94 -18.76 43.02
N HIS A 499 8.94 -18.34 41.75
CA HIS A 499 9.93 -17.41 41.24
C HIS A 499 9.22 -16.20 40.62
N ASP A 500 9.27 -15.07 41.31
CA ASP A 500 8.67 -13.81 40.86
C ASP A 500 9.81 -12.83 40.54
N TYR A 501 9.79 -12.23 39.33
CA TYR A 501 10.85 -11.33 38.89
C TYR A 501 10.44 -10.19 37.99
N ALA A 502 11.47 -9.54 37.42
CA ALA A 502 11.32 -8.40 36.51
C ALA A 502 10.37 -7.28 36.99
N PRO A 503 10.43 -6.94 38.30
CA PRO A 503 9.53 -5.88 38.79
C PRO A 503 9.68 -4.61 37.94
N ALA A 504 8.61 -3.83 37.82
CA ALA A 504 8.66 -2.59 37.04
C ALA A 504 7.48 -1.70 37.39
N PHE A 505 7.73 -0.42 37.67
CA PHE A 505 6.64 0.52 38.00
C PHE A 505 6.10 1.22 36.76
N ASP A 506 4.90 1.76 36.86
CA ASP A 506 4.36 2.49 35.73
C ASP A 506 4.78 3.95 35.92
N ALA A 507 4.74 4.70 34.82
CA ALA A 507 5.15 6.10 34.84
C ALA A 507 4.64 6.87 36.06
N ASP A 508 3.34 6.89 36.29
CA ASP A 508 2.76 7.63 37.40
C ASP A 508 3.09 7.01 38.73
N SER A 509 3.76 5.86 38.69
CA SER A 509 4.12 5.15 39.93
C SER A 509 2.87 4.82 40.79
N LYS A 510 1.89 4.18 40.18
CA LYS A 510 0.64 3.85 40.86
C LYS A 510 0.49 2.34 41.03
N ASN A 511 1.05 1.58 40.09
CA ASN A 511 0.98 0.12 40.18
C ASN A 511 2.32 -0.49 39.86
N LEU A 512 2.59 -1.64 40.49
CA LEU A 512 3.83 -2.37 40.27
C LEU A 512 3.57 -3.60 39.41
N TYR A 513 4.32 -3.73 38.32
CA TYR A 513 4.18 -4.87 37.43
C TYR A 513 5.38 -5.78 37.60
N TYR A 514 5.18 -7.06 37.35
CA TYR A 514 6.25 -8.03 37.47
C TYR A 514 5.83 -9.33 36.80
N LEU A 515 6.77 -10.27 36.66
CA LEU A 515 6.48 -11.57 36.03
C LEU A 515 6.69 -12.69 37.03
N SER A 516 6.14 -13.86 36.77
CA SER A 516 6.34 -15.02 37.64
C SER A 516 6.10 -16.34 36.91
N TYR A 517 6.78 -17.39 37.36
CA TYR A 517 6.62 -18.72 36.77
C TYR A 517 5.62 -19.48 37.61
N ARG A 518 4.43 -18.93 37.79
CA ARG A 518 3.45 -19.62 38.62
C ARG A 518 2.34 -20.27 37.83
N SER A 519 2.21 -19.93 36.56
CA SER A 519 1.14 -20.49 35.73
C SER A 519 1.41 -21.94 35.30
N LEU A 520 1.66 -22.80 36.28
CA LEU A 520 1.92 -24.18 35.99
C LEU A 520 0.94 -24.85 35.05
N ASP A 521 1.50 -25.58 34.09
CA ASP A 521 0.76 -26.33 33.11
C ASP A 521 1.83 -27.11 32.35
N PRO A 522 1.79 -28.44 32.49
CA PRO A 522 2.78 -29.33 31.85
C PRO A 522 2.79 -29.42 30.30
N SER A 523 3.97 -29.54 29.73
CA SER A 523 4.10 -29.72 28.30
C SER A 523 4.71 -31.12 28.11
N PRO A 524 4.15 -31.90 27.19
CA PRO A 524 4.59 -33.27 26.91
C PRO A 524 5.93 -33.31 26.18
N ASP A 525 6.72 -34.34 26.47
CA ASP A 525 8.04 -34.54 25.86
C ASP A 525 7.77 -35.45 24.65
N ARG A 526 8.37 -35.16 23.49
CA ARG A 526 8.08 -35.93 22.33
C ARG A 526 8.82 -37.23 22.16
N VAL A 527 9.76 -37.48 23.05
CA VAL A 527 10.59 -38.68 22.96
C VAL A 527 10.50 -39.58 24.20
N VAL A 528 10.80 -38.98 25.34
CA VAL A 528 10.78 -39.68 26.62
C VAL A 528 9.52 -39.41 27.42
N LEU A 529 8.91 -40.44 27.99
CA LEU A 529 7.69 -40.27 28.79
C LEU A 529 8.01 -39.28 29.93
N ASN A 530 7.76 -38.00 29.68
CA ASN A 530 8.08 -36.99 30.68
C ASN A 530 7.32 -35.71 30.37
N PHE A 531 7.22 -34.80 31.33
CA PHE A 531 6.54 -33.53 31.11
C PHE A 531 7.37 -32.45 31.77
N SER A 532 7.37 -31.27 31.15
CA SER A 532 8.16 -30.16 31.67
C SER A 532 7.41 -28.84 31.68
N PHE A 533 7.78 -27.92 32.55
CA PHE A 533 7.12 -26.61 32.55
C PHE A 533 7.81 -25.67 31.57
N GLU A 534 7.28 -25.63 30.35
CA GLU A 534 7.79 -24.85 29.24
C GLU A 534 7.28 -23.44 29.20
N VAL A 535 5.96 -23.28 29.12
CA VAL A 535 5.35 -21.95 29.07
C VAL A 535 4.44 -21.68 30.26
N VAL A 536 5.06 -21.35 31.39
CA VAL A 536 4.31 -21.10 32.62
C VAL A 536 4.55 -19.71 33.15
N SER A 537 5.01 -18.80 32.28
CA SER A 537 5.26 -17.42 32.65
C SER A 537 4.05 -16.55 32.35
N LYS A 538 3.76 -15.63 33.26
CA LYS A 538 2.64 -14.74 33.07
C LYS A 538 2.85 -13.48 33.89
N PRO A 539 2.37 -12.33 33.38
CA PRO A 539 2.51 -11.05 34.07
C PRO A 539 1.39 -10.81 35.10
N PHE A 540 1.74 -10.07 36.14
CA PHE A 540 0.83 -9.70 37.22
C PHE A 540 1.01 -8.24 37.53
N VAL A 541 0.07 -7.66 38.30
CA VAL A 541 0.15 -6.25 38.67
C VAL A 541 -0.34 -6.07 40.11
N ILE A 542 0.11 -5.01 40.75
CA ILE A 542 -0.29 -4.73 42.13
C ILE A 542 -0.42 -3.23 42.32
N PRO A 543 -1.65 -2.73 42.43
CA PRO A 543 -1.87 -1.29 42.62
C PRO A 543 -1.39 -0.94 44.03
N LEU A 544 -0.60 0.12 44.12
CA LEU A 544 -0.03 0.58 45.38
C LEU A 544 -1.05 1.27 46.28
N ILE A 545 -2.24 1.50 45.73
CA ILE A 545 -3.33 2.13 46.45
C ILE A 545 -4.52 1.18 46.58
N PRO A 546 -4.70 0.60 47.76
CA PRO A 546 -5.81 -0.32 48.02
C PRO A 546 -7.11 0.27 47.53
N GLY A 547 -7.94 -0.56 46.90
CA GLY A 547 -9.23 -0.12 46.40
C GLY A 547 -9.20 0.08 44.90
N SER A 548 -8.02 0.38 44.37
CA SER A 548 -7.88 0.59 42.94
C SER A 548 -7.82 -0.76 42.27
N PRO A 549 -8.56 -0.93 41.16
CA PRO A 549 -8.57 -2.21 40.44
C PRO A 549 -7.39 -2.38 39.50
N ASN A 550 -7.35 -3.54 38.86
CA ASN A 550 -6.32 -3.86 37.92
C ASN A 550 -6.50 -2.92 36.74
N PRO A 551 -5.55 -2.03 36.54
CA PRO A 551 -5.70 -1.10 35.41
C PRO A 551 -5.99 -1.76 34.08
N THR A 552 -5.51 -2.97 33.84
CA THR A 552 -5.76 -3.60 32.56
C THR A 552 -7.17 -4.15 32.41
N LYS A 553 -7.87 -4.22 33.53
CA LYS A 553 -9.24 -4.72 33.50
C LYS A 553 -10.22 -3.72 32.91
N LEU A 554 -9.74 -2.52 32.60
CA LEU A 554 -10.57 -1.49 32.00
C LEU A 554 -11.89 -1.28 32.76
N VAL A 555 -11.78 -1.09 34.06
CA VAL A 555 -12.97 -0.87 34.87
C VAL A 555 -13.37 0.60 34.80
N PRO A 556 -14.53 0.91 34.19
CA PRO A 556 -15.02 2.28 34.05
C PRO A 556 -14.77 3.13 35.29
N ARG A 557 -14.17 4.29 35.10
CA ARG A 557 -13.88 5.19 36.21
C ARG A 557 -15.10 5.57 37.00
N SER A 558 -16.22 5.77 36.31
CA SER A 558 -17.47 6.15 36.97
C SER A 558 -17.97 5.07 37.91
N MET A 559 -17.47 3.85 37.73
CA MET A 559 -17.88 2.71 38.54
C MET A 559 -16.85 2.29 39.59
N THR A 560 -15.81 3.10 39.77
CA THR A 560 -14.77 2.84 40.78
C THR A 560 -14.50 4.13 41.52
N SER A 561 -13.83 3.99 42.66
CA SER A 561 -13.51 5.15 43.48
C SER A 561 -12.06 5.08 43.93
N GLU A 562 -11.14 5.22 42.99
CA GLU A 562 -9.71 5.17 43.33
C GLU A 562 -9.31 6.40 44.14
N ALA A 563 -8.12 6.92 43.84
CA ALA A 563 -7.62 8.09 44.52
C ALA A 563 -7.59 7.94 46.04
N GLY A 564 -7.17 6.77 46.51
CA GLY A 564 -7.07 6.54 47.93
C GLY A 564 -5.72 7.09 48.37
N GLU A 565 -4.85 6.22 48.89
CA GLU A 565 -3.53 6.67 49.33
C GLU A 565 -2.58 5.46 49.42
N TYR A 566 -1.29 5.66 49.17
CA TYR A 566 -0.34 4.56 49.25
C TYR A 566 -0.54 3.75 50.51
N ASP A 567 -0.49 2.43 50.37
CA ASP A 567 -0.61 1.50 51.50
C ASP A 567 -0.04 0.20 50.98
N LEU A 568 1.22 -0.10 51.29
CA LEU A 568 1.84 -1.31 50.79
C LEU A 568 1.62 -2.55 51.64
N ASN A 569 0.82 -2.44 52.70
CA ASN A 569 0.55 -3.59 53.58
C ASN A 569 -0.30 -4.68 52.93
N ASP A 570 0.16 -5.92 53.03
CA ASP A 570 -0.57 -7.04 52.46
C ASP A 570 -0.92 -6.76 51.02
N MET A 571 -0.04 -6.09 50.30
CA MET A 571 -0.32 -5.78 48.91
C MET A 571 -0.29 -7.05 48.08
N TYR A 572 0.43 -8.07 48.55
CA TYR A 572 0.45 -9.34 47.81
C TYR A 572 -0.94 -9.97 47.74
N LYS A 573 -1.91 -9.44 48.50
CA LYS A 573 -3.25 -9.98 48.48
C LYS A 573 -4.06 -9.35 47.36
N ARG A 574 -3.73 -8.09 47.03
CA ARG A 574 -4.43 -7.35 45.98
C ARG A 574 -3.88 -7.70 44.61
N SER A 575 -2.84 -8.52 44.59
CA SER A 575 -2.23 -8.89 43.31
C SER A 575 -3.27 -9.45 42.35
N SER A 576 -3.04 -9.21 41.06
CA SER A 576 -3.91 -9.65 39.98
C SER A 576 -3.11 -9.86 38.70
N PRO A 577 -3.49 -10.87 37.90
CA PRO A 577 -2.76 -11.15 36.66
C PRO A 577 -3.25 -10.29 35.50
N ILE A 578 -2.48 -10.28 34.43
CA ILE A 578 -2.97 -9.56 33.28
C ILE A 578 -3.21 -10.65 32.23
N ASN A 579 -4.40 -10.57 31.62
CA ASN A 579 -4.88 -11.50 30.62
C ASN A 579 -4.02 -11.63 29.37
N VAL A 580 -2.92 -12.36 29.51
CA VAL A 580 -1.99 -12.60 28.42
C VAL A 580 -1.59 -14.06 28.45
N ASP A 581 -1.68 -14.74 27.31
CA ASP A 581 -1.31 -16.16 27.23
C ASP A 581 0.04 -16.47 27.88
N PRO A 582 0.12 -17.60 28.59
CA PRO A 582 1.34 -18.05 29.25
C PRO A 582 2.45 -18.33 28.24
N GLY A 583 3.67 -18.02 28.65
CA GLY A 583 4.81 -18.28 27.81
C GLY A 583 6.09 -18.18 28.61
N ASP A 584 7.15 -17.66 27.98
CA ASP A 584 8.47 -17.48 28.61
C ASP A 584 8.94 -16.01 28.46
N TYR A 585 8.46 -15.19 29.40
CA TYR A 585 8.73 -13.76 29.46
C TYR A 585 9.93 -13.38 30.31
N ARG A 586 10.67 -12.36 29.86
CA ARG A 586 11.87 -11.93 30.61
C ARG A 586 11.79 -10.46 31.04
N MET A 587 10.81 -9.74 30.53
CA MET A 587 10.65 -8.35 30.89
C MET A 587 9.25 -7.87 30.60
N ILE A 588 8.80 -6.95 31.42
CA ILE A 588 7.49 -6.35 31.23
C ILE A 588 7.64 -4.83 31.40
N ILE A 589 7.14 -4.08 30.42
CA ILE A 589 7.23 -2.63 30.45
C ILE A 589 5.85 -2.00 30.29
N PRO A 590 5.35 -1.40 31.37
CA PRO A 590 4.04 -0.76 31.35
C PRO A 590 4.10 0.60 30.67
N LEU A 591 3.25 0.79 29.67
CA LEU A 591 3.16 2.06 28.94
C LEU A 591 1.77 2.66 29.13
N GLU A 592 1.53 3.78 28.48
CA GLU A 592 0.24 4.48 28.63
C GLU A 592 -0.99 3.63 28.39
N SER A 593 -1.12 3.08 27.19
CA SER A 593 -2.29 2.25 26.88
C SER A 593 -1.90 0.90 26.30
N SER A 594 -0.65 0.52 26.55
CA SER A 594 -0.13 -0.78 26.11
C SER A 594 0.94 -1.23 27.06
N ILE A 595 1.40 -2.46 26.86
CA ILE A 595 2.45 -3.05 27.70
C ILE A 595 3.40 -3.83 26.80
N LEU A 596 4.70 -3.58 26.94
CA LEU A 596 5.65 -4.31 26.13
C LEU A 596 6.13 -5.52 26.89
N ILE A 597 6.23 -6.66 26.19
CA ILE A 597 6.70 -7.87 26.82
C ILE A 597 7.75 -8.57 25.98
N TYR A 598 8.81 -9.02 26.65
CA TYR A 598 9.92 -9.71 25.98
C TYR A 598 9.69 -11.22 26.10
N SER A 599 9.46 -11.85 24.96
CA SER A 599 9.19 -13.25 24.91
C SER A 599 10.35 -14.05 24.37
N VAL A 600 10.51 -15.27 24.89
CA VAL A 600 11.58 -16.16 24.44
C VAL A 600 11.00 -17.49 24.04
N PRO A 601 10.78 -17.70 22.73
CA PRO A 601 10.24 -18.97 22.22
C PRO A 601 11.07 -20.16 22.71
N VAL A 602 10.40 -21.26 23.04
CA VAL A 602 11.03 -22.47 23.52
C VAL A 602 12.02 -22.93 22.47
N HIS A 603 13.16 -23.42 22.95
CA HIS A 603 14.24 -23.87 22.08
C HIS A 603 15.20 -24.77 22.87
N GLY A 604 16.03 -25.52 22.15
CA GLY A 604 16.98 -26.40 22.81
C GLY A 604 18.07 -25.61 23.51
N GLU A 605 18.87 -26.30 24.31
CA GLU A 605 19.95 -25.63 25.01
C GLU A 605 21.32 -26.09 24.68
N PHE A 606 21.42 -26.92 23.65
CA PHE A 606 22.71 -27.42 23.24
C PHE A 606 23.66 -26.27 22.91
N ALA A 607 23.31 -25.48 21.89
CA ALA A 607 24.15 -24.39 21.47
C ALA A 607 24.54 -23.45 22.60
N ALA A 608 23.58 -23.14 23.46
CA ALA A 608 23.82 -22.25 24.60
C ALA A 608 24.78 -22.85 25.65
N TYR A 609 24.70 -24.16 25.84
CA TYR A 609 25.51 -24.87 26.81
C TYR A 609 26.94 -25.07 26.39
N TYR A 610 27.18 -25.38 25.11
CA TYR A 610 28.53 -25.60 24.64
C TYR A 610 29.16 -24.41 23.93
N GLN A 611 28.38 -23.75 23.08
CA GLN A 611 28.87 -22.61 22.31
C GLN A 611 28.53 -21.27 22.98
N GLY A 612 27.90 -21.30 24.14
CA GLY A 612 27.54 -20.07 24.82
C GLY A 612 26.65 -19.18 23.97
N ALA A 613 26.09 -19.75 22.90
CA ALA A 613 25.20 -19.05 21.99
C ALA A 613 24.10 -18.30 22.74
N PRO A 614 23.90 -17.01 22.41
CA PRO A 614 22.89 -16.18 23.06
C PRO A 614 21.49 -16.71 22.79
N GLU A 615 20.57 -16.39 23.69
CA GLU A 615 19.17 -16.83 23.57
C GLU A 615 18.40 -15.84 22.68
N LYS A 616 17.46 -16.36 21.89
CA LYS A 616 16.65 -15.50 21.00
C LYS A 616 15.26 -15.11 21.51
N GLY A 617 15.01 -13.81 21.59
CA GLY A 617 13.72 -13.34 22.05
C GLY A 617 13.04 -12.46 21.00
N VAL A 618 11.92 -11.87 21.37
CA VAL A 618 11.16 -11.01 20.47
C VAL A 618 10.33 -10.05 21.32
N LEU A 619 10.32 -8.78 20.92
CA LEU A 619 9.58 -7.76 21.65
C LEU A 619 8.12 -7.76 21.25
N LEU A 620 7.23 -8.01 22.21
CA LEU A 620 5.79 -8.05 21.92
C LEU A 620 5.07 -6.89 22.53
N LYS A 621 3.94 -6.54 21.94
CA LYS A 621 3.12 -5.44 22.44
C LYS A 621 1.69 -5.90 22.68
N TYR A 622 1.18 -5.51 23.84
CA TYR A 622 -0.18 -5.85 24.23
C TYR A 622 -0.96 -4.57 24.44
N ASP A 623 -2.01 -4.38 23.63
CA ASP A 623 -2.84 -3.19 23.72
C ASP A 623 -3.93 -3.47 24.75
N VAL A 624 -3.96 -2.70 25.83
CA VAL A 624 -4.94 -2.91 26.90
C VAL A 624 -6.37 -2.85 26.40
N LYS A 625 -6.65 -1.91 25.51
CA LYS A 625 -7.98 -1.71 24.95
C LYS A 625 -8.42 -2.90 24.07
N THR A 626 -7.66 -3.15 23.01
CA THR A 626 -7.97 -4.23 22.08
C THR A 626 -7.62 -5.63 22.60
N ARG A 627 -6.82 -5.69 23.65
CA ARG A 627 -6.38 -6.96 24.24
C ARG A 627 -5.72 -7.85 23.19
N LYS A 628 -5.24 -7.23 22.10
CA LYS A 628 -4.58 -7.96 21.03
C LYS A 628 -3.07 -7.80 21.14
N VAL A 629 -2.35 -8.84 20.73
CA VAL A 629 -0.89 -8.82 20.77
C VAL A 629 -0.27 -8.69 19.40
N THR A 630 0.92 -8.09 19.34
CA THR A 630 1.60 -7.90 18.06
C THR A 630 3.10 -7.95 18.27
N GLU A 631 3.82 -8.03 17.17
CA GLU A 631 5.27 -8.11 17.22
C GLU A 631 5.88 -6.75 16.91
N VAL A 632 6.77 -6.29 17.78
CA VAL A 632 7.41 -5.01 17.60
C VAL A 632 8.78 -5.19 16.97
N LYS A 633 9.52 -6.21 17.39
CA LYS A 633 10.87 -6.42 16.87
C LYS A 633 11.27 -7.86 17.13
N ASN A 634 11.90 -8.52 16.17
CA ASN A 634 12.31 -9.89 16.42
C ASN A 634 13.83 -10.06 16.39
N ASN A 635 14.29 -11.30 16.41
CA ASN A 635 15.71 -11.60 16.36
C ASN A 635 16.50 -10.85 17.38
N LEU A 636 15.87 -10.58 18.52
CA LEU A 636 16.55 -9.86 19.59
C LEU A 636 17.29 -10.84 20.47
N THR A 637 18.47 -10.47 20.96
CA THR A 637 19.21 -11.35 21.87
C THR A 637 19.47 -10.59 23.16
N ASP A 638 19.02 -9.35 23.19
CA ASP A 638 19.20 -8.51 24.36
C ASP A 638 18.49 -7.15 24.15
N LEU A 639 17.98 -6.57 25.22
CA LEU A 639 17.29 -5.30 25.10
C LEU A 639 17.48 -4.41 26.32
N ARG A 640 17.54 -3.11 26.08
CA ARG A 640 17.69 -2.14 27.15
C ARG A 640 16.67 -1.06 26.85
N LEU A 641 16.20 -0.38 27.90
CA LEU A 641 15.25 0.68 27.68
C LEU A 641 15.64 1.92 28.46
N SER A 642 15.46 3.06 27.79
CA SER A 642 15.76 4.37 28.37
C SER A 642 15.03 4.62 29.69
N ALA A 643 15.44 5.65 30.40
CA ALA A 643 14.79 5.98 31.66
C ALA A 643 13.45 6.67 31.36
N ASP A 644 13.39 7.35 30.21
CA ASP A 644 12.19 8.06 29.79
C ASP A 644 11.22 7.14 29.06
N ARG A 645 11.62 5.88 28.87
CA ARG A 645 10.79 4.88 28.19
C ARG A 645 10.49 5.26 26.73
N LYS A 646 11.29 6.16 26.16
CA LYS A 646 11.05 6.58 24.79
C LYS A 646 12.07 6.00 23.81
N THR A 647 13.24 5.64 24.33
CA THR A 647 14.29 5.08 23.49
C THR A 647 14.57 3.61 23.78
N VAL A 648 14.67 2.80 22.74
CA VAL A 648 14.95 1.40 22.92
C VAL A 648 16.29 1.05 22.28
N MET A 649 17.09 0.27 22.99
CA MET A 649 18.40 -0.15 22.52
C MET A 649 18.37 -1.67 22.58
N VAL A 650 18.79 -2.33 21.51
CA VAL A 650 18.77 -3.79 21.48
C VAL A 650 19.88 -4.39 20.67
N ARG A 651 20.14 -5.67 20.90
CA ARG A 651 21.16 -6.37 20.13
C ARG A 651 20.42 -7.53 19.45
N LYS A 652 20.74 -7.76 18.18
CA LYS A 652 20.06 -8.82 17.44
C LYS A 652 20.95 -10.02 17.28
N ASP A 653 20.37 -11.12 16.80
CA ASP A 653 21.12 -12.36 16.63
C ASP A 653 22.31 -12.23 15.68
N ASP A 654 22.48 -11.06 15.09
CA ASP A 654 23.58 -10.83 14.17
C ASP A 654 24.72 -10.13 14.91
N GLY A 655 24.58 -9.99 16.22
CA GLY A 655 25.61 -9.38 17.01
C GLY A 655 25.61 -7.86 17.01
N LYS A 656 25.01 -7.24 16.01
CA LYS A 656 24.99 -5.76 15.96
C LYS A 656 24.03 -5.16 16.97
N ILE A 657 24.23 -3.88 17.28
CA ILE A 657 23.38 -3.18 18.23
C ILE A 657 22.57 -2.15 17.47
N TYR A 658 21.30 -2.03 17.81
CA TYR A 658 20.44 -1.05 17.14
C TYR A 658 19.73 -0.21 18.13
N THR A 659 19.13 0.86 17.64
CA THR A 659 18.41 1.74 18.51
C THR A 659 17.23 2.35 17.74
N PHE A 660 16.07 2.38 18.38
CA PHE A 660 14.88 2.91 17.73
C PHE A 660 13.90 3.48 18.75
N PRO A 661 13.11 4.50 18.34
CA PRO A 661 12.13 5.14 19.21
C PRO A 661 11.00 4.15 19.44
N LEU A 662 10.54 4.07 20.67
CA LEU A 662 9.45 3.15 20.98
C LEU A 662 8.18 3.52 20.20
N GLU A 663 7.95 4.82 19.97
CA GLU A 663 6.80 5.28 19.23
C GLU A 663 6.89 4.89 17.75
N LYS A 664 8.09 4.97 17.19
CA LYS A 664 8.29 4.60 15.78
C LYS A 664 9.40 3.55 15.67
N PRO A 665 9.13 2.33 16.12
CA PRO A 665 10.07 1.20 16.10
C PRO A 665 10.58 0.84 14.71
N GLU A 666 9.97 1.42 13.68
CA GLU A 666 10.39 1.13 12.33
C GLU A 666 11.65 1.92 12.02
N ASP A 667 11.87 3.00 12.76
CA ASP A 667 13.03 3.87 12.57
C ASP A 667 14.24 3.55 13.45
N GLU A 668 14.90 2.42 13.16
CA GLU A 668 16.08 2.04 13.94
C GLU A 668 17.37 2.37 13.19
N ARG A 669 18.41 2.71 13.93
CA ARG A 669 19.72 2.99 13.34
C ARG A 669 20.67 1.98 13.94
N THR A 670 21.83 1.83 13.32
CA THR A 670 22.82 0.89 13.82
C THR A 670 23.82 1.66 14.67
N VAL A 671 24.13 1.12 15.85
CA VAL A 671 25.07 1.77 16.74
C VAL A 671 26.49 1.37 16.38
N GLU A 672 27.24 2.30 15.78
CA GLU A 672 28.61 1.98 15.43
C GLU A 672 29.60 2.43 16.50
N THR A 673 30.61 1.60 16.75
CA THR A 673 31.59 1.92 17.75
C THR A 673 33.03 1.74 17.29
N ASP A 674 33.21 1.07 16.16
CA ASP A 674 34.54 0.81 15.63
C ASP A 674 35.13 1.96 14.83
N LYS A 675 34.61 3.16 15.02
CA LYS A 675 35.14 4.31 14.33
C LYS A 675 36.47 4.74 15.01
N ARG A 676 36.45 4.89 16.33
CA ARG A 676 37.62 5.32 17.11
C ARG A 676 38.36 4.10 17.67
N PRO A 677 39.65 3.94 17.31
CA PRO A 677 40.45 2.82 17.81
C PRO A 677 40.50 2.79 19.34
N LEU A 678 40.51 1.60 19.91
CA LEU A 678 40.58 1.45 21.36
C LEU A 678 42.09 1.44 21.70
N VAL A 679 42.53 2.27 22.65
CA VAL A 679 43.94 2.33 22.99
C VAL A 679 44.29 1.88 24.40
N SER A 680 45.35 1.06 24.51
CA SER A 680 45.79 0.57 25.81
C SER A 680 47.27 0.18 25.86
N SER A 681 47.73 -0.15 27.06
CA SER A 681 49.12 -0.56 27.32
C SER A 681 49.20 -2.00 27.79
N ILE A 682 49.94 -2.83 27.07
CA ILE A 682 50.07 -4.24 27.43
C ILE A 682 50.49 -4.42 28.89
N HIS A 683 51.54 -3.73 29.33
CA HIS A 683 51.98 -3.93 30.72
C HIS A 683 51.01 -3.40 31.78
N GLU A 684 50.20 -2.41 31.43
CA GLU A 684 49.25 -1.91 32.41
C GLU A 684 48.08 -2.90 32.50
N GLU A 685 47.66 -3.41 31.36
CA GLU A 685 46.56 -4.37 31.28
C GLU A 685 46.94 -5.71 31.87
N PHE A 686 48.13 -6.20 31.53
CA PHE A 686 48.60 -7.48 32.07
C PHE A 686 48.62 -7.52 33.61
N LEU A 687 49.03 -6.41 34.23
CA LEU A 687 49.05 -6.33 35.69
C LEU A 687 47.64 -6.35 36.18
N GLN A 688 46.81 -5.54 35.57
CA GLN A 688 45.39 -5.44 35.94
C GLN A 688 44.74 -6.82 35.89
N MET A 689 44.96 -7.53 34.77
CA MET A 689 44.40 -8.87 34.55
C MET A 689 44.90 -9.92 35.54
N TYR A 690 46.19 -9.82 35.91
CA TYR A 690 46.77 -10.77 36.85
C TYR A 690 46.12 -10.58 38.21
N ASP A 691 46.08 -9.34 38.70
CA ASP A 691 45.46 -9.05 39.97
C ASP A 691 44.01 -9.52 40.04
N GLU A 692 43.25 -9.33 38.95
CA GLU A 692 41.84 -9.75 38.95
C GLU A 692 41.74 -11.26 39.02
N ALA A 693 42.56 -11.94 38.21
CA ALA A 693 42.57 -13.41 38.19
C ALA A 693 42.97 -13.91 39.56
N TRP A 694 43.92 -13.20 40.18
CA TRP A 694 44.38 -13.57 41.51
C TRP A 694 43.28 -13.32 42.53
N LYS A 695 42.48 -12.27 42.34
CA LYS A 695 41.41 -11.96 43.29
C LYS A 695 40.23 -12.90 43.20
N LEU A 696 39.78 -13.17 41.97
CA LEU A 696 38.65 -14.10 41.76
C LEU A 696 39.02 -15.47 42.33
N ALA A 697 40.23 -15.91 42.01
CA ALA A 697 40.66 -17.20 42.49
C ALA A 697 40.53 -17.24 44.01
N ARG A 698 40.85 -16.14 44.67
CA ARG A 698 40.78 -16.10 46.13
C ARG A 698 39.35 -15.93 46.62
N ASP A 699 38.65 -14.95 46.05
CA ASP A 699 37.28 -14.69 46.43
C ASP A 699 36.26 -15.79 46.13
N ASN A 700 36.54 -16.66 45.15
CA ASN A 700 35.61 -17.73 44.84
C ASN A 700 35.98 -19.14 45.29
N TYR A 701 37.19 -19.33 45.80
CA TYR A 701 37.57 -20.67 46.25
C TYR A 701 36.50 -21.15 47.26
N TRP A 702 36.11 -22.42 47.15
CA TRP A 702 35.06 -22.95 48.00
C TRP A 702 35.34 -22.79 49.50
N ASN A 703 36.60 -22.94 49.88
CA ASN A 703 36.95 -22.81 51.27
C ASN A 703 37.66 -21.49 51.53
N GLU A 704 36.97 -20.61 52.23
CA GLU A 704 37.51 -19.30 52.54
C GLU A 704 38.82 -19.33 53.27
N ALA A 705 38.92 -20.22 54.25
CA ALA A 705 40.17 -20.34 55.02
C ALA A 705 41.40 -20.62 54.14
N VAL A 706 41.36 -21.73 53.40
CA VAL A 706 42.42 -22.14 52.50
C VAL A 706 42.76 -21.02 51.54
N ALA A 707 41.74 -20.25 51.18
CA ALA A 707 41.88 -19.12 50.28
C ALA A 707 42.79 -18.02 50.83
N LYS A 708 42.51 -17.59 52.06
CA LYS A 708 43.31 -16.54 52.70
C LYS A 708 44.79 -16.91 52.72
N GLU A 709 45.09 -18.20 52.93
CA GLU A 709 46.47 -18.66 52.99
C GLU A 709 47.14 -18.82 51.63
N ILE A 710 46.53 -19.58 50.73
CA ILE A 710 47.10 -19.79 49.41
C ILE A 710 47.30 -18.47 48.66
N SER A 711 46.27 -17.63 48.64
CA SER A 711 46.39 -16.36 47.97
C SER A 711 47.59 -15.61 48.48
N GLU A 712 47.58 -15.27 49.77
CA GLU A 712 48.67 -14.50 50.38
C GLU A 712 50.05 -15.10 50.22
N ARG A 713 50.12 -16.40 49.97
CA ARG A 713 51.40 -17.06 49.80
C ARG A 713 51.89 -17.18 48.35
N ILE A 714 51.02 -16.95 47.37
CA ILE A 714 51.42 -17.08 45.97
C ILE A 714 51.39 -15.77 45.19
N TYR A 715 50.76 -14.74 45.75
CA TYR A 715 50.65 -13.46 45.06
C TYR A 715 51.96 -12.92 44.47
N GLU A 716 52.80 -12.31 45.30
CA GLU A 716 54.09 -11.74 44.86
C GLU A 716 54.90 -12.67 43.94
N LYS A 717 55.05 -13.92 44.35
CA LYS A 717 55.82 -14.89 43.57
C LYS A 717 55.48 -14.90 42.10
N TYR A 718 54.19 -14.87 41.78
CA TYR A 718 53.77 -14.89 40.39
C TYR A 718 53.58 -13.50 39.80
N ARG A 719 53.45 -12.49 40.65
CA ARG A 719 53.29 -11.13 40.15
C ARG A 719 54.59 -10.65 39.50
N ASN A 720 55.73 -11.14 40.00
CA ASN A 720 57.03 -10.74 39.47
C ASN A 720 57.31 -11.27 38.07
N LEU A 721 56.45 -12.15 37.59
CA LEU A 721 56.64 -12.69 36.25
C LEU A 721 55.86 -11.88 35.20
N VAL A 722 54.80 -11.21 35.63
CA VAL A 722 53.97 -10.43 34.73
C VAL A 722 54.80 -9.49 33.86
N PRO A 723 55.70 -8.68 34.46
CA PRO A 723 56.53 -7.74 33.68
C PRO A 723 57.44 -8.41 32.63
N LEU A 724 57.57 -9.73 32.70
CA LEU A 724 58.38 -10.43 31.70
C LEU A 724 57.49 -10.86 30.53
N CYS A 725 56.17 -10.77 30.72
CA CYS A 725 55.21 -11.16 29.71
C CYS A 725 55.01 -10.09 28.68
N LYS A 726 54.98 -10.52 27.43
CA LYS A 726 54.78 -9.61 26.30
C LYS A 726 53.57 -9.98 25.48
N THR A 727 53.15 -11.24 25.61
CA THR A 727 51.98 -11.73 24.86
C THR A 727 50.93 -12.34 25.78
N ARG A 728 49.68 -12.41 25.30
CA ARG A 728 48.60 -12.97 26.08
C ARG A 728 48.94 -14.38 26.52
N TYR A 729 49.74 -15.06 25.69
CA TYR A 729 50.16 -16.41 26.01
C TYR A 729 51.15 -16.40 27.19
N ASP A 730 51.98 -15.37 27.29
CA ASP A 730 52.91 -15.27 28.39
C ASP A 730 52.12 -15.14 29.67
N LEU A 731 51.12 -14.25 29.64
CA LEU A 731 50.27 -14.02 30.80
C LEU A 731 49.57 -15.30 31.24
N SER A 732 49.11 -16.06 30.25
CA SER A 732 48.43 -17.30 30.51
C SER A 732 49.32 -18.19 31.34
N ASN A 733 50.57 -18.37 30.91
CA ASN A 733 51.50 -19.22 31.65
C ASN A 733 51.61 -18.84 33.11
N VAL A 734 51.73 -17.55 33.38
CA VAL A 734 51.84 -17.08 34.75
C VAL A 734 50.54 -17.36 35.49
N ILE A 735 49.43 -16.87 34.94
CA ILE A 735 48.13 -17.06 35.57
C ILE A 735 47.77 -18.53 35.85
N VAL A 736 47.91 -19.40 34.86
CA VAL A 736 47.56 -20.80 35.08
C VAL A 736 48.40 -21.42 36.21
N GLU A 737 49.71 -21.14 36.21
CA GLU A 737 50.59 -21.67 37.26
C GLU A 737 50.14 -21.17 38.64
N MET A 738 49.63 -19.94 38.69
CA MET A 738 49.18 -19.41 39.96
C MET A 738 47.84 -20.03 40.33
N GLN A 739 47.05 -20.41 39.33
CA GLN A 739 45.77 -21.05 39.63
C GLN A 739 46.05 -22.45 40.20
N GLY A 740 47.08 -23.10 39.69
CA GLY A 740 47.43 -24.43 40.15
C GLY A 740 47.80 -24.43 41.60
N GLU A 741 48.19 -23.27 42.10
CA GLU A 741 48.57 -23.16 43.50
C GLU A 741 47.42 -23.51 44.47
N TYR A 742 46.20 -23.65 43.97
CA TYR A 742 45.08 -23.99 44.83
C TYR A 742 44.92 -25.48 44.90
N ARG A 743 45.77 -26.18 44.17
CA ARG A 743 45.76 -27.64 44.20
C ARG A 743 44.37 -28.25 44.16
N THR A 744 43.50 -27.72 43.31
CA THR A 744 42.15 -28.23 43.20
C THR A 744 41.75 -28.36 41.74
N SER A 745 40.68 -29.09 41.49
CA SER A 745 40.18 -29.28 40.13
C SER A 745 39.31 -28.09 39.65
N HIS A 746 39.03 -28.05 38.36
CA HIS A 746 38.21 -27.04 37.76
C HIS A 746 38.74 -25.60 37.67
N SER A 747 40.05 -25.42 37.84
CA SER A 747 40.68 -24.09 37.73
C SER A 747 41.08 -23.99 36.28
N TYR A 748 40.17 -23.51 35.44
CA TYR A 748 40.45 -23.40 34.02
C TYR A 748 40.58 -21.98 33.56
N GLU A 749 40.97 -21.82 32.30
CA GLU A 749 41.11 -20.52 31.66
C GLU A 749 40.65 -20.67 30.22
N MET A 750 39.50 -20.07 29.92
CA MET A 750 38.92 -20.14 28.58
C MET A 750 38.69 -18.75 27.95
N GLY A 751 38.45 -18.71 26.65
CA GLY A 751 38.22 -17.43 26.00
C GLY A 751 39.50 -16.61 25.91
N GLY A 752 39.38 -15.30 25.79
CA GLY A 752 40.56 -14.46 25.70
C GLY A 752 41.06 -14.41 24.27
N THR A 753 41.76 -13.33 23.94
CA THR A 753 42.33 -13.12 22.61
C THR A 753 43.85 -13.36 22.70
N PHE A 754 44.32 -14.42 22.02
CA PHE A 754 45.74 -14.78 22.00
C PHE A 754 46.42 -14.54 20.66
N THR A 755 45.63 -14.31 19.61
CA THR A 755 46.19 -14.11 18.28
C THR A 755 45.23 -13.54 17.23
N ASP A 756 45.77 -12.96 16.18
CA ASP A 756 44.95 -12.41 15.13
C ASP A 756 44.92 -13.41 13.98
N LYS A 757 45.51 -14.57 14.20
CA LYS A 757 45.54 -15.61 13.19
C LYS A 757 44.21 -16.35 13.15
N ASP A 758 43.73 -16.65 11.95
CA ASP A 758 42.47 -17.40 11.84
C ASP A 758 42.65 -18.85 12.21
N PRO A 759 41.63 -19.46 12.79
CA PRO A 759 41.78 -20.86 13.16
C PRO A 759 42.13 -21.76 11.97
N PHE A 760 42.82 -22.85 12.26
CA PHE A 760 43.19 -23.82 11.25
C PHE A 760 41.96 -24.53 10.72
N ARG A 761 41.97 -24.87 9.43
CA ARG A 761 40.83 -25.54 8.84
C ARG A 761 41.19 -26.99 8.55
N SER A 762 40.19 -27.86 8.63
CA SER A 762 40.39 -29.27 8.34
C SER A 762 39.21 -29.81 7.55
N GLY A 763 39.48 -30.28 6.33
CA GLY A 763 38.43 -30.79 5.48
C GLY A 763 38.09 -32.22 5.84
N ARG A 764 36.83 -32.45 6.24
CA ARG A 764 36.40 -33.79 6.63
C ARG A 764 35.15 -34.33 5.93
N ILE A 765 35.17 -35.63 5.63
CA ILE A 765 34.06 -36.31 4.98
C ILE A 765 33.80 -37.62 5.70
N ALA A 766 34.06 -37.63 7.00
CA ALA A 766 33.85 -38.81 7.80
C ALA A 766 34.42 -40.04 7.13
N CYS A 767 35.73 -40.03 6.88
CA CYS A 767 36.39 -41.17 6.26
C CYS A 767 37.83 -41.25 6.74
N ASP A 768 38.44 -42.41 6.54
CA ASP A 768 39.83 -42.63 6.90
C ASP A 768 40.58 -43.03 5.63
N PHE A 769 41.67 -42.34 5.34
CA PHE A 769 42.42 -42.61 4.14
C PHE A 769 43.71 -43.35 4.42
N LYS A 770 44.18 -44.11 3.43
CA LYS A 770 45.43 -44.85 3.56
C LYS A 770 46.19 -44.79 2.23
N LEU A 771 47.47 -44.44 2.28
CA LEU A 771 48.28 -44.37 1.07
C LEU A 771 48.67 -45.78 0.65
N ASP A 772 48.20 -46.21 -0.52
CA ASP A 772 48.55 -47.53 -1.01
C ASP A 772 49.02 -47.42 -2.46
N GLY A 773 50.32 -47.27 -2.61
CA GLY A 773 50.89 -47.13 -3.93
C GLY A 773 50.95 -45.67 -4.29
N ASP A 774 50.06 -45.23 -5.17
CA ASP A 774 50.04 -43.84 -5.59
C ASP A 774 48.63 -43.26 -5.53
N HIS A 775 47.77 -43.95 -4.80
CA HIS A 775 46.37 -43.58 -4.64
C HIS A 775 45.96 -43.71 -3.19
N TYR A 776 45.02 -42.87 -2.78
CA TYR A 776 44.50 -42.92 -1.41
C TYR A 776 43.26 -43.81 -1.45
N VAL A 777 43.13 -44.69 -0.47
CA VAL A 777 41.99 -45.58 -0.41
C VAL A 777 41.15 -45.28 0.83
N VAL A 778 39.83 -45.38 0.68
CA VAL A 778 38.93 -45.16 1.81
C VAL A 778 39.09 -46.34 2.74
N ALA A 779 39.94 -46.18 3.75
CA ALA A 779 40.21 -47.24 4.72
C ALA A 779 38.98 -47.51 5.59
N LYS A 780 38.22 -46.45 5.87
CA LYS A 780 37.02 -46.55 6.69
C LYS A 780 36.01 -45.45 6.38
N ALA A 781 34.71 -45.80 6.47
CA ALA A 781 33.65 -44.83 6.19
C ALA A 781 32.72 -44.82 7.38
N TYR A 782 32.93 -43.89 8.30
CA TYR A 782 32.12 -43.77 9.51
C TYR A 782 30.63 -43.50 9.31
N ALA A 783 29.81 -44.21 10.08
CA ALA A 783 28.35 -44.05 10.04
C ALA A 783 27.75 -44.59 11.36
N GLY A 784 26.75 -43.89 11.87
CA GLY A 784 26.10 -44.28 13.12
C GLY A 784 24.65 -44.67 12.83
N ASP A 785 23.72 -43.72 12.96
CA ASP A 785 22.33 -44.01 12.68
C ASP A 785 21.97 -43.34 11.36
N TYR A 786 22.05 -44.12 10.29
CA TYR A 786 21.74 -43.66 8.93
C TYR A 786 20.56 -42.71 8.81
N SER A 787 19.52 -42.92 9.61
CA SER A 787 18.34 -42.07 9.52
C SER A 787 18.40 -40.83 10.38
N ASN A 788 19.41 -40.75 11.26
CA ASN A 788 19.56 -39.58 12.10
C ASN A 788 20.20 -38.50 11.26
N GLU A 789 20.40 -37.33 11.86
CA GLU A 789 21.04 -36.23 11.17
C GLU A 789 22.51 -36.18 11.52
N GLY A 790 23.32 -35.74 10.55
CA GLY A 790 24.76 -35.64 10.74
C GLY A 790 25.45 -36.82 11.43
N GLU A 791 25.22 -38.04 10.95
CA GLU A 791 25.84 -39.20 11.56
C GLU A 791 26.46 -40.19 10.54
N LYS A 792 27.00 -39.69 9.44
CA LYS A 792 27.55 -40.58 8.45
C LYS A 792 28.34 -39.78 7.45
N SER A 793 29.15 -40.48 6.66
CA SER A 793 29.93 -39.81 5.63
C SER A 793 28.97 -39.25 4.63
N PRO A 794 29.13 -37.97 4.29
CA PRO A 794 28.23 -37.36 3.31
C PRO A 794 28.19 -38.12 1.99
N ILE A 795 29.12 -39.04 1.78
CA ILE A 795 29.11 -39.80 0.55
C ILE A 795 27.90 -40.73 0.51
N PHE A 796 27.50 -41.24 1.68
CA PHE A 796 26.36 -42.14 1.76
C PHE A 796 25.08 -41.63 1.11
N GLU A 797 24.90 -40.31 1.09
CA GLU A 797 23.69 -39.75 0.49
C GLU A 797 23.53 -40.15 -0.97
N TYR A 798 24.63 -40.53 -1.62
CA TYR A 798 24.59 -40.95 -3.01
C TYR A 798 24.41 -42.45 -3.14
N GLY A 799 23.94 -43.06 -2.08
CA GLY A 799 23.70 -44.50 -2.10
C GLY A 799 24.90 -45.36 -2.43
N ILE A 800 26.02 -45.16 -1.73
CA ILE A 800 27.23 -45.95 -1.93
C ILE A 800 28.16 -45.84 -0.74
N ASP A 801 28.62 -46.98 -0.23
CA ASP A 801 29.55 -47.01 0.91
C ASP A 801 30.94 -46.85 0.32
N PRO A 802 31.58 -45.69 0.54
CA PRO A 802 32.93 -45.37 0.04
C PRO A 802 34.05 -46.32 0.46
N THR A 803 33.84 -47.03 1.57
CA THR A 803 34.84 -47.98 2.04
C THR A 803 35.37 -48.81 0.88
N GLY A 804 36.70 -48.96 0.80
CA GLY A 804 37.30 -49.74 -0.26
C GLY A 804 37.64 -48.99 -1.55
N TYR A 805 36.82 -48.00 -1.90
CA TYR A 805 37.04 -47.20 -3.11
C TYR A 805 38.35 -46.45 -3.09
N LEU A 806 38.78 -46.00 -4.27
CA LEU A 806 40.04 -45.24 -4.44
C LEU A 806 39.71 -43.82 -4.81
N ILE A 807 40.26 -42.86 -4.08
CA ILE A 807 39.99 -41.46 -4.36
C ILE A 807 40.94 -41.00 -5.46
N GLU A 808 40.38 -40.67 -6.61
CA GLU A 808 41.17 -40.20 -7.75
C GLU A 808 41.57 -38.74 -7.60
N ASP A 809 40.59 -37.86 -7.61
CA ASP A 809 40.85 -36.44 -7.52
C ASP A 809 39.71 -35.69 -6.87
N ILE A 810 40.01 -34.51 -6.35
CA ILE A 810 39.02 -33.67 -5.71
C ILE A 810 39.05 -32.32 -6.40
N ASP A 811 37.89 -31.87 -6.87
CA ASP A 811 37.76 -30.58 -7.57
C ASP A 811 38.82 -30.42 -8.67
N GLY A 812 39.00 -31.47 -9.47
CA GLY A 812 39.97 -31.40 -10.54
C GLY A 812 41.37 -31.79 -10.14
N GLU A 813 41.85 -31.28 -9.01
CA GLU A 813 43.21 -31.62 -8.57
C GLU A 813 43.38 -33.08 -8.16
N THR A 814 44.37 -33.72 -8.76
CA THR A 814 44.67 -35.12 -8.48
C THR A 814 45.36 -35.26 -7.13
N VAL A 815 44.86 -36.16 -6.29
CA VAL A 815 45.45 -36.42 -4.99
C VAL A 815 46.08 -37.81 -4.98
N GLY A 816 47.03 -38.01 -4.08
CA GLY A 816 47.68 -39.31 -4.00
C GLY A 816 49.14 -39.16 -3.61
N ALA A 817 49.96 -40.13 -4.00
CA ALA A 817 51.40 -40.14 -3.69
C ALA A 817 52.08 -38.77 -3.66
N GLY A 818 51.84 -37.94 -4.67
CA GLY A 818 52.48 -36.66 -4.68
C GLY A 818 51.54 -35.52 -4.34
N SER A 819 50.39 -35.84 -3.77
CA SER A 819 49.43 -34.78 -3.45
C SER A 819 48.68 -35.04 -2.15
N ASN A 820 49.01 -34.25 -1.13
CA ASN A 820 48.41 -34.37 0.19
C ASN A 820 46.89 -34.19 0.18
N ILE A 821 46.14 -35.28 0.33
CA ILE A 821 44.68 -35.19 0.32
C ILE A 821 44.19 -34.38 1.50
N TYR A 822 44.89 -34.48 2.62
CA TYR A 822 44.50 -33.75 3.82
C TYR A 822 44.50 -32.25 3.55
N ARG A 823 45.52 -31.78 2.85
CA ARG A 823 45.63 -30.37 2.53
C ARG A 823 44.52 -29.96 1.56
N VAL A 824 44.38 -30.70 0.46
CA VAL A 824 43.34 -30.42 -0.51
C VAL A 824 42.00 -30.32 0.19
N LEU A 825 41.65 -31.33 0.98
CA LEU A 825 40.39 -31.29 1.67
C LEU A 825 40.31 -30.03 2.53
N SER A 826 41.43 -29.68 3.15
CA SER A 826 41.42 -28.50 4.01
C SER A 826 40.98 -27.28 3.25
N GLU A 827 41.48 -27.15 2.03
CA GLU A 827 41.15 -26.00 1.19
C GLU A 827 39.72 -25.99 0.62
N LYS A 828 38.98 -27.05 0.87
CA LYS A 828 37.62 -27.16 0.38
C LYS A 828 36.65 -27.23 1.54
N ALA A 829 37.18 -27.15 2.76
CA ALA A 829 36.35 -27.23 3.95
C ALA A 829 35.20 -26.23 3.92
N GLY A 830 34.00 -26.72 4.22
CA GLY A 830 32.86 -25.84 4.25
C GLY A 830 32.23 -25.54 2.92
N THR A 831 32.58 -26.30 1.89
CA THR A 831 31.99 -26.11 0.58
C THR A 831 31.71 -27.46 -0.01
N SER A 832 31.20 -27.48 -1.24
CA SER A 832 30.91 -28.75 -1.87
C SER A 832 31.88 -28.93 -3.02
N ALA A 833 32.53 -30.09 -3.09
CA ALA A 833 33.50 -30.37 -4.13
C ALA A 833 33.21 -31.65 -4.89
N ARG A 834 33.64 -31.67 -6.15
CA ARG A 834 33.45 -32.85 -6.98
C ARG A 834 34.58 -33.83 -6.66
N ILE A 835 34.20 -35.05 -6.26
CA ILE A 835 35.15 -36.08 -5.92
C ILE A 835 34.96 -37.28 -6.82
N ARG A 836 36.01 -37.67 -7.53
CA ARG A 836 35.95 -38.83 -8.42
C ARG A 836 36.42 -40.03 -7.61
N LEU A 837 35.63 -41.09 -7.56
CA LEU A 837 36.00 -42.31 -6.80
C LEU A 837 36.08 -43.52 -7.73
N SER A 838 36.55 -44.65 -7.20
CA SER A 838 36.67 -45.88 -7.97
C SER A 838 36.63 -47.12 -7.08
N GLY A 839 35.65 -47.99 -7.31
CA GLY A 839 35.55 -49.21 -6.51
C GLY A 839 35.95 -50.43 -7.29
N LYS A 840 35.44 -51.59 -6.87
CA LYS A 840 35.72 -52.87 -7.53
C LYS A 840 35.29 -52.85 -8.98
N GLY A 841 36.09 -53.48 -9.84
CA GLY A 841 35.77 -53.51 -11.26
C GLY A 841 35.96 -52.16 -11.88
N GLY A 842 35.13 -51.85 -12.88
CA GLY A 842 35.22 -50.55 -13.53
C GLY A 842 34.31 -49.53 -12.90
N ASP A 843 33.90 -49.81 -11.67
CA ASP A 843 32.99 -48.92 -10.94
C ASP A 843 33.67 -47.57 -10.66
N LYS A 844 33.09 -46.49 -11.18
CA LYS A 844 33.64 -45.15 -10.97
C LYS A 844 32.53 -44.14 -10.66
N ARG A 845 32.71 -43.38 -9.58
CA ARG A 845 31.74 -42.40 -9.14
C ARG A 845 32.29 -41.00 -9.22
N ASP A 846 31.39 -40.05 -9.48
CA ASP A 846 31.76 -38.64 -9.59
C ASP A 846 30.65 -37.81 -8.95
N LEU A 847 30.74 -37.63 -7.64
CA LEU A 847 29.72 -36.91 -6.89
C LEU A 847 30.14 -35.58 -6.24
N MET A 848 29.16 -34.71 -6.00
CA MET A 848 29.41 -33.43 -5.35
C MET A 848 29.24 -33.68 -3.86
N ILE A 849 30.36 -33.78 -3.16
CA ILE A 849 30.36 -34.06 -1.73
C ILE A 849 30.47 -32.82 -0.89
N ASP A 850 29.82 -32.84 0.26
CA ASP A 850 29.88 -31.71 1.16
C ASP A 850 31.11 -31.92 2.02
N ILE A 851 32.10 -31.06 1.86
CA ILE A 851 33.31 -31.19 2.66
C ILE A 851 33.06 -30.48 3.99
N LEU A 852 32.88 -31.27 5.05
CA LEU A 852 32.58 -30.75 6.39
C LEU A 852 33.78 -30.16 7.08
N ASP A 853 33.55 -29.26 8.03
CA ASP A 853 34.64 -28.66 8.78
C ASP A 853 35.04 -29.56 9.94
N ASP A 854 34.19 -30.52 10.27
CA ASP A 854 34.45 -31.41 11.38
C ASP A 854 33.64 -32.71 11.23
N ASP A 855 34.09 -33.81 11.82
CA ASP A 855 33.33 -35.05 11.74
C ASP A 855 33.48 -35.90 13.04
N ARG A 856 33.78 -35.20 14.14
CA ARG A 856 33.91 -35.81 15.48
C ARG A 856 32.64 -36.56 15.89
N PHE A 857 31.53 -35.83 15.92
CA PHE A 857 30.23 -36.40 16.29
C PHE A 857 29.92 -37.61 15.43
N ILE A 858 30.15 -37.51 14.11
CA ILE A 858 29.89 -38.65 13.25
C ILE A 858 30.73 -39.82 13.70
N ARG A 859 31.97 -39.54 14.13
CA ARG A 859 32.83 -40.64 14.62
C ARG A 859 32.36 -41.18 15.98
N TYR A 860 31.89 -40.28 16.84
CA TYR A 860 31.39 -40.68 18.15
C TYR A 860 30.19 -41.59 17.99
N ARG A 861 29.25 -41.17 17.17
CA ARG A 861 28.05 -41.96 16.95
C ARG A 861 28.39 -43.31 16.32
N SER A 862 29.40 -43.30 15.45
CA SER A 862 29.83 -44.51 14.79
C SER A 862 30.33 -45.51 15.85
N TRP A 863 31.17 -45.00 16.73
CA TRP A 863 31.72 -45.78 17.84
C TRP A 863 30.59 -46.34 18.72
N VAL A 864 29.70 -45.48 19.19
CA VAL A 864 28.63 -45.93 20.02
C VAL A 864 27.86 -47.04 19.35
N GLU A 865 27.45 -46.83 18.12
CA GLU A 865 26.68 -47.85 17.41
C GLU A 865 27.48 -49.13 17.21
N ALA A 866 28.78 -49.01 17.04
CA ALA A 866 29.62 -50.19 16.89
C ALA A 866 29.56 -50.98 18.20
N ASN A 867 29.86 -50.30 19.31
CA ASN A 867 29.84 -50.96 20.61
C ASN A 867 28.47 -51.57 20.89
N ARG A 868 27.43 -50.86 20.45
CA ARG A 868 26.07 -51.31 20.65
C ARG A 868 25.87 -52.59 19.87
N ARG A 869 26.27 -52.61 18.60
CA ARG A 869 26.12 -53.83 17.80
C ARG A 869 26.92 -54.97 18.40
N TYR A 870 28.09 -54.62 18.92
CA TYR A 870 28.98 -55.60 19.52
C TYR A 870 28.31 -56.24 20.74
N VAL A 871 27.86 -55.43 21.68
CA VAL A 871 27.19 -55.95 22.85
C VAL A 871 26.01 -56.87 22.51
N HIS A 872 25.25 -56.57 21.46
CA HIS A 872 24.13 -57.42 21.13
C HIS A 872 24.61 -58.80 20.69
N GLU A 873 25.49 -58.84 19.69
CA GLU A 873 25.99 -60.08 19.16
C GLU A 873 26.67 -60.99 20.15
N ARG A 874 27.46 -60.40 21.02
CA ARG A 874 28.20 -61.19 22.01
C ARG A 874 27.30 -61.71 23.13
N SER A 875 26.26 -60.96 23.48
CA SER A 875 25.37 -61.42 24.54
C SER A 875 24.20 -62.19 23.94
N LYS A 876 24.38 -62.63 22.70
CA LYS A 876 23.33 -63.36 21.99
C LYS A 876 22.01 -62.59 22.09
N GLY A 877 22.08 -61.26 21.93
CA GLY A 877 20.88 -60.44 22.01
C GLY A 877 20.19 -60.39 23.37
N THR A 878 20.96 -60.46 24.47
CA THR A 878 20.39 -60.43 25.79
C THR A 878 20.84 -59.25 26.64
N ILE A 879 21.72 -58.41 26.09
CA ILE A 879 22.22 -57.23 26.79
C ILE A 879 22.11 -55.94 25.97
N GLY A 880 21.76 -54.86 26.67
CA GLY A 880 21.62 -53.56 26.03
C GLY A 880 22.89 -52.76 26.23
N TYR A 881 23.00 -51.64 25.52
CA TYR A 881 24.16 -50.77 25.61
C TYR A 881 23.75 -49.31 25.49
N ILE A 882 24.41 -48.47 26.27
CA ILE A 882 24.14 -47.05 26.29
C ILE A 882 25.43 -46.38 26.67
N HIS A 883 25.77 -45.27 26.02
CA HIS A 883 26.98 -44.56 26.35
C HIS A 883 26.70 -43.10 26.61
N ILE A 884 27.35 -42.58 27.65
CA ILE A 884 27.13 -41.19 28.07
C ILE A 884 28.44 -40.43 27.97
N PRO A 885 28.57 -39.58 26.93
CA PRO A 885 29.74 -38.75 26.60
C PRO A 885 30.05 -37.68 27.65
N ASP A 886 29.03 -37.12 28.26
CA ASP A 886 29.26 -36.15 29.29
C ASP A 886 27.99 -36.01 30.07
N MET A 887 27.98 -35.11 31.05
CA MET A 887 26.78 -34.91 31.87
C MET A 887 26.23 -33.56 31.58
N GLY A 888 26.27 -33.22 30.29
CA GLY A 888 25.75 -31.93 29.82
C GLY A 888 24.55 -32.19 28.91
N MET A 889 24.22 -31.25 28.03
CA MET A 889 23.10 -31.46 27.14
C MET A 889 23.35 -32.65 26.23
N MET A 890 24.57 -32.81 25.73
CA MET A 890 24.84 -33.93 24.84
C MET A 890 24.63 -35.25 25.54
N GLY A 891 25.07 -35.34 26.79
CA GLY A 891 24.90 -36.59 27.54
C GLY A 891 23.44 -36.94 27.62
N LEU A 892 22.66 -35.96 28.06
CA LEU A 892 21.24 -36.12 28.17
C LEU A 892 20.71 -36.64 26.82
N ASN A 893 21.22 -36.10 25.69
CA ASN A 893 20.82 -36.52 24.35
C ASN A 893 21.14 -37.99 24.04
N GLU A 894 22.39 -38.37 24.26
CA GLU A 894 22.86 -39.72 23.98
C GLU A 894 22.28 -40.77 24.88
N PHE A 895 22.11 -40.42 26.15
CA PHE A 895 21.54 -41.36 27.12
C PHE A 895 20.10 -41.73 26.64
N TYR A 896 19.25 -40.73 26.42
CA TYR A 896 17.91 -41.03 25.96
C TYR A 896 17.86 -41.57 24.54
N ARG A 897 18.85 -41.23 23.72
CA ARG A 897 18.86 -41.70 22.32
C ARG A 897 18.88 -43.21 22.24
N LEU A 898 19.54 -43.85 23.21
CA LEU A 898 19.58 -45.33 23.25
C LEU A 898 18.81 -45.94 24.42
N PHE A 899 18.64 -45.16 25.48
CA PHE A 899 17.92 -45.64 26.65
C PHE A 899 16.54 -46.18 26.28
N ILE A 900 15.94 -45.62 25.23
CA ILE A 900 14.62 -46.04 24.78
C ILE A 900 14.58 -47.33 23.96
N ASN A 901 15.75 -47.89 23.61
CA ASN A 901 15.78 -49.14 22.84
C ASN A 901 16.53 -50.22 23.57
N GLU A 902 17.36 -49.83 24.53
CA GLU A 902 18.20 -50.76 25.25
C GLU A 902 17.83 -51.08 26.69
N SER A 903 16.91 -50.30 27.24
CA SER A 903 16.52 -50.49 28.62
C SER A 903 15.73 -51.76 28.91
N SER A 904 15.19 -52.43 27.89
CA SER A 904 14.40 -53.65 28.16
C SER A 904 15.03 -54.98 27.79
N TYR A 905 16.34 -55.09 27.96
CA TYR A 905 17.03 -56.34 27.70
C TYR A 905 17.23 -56.96 29.07
N GLN A 906 17.68 -58.21 29.09
CA GLN A 906 17.94 -58.91 30.35
C GLN A 906 18.94 -58.12 31.16
N GLY A 907 19.96 -57.60 30.48
CA GLY A 907 20.98 -56.83 31.16
C GLY A 907 21.27 -55.52 30.44
N LEU A 908 21.85 -54.57 31.15
CA LEU A 908 22.18 -53.28 30.56
C LEU A 908 23.57 -52.84 30.92
N ILE A 909 24.27 -52.27 29.94
CA ILE A 909 25.61 -51.77 30.18
C ILE A 909 25.54 -50.28 29.99
N VAL A 910 25.85 -49.55 31.05
CA VAL A 910 25.83 -48.11 31.01
C VAL A 910 27.30 -47.63 30.91
N ASP A 911 27.87 -47.69 29.70
CA ASP A 911 29.25 -47.26 29.46
C ASP A 911 29.39 -45.76 29.63
N VAL A 912 30.13 -45.32 30.65
CA VAL A 912 30.29 -43.91 30.82
C VAL A 912 31.75 -43.48 30.74
N ARG A 913 32.57 -44.27 30.04
CA ARG A 913 34.00 -43.96 29.87
C ARG A 913 34.15 -42.65 29.10
N PHE A 914 35.23 -41.91 29.36
CA PHE A 914 35.50 -40.61 28.69
C PHE A 914 34.45 -39.54 29.00
N ASN A 915 33.61 -39.79 30.01
CA ASN A 915 32.56 -38.86 30.36
C ASN A 915 33.14 -37.54 30.86
N GLY A 916 32.87 -36.46 30.12
CA GLY A 916 33.39 -35.16 30.44
C GLY A 916 32.78 -34.38 31.57
N GLY A 917 31.84 -34.97 32.31
CA GLY A 917 31.22 -34.24 33.40
C GLY A 917 30.17 -33.26 32.94
N GLY A 918 29.62 -32.52 33.89
CA GLY A 918 28.58 -31.55 33.61
C GLY A 918 27.78 -31.31 34.87
N PHE A 919 26.53 -31.77 34.91
CA PHE A 919 25.68 -31.59 36.09
C PHE A 919 24.41 -32.43 36.09
N VAL A 920 24.09 -33.08 34.96
CA VAL A 920 22.84 -33.85 34.86
C VAL A 920 22.94 -35.30 35.30
N SER A 921 23.99 -35.67 36.03
CA SER A 921 24.14 -37.06 36.47
C SER A 921 22.97 -37.46 37.34
N GLN A 922 22.61 -36.59 38.27
CA GLN A 922 21.49 -36.89 39.15
C GLN A 922 20.25 -37.29 38.37
N LEU A 923 19.97 -36.61 37.26
CA LEU A 923 18.79 -36.92 36.43
C LEU A 923 18.86 -38.28 35.74
N ILE A 924 20.07 -38.68 35.34
CA ILE A 924 20.25 -39.96 34.69
C ILE A 924 20.15 -41.09 35.72
N ILE A 925 20.71 -40.86 36.91
CA ILE A 925 20.65 -41.86 37.98
C ILE A 925 19.18 -42.09 38.34
N GLU A 926 18.45 -40.99 38.59
CA GLU A 926 17.01 -41.03 38.92
C GLU A 926 16.28 -41.95 37.96
N LYS A 927 16.69 -41.92 36.70
CA LYS A 927 16.07 -42.79 35.70
C LYS A 927 16.38 -44.26 36.01
N LEU A 928 17.67 -44.61 35.99
CA LEU A 928 18.14 -45.95 36.25
C LEU A 928 17.69 -46.49 37.60
N MET A 929 17.39 -45.57 38.51
CA MET A 929 16.93 -45.92 39.86
C MET A 929 15.60 -46.63 39.84
N ASN A 930 14.86 -46.45 38.76
CA ASN A 930 13.54 -47.06 38.65
C ASN A 930 13.58 -48.58 38.60
N LYS A 931 12.69 -49.22 39.36
CA LYS A 931 12.62 -50.67 39.38
C LYS A 931 11.27 -51.13 38.84
N ARG A 932 11.29 -52.07 37.91
CA ARG A 932 10.06 -52.60 37.31
C ARG A 932 9.25 -53.43 38.31
N ILE A 933 8.04 -52.98 38.63
CA ILE A 933 7.22 -53.70 39.59
C ILE A 933 5.85 -54.14 39.08
N GLY A 934 5.59 -53.87 37.82
CA GLY A 934 4.32 -54.26 37.24
C GLY A 934 4.23 -54.19 35.73
N TYR A 935 3.08 -54.59 35.19
CA TYR A 935 2.83 -54.56 33.76
C TYR A 935 1.41 -54.20 33.46
N ASP A 936 1.18 -53.83 32.22
CA ASP A 936 -0.15 -53.47 31.75
C ASP A 936 -0.50 -54.50 30.68
N ASN A 937 -1.59 -55.22 30.87
CA ASN A 937 -2.00 -56.22 29.91
C ASN A 937 -3.08 -55.70 29.02
N PRO A 938 -2.75 -55.54 27.73
CA PRO A 938 -3.71 -55.03 26.76
C PRO A 938 -4.47 -56.13 26.03
N ARG A 939 -5.62 -55.76 25.50
CA ARG A 939 -6.42 -56.68 24.75
C ARG A 939 -5.68 -57.02 23.46
N ARG A 940 -4.98 -56.03 22.91
CA ARG A 940 -4.18 -56.19 21.70
C ARG A 940 -2.87 -55.44 21.85
N GLY A 941 -1.76 -56.10 21.54
CA GLY A 941 -0.48 -55.46 21.68
C GLY A 941 0.37 -56.19 22.68
N THR A 942 1.48 -55.57 23.07
CA THR A 942 2.41 -56.17 24.01
C THR A 942 2.33 -55.55 25.42
N LEU A 943 3.02 -56.16 26.38
CA LEU A 943 3.00 -55.67 27.74
C LEU A 943 3.59 -54.27 27.84
N SER A 944 3.15 -53.49 28.83
CA SER A 944 3.73 -52.18 29.05
C SER A 944 4.36 -52.19 30.43
N PRO A 945 5.69 -52.08 30.50
CA PRO A 945 6.34 -52.09 31.82
C PRO A 945 6.08 -50.84 32.64
N TYR A 946 5.91 -51.02 33.95
CA TYR A 946 5.67 -49.96 34.89
C TYR A 946 6.71 -49.94 35.97
N PRO A 947 7.52 -48.87 36.10
CA PRO A 947 7.36 -47.68 35.29
C PRO A 947 7.86 -47.95 33.87
N THR A 948 7.61 -46.98 32.99
CA THR A 948 8.04 -47.07 31.61
C THR A 948 9.56 -46.87 31.56
N ASN A 949 10.04 -45.88 32.29
CA ASN A 949 11.45 -45.59 32.32
C ASN A 949 12.18 -46.48 33.31
N SER A 950 11.78 -47.75 33.36
CA SER A 950 12.40 -48.68 34.28
C SER A 950 13.33 -49.63 33.53
N VAL A 951 14.51 -49.88 34.08
CA VAL A 951 15.41 -50.81 33.44
C VAL A 951 14.84 -52.20 33.78
N ARG A 952 14.77 -53.06 32.77
CA ARG A 952 14.24 -54.40 32.92
C ARG A 952 14.99 -55.33 33.87
N GLY A 953 16.31 -55.38 33.78
CA GLY A 953 17.07 -56.27 34.64
C GLY A 953 18.35 -55.79 35.32
N LYS A 954 19.44 -56.53 35.12
CA LYS A 954 20.74 -56.21 35.74
C LYS A 954 21.53 -55.14 34.97
N ILE A 955 22.09 -54.19 35.71
CA ILE A 955 22.83 -53.11 35.09
C ILE A 955 24.28 -53.21 35.46
N ILE A 956 25.14 -52.72 34.57
CA ILE A 956 26.57 -52.73 34.84
C ILE A 956 27.22 -51.51 34.16
N ALA A 957 28.02 -50.80 34.93
CA ALA A 957 28.70 -49.60 34.49
C ALA A 957 30.19 -49.80 34.16
N ILE A 958 30.63 -49.15 33.08
CA ILE A 958 32.03 -49.17 32.63
C ILE A 958 32.56 -47.76 32.81
N THR A 959 33.75 -47.63 33.39
CA THR A 959 34.36 -46.30 33.60
C THR A 959 35.89 -46.33 33.50
N ASN A 960 36.49 -45.28 32.95
CA ASN A 960 37.94 -45.18 32.88
C ASN A 960 38.41 -43.90 33.56
N GLU A 961 39.71 -43.63 33.44
CA GLU A 961 40.28 -42.45 34.05
C GLU A 961 39.94 -41.19 33.27
N TYR A 962 39.30 -41.35 32.13
CA TYR A 962 38.95 -40.20 31.31
C TYR A 962 37.52 -39.72 31.56
N ALA A 963 36.94 -40.17 32.67
CA ALA A 963 35.59 -39.76 33.06
C ALA A 963 35.77 -39.03 34.36
N GLY A 964 35.40 -37.75 34.40
CA GLY A 964 35.55 -37.00 35.64
C GLY A 964 34.39 -36.06 35.97
N SER A 965 34.61 -35.19 36.96
CA SER A 965 33.63 -34.24 37.42
C SER A 965 32.29 -34.90 37.78
N ASP A 966 31.22 -34.45 37.15
CA ASP A 966 29.93 -35.07 37.39
C ASP A 966 30.12 -36.58 37.11
N GLY A 967 31.03 -36.87 36.19
CA GLY A 967 31.34 -38.25 35.84
C GLY A 967 31.86 -38.97 37.08
N ASP A 968 32.56 -38.23 37.93
CA ASP A 968 33.05 -38.77 39.19
C ASP A 968 31.82 -39.03 40.08
N ILE A 969 30.94 -38.03 40.17
CA ILE A 969 29.76 -38.13 41.00
C ILE A 969 28.89 -39.32 40.59
N PHE A 970 28.62 -39.42 39.30
CA PHE A 970 27.81 -40.51 38.76
C PHE A 970 28.38 -41.88 39.19
N SER A 971 29.70 -42.05 39.02
CA SER A 971 30.39 -43.31 39.35
C SER A 971 30.27 -43.72 40.79
N PHE A 972 30.53 -42.78 41.69
CA PHE A 972 30.44 -43.04 43.12
C PHE A 972 28.98 -43.40 43.45
N SER A 973 28.06 -42.60 42.92
CA SER A 973 26.64 -42.84 43.14
C SER A 973 26.18 -44.21 42.65
N PHE A 974 26.53 -44.57 41.42
CA PHE A 974 26.12 -45.84 40.88
C PHE A 974 26.44 -46.94 41.90
N LYS A 975 27.65 -46.92 42.45
CA LYS A 975 28.00 -47.92 43.43
C LYS A 975 27.20 -47.68 44.71
N LYS A 976 27.36 -46.49 45.29
CA LYS A 976 26.67 -46.12 46.52
C LYS A 976 25.19 -46.52 46.56
N LEU A 977 24.50 -46.47 45.41
CA LEU A 977 23.10 -46.85 45.38
C LEU A 977 22.92 -48.31 45.04
N GLY A 978 24.03 -48.99 44.79
CA GLY A 978 23.96 -50.40 44.42
C GLY A 978 23.17 -50.73 43.17
N LEU A 979 23.28 -49.92 42.12
CA LEU A 979 22.55 -50.19 40.89
C LEU A 979 23.21 -51.33 40.11
N GLY A 980 24.44 -51.66 40.50
CA GLY A 980 25.17 -52.72 39.83
C GLY A 980 26.66 -52.58 40.08
N LYS A 981 27.48 -53.39 39.42
CA LYS A 981 28.93 -53.30 39.60
C LYS A 981 29.58 -52.23 38.72
N LEU A 982 30.74 -51.77 39.14
CA LEU A 982 31.45 -50.77 38.37
C LEU A 982 32.75 -51.41 37.85
N ILE A 983 32.95 -51.39 36.54
CA ILE A 983 34.13 -51.96 35.92
C ILE A 983 34.95 -50.90 35.23
N GLY A 984 36.28 -51.03 35.30
CA GLY A 984 37.13 -50.06 34.63
C GLY A 984 38.41 -49.69 35.37
N THR A 985 38.69 -48.40 35.44
CA THR A 985 39.88 -47.91 36.11
C THR A 985 39.48 -46.66 36.88
N ARG A 986 40.19 -46.37 37.96
CA ARG A 986 39.88 -45.20 38.78
C ARG A 986 39.68 -43.97 37.88
N THR A 987 38.65 -43.20 38.21
CA THR A 987 38.30 -42.00 37.46
C THR A 987 39.12 -40.76 37.85
N TRP A 988 38.92 -39.69 37.07
CA TRP A 988 39.60 -38.40 37.22
C TRP A 988 39.78 -37.86 38.64
N GLY A 989 38.67 -37.55 39.31
CA GLY A 989 38.77 -37.05 40.67
C GLY A 989 38.70 -35.53 40.88
N GLY A 990 37.73 -34.88 40.26
CA GLY A 990 37.61 -33.44 40.39
C GLY A 990 36.15 -33.07 40.60
N VAL A 991 35.72 -33.13 41.84
CA VAL A 991 34.34 -32.83 42.14
C VAL A 991 34.11 -31.50 42.81
N VAL A 992 34.87 -30.48 42.44
CA VAL A 992 34.62 -29.17 43.00
C VAL A 992 34.11 -28.28 41.86
N GLY A 993 32.78 -28.19 41.74
CA GLY A 993 32.15 -27.41 40.70
C GLY A 993 32.42 -25.92 40.63
N ILE A 994 32.08 -25.33 39.48
CA ILE A 994 32.28 -23.90 39.23
C ILE A 994 31.12 -23.27 38.50
N THR A 995 31.02 -21.95 38.65
CA THR A 995 30.00 -21.16 37.98
C THR A 995 30.57 -19.77 37.79
N PRO A 996 31.39 -19.57 36.74
CA PRO A 996 31.99 -18.26 36.51
C PRO A 996 30.93 -17.20 36.31
N LYS A 997 31.17 -16.00 36.82
CA LYS A 997 30.22 -14.92 36.67
C LYS A 997 30.89 -13.60 36.33
N ARG A 998 32.19 -13.65 36.04
CA ARG A 998 32.91 -12.45 35.72
C ARG A 998 34.08 -12.76 34.80
N ARG A 999 34.34 -11.90 33.83
CA ARG A 999 35.45 -12.18 32.90
C ARG A 999 36.48 -11.07 32.83
N LEU A 1000 37.64 -11.37 32.24
CA LEU A 1000 38.71 -10.35 32.10
C LEU A 1000 38.40 -9.39 30.96
N ILE A 1001 38.97 -8.18 31.05
CA ILE A 1001 38.77 -7.15 30.05
C ILE A 1001 39.04 -7.58 28.61
N ASP A 1002 39.67 -8.72 28.41
CA ASP A 1002 39.97 -9.18 27.06
C ASP A 1002 39.02 -10.32 26.65
N GLY A 1003 38.04 -10.55 27.51
CA GLY A 1003 37.04 -11.57 27.27
C GLY A 1003 37.34 -12.89 27.95
N THR A 1004 38.58 -13.02 28.43
CA THR A 1004 39.01 -14.25 29.08
C THR A 1004 38.02 -14.64 30.18
N VAL A 1005 37.68 -15.92 30.24
CA VAL A 1005 36.79 -16.39 31.26
C VAL A 1005 37.54 -17.39 32.13
N LEU A 1006 37.91 -16.95 33.34
CA LEU A 1006 38.63 -17.82 34.26
C LEU A 1006 37.58 -18.50 35.13
N THR A 1007 37.91 -19.66 35.69
CA THR A 1007 37.01 -20.44 36.56
C THR A 1007 37.72 -20.73 37.87
N GLN A 1008 36.95 -20.81 38.96
CA GLN A 1008 37.51 -21.08 40.28
C GLN A 1008 36.68 -22.13 41.01
N PRO A 1009 37.33 -23.19 41.53
CA PRO A 1009 36.60 -24.25 42.27
C PRO A 1009 35.85 -23.64 43.44
N GLU A 1010 34.56 -23.45 43.25
CA GLU A 1010 33.69 -22.79 44.22
C GLU A 1010 32.66 -23.66 44.90
N PHE A 1011 32.41 -24.85 44.35
CA PHE A 1011 31.41 -25.75 44.93
C PHE A 1011 31.89 -27.15 45.24
N ALA A 1012 32.43 -27.33 46.44
CA ALA A 1012 32.93 -28.61 46.90
C ALA A 1012 31.84 -29.64 47.17
N PHE A 1013 31.90 -30.77 46.47
CA PHE A 1013 30.90 -31.82 46.61
C PHE A 1013 31.24 -32.72 47.80
N TRP A 1014 30.23 -32.96 48.64
CA TRP A 1014 30.41 -33.74 49.86
C TRP A 1014 29.55 -34.98 49.81
N PHE A 1015 30.16 -36.13 49.61
CA PHE A 1015 29.40 -37.36 49.56
C PHE A 1015 29.18 -37.83 50.99
N ARG A 1016 27.96 -38.24 51.31
CA ARG A 1016 27.66 -38.73 52.65
C ARG A 1016 28.50 -40.00 52.87
N ASP A 1017 29.07 -40.15 54.06
CA ASP A 1017 29.89 -41.32 54.38
C ASP A 1017 31.16 -41.44 53.55
N ALA A 1018 31.72 -40.30 53.14
CA ALA A 1018 32.95 -40.29 52.34
C ALA A 1018 33.53 -38.88 52.32
N GLY A 1019 32.70 -37.89 52.62
CA GLY A 1019 33.15 -36.51 52.65
C GLY A 1019 33.63 -36.00 51.31
N PHE A 1020 34.72 -35.25 51.30
CA PHE A 1020 35.24 -34.70 50.06
C PHE A 1020 36.26 -35.65 49.46
N GLY A 1021 36.32 -36.84 50.04
CA GLY A 1021 37.25 -37.84 49.56
C GLY A 1021 37.40 -37.98 48.06
N VAL A 1022 36.31 -37.88 47.32
CA VAL A 1022 36.40 -38.04 45.89
C VAL A 1022 37.36 -37.06 45.23
N GLU A 1023 37.38 -35.82 45.70
CA GLU A 1023 38.26 -34.79 45.13
C GLU A 1023 39.71 -35.20 45.26
N ASN A 1024 40.43 -35.00 44.16
CA ASN A 1024 41.84 -35.33 44.03
C ASN A 1024 42.10 -36.81 44.23
N TYR A 1025 41.15 -37.63 43.80
CA TYR A 1025 41.31 -39.07 43.92
C TYR A 1025 40.54 -39.83 42.85
N GLY A 1026 39.23 -39.59 42.79
CA GLY A 1026 38.41 -40.25 41.80
C GLY A 1026 37.58 -41.36 42.43
N VAL A 1027 37.14 -42.31 41.61
CA VAL A 1027 36.34 -43.41 42.09
C VAL A 1027 36.95 -44.77 41.70
N ASP A 1028 36.99 -45.68 42.68
CA ASP A 1028 37.51 -47.02 42.46
C ASP A 1028 36.41 -47.98 41.98
N PRO A 1029 36.65 -48.66 40.85
CA PRO A 1029 35.67 -49.60 40.31
C PRO A 1029 35.75 -50.89 41.09
N ASP A 1030 34.63 -51.59 41.21
CA ASP A 1030 34.60 -52.85 41.97
C ASP A 1030 35.61 -53.82 41.41
N VAL A 1031 35.76 -53.81 40.09
CA VAL A 1031 36.71 -54.66 39.42
C VAL A 1031 37.55 -53.77 38.53
N GLU A 1032 38.86 -53.89 38.64
CA GLU A 1032 39.77 -53.07 37.84
C GLU A 1032 40.17 -53.81 36.58
N ILE A 1033 39.83 -53.25 35.43
CA ILE A 1033 40.21 -53.87 34.17
C ILE A 1033 41.04 -52.85 33.38
N GLU A 1034 42.37 -53.03 33.43
CA GLU A 1034 43.26 -52.14 32.69
C GLU A 1034 43.05 -52.32 31.20
N TYR A 1035 43.51 -51.33 30.44
CA TYR A 1035 43.44 -51.35 28.97
C TYR A 1035 44.85 -51.11 28.48
N ALA A 1036 45.72 -52.10 28.68
CA ALA A 1036 47.12 -51.99 28.28
C ALA A 1036 47.38 -51.75 26.78
N PRO A 1037 48.58 -51.22 26.43
CA PRO A 1037 48.94 -50.95 25.04
C PRO A 1037 48.86 -52.21 24.18
N HIS A 1038 49.11 -53.36 24.79
CA HIS A 1038 49.05 -54.61 24.04
C HIS A 1038 47.60 -55.00 23.73
N ASP A 1039 46.64 -54.53 24.55
CA ASP A 1039 45.23 -54.79 24.31
C ASP A 1039 44.82 -53.99 23.04
N TYR A 1040 45.39 -52.81 22.88
CA TYR A 1040 45.08 -52.04 21.70
C TYR A 1040 45.72 -52.69 20.46
N LEU A 1041 46.92 -53.24 20.62
CA LEU A 1041 47.61 -53.91 19.51
C LEU A 1041 46.85 -55.16 19.05
N SER A 1042 46.15 -55.81 19.98
CA SER A 1042 45.39 -57.02 19.63
C SER A 1042 44.00 -56.64 19.17
N GLY A 1043 43.68 -55.36 19.25
CA GLY A 1043 42.37 -54.90 18.82
C GLY A 1043 41.22 -55.42 19.67
N LYS A 1044 41.46 -55.52 20.97
CA LYS A 1044 40.47 -56.00 21.89
C LYS A 1044 40.19 -54.97 22.96
N ASP A 1045 38.92 -54.85 23.36
CA ASP A 1045 38.52 -53.92 24.42
C ASP A 1045 38.25 -54.81 25.66
N PRO A 1046 39.26 -54.96 26.53
CA PRO A 1046 39.17 -55.76 27.75
C PRO A 1046 38.14 -55.24 28.73
N GLN A 1047 37.79 -53.96 28.59
CA GLN A 1047 36.82 -53.35 29.48
C GLN A 1047 35.40 -53.73 29.10
N ILE A 1048 35.03 -53.56 27.83
CA ILE A 1048 33.68 -53.89 27.40
C ILE A 1048 33.47 -55.39 27.38
N ASP A 1049 34.52 -56.14 27.11
CA ASP A 1049 34.40 -57.59 27.08
C ASP A 1049 34.09 -58.13 28.46
N TYR A 1050 34.84 -57.69 29.45
CA TYR A 1050 34.63 -58.14 30.80
C TYR A 1050 33.21 -57.82 31.20
N ALA A 1051 32.79 -56.59 30.94
CA ALA A 1051 31.43 -56.14 31.29
C ALA A 1051 30.36 -57.09 30.74
N ILE A 1052 30.47 -57.41 29.44
CA ILE A 1052 29.55 -58.33 28.77
C ILE A 1052 29.60 -59.73 29.36
N ASP A 1053 30.80 -60.26 29.47
CA ASP A 1053 30.96 -61.59 30.00
C ASP A 1053 30.50 -61.65 31.44
N ALA A 1054 30.70 -60.58 32.19
CA ALA A 1054 30.28 -60.54 33.59
C ALA A 1054 28.76 -60.58 33.72
N LEU A 1055 28.06 -59.84 32.86
CA LEU A 1055 26.60 -59.78 32.89
C LEU A 1055 25.98 -61.12 32.52
N ILE A 1056 26.56 -61.77 31.53
CA ILE A 1056 26.07 -63.08 31.12
C ILE A 1056 26.11 -64.01 32.35
N GLU A 1057 27.15 -63.87 33.16
CA GLU A 1057 27.27 -64.69 34.35
C GLU A 1057 26.12 -64.39 35.31
N GLU A 1058 25.81 -63.11 35.53
CA GLU A 1058 24.73 -62.74 36.44
C GLU A 1058 23.37 -63.10 35.87
N LEU A 1059 23.31 -63.17 34.56
CA LEU A 1059 22.06 -63.48 33.86
C LEU A 1059 21.83 -64.97 33.70
N ARG A 1060 22.47 -65.77 34.55
CA ARG A 1060 22.30 -67.22 34.50
C ARG A 1060 21.15 -67.61 35.43
N ASN A 1061 20.84 -66.74 36.38
CA ASN A 1061 19.77 -67.01 37.33
C ASN A 1061 18.43 -67.11 36.61
N ARG B 1 24.55 -22.57 37.39
CA ARG B 1 24.73 -23.98 37.04
C ARG B 1 26.12 -24.52 37.41
N VAL B 2 26.30 -25.43 38.32
CA VAL B 2 27.40 -26.15 38.97
C VAL B 2 27.85 -27.43 38.26
N ARG B 3 28.60 -27.10 37.17
CA ARG B 3 29.24 -27.83 36.31
C ARG B 3 30.45 -28.50 37.06
N LYS B 4 31.09 -29.60 36.86
CA LYS B 4 31.89 -30.60 37.49
C LYS B 4 32.52 -31.51 36.46
N MET C 39 -46.22 -50.31 22.34
CA MET C 39 -44.90 -49.69 22.65
C MET C 39 -44.84 -49.03 24.03
N PRO C 40 -44.46 -49.81 25.06
CA PRO C 40 -44.36 -49.27 26.42
C PRO C 40 -43.11 -48.43 26.60
N ASN C 41 -43.07 -47.69 27.70
CA ASN C 41 -41.94 -46.84 28.02
C ASN C 41 -40.97 -47.56 28.94
N LEU C 42 -39.97 -46.82 29.42
CA LEU C 42 -38.96 -47.35 30.33
C LEU C 42 -39.22 -46.59 31.61
N LEU C 43 -39.84 -47.24 32.58
CA LEU C 43 -40.13 -46.59 33.85
C LEU C 43 -38.93 -46.79 34.79
N LEU C 44 -38.76 -45.87 35.72
CA LEU C 44 -37.65 -46.02 36.63
C LEU C 44 -37.58 -45.00 37.75
N ASN C 45 -36.79 -45.33 38.77
CA ASN C 45 -36.56 -44.50 39.97
C ASN C 45 -37.85 -43.99 40.60
N PRO C 46 -38.68 -44.89 41.12
CA PRO C 46 -39.92 -44.47 41.73
C PRO C 46 -39.80 -44.12 43.21
N ASP C 47 -40.87 -43.55 43.74
CA ASP C 47 -40.98 -43.22 45.15
C ASP C 47 -42.44 -43.47 45.48
N ILE C 48 -42.72 -43.91 46.69
CA ILE C 48 -44.08 -44.22 47.07
C ILE C 48 -44.56 -43.39 48.25
N HIS C 49 -45.87 -43.26 48.34
CA HIS C 49 -46.52 -42.55 49.43
C HIS C 49 -47.98 -42.87 49.40
N GLY C 50 -48.39 -43.80 50.25
CA GLY C 50 -49.78 -44.19 50.32
C GLY C 50 -50.16 -44.93 49.08
N ASP C 51 -51.18 -44.43 48.36
CA ASP C 51 -51.62 -45.07 47.13
C ASP C 51 -50.92 -44.44 45.95
N ARG C 52 -50.44 -43.21 46.14
CA ARG C 52 -49.75 -42.48 45.09
C ARG C 52 -48.31 -42.97 44.93
N ILE C 53 -47.83 -42.96 43.68
CA ILE C 53 -46.49 -43.42 43.34
C ILE C 53 -45.86 -42.59 42.21
N ILE C 54 -44.86 -41.79 42.54
CA ILE C 54 -44.19 -40.98 41.52
C ILE C 54 -43.02 -41.74 40.93
N PHE C 55 -42.73 -41.50 39.65
CA PHE C 55 -41.61 -42.19 38.98
C PHE C 55 -41.18 -41.41 37.75
N VAL C 56 -40.06 -41.79 37.16
CA VAL C 56 -39.59 -41.07 35.97
C VAL C 56 -39.81 -41.85 34.67
N CYS C 57 -40.28 -41.13 33.66
CA CYS C 57 -40.54 -41.65 32.32
C CYS C 57 -40.28 -40.52 31.35
N CYS C 58 -39.50 -40.81 30.33
CA CYS C 58 -39.14 -39.81 29.34
C CYS C 58 -38.58 -38.52 29.98
N ASP C 59 -37.60 -38.68 30.87
CA ASP C 59 -37.00 -37.53 31.54
C ASP C 59 -37.96 -36.70 32.40
N ASP C 60 -39.26 -36.92 32.24
CA ASP C 60 -40.25 -36.19 33.01
C ASP C 60 -40.73 -36.97 34.22
N LEU C 61 -41.41 -36.27 35.13
CA LEU C 61 -41.92 -36.89 36.37
C LEU C 61 -43.38 -37.25 36.27
N TRP C 62 -43.72 -38.47 36.64
CA TRP C 62 -45.10 -38.91 36.58
C TRP C 62 -45.61 -39.36 37.95
N GLU C 63 -46.94 -39.38 38.08
CA GLU C 63 -47.59 -39.80 39.31
C GLU C 63 -48.62 -40.87 38.97
N HIS C 64 -48.66 -41.94 39.76
CA HIS C 64 -49.60 -43.01 39.54
C HIS C 64 -50.39 -43.35 40.80
N ASP C 65 -51.70 -43.53 40.64
CA ASP C 65 -52.58 -43.85 41.75
C ASP C 65 -53.09 -45.29 41.68
N LEU C 66 -52.48 -46.17 42.47
CA LEU C 66 -52.84 -47.57 42.52
C LEU C 66 -54.35 -47.74 42.62
N LYS C 67 -54.96 -46.89 43.43
CA LYS C 67 -56.39 -46.95 43.62
C LYS C 67 -57.10 -46.91 42.27
N SER C 68 -57.14 -45.73 41.67
CA SER C 68 -57.78 -45.56 40.38
C SER C 68 -57.08 -46.23 39.21
N GLY C 69 -55.78 -46.42 39.34
CA GLY C 69 -55.05 -47.04 38.26
C GLY C 69 -54.66 -46.08 37.14
N SER C 70 -54.86 -44.78 37.39
CA SER C 70 -54.55 -43.76 36.38
C SER C 70 -53.14 -43.20 36.58
N THR C 71 -52.62 -42.56 35.55
CA THR C 71 -51.29 -41.99 35.59
C THR C 71 -51.30 -40.62 34.94
N ARG C 72 -50.38 -39.75 35.33
CA ARG C 72 -50.32 -38.41 34.76
C ARG C 72 -48.95 -37.79 34.92
N LYS C 73 -48.58 -36.89 34.02
CA LYS C 73 -47.29 -36.22 34.10
C LYS C 73 -47.50 -34.97 34.93
N ILE C 74 -46.86 -34.92 36.11
CA ILE C 74 -46.99 -33.80 37.02
C ILE C 74 -45.99 -32.67 36.81
N VAL C 75 -44.92 -32.93 36.05
CA VAL C 75 -43.91 -31.90 35.82
C VAL C 75 -43.09 -32.26 34.58
N SER C 76 -42.79 -31.27 33.76
CA SER C 76 -42.02 -31.51 32.55
C SER C 76 -41.33 -30.26 32.04
N ASN C 77 -40.51 -30.44 31.00
CA ASN C 77 -39.77 -29.36 30.36
C ASN C 77 -38.78 -28.63 31.27
N LEU C 78 -38.23 -29.37 32.24
CA LEU C 78 -37.26 -28.80 33.18
C LEU C 78 -35.87 -29.34 32.81
N GLY C 79 -35.86 -30.36 31.96
CA GLY C 79 -34.62 -31.00 31.55
C GLY C 79 -34.73 -32.47 31.93
N VAL C 80 -33.61 -33.11 32.18
CA VAL C 80 -33.63 -34.51 32.54
C VAL C 80 -33.67 -34.76 34.05
N ILE C 81 -34.75 -35.42 34.46
CA ILE C 81 -34.99 -35.78 35.85
C ILE C 81 -34.70 -37.26 36.10
N ASN C 82 -33.97 -37.53 37.17
CA ASN C 82 -33.62 -38.89 37.54
C ASN C 82 -34.03 -39.29 38.98
N ASN C 83 -34.37 -38.31 39.81
CA ASN C 83 -34.77 -38.59 41.18
C ASN C 83 -35.88 -37.65 41.66
N ALA C 84 -36.90 -38.21 42.30
CA ALA C 84 -38.01 -37.44 42.81
C ALA C 84 -38.31 -38.02 44.18
N ARG C 85 -38.38 -37.16 45.18
CA ARG C 85 -38.65 -37.61 46.54
C ARG C 85 -39.82 -36.93 47.20
N PHE C 86 -40.69 -37.76 47.78
CA PHE C 86 -41.87 -37.30 48.50
C PHE C 86 -41.47 -36.67 49.84
N PHE C 87 -42.06 -35.53 50.15
CA PHE C 87 -41.80 -34.88 51.41
C PHE C 87 -42.55 -35.71 52.45
N PRO C 88 -42.38 -35.39 53.75
CA PRO C 88 -43.09 -36.15 54.79
C PRO C 88 -44.60 -36.10 54.57
N ASP C 89 -45.17 -34.90 54.57
CA ASP C 89 -46.61 -34.76 54.38
C ASP C 89 -47.11 -35.38 53.07
N GLY C 90 -46.21 -35.79 52.20
CA GLY C 90 -46.64 -36.37 50.92
C GLY C 90 -47.21 -35.33 49.96
N ARG C 91 -47.23 -34.07 50.38
CA ARG C 91 -47.74 -32.97 49.56
C ARG C 91 -46.72 -32.46 48.51
N LYS C 92 -45.57 -31.98 48.97
CA LYS C 92 -44.53 -31.46 48.09
C LYS C 92 -43.57 -32.56 47.68
N ILE C 93 -42.79 -32.27 46.65
CA ILE C 93 -41.83 -33.24 46.12
C ILE C 93 -40.52 -32.56 45.76
N ALA C 94 -39.39 -33.14 46.18
CA ALA C 94 -38.08 -32.58 45.86
C ALA C 94 -37.61 -33.32 44.63
N ILE C 95 -37.22 -32.56 43.61
CA ILE C 95 -36.78 -33.11 42.33
C ILE C 95 -35.36 -32.68 41.95
N ARG C 96 -34.56 -33.63 41.46
CA ARG C 96 -33.21 -33.37 41.00
C ARG C 96 -33.26 -33.38 39.49
N VAL C 97 -32.91 -32.27 38.86
CA VAL C 97 -32.92 -32.23 37.41
C VAL C 97 -31.56 -31.87 36.85
N MET C 98 -31.19 -32.49 35.72
CA MET C 98 -29.90 -32.24 35.07
C MET C 98 -30.07 -31.41 33.78
N ARG C 99 -29.09 -30.57 33.48
CA ARG C 99 -29.06 -29.72 32.29
C ARG C 99 -27.67 -29.72 31.65
N GLY C 100 -27.57 -29.19 30.43
CA GLY C 100 -26.29 -29.19 29.72
C GLY C 100 -26.34 -30.30 28.69
N SER C 101 -25.68 -30.11 27.55
CA SER C 101 -25.73 -31.12 26.50
C SER C 101 -25.48 -32.53 26.99
N SER C 102 -24.51 -32.68 27.90
CA SER C 102 -24.14 -33.98 28.46
C SER C 102 -24.54 -34.17 29.89
N LEU C 103 -25.57 -33.41 30.32
CA LEU C 103 -26.08 -33.50 31.69
C LEU C 103 -24.92 -33.32 32.66
N ASN C 104 -24.02 -32.41 32.33
CA ASN C 104 -22.84 -32.14 33.15
C ASN C 104 -23.15 -31.24 34.36
N THR C 105 -24.36 -30.71 34.40
CA THR C 105 -24.77 -29.85 35.50
C THR C 105 -26.11 -30.27 36.09
N ALA C 106 -26.35 -29.91 37.34
CA ALA C 106 -27.61 -30.27 38.00
C ALA C 106 -27.96 -29.36 39.17
N ASP C 107 -29.26 -29.31 39.49
CA ASP C 107 -29.78 -28.52 40.59
C ASP C 107 -31.15 -29.06 41.03
N LEU C 108 -31.56 -28.69 42.24
CA LEU C 108 -32.81 -29.15 42.83
C LEU C 108 -34.01 -28.21 42.74
N TYR C 109 -35.18 -28.81 42.53
CA TYR C 109 -36.46 -28.10 42.41
C TYR C 109 -37.52 -28.65 43.36
N PHE C 110 -38.49 -27.78 43.71
CA PHE C 110 -39.62 -28.14 44.58
C PHE C 110 -40.87 -28.21 43.75
N TYR C 111 -41.78 -29.08 44.15
CA TYR C 111 -43.05 -29.22 43.46
C TYR C 111 -44.18 -29.28 44.48
N ASN C 112 -45.11 -28.35 44.40
CA ASN C 112 -46.23 -28.30 45.31
C ASN C 112 -47.43 -28.87 44.59
N GLY C 113 -47.79 -30.10 44.90
CA GLY C 113 -48.94 -30.70 44.26
C GLY C 113 -50.27 -30.08 44.65
N GLU C 114 -50.24 -29.07 45.53
CA GLU C 114 -51.47 -28.43 45.94
C GLU C 114 -51.85 -27.37 44.92
N ASN C 115 -50.90 -26.50 44.56
CA ASN C 115 -51.18 -25.46 43.59
C ASN C 115 -50.47 -25.67 42.26
N GLY C 116 -49.64 -26.69 42.21
CA GLY C 116 -48.92 -26.96 40.97
C GLY C 116 -47.79 -25.98 40.76
N GLU C 117 -47.22 -25.51 41.87
CA GLU C 117 -46.13 -24.55 41.82
C GLU C 117 -44.84 -25.28 41.61
N ILE C 118 -43.92 -24.67 40.88
CA ILE C 118 -42.62 -25.27 40.61
C ILE C 118 -41.62 -24.19 41.00
N LYS C 119 -40.53 -24.58 41.64
CA LYS C 119 -39.53 -23.61 42.11
C LYS C 119 -38.13 -24.20 42.26
N ARG C 120 -37.14 -23.53 41.68
CA ARG C 120 -35.75 -23.99 41.77
C ARG C 120 -35.27 -23.67 43.17
N ILE C 121 -34.72 -24.68 43.83
CA ILE C 121 -34.23 -24.55 45.20
C ILE C 121 -32.75 -24.22 45.39
N THR C 122 -31.91 -24.88 44.59
CA THR C 122 -30.46 -24.67 44.65
C THR C 122 -29.89 -24.08 43.36
N TYR C 123 -28.90 -23.20 43.51
CA TYR C 123 -28.22 -22.60 42.37
C TYR C 123 -26.74 -22.91 42.52
N PHE C 124 -26.46 -24.18 42.78
CA PHE C 124 -25.10 -24.65 43.00
C PHE C 124 -24.44 -25.08 41.71
N SER C 125 -25.25 -25.50 40.76
CA SER C 125 -24.78 -26.01 39.48
C SER C 125 -23.77 -27.13 39.76
N GLY C 126 -24.19 -28.07 40.60
CA GLY C 126 -23.34 -29.19 40.98
C GLY C 126 -22.81 -29.95 39.79
N LYS C 127 -21.57 -30.37 39.84
CA LYS C 127 -21.01 -31.11 38.72
C LYS C 127 -21.39 -32.59 38.86
N SER C 128 -21.82 -33.19 37.76
CA SER C 128 -22.18 -34.60 37.82
C SER C 128 -21.80 -35.36 36.55
N THR C 129 -21.68 -36.67 36.65
CA THR C 129 -21.35 -37.51 35.53
C THR C 129 -22.26 -38.73 35.66
N GLY C 130 -22.31 -39.59 34.64
CA GLY C 130 -23.17 -40.75 34.75
C GLY C 130 -22.91 -41.58 36.01
N ARG C 131 -21.62 -41.83 36.31
CA ARG C 131 -21.23 -42.64 37.45
C ARG C 131 -21.39 -41.94 38.80
N ARG C 132 -21.27 -40.61 38.83
CA ARG C 132 -21.41 -39.88 40.08
C ARG C 132 -22.35 -38.69 39.93
N MET C 133 -23.65 -38.98 40.00
CA MET C 133 -24.67 -37.95 39.87
C MET C 133 -24.93 -37.26 41.20
N PHE C 134 -23.94 -36.51 41.63
CA PHE C 134 -23.98 -35.79 42.90
C PHE C 134 -25.01 -34.63 42.99
N THR C 135 -25.21 -34.11 44.20
CA THR C 135 -26.16 -33.03 44.46
C THR C 135 -27.60 -33.56 44.28
N ASP C 136 -28.06 -34.28 45.29
CA ASP C 136 -29.37 -34.90 45.31
C ASP C 136 -30.03 -34.77 46.69
N VAL C 137 -31.18 -35.42 46.86
CA VAL C 137 -31.88 -35.43 48.14
C VAL C 137 -31.30 -36.54 49.01
N ALA C 138 -30.85 -36.17 50.21
CA ALA C 138 -30.27 -37.13 51.14
C ALA C 138 -31.32 -37.82 52.00
N GLY C 139 -32.39 -37.09 52.30
CA GLY C 139 -33.48 -37.61 53.11
C GLY C 139 -34.22 -36.48 53.78
N PHE C 140 -34.99 -36.81 54.82
CA PHE C 140 -35.75 -35.80 55.56
C PHE C 140 -35.60 -35.99 57.06
N ASP C 141 -35.33 -34.89 57.76
CA ASP C 141 -35.14 -34.93 59.21
C ASP C 141 -36.49 -35.12 59.91
N PRO C 142 -36.46 -35.47 61.20
CA PRO C 142 -37.70 -35.67 61.95
C PRO C 142 -38.72 -34.51 61.80
N ASP C 143 -38.23 -33.26 61.79
CA ASP C 143 -39.10 -32.10 61.67
C ASP C 143 -39.76 -32.01 60.31
N GLY C 144 -39.38 -32.91 59.40
CA GLY C 144 -39.94 -32.90 58.07
C GLY C 144 -39.18 -32.02 57.07
N ASN C 145 -37.93 -31.67 57.39
CA ASN C 145 -37.14 -30.86 56.51
C ASN C 145 -36.26 -31.69 55.57
N LEU C 146 -36.02 -31.13 54.40
CA LEU C 146 -35.20 -31.76 53.39
C LEU C 146 -33.71 -31.65 53.68
N ILE C 147 -33.03 -32.78 53.56
CA ILE C 147 -31.59 -32.85 53.77
C ILE C 147 -30.99 -33.22 52.41
N ILE C 148 -30.11 -32.37 51.90
CA ILE C 148 -29.48 -32.62 50.62
C ILE C 148 -28.03 -32.97 50.73
N SER C 149 -27.55 -33.65 49.71
CA SER C 149 -26.16 -34.05 49.63
C SER C 149 -25.50 -33.34 48.45
N THR C 150 -24.51 -32.49 48.72
CA THR C 150 -23.82 -31.82 47.63
C THR C 150 -22.35 -31.51 47.93
N ASP C 151 -21.60 -31.35 46.84
CA ASP C 151 -20.18 -31.00 46.91
C ASP C 151 -19.96 -29.60 46.33
N ALA C 152 -21.04 -28.89 46.05
CA ALA C 152 -20.96 -27.57 45.47
C ALA C 152 -19.97 -26.63 46.17
N MET C 153 -19.86 -26.73 47.49
CA MET C 153 -18.97 -25.87 48.25
C MET C 153 -17.75 -26.57 48.77
N GLN C 154 -17.51 -27.76 48.25
CA GLN C 154 -16.37 -28.54 48.66
C GLN C 154 -15.30 -28.57 47.60
N PRO C 155 -14.05 -28.87 48.00
CA PRO C 155 -12.90 -28.94 47.10
C PRO C 155 -12.89 -30.20 46.27
N PHE C 156 -13.38 -31.30 46.84
CA PHE C 156 -13.39 -32.55 46.11
C PHE C 156 -14.82 -32.96 45.82
N SER C 157 -15.06 -33.45 44.61
CA SER C 157 -16.41 -33.87 44.22
C SER C 157 -16.96 -34.91 45.18
N SER C 158 -16.13 -35.86 45.59
CA SER C 158 -16.56 -36.91 46.51
C SER C 158 -17.01 -36.37 47.88
N MET C 159 -16.68 -35.12 48.22
CA MET C 159 -17.11 -34.59 49.52
C MET C 159 -18.57 -34.16 49.37
N THR C 160 -19.45 -35.11 49.11
CA THR C 160 -20.87 -34.79 48.97
C THR C 160 -21.46 -34.68 50.37
N CYS C 161 -21.04 -33.65 51.09
CA CYS C 161 -21.46 -33.41 52.46
C CYS C 161 -22.96 -33.14 52.62
N LEU C 162 -23.50 -33.38 53.82
CA LEU C 162 -24.93 -33.19 54.06
C LEU C 162 -25.33 -31.78 54.51
N TYR C 163 -26.42 -31.28 53.94
CA TYR C 163 -26.92 -29.94 54.23
C TYR C 163 -28.44 -29.87 54.44
N ARG C 164 -28.90 -29.10 55.41
CA ARG C 164 -30.33 -28.95 55.65
C ARG C 164 -30.87 -27.72 54.94
N VAL C 165 -31.85 -27.93 54.08
CA VAL C 165 -32.45 -26.84 53.31
C VAL C 165 -33.39 -25.96 54.14
N GLU C 166 -33.16 -24.65 54.10
CA GLU C 166 -34.02 -23.73 54.84
C GLU C 166 -34.56 -22.61 53.95
N ASN C 167 -35.77 -22.16 54.26
CA ASN C 167 -36.43 -21.09 53.54
C ASN C 167 -36.47 -21.35 52.05
N ASP C 168 -36.68 -22.60 51.67
CA ASP C 168 -36.74 -22.98 50.26
C ASP C 168 -35.47 -22.61 49.45
N GLY C 169 -34.30 -22.86 50.01
CA GLY C 169 -33.07 -22.54 49.32
C GLY C 169 -32.39 -21.23 49.70
N ILE C 170 -32.98 -20.51 50.65
CA ILE C 170 -32.41 -19.25 51.12
C ILE C 170 -31.13 -19.49 51.86
N ASN C 171 -31.20 -20.31 52.92
CA ASN C 171 -30.04 -20.65 53.75
C ASN C 171 -29.78 -22.17 53.73
N PHE C 172 -28.55 -22.55 54.05
CA PHE C 172 -28.13 -23.95 54.10
C PHE C 172 -27.35 -24.23 55.35
N VAL C 173 -27.86 -25.11 56.21
CA VAL C 173 -27.15 -25.44 57.45
C VAL C 173 -26.47 -26.80 57.36
N PRO C 174 -25.14 -26.83 57.46
CA PRO C 174 -24.37 -28.08 57.40
C PRO C 174 -24.58 -29.01 58.60
N LEU C 175 -24.63 -30.31 58.36
CA LEU C 175 -24.81 -31.30 59.42
C LEU C 175 -23.48 -31.83 59.92
N ASN C 176 -22.41 -31.41 59.25
CA ASN C 176 -21.05 -31.82 59.60
C ASN C 176 -20.90 -33.29 59.94
N LEU C 177 -21.52 -34.13 59.14
CA LEU C 177 -21.45 -35.56 59.34
C LEU C 177 -20.53 -36.20 58.32
N GLY C 178 -19.87 -35.37 57.52
CA GLY C 178 -18.98 -35.89 56.49
C GLY C 178 -19.74 -36.25 55.22
N PRO C 179 -19.07 -36.79 54.19
CA PRO C 179 -19.74 -37.16 52.93
C PRO C 179 -20.78 -38.25 53.12
N ALA C 180 -21.94 -38.06 52.50
CA ALA C 180 -23.01 -39.04 52.60
C ALA C 180 -23.93 -39.01 51.40
N THR C 181 -24.56 -40.14 51.12
CA THR C 181 -25.47 -40.24 50.01
C THR C 181 -26.90 -40.37 50.52
N HIS C 182 -27.07 -40.95 51.71
CA HIS C 182 -28.39 -41.11 52.32
C HIS C 182 -28.33 -40.80 53.81
N ILE C 183 -29.41 -40.26 54.35
CA ILE C 183 -29.47 -39.95 55.78
C ILE C 183 -30.90 -40.28 56.22
N LEU C 184 -31.03 -41.36 56.98
CA LEU C 184 -32.33 -41.80 57.49
C LEU C 184 -32.40 -41.54 58.99
N PHE C 185 -33.58 -41.66 59.57
CA PHE C 185 -33.73 -41.46 61.00
C PHE C 185 -34.54 -42.59 61.59
N ALA C 186 -34.14 -43.07 62.75
CA ALA C 186 -34.87 -44.13 63.41
C ALA C 186 -34.67 -44.01 64.90
N ASP C 187 -35.78 -43.82 65.62
CA ASP C 187 -35.75 -43.74 67.07
C ASP C 187 -34.80 -42.65 67.56
N GLY C 188 -34.78 -41.54 66.85
CA GLY C 188 -33.91 -40.45 67.22
C GLY C 188 -32.47 -40.75 66.92
N ARG C 189 -32.23 -41.67 65.99
CA ARG C 189 -30.87 -42.05 65.66
C ARG C 189 -30.57 -41.80 64.18
N ARG C 190 -29.48 -41.09 63.94
CA ARG C 190 -29.10 -40.78 62.58
C ARG C 190 -28.50 -42.04 61.94
N VAL C 191 -28.93 -42.33 60.71
CA VAL C 191 -28.44 -43.49 59.97
C VAL C 191 -27.80 -42.93 58.72
N ILE C 192 -26.50 -43.12 58.59
CA ILE C 192 -25.77 -42.59 57.44
C ILE C 192 -25.34 -43.62 56.40
N GLY C 193 -25.71 -43.38 55.15
CA GLY C 193 -25.34 -44.26 54.05
C GLY C 193 -24.26 -43.60 53.19
N ARG C 194 -23.05 -44.14 53.23
CA ARG C 194 -21.90 -43.66 52.49
C ARG C 194 -21.73 -44.33 51.13
N ASN C 195 -21.62 -43.54 50.06
CA ASN C 195 -21.41 -44.10 48.73
C ASN C 195 -22.46 -45.14 48.43
N THR C 196 -23.67 -44.90 48.91
CA THR C 196 -24.77 -45.83 48.72
C THR C 196 -25.62 -45.63 47.46
N PHE C 197 -25.11 -44.93 46.46
CA PHE C 197 -25.87 -44.77 45.22
C PHE C 197 -25.67 -46.06 44.39
N GLU C 198 -26.48 -46.23 43.35
CA GLU C 198 -26.37 -47.44 42.54
C GLU C 198 -25.11 -47.44 41.66
N LEU C 199 -24.58 -48.63 41.38
CA LEU C 199 -23.41 -48.73 40.54
C LEU C 199 -23.69 -49.72 39.40
N PRO C 200 -24.58 -49.35 38.49
CA PRO C 200 -24.90 -50.24 37.37
C PRO C 200 -23.72 -50.56 36.45
N HIS C 201 -22.77 -49.62 36.36
CA HIS C 201 -21.61 -49.78 35.50
C HIS C 201 -20.61 -50.77 36.01
N TRP C 202 -20.75 -51.18 37.26
CA TRP C 202 -19.81 -52.12 37.86
C TRP C 202 -20.50 -53.10 38.76
N LYS C 203 -20.96 -54.19 38.18
CA LYS C 203 -21.63 -55.17 38.98
C LYS C 203 -20.58 -56.00 39.75
N GLY C 204 -20.94 -56.40 40.98
CA GLY C 204 -20.03 -57.18 41.79
C GLY C 204 -18.85 -56.37 42.30
N TYR C 205 -18.98 -55.05 42.34
CA TYR C 205 -17.90 -54.21 42.84
C TYR C 205 -17.65 -54.50 44.32
N ARG C 206 -16.38 -54.72 44.68
CA ARG C 206 -15.99 -55.04 46.05
C ARG C 206 -14.84 -54.18 46.53
N GLY C 207 -14.68 -53.00 45.92
CA GLY C 207 -13.60 -52.10 46.30
C GLY C 207 -13.87 -51.28 47.56
N GLY C 208 -12.88 -50.50 47.96
CA GLY C 208 -12.99 -49.68 49.15
C GLY C 208 -14.05 -48.60 49.14
N THR C 209 -14.57 -48.23 47.97
CA THR C 209 -15.59 -47.19 47.88
C THR C 209 -16.97 -47.78 47.85
N ARG C 210 -17.06 -49.06 48.23
CA ARG C 210 -18.32 -49.77 48.27
C ARG C 210 -19.23 -49.13 49.32
N GLY C 211 -20.52 -49.07 49.00
CA GLY C 211 -21.51 -48.49 49.90
C GLY C 211 -21.54 -49.15 51.25
N LYS C 212 -21.55 -48.32 52.30
CA LYS C 212 -21.57 -48.79 53.67
C LYS C 212 -22.61 -48.02 54.52
N ILE C 213 -23.02 -48.59 55.65
CA ILE C 213 -23.99 -47.92 56.50
C ILE C 213 -23.51 -47.77 57.94
N TRP C 214 -23.62 -46.54 58.46
CA TRP C 214 -23.23 -46.27 59.85
C TRP C 214 -24.48 -45.94 60.65
N ILE C 215 -24.33 -45.82 61.96
CA ILE C 215 -25.45 -45.50 62.84
C ILE C 215 -25.05 -44.82 64.15
N GLU C 216 -25.89 -43.90 64.61
CA GLU C 216 -25.61 -43.17 65.84
C GLU C 216 -25.95 -44.07 67.01
N VAL C 217 -25.21 -43.93 68.12
CA VAL C 217 -25.42 -44.77 69.31
C VAL C 217 -25.37 -43.97 70.59
N ASN C 218 -24.70 -42.82 70.54
CA ASN C 218 -24.58 -41.98 71.72
C ASN C 218 -24.65 -40.50 71.35
N SER C 219 -25.85 -40.08 70.98
CA SER C 219 -26.12 -38.70 70.57
C SER C 219 -24.88 -37.92 70.12
N GLY C 220 -24.12 -38.55 69.24
CA GLY C 220 -22.91 -37.95 68.72
C GLY C 220 -21.91 -39.03 68.34
N ALA C 221 -22.06 -40.22 68.91
CA ALA C 221 -21.16 -41.31 68.60
C ALA C 221 -21.74 -42.20 67.50
N PHE C 222 -20.92 -42.56 66.53
CA PHE C 222 -21.37 -43.38 65.42
C PHE C 222 -20.63 -44.70 65.26
N LYS C 223 -21.36 -45.68 64.76
CA LYS C 223 -20.79 -47.00 64.55
C LYS C 223 -21.19 -47.58 63.22
N LYS C 224 -20.20 -48.11 62.51
CA LYS C 224 -20.43 -48.74 61.23
C LYS C 224 -21.17 -50.06 61.45
N ILE C 225 -22.35 -50.19 60.83
CA ILE C 225 -23.13 -51.42 60.99
C ILE C 225 -23.29 -52.31 59.78
N VAL C 226 -23.30 -51.75 58.57
CA VAL C 226 -23.39 -52.62 57.41
C VAL C 226 -22.17 -52.33 56.57
N ASP C 227 -21.31 -53.34 56.47
CA ASP C 227 -20.06 -53.26 55.71
C ASP C 227 -19.82 -54.65 55.14
N MET C 228 -20.60 -55.03 54.12
CA MET C 228 -20.47 -56.35 53.49
C MET C 228 -19.29 -56.34 52.54
N SER C 229 -19.01 -57.46 51.89
CA SER C 229 -17.87 -57.49 50.96
C SER C 229 -18.20 -56.72 49.67
N THR C 230 -19.47 -56.72 49.29
CA THR C 230 -19.92 -56.03 48.10
C THR C 230 -20.56 -54.70 48.42
N HIS C 231 -21.03 -54.06 47.35
CA HIS C 231 -21.65 -52.74 47.38
C HIS C 231 -23.10 -52.75 47.87
N VAL C 232 -23.41 -51.82 48.76
CA VAL C 232 -24.76 -51.70 49.29
C VAL C 232 -25.36 -50.38 48.81
N SER C 233 -26.52 -50.46 48.16
CA SER C 233 -27.20 -49.28 47.61
C SER C 233 -28.64 -49.08 48.04
N SER C 234 -29.11 -47.84 47.90
CA SER C 234 -30.48 -47.44 48.18
C SER C 234 -31.12 -47.99 49.45
N PRO C 235 -30.63 -47.54 50.61
CA PRO C 235 -31.16 -47.99 51.89
C PRO C 235 -32.48 -47.32 52.32
N VAL C 236 -33.33 -48.13 52.95
CA VAL C 236 -34.62 -47.69 53.48
C VAL C 236 -34.89 -48.37 54.82
N ILE C 237 -35.74 -47.78 55.63
CA ILE C 237 -36.08 -48.32 56.94
C ILE C 237 -37.58 -48.52 57.11
N VAL C 238 -38.04 -49.77 57.13
CA VAL C 238 -39.45 -50.07 57.35
C VAL C 238 -39.54 -50.71 58.71
N GLY C 239 -40.18 -50.01 59.64
CA GLY C 239 -40.29 -50.50 61.00
C GLY C 239 -38.95 -50.27 61.70
N HIS C 240 -38.20 -51.34 61.93
CA HIS C 240 -36.92 -51.18 62.59
C HIS C 240 -35.88 -52.00 61.86
N ARG C 241 -36.04 -52.07 60.56
CA ARG C 241 -35.10 -52.79 59.72
C ARG C 241 -34.69 -51.93 58.53
N ILE C 242 -33.41 -51.99 58.17
CA ILE C 242 -32.89 -51.23 57.05
C ILE C 242 -32.87 -52.19 55.87
N TYR C 243 -33.57 -51.81 54.81
CA TYR C 243 -33.62 -52.64 53.63
C TYR C 243 -32.76 -51.95 52.59
N PHE C 244 -31.88 -52.73 51.97
CA PHE C 244 -31.00 -52.19 50.97
C PHE C 244 -30.82 -53.24 49.89
N ILE C 245 -29.94 -52.93 48.95
CA ILE C 245 -29.68 -53.83 47.86
C ILE C 245 -28.21 -54.15 47.75
N THR C 246 -27.90 -55.38 47.35
CA THR C 246 -26.50 -55.79 47.17
C THR C 246 -26.48 -57.02 46.25
N ASP C 247 -25.32 -57.38 45.74
CA ASP C 247 -25.24 -58.53 44.87
C ASP C 247 -24.17 -59.48 45.37
N ILE C 248 -24.15 -59.69 46.69
CA ILE C 248 -23.18 -60.58 47.26
C ILE C 248 -23.33 -62.02 46.79
N ASP C 249 -24.56 -62.39 46.46
CA ASP C 249 -24.88 -63.74 46.01
C ASP C 249 -24.65 -63.92 44.52
N GLY C 250 -24.22 -62.85 43.85
CA GLY C 250 -23.96 -62.93 42.42
C GLY C 250 -24.95 -62.15 41.58
N PHE C 251 -25.93 -61.56 42.23
CA PHE C 251 -26.94 -60.79 41.52
C PHE C 251 -27.58 -59.82 42.51
N GLY C 252 -28.16 -58.75 41.97
CA GLY C 252 -28.79 -57.76 42.82
C GLY C 252 -30.05 -58.30 43.46
N GLN C 253 -30.19 -58.08 44.76
CA GLN C 253 -31.37 -58.53 45.50
C GLN C 253 -31.63 -57.59 46.66
N ILE C 254 -32.78 -57.72 47.30
CA ILE C 254 -33.10 -56.89 48.43
C ILE C 254 -32.82 -57.66 49.73
N TYR C 255 -32.26 -56.97 50.71
CA TYR C 255 -31.98 -57.55 52.02
C TYR C 255 -32.35 -56.55 53.08
N SER C 256 -32.18 -56.94 54.34
CA SER C 256 -32.46 -56.06 55.46
C SER C 256 -31.77 -56.61 56.68
N THR C 257 -31.65 -55.77 57.71
CA THR C 257 -31.00 -56.16 58.96
C THR C 257 -31.53 -55.23 60.03
N ASP C 258 -31.45 -55.63 61.29
CA ASP C 258 -31.92 -54.75 62.36
C ASP C 258 -31.03 -53.50 62.41
N LEU C 259 -31.38 -52.54 63.26
CA LEU C 259 -30.60 -51.33 63.38
C LEU C 259 -29.21 -51.58 63.97
N ASP C 260 -28.72 -52.79 63.80
CA ASP C 260 -27.39 -53.15 64.29
C ASP C 260 -26.62 -53.98 63.27
N GLY C 261 -27.10 -53.94 62.04
CA GLY C 261 -26.45 -54.64 60.95
C GLY C 261 -26.46 -56.13 61.16
N LYS C 262 -27.24 -56.61 62.11
CA LYS C 262 -27.31 -58.04 62.40
C LYS C 262 -28.57 -58.66 61.82
N ASP C 263 -28.63 -59.99 61.86
CA ASP C 263 -29.77 -60.73 61.35
C ASP C 263 -30.01 -60.48 59.88
N LEU C 264 -29.03 -60.79 59.05
CA LEU C 264 -29.19 -60.57 57.62
C LEU C 264 -30.23 -61.49 57.03
N ARG C 265 -30.98 -60.97 56.06
CA ARG C 265 -32.02 -61.72 55.36
C ARG C 265 -32.09 -61.36 53.88
N LYS C 266 -32.21 -62.39 53.05
CA LYS C 266 -32.32 -62.25 51.60
C LYS C 266 -33.82 -62.36 51.26
N HIS C 267 -34.38 -61.28 50.74
CA HIS C 267 -35.80 -61.24 50.41
C HIS C 267 -36.17 -61.58 48.97
N THR C 268 -35.66 -60.84 48.01
CA THR C 268 -35.99 -61.12 46.61
C THR C 268 -35.05 -62.15 46.03
N SER C 269 -35.38 -62.67 44.85
CA SER C 269 -34.54 -63.66 44.18
C SER C 269 -34.50 -63.48 42.67
N PHE C 270 -34.56 -62.23 42.25
CA PHE C 270 -34.54 -61.88 40.85
C PHE C 270 -33.43 -62.55 40.02
N THR C 271 -33.65 -62.60 38.70
CA THR C 271 -32.66 -63.17 37.79
C THR C 271 -32.62 -62.40 36.46
N ASP C 272 -33.69 -61.66 36.16
CA ASP C 272 -33.81 -60.89 34.91
C ASP C 272 -33.01 -59.56 34.84
N TYR C 273 -33.23 -58.67 35.81
CA TYR C 273 -32.51 -57.40 35.87
C TYR C 273 -32.33 -56.98 37.30
N TYR C 274 -31.20 -56.35 37.62
CA TYR C 274 -30.96 -55.87 38.98
C TYR C 274 -32.03 -54.84 39.38
N PRO C 275 -32.45 -54.86 40.64
CA PRO C 275 -33.46 -53.94 41.17
C PRO C 275 -32.73 -52.66 41.51
N ARG C 276 -33.38 -51.50 41.46
CA ARG C 276 -32.71 -50.24 41.77
C ARG C 276 -33.63 -49.20 42.35
N HIS C 277 -33.04 -48.21 43.01
CA HIS C 277 -33.75 -47.07 43.57
C HIS C 277 -34.80 -47.40 44.61
N LEU C 278 -34.42 -47.99 45.74
CA LEU C 278 -35.41 -48.32 46.77
C LEU C 278 -35.93 -47.05 47.44
N ASN C 279 -37.22 -47.01 47.71
CA ASN C 279 -37.81 -45.87 48.35
C ASN C 279 -39.07 -46.35 49.07
N THR C 280 -39.34 -45.76 50.22
CA THR C 280 -40.50 -46.17 50.99
C THR C 280 -41.24 -44.99 51.61
N ASP C 281 -42.35 -45.31 52.28
CA ASP C 281 -43.20 -44.35 52.97
C ASP C 281 -43.38 -44.79 54.43
N GLY C 282 -42.76 -45.91 54.77
CA GLY C 282 -42.87 -46.44 56.12
C GLY C 282 -43.64 -47.74 56.11
N ARG C 283 -44.47 -47.94 55.09
CA ARG C 283 -45.27 -49.15 55.00
C ARG C 283 -44.68 -50.11 53.95
N ARG C 284 -44.80 -49.76 52.67
CA ARG C 284 -44.26 -50.61 51.63
C ARG C 284 -43.07 -49.99 50.90
N ILE C 285 -42.25 -50.84 50.28
CA ILE C 285 -41.07 -50.39 49.55
C ILE C 285 -41.34 -50.37 48.06
N LEU C 286 -40.80 -49.35 47.39
CA LEU C 286 -40.98 -49.19 45.96
C LEU C 286 -39.61 -49.27 45.27
N PHE C 287 -39.60 -49.69 44.01
CA PHE C 287 -38.36 -49.81 43.25
C PHE C 287 -38.62 -50.10 41.80
N SER C 288 -37.56 -50.11 41.00
CA SER C 288 -37.70 -50.36 39.58
C SER C 288 -36.78 -51.47 39.11
N LYS C 289 -37.17 -52.18 38.06
CA LYS C 289 -36.39 -53.28 37.53
C LYS C 289 -36.72 -53.51 36.07
N GLY C 290 -35.69 -53.65 35.26
CA GLY C 290 -35.91 -53.88 33.85
C GLY C 290 -36.90 -52.93 33.19
N GLY C 291 -37.09 -51.76 33.78
CA GLY C 291 -38.01 -50.80 33.19
C GLY C 291 -39.43 -50.77 33.71
N SER C 292 -39.73 -51.57 34.73
CA SER C 292 -41.06 -51.58 35.33
C SER C 292 -40.97 -51.14 36.79
N ILE C 293 -42.11 -50.75 37.36
CA ILE C 293 -42.14 -50.33 38.75
C ILE C 293 -42.77 -51.47 39.58
N TYR C 294 -42.06 -51.89 40.61
CA TYR C 294 -42.50 -52.94 41.48
C TYR C 294 -42.75 -52.49 42.90
N ILE C 295 -43.42 -53.34 43.68
CA ILE C 295 -43.68 -53.08 45.10
C ILE C 295 -43.32 -54.32 45.92
N PHE C 296 -42.84 -54.07 47.13
CA PHE C 296 -42.48 -55.10 48.06
C PHE C 296 -43.10 -54.72 49.40
N ASN C 297 -43.88 -55.63 49.98
CA ASN C 297 -44.49 -55.37 51.28
C ASN C 297 -43.65 -56.09 52.32
N PRO C 298 -43.03 -55.34 53.23
CA PRO C 298 -42.19 -55.93 54.28
C PRO C 298 -42.92 -57.00 55.09
N ASP C 299 -44.20 -56.76 55.37
CA ASP C 299 -44.99 -57.71 56.13
C ASP C 299 -45.27 -58.97 55.36
N THR C 300 -45.99 -58.83 54.27
CA THR C 300 -46.33 -59.98 53.45
C THR C 300 -45.13 -60.59 52.77
N GLU C 301 -44.13 -59.75 52.50
CA GLU C 301 -42.90 -60.16 51.81
C GLU C 301 -43.23 -60.51 50.35
N LYS C 302 -44.36 -59.99 49.86
CA LYS C 302 -44.80 -60.23 48.50
C LYS C 302 -44.35 -59.16 47.51
N ILE C 303 -43.91 -59.62 46.34
CA ILE C 303 -43.44 -58.73 45.30
C ILE C 303 -44.48 -58.66 44.21
N GLU C 304 -44.89 -57.44 43.87
CA GLU C 304 -45.89 -57.24 42.84
C GLU C 304 -45.54 -56.08 41.91
N LYS C 305 -45.82 -56.29 40.63
CA LYS C 305 -45.57 -55.32 39.58
C LYS C 305 -46.77 -54.39 39.40
N ILE C 306 -46.50 -53.10 39.32
CA ILE C 306 -47.56 -52.14 39.13
C ILE C 306 -47.88 -52.06 37.64
N GLU C 307 -49.17 -51.93 37.29
CA GLU C 307 -49.57 -51.86 35.89
C GLU C 307 -49.66 -50.41 35.48
N ILE C 308 -48.97 -50.05 34.39
CA ILE C 308 -49.00 -48.66 33.94
C ILE C 308 -49.23 -48.53 32.44
N GLY C 309 -48.71 -49.49 31.69
CA GLY C 309 -48.89 -49.46 30.25
C GLY C 309 -48.26 -48.26 29.58
N ASP C 310 -48.61 -48.08 28.31
CA ASP C 310 -48.10 -46.98 27.49
C ASP C 310 -48.36 -45.61 28.14
N LEU C 311 -47.40 -44.71 28.01
CA LEU C 311 -47.53 -43.39 28.59
C LEU C 311 -47.22 -42.26 27.61
N GLU C 312 -46.11 -42.41 26.89
CA GLU C 312 -45.71 -41.39 25.96
C GLU C 312 -44.86 -41.95 24.82
N SER C 313 -45.20 -41.54 23.60
CA SER C 313 -44.49 -41.96 22.40
C SER C 313 -44.25 -40.74 21.50
N PRO C 314 -43.19 -39.97 21.77
CA PRO C 314 -42.85 -38.78 20.99
C PRO C 314 -42.52 -39.07 19.54
N GLU C 315 -42.39 -37.99 18.76
CA GLU C 315 -42.09 -38.06 17.34
C GLU C 315 -40.77 -38.78 17.08
N ASP C 316 -40.83 -39.93 16.41
CA ASP C 316 -39.65 -40.69 16.13
C ASP C 316 -38.71 -40.06 15.14
N ARG C 317 -39.25 -39.29 14.22
CA ARG C 317 -38.43 -38.64 13.20
C ARG C 317 -37.93 -37.30 13.77
N ILE C 318 -36.63 -37.26 14.05
CA ILE C 318 -36.00 -36.07 14.63
C ILE C 318 -35.06 -35.34 13.66
N ILE C 319 -34.93 -34.03 13.90
CA ILE C 319 -34.10 -33.14 13.11
C ILE C 319 -32.90 -32.69 13.95
N SER C 320 -31.70 -32.82 13.40
CA SER C 320 -30.48 -32.43 14.08
C SER C 320 -29.64 -31.48 13.23
N ILE C 321 -28.73 -30.77 13.90
CA ILE C 321 -27.84 -29.82 13.24
C ILE C 321 -26.53 -30.45 12.82
N PRO C 322 -26.32 -30.64 11.51
CA PRO C 322 -25.07 -31.25 11.05
C PRO C 322 -23.76 -30.83 11.68
N SER C 323 -23.57 -29.54 11.92
CA SER C 323 -22.30 -29.07 12.50
C SER C 323 -22.06 -29.67 13.91
N LYS C 324 -23.13 -29.84 14.68
CA LYS C 324 -23.01 -30.42 16.01
C LYS C 324 -22.48 -31.86 16.02
N PHE C 325 -22.58 -32.57 14.91
CA PHE C 325 -22.12 -33.95 14.87
C PHE C 325 -21.21 -34.24 13.70
N ALA C 326 -20.79 -33.19 13.03
CA ALA C 326 -19.93 -33.32 11.86
C ALA C 326 -18.56 -33.90 12.16
N GLU C 327 -17.87 -34.32 11.11
CA GLU C 327 -16.53 -34.90 11.21
C GLU C 327 -16.06 -35.41 9.83
N ASP C 328 -14.79 -35.71 9.73
CA ASP C 328 -14.23 -36.22 8.47
C ASP C 328 -14.46 -35.32 7.25
N PHE C 329 -14.39 -33.98 7.41
CA PHE C 329 -14.56 -33.05 6.28
C PHE C 329 -13.43 -33.25 5.27
N SER C 330 -13.76 -33.43 4.00
CA SER C 330 -12.75 -33.66 2.95
C SER C 330 -13.06 -32.91 1.62
N PRO C 331 -12.05 -32.32 0.99
CA PRO C 331 -12.24 -31.59 -0.29
C PRO C 331 -12.23 -32.53 -1.49
N LEU C 332 -13.15 -32.33 -2.43
CA LEU C 332 -13.24 -33.16 -3.62
C LEU C 332 -12.92 -32.32 -4.87
N ASP C 333 -13.28 -32.86 -6.03
CA ASP C 333 -13.04 -32.15 -7.29
C ASP C 333 -14.15 -31.14 -7.53
N GLY C 334 -14.01 -30.33 -8.57
CA GLY C 334 -15.02 -29.33 -8.89
C GLY C 334 -15.33 -28.44 -7.70
N ASP C 335 -14.37 -28.33 -6.79
CA ASP C 335 -14.51 -27.50 -5.59
C ASP C 335 -15.70 -27.98 -4.72
N LEU C 336 -15.84 -29.29 -4.59
CA LEU C 336 -16.89 -29.85 -3.79
C LEU C 336 -16.32 -30.28 -2.44
N ILE C 337 -17.22 -30.60 -1.51
CA ILE C 337 -16.85 -31.01 -0.17
C ILE C 337 -17.56 -32.32 0.23
N ALA C 338 -16.93 -33.10 1.08
CA ALA C 338 -17.53 -34.32 1.57
C ALA C 338 -17.36 -34.26 3.08
N PHE C 339 -18.37 -34.72 3.82
CA PHE C 339 -18.27 -34.74 5.29
C PHE C 339 -19.27 -35.74 5.87
N VAL C 340 -18.97 -36.22 7.05
CA VAL C 340 -19.82 -37.19 7.74
C VAL C 340 -20.44 -36.53 8.97
N SER C 341 -21.66 -36.94 9.30
CA SER C 341 -22.31 -36.43 10.49
C SER C 341 -23.40 -37.39 10.96
N ARG C 342 -23.46 -37.55 12.27
CA ARG C 342 -24.44 -38.42 12.87
C ARG C 342 -24.57 -39.71 12.07
N GLY C 343 -23.45 -40.21 11.56
CA GLY C 343 -23.43 -41.43 10.79
C GLY C 343 -23.82 -41.34 9.32
N GLN C 344 -24.18 -40.16 8.86
CA GLN C 344 -24.58 -39.93 7.46
C GLN C 344 -23.49 -39.22 6.70
N ALA C 345 -23.50 -39.36 5.39
CA ALA C 345 -22.47 -38.69 4.58
C ALA C 345 -23.08 -37.73 3.55
N PHE C 346 -22.32 -36.71 3.19
CA PHE C 346 -22.81 -35.73 2.23
C PHE C 346 -21.78 -35.15 1.25
N ILE C 347 -22.26 -34.82 0.04
CA ILE C 347 -21.44 -34.21 -0.99
C ILE C 347 -22.11 -32.86 -1.19
N GLN C 348 -21.42 -31.78 -0.83
CA GLN C 348 -21.97 -30.46 -0.96
C GLN C 348 -20.95 -29.44 -1.42
N ASP C 349 -21.41 -28.22 -1.72
CA ASP C 349 -20.51 -27.16 -2.12
C ASP C 349 -20.18 -26.37 -0.84
N VAL C 350 -19.07 -25.62 -0.86
CA VAL C 350 -18.67 -24.86 0.31
C VAL C 350 -19.86 -24.16 0.95
N SER C 351 -20.74 -23.62 0.12
CA SER C 351 -21.92 -22.89 0.55
C SER C 351 -22.88 -23.72 1.40
N GLY C 352 -23.03 -24.99 1.04
CA GLY C 352 -23.95 -25.84 1.76
C GLY C 352 -25.35 -25.69 1.18
N THR C 353 -25.43 -25.09 -0.01
CA THR C 353 -26.70 -24.89 -0.66
C THR C 353 -27.13 -26.10 -1.49
N TYR C 354 -26.18 -26.71 -2.17
CA TYR C 354 -26.41 -27.92 -2.95
C TYR C 354 -25.83 -29.09 -2.16
N VAL C 355 -26.69 -29.88 -1.52
CA VAL C 355 -26.27 -31.01 -0.71
C VAL C 355 -26.83 -32.34 -1.20
N LEU C 356 -26.00 -33.37 -1.19
CA LEU C 356 -26.42 -34.71 -1.56
C LEU C 356 -26.02 -35.67 -0.47
N LYS C 357 -26.96 -36.52 -0.06
CA LYS C 357 -26.66 -37.51 0.98
C LYS C 357 -26.26 -38.80 0.30
N VAL C 358 -25.27 -39.49 0.85
CA VAL C 358 -24.91 -40.74 0.26
C VAL C 358 -26.04 -41.71 0.59
N PRO C 359 -26.57 -42.43 -0.41
CA PRO C 359 -27.65 -43.40 -0.21
C PRO C 359 -27.14 -44.68 0.41
N GLU C 360 -26.93 -44.65 1.72
CA GLU C 360 -26.45 -45.82 2.46
C GLU C 360 -27.00 -45.80 3.88
N PRO C 361 -27.37 -46.98 4.42
CA PRO C 361 -27.93 -47.09 5.77
C PRO C 361 -26.97 -46.53 6.82
N LEU C 362 -27.39 -46.57 8.09
CA LEU C 362 -26.57 -46.02 9.16
C LEU C 362 -25.17 -46.55 9.33
N ARG C 363 -24.37 -45.64 9.86
CA ARG C 363 -22.95 -45.78 10.16
C ARG C 363 -21.96 -45.75 9.04
N ILE C 364 -21.70 -44.55 8.55
CA ILE C 364 -20.69 -44.33 7.52
C ILE C 364 -19.52 -43.79 8.36
N ARG C 365 -18.45 -44.56 8.43
CA ARG C 365 -17.33 -44.12 9.21
C ARG C 365 -16.44 -43.11 8.47
N TYR C 366 -16.13 -43.41 7.21
CA TYR C 366 -15.27 -42.52 6.43
C TYR C 366 -15.67 -42.28 4.96
N VAL C 367 -15.39 -41.08 4.48
CA VAL C 367 -15.68 -40.73 3.10
C VAL C 367 -14.41 -40.17 2.46
N ARG C 368 -14.07 -40.71 1.29
CA ARG C 368 -12.84 -40.29 0.62
C ARG C 368 -12.94 -40.17 -0.90
N ARG C 369 -12.42 -39.07 -1.43
CA ARG C 369 -12.44 -38.84 -2.88
C ARG C 369 -11.84 -40.01 -3.64
N GLY C 370 -12.62 -40.55 -4.59
CA GLY C 370 -12.16 -41.69 -5.36
C GLY C 370 -12.32 -41.52 -6.85
N GLY C 371 -12.41 -40.28 -7.30
CA GLY C 371 -12.57 -40.04 -8.73
C GLY C 371 -13.26 -38.73 -8.99
N ASP C 372 -13.38 -38.35 -10.26
CA ASP C 372 -14.04 -37.09 -10.63
C ASP C 372 -15.35 -36.86 -9.96
N THR C 373 -16.23 -37.86 -10.02
CA THR C 373 -17.53 -37.76 -9.40
C THR C 373 -17.81 -38.94 -8.51
N LYS C 374 -16.77 -39.73 -8.23
CA LYS C 374 -16.89 -40.92 -7.38
C LYS C 374 -16.17 -40.79 -6.05
N VAL C 375 -16.81 -41.23 -4.98
CA VAL C 375 -16.24 -41.18 -3.64
C VAL C 375 -16.26 -42.56 -2.98
N ALA C 376 -15.19 -42.94 -2.29
CA ALA C 376 -15.15 -44.24 -1.61
C ALA C 376 -15.49 -44.05 -0.14
N PHE C 377 -16.25 -44.98 0.43
CA PHE C 377 -16.62 -44.82 1.83
C PHE C 377 -16.41 -46.09 2.64
N ILE C 378 -16.44 -45.92 3.96
CA ILE C 378 -16.31 -47.04 4.87
C ILE C 378 -17.63 -47.12 5.65
N HIS C 379 -18.36 -48.22 5.45
CA HIS C 379 -19.66 -48.44 6.12
C HIS C 379 -19.51 -49.46 7.26
N GLY C 380 -19.99 -49.12 8.44
CA GLY C 380 -19.87 -50.04 9.56
C GLY C 380 -21.20 -50.63 10.02
N THR C 381 -21.14 -51.89 10.42
CA THR C 381 -22.32 -52.60 10.90
C THR C 381 -21.89 -53.41 12.10
N ARG C 382 -22.84 -54.09 12.72
CA ARG C 382 -22.57 -54.91 13.90
C ARG C 382 -21.50 -55.97 13.58
N GLU C 383 -21.45 -56.39 12.31
CA GLU C 383 -20.52 -57.39 11.85
C GLU C 383 -19.11 -56.84 11.69
N GLY C 384 -19.02 -55.60 11.24
CA GLY C 384 -17.73 -54.97 11.05
C GLY C 384 -17.75 -53.82 10.06
N ASP C 385 -16.58 -53.46 9.55
CA ASP C 385 -16.46 -52.37 8.59
C ASP C 385 -16.21 -52.88 7.19
N PHE C 386 -16.90 -52.25 6.25
CA PHE C 386 -16.80 -52.62 4.84
C PHE C 386 -16.57 -51.42 3.92
N LEU C 387 -15.82 -51.66 2.85
CA LEU C 387 -15.51 -50.63 1.87
C LEU C 387 -16.67 -50.47 0.90
N GLY C 388 -16.91 -49.22 0.51
CA GLY C 388 -18.00 -48.91 -0.41
C GLY C 388 -17.57 -47.85 -1.39
N ILE C 389 -18.38 -47.63 -2.43
CA ILE C 389 -18.10 -46.63 -3.45
C ILE C 389 -19.40 -46.01 -3.91
N TYR C 390 -19.38 -44.70 -4.10
CA TYR C 390 -20.56 -43.97 -4.55
C TYR C 390 -20.20 -42.91 -5.57
N ASP C 391 -21.05 -42.78 -6.58
CA ASP C 391 -20.87 -41.80 -7.66
C ASP C 391 -22.01 -40.78 -7.59
N TYR C 392 -21.74 -39.64 -6.95
CA TYR C 392 -22.75 -38.63 -6.79
C TYR C 392 -23.27 -38.00 -8.09
N ARG C 393 -22.78 -38.48 -9.22
CA ARG C 393 -23.24 -37.98 -10.50
C ARG C 393 -24.29 -38.93 -11.09
N THR C 394 -23.91 -40.19 -11.32
CA THR C 394 -24.81 -41.19 -11.87
C THR C 394 -25.74 -41.66 -10.77
N GLY C 395 -25.19 -42.35 -9.78
CA GLY C 395 -26.00 -42.86 -8.68
C GLY C 395 -25.53 -44.23 -8.24
N LYS C 396 -24.83 -44.93 -9.12
CA LYS C 396 -24.31 -46.26 -8.82
C LYS C 396 -23.59 -46.29 -7.48
N ALA C 397 -24.08 -47.14 -6.58
CA ALA C 397 -23.50 -47.27 -5.25
C ALA C 397 -23.34 -48.74 -4.84
N GLU C 398 -22.48 -49.46 -5.56
CA GLU C 398 -22.25 -50.87 -5.27
C GLU C 398 -21.43 -50.97 -4.01
N LYS C 399 -22.02 -51.51 -2.94
CA LYS C 399 -21.32 -51.66 -1.66
C LYS C 399 -20.71 -53.07 -1.54
N PHE C 400 -19.45 -53.15 -1.12
CA PHE C 400 -18.81 -54.46 -0.97
C PHE C 400 -19.29 -55.21 0.27
N GLU C 401 -18.85 -56.46 0.37
CA GLU C 401 -19.22 -57.33 1.49
C GLU C 401 -18.00 -57.93 2.22
N GLU C 402 -16.84 -57.87 1.58
CA GLU C 402 -15.63 -58.38 2.20
C GLU C 402 -15.35 -57.60 3.50
N ASN C 403 -15.38 -58.26 4.65
CA ASN C 403 -15.16 -57.60 5.92
C ASN C 403 -13.72 -57.15 6.04
N LEU C 404 -13.52 -55.98 6.65
CA LEU C 404 -12.18 -55.42 6.83
C LEU C 404 -11.82 -55.23 8.28
N GLY C 405 -12.72 -55.68 9.15
CA GLY C 405 -12.49 -55.59 10.58
C GLY C 405 -12.87 -54.20 11.01
N ASN C 406 -12.15 -53.64 11.97
CA ASN C 406 -12.46 -52.31 12.47
C ASN C 406 -11.55 -51.29 11.83
N VAL C 407 -12.05 -50.61 10.81
CA VAL C 407 -11.24 -49.62 10.10
C VAL C 407 -11.06 -48.28 10.83
N PHE C 408 -9.83 -47.77 10.82
CA PHE C 408 -9.57 -46.51 11.46
C PHE C 408 -8.86 -45.48 10.53
N ALA C 409 -8.49 -45.92 9.34
CA ALA C 409 -7.85 -45.06 8.37
C ALA C 409 -8.16 -45.61 6.99
N MET C 410 -8.47 -44.71 6.06
CA MET C 410 -8.80 -45.12 4.70
C MET C 410 -8.36 -44.05 3.73
N GLY C 411 -7.84 -44.48 2.58
CA GLY C 411 -7.41 -43.55 1.55
C GLY C 411 -7.48 -44.21 0.20
N VAL C 412 -7.51 -43.38 -0.83
CA VAL C 412 -7.58 -43.88 -2.20
C VAL C 412 -6.51 -43.27 -3.08
N ASP C 413 -5.93 -44.07 -3.97
CA ASP C 413 -4.90 -43.52 -4.84
C ASP C 413 -5.48 -42.46 -5.74
N ARG C 414 -4.61 -41.70 -6.39
CA ARG C 414 -5.07 -40.62 -7.24
C ARG C 414 -5.64 -41.09 -8.55
N ASN C 415 -5.50 -42.38 -8.84
CA ASN C 415 -6.02 -42.89 -10.08
C ASN C 415 -7.17 -43.89 -9.86
N GLY C 416 -7.85 -43.73 -8.73
CA GLY C 416 -9.00 -44.57 -8.39
C GLY C 416 -8.93 -46.05 -8.71
N LYS C 417 -7.75 -46.65 -8.63
CA LYS C 417 -7.58 -48.06 -8.91
C LYS C 417 -7.81 -48.85 -7.61
N PHE C 418 -7.10 -48.48 -6.55
CA PHE C 418 -7.24 -49.18 -5.27
C PHE C 418 -7.35 -48.22 -4.09
N ALA C 419 -7.44 -48.80 -2.91
CA ALA C 419 -7.55 -48.03 -1.69
C ALA C 419 -6.67 -48.66 -0.63
N VAL C 420 -6.28 -47.85 0.36
CA VAL C 420 -5.45 -48.34 1.45
C VAL C 420 -6.30 -48.25 2.70
N VAL C 421 -6.23 -49.29 3.53
CA VAL C 421 -7.03 -49.36 4.75
C VAL C 421 -6.21 -49.87 5.95
N ALA C 422 -6.51 -49.34 7.12
CA ALA C 422 -5.85 -49.73 8.36
C ALA C 422 -6.94 -50.16 9.35
N ASN C 423 -6.78 -51.36 9.93
CA ASN C 423 -7.76 -51.89 10.90
C ASN C 423 -7.16 -51.98 12.29
N ASP C 424 -7.95 -52.42 13.26
CA ASP C 424 -7.49 -52.55 14.63
C ASP C 424 -6.76 -53.86 14.87
N ARG C 425 -6.45 -54.55 13.78
CA ARG C 425 -5.70 -55.79 13.84
C ARG C 425 -4.25 -55.39 13.61
N PHE C 426 -4.05 -54.10 13.37
CA PHE C 426 -2.71 -53.54 13.12
C PHE C 426 -2.21 -53.89 11.71
N GLU C 427 -3.16 -54.03 10.78
CA GLU C 427 -2.82 -54.36 9.41
C GLU C 427 -3.02 -53.18 8.48
N ILE C 428 -2.23 -53.14 7.43
CA ILE C 428 -2.38 -52.11 6.42
C ILE C 428 -2.61 -52.98 5.17
N MET C 429 -3.60 -52.59 4.37
CA MET C 429 -3.93 -53.36 3.20
C MET C 429 -4.43 -52.55 2.03
N THR C 430 -4.41 -53.18 0.87
CA THR C 430 -4.88 -52.57 -0.36
C THR C 430 -6.13 -53.31 -0.85
N VAL C 431 -7.20 -52.55 -1.05
CA VAL C 431 -8.45 -53.13 -1.52
C VAL C 431 -8.67 -52.72 -2.96
N ASP C 432 -8.89 -53.70 -3.83
CA ASP C 432 -9.12 -53.45 -5.25
C ASP C 432 -10.46 -52.74 -5.39
N LEU C 433 -10.46 -51.45 -5.74
CA LEU C 433 -11.71 -50.70 -5.88
C LEU C 433 -12.65 -51.20 -6.98
N GLU C 434 -12.23 -52.25 -7.68
CA GLU C 434 -13.04 -52.82 -8.75
C GLU C 434 -13.66 -54.14 -8.27
N THR C 435 -12.81 -55.09 -7.89
CA THR C 435 -13.25 -56.39 -7.41
C THR C 435 -13.70 -56.33 -5.95
N GLY C 436 -12.85 -55.82 -5.08
CA GLY C 436 -13.20 -55.73 -3.67
C GLY C 436 -12.28 -56.57 -2.80
N LYS C 437 -11.34 -57.25 -3.45
CA LYS C 437 -10.39 -58.12 -2.77
C LYS C 437 -9.33 -57.36 -2.00
N PRO C 438 -9.41 -57.40 -0.66
CA PRO C 438 -8.41 -56.73 0.16
C PRO C 438 -7.16 -57.61 0.20
N THR C 439 -5.98 -56.99 0.20
CA THR C 439 -4.75 -57.74 0.27
C THR C 439 -3.87 -57.10 1.33
N VAL C 440 -3.60 -57.87 2.39
CA VAL C 440 -2.79 -57.40 3.50
C VAL C 440 -1.33 -57.24 3.04
N ILE C 441 -0.77 -56.09 3.33
CA ILE C 441 0.59 -55.82 2.96
C ILE C 441 1.51 -56.13 4.11
N GLU C 442 1.18 -55.58 5.26
CA GLU C 442 2.00 -55.82 6.43
C GLU C 442 1.19 -55.62 7.70
N ARG C 443 1.57 -56.37 8.74
CA ARG C 443 0.88 -56.30 10.02
C ARG C 443 1.83 -56.00 11.16
N SER C 444 1.58 -54.90 11.85
CA SER C 444 2.38 -54.49 13.00
C SER C 444 1.84 -55.24 14.20
N ARG C 445 2.65 -55.44 15.23
CA ARG C 445 2.15 -56.15 16.38
C ARG C 445 2.10 -55.24 17.60
N GLU C 446 2.27 -53.94 17.38
CA GLU C 446 2.25 -53.00 18.48
C GLU C 446 1.09 -52.03 18.44
N ALA C 447 0.83 -51.45 17.27
CA ALA C 447 -0.25 -50.47 17.12
C ALA C 447 -0.76 -50.42 15.68
N MET C 448 -1.81 -49.62 15.43
CA MET C 448 -2.37 -49.50 14.08
C MET C 448 -1.49 -48.71 13.11
N ILE C 449 -1.58 -49.04 11.83
CA ILE C 449 -0.82 -48.36 10.80
C ILE C 449 -1.72 -47.32 10.09
N THR C 450 -2.00 -46.22 10.80
CA THR C 450 -2.90 -45.21 10.29
C THR C 450 -2.25 -44.10 9.49
N ASP C 451 -0.95 -43.96 9.64
CA ASP C 451 -0.21 -42.91 8.93
C ASP C 451 0.47 -43.45 7.67
N PHE C 452 -0.18 -43.18 6.54
CA PHE C 452 0.31 -43.63 5.24
C PHE C 452 -0.03 -42.69 4.12
N THR C 453 0.72 -42.81 3.03
CA THR C 453 0.51 -42.01 1.86
C THR C 453 0.82 -42.83 0.60
N ILE C 454 0.19 -42.42 -0.50
CA ILE C 454 0.39 -43.11 -1.75
C ILE C 454 1.05 -42.17 -2.76
N SER C 455 2.01 -42.69 -3.50
CA SER C 455 2.69 -41.88 -4.50
C SER C 455 1.69 -41.50 -5.58
N ASP C 456 1.89 -40.34 -6.20
CA ASP C 456 0.99 -39.88 -7.25
C ASP C 456 0.89 -40.85 -8.43
N ASN C 457 1.92 -41.65 -8.68
CA ASN C 457 1.84 -42.58 -9.79
C ASN C 457 1.29 -43.92 -9.35
N SER C 458 0.77 -43.97 -8.13
CA SER C 458 0.18 -45.19 -7.59
C SER C 458 1.11 -46.41 -7.48
N ARG C 459 2.42 -46.18 -7.44
CA ARG C 459 3.33 -47.29 -7.36
C ARG C 459 3.86 -47.59 -5.98
N PHE C 460 4.05 -46.56 -5.17
CA PHE C 460 4.60 -46.82 -3.84
C PHE C 460 3.62 -46.45 -2.75
N ILE C 461 3.76 -47.11 -1.59
CA ILE C 461 2.91 -46.80 -0.45
C ILE C 461 3.85 -46.65 0.74
N ALA C 462 4.00 -45.42 1.22
CA ALA C 462 4.87 -45.17 2.37
C ALA C 462 3.95 -45.06 3.57
N TYR C 463 4.36 -45.69 4.68
CA TYR C 463 3.59 -45.68 5.91
C TYR C 463 4.42 -45.84 7.18
N GLY C 464 3.88 -45.40 8.31
CA GLY C 464 4.60 -45.55 9.57
C GLY C 464 4.34 -46.94 10.10
N PHE C 465 5.41 -47.67 10.43
CA PHE C 465 5.26 -49.03 10.94
C PHE C 465 5.71 -49.13 12.39
N PRO C 466 4.76 -49.13 13.34
CA PRO C 466 5.15 -49.21 14.75
C PRO C 466 5.82 -50.54 15.13
N LEU C 467 6.96 -50.45 15.80
CA LEU C 467 7.70 -51.63 16.19
C LEU C 467 8.33 -51.56 17.58
N LYS C 468 8.86 -52.71 18.01
CA LYS C 468 9.53 -52.87 19.29
C LYS C 468 10.66 -53.88 19.07
N HIS C 469 11.71 -53.78 19.88
CA HIS C 469 12.82 -54.70 19.77
C HIS C 469 12.78 -55.52 21.06
N GLY C 470 11.61 -56.09 21.35
CA GLY C 470 11.47 -56.86 22.56
C GLY C 470 10.01 -56.88 23.00
N GLU C 471 9.54 -58.04 23.42
CA GLU C 471 8.16 -58.18 23.85
C GLU C 471 7.81 -57.48 25.16
N THR C 472 8.67 -56.59 25.64
CA THR C 472 8.42 -55.89 26.89
C THR C 472 9.04 -54.50 26.92
N ASP C 473 9.48 -54.00 25.77
CA ASP C 473 10.10 -52.68 25.69
C ASP C 473 9.18 -51.61 26.25
N GLY C 474 9.76 -50.58 26.85
CA GLY C 474 8.97 -49.50 27.41
C GLY C 474 8.46 -48.51 26.38
N TYR C 475 9.13 -48.45 25.21
CA TYR C 475 8.72 -47.54 24.16
C TYR C 475 8.46 -48.29 22.86
N VAL C 476 7.73 -47.65 21.96
CA VAL C 476 7.41 -48.23 20.68
C VAL C 476 8.01 -47.35 19.61
N MET C 477 8.88 -47.92 18.79
CA MET C 477 9.49 -47.14 17.74
C MET C 477 8.59 -47.14 16.51
N GLN C 478 8.90 -46.28 15.55
CA GLN C 478 8.15 -46.24 14.30
C GLN C 478 9.08 -45.90 13.16
N ALA C 479 9.14 -46.81 12.19
CA ALA C 479 9.97 -46.67 11.03
C ALA C 479 9.10 -46.58 9.81
N ILE C 480 9.41 -45.68 8.87
CA ILE C 480 8.60 -45.57 7.66
C ILE C 480 8.92 -46.76 6.79
N HIS C 481 7.89 -47.35 6.23
CA HIS C 481 8.09 -48.47 5.31
C HIS C 481 7.55 -48.09 3.94
N VAL C 482 8.20 -48.57 2.89
CA VAL C 482 7.69 -48.29 1.58
C VAL C 482 7.39 -49.60 0.88
N TYR C 483 6.17 -49.67 0.34
CA TYR C 483 5.71 -50.86 -0.40
C TYR C 483 5.59 -50.54 -1.88
N ASP C 484 6.17 -51.40 -2.71
CA ASP C 484 6.16 -51.24 -4.16
C ASP C 484 5.10 -52.13 -4.79
N MET C 485 4.14 -51.56 -5.52
CA MET C 485 3.08 -52.37 -6.14
C MET C 485 3.66 -53.34 -7.18
N GLU C 486 4.81 -52.99 -7.77
CA GLU C 486 5.45 -53.84 -8.75
C GLU C 486 6.55 -54.59 -8.02
N GLY C 487 6.50 -55.90 -8.11
CA GLY C 487 7.50 -56.71 -7.43
C GLY C 487 6.96 -57.03 -6.04
N ARG C 488 5.95 -56.25 -5.63
CA ARG C 488 5.30 -56.44 -4.35
C ARG C 488 6.32 -56.74 -3.26
N LYS C 489 7.09 -55.75 -2.85
CA LYS C 489 8.07 -55.95 -1.79
C LYS C 489 8.20 -54.72 -0.91
N ILE C 490 8.42 -54.96 0.38
CA ILE C 490 8.55 -53.89 1.36
C ILE C 490 10.00 -53.49 1.58
N PHE C 491 10.25 -52.18 1.71
CA PHE C 491 11.60 -51.66 1.95
C PHE C 491 11.61 -50.76 3.18
N ALA C 492 12.78 -50.64 3.80
CA ALA C 492 12.92 -49.79 4.99
C ALA C 492 13.43 -48.41 4.59
N ALA C 493 12.55 -47.42 4.70
CA ALA C 493 12.92 -46.07 4.36
C ALA C 493 13.70 -45.49 5.50
N THR C 494 13.41 -45.93 6.71
CA THR C 494 14.07 -45.39 7.88
C THR C 494 14.55 -46.48 8.84
N THR C 495 15.41 -46.11 9.78
CA THR C 495 15.93 -47.05 10.77
C THR C 495 14.93 -47.14 11.93
N GLU C 496 15.04 -48.18 12.76
CA GLU C 496 14.09 -48.30 13.84
C GLU C 496 14.57 -47.85 15.21
N ASN C 497 15.07 -46.62 15.28
CA ASN C 497 15.55 -46.10 16.54
C ASN C 497 14.79 -44.93 17.16
N SER C 498 13.78 -44.43 16.47
CA SER C 498 13.02 -43.33 17.02
C SER C 498 11.62 -43.36 16.45
N HIS C 499 11.06 -42.18 16.21
CA HIS C 499 9.72 -42.02 15.69
C HIS C 499 9.76 -41.21 14.39
N ASP C 500 9.55 -41.91 13.26
CA ASP C 500 9.53 -41.29 11.93
C ASP C 500 8.09 -41.36 11.41
N TYR C 501 7.55 -40.22 10.93
CA TYR C 501 6.16 -40.17 10.46
C TYR C 501 5.85 -39.20 9.35
N ALA C 502 4.55 -39.02 9.09
CA ALA C 502 4.02 -38.11 8.07
C ALA C 502 4.66 -38.26 6.69
N PRO C 503 4.89 -39.53 6.25
CA PRO C 503 5.50 -39.72 4.91
C PRO C 503 4.69 -38.99 3.84
N ALA C 504 5.35 -38.53 2.79
CA ALA C 504 4.67 -37.82 1.70
C ALA C 504 5.55 -37.76 0.44
N PHE C 505 4.99 -38.13 -0.70
CA PHE C 505 5.76 -38.10 -1.96
C PHE C 505 5.62 -36.76 -2.68
N ASP C 506 6.54 -36.47 -3.58
CA ASP C 506 6.43 -35.23 -4.32
C ASP C 506 5.63 -35.54 -5.59
N ALA C 507 5.07 -34.51 -6.21
CA ALA C 507 4.28 -34.66 -7.40
C ALA C 507 4.82 -35.67 -8.41
N ASP C 508 6.07 -35.46 -8.85
CA ASP C 508 6.70 -36.33 -9.84
C ASP C 508 7.02 -37.69 -9.27
N SER C 509 6.79 -37.86 -7.99
CA SER C 509 7.08 -39.14 -7.32
C SER C 509 8.57 -39.53 -7.50
N LYS C 510 9.46 -38.62 -7.14
CA LYS C 510 10.89 -38.86 -7.27
C LYS C 510 11.58 -38.95 -5.90
N ASN C 511 11.05 -38.25 -4.90
CA ASN C 511 11.61 -38.27 -3.57
C ASN C 511 10.52 -38.41 -2.54
N LEU C 512 10.86 -39.07 -1.44
CA LEU C 512 9.92 -39.27 -0.35
C LEU C 512 10.29 -38.34 0.81
N TYR C 513 9.33 -37.56 1.28
CA TYR C 513 9.55 -36.67 2.39
C TYR C 513 8.84 -37.22 3.62
N TYR C 514 9.34 -36.88 4.80
CA TYR C 514 8.74 -37.34 6.05
C TYR C 514 9.33 -36.55 7.20
N LEU C 515 8.75 -36.71 8.39
CA LEU C 515 9.22 -36.01 9.59
C LEU C 515 9.73 -37.02 10.62
N SER C 516 10.52 -36.56 11.59
CA SER C 516 11.01 -37.44 12.65
C SER C 516 11.43 -36.65 13.91
N TYR C 517 11.33 -37.29 15.06
CA TYR C 517 11.70 -36.67 16.32
C TYR C 517 13.09 -37.13 16.63
N ARG C 518 14.03 -36.90 15.72
CA ARG C 518 15.40 -37.37 15.98
C ARG C 518 16.36 -36.26 16.35
N SER C 519 15.97 -35.01 16.11
CA SER C 519 16.85 -33.89 16.38
C SER C 519 16.94 -33.55 17.86
N LEU C 520 17.31 -34.55 18.66
CA LEU C 520 17.44 -34.35 20.08
C LEU C 520 18.23 -33.11 20.51
N ASP C 521 17.66 -32.38 21.45
CA ASP C 521 18.26 -31.19 22.02
C ASP C 521 17.34 -30.84 23.18
N PRO C 522 17.85 -30.93 24.40
CA PRO C 522 17.05 -30.64 25.60
C PRO C 522 16.60 -29.20 25.85
N SER C 523 15.39 -29.04 26.36
CA SER C 523 14.88 -27.74 26.74
C SER C 523 14.75 -27.75 28.27
N PRO C 524 15.21 -26.66 28.92
CA PRO C 524 15.17 -26.53 30.38
C PRO C 524 13.75 -26.29 30.92
N ASP C 525 13.48 -26.82 32.09
CA ASP C 525 12.19 -26.65 32.77
C ASP C 525 12.34 -25.40 33.65
N ARG C 526 11.36 -24.52 33.65
CA ARG C 526 11.50 -23.30 34.41
C ARG C 526 11.21 -23.38 35.90
N VAL C 527 10.72 -24.53 36.36
CA VAL C 527 10.37 -24.71 37.76
C VAL C 527 11.14 -25.83 38.46
N VAL C 528 11.02 -27.02 37.89
CA VAL C 528 11.67 -28.22 38.40
C VAL C 528 12.96 -28.56 37.68
N LEU C 529 14.01 -28.92 38.42
CA LEU C 529 15.28 -29.25 37.79
C LEU C 529 15.05 -30.43 36.86
N ASN C 530 14.80 -30.14 35.59
CA ASN C 530 14.49 -31.20 34.63
C ASN C 530 14.64 -30.66 33.21
N PHE C 531 14.72 -31.56 32.22
CA PHE C 531 14.84 -31.14 30.82
C PHE C 531 13.98 -32.04 30.01
N SER C 532 13.40 -31.47 28.95
CA SER C 532 12.50 -32.24 28.09
C SER C 532 12.73 -32.01 26.61
N PHE C 533 12.39 -32.97 25.77
CA PHE C 533 12.54 -32.77 24.33
C PHE C 533 11.30 -32.08 23.74
N GLU C 534 11.38 -30.76 23.66
CA GLU C 534 10.31 -29.89 23.20
C GLU C 534 10.27 -29.69 21.71
N VAL C 535 11.35 -29.18 21.15
CA VAL C 535 11.44 -28.96 19.70
C VAL C 535 12.54 -29.78 19.05
N VAL C 536 12.25 -31.05 18.81
CA VAL C 536 13.22 -31.97 18.23
C VAL C 536 12.72 -32.58 16.94
N SER C 537 11.77 -31.89 16.31
CA SER C 537 11.18 -32.37 15.06
C SER C 537 11.85 -31.72 13.89
N LYS C 538 12.12 -32.49 12.86
CA LYS C 538 12.77 -31.93 11.68
C LYS C 538 12.42 -32.79 10.48
N PRO C 539 12.35 -32.16 9.29
CA PRO C 539 12.01 -32.88 8.06
C PRO C 539 13.25 -33.47 7.36
N PHE C 540 13.03 -34.58 6.67
CA PHE C 540 14.06 -35.31 5.93
C PHE C 540 13.51 -35.69 4.58
N VAL C 541 14.39 -36.11 3.67
CA VAL C 541 13.98 -36.51 2.32
C VAL C 541 14.79 -37.71 1.87
N ILE C 542 14.23 -38.49 0.96
CA ILE C 542 14.94 -39.65 0.43
C ILE C 542 14.62 -39.79 -1.05
N PRO C 543 15.60 -39.52 -1.94
CA PRO C 543 15.38 -39.64 -3.37
C PRO C 543 15.27 -41.13 -3.69
N LEU C 544 14.26 -41.48 -4.47
CA LEU C 544 13.99 -42.86 -4.83
C LEU C 544 14.96 -43.39 -5.88
N ILE C 545 15.77 -42.48 -6.42
CA ILE C 545 16.76 -42.81 -7.42
C ILE C 545 18.17 -42.53 -6.91
N PRO C 546 18.90 -43.58 -6.54
CA PRO C 546 20.26 -43.46 -6.04
C PRO C 546 21.08 -42.56 -6.96
N GLY C 547 21.90 -41.69 -6.37
CA GLY C 547 22.74 -40.79 -7.13
C GLY C 547 22.18 -39.40 -7.18
N SER C 548 20.87 -39.29 -7.05
CA SER C 548 20.22 -38.00 -7.07
C SER C 548 20.41 -37.36 -5.69
N PRO C 549 20.78 -36.08 -5.66
CA PRO C 549 20.98 -35.38 -4.39
C PRO C 549 19.68 -34.87 -3.76
N ASN C 550 19.83 -34.23 -2.60
CA ASN C 550 18.71 -33.68 -1.88
C ASN C 550 18.20 -32.53 -2.71
N PRO C 551 17.01 -32.67 -3.26
CA PRO C 551 16.48 -31.57 -4.05
C PRO C 551 16.53 -30.19 -3.40
N THR C 552 16.42 -30.12 -2.08
CA THR C 552 16.43 -28.81 -1.42
C THR C 552 17.83 -28.22 -1.35
N LYS C 553 18.83 -29.04 -1.61
CA LYS C 553 20.20 -28.57 -1.55
C LYS C 553 20.57 -27.69 -2.75
N LEU C 554 19.65 -27.57 -3.69
CA LEU C 554 19.87 -26.74 -4.87
C LEU C 554 21.19 -27.02 -5.57
N VAL C 555 21.46 -28.31 -5.84
CA VAL C 555 22.70 -28.68 -6.50
C VAL C 555 22.53 -28.49 -8.00
N PRO C 556 23.29 -27.55 -8.61
CA PRO C 556 23.23 -27.27 -10.03
C PRO C 556 23.12 -28.54 -10.89
N ARG C 557 22.14 -28.58 -11.78
CA ARG C 557 21.94 -29.73 -12.64
C ARG C 557 23.16 -30.08 -13.46
N SER C 558 23.87 -29.06 -13.92
CA SER C 558 25.07 -29.26 -14.73
C SER C 558 26.16 -29.97 -13.96
N MET C 559 26.04 -29.95 -12.64
CA MET C 559 27.03 -30.58 -11.76
C MET C 559 26.60 -31.90 -11.16
N THR C 560 25.46 -32.40 -11.61
CA THR C 560 24.94 -33.69 -11.14
C THR C 560 24.51 -34.51 -12.34
N SER C 561 24.30 -35.80 -12.12
CA SER C 561 23.90 -36.70 -13.18
C SER C 561 22.77 -37.60 -12.71
N GLU C 562 21.61 -37.01 -12.45
CA GLU C 562 20.47 -37.81 -11.99
C GLU C 562 19.95 -38.72 -13.10
N ALA C 563 18.63 -38.84 -13.20
CA ALA C 563 18.01 -39.67 -14.22
C ALA C 563 18.51 -41.10 -14.21
N GLY C 564 18.66 -41.67 -13.02
CA GLY C 564 19.10 -43.04 -12.91
C GLY C 564 17.86 -43.91 -13.04
N GLU C 565 17.52 -44.67 -12.01
CA GLU C 565 16.34 -45.53 -12.07
C GLU C 565 15.92 -45.91 -10.63
N TYR C 566 14.63 -46.09 -10.40
CA TYR C 566 14.17 -46.47 -9.07
C TYR C 566 15.01 -47.58 -8.48
N ASP C 567 15.35 -47.45 -7.20
CA ASP C 567 16.12 -48.46 -6.48
C ASP C 567 15.87 -48.14 -5.01
N LEU C 568 14.94 -48.85 -4.37
CA LEU C 568 14.63 -48.57 -2.97
C LEU C 568 15.49 -49.29 -1.96
N ASN C 569 16.51 -50.03 -2.41
CA ASN C 569 17.40 -50.75 -1.49
C ASN C 569 18.31 -49.85 -0.67
N ASP C 570 18.36 -50.09 0.63
CA ASP C 570 19.19 -49.29 1.51
C ASP C 570 18.97 -47.82 1.28
N MET C 571 17.72 -47.44 1.00
CA MET C 571 17.42 -46.04 0.76
C MET C 571 17.55 -45.24 2.06
N TYR C 572 17.43 -45.91 3.21
CA TYR C 572 17.59 -45.21 4.47
C TYR C 572 19.00 -44.67 4.63
N LYS C 573 19.92 -45.10 3.76
CA LYS C 573 21.29 -44.61 3.84
C LYS C 573 21.46 -43.29 3.09
N ARG C 574 20.65 -43.10 2.05
CA ARG C 574 20.70 -41.91 1.21
C ARG C 574 19.91 -40.80 1.86
N SER C 575 19.24 -41.09 2.98
CA SER C 575 18.42 -40.07 3.63
C SER C 575 19.23 -38.81 3.93
N SER C 576 18.54 -37.69 3.90
CA SER C 576 19.12 -36.37 4.12
C SER C 576 18.06 -35.43 4.72
N PRO C 577 18.48 -34.53 5.63
CA PRO C 577 17.53 -33.60 6.24
C PRO C 577 17.33 -32.34 5.39
N ILE C 578 16.32 -31.56 5.73
CA ILE C 578 16.15 -30.35 5.00
C ILE C 578 16.39 -29.28 6.04
N ASN C 579 17.23 -28.32 5.66
CA ASN C 579 17.64 -27.19 6.50
C ASN C 579 16.53 -26.29 7.01
N VAL C 580 15.84 -26.77 8.04
CA VAL C 580 14.74 -26.05 8.66
C VAL C 580 14.87 -26.20 10.17
N ASP C 581 14.82 -25.08 10.90
CA ASP C 581 14.92 -25.10 12.34
C ASP C 581 14.02 -26.15 13.03
N PRO C 582 14.58 -26.86 14.03
CA PRO C 582 13.83 -27.87 14.76
C PRO C 582 12.62 -27.28 15.46
N GLY C 583 11.54 -28.06 15.52
CA GLY C 583 10.33 -27.62 16.17
C GLY C 583 9.42 -28.81 16.43
N ASP C 584 8.11 -28.58 16.33
CA ASP C 584 7.08 -29.60 16.51
C ASP C 584 6.14 -29.64 15.29
N TYR C 585 6.59 -30.35 14.27
CA TYR C 585 5.90 -30.52 13.00
C TYR C 585 4.97 -31.73 12.93
N ARG C 586 3.83 -31.56 12.27
CA ARG C 586 2.86 -32.66 12.15
C ARG C 586 2.58 -33.08 10.71
N MET C 587 3.06 -32.28 9.77
CA MET C 587 2.86 -32.59 8.37
C MET C 587 3.86 -31.85 7.51
N ILE C 588 4.22 -32.49 6.41
CA ILE C 588 5.13 -31.88 5.45
C ILE C 588 4.54 -32.11 4.05
N ILE C 589 4.42 -31.03 3.28
CA ILE C 589 3.88 -31.11 1.92
C ILE C 589 4.85 -30.51 0.92
N PRO C 590 5.46 -31.38 0.10
CA PRO C 590 6.41 -30.94 -0.91
C PRO C 590 5.70 -30.34 -2.12
N LEU C 591 6.10 -29.12 -2.47
CA LEU C 591 5.54 -28.41 -3.62
C LEU C 591 6.62 -28.14 -4.65
N GLU C 592 6.26 -27.48 -5.74
CA GLU C 592 7.20 -27.20 -6.81
C GLU C 592 8.50 -26.55 -6.36
N SER C 593 8.43 -25.37 -5.77
CA SER C 593 9.67 -24.69 -5.32
C SER C 593 9.58 -24.26 -3.86
N SER C 594 8.67 -24.90 -3.13
CA SER C 594 8.48 -24.62 -1.72
C SER C 594 7.96 -25.87 -1.03
N ILE C 595 7.90 -25.82 0.30
CA ILE C 595 7.44 -26.94 1.11
C ILE C 595 6.55 -26.40 2.21
N LEU C 596 5.36 -26.96 2.38
CA LEU C 596 4.49 -26.50 3.44
C LEU C 596 4.70 -27.36 4.68
N ILE C 597 4.77 -26.71 5.83
CA ILE C 597 4.94 -27.45 7.08
C ILE C 597 3.98 -27.00 8.14
N TYR C 598 3.39 -27.95 8.85
CA TYR C 598 2.42 -27.69 9.90
C TYR C 598 3.16 -27.71 11.23
N SER C 599 3.22 -26.54 11.87
CA SER C 599 3.92 -26.38 13.12
C SER C 599 2.97 -26.24 14.31
N VAL C 600 3.36 -26.80 15.44
CA VAL C 600 2.56 -26.69 16.65
C VAL C 600 3.39 -26.11 17.76
N PRO C 601 3.26 -24.80 18.01
CA PRO C 601 4.01 -24.13 19.08
C PRO C 601 3.79 -24.84 20.43
N VAL C 602 4.86 -24.93 21.23
CA VAL C 602 4.82 -25.57 22.54
C VAL C 602 3.77 -24.91 23.38
N HIS C 603 3.07 -25.73 24.15
CA HIS C 603 1.98 -25.26 25.01
C HIS C 603 1.67 -26.31 26.10
N GLY C 604 0.94 -25.90 27.12
CA GLY C 604 0.59 -26.81 28.19
C GLY C 604 -0.40 -27.84 27.71
N GLU C 605 -0.67 -28.85 28.53
CA GLU C 605 -1.62 -29.87 28.15
C GLU C 605 -2.80 -30.00 29.06
N PHE C 606 -2.95 -29.04 29.96
CA PHE C 606 -4.05 -29.09 30.89
C PHE C 606 -5.38 -29.10 30.14
N ALA C 607 -5.63 -28.05 29.37
CA ALA C 607 -6.88 -27.93 28.64
C ALA C 607 -7.17 -29.13 27.77
N ALA C 608 -6.14 -29.63 27.11
CA ALA C 608 -6.29 -30.81 26.23
C ALA C 608 -6.62 -32.11 27.00
N TYR C 609 -6.04 -32.24 28.19
CA TYR C 609 -6.23 -33.41 29.03
C TYR C 609 -7.59 -33.48 29.71
N TYR C 610 -8.07 -32.34 30.20
CA TYR C 610 -9.36 -32.34 30.87
C TYR C 610 -10.55 -31.88 30.02
N GLN C 611 -10.33 -30.84 29.23
CA GLN C 611 -11.38 -30.29 28.37
C GLN C 611 -11.30 -30.82 26.94
N GLY C 612 -10.36 -31.73 26.67
CA GLY C 612 -10.25 -32.26 25.33
C GLY C 612 -10.01 -31.17 24.30
N ALA C 613 -9.66 -29.97 24.76
CA ALA C 613 -9.38 -28.82 23.91
C ALA C 613 -8.42 -29.18 22.78
N PRO C 614 -8.75 -28.83 21.54
CA PRO C 614 -7.92 -29.12 20.36
C PRO C 614 -6.59 -28.40 20.45
N GLU C 615 -5.59 -28.94 19.77
CA GLU C 615 -4.25 -28.39 19.75
C GLU C 615 -4.15 -27.29 18.66
N LYS C 616 -3.38 -26.25 18.92
CA LYS C 616 -3.24 -25.13 17.97
C LYS C 616 -1.98 -25.15 17.12
N GLY C 617 -2.16 -25.16 15.81
CA GLY C 617 -1.03 -25.17 14.89
C GLY C 617 -1.03 -23.98 13.96
N VAL C 618 -0.11 -23.96 13.00
CA VAL C 618 0.00 -22.87 12.06
C VAL C 618 0.73 -23.39 10.81
N LEU C 619 0.18 -23.06 9.64
CA LEU C 619 0.73 -23.51 8.37
C LEU C 619 1.89 -22.64 7.95
N LEU C 620 3.07 -23.26 7.83
CA LEU C 620 4.28 -22.53 7.45
C LEU C 620 4.75 -22.88 6.06
N LYS C 621 5.46 -21.95 5.44
CA LYS C 621 5.96 -22.16 4.09
C LYS C 621 7.45 -21.91 4.03
N TYR C 622 8.16 -22.83 3.40
CA TYR C 622 9.61 -22.75 3.25
C TYR C 622 9.94 -22.70 1.78
N ASP C 623 10.56 -21.61 1.36
CA ASP C 623 10.94 -21.43 -0.03
C ASP C 623 12.33 -22.05 -0.21
N VAL C 624 12.43 -23.08 -1.05
CA VAL C 624 13.71 -23.77 -1.27
C VAL C 624 14.81 -22.82 -1.74
N LYS C 625 14.45 -21.90 -2.63
CA LYS C 625 15.40 -20.93 -3.17
C LYS C 625 15.91 -19.96 -2.10
N THR C 626 14.99 -19.20 -1.52
CA THR C 626 15.33 -18.20 -0.51
C THR C 626 15.65 -18.79 0.86
N ARG C 627 15.27 -20.04 1.08
CA ARG C 627 15.49 -20.72 2.36
C ARG C 627 14.85 -19.94 3.52
N LYS C 628 13.88 -19.09 3.19
CA LYS C 628 13.19 -18.29 4.19
C LYS C 628 11.83 -18.89 4.49
N VAL C 629 11.41 -18.71 5.73
CA VAL C 629 10.12 -19.24 6.17
C VAL C 629 9.10 -18.13 6.36
N THR C 630 7.82 -18.47 6.20
CA THR C 630 6.76 -17.49 6.35
C THR C 630 5.50 -18.18 6.85
N GLU C 631 4.53 -17.37 7.24
CA GLU C 631 3.28 -17.90 7.76
C GLU C 631 2.21 -17.82 6.71
N VAL C 632 1.54 -18.94 6.47
CA VAL C 632 0.48 -18.99 5.48
C VAL C 632 -0.90 -18.85 6.15
N LYS C 633 -1.08 -19.48 7.30
CA LYS C 633 -2.37 -19.44 7.97
C LYS C 633 -2.17 -19.80 9.42
N ASN C 634 -2.82 -19.10 10.34
CA ASN C 634 -2.68 -19.44 11.75
C ASN C 634 -3.99 -19.89 12.38
N ASN C 635 -3.97 -20.05 13.69
CA ASN C 635 -5.15 -20.47 14.43
C ASN C 635 -5.79 -21.72 13.86
N LEU C 636 -4.96 -22.59 13.31
CA LEU C 636 -5.45 -23.84 12.73
C LEU C 636 -5.51 -24.89 13.81
N THR C 637 -6.53 -25.75 13.78
CA THR C 637 -6.62 -26.84 14.75
C THR C 637 -6.67 -28.15 14.01
N ASP C 638 -6.69 -28.06 12.68
CA ASP C 638 -6.76 -29.23 11.83
C ASP C 638 -6.63 -28.80 10.36
N LEU C 639 -6.03 -29.65 9.53
CA LEU C 639 -5.86 -29.32 8.14
C LEU C 639 -5.94 -30.54 7.24
N ARG C 640 -6.51 -30.35 6.05
CA ARG C 640 -6.61 -31.43 5.08
C ARG C 640 -6.15 -30.83 3.77
N LEU C 641 -5.63 -31.67 2.87
CA LEU C 641 -5.20 -31.16 1.59
C LEU C 641 -5.71 -32.04 0.46
N SER C 642 -6.13 -31.37 -0.62
CA SER C 642 -6.65 -32.02 -1.81
C SER C 642 -5.67 -33.02 -2.39
N ALA C 643 -6.15 -33.85 -3.31
CA ALA C 643 -5.29 -34.83 -3.95
C ALA C 643 -4.42 -34.11 -4.99
N ASP C 644 -4.95 -33.02 -5.54
CA ASP C 644 -4.25 -32.23 -6.55
C ASP C 644 -3.30 -31.22 -5.90
N ARG C 645 -3.31 -31.16 -4.58
CA ARG C 645 -2.46 -30.23 -3.83
C ARG C 645 -2.78 -28.77 -4.15
N LYS C 646 -3.96 -28.51 -4.69
CA LYS C 646 -4.32 -27.14 -5.02
C LYS C 646 -5.35 -26.55 -4.06
N THR C 647 -6.10 -27.42 -3.39
CA THR C 647 -7.12 -26.95 -2.46
C THR C 647 -6.80 -27.30 -1.02
N VAL C 648 -6.93 -26.32 -0.12
CA VAL C 648 -6.68 -26.58 1.28
C VAL C 648 -7.96 -26.40 2.10
N MET C 649 -8.19 -27.34 3.02
CA MET C 649 -9.36 -27.31 3.87
C MET C 649 -8.81 -27.33 5.29
N VAL C 650 -9.32 -26.46 6.15
CA VAL C 650 -8.83 -26.41 7.52
C VAL C 650 -9.88 -26.01 8.51
N ARG C 651 -9.61 -26.28 9.78
CA ARG C 651 -10.53 -25.88 10.85
C ARG C 651 -9.72 -24.98 11.76
N LYS C 652 -10.31 -23.89 12.21
CA LYS C 652 -9.60 -22.97 13.06
C LYS C 652 -10.05 -23.08 14.49
N ASP C 653 -9.31 -22.44 15.40
CA ASP C 653 -9.63 -22.50 16.83
C ASP C 653 -11.02 -21.99 17.16
N ASP C 654 -11.75 -21.50 16.16
CA ASP C 654 -13.09 -21.00 16.38
C ASP C 654 -14.11 -22.07 16.01
N GLY C 655 -13.61 -23.28 15.71
CA GLY C 655 -14.51 -24.36 15.38
C GLY C 655 -14.99 -24.38 13.95
N LYS C 656 -14.96 -23.24 13.26
CA LYS C 656 -15.43 -23.20 11.88
C LYS C 656 -14.46 -23.84 10.90
N ILE C 657 -14.96 -24.23 9.73
CA ILE C 657 -14.16 -24.86 8.70
C ILE C 657 -14.01 -23.89 7.55
N TYR C 658 -12.81 -23.79 7.00
CA TYR C 658 -12.59 -22.88 5.88
C TYR C 658 -11.91 -23.60 4.75
N THR C 659 -11.87 -22.94 3.62
CA THR C 659 -11.26 -23.55 2.47
C THR C 659 -10.64 -22.45 1.60
N PHE C 660 -9.41 -22.66 1.15
CA PHE C 660 -8.74 -21.67 0.33
C PHE C 660 -7.73 -22.32 -0.61
N PRO C 661 -7.50 -21.69 -1.79
CA PRO C 661 -6.56 -22.20 -2.78
C PRO C 661 -5.16 -22.03 -2.22
N LEU C 662 -4.32 -23.04 -2.43
CA LEU C 662 -2.97 -22.97 -1.93
C LEU C 662 -2.19 -21.81 -2.58
N GLU C 663 -2.49 -21.54 -3.85
CA GLU C 663 -1.83 -20.46 -4.58
C GLU C 663 -2.25 -19.08 -4.04
N LYS C 664 -3.53 -18.95 -3.68
CA LYS C 664 -4.04 -17.68 -3.15
C LYS C 664 -4.72 -17.93 -1.79
N PRO C 665 -3.92 -18.26 -0.76
CA PRO C 665 -4.42 -18.53 0.59
C PRO C 665 -5.16 -17.38 1.23
N GLU C 666 -5.14 -16.22 0.58
CA GLU C 666 -5.85 -15.07 1.12
C GLU C 666 -7.33 -15.19 0.79
N ASP C 667 -7.64 -15.99 -0.23
CA ASP C 667 -9.02 -16.21 -0.67
C ASP C 667 -9.71 -17.42 -0.05
N GLU C 668 -10.04 -17.36 1.24
CA GLU C 668 -10.70 -18.49 1.89
C GLU C 668 -12.19 -18.19 2.07
N ARG C 669 -13.01 -19.24 1.99
CA ARG C 669 -14.45 -19.10 2.20
C ARG C 669 -14.77 -19.97 3.39
N THR C 670 -15.95 -19.76 3.96
CA THR C 670 -16.39 -20.55 5.11
C THR C 670 -17.25 -21.69 4.62
N VAL C 671 -16.98 -22.90 5.11
CA VAL C 671 -17.77 -24.05 4.68
C VAL C 671 -19.00 -24.17 5.55
N GLU C 672 -20.16 -23.87 4.99
CA GLU C 672 -21.39 -23.98 5.75
C GLU C 672 -22.09 -25.32 5.53
N THR C 673 -22.64 -25.87 6.59
CA THR C 673 -23.30 -27.15 6.50
C THR C 673 -24.65 -27.19 7.17
N ASP C 674 -24.95 -26.16 7.97
CA ASP C 674 -26.22 -26.08 8.68
C ASP C 674 -27.38 -25.55 7.87
N LYS C 675 -27.25 -25.57 6.54
CA LYS C 675 -28.33 -25.12 5.69
C LYS C 675 -29.45 -26.20 5.63
N ARG C 676 -29.05 -27.45 5.35
CA ARG C 676 -29.99 -28.56 5.25
C ARG C 676 -30.08 -29.32 6.57
N PRO C 677 -31.28 -29.40 7.16
CA PRO C 677 -31.46 -30.12 8.43
C PRO C 677 -31.01 -31.59 8.31
N LEU C 678 -30.44 -32.13 9.38
CA LEU C 678 -30.01 -33.52 9.40
C LEU C 678 -31.23 -34.34 9.85
N VAL C 679 -31.61 -35.38 9.11
CA VAL C 679 -32.79 -36.17 9.48
C VAL C 679 -32.50 -37.62 9.89
N SER C 680 -33.15 -38.05 10.97
CA SER C 680 -32.98 -39.40 11.45
C SER C 680 -34.17 -39.92 12.28
N SER C 681 -34.10 -41.21 12.62
CA SER C 681 -35.11 -41.91 13.41
C SER C 681 -34.54 -42.35 14.75
N ILE C 682 -35.17 -41.92 15.84
CA ILE C 682 -34.70 -42.29 17.17
C ILE C 682 -34.56 -43.82 17.34
N HIS C 683 -35.58 -44.60 16.98
CA HIS C 683 -35.48 -46.04 17.16
C HIS C 683 -34.46 -46.72 16.26
N GLU C 684 -34.18 -46.15 15.10
CA GLU C 684 -33.18 -46.75 14.24
C GLU C 684 -31.77 -46.44 14.79
N GLU C 685 -31.59 -45.21 15.27
CA GLU C 685 -30.32 -44.78 15.83
C GLU C 685 -30.04 -45.45 17.16
N PHE C 686 -31.04 -45.50 18.02
CA PHE C 686 -30.87 -46.15 19.32
C PHE C 686 -30.40 -47.61 19.21
N LEU C 687 -30.93 -48.35 18.24
CA LEU C 687 -30.53 -49.73 18.04
C LEU C 687 -29.11 -49.75 17.56
N GLN C 688 -28.82 -48.87 16.61
CA GLN C 688 -27.48 -48.78 16.03
C GLN C 688 -26.46 -48.50 17.13
N MET C 689 -26.77 -47.51 17.96
CA MET C 689 -25.90 -47.10 19.07
C MET C 689 -25.70 -48.19 20.12
N TYR C 690 -26.76 -48.95 20.41
CA TYR C 690 -26.67 -50.03 21.39
C TYR C 690 -25.70 -51.08 20.87
N ASP C 691 -25.93 -51.55 19.64
CA ASP C 691 -25.08 -52.56 19.05
C ASP C 691 -23.61 -52.15 19.01
N GLU C 692 -23.35 -50.87 18.74
CA GLU C 692 -21.96 -50.39 18.68
C GLU C 692 -21.34 -50.40 20.07
N ALA C 693 -22.09 -49.88 21.05
CA ALA C 693 -21.65 -49.87 22.43
C ALA C 693 -21.40 -51.30 22.90
N TRP C 694 -22.27 -52.21 22.48
CA TRP C 694 -22.16 -53.61 22.84
C TRP C 694 -20.94 -54.21 22.17
N LYS C 695 -20.64 -53.79 20.95
CA LYS C 695 -19.49 -54.34 20.21
C LYS C 695 -18.15 -53.84 20.73
N LEU C 696 -18.05 -52.54 20.96
CA LEU C 696 -16.81 -51.96 21.48
C LEU C 696 -16.52 -52.60 22.85
N ALA C 697 -17.53 -52.67 23.70
CA ALA C 697 -17.36 -53.27 25.01
C ALA C 697 -16.75 -54.67 24.86
N ARG C 698 -17.19 -55.41 23.85
CA ARG C 698 -16.67 -56.76 23.63
C ARG C 698 -15.30 -56.77 22.99
N ASP C 699 -15.17 -56.00 21.93
CA ASP C 699 -13.90 -55.91 21.20
C ASP C 699 -12.73 -55.30 21.97
N ASN C 700 -13.00 -54.44 22.95
CA ASN C 700 -11.92 -53.83 23.69
C ASN C 700 -11.65 -54.36 25.10
N TYR C 701 -12.50 -55.24 25.62
CA TYR C 701 -12.26 -55.77 26.96
C TYR C 701 -10.85 -56.37 26.98
N TRP C 702 -10.11 -56.11 28.04
CA TRP C 702 -8.72 -56.59 28.14
C TRP C 702 -8.57 -58.10 27.93
N ASN C 703 -9.53 -58.86 28.42
CA ASN C 703 -9.46 -60.30 28.28
C ASN C 703 -10.43 -60.79 27.23
N GLU C 704 -9.88 -61.23 26.10
CA GLU C 704 -10.70 -61.70 25.00
C GLU C 704 -11.64 -62.84 25.40
N ALA C 705 -11.13 -63.79 26.17
CA ALA C 705 -11.94 -64.92 26.62
C ALA C 705 -13.22 -64.48 27.34
N VAL C 706 -13.04 -63.77 28.45
CA VAL C 706 -14.15 -63.26 29.25
C VAL C 706 -15.12 -62.47 28.40
N ALA C 707 -14.58 -61.82 27.38
CA ALA C 707 -15.37 -61.01 26.46
C ALA C 707 -16.36 -61.86 25.65
N LYS C 708 -15.87 -62.94 25.03
CA LYS C 708 -16.71 -63.81 24.22
C LYS C 708 -17.91 -64.30 25.02
N GLU C 709 -17.69 -64.57 26.32
CA GLU C 709 -18.76 -65.07 27.18
C GLU C 709 -19.73 -64.01 27.68
N ILE C 710 -19.21 -62.94 28.28
CA ILE C 710 -20.06 -61.89 28.81
C ILE C 710 -20.92 -61.27 27.69
N SER C 711 -20.28 -60.93 26.58
CA SER C 711 -21.01 -60.34 25.47
C SER C 711 -22.16 -61.23 25.10
N GLU C 712 -21.86 -62.44 24.62
CA GLU C 712 -22.89 -63.39 24.20
C GLU C 712 -23.98 -63.69 25.21
N ARG C 713 -23.70 -63.45 26.49
CA ARG C 713 -24.68 -63.73 27.53
C ARG C 713 -25.52 -62.51 27.94
N ILE C 714 -25.11 -61.30 27.56
CA ILE C 714 -25.87 -60.10 27.92
C ILE C 714 -26.54 -59.36 26.75
N TYR C 715 -26.14 -59.71 25.53
CA TYR C 715 -26.68 -59.04 24.35
C TYR C 715 -28.21 -58.91 24.30
N GLU C 716 -28.89 -59.98 23.94
CA GLU C 716 -30.36 -59.99 23.84
C GLU C 716 -31.06 -59.37 25.05
N LYS C 717 -30.66 -59.79 26.24
CA LYS C 717 -31.26 -59.28 27.47
C LYS C 717 -31.42 -57.78 27.51
N TYR C 718 -30.38 -57.06 27.13
CA TYR C 718 -30.44 -55.61 27.13
C TYR C 718 -30.91 -55.02 25.82
N ARG C 719 -30.86 -55.79 24.74
CA ARG C 719 -31.32 -55.28 23.46
C ARG C 719 -32.84 -55.09 23.50
N ASN C 720 -33.54 -55.95 24.25
CA ASN C 720 -35.00 -55.88 24.33
C ASN C 720 -35.52 -54.64 25.03
N LEU C 721 -34.62 -53.87 25.65
CA LEU C 721 -35.03 -52.66 26.36
C LEU C 721 -34.92 -51.44 25.47
N VAL C 722 -34.07 -51.52 24.45
CA VAL C 722 -33.86 -50.40 23.53
C VAL C 722 -35.19 -49.85 22.98
N PRO C 723 -36.06 -50.73 22.45
CA PRO C 723 -37.35 -50.27 21.92
C PRO C 723 -38.26 -49.54 22.92
N LEU C 724 -37.92 -49.64 24.21
CA LEU C 724 -38.72 -48.95 25.23
C LEU C 724 -38.16 -47.58 25.48
N CYS C 725 -36.96 -47.35 24.94
CA CYS C 725 -36.29 -46.06 25.10
C CYS C 725 -36.78 -45.03 24.11
N LYS C 726 -37.01 -43.82 24.63
CA LYS C 726 -37.49 -42.71 23.83
C LYS C 726 -36.55 -41.53 23.89
N THR C 727 -35.71 -41.51 24.93
CA THR C 727 -34.75 -40.43 25.11
C THR C 727 -33.33 -40.93 25.25
N ARG C 728 -32.35 -40.07 24.96
CA ARG C 728 -30.95 -40.44 25.08
C ARG C 728 -30.66 -40.95 26.48
N TYR C 729 -31.38 -40.42 27.46
CA TYR C 729 -31.22 -40.83 28.83
C TYR C 729 -31.73 -42.28 29.02
N ASP C 730 -32.79 -42.65 28.30
CA ASP C 730 -33.32 -44.00 28.39
C ASP C 730 -32.26 -44.95 27.88
N LEU C 731 -31.65 -44.59 26.75
CA LEU C 731 -30.60 -45.41 26.15
C LEU C 731 -29.42 -45.57 27.10
N SER C 732 -29.07 -44.48 27.75
CA SER C 732 -27.99 -44.48 28.69
C SER C 732 -28.23 -45.55 29.72
N ASN C 733 -29.41 -45.56 30.35
CA ASN C 733 -29.73 -46.57 31.38
C ASN C 733 -29.48 -47.99 30.90
N VAL C 734 -29.95 -48.29 29.69
CA VAL C 734 -29.77 -49.61 29.14
C VAL C 734 -28.30 -49.91 28.93
N ILE C 735 -27.63 -49.03 28.19
CA ILE C 735 -26.21 -49.20 27.90
C ILE C 735 -25.31 -49.32 29.14
N VAL C 736 -25.46 -48.42 30.10
CA VAL C 736 -24.64 -48.50 31.30
C VAL C 736 -24.82 -49.84 32.01
N GLU C 737 -26.06 -50.28 32.17
CA GLU C 737 -26.35 -51.56 32.84
C GLU C 737 -25.69 -52.72 32.10
N MET C 738 -25.59 -52.61 30.77
CA MET C 738 -24.98 -53.68 30.02
C MET C 738 -23.49 -53.57 30.15
N GLN C 739 -22.97 -52.37 30.34
CA GLN C 739 -21.51 -52.22 30.51
C GLN C 739 -21.11 -52.83 31.88
N GLY C 740 -21.99 -52.69 32.86
CA GLY C 740 -21.73 -53.18 34.18
C GLY C 740 -21.58 -54.68 34.15
N GLU C 741 -22.15 -55.30 33.13
CA GLU C 741 -22.10 -56.77 33.01
C GLU C 741 -20.67 -57.29 32.87
N TYR C 742 -19.69 -56.41 32.69
CA TYR C 742 -18.31 -56.86 32.58
C TYR C 742 -17.67 -56.87 33.93
N ARG C 743 -18.42 -56.43 34.94
CA ARG C 743 -17.94 -56.43 36.31
C ARG C 743 -16.51 -55.94 36.45
N THR C 744 -16.18 -54.86 35.76
CA THR C 744 -14.83 -54.30 35.82
C THR C 744 -14.90 -52.79 35.97
N SER C 745 -13.77 -52.20 36.35
CA SER C 745 -13.69 -50.75 36.49
C SER C 745 -13.45 -50.04 35.13
N HIS C 746 -13.61 -48.72 35.13
CA HIS C 746 -13.40 -47.91 33.94
C HIS C 746 -14.38 -48.02 32.77
N SER C 747 -15.56 -48.60 33.01
CA SER C 747 -16.60 -48.70 31.97
C SER C 747 -17.45 -47.46 32.15
N TYR C 748 -17.05 -46.39 31.50
CA TYR C 748 -17.79 -45.14 31.62
C TYR C 748 -18.52 -44.76 30.35
N GLU C 749 -19.30 -43.69 30.45
CA GLU C 749 -20.05 -43.15 29.33
C GLU C 749 -20.05 -41.63 29.47
N MET C 750 -19.31 -40.98 28.56
CA MET C 750 -19.17 -39.53 28.57
C MET C 750 -19.61 -38.87 27.25
N GLY C 751 -19.84 -37.56 27.27
CA GLY C 751 -20.26 -36.88 26.07
C GLY C 751 -21.70 -37.23 25.71
N GLY C 752 -22.05 -37.07 24.43
CA GLY C 752 -23.40 -37.38 24.00
C GLY C 752 -24.33 -36.20 24.25
N THR C 753 -25.41 -36.15 23.50
CA THR C 753 -26.39 -35.10 23.63
C THR C 753 -27.64 -35.68 24.33
N PHE C 754 -27.94 -35.17 25.51
CA PHE C 754 -29.10 -35.62 26.29
C PHE C 754 -30.20 -34.57 26.42
N THR C 755 -29.91 -33.32 26.04
CA THR C 755 -30.88 -32.25 26.16
C THR C 755 -30.53 -30.95 25.43
N ASP C 756 -31.54 -30.13 25.16
CA ASP C 756 -31.30 -28.88 24.47
C ASP C 756 -31.30 -27.78 25.52
N LYS C 757 -31.41 -28.17 26.78
CA LYS C 757 -31.41 -27.20 27.88
C LYS C 757 -29.99 -26.74 28.17
N ASP C 758 -29.83 -25.44 28.42
CA ASP C 758 -28.49 -24.91 28.74
C ASP C 758 -28.06 -25.30 30.14
N PRO C 759 -26.77 -25.53 30.34
CA PRO C 759 -26.34 -25.91 31.68
C PRO C 759 -26.74 -24.88 32.74
N PHE C 760 -26.86 -25.36 33.97
CA PHE C 760 -27.22 -24.52 35.11
C PHE C 760 -26.05 -23.59 35.42
N ARG C 761 -26.36 -22.38 35.85
CA ARG C 761 -25.33 -21.43 36.18
C ARG C 761 -25.25 -21.26 37.71
N SER C 762 -24.05 -20.99 38.21
CA SER C 762 -23.86 -20.78 39.64
C SER C 762 -22.88 -19.64 39.86
N GLY C 763 -23.36 -18.56 40.47
CA GLY C 763 -22.51 -17.42 40.72
C GLY C 763 -21.62 -17.63 41.94
N ARG C 764 -20.31 -17.59 41.72
CA ARG C 764 -19.37 -17.80 42.81
C ARG C 764 -18.28 -16.73 43.00
N ILE C 765 -17.96 -16.44 44.27
CA ILE C 765 -16.94 -15.46 44.62
C ILE C 765 -16.06 -16.04 45.71
N ALA C 766 -15.89 -17.35 45.68
CA ALA C 766 -15.06 -18.04 46.65
C ALA C 766 -15.38 -17.58 48.07
N CYS C 767 -16.63 -17.75 48.48
CA CYS C 767 -17.05 -17.37 49.82
C CYS C 767 -18.14 -18.31 50.31
N ASP C 768 -18.37 -18.30 51.62
CA ASP C 768 -19.41 -19.10 52.23
C ASP C 768 -20.34 -18.14 52.96
N PHE C 769 -21.62 -18.24 52.67
CA PHE C 769 -22.59 -17.35 53.30
C PHE C 769 -23.41 -18.03 54.37
N LYS C 770 -23.89 -17.23 55.31
CA LYS C 770 -24.72 -17.74 56.40
C LYS C 770 -25.85 -16.73 56.71
N LEU C 771 -27.08 -17.21 56.79
CA LEU C 771 -28.20 -16.33 57.08
C LEU C 771 -28.22 -16.03 58.58
N ASP C 772 -28.03 -14.77 58.93
CA ASP C 772 -28.07 -14.40 60.35
C ASP C 772 -28.97 -13.21 60.53
N GLY C 773 -30.23 -13.48 60.82
CA GLY C 773 -31.18 -12.42 60.99
C GLY C 773 -31.83 -12.14 59.66
N ASP C 774 -31.47 -11.02 59.06
CA ASP C 774 -32.05 -10.63 57.76
C ASP C 774 -30.96 -10.23 56.78
N HIS C 775 -29.73 -10.63 57.09
CA HIS C 775 -28.56 -10.33 56.29
C HIS C 775 -27.71 -11.57 56.14
N TYR C 776 -26.99 -11.65 55.02
CA TYR C 776 -26.10 -12.76 54.76
C TYR C 776 -24.73 -12.32 55.22
N VAL C 777 -24.02 -13.20 55.93
CA VAL C 777 -22.68 -12.86 56.40
C VAL C 777 -21.64 -13.75 55.73
N VAL C 778 -20.48 -13.18 55.42
CA VAL C 778 -19.39 -13.94 54.83
C VAL C 778 -18.86 -14.88 55.91
N ALA C 779 -19.36 -16.12 55.93
CA ALA C 779 -18.94 -17.11 56.91
C ALA C 779 -17.49 -17.52 56.70
N LYS C 780 -17.06 -17.55 55.43
CA LYS C 780 -15.71 -17.93 55.07
C LYS C 780 -15.25 -17.31 53.75
N ALA C 781 -13.97 -16.95 53.66
CA ALA C 781 -13.42 -16.36 52.45
C ALA C 781 -12.22 -17.17 52.01
N TYR C 782 -12.44 -18.14 51.13
CA TYR C 782 -11.36 -19.00 50.65
C TYR C 782 -10.19 -18.34 49.94
N ALA C 783 -8.98 -18.79 50.27
CA ALA C 783 -7.74 -18.29 49.65
C ALA C 783 -6.64 -19.34 49.86
N GLY C 784 -5.79 -19.51 48.83
CA GLY C 784 -4.70 -20.46 48.87
C GLY C 784 -3.36 -19.70 48.83
N ASP C 785 -2.81 -19.52 47.63
CA ASP C 785 -1.57 -18.79 47.49
C ASP C 785 -1.89 -17.44 46.87
N TYR C 786 -2.03 -16.43 47.72
CA TYR C 786 -2.33 -15.06 47.32
C TYR C 786 -1.64 -14.59 46.06
N SER C 787 -0.39 -15.00 45.85
CA SER C 787 0.35 -14.54 44.69
C SER C 787 0.16 -15.40 43.46
N ASN C 788 -0.47 -16.55 43.62
CA ASN C 788 -0.73 -17.39 42.47
C ASN C 788 -1.91 -16.82 41.73
N GLU C 789 -2.29 -17.46 40.64
CA GLU C 789 -3.45 -17.03 39.87
C GLU C 789 -4.67 -17.85 40.25
N GLY C 790 -5.83 -17.20 40.19
CA GLY C 790 -7.10 -17.83 40.53
C GLY C 790 -7.10 -18.72 41.78
N GLU C 791 -6.67 -18.17 42.91
CA GLU C 791 -6.63 -18.93 44.15
C GLU C 791 -7.17 -18.16 45.37
N LYS C 792 -8.15 -17.29 45.15
CA LYS C 792 -8.67 -16.55 46.29
C LYS C 792 -9.93 -15.83 45.88
N SER C 793 -10.68 -15.37 46.87
CA SER C 793 -11.92 -14.68 46.60
C SER C 793 -11.57 -13.41 45.86
N PRO C 794 -12.23 -13.17 44.72
CA PRO C 794 -11.95 -11.95 43.95
C PRO C 794 -12.08 -10.68 44.78
N ILE C 795 -12.67 -10.78 45.98
CA ILE C 795 -12.79 -9.59 46.82
C ILE C 795 -11.41 -9.16 47.34
N PHE C 796 -10.52 -10.14 47.56
CA PHE C 796 -9.18 -9.84 48.05
C PHE C 796 -8.43 -8.79 47.22
N GLU C 797 -8.68 -8.73 45.91
CA GLU C 797 -7.99 -7.78 45.06
C GLU C 797 -8.18 -6.35 45.53
N TYR C 798 -9.23 -6.10 46.31
CA TYR C 798 -9.50 -4.74 46.82
C TYR C 798 -8.88 -4.55 48.19
N GLY C 799 -7.92 -5.40 48.53
CA GLY C 799 -7.24 -5.30 49.81
C GLY C 799 -8.13 -5.36 51.03
N ILE C 800 -8.98 -6.39 51.12
CA ILE C 800 -9.87 -6.58 52.27
C ILE C 800 -10.36 -8.01 52.33
N ASP C 801 -10.26 -8.63 53.50
CA ASP C 801 -10.71 -10.02 53.70
C ASP C 801 -12.19 -9.91 54.07
N PRO C 802 -13.08 -10.34 53.15
CA PRO C 802 -14.54 -10.31 53.32
C PRO C 802 -15.09 -11.06 54.53
N THR C 803 -14.32 -12.03 55.03
CA THR C 803 -14.75 -12.81 56.18
C THR C 803 -15.33 -11.88 57.24
N GLY C 804 -16.48 -12.24 57.79
CA GLY C 804 -17.09 -11.44 58.83
C GLY C 804 -18.02 -10.32 58.38
N TYR C 805 -17.73 -9.72 57.22
CA TYR C 805 -18.56 -8.67 56.65
C TYR C 805 -20.00 -9.13 56.33
N LEU C 806 -20.90 -8.15 56.17
CA LEU C 806 -22.31 -8.41 55.86
C LEU C 806 -22.60 -7.98 54.44
N ILE C 807 -23.19 -8.87 53.65
CA ILE C 807 -23.49 -8.53 52.27
C ILE C 807 -24.82 -7.81 52.23
N GLU C 808 -24.79 -6.54 51.85
CA GLU C 808 -26.00 -5.73 51.76
C GLU C 808 -26.79 -6.01 50.50
N ASP C 809 -26.20 -5.67 49.36
CA ASP C 809 -26.88 -5.88 48.10
C ASP C 809 -25.89 -6.12 46.96
N ILE C 810 -26.38 -6.72 45.89
CA ILE C 810 -25.58 -7.01 44.73
C ILE C 810 -26.27 -6.40 43.53
N ASP C 811 -25.54 -5.56 42.80
CA ASP C 811 -26.07 -4.89 41.60
C ASP C 811 -27.41 -4.20 41.89
N GLY C 812 -27.47 -3.48 43.01
CA GLY C 812 -28.70 -2.79 43.36
C GLY C 812 -29.70 -3.63 44.13
N GLU C 813 -29.95 -4.86 43.70
CA GLU C 813 -30.91 -5.73 44.38
C GLU C 813 -30.44 -6.13 45.78
N THR C 814 -31.32 -5.90 46.75
CA THR C 814 -31.03 -6.24 48.13
C THR C 814 -31.17 -7.75 48.35
N VAL C 815 -30.16 -8.35 48.97
CA VAL C 815 -30.18 -9.77 49.27
C VAL C 815 -30.29 -9.98 50.78
N GLY C 816 -30.79 -11.14 51.20
CA GLY C 816 -30.93 -11.41 52.60
C GLY C 816 -32.16 -12.26 52.89
N ALA C 817 -32.69 -12.13 54.10
CA ALA C 817 -33.88 -12.90 54.54
C ALA C 817 -34.93 -13.19 53.46
N GLY C 818 -35.30 -12.16 52.69
CA GLY C 818 -36.28 -12.39 51.67
C GLY C 818 -35.72 -12.40 50.28
N SER C 819 -34.41 -12.57 50.15
CA SER C 819 -33.81 -12.57 48.82
C SER C 819 -32.63 -13.53 48.70
N ASN C 820 -32.86 -14.62 47.96
CA ASN C 820 -31.87 -15.67 47.76
C ASN C 820 -30.58 -15.17 47.11
N ILE C 821 -29.50 -15.02 47.90
CA ILE C 821 -28.25 -14.55 47.35
C ILE C 821 -27.69 -15.52 46.34
N TYR C 822 -27.94 -16.81 46.54
CA TYR C 822 -27.45 -17.82 45.61
C TYR C 822 -28.03 -17.58 44.21
N ARG C 823 -29.32 -17.23 44.17
CA ARG C 823 -29.98 -16.98 42.89
C ARG C 823 -29.43 -15.72 42.26
N VAL C 824 -29.40 -14.64 43.03
CA VAL C 824 -28.88 -13.39 42.51
C VAL C 824 -27.49 -13.60 41.94
N LEU C 825 -26.61 -14.24 42.71
CA LEU C 825 -25.28 -14.46 42.20
C LEU C 825 -25.35 -15.29 40.92
N SER C 826 -26.27 -16.24 40.86
CA SER C 826 -26.38 -17.06 39.67
C SER C 826 -26.61 -16.20 38.44
N GLU C 827 -27.50 -15.22 38.59
CA GLU C 827 -27.85 -14.33 37.47
C GLU C 827 -26.76 -13.32 37.08
N LYS C 828 -25.66 -13.32 37.82
CA LYS C 828 -24.58 -12.40 37.56
C LYS C 828 -23.31 -13.17 37.20
N ALA C 829 -23.43 -14.49 37.17
CA ALA C 829 -22.28 -15.34 36.87
C ALA C 829 -21.61 -14.95 35.56
N GLY C 830 -20.29 -14.84 35.62
CA GLY C 830 -19.54 -14.51 34.42
C GLY C 830 -19.49 -13.04 34.09
N THR C 831 -19.87 -12.19 35.02
CA THR C 831 -19.82 -10.74 34.78
C THR C 831 -19.32 -10.07 36.04
N SER C 832 -19.23 -8.76 35.99
CA SER C 832 -18.76 -8.05 37.16
C SER C 832 -19.94 -7.26 37.74
N ALA C 833 -20.17 -7.41 39.05
CA ALA C 833 -21.27 -6.72 39.71
C ALA C 833 -20.82 -5.89 40.92
N ARG C 834 -21.57 -4.84 41.20
CA ARG C 834 -21.27 -4.00 42.33
C ARG C 834 -21.86 -4.66 43.58
N ILE C 835 -21.00 -4.90 44.57
CA ILE C 835 -21.40 -5.53 45.81
C ILE C 835 -21.12 -4.58 46.98
N ARG C 836 -22.16 -4.26 47.75
CA ARG C 836 -22.00 -3.39 48.91
C ARG C 836 -21.79 -4.30 50.12
N LEU C 837 -20.70 -4.10 50.86
CA LEU C 837 -20.41 -4.91 52.06
C LEU C 837 -20.38 -4.04 53.31
N SER C 838 -20.27 -4.68 54.48
CA SER C 838 -20.20 -3.97 55.76
C SER C 838 -19.48 -4.77 56.83
N GLY C 839 -18.39 -4.24 57.35
CA GLY C 839 -17.64 -4.94 58.39
C GLY C 839 -17.85 -4.32 59.76
N LYS C 840 -16.90 -4.54 60.66
CA LYS C 840 -16.93 -3.99 62.01
C LYS C 840 -17.01 -2.47 62.00
N GLY C 841 -17.78 -1.92 62.93
CA GLY C 841 -17.94 -0.48 63.01
C GLY C 841 -18.74 0.03 61.83
N GLY C 842 -18.43 1.24 61.38
CA GLY C 842 -19.14 1.81 60.25
C GLY C 842 -18.45 1.50 58.94
N ASP C 843 -17.59 0.48 58.94
CA ASP C 843 -16.85 0.08 57.75
C ASP C 843 -17.82 -0.43 56.67
N LYS C 844 -17.81 0.24 55.51
CA LYS C 844 -18.68 -0.14 54.40
C LYS C 844 -17.93 -0.09 53.07
N ARG C 845 -18.01 -1.18 52.30
CA ARG C 845 -17.33 -1.28 51.02
C ARG C 845 -18.30 -1.41 49.87
N ASP C 846 -17.89 -0.88 48.74
CA ASP C 846 -18.70 -0.91 47.54
C ASP C 846 -17.80 -1.16 46.33
N LEU C 847 -17.52 -2.44 46.06
CA LEU C 847 -16.63 -2.82 44.98
C LEU C 847 -17.25 -3.58 43.80
N MET C 848 -16.58 -3.50 42.65
CA MET C 848 -17.00 -4.21 41.44
C MET C 848 -16.29 -5.56 41.49
N ILE C 849 -17.04 -6.59 41.86
CA ILE C 849 -16.50 -7.93 42.00
C ILE C 849 -16.75 -8.78 40.76
N ASP C 850 -15.81 -9.65 40.47
CA ASP C 850 -15.95 -10.53 39.35
C ASP C 850 -16.70 -11.74 39.86
N ILE C 851 -17.91 -11.94 39.34
CA ILE C 851 -18.70 -13.09 39.78
C ILE C 851 -18.29 -14.26 38.92
N LEU C 852 -17.52 -15.19 39.50
CA LEU C 852 -17.03 -16.36 38.78
C LEU C 852 -18.07 -17.42 38.54
N ASP C 853 -17.86 -18.26 37.53
CA ASP C 853 -18.80 -19.33 37.23
C ASP C 853 -18.50 -20.54 38.09
N ASP C 854 -17.31 -20.57 38.69
CA ASP C 854 -16.90 -21.70 39.51
C ASP C 854 -15.79 -21.29 40.48
N ASP C 855 -15.65 -21.97 41.62
CA ASP C 855 -14.59 -21.64 42.56
C ASP C 855 -14.02 -22.89 43.25
N ARG C 856 -14.16 -24.04 42.59
CA ARG C 856 -13.67 -25.32 43.08
C ARG C 856 -12.18 -25.29 43.36
N PHE C 857 -11.43 -24.95 42.32
CA PHE C 857 -9.97 -24.87 42.41
C PHE C 857 -9.55 -23.92 43.56
N ILE C 858 -10.20 -22.77 43.66
CA ILE C 858 -9.85 -21.87 44.72
C ILE C 858 -10.08 -22.58 46.05
N ARG C 859 -11.15 -23.35 46.15
CA ARG C 859 -11.43 -24.09 47.39
C ARG C 859 -10.40 -25.22 47.64
N TYR C 860 -9.99 -25.90 46.55
CA TYR C 860 -9.02 -26.97 46.63
C TYR C 860 -7.72 -26.41 47.14
N ARG C 861 -7.27 -25.34 46.51
CA ARG C 861 -5.99 -24.74 46.91
C ARG C 861 -6.06 -24.23 48.35
N SER C 862 -7.23 -23.74 48.75
CA SER C 862 -7.42 -23.23 50.09
C SER C 862 -7.19 -24.40 51.08
N TRP C 863 -7.82 -25.52 50.78
CA TRP C 863 -7.72 -26.73 51.59
C TRP C 863 -6.26 -27.18 51.67
N VAL C 864 -5.62 -27.32 50.53
CA VAL C 864 -4.25 -27.76 50.55
C VAL C 864 -3.41 -26.87 51.43
N GLU C 865 -3.51 -25.56 51.22
CA GLU C 865 -2.73 -24.62 52.01
C GLU C 865 -3.08 -24.68 53.49
N ALA C 866 -4.33 -24.97 53.80
CA ALA C 866 -4.72 -25.09 55.20
C ALA C 866 -3.99 -26.29 55.79
N ASN C 867 -4.14 -27.44 55.16
CA ASN C 867 -3.49 -28.65 55.63
C ASN C 867 -1.98 -28.47 55.74
N ARG C 868 -1.42 -27.73 54.78
CA ARG C 868 0.01 -27.47 54.76
C ARG C 868 0.36 -26.63 55.99
N ARG C 869 -0.41 -25.58 56.26
CA ARG C 869 -0.10 -24.76 57.43
C ARG C 869 -0.26 -25.56 58.70
N TYR C 870 -1.26 -26.43 58.70
CA TYR C 870 -1.55 -27.29 59.84
C TYR C 870 -0.33 -28.21 60.12
N VAL C 871 0.09 -28.97 59.12
CA VAL C 871 1.21 -29.84 59.29
C VAL C 871 2.47 -29.12 59.81
N HIS C 872 2.69 -27.89 59.41
CA HIS C 872 3.88 -27.19 59.90
C HIS C 872 3.77 -26.92 61.39
N GLU C 873 2.69 -26.25 61.79
CA GLU C 873 2.49 -25.90 63.20
C GLU C 873 2.48 -27.07 64.16
N ARG C 874 1.82 -28.16 63.78
CA ARG C 874 1.76 -29.32 64.64
C ARG C 874 3.09 -30.07 64.74
N SER C 875 3.89 -30.07 63.67
CA SER C 875 5.17 -30.79 63.73
C SER C 875 6.28 -29.82 64.14
N LYS C 876 5.87 -28.69 64.73
CA LYS C 876 6.83 -27.67 65.17
C LYS C 876 7.77 -27.35 64.02
N GLY C 877 7.23 -27.24 62.81
CA GLY C 877 8.05 -26.93 61.64
C GLY C 877 9.08 -27.99 61.24
N THR C 878 8.76 -29.27 61.44
CA THR C 878 9.67 -30.35 61.11
C THR C 878 9.14 -31.30 60.03
N ILE C 879 7.91 -31.08 59.57
CA ILE C 879 7.30 -31.93 58.55
C ILE C 879 6.71 -31.15 57.37
N GLY C 880 6.89 -31.69 56.18
CA GLY C 880 6.38 -31.05 54.97
C GLY C 880 5.05 -31.66 54.59
N TYR C 881 4.36 -31.02 53.64
CA TYR C 881 3.07 -31.51 53.19
C TYR C 881 2.92 -31.29 51.68
N ILE C 882 2.31 -32.25 51.03
CA ILE C 882 2.09 -32.19 49.60
C ILE C 882 0.84 -32.99 49.34
N HIS C 883 -0.04 -32.49 48.47
CA HIS C 883 -1.24 -33.22 48.14
C HIS C 883 -1.36 -33.39 46.63
N ILE C 884 -1.79 -34.59 46.23
CA ILE C 884 -1.91 -34.94 44.82
C ILE C 884 -3.37 -35.27 44.51
N PRO C 885 -4.10 -34.34 43.87
CA PRO C 885 -5.50 -34.42 43.46
C PRO C 885 -5.83 -35.51 42.45
N ASP C 886 -4.89 -35.79 41.57
CA ASP C 886 -5.10 -36.85 40.61
C ASP C 886 -3.77 -37.17 40.01
N MET C 887 -3.75 -38.09 39.05
CA MET C 887 -2.50 -38.49 38.42
C MET C 887 -2.53 -38.03 37.00
N GLY C 888 -3.12 -36.86 36.80
CA GLY C 888 -3.18 -36.27 35.47
C GLY C 888 -2.32 -34.99 35.42
N MET C 889 -2.65 -34.06 34.54
CA MET C 889 -1.86 -32.84 34.46
C MET C 889 -1.96 -32.05 35.74
N MET C 890 -3.16 -31.96 36.32
CA MET C 890 -3.29 -31.21 37.55
C MET C 890 -2.44 -31.80 38.67
N GLY C 891 -2.41 -33.13 38.78
CA GLY C 891 -1.63 -33.77 39.82
C GLY C 891 -0.19 -33.37 39.70
N LEU C 892 0.31 -33.51 38.49
CA LEU C 892 1.66 -33.15 38.18
C LEU C 892 1.88 -31.70 38.62
N ASN C 893 0.91 -30.82 38.37
CA ASN C 893 1.01 -29.41 38.78
C ASN C 893 1.09 -29.21 40.30
N GLU C 894 0.17 -29.82 41.03
CA GLU C 894 0.09 -29.71 42.47
C GLU C 894 1.25 -30.33 43.19
N PHE C 895 1.71 -31.47 42.69
CA PHE C 895 2.83 -32.18 43.32
C PHE C 895 4.06 -31.26 43.26
N TYR C 896 4.42 -30.81 42.06
CA TYR C 896 5.56 -29.93 41.98
C TYR C 896 5.36 -28.56 42.62
N ARG C 897 4.11 -28.10 42.66
CA ARG C 897 3.80 -26.79 43.26
C ARG C 897 4.26 -26.71 44.72
N LEU C 898 4.19 -27.82 45.45
CA LEU C 898 4.64 -27.85 46.84
C LEU C 898 5.89 -28.70 47.06
N PHE C 899 6.11 -29.66 46.16
CA PHE C 899 7.27 -30.53 46.27
C PHE C 899 8.59 -29.71 46.38
N ILE C 900 8.61 -28.53 45.78
CA ILE C 900 9.78 -27.68 45.80
C ILE C 900 9.97 -26.88 47.09
N ASN C 901 9.00 -26.91 48.02
CA ASN C 901 9.17 -26.17 49.28
C ASN C 901 9.07 -27.10 50.47
N GLU C 902 8.52 -28.29 50.25
CA GLU C 902 8.27 -29.25 51.33
C GLU C 902 9.16 -30.47 51.37
N SER C 903 9.90 -30.69 50.30
CA SER C 903 10.76 -31.86 50.22
C SER C 903 11.98 -31.87 51.13
N SER C 904 12.33 -30.73 51.72
CA SER C 904 13.52 -30.70 52.59
C SER C 904 13.28 -30.55 54.08
N TYR C 905 12.21 -31.14 54.58
CA TYR C 905 11.93 -31.11 55.99
C TYR C 905 12.38 -32.45 56.51
N GLN C 906 12.42 -32.59 57.84
CA GLN C 906 12.81 -33.86 58.46
C GLN C 906 11.89 -34.97 57.95
N GLY C 907 10.59 -34.67 57.83
CA GLY C 907 9.65 -35.66 57.36
C GLY C 907 8.74 -35.07 56.29
N LEU C 908 8.13 -35.96 55.50
CA LEU C 908 7.24 -35.53 54.44
C LEU C 908 5.97 -36.34 54.43
N ILE C 909 4.85 -35.64 54.22
CA ILE C 909 3.56 -36.30 54.13
C ILE C 909 3.06 -36.12 52.71
N VAL C 910 2.88 -37.22 51.99
CA VAL C 910 2.40 -37.18 50.63
C VAL C 910 0.92 -37.57 50.66
N ASP C 911 0.07 -36.63 51.04
CA ASP C 911 -1.39 -36.87 51.09
C ASP C 911 -1.95 -37.10 49.68
N VAL C 912 -2.44 -38.30 49.41
CA VAL C 912 -2.99 -38.55 48.11
C VAL C 912 -4.45 -38.93 48.17
N ARG C 913 -5.14 -38.53 49.24
CA ARG C 913 -6.57 -38.83 49.40
C ARG C 913 -7.38 -38.18 48.30
N PHE C 914 -8.49 -38.81 47.89
CA PHE C 914 -9.38 -38.27 46.84
C PHE C 914 -8.69 -38.24 45.45
N ASN C 915 -7.54 -38.88 45.35
CA ASN C 915 -6.80 -38.90 44.09
C ASN C 915 -7.61 -39.58 42.96
N GLY C 916 -7.95 -38.80 41.93
CA GLY C 916 -8.75 -39.31 40.85
C GLY C 916 -8.11 -40.16 39.79
N GLY C 917 -6.85 -40.57 39.99
CA GLY C 917 -6.20 -41.42 39.01
C GLY C 917 -5.73 -40.62 37.81
N GLY C 918 -5.15 -41.34 36.85
CA GLY C 918 -4.63 -40.71 35.65
C GLY C 918 -3.62 -41.66 35.05
N PHE C 919 -2.34 -41.29 35.08
CA PHE C 919 -1.27 -42.14 34.53
C PHE C 919 0.14 -41.72 34.94
N VAL C 920 0.29 -40.56 35.55
CA VAL C 920 1.60 -40.04 35.90
C VAL C 920 2.13 -40.45 37.26
N SER C 921 1.55 -41.49 37.85
CA SER C 921 2.01 -41.96 39.16
C SER C 921 3.45 -42.37 39.09
N GLN C 922 3.78 -43.16 38.07
CA GLN C 922 5.15 -43.61 37.91
C GLN C 922 6.14 -42.44 37.99
N LEU C 923 5.82 -41.33 37.36
CA LEU C 923 6.70 -40.14 37.35
C LEU C 923 6.88 -39.52 38.72
N ILE C 924 5.82 -39.52 39.52
CA ILE C 924 5.88 -38.95 40.85
C ILE C 924 6.65 -39.87 41.80
N ILE C 925 6.47 -41.17 41.63
CA ILE C 925 7.18 -42.16 42.45
C ILE C 925 8.68 -42.02 42.16
N GLU C 926 9.03 -41.99 40.88
CA GLU C 926 10.42 -41.86 40.44
C GLU C 926 11.09 -40.69 41.16
N LYS C 927 10.32 -39.64 41.41
CA LYS C 927 10.85 -38.49 42.12
C LYS C 927 11.13 -38.88 43.57
N LEU C 928 10.09 -39.28 44.29
CA LEU C 928 10.20 -39.65 45.70
C LEU C 928 11.20 -40.78 45.93
N MET C 929 11.46 -41.56 44.88
CA MET C 929 12.40 -42.68 44.93
C MET C 929 13.82 -42.20 45.19
N ASN C 930 14.08 -40.95 44.90
CA ASN C 930 15.41 -40.41 45.08
C ASN C 930 15.86 -40.36 46.53
N LYS C 931 17.11 -40.77 46.78
CA LYS C 931 17.66 -40.75 48.12
C LYS C 931 18.85 -39.80 48.18
N ARG C 932 18.86 -38.92 49.17
CA ARG C 932 19.92 -37.94 49.34
C ARG C 932 21.23 -38.61 49.76
N ILE C 933 22.26 -38.52 48.93
CA ILE C 933 23.54 -39.15 49.27
C ILE C 933 24.74 -38.20 49.30
N GLY C 934 24.48 -36.92 49.09
CA GLY C 934 25.56 -35.96 49.14
C GLY C 934 25.13 -34.50 49.18
N TYR C 935 26.12 -33.61 49.23
CA TYR C 935 25.87 -32.18 49.26
C TYR C 935 26.95 -31.42 48.51
N ASP C 936 26.64 -30.17 48.22
CA ASP C 936 27.57 -29.30 47.50
C ASP C 936 27.89 -28.18 48.48
N ASN C 937 29.16 -27.99 48.78
CA ASN C 937 29.54 -26.93 49.70
C ASN C 937 30.06 -25.74 48.95
N PRO C 938 29.32 -24.64 49.02
CA PRO C 938 29.70 -23.41 48.34
C PRO C 938 30.50 -22.48 49.21
N ARG C 939 31.22 -21.58 48.56
CA ARG C 939 32.02 -20.59 49.25
C ARG C 939 31.06 -19.61 49.93
N ARG C 940 29.93 -19.37 49.26
CA ARG C 940 28.89 -18.48 49.79
C ARG C 940 27.51 -19.07 49.47
N GLY C 941 26.64 -19.12 50.46
CA GLY C 941 25.33 -19.69 50.23
C GLY C 941 25.11 -20.90 51.11
N THR C 942 24.06 -21.64 50.83
CA THR C 942 23.72 -22.81 51.61
C THR C 942 24.02 -24.13 50.86
N LEU C 943 23.94 -25.25 51.56
CA LEU C 943 24.21 -26.53 50.96
C LEU C 943 23.27 -26.83 49.83
N SER C 944 23.72 -27.62 48.85
CA SER C 944 22.84 -28.04 47.76
C SER C 944 22.72 -29.55 47.83
N PRO C 945 21.52 -30.06 48.16
CA PRO C 945 21.36 -31.52 48.27
C PRO C 945 21.44 -32.22 46.91
N TYR C 946 22.06 -33.40 46.91
CA TYR C 946 22.23 -34.23 45.71
C TYR C 946 21.58 -35.60 45.95
N PRO C 947 20.59 -35.99 45.14
CA PRO C 947 20.07 -35.18 44.05
C PRO C 947 19.27 -34.01 44.60
N THR C 948 18.92 -33.11 43.70
CA THR C 948 18.13 -31.95 44.04
C THR C 948 16.67 -32.39 44.33
N ASN C 949 16.14 -33.27 43.49
CA ASN C 949 14.80 -33.76 43.66
C ASN C 949 14.76 -34.92 44.64
N SER C 950 15.54 -34.83 45.70
CA SER C 950 15.59 -35.90 46.67
C SER C 950 14.83 -35.47 47.92
N VAL C 951 14.06 -36.37 48.49
CA VAL C 951 13.36 -36.06 49.72
C VAL C 951 14.42 -36.16 50.81
N ARG C 952 14.44 -35.17 51.69
CA ARG C 952 15.40 -35.11 52.78
C ARG C 952 15.36 -36.25 53.79
N GLY C 953 14.15 -36.61 54.25
CA GLY C 953 14.02 -37.67 55.26
C GLY C 953 12.95 -38.73 55.14
N LYS C 954 12.15 -38.90 56.20
CA LYS C 954 11.10 -39.92 56.26
C LYS C 954 9.81 -39.46 55.58
N ILE C 955 9.23 -40.35 54.80
CA ILE C 955 8.02 -40.03 54.08
C ILE C 955 6.86 -40.83 54.58
N ILE C 956 5.66 -40.29 54.48
CA ILE C 956 4.48 -41.02 54.90
C ILE C 956 3.30 -40.60 54.01
N ALA C 957 2.57 -41.60 53.53
CA ALA C 957 1.43 -41.39 52.65
C ALA C 957 0.07 -41.57 53.33
N ILE C 958 -0.88 -40.71 52.94
CA ILE C 958 -2.26 -40.75 53.46
C ILE C 958 -3.14 -41.10 52.28
N THR C 959 -4.08 -42.03 52.46
CA THR C 959 -4.98 -42.45 51.39
C THR C 959 -6.36 -42.86 51.89
N ASN C 960 -7.41 -42.54 51.14
CA ASN C 960 -8.77 -42.96 51.51
C ASN C 960 -9.38 -43.79 50.38
N GLU C 961 -10.67 -44.10 50.53
CA GLU C 961 -11.39 -44.88 49.55
C GLU C 961 -11.74 -44.07 48.34
N TYR C 962 -11.48 -42.77 48.39
CA TYR C 962 -11.79 -41.90 47.26
C TYR C 962 -10.59 -41.66 46.32
N ALA C 963 -9.56 -42.50 46.47
CA ALA C 963 -8.39 -42.42 45.63
C ALA C 963 -8.38 -43.73 44.88
N GLY C 964 -8.41 -43.67 43.56
CA GLY C 964 -8.39 -44.91 42.78
C GLY C 964 -7.59 -44.85 41.50
N SER C 965 -7.75 -45.87 40.65
CA SER C 965 -7.06 -45.97 39.37
C SER C 965 -5.55 -45.85 39.57
N ASP C 966 -4.94 -44.91 38.85
CA ASP C 966 -3.52 -44.72 39.01
C ASP C 966 -3.27 -44.49 40.51
N GLY C 967 -4.28 -43.92 41.18
CA GLY C 967 -4.21 -43.68 42.61
C GLY C 967 -4.05 -45.01 43.33
N ASP C 968 -4.64 -46.07 42.77
CA ASP C 968 -4.52 -47.41 43.29
C ASP C 968 -3.06 -47.85 43.08
N ILE C 969 -2.59 -47.66 41.86
CA ILE C 969 -1.23 -48.07 41.51
C ILE C 969 -0.18 -47.37 42.39
N PHE C 970 -0.34 -46.07 42.56
CA PHE C 970 0.57 -45.27 43.37
C PHE C 970 0.64 -45.83 44.81
N SER C 971 -0.54 -46.12 45.39
CA SER C 971 -0.61 -46.63 46.76
C SER C 971 0.09 -47.97 46.97
N PHE C 972 -0.17 -48.91 46.07
CA PHE C 972 0.44 -50.22 46.14
C PHE C 972 1.95 -50.05 46.00
N SER C 973 2.34 -49.24 45.01
CA SER C 973 3.76 -48.97 44.76
C SER C 973 4.48 -48.36 45.95
N PHE C 974 3.90 -47.30 46.51
CA PHE C 974 4.52 -46.64 47.65
C PHE C 974 4.91 -47.70 48.69
N LYS C 975 4.01 -48.61 49.01
CA LYS C 975 4.33 -49.66 49.97
C LYS C 975 5.36 -50.60 49.37
N LYS C 976 5.02 -51.20 48.23
CA LYS C 976 5.91 -52.14 47.54
C LYS C 976 7.35 -51.68 47.45
N LEU C 977 7.58 -50.38 47.28
CA LEU C 977 8.94 -49.88 47.20
C LEU C 977 9.47 -49.47 48.57
N GLY C 978 8.62 -49.59 49.57
CA GLY C 978 9.02 -49.23 50.92
C GLY C 978 9.46 -47.79 51.10
N LEU C 979 8.76 -46.85 50.47
CA LEU C 979 9.11 -45.44 50.63
C LEU C 979 8.65 -44.90 51.98
N GLY C 980 7.78 -45.65 52.65
CA GLY C 980 7.25 -45.25 53.95
C GLY C 980 5.96 -45.99 54.25
N LYS C 981 5.29 -45.62 55.33
CA LYS C 981 4.05 -46.29 55.69
C LYS C 981 2.85 -45.66 54.98
N LEU C 982 1.77 -46.44 54.87
CA LEU C 982 0.56 -45.96 54.22
C LEU C 982 -0.52 -45.91 55.27
N ILE C 983 -1.10 -44.72 55.45
CA ILE C 983 -2.18 -44.52 56.42
C ILE C 983 -3.49 -44.15 55.76
N GLY C 984 -4.60 -44.65 56.30
CA GLY C 984 -5.89 -44.30 55.72
C GLY C 984 -6.91 -45.42 55.70
N THR C 985 -7.57 -45.56 54.55
CA THR C 985 -8.57 -46.62 54.38
C THR C 985 -8.37 -47.25 53.00
N ARG C 986 -8.79 -48.50 52.83
CA ARG C 986 -8.63 -49.18 51.55
C ARG C 986 -9.13 -48.29 50.43
N THR C 987 -8.37 -48.27 49.34
CA THR C 987 -8.68 -47.45 48.16
C THR C 987 -9.67 -48.11 47.21
N TRP C 988 -10.12 -47.32 46.24
CA TRP C 988 -11.10 -47.71 45.21
C TRP C 988 -10.99 -49.11 44.61
N GLY C 989 -9.89 -49.38 43.91
CA GLY C 989 -9.70 -50.70 43.32
C GLY C 989 -10.09 -50.90 41.86
N GLY C 990 -9.65 -50.00 40.99
CA GLY C 990 -9.96 -50.12 39.57
C GLY C 990 -8.73 -49.83 38.73
N VAL C 991 -7.91 -50.86 38.55
CA VAL C 991 -6.69 -50.67 37.81
C VAL C 991 -6.69 -51.24 36.40
N VAL C 992 -7.83 -51.20 35.72
CA VAL C 992 -7.88 -51.65 34.35
C VAL C 992 -8.06 -50.41 33.47
N GLY C 993 -6.95 -49.88 32.97
CA GLY C 993 -6.99 -48.69 32.15
C GLY C 993 -7.73 -48.72 30.80
N ILE C 994 -7.97 -47.52 30.26
CA ILE C 994 -8.70 -47.36 29.02
C ILE C 994 -8.10 -46.30 28.13
N THR C 995 -8.40 -46.41 26.84
CA THR C 995 -7.95 -45.44 25.83
C THR C 995 -8.98 -45.47 24.70
N PRO C 996 -10.09 -44.74 24.89
CA PRO C 996 -11.12 -44.74 23.86
C PRO C 996 -10.61 -44.23 22.52
N LYS C 997 -11.04 -44.84 21.43
CA LYS C 997 -10.59 -44.38 20.12
C LYS C 997 -11.74 -44.31 19.12
N ARG C 998 -12.97 -44.45 19.60
CA ARG C 998 -14.12 -44.41 18.72
C ARG C 998 -15.34 -43.91 19.48
N ARG C 999 -16.17 -43.08 18.85
CA ARG C 999 -17.34 -42.56 19.55
C ARG C 999 -18.66 -42.85 18.83
N LEU C 1000 -19.79 -42.69 19.53
CA LEU C 1000 -21.09 -42.93 18.93
C LEU C 1000 -21.49 -41.76 18.03
N ILE C 1001 -22.35 -42.03 17.06
CA ILE C 1001 -22.85 -41.02 16.12
C ILE C 1001 -23.41 -39.75 16.75
N ASP C 1002 -23.66 -39.74 18.06
CA ASP C 1002 -24.21 -38.55 18.71
C ASP C 1002 -23.12 -37.84 19.50
N GLY C 1003 -21.89 -38.34 19.33
CA GLY C 1003 -20.72 -37.78 20.02
C GLY C 1003 -20.35 -38.51 21.30
N THR C 1004 -21.26 -39.36 21.77
CA THR C 1004 -21.04 -40.11 23.00
C THR C 1004 -19.69 -40.83 22.95
N VAL C 1005 -18.94 -40.72 24.03
CA VAL C 1005 -17.68 -41.41 24.11
C VAL C 1005 -17.74 -42.48 25.20
N LEU C 1006 -17.82 -43.73 24.80
CA LEU C 1006 -17.90 -44.84 25.75
C LEU C 1006 -16.47 -45.31 25.99
N THR C 1007 -16.21 -45.92 27.14
CA THR C 1007 -14.89 -46.43 27.51
C THR C 1007 -15.01 -47.91 27.84
N GLN C 1008 -13.95 -48.66 27.61
CA GLN C 1008 -13.94 -50.09 27.89
C GLN C 1008 -12.63 -50.49 28.55
N PRO C 1009 -12.69 -51.20 29.69
CA PRO C 1009 -11.48 -51.64 30.41
C PRO C 1009 -10.65 -52.50 29.46
N GLU C 1010 -9.60 -51.89 28.92
CA GLU C 1010 -8.74 -52.53 27.92
C GLU C 1010 -7.31 -52.85 28.36
N PHE C 1011 -6.88 -52.25 29.46
CA PHE C 1011 -5.51 -52.47 29.93
C PHE C 1011 -5.39 -52.89 31.39
N ALA C 1012 -5.42 -54.20 31.59
CA ALA C 1012 -5.33 -54.78 32.93
C ALA C 1012 -3.93 -54.66 33.52
N PHE C 1013 -3.83 -54.00 34.68
CA PHE C 1013 -2.55 -53.81 35.35
C PHE C 1013 -2.20 -55.04 36.19
N TRP C 1014 -0.96 -55.50 36.02
CA TRP C 1014 -0.47 -56.68 36.70
C TRP C 1014 0.69 -56.35 37.59
N PHE C 1015 0.44 -56.32 38.90
CA PHE C 1015 1.52 -56.02 39.82
C PHE C 1015 2.32 -57.30 40.08
N ARG C 1016 3.64 -57.18 40.05
CA ARG C 1016 4.49 -58.33 40.28
C ARG C 1016 4.25 -58.80 41.71
N ASP C 1017 4.15 -60.11 41.92
CA ASP C 1017 3.92 -60.69 43.25
C ASP C 1017 2.55 -60.32 43.83
N ALA C 1018 1.56 -60.12 42.96
CA ALA C 1018 0.21 -59.76 43.41
C ALA C 1018 -0.79 -59.95 42.27
N GLY C 1019 -0.27 -59.99 41.05
CA GLY C 1019 -1.12 -60.16 39.88
C GLY C 1019 -2.14 -59.06 39.70
N PHE C 1020 -3.36 -59.44 39.31
CA PHE C 1020 -4.40 -58.45 39.09
C PHE C 1020 -5.19 -58.21 40.37
N GLY C 1021 -4.68 -58.76 41.45
CA GLY C 1021 -5.31 -58.61 42.74
C GLY C 1021 -5.87 -57.23 43.06
N VAL C 1022 -5.17 -56.17 42.68
CA VAL C 1022 -5.63 -54.84 43.02
C VAL C 1022 -7.02 -54.55 42.46
N GLU C 1023 -7.30 -55.03 41.25
CA GLU C 1023 -8.60 -54.78 40.62
C GLU C 1023 -9.71 -55.37 41.45
N ASN C 1024 -10.77 -54.58 41.59
CA ASN C 1024 -11.97 -54.92 42.34
C ASN C 1024 -11.63 -55.17 43.81
N TYR C 1025 -10.64 -54.45 44.34
CA TYR C 1025 -10.29 -54.58 45.73
C TYR C 1025 -9.70 -53.31 46.29
N GLY C 1026 -8.64 -52.83 45.67
CA GLY C 1026 -7.99 -51.62 46.16
C GLY C 1026 -6.69 -51.92 46.86
N VAL C 1027 -6.24 -50.99 47.68
CA VAL C 1027 -5.01 -51.17 48.44
C VAL C 1027 -5.22 -50.99 49.95
N ASP C 1028 -4.67 -51.92 50.72
CA ASP C 1028 -4.76 -51.86 52.17
C ASP C 1028 -3.61 -51.01 52.78
N PRO C 1029 -3.96 -50.03 53.60
CA PRO C 1029 -2.94 -49.19 54.25
C PRO C 1029 -2.34 -49.95 55.43
N ASP C 1030 -1.07 -49.70 55.72
CA ASP C 1030 -0.40 -50.37 56.83
C ASP C 1030 -1.18 -50.17 58.11
N VAL C 1031 -1.71 -48.98 58.27
CA VAL C 1031 -2.50 -48.64 59.45
C VAL C 1031 -3.83 -48.09 58.95
N GLU C 1032 -4.92 -48.63 59.44
CA GLU C 1032 -6.23 -48.18 59.03
C GLU C 1032 -6.74 -47.10 59.99
N ILE C 1033 -7.00 -45.91 59.48
CA ILE C 1033 -7.53 -44.84 60.30
C ILE C 1033 -8.84 -44.38 59.67
N GLU C 1034 -9.95 -44.85 60.24
CA GLU C 1034 -11.26 -44.46 59.75
C GLU C 1034 -11.50 -42.98 60.02
N TYR C 1035 -12.46 -42.42 59.30
CA TYR C 1035 -12.86 -41.01 59.44
C TYR C 1035 -14.35 -41.03 59.71
N ALA C 1036 -14.74 -41.47 60.91
CA ALA C 1036 -16.15 -41.55 61.28
C ALA C 1036 -16.92 -40.24 61.27
N PRO C 1037 -18.26 -40.30 61.19
CA PRO C 1037 -19.11 -39.11 61.17
C PRO C 1037 -18.90 -38.26 62.42
N HIS C 1038 -18.56 -38.90 63.54
CA HIS C 1038 -18.31 -38.16 64.77
C HIS C 1038 -17.00 -37.38 64.71
N ASP C 1039 -16.04 -37.86 63.91
CA ASP C 1039 -14.77 -37.16 63.72
C ASP C 1039 -15.07 -35.84 62.96
N TYR C 1040 -16.01 -35.87 62.04
CA TYR C 1040 -16.35 -34.68 61.32
C TYR C 1040 -17.09 -33.73 62.26
N LEU C 1041 -17.94 -34.26 63.13
CA LEU C 1041 -18.68 -33.42 64.08
C LEU C 1041 -17.75 -32.71 65.08
N SER C 1042 -16.62 -33.35 65.37
CA SER C 1042 -15.66 -32.77 66.30
C SER C 1042 -14.67 -31.87 65.55
N GLY C 1043 -14.79 -31.87 64.24
CA GLY C 1043 -13.92 -31.02 63.45
C GLY C 1043 -12.48 -31.45 63.51
N LYS C 1044 -12.24 -32.75 63.54
CA LYS C 1044 -10.90 -33.29 63.60
C LYS C 1044 -10.64 -34.22 62.42
N ASP C 1045 -9.42 -34.17 61.89
CA ASP C 1045 -9.05 -35.06 60.78
C ASP C 1045 -8.14 -36.14 61.40
N PRO C 1046 -8.72 -37.29 61.78
CA PRO C 1046 -7.99 -38.40 62.39
C PRO C 1046 -6.92 -39.00 61.47
N GLN C 1047 -7.09 -38.78 60.18
CA GLN C 1047 -6.13 -39.31 59.22
C GLN C 1047 -4.86 -38.47 59.15
N ILE C 1048 -5.00 -37.17 59.00
CA ILE C 1048 -3.81 -36.32 58.93
C ILE C 1048 -3.14 -36.18 60.29
N ASP C 1049 -3.92 -36.29 61.36
CA ASP C 1049 -3.35 -36.19 62.69
C ASP C 1049 -2.45 -37.38 62.97
N TYR C 1050 -2.97 -38.56 62.70
CA TYR C 1050 -2.20 -39.77 62.93
C TYR C 1050 -0.91 -39.69 62.13
N ALA C 1051 -1.02 -39.32 60.86
CA ALA C 1051 0.14 -39.20 59.98
C ALA C 1051 1.24 -38.32 60.58
N ILE C 1052 0.84 -37.14 61.06
CA ILE C 1052 1.77 -36.18 61.68
C ILE C 1052 2.37 -36.73 62.97
N ASP C 1053 1.51 -37.22 63.85
CA ASP C 1053 1.96 -37.77 65.10
C ASP C 1053 2.85 -38.98 64.87
N ALA C 1054 2.56 -39.77 63.84
CA ALA C 1054 3.34 -40.96 63.54
C ALA C 1054 4.76 -40.59 63.08
N LEU C 1055 4.86 -39.55 62.26
CA LEU C 1055 6.16 -39.10 61.76
C LEU C 1055 7.04 -38.53 62.86
N ILE C 1056 6.43 -37.77 63.74
CA ILE C 1056 7.16 -37.21 64.86
C ILE C 1056 7.82 -38.37 65.64
N GLU C 1057 7.10 -39.47 65.76
CA GLU C 1057 7.63 -40.63 66.45
C GLU C 1057 8.85 -41.16 65.71
N GLU C 1058 8.77 -41.29 64.40
CA GLU C 1058 9.90 -41.80 63.61
C GLU C 1058 11.05 -40.82 63.58
N LEU C 1059 10.72 -39.55 63.75
CA LEU C 1059 11.71 -38.47 63.73
C LEU C 1059 12.34 -38.22 65.08
N ARG C 1060 12.31 -39.23 65.95
CA ARG C 1060 12.92 -39.11 67.26
C ARG C 1060 14.37 -39.61 67.18
N ASN C 1061 14.66 -40.42 66.17
CA ASN C 1061 16.00 -40.96 66.00
C ASN C 1061 17.00 -39.85 65.75
N ARG D 1 -2.82 -43.10 25.52
CA ARG D 1 -2.64 -42.82 26.94
C ARG D 1 -3.58 -43.62 27.84
N VAL D 2 -3.15 -44.54 28.68
CA VAL D 2 -3.70 -45.50 29.65
C VAL D 2 -3.89 -44.95 31.06
N ARG D 3 -5.02 -44.18 31.09
CA ARG D 3 -5.62 -43.57 32.06
C ARG D 3 -6.25 -44.66 33.01
N LYS D 4 -6.51 -44.67 34.25
CA LYS D 4 -6.70 -45.51 35.40
C LYS D 4 -7.28 -44.74 36.55
N MET E 39 -10.71 62.54 -34.27
CA MET E 39 -9.77 61.41 -34.10
C MET E 39 -9.46 60.66 -35.40
N PRO E 40 -8.44 61.13 -36.15
CA PRO E 40 -8.06 60.48 -37.40
C PRO E 40 -7.26 59.19 -37.15
N ASN E 41 -7.08 58.41 -38.21
CA ASN E 41 -6.36 57.15 -38.13
C ASN E 41 -4.92 57.34 -38.54
N LEU E 42 -4.21 56.22 -38.67
CA LEU E 42 -2.82 56.24 -39.07
C LEU E 42 -2.84 55.54 -40.41
N LEU E 43 -2.71 56.30 -41.49
CA LEU E 43 -2.74 55.70 -42.82
C LEU E 43 -1.33 55.34 -43.21
N LEU E 44 -1.18 54.34 -44.07
CA LEU E 44 0.16 53.96 -44.47
C LEU E 44 0.23 52.90 -45.55
N ASN E 45 1.43 52.79 -46.14
CA ASN E 45 1.76 51.85 -47.22
C ASN E 45 0.73 51.83 -48.35
N PRO E 46 0.57 52.95 -49.07
CA PRO E 46 -0.40 53.00 -50.15
C PRO E 46 0.16 52.51 -51.48
N ASP E 47 -0.74 52.35 -52.43
CA ASP E 47 -0.42 51.97 -53.80
C ASP E 47 -1.43 52.75 -54.63
N ILE E 48 -1.00 53.19 -55.81
CA ILE E 48 -1.88 53.97 -56.68
C ILE E 48 -2.17 53.30 -58.02
N HIS E 49 -3.29 53.68 -58.61
CA HIS E 49 -3.69 53.19 -59.92
C HIS E 49 -4.82 54.05 -60.42
N GLY E 50 -4.45 54.98 -61.31
CA GLY E 50 -5.43 55.89 -61.89
C GLY E 50 -5.93 56.83 -60.83
N ASP E 51 -7.24 56.82 -60.59
CA ASP E 51 -7.82 57.69 -59.57
C ASP E 51 -7.92 56.94 -58.27
N ARG E 52 -7.93 55.61 -58.36
CA ARG E 52 -8.05 54.76 -57.18
C ARG E 52 -6.73 54.66 -56.43
N ILE E 53 -6.83 54.57 -55.11
CA ILE E 53 -5.67 54.50 -54.23
C ILE E 53 -5.91 53.60 -53.02
N ILE E 54 -5.27 52.43 -52.99
CA ILE E 54 -5.41 51.51 -51.86
C ILE E 54 -4.35 51.80 -50.80
N PHE E 55 -4.70 51.58 -49.54
CA PHE E 55 -3.75 51.83 -48.45
C PHE E 55 -4.19 51.04 -47.21
N VAL E 56 -3.31 50.98 -46.21
CA VAL E 56 -3.65 50.26 -44.99
C VAL E 56 -4.04 51.18 -43.83
N CYS E 57 -5.13 50.80 -43.15
CA CYS E 57 -5.64 51.51 -41.98
C CYS E 57 -6.25 50.44 -41.06
N CYS E 58 -5.83 50.47 -39.79
CA CYS E 58 -6.31 49.49 -38.82
C CYS E 58 -6.11 48.07 -39.32
N ASP E 59 -4.88 47.73 -39.72
CA ASP E 59 -4.58 46.39 -40.20
C ASP E 59 -5.37 45.94 -41.42
N ASP E 60 -6.43 46.66 -41.74
CA ASP E 60 -7.27 46.31 -42.89
C ASP E 60 -6.93 47.13 -44.13
N LEU E 61 -7.38 46.65 -45.30
CA LEU E 61 -7.11 47.32 -46.57
C LEU E 61 -8.24 48.25 -47.02
N TRP E 62 -7.89 49.46 -47.39
CA TRP E 62 -8.88 50.41 -47.84
C TRP E 62 -8.61 50.91 -49.24
N GLU E 63 -9.66 51.43 -49.88
CA GLU E 63 -9.55 51.97 -51.22
C GLU E 63 -10.12 53.38 -51.24
N HIS E 64 -9.42 54.29 -51.90
CA HIS E 64 -9.87 55.67 -51.97
C HIS E 64 -9.91 56.18 -53.41
N ASP E 65 -10.98 56.90 -53.73
CA ASP E 65 -11.18 57.45 -55.07
C ASP E 65 -11.07 58.95 -55.10
N LEU E 66 -9.90 59.45 -55.48
CA LEU E 66 -9.61 60.89 -55.58
C LEU E 66 -10.76 61.63 -56.24
N LYS E 67 -11.31 61.02 -57.30
CA LYS E 67 -12.41 61.60 -58.04
C LYS E 67 -13.53 61.96 -57.06
N SER E 68 -14.28 60.96 -56.62
CA SER E 68 -15.39 61.16 -55.70
C SER E 68 -14.98 61.62 -54.30
N GLY E 69 -13.77 61.25 -53.89
CA GLY E 69 -13.32 61.64 -52.57
C GLY E 69 -13.82 60.70 -51.48
N SER E 70 -14.39 59.57 -51.88
CA SER E 70 -14.91 58.60 -50.91
C SER E 70 -13.87 57.51 -50.60
N THR E 71 -14.10 56.80 -49.50
CA THR E 71 -13.19 55.76 -49.08
C THR E 71 -14.02 54.55 -48.61
N ARG E 72 -13.44 53.36 -48.68
CA ARG E 72 -14.14 52.16 -48.23
C ARG E 72 -13.17 51.03 -47.91
N LYS E 73 -13.56 50.16 -46.98
CA LYS E 73 -12.72 49.04 -46.63
C LYS E 73 -13.06 47.90 -47.58
N ILE E 74 -12.11 47.51 -48.42
CA ILE E 74 -12.31 46.44 -49.39
C ILE E 74 -11.99 45.03 -48.90
N VAL E 75 -11.30 44.90 -47.78
CA VAL E 75 -10.97 43.59 -47.25
C VAL E 75 -10.62 43.73 -45.78
N SER E 76 -11.02 42.75 -44.98
CA SER E 76 -10.74 42.77 -43.54
C SER E 76 -10.86 41.41 -42.91
N ASN E 77 -10.53 41.35 -41.61
CA ASN E 77 -10.60 40.12 -40.82
C ASN E 77 -9.70 38.98 -41.35
N LEU E 78 -8.58 39.34 -41.96
CA LEU E 78 -7.64 38.37 -42.50
C LEU E 78 -6.42 38.36 -41.59
N GLY E 79 -6.33 39.37 -40.73
CA GLY E 79 -5.22 39.50 -39.82
C GLY E 79 -4.57 40.85 -40.10
N VAL E 80 -3.28 40.95 -39.82
CA VAL E 80 -2.57 42.21 -40.04
C VAL E 80 -1.96 42.31 -41.44
N ILE E 81 -2.42 43.33 -42.18
CA ILE E 81 -1.95 43.61 -43.53
C ILE E 81 -1.06 44.83 -43.54
N ASN E 82 0.09 44.70 -44.20
CA ASN E 82 1.06 45.81 -44.29
C ASN E 82 1.41 46.21 -45.74
N ASN E 83 1.05 45.39 -46.73
CA ASN E 83 1.37 45.69 -48.13
C ASN E 83 0.25 45.21 -49.06
N ALA E 84 -0.16 46.07 -49.98
CA ALA E 84 -1.18 45.74 -50.96
C ALA E 84 -0.66 46.27 -52.29
N ARG E 85 -0.66 45.42 -53.30
CA ARG E 85 -0.17 45.82 -54.61
C ARG E 85 -1.19 45.61 -55.73
N PHE E 86 -1.37 46.65 -56.53
CA PHE E 86 -2.26 46.62 -57.68
C PHE E 86 -1.64 45.77 -58.79
N PHE E 87 -2.47 44.93 -59.40
CA PHE E 87 -2.04 44.11 -60.54
C PHE E 87 -1.93 45.09 -61.71
N PRO E 88 -1.44 44.61 -62.87
CA PRO E 88 -1.31 45.49 -64.03
C PRO E 88 -2.70 46.08 -64.44
N ASP E 89 -3.65 45.20 -64.75
CA ASP E 89 -4.96 45.66 -65.14
C ASP E 89 -5.64 46.52 -64.07
N GLY E 90 -5.05 46.61 -62.88
CA GLY E 90 -5.66 47.40 -61.83
C GLY E 90 -6.92 46.78 -61.25
N ARG E 91 -7.27 45.59 -61.73
CA ARG E 91 -8.47 44.88 -61.26
C ARG E 91 -8.23 44.12 -59.96
N LYS E 92 -7.29 43.17 -59.98
CA LYS E 92 -6.94 42.36 -58.80
C LYS E 92 -5.86 43.05 -57.97
N ILE E 93 -5.72 42.57 -56.73
CA ILE E 93 -4.73 43.11 -55.80
C ILE E 93 -4.03 42.00 -55.01
N ALA E 94 -2.71 42.05 -54.95
CA ALA E 94 -1.97 41.07 -54.18
C ALA E 94 -1.78 41.69 -52.80
N ILE E 95 -2.12 40.91 -51.77
CA ILE E 95 -2.03 41.34 -50.38
C ILE E 95 -1.15 40.43 -49.51
N ARG E 96 -0.32 41.04 -48.67
CA ARG E 96 0.54 40.29 -47.76
C ARG E 96 -0.07 40.46 -46.39
N VAL E 97 -0.44 39.36 -45.76
CA VAL E 97 -1.04 39.43 -44.44
C VAL E 97 -0.26 38.61 -43.43
N MET E 98 -0.17 39.12 -42.20
CA MET E 98 0.56 38.44 -41.13
C MET E 98 -0.39 37.89 -40.09
N ARG E 99 -0.01 36.75 -39.50
CA ARG E 99 -0.79 36.07 -38.44
C ARG E 99 0.14 35.54 -37.33
N GLY E 100 -0.45 35.19 -36.20
CA GLY E 100 0.35 34.72 -35.08
C GLY E 100 0.34 35.82 -34.04
N SER E 101 0.36 35.47 -32.76
CA SER E 101 0.33 36.50 -31.72
C SER E 101 1.30 37.66 -31.96
N SER E 102 2.51 37.35 -32.45
CA SER E 102 3.52 38.35 -32.70
C SER E 102 3.80 38.57 -34.18
N LEU E 103 2.83 38.21 -35.01
CA LEU E 103 2.97 38.37 -36.43
C LEU E 103 4.23 37.67 -36.90
N ASN E 104 4.51 36.52 -36.31
CA ASN E 104 5.69 35.73 -36.64
C ASN E 104 5.55 34.94 -37.93
N THR E 105 4.33 34.90 -38.47
CA THR E 105 4.09 34.19 -39.73
C THR E 105 3.34 35.06 -40.75
N ALA E 106 3.52 34.74 -42.03
CA ALA E 106 2.87 35.49 -43.09
C ALA E 106 2.67 34.70 -44.40
N ASP E 107 1.70 35.14 -45.19
CA ASP E 107 1.37 34.53 -46.47
C ASP E 107 0.62 35.53 -47.36
N LEU E 108 0.56 35.22 -48.66
CA LEU E 108 -0.08 36.10 -49.64
C LEU E 108 -1.49 35.73 -50.10
N TYR E 109 -2.32 36.76 -50.31
CA TYR E 109 -3.70 36.61 -50.72
C TYR E 109 -4.01 37.43 -51.96
N PHE E 110 -5.03 37.00 -52.73
CA PHE E 110 -5.50 37.71 -53.95
C PHE E 110 -6.82 38.33 -53.65
N TYR E 111 -7.10 39.44 -54.33
CA TYR E 111 -8.36 40.12 -54.16
C TYR E 111 -8.89 40.55 -55.50
N ASN E 112 -10.08 40.06 -55.85
CA ASN E 112 -10.69 40.38 -57.13
C ASN E 112 -11.74 41.45 -56.90
N GLY E 113 -11.42 42.68 -57.25
CA GLY E 113 -12.37 43.76 -57.04
C GLY E 113 -13.57 43.69 -57.97
N GLU E 114 -13.60 42.68 -58.84
CA GLU E 114 -14.73 42.51 -59.75
C GLU E 114 -15.90 41.79 -59.02
N ASN E 115 -15.60 40.65 -58.42
CA ASN E 115 -16.61 39.87 -57.71
C ASN E 115 -16.44 39.91 -56.20
N GLY E 116 -15.36 40.54 -55.74
CA GLY E 116 -15.10 40.61 -54.31
C GLY E 116 -14.63 39.28 -53.77
N GLU E 117 -13.96 38.50 -54.61
CA GLU E 117 -13.43 37.22 -54.22
C GLU E 117 -12.12 37.42 -53.46
N ILE E 118 -11.88 36.55 -52.48
CA ILE E 118 -10.66 36.60 -51.69
C ILE E 118 -10.10 35.19 -51.75
N LYS E 119 -8.78 35.06 -51.86
CA LYS E 119 -8.16 33.75 -51.99
C LYS E 119 -6.70 33.72 -51.55
N ARG E 120 -6.36 32.78 -50.67
CA ARG E 120 -4.98 32.63 -50.20
C ARG E 120 -4.18 32.02 -51.33
N ILE E 121 -3.05 32.64 -51.64
CA ILE E 121 -2.17 32.23 -52.73
C ILE E 121 -1.00 31.36 -52.35
N THR E 122 -0.37 31.68 -51.23
CA THR E 122 0.79 30.91 -50.76
C THR E 122 0.56 30.25 -49.40
N TYR E 123 1.11 29.06 -49.22
CA TYR E 123 0.99 28.32 -47.98
C TYR E 123 2.40 28.00 -47.52
N PHE E 124 3.26 29.02 -47.55
CA PHE E 124 4.66 28.90 -47.17
C PHE E 124 4.89 29.14 -45.69
N SER E 125 4.00 29.94 -45.09
CA SER E 125 4.09 30.31 -43.70
C SER E 125 5.49 30.90 -43.49
N GLY E 126 5.82 31.88 -44.34
CA GLY E 126 7.10 32.56 -44.28
C GLY E 126 7.40 33.16 -42.92
N LYS E 127 8.62 33.03 -42.46
CA LYS E 127 8.98 33.58 -41.16
C LYS E 127 9.30 35.07 -41.32
N SER E 128 8.76 35.90 -40.43
CA SER E 128 9.04 37.32 -40.52
C SER E 128 9.16 37.96 -39.13
N THR E 129 9.82 39.11 -39.08
CA THR E 129 10.00 39.85 -37.83
C THR E 129 9.76 41.31 -38.21
N GLY E 130 9.69 42.19 -37.23
CA GLY E 130 9.46 43.58 -37.56
C GLY E 130 10.49 44.13 -38.54
N ARG E 131 11.76 43.83 -38.30
CA ARG E 131 12.83 44.32 -39.16
C ARG E 131 12.96 43.64 -40.52
N ARG E 132 12.56 42.38 -40.61
CA ARG E 132 12.63 41.64 -41.87
C ARG E 132 11.32 40.95 -42.18
N MET E 133 10.38 41.72 -42.73
CA MET E 133 9.06 41.19 -43.09
C MET E 133 9.07 40.55 -44.46
N PHE E 134 9.79 39.44 -44.56
CA PHE E 134 9.93 38.69 -45.80
C PHE E 134 8.66 38.03 -46.35
N THR E 135 8.74 37.52 -47.58
CA THR E 135 7.62 36.87 -48.26
C THR E 135 6.58 37.94 -48.60
N ASP E 136 6.86 38.70 -49.66
CA ASP E 136 6.01 39.80 -50.13
C ASP E 136 5.94 39.81 -51.66
N VAL E 137 5.32 40.86 -52.20
CA VAL E 137 5.21 41.02 -53.66
C VAL E 137 6.47 41.74 -54.16
N ALA E 138 7.15 41.13 -55.11
CA ALA E 138 8.39 41.68 -55.67
C ALA E 138 8.10 42.65 -56.82
N GLY E 139 7.02 42.36 -57.55
CA GLY E 139 6.64 43.19 -58.67
C GLY E 139 5.84 42.39 -59.67
N PHE E 140 5.74 42.90 -60.90
CA PHE E 140 4.97 42.23 -61.95
C PHE E 140 5.77 42.21 -63.25
N ASP E 141 5.81 41.03 -63.88
CA ASP E 141 6.54 40.86 -65.12
C ASP E 141 5.76 41.49 -66.24
N PRO E 142 6.40 41.71 -67.41
CA PRO E 142 5.72 42.33 -68.57
C PRO E 142 4.38 41.68 -68.93
N ASP E 143 4.29 40.35 -68.83
CA ASP E 143 3.05 39.64 -69.13
C ASP E 143 1.95 39.94 -68.14
N GLY E 144 2.27 40.68 -67.08
CA GLY E 144 1.28 41.01 -66.07
C GLY E 144 1.19 39.98 -64.95
N ASN E 145 2.23 39.16 -64.79
CA ASN E 145 2.24 38.15 -63.74
C ASN E 145 2.93 38.64 -62.49
N LEU E 146 2.45 38.16 -61.35
CA LEU E 146 2.99 38.51 -60.05
C LEU E 146 4.31 37.81 -59.75
N ILE E 147 5.28 38.58 -59.29
CA ILE E 147 6.58 38.05 -58.92
C ILE E 147 6.72 38.28 -57.41
N ILE E 148 6.93 37.20 -56.66
CA ILE E 148 7.04 37.29 -55.22
C ILE E 148 8.44 37.03 -54.76
N SER E 149 8.72 37.55 -53.57
CA SER E 149 10.02 37.37 -52.94
C SER E 149 9.84 36.57 -51.65
N THR E 150 10.42 35.37 -51.57
CA THR E 150 10.31 34.57 -50.36
C THR E 150 11.51 33.68 -50.08
N ASP E 151 11.65 33.30 -48.81
CA ASP E 151 12.73 32.43 -48.38
C ASP E 151 12.16 31.12 -47.89
N ALA E 152 10.86 30.93 -48.08
CA ALA E 152 10.18 29.73 -47.63
C ALA E 152 10.90 28.44 -47.98
N MET E 153 11.51 28.38 -49.15
CA MET E 153 12.22 27.17 -49.54
C MET E 153 13.75 27.29 -49.49
N GLN E 154 14.20 28.34 -48.83
CA GLN E 154 15.63 28.59 -48.71
C GLN E 154 16.13 28.29 -47.31
N PRO E 155 17.43 28.00 -47.19
CA PRO E 155 18.06 27.67 -45.91
C PRO E 155 18.27 28.91 -45.04
N PHE E 156 18.52 30.05 -45.66
CA PHE E 156 18.72 31.27 -44.90
C PHE E 156 17.58 32.23 -45.14
N SER E 157 17.10 32.89 -44.09
CA SER E 157 16.00 33.81 -44.23
C SER E 157 16.33 34.89 -45.23
N SER E 158 17.56 35.40 -45.18
CA SER E 158 17.95 36.46 -46.13
C SER E 158 17.90 36.03 -47.61
N MET E 159 17.77 34.73 -47.88
CA MET E 159 17.68 34.28 -49.27
C MET E 159 16.26 34.47 -49.76
N THR E 160 15.80 35.72 -49.77
CA THR E 160 14.45 36.02 -50.23
C THR E 160 14.45 36.02 -51.75
N CYS E 161 14.70 34.84 -52.33
CA CYS E 161 14.77 34.66 -53.77
C CYS E 161 13.47 35.00 -54.51
N LEU E 162 13.58 35.30 -55.81
CA LEU E 162 12.41 35.69 -56.60
C LEU E 162 11.67 34.53 -57.28
N TYR E 163 10.34 34.55 -57.21
CA TYR E 163 9.50 33.49 -57.77
C TYR E 163 8.28 34.02 -58.53
N ARG E 164 7.97 33.40 -59.67
CA ARG E 164 6.82 33.83 -60.47
C ARG E 164 5.63 32.97 -60.13
N VAL E 165 4.54 33.64 -59.72
CA VAL E 165 3.31 32.95 -59.32
C VAL E 165 2.49 32.43 -60.50
N GLU E 166 2.15 31.15 -60.47
CA GLU E 166 1.36 30.58 -61.56
C GLU E 166 0.12 29.85 -61.04
N ASN E 167 -0.95 29.89 -61.85
CA ASN E 167 -2.20 29.22 -61.51
C ASN E 167 -2.68 29.60 -60.13
N ASP E 168 -2.51 30.86 -59.77
CA ASP E 168 -2.96 31.34 -58.47
C ASP E 168 -2.37 30.57 -57.27
N GLY E 169 -1.07 30.27 -57.29
CA GLY E 169 -0.43 29.58 -56.18
C GLY E 169 -0.22 28.12 -56.40
N ILE E 170 -0.65 27.61 -57.56
CA ILE E 170 -0.49 26.17 -57.88
C ILE E 170 0.98 25.85 -58.06
N ASN E 171 1.61 26.52 -59.01
CA ASN E 171 3.03 26.32 -59.31
C ASN E 171 3.86 27.59 -59.07
N PHE E 172 5.17 27.41 -58.83
CA PHE E 172 6.09 28.53 -58.60
C PHE E 172 7.33 28.34 -59.42
N VAL E 173 7.57 29.28 -60.34
CA VAL E 173 8.76 29.21 -61.19
C VAL E 173 9.84 30.21 -60.75
N PRO E 174 11.02 29.69 -60.31
CA PRO E 174 12.12 30.54 -59.85
C PRO E 174 12.77 31.35 -60.98
N LEU E 175 13.15 32.59 -60.67
CA LEU E 175 13.80 33.47 -61.65
C LEU E 175 15.31 33.38 -61.54
N ASN E 176 15.79 32.64 -60.56
CA ASN E 176 17.22 32.45 -60.32
C ASN E 176 18.05 33.72 -60.47
N LEU E 177 17.56 34.80 -59.91
CA LEU E 177 18.26 36.07 -59.95
C LEU E 177 18.89 36.38 -58.59
N GLY E 178 18.83 35.43 -57.66
CA GLY E 178 19.37 35.64 -56.32
C GLY E 178 18.36 36.36 -55.43
N PRO E 179 18.78 36.72 -54.19
CA PRO E 179 17.88 37.42 -53.25
C PRO E 179 17.50 38.81 -53.74
N ALA E 180 16.22 39.13 -53.63
CA ALA E 180 15.72 40.43 -54.06
C ALA E 180 14.50 40.87 -53.31
N THR E 181 14.33 42.18 -53.21
CA THR E 181 13.18 42.72 -52.52
C THR E 181 12.21 43.39 -53.53
N HIS E 182 12.76 43.87 -54.64
CA HIS E 182 11.96 44.48 -55.70
C HIS E 182 12.47 44.03 -57.06
N ILE E 183 11.55 43.88 -58.01
CA ILE E 183 11.92 43.50 -59.38
C ILE E 183 11.03 44.33 -60.32
N LEU E 184 11.64 45.33 -60.98
CA LEU E 184 10.90 46.20 -61.91
C LEU E 184 11.32 45.85 -63.34
N PHE E 185 10.62 46.39 -64.32
CA PHE E 185 10.98 46.15 -65.69
C PHE E 185 10.97 47.44 -66.48
N ALA E 186 11.95 47.63 -67.35
CA ALA E 186 12.01 48.84 -68.17
C ALA E 186 12.71 48.53 -69.48
N ASP E 187 11.99 48.75 -70.57
CA ASP E 187 12.52 48.52 -71.89
C ASP E 187 13.10 47.10 -72.07
N GLY E 188 12.39 46.12 -71.50
CA GLY E 188 12.83 44.74 -71.59
C GLY E 188 14.06 44.50 -70.74
N ARG E 189 14.25 45.34 -69.72
CA ARG E 189 15.39 45.18 -68.85
C ARG E 189 14.96 44.96 -67.40
N ARG E 190 15.48 43.89 -66.81
CA ARG E 190 15.16 43.57 -65.44
C ARG E 190 15.90 44.56 -64.53
N VAL E 191 15.19 45.10 -63.56
CA VAL E 191 15.77 46.02 -62.58
C VAL E 191 15.60 45.34 -61.22
N ILE E 192 16.71 45.03 -60.56
CA ILE E 192 16.65 44.34 -59.26
C ILE E 192 17.04 45.21 -58.07
N GLY E 193 16.15 45.26 -57.09
CA GLY E 193 16.41 46.01 -55.86
C GLY E 193 16.73 45.05 -54.71
N ARG E 194 17.97 45.11 -54.24
CA ARG E 194 18.47 44.25 -53.17
C ARG E 194 18.39 44.90 -51.78
N ASN E 195 17.69 44.25 -50.85
CA ASN E 195 17.58 44.77 -49.49
C ASN E 195 17.02 46.18 -49.52
N THR E 196 16.10 46.39 -50.46
CA THR E 196 15.49 47.69 -50.63
C THR E 196 14.22 47.96 -49.81
N PHE E 197 13.99 47.20 -48.74
CA PHE E 197 12.81 47.45 -47.91
C PHE E 197 13.16 48.62 -46.98
N GLU E 198 12.16 49.18 -46.31
CA GLU E 198 12.41 50.31 -45.42
C GLU E 198 13.11 49.89 -44.13
N LEU E 199 13.93 50.78 -43.56
CA LEU E 199 14.61 50.48 -42.33
C LEU E 199 14.34 51.58 -41.31
N PRO E 200 13.09 51.72 -40.88
CA PRO E 200 12.76 52.77 -39.90
C PRO E 200 13.52 52.65 -38.58
N HIS E 201 13.89 51.44 -38.20
CA HIS E 201 14.59 51.21 -36.94
C HIS E 201 16.04 51.69 -36.94
N TRP E 202 16.57 51.99 -38.12
CA TRP E 202 17.97 52.40 -38.22
C TRP E 202 18.12 53.49 -39.23
N LYS E 203 17.92 54.73 -38.80
CA LYS E 203 18.07 55.81 -39.74
C LYS E 203 19.58 56.10 -39.97
N GLY E 204 19.91 56.48 -41.21
CA GLY E 204 21.28 56.79 -41.53
C GLY E 204 22.15 55.55 -41.62
N TYR E 205 21.52 54.39 -41.79
CA TYR E 205 22.28 53.14 -41.91
C TYR E 205 23.17 53.18 -43.15
N ARG E 206 24.45 52.84 -42.98
CA ARG E 206 25.42 52.87 -44.07
C ARG E 206 26.25 51.58 -44.12
N GLY E 207 25.66 50.48 -43.63
CA GLY E 207 26.36 49.21 -43.60
C GLY E 207 26.27 48.47 -44.90
N GLY E 208 26.96 47.33 -44.96
CA GLY E 208 26.98 46.53 -46.19
C GLY E 208 25.65 45.96 -46.67
N THR E 209 24.64 45.93 -45.81
CA THR E 209 23.35 45.39 -46.19
C THR E 209 22.43 46.47 -46.66
N ARG E 210 23.01 47.62 -46.97
CA ARG E 210 22.24 48.77 -47.43
C ARG E 210 21.64 48.46 -48.79
N GLY E 211 20.43 48.96 -49.00
CA GLY E 211 19.73 48.72 -50.23
C GLY E 211 20.48 49.22 -51.45
N LYS E 212 20.53 48.38 -52.48
CA LYS E 212 21.22 48.70 -53.72
C LYS E 212 20.38 48.32 -54.94
N ILE E 213 20.69 48.91 -56.11
CA ILE E 213 19.93 48.59 -57.32
C ILE E 213 20.82 48.15 -58.48
N TRP E 214 20.47 47.03 -59.11
CA TRP E 214 21.22 46.51 -60.23
C TRP E 214 20.35 46.63 -61.47
N ILE E 215 20.93 46.33 -62.63
CA ILE E 215 20.19 46.41 -63.90
C ILE E 215 20.78 45.53 -65.00
N GLU E 216 19.88 44.98 -65.82
CA GLU E 216 20.29 44.10 -66.90
C GLU E 216 20.81 44.98 -68.04
N VAL E 217 21.80 44.46 -68.79
CA VAL E 217 22.41 45.20 -69.89
C VAL E 217 22.63 44.33 -71.12
N ASN E 218 22.73 43.02 -70.91
CA ASN E 218 22.94 42.10 -72.00
C ASN E 218 22.16 40.81 -71.82
N SER E 219 20.84 40.92 -71.96
CA SER E 219 19.89 39.78 -71.81
C SER E 219 20.46 38.61 -70.99
N GLY E 220 21.04 38.96 -69.83
CA GLY E 220 21.63 37.98 -68.95
C GLY E 220 22.73 38.62 -68.14
N ALA E 221 23.27 39.73 -68.62
CA ALA E 221 24.35 40.40 -67.89
C ALA E 221 23.81 41.54 -67.03
N PHE E 222 24.26 41.61 -65.78
CA PHE E 222 23.79 42.63 -64.86
C PHE E 222 24.86 43.57 -64.32
N LYS E 223 24.45 44.79 -64.04
CA LYS E 223 25.36 45.80 -63.55
C LYS E 223 24.74 46.61 -62.44
N LYS E 224 25.51 46.76 -61.37
CA LYS E 224 25.05 47.53 -60.23
C LYS E 224 25.03 49.02 -60.61
N ILE E 225 23.87 49.66 -60.47
CA ILE E 225 23.77 51.07 -60.83
C ILE E 225 23.52 52.05 -59.70
N VAL E 226 22.84 51.63 -58.64
CA VAL E 226 22.65 52.57 -57.55
C VAL E 226 23.22 51.92 -56.33
N ASP E 227 24.30 52.52 -55.82
CA ASP E 227 25.02 52.02 -54.65
C ASP E 227 25.54 53.24 -53.91
N MET E 228 24.64 53.98 -53.26
CA MET E 228 25.05 55.17 -52.50
C MET E 228 25.65 54.76 -51.17
N SER E 229 26.11 55.73 -50.39
CA SER E 229 26.71 55.41 -49.10
C SER E 229 25.64 54.97 -48.11
N THR E 230 24.42 55.51 -48.28
CA THR E 230 23.32 55.17 -47.41
C THR E 230 22.36 54.17 -48.05
N HIS E 231 21.32 53.85 -47.27
CA HIS E 231 20.30 52.86 -47.64
C HIS E 231 19.28 53.40 -48.64
N VAL E 232 18.99 52.59 -49.66
CA VAL E 232 18.02 52.96 -50.68
C VAL E 232 16.82 52.03 -50.59
N SER E 233 15.64 52.61 -50.39
CA SER E 233 14.38 51.85 -50.26
C SER E 233 13.25 52.23 -51.22
N SER E 234 12.31 51.29 -51.37
CA SER E 234 11.11 51.46 -52.21
C SER E 234 11.28 52.09 -53.58
N PRO E 235 11.96 51.37 -54.49
CA PRO E 235 12.20 51.89 -55.85
C PRO E 235 11.03 51.77 -56.81
N VAL E 236 10.85 52.79 -57.62
CA VAL E 236 9.82 52.86 -58.63
C VAL E 236 10.39 53.47 -59.92
N ILE E 237 9.74 53.20 -61.05
CA ILE E 237 10.18 53.70 -62.33
C ILE E 237 9.08 54.46 -63.07
N VAL E 238 9.21 55.79 -63.15
CA VAL E 238 8.23 56.59 -63.87
C VAL E 238 8.95 57.12 -65.11
N GLY E 239 8.50 56.64 -66.27
CA GLY E 239 9.12 57.03 -67.52
C GLY E 239 10.38 56.21 -67.66
N HIS E 240 11.53 56.87 -67.53
CA HIS E 240 12.78 56.15 -67.64
C HIS E 240 13.71 56.53 -66.49
N ARG E 241 13.10 56.79 -65.34
CA ARG E 241 13.85 57.15 -64.15
C ARG E 241 13.37 56.32 -62.97
N ILE E 242 14.34 55.89 -62.16
CA ILE E 242 14.04 55.10 -60.99
C ILE E 242 13.97 56.07 -59.83
N TYR E 243 12.83 56.10 -59.16
CA TYR E 243 12.66 56.97 -58.02
C TYR E 243 12.71 56.11 -56.78
N PHE E 244 13.51 56.53 -55.82
CA PHE E 244 13.65 55.78 -54.59
C PHE E 244 13.80 56.75 -53.45
N ILE E 245 14.06 56.20 -52.27
CA ILE E 245 14.20 57.01 -51.07
C ILE E 245 15.50 56.72 -50.37
N THR E 246 16.11 57.75 -49.81
CA THR E 246 17.36 57.61 -49.08
C THR E 246 17.52 58.81 -48.12
N ASP E 247 18.45 58.70 -47.19
CA ASP E 247 18.65 59.79 -46.25
C ASP E 247 20.09 60.20 -46.23
N ILE E 248 20.70 60.27 -47.41
CA ILE E 248 22.10 60.66 -47.50
C ILE E 248 22.32 62.08 -47.03
N ASP E 249 21.31 62.93 -47.17
CA ASP E 249 21.42 64.32 -46.77
C ASP E 249 21.11 64.53 -45.28
N GLY E 250 20.82 63.44 -44.59
CA GLY E 250 20.51 63.53 -43.17
C GLY E 250 19.04 63.29 -42.82
N PHE E 251 18.24 63.07 -43.86
CA PHE E 251 16.82 62.83 -43.67
C PHE E 251 16.26 62.12 -44.90
N GLY E 252 15.15 61.42 -44.71
CA GLY E 252 14.54 60.70 -45.81
C GLY E 252 13.95 61.63 -46.83
N GLN E 253 14.22 61.36 -48.10
CA GLN E 253 13.72 62.18 -49.20
C GLN E 253 13.60 61.31 -50.43
N ILE E 254 12.98 61.86 -51.46
CA ILE E 254 12.80 61.12 -52.70
C ILE E 254 13.84 61.61 -53.71
N TYR E 255 14.38 60.69 -54.50
CA TYR E 255 15.35 61.00 -55.53
C TYR E 255 15.02 60.13 -56.73
N SER E 256 15.83 60.27 -57.78
CA SER E 256 15.67 59.45 -58.97
C SER E 256 16.94 59.59 -59.79
N THR E 257 17.12 58.70 -60.76
CA THR E 257 18.29 58.71 -61.62
C THR E 257 17.90 57.95 -62.87
N ASP E 258 18.60 58.18 -63.98
CA ASP E 258 18.28 57.47 -65.21
C ASP E 258 18.53 55.98 -65.01
N LEU E 259 18.19 55.19 -66.02
CA LEU E 259 18.41 53.76 -65.93
C LEU E 259 19.90 53.36 -65.90
N ASP E 260 20.73 54.29 -65.46
CA ASP E 260 22.16 54.06 -65.37
C ASP E 260 22.73 54.59 -64.08
N GLY E 261 21.83 54.85 -63.14
CA GLY E 261 22.23 55.35 -61.83
C GLY E 261 22.91 56.69 -61.89
N LYS E 262 22.83 57.35 -63.04
CA LYS E 262 23.45 58.66 -63.22
C LYS E 262 22.42 59.78 -63.12
N ASP E 263 22.91 61.01 -63.08
CA ASP E 263 22.06 62.18 -63.00
C ASP E 263 21.18 62.17 -61.75
N LEU E 264 21.81 62.13 -60.58
CA LEU E 264 21.06 62.13 -59.34
C LEU E 264 20.31 63.45 -59.11
N ARG E 265 19.11 63.35 -58.57
CA ARG E 265 18.26 64.50 -58.28
C ARG E 265 17.48 64.32 -56.97
N LYS E 266 17.48 65.38 -56.17
CA LYS E 266 16.78 65.42 -54.89
C LYS E 266 15.47 66.14 -55.14
N HIS E 267 14.34 65.43 -55.00
CA HIS E 267 13.03 65.99 -55.23
C HIS E 267 12.31 66.56 -54.00
N THR E 268 12.06 65.74 -53.00
CA THR E 268 11.38 66.26 -51.81
C THR E 268 12.35 66.87 -50.81
N SER E 269 11.81 67.58 -49.82
CA SER E 269 12.68 68.23 -48.80
C SER E 269 12.04 68.18 -47.42
N PHE E 270 11.34 67.09 -47.14
CA PHE E 270 10.66 66.88 -45.88
C PHE E 270 11.52 67.13 -44.65
N THR E 271 10.86 67.37 -43.52
CA THR E 271 11.56 67.58 -42.24
C THR E 271 10.80 66.99 -41.04
N ASP E 272 9.49 66.75 -41.23
CA ASP E 272 8.62 66.20 -40.19
C ASP E 272 8.73 64.67 -39.94
N TYR E 273 8.58 63.87 -40.99
CA TYR E 273 8.68 62.41 -40.87
C TYR E 273 9.19 61.81 -42.17
N TYR E 274 10.00 60.78 -42.07
CA TYR E 274 10.54 60.16 -43.25
C TYR E 274 9.40 59.61 -44.10
N PRO E 275 9.54 59.67 -45.44
CA PRO E 275 8.53 59.17 -46.39
C PRO E 275 8.76 57.67 -46.51
N ARG E 276 7.73 56.90 -46.82
CA ARG E 276 7.92 55.44 -46.94
C ARG E 276 6.96 54.77 -47.91
N HIS E 277 7.33 53.58 -48.36
CA HIS E 277 6.52 52.77 -49.24
C HIS E 277 6.16 53.41 -50.59
N LEU E 278 7.14 53.69 -51.44
CA LEU E 278 6.83 54.30 -52.74
C LEU E 278 6.13 53.30 -53.65
N ASN E 279 5.14 53.77 -54.38
CA ASN E 279 4.43 52.90 -55.30
C ASN E 279 3.83 53.77 -56.41
N THR E 280 3.82 53.23 -57.62
CA THR E 280 3.32 53.99 -58.74
C THR E 280 2.52 53.13 -59.69
N ASP E 281 1.99 53.80 -60.72
CA ASP E 281 1.17 53.20 -61.77
C ASP E 281 1.75 53.53 -63.14
N GLY E 282 2.84 54.30 -63.13
CA GLY E 282 3.46 54.71 -64.37
C GLY E 282 3.32 56.22 -64.57
N ARG E 283 2.33 56.82 -63.93
CA ARG E 283 2.12 58.25 -64.04
C ARG E 283 2.58 58.98 -62.79
N ARG E 284 1.85 58.81 -61.68
CA ARG E 284 2.23 59.48 -60.43
C ARG E 284 2.68 58.50 -59.36
N ILE E 285 3.48 59.00 -58.42
CA ILE E 285 4.01 58.19 -57.33
C ILE E 285 3.18 58.40 -56.06
N LEU E 286 2.99 57.32 -55.31
CA LEU E 286 2.22 57.35 -54.08
C LEU E 286 3.10 56.95 -52.90
N PHE E 287 2.82 57.50 -51.72
CA PHE E 287 3.61 57.16 -50.53
C PHE E 287 2.96 57.68 -49.27
N SER E 288 3.50 57.29 -48.12
CA SER E 288 2.94 57.72 -46.85
C SER E 288 3.98 58.42 -46.00
N LYS E 289 3.50 59.30 -45.13
CA LYS E 289 4.41 60.05 -44.25
C LYS E 289 3.66 60.53 -43.01
N GLY E 290 4.27 60.32 -41.84
CA GLY E 290 3.66 60.73 -40.59
C GLY E 290 2.20 60.30 -40.44
N GLY E 291 1.81 59.24 -41.14
CA GLY E 291 0.43 58.77 -41.03
C GLY E 291 -0.57 59.26 -42.07
N SER E 292 -0.10 60.01 -43.07
CA SER E 292 -0.98 60.49 -44.13
C SER E 292 -0.50 59.93 -45.46
N ILE E 293 -1.38 59.99 -46.46
CA ILE E 293 -1.03 59.50 -47.79
C ILE E 293 -0.81 60.71 -48.70
N TYR E 294 0.36 60.71 -49.35
CA TYR E 294 0.75 61.80 -50.23
C TYR E 294 0.92 61.36 -51.67
N ILE E 295 0.99 62.34 -52.57
CA ILE E 295 1.19 62.09 -54.00
C ILE E 295 2.28 63.01 -54.54
N PHE E 296 3.04 62.48 -55.47
CA PHE E 296 4.12 63.19 -56.13
C PHE E 296 3.96 62.97 -57.61
N ASN E 297 3.90 64.06 -58.38
CA ASN E 297 3.77 63.96 -59.83
C ASN E 297 5.16 64.20 -60.40
N PRO E 298 5.74 63.18 -61.05
CA PRO E 298 7.07 63.29 -61.65
C PRO E 298 7.20 64.49 -62.58
N ASP E 299 6.14 64.76 -63.35
CA ASP E 299 6.15 65.86 -64.30
C ASP E 299 6.13 67.20 -63.60
N THR E 300 5.05 67.44 -62.86
CA THR E 300 4.89 68.69 -62.15
C THR E 300 5.88 68.84 -61.00
N GLU E 301 6.28 67.70 -60.44
CA GLU E 301 7.20 67.66 -59.32
C GLU E 301 6.52 68.25 -58.09
N LYS E 302 5.18 68.26 -58.11
CA LYS E 302 4.38 68.78 -57.00
C LYS E 302 3.97 67.70 -55.99
N ILE E 303 4.07 68.05 -54.72
CA ILE E 303 3.70 67.14 -53.66
C ILE E 303 2.37 67.59 -53.06
N GLU E 304 1.42 66.67 -53.02
CA GLU E 304 0.11 66.98 -52.45
C GLU E 304 -0.41 65.84 -51.56
N LYS E 305 -1.05 66.26 -50.47
CA LYS E 305 -1.63 65.37 -49.47
C LYS E 305 -3.05 65.00 -49.85
N ILE E 306 -3.37 63.71 -49.77
CA ILE E 306 -4.72 63.28 -50.09
C ILE E 306 -5.60 63.45 -48.86
N GLU E 307 -6.84 63.89 -49.05
CA GLU E 307 -7.75 64.08 -47.92
C GLU E 307 -8.55 62.81 -47.68
N ILE E 308 -8.54 62.31 -46.46
CA ILE E 308 -9.29 61.09 -46.16
C ILE E 308 -10.11 61.20 -44.87
N GLY E 309 -9.59 61.95 -43.91
CA GLY E 309 -10.29 62.13 -42.65
C GLY E 309 -10.50 60.83 -41.88
N ASP E 310 -11.37 60.90 -40.87
CA ASP E 310 -11.67 59.76 -40.01
C ASP E 310 -12.17 58.57 -40.81
N LEU E 311 -11.78 57.36 -40.38
CA LEU E 311 -12.19 56.16 -41.08
C LEU E 311 -12.75 55.10 -40.17
N GLU E 312 -12.06 54.85 -39.06
CA GLU E 312 -12.49 53.84 -38.12
C GLU E 312 -12.00 54.10 -36.70
N SER E 313 -12.92 53.99 -35.74
CA SER E 313 -12.62 54.20 -34.33
C SER E 313 -13.26 53.07 -33.51
N PRO E 314 -12.58 51.92 -33.40
CA PRO E 314 -13.07 50.75 -32.64
C PRO E 314 -13.21 51.01 -31.16
N GLU E 315 -13.84 50.06 -30.49
CA GLU E 315 -14.10 50.10 -29.05
C GLU E 315 -12.80 50.27 -28.25
N ASP E 316 -12.67 51.41 -27.59
CA ASP E 316 -11.47 51.69 -26.81
C ASP E 316 -11.31 50.82 -25.58
N ARG E 317 -12.43 50.41 -24.98
CA ARG E 317 -12.38 49.57 -23.79
C ARG E 317 -12.27 48.10 -24.21
N ILE E 318 -11.10 47.52 -23.97
CA ILE E 318 -10.82 46.13 -24.35
C ILE E 318 -10.70 45.17 -23.18
N ILE E 319 -11.02 43.91 -23.46
CA ILE E 319 -10.98 42.84 -22.48
C ILE E 319 -9.83 41.88 -22.83
N SER E 320 -8.99 41.56 -21.84
CA SER E 320 -7.86 40.67 -22.04
C SER E 320 -7.84 39.56 -21.01
N ILE E 321 -7.11 38.50 -21.32
CA ILE E 321 -7.00 37.32 -20.45
C ILE E 321 -5.83 37.42 -19.50
N PRO E 322 -6.09 37.60 -18.21
CA PRO E 322 -4.98 37.73 -17.25
C PRO E 322 -3.81 36.76 -17.34
N SER E 323 -4.07 35.48 -17.64
CA SER E 323 -2.97 34.51 -17.71
C SER E 323 -2.01 34.85 -18.85
N LYS E 324 -2.55 35.37 -19.95
CA LYS E 324 -1.71 35.73 -21.09
C LYS E 324 -0.71 36.84 -20.80
N PHE E 325 -0.90 37.60 -19.73
CA PHE E 325 0.01 38.69 -19.42
C PHE E 325 0.41 38.71 -17.97
N ALA E 326 0.10 37.63 -17.28
CA ALA E 326 0.41 37.53 -15.87
C ALA E 326 1.91 37.49 -15.56
N GLU E 327 2.25 37.70 -14.30
CA GLU E 327 3.64 37.68 -13.82
C GLU E 327 3.72 38.09 -12.35
N ASP E 328 4.85 37.85 -11.72
CA ASP E 328 5.04 38.21 -10.32
C ASP E 328 4.04 37.57 -9.33
N PHE E 329 3.61 36.33 -9.59
CA PHE E 329 2.67 35.64 -8.69
C PHE E 329 3.31 35.45 -7.30
N SER E 330 2.62 35.87 -6.25
CA SER E 330 3.16 35.76 -4.87
C SER E 330 2.10 35.34 -3.84
N PRO E 331 2.45 34.43 -2.92
CA PRO E 331 1.52 33.94 -1.88
C PRO E 331 1.45 34.90 -0.67
N LEU E 332 0.24 35.16 -0.20
CA LEU E 332 0.03 36.05 0.94
C LEU E 332 -0.53 35.28 2.14
N ASP E 333 -1.06 36.00 3.12
CA ASP E 333 -1.63 35.38 4.32
C ASP E 333 -3.05 34.93 4.01
N GLY E 334 -3.67 34.24 4.97
CA GLY E 334 -5.02 33.75 4.78
C GLY E 334 -5.17 32.95 3.49
N ASP E 335 -4.06 32.37 3.03
CA ASP E 335 -4.04 31.57 1.81
C ASP E 335 -4.53 32.39 0.60
N LEU E 336 -4.08 33.64 0.53
CA LEU E 336 -4.41 34.50 -0.58
C LEU E 336 -3.23 34.57 -1.56
N ILE E 337 -3.49 35.11 -2.74
CA ILE E 337 -2.50 35.23 -3.80
C ILE E 337 -2.44 36.65 -4.33
N ALA E 338 -1.26 37.05 -4.80
CA ALA E 338 -1.09 38.37 -5.40
C ALA E 338 -0.37 38.14 -6.74
N PHE E 339 -0.76 38.88 -7.76
CA PHE E 339 -0.11 38.74 -9.05
C PHE E 339 -0.32 39.99 -9.90
N VAL E 340 0.58 40.22 -10.84
CA VAL E 340 0.48 41.36 -11.72
C VAL E 340 0.20 40.91 -13.16
N SER E 341 -0.56 41.73 -13.89
CA SER E 341 -0.85 41.43 -15.28
C SER E 341 -1.19 42.69 -16.04
N ARG E 342 -0.67 42.75 -17.27
CA ARG E 342 -0.89 43.87 -18.13
C ARG E 342 -0.82 45.18 -17.35
N GLY E 343 0.09 45.22 -16.37
CA GLY E 343 0.29 46.41 -15.57
C GLY E 343 -0.64 46.62 -14.40
N GLN E 344 -1.58 45.71 -14.20
CA GLN E 344 -2.54 45.79 -13.09
C GLN E 344 -2.20 44.79 -12.02
N ALA E 345 -2.64 45.02 -10.79
CA ALA E 345 -2.36 44.07 -9.72
C ALA E 345 -3.63 43.51 -9.09
N PHE E 346 -3.54 42.31 -8.54
CA PHE E 346 -4.72 41.69 -7.91
C PHE E 346 -4.44 40.83 -6.66
N ILE E 347 -5.43 40.84 -5.78
CA ILE E 347 -5.40 40.04 -4.56
C ILE E 347 -6.59 39.08 -4.73
N GLN E 348 -6.29 37.79 -4.89
CA GLN E 348 -7.34 36.81 -5.09
C GLN E 348 -7.05 35.52 -4.34
N ASP E 349 -8.03 34.62 -4.32
CA ASP E 349 -7.87 33.31 -3.70
C ASP E 349 -7.42 32.34 -4.83
N VAL E 350 -6.76 31.25 -4.45
CA VAL E 350 -6.29 30.31 -5.44
C VAL E 350 -7.33 30.08 -6.54
N SER E 351 -8.58 30.01 -6.12
CA SER E 351 -9.70 29.76 -7.04
C SER E 351 -9.87 30.81 -8.13
N GLY E 352 -9.61 32.05 -7.76
CA GLY E 352 -9.76 33.13 -8.72
C GLY E 352 -11.22 33.61 -8.73
N THR E 353 -11.96 33.17 -7.73
CA THR E 353 -13.35 33.57 -7.64
C THR E 353 -13.53 34.93 -6.96
N TYR E 354 -12.76 35.16 -5.90
CA TYR E 354 -12.80 36.42 -5.18
C TYR E 354 -11.54 37.22 -5.57
N VAL E 355 -11.70 38.21 -6.42
CA VAL E 355 -10.57 39.00 -6.91
C VAL E 355 -10.69 40.47 -6.59
N LEU E 356 -9.58 41.09 -6.20
CA LEU E 356 -9.57 42.52 -5.91
C LEU E 356 -8.44 43.16 -6.69
N LYS E 357 -8.75 44.26 -7.35
CA LYS E 357 -7.72 44.96 -8.11
C LYS E 357 -7.13 46.05 -7.23
N VAL E 358 -5.83 46.24 -7.31
CA VAL E 358 -5.22 47.27 -6.51
C VAL E 358 -5.65 48.57 -7.19
N PRO E 359 -6.19 49.53 -6.40
CA PRO E 359 -6.64 50.84 -6.92
C PRO E 359 -5.46 51.77 -7.20
N GLU E 360 -4.78 51.52 -8.32
CA GLU E 360 -3.63 52.34 -8.74
C GLU E 360 -3.56 52.40 -10.26
N PRO E 361 -3.21 53.58 -10.80
CA PRO E 361 -3.11 53.80 -12.25
C PRO E 361 -2.12 52.81 -12.90
N LEU E 362 -1.96 52.90 -14.22
CA LEU E 362 -1.09 51.99 -14.94
C LEU E 362 0.35 51.90 -14.47
N ARG E 363 0.87 50.70 -14.74
CA ARG E 363 2.22 50.25 -14.47
C ARG E 363 2.62 49.93 -13.06
N ILE E 364 2.17 48.77 -12.60
CA ILE E 364 2.52 48.26 -11.29
C ILE E 364 3.59 47.25 -11.67
N ARG E 365 4.82 47.52 -11.25
CA ARG E 365 5.90 46.59 -11.56
C ARG E 365 5.96 45.41 -10.62
N TYR E 366 5.84 45.65 -9.32
CA TYR E 366 5.90 44.57 -8.35
C TYR E 366 4.91 44.63 -7.16
N VAL E 367 4.48 43.47 -6.70
CA VAL E 367 3.56 43.39 -5.57
C VAL E 367 4.18 42.43 -4.54
N ARG E 368 4.21 42.88 -3.29
CA ARG E 368 4.82 42.09 -2.24
C ARG E 368 4.11 42.14 -0.89
N ARG E 369 3.91 40.97 -0.29
CA ARG E 369 3.26 40.86 1.01
C ARG E 369 3.92 41.78 2.04
N GLY E 370 3.14 42.65 2.67
CA GLY E 370 3.68 43.56 3.65
C GLY E 370 2.89 43.62 4.94
N GLY E 371 2.12 42.57 5.22
CA GLY E 371 1.32 42.56 6.43
C GLY E 371 0.14 41.64 6.30
N ASP E 372 -0.60 41.45 7.39
CA ASP E 372 -1.77 40.57 7.39
C ASP E 372 -2.70 40.84 6.23
N THR E 373 -3.07 42.10 6.05
CA THR E 373 -3.96 42.47 4.97
C THR E 373 -3.37 43.57 4.12
N LYS E 374 -2.09 43.86 4.35
CA LYS E 374 -1.40 44.93 3.61
C LYS E 374 -0.32 44.41 2.65
N VAL E 375 -0.26 44.97 1.45
CA VAL E 375 0.71 44.58 0.45
C VAL E 375 1.47 45.79 -0.06
N ALA E 376 2.79 45.67 -0.23
CA ALA E 376 3.58 46.79 -0.75
C ALA E 376 3.78 46.62 -2.26
N PHE E 377 3.74 47.72 -3.00
CA PHE E 377 3.89 47.61 -4.43
C PHE E 377 4.87 48.61 -5.02
N ILE E 378 5.27 48.37 -6.26
CA ILE E 378 6.19 49.26 -6.95
C ILE E 378 5.46 49.78 -8.17
N HIS E 379 5.19 51.09 -8.19
CA HIS E 379 4.45 51.74 -9.28
C HIS E 379 5.39 52.49 -10.17
N GLY E 380 5.30 52.27 -11.48
CA GLY E 380 6.20 52.96 -12.39
C GLY E 380 5.53 53.99 -13.29
N THR E 381 6.22 55.09 -13.52
CA THR E 381 5.71 56.16 -14.37
C THR E 381 6.86 56.62 -15.25
N ARG E 382 6.57 57.56 -16.15
CA ARG E 382 7.58 58.12 -17.06
C ARG E 382 8.76 58.70 -16.26
N GLU E 383 8.47 59.19 -15.05
CA GLU E 383 9.47 59.77 -14.17
C GLU E 383 10.38 58.70 -13.53
N GLY E 384 9.78 57.57 -13.19
CA GLY E 384 10.54 56.50 -12.58
C GLY E 384 9.67 55.55 -11.75
N ASP E 385 10.33 54.80 -10.85
CA ASP E 385 9.64 53.85 -10.01
C ASP E 385 9.52 54.34 -8.59
N PHE E 386 8.35 54.11 -8.02
CA PHE E 386 8.04 54.55 -6.66
C PHE E 386 7.40 53.44 -5.82
N LEU E 387 7.69 53.47 -4.53
CA LEU E 387 7.17 52.48 -3.59
C LEU E 387 5.76 52.86 -3.16
N GLY E 388 4.91 51.85 -3.00
CA GLY E 388 3.53 52.07 -2.60
C GLY E 388 3.08 51.00 -1.62
N ILE E 389 1.93 51.23 -1.00
CA ILE E 389 1.37 50.30 -0.03
C ILE E 389 -0.14 50.29 -0.14
N TYR E 390 -0.73 49.09 -0.07
CA TYR E 390 -2.16 48.94 -0.17
C TYR E 390 -2.65 47.90 0.83
N ASP E 391 -3.82 48.19 1.42
CA ASP E 391 -4.45 47.32 2.41
C ASP E 391 -5.77 46.84 1.81
N TYR E 392 -5.77 45.63 1.25
CA TYR E 392 -6.96 45.09 0.62
C TYR E 392 -8.14 44.85 1.56
N ARG E 393 -7.97 45.19 2.83
CA ARG E 393 -9.04 45.03 3.81
C ARG E 393 -9.77 46.35 4.01
N THR E 394 -9.02 47.35 4.49
CA THR E 394 -9.60 48.66 4.71
C THR E 394 -9.79 49.39 3.37
N GLY E 395 -8.68 49.74 2.73
CA GLY E 395 -8.74 50.41 1.45
C GLY E 395 -7.63 51.44 1.32
N LYS E 396 -7.10 51.86 2.46
CA LYS E 396 -6.02 52.84 2.50
C LYS E 396 -4.88 52.48 1.54
N ALA E 397 -4.61 53.38 0.58
CA ALA E 397 -3.58 53.15 -0.40
C ALA E 397 -2.71 54.39 -0.60
N GLU E 398 -2.00 54.79 0.45
CA GLU E 398 -1.12 55.96 0.38
C GLU E 398 0.11 55.62 -0.45
N LYS E 399 0.24 56.26 -1.60
CA LYS E 399 1.37 56.01 -2.51
C LYS E 399 2.46 57.04 -2.28
N PHE E 400 3.70 56.59 -2.17
CA PHE E 400 4.82 57.51 -1.95
C PHE E 400 5.20 58.28 -3.22
N GLU E 401 6.10 59.23 -3.06
CA GLU E 401 6.56 60.08 -4.16
C GLU E 401 8.09 60.09 -4.30
N GLU E 402 8.80 59.63 -3.29
CA GLU E 402 10.26 59.58 -3.36
C GLU E 402 10.68 58.63 -4.49
N ASN E 403 11.34 59.18 -5.50
CA ASN E 403 11.77 58.37 -6.64
C ASN E 403 12.84 57.37 -6.25
N LEU E 404 12.76 56.16 -6.81
CA LEU E 404 13.73 55.11 -6.50
C LEU E 404 14.55 54.70 -7.71
N GLY E 405 14.32 55.40 -8.81
CA GLY E 405 15.03 55.07 -10.04
C GLY E 405 14.31 53.93 -10.70
N ASN E 406 15.05 53.04 -11.35
CA ASN E 406 14.45 51.90 -12.02
C ASN E 406 14.55 50.65 -11.16
N VAL E 407 13.47 50.31 -10.47
CA VAL E 407 13.46 49.15 -9.58
C VAL E 407 13.37 47.80 -10.29
N PHE E 408 14.20 46.86 -9.86
CA PHE E 408 14.15 45.52 -10.44
C PHE E 408 13.98 44.39 -9.41
N ALA E 409 14.02 44.76 -8.14
CA ALA E 409 13.84 43.80 -7.07
C ALA E 409 13.27 44.53 -5.87
N MET E 410 12.30 43.92 -5.19
CA MET E 410 11.66 44.54 -4.06
C MET E 410 11.24 43.49 -3.07
N GLY E 411 11.41 43.81 -1.79
CA GLY E 411 11.01 42.88 -0.74
C GLY E 411 10.65 43.62 0.53
N VAL E 412 9.92 42.94 1.41
CA VAL E 412 9.52 43.55 2.68
C VAL E 412 9.85 42.62 3.84
N ASP E 413 10.28 43.19 4.95
CA ASP E 413 10.61 42.36 6.08
C ASP E 413 9.35 41.69 6.60
N ARG E 414 9.53 40.71 7.48
CA ARG E 414 8.40 39.97 8.01
C ARG E 414 7.61 40.75 9.04
N ASN E 415 8.13 41.90 9.44
CA ASN E 415 7.43 42.68 10.42
C ASN E 415 6.93 44.03 9.86
N GLY E 416 6.75 44.06 8.55
CA GLY E 416 6.25 45.25 7.87
C GLY E 416 6.77 46.61 8.30
N LYS E 417 8.03 46.69 8.71
CA LYS E 417 8.63 47.93 9.15
C LYS E 417 9.26 48.63 7.95
N PHE E 418 10.10 47.91 7.21
CA PHE E 418 10.75 48.50 6.05
C PHE E 418 10.72 47.58 4.84
N ALA E 419 11.35 48.04 3.77
CA ALA E 419 11.40 47.27 2.54
C ALA E 419 12.80 47.41 1.94
N VAL E 420 13.19 46.42 1.14
CA VAL E 420 14.49 46.46 0.48
C VAL E 420 14.20 46.60 -1.00
N VAL E 421 14.99 47.45 -1.66
CA VAL E 421 14.82 47.72 -3.09
C VAL E 421 16.16 47.77 -3.83
N ALA E 422 16.16 47.29 -5.08
CA ALA E 422 17.34 47.27 -5.93
C ALA E 422 16.97 48.00 -7.21
N ASN E 423 17.79 48.99 -7.59
CA ASN E 423 17.57 49.78 -8.82
C ASN E 423 18.65 49.50 -9.86
N ASP E 424 18.53 50.13 -11.03
CA ASP E 424 19.49 49.94 -12.11
C ASP E 424 20.71 50.86 -11.94
N ARG E 425 20.82 51.45 -10.76
CA ARG E 425 21.95 52.28 -10.43
C ARG E 425 22.90 51.36 -9.67
N PHE E 426 22.47 50.12 -9.47
CA PHE E 426 23.27 49.11 -8.79
C PHE E 426 23.29 49.35 -7.28
N GLU E 427 22.22 49.95 -6.78
CA GLU E 427 22.12 50.22 -5.35
C GLU E 427 21.11 49.30 -4.67
N ILE E 428 21.36 49.06 -3.38
CA ILE E 428 20.44 48.26 -2.59
C ILE E 428 20.12 49.22 -1.46
N MET E 429 18.83 49.34 -1.15
CA MET E 429 18.40 50.28 -0.12
C MET E 429 17.24 49.82 0.69
N THR E 430 17.05 50.52 1.80
CA THR E 430 15.95 50.25 2.71
C THR E 430 15.00 51.45 2.72
N VAL E 431 13.73 51.20 2.44
CA VAL E 431 12.74 52.26 2.43
C VAL E 431 11.83 52.09 3.65
N ASP E 432 11.72 53.14 4.44
CA ASP E 432 10.87 53.12 5.63
C ASP E 432 9.41 53.00 5.20
N LEU E 433 8.78 51.86 5.42
CA LEU E 433 7.37 51.70 5.01
C LEU E 433 6.39 52.63 5.69
N GLU E 434 6.89 53.47 6.58
CA GLU E 434 6.05 54.41 7.30
C GLU E 434 6.21 55.82 6.72
N THR E 435 7.44 56.32 6.79
CA THR E 435 7.75 57.64 6.26
C THR E 435 7.90 57.66 4.74
N GLY E 436 8.76 56.79 4.23
CA GLY E 436 8.97 56.71 2.80
C GLY E 436 10.41 57.05 2.42
N LYS E 437 11.21 57.35 3.43
CA LYS E 437 12.60 57.71 3.23
C LYS E 437 13.50 56.53 2.87
N PRO E 438 13.95 56.49 1.61
CA PRO E 438 14.84 55.41 1.19
C PRO E 438 16.24 55.71 1.70
N THR E 439 16.97 54.68 2.10
CA THR E 439 18.33 54.85 2.58
C THR E 439 19.22 53.84 1.89
N VAL E 440 20.16 54.36 1.11
CA VAL E 440 21.08 53.52 0.35
C VAL E 440 22.04 52.84 1.29
N ILE E 441 22.15 51.52 1.15
CA ILE E 441 23.03 50.77 2.01
C ILE E 441 24.36 50.59 1.33
N GLU E 442 24.33 50.12 0.09
CA GLU E 442 25.56 49.92 -0.64
C GLU E 442 25.29 49.92 -2.14
N ARG E 443 26.28 50.39 -2.90
CA ARG E 443 26.15 50.48 -4.34
C ARG E 443 27.27 49.74 -5.04
N SER E 444 26.91 48.77 -5.86
CA SER E 444 27.86 47.98 -6.63
C SER E 444 28.16 48.79 -7.90
N ARG E 445 29.31 48.54 -8.52
CA ARG E 445 29.62 49.29 -9.72
C ARG E 445 29.70 48.36 -10.94
N GLU E 446 29.25 47.13 -10.76
CA GLU E 446 29.29 46.19 -11.85
C GLU E 446 27.90 45.76 -12.34
N ALA E 447 27.01 45.41 -11.39
CA ALA E 447 25.66 44.95 -11.74
C ALA E 447 24.67 45.23 -10.62
N MET E 448 23.39 44.94 -10.87
CA MET E 448 22.35 45.16 -9.86
C MET E 448 22.40 44.19 -8.69
N ILE E 449 21.92 44.64 -7.54
CA ILE E 449 21.89 43.81 -6.34
C ILE E 449 20.47 43.31 -6.14
N THR E 450 20.06 42.37 -6.99
CA THR E 450 18.72 41.81 -6.93
C THR E 450 18.53 40.59 -6.02
N ASP E 451 19.62 39.91 -5.66
CA ASP E 451 19.57 38.73 -4.81
C ASP E 451 19.86 39.05 -3.35
N PHE E 452 18.78 39.20 -2.57
CA PHE E 452 18.87 39.51 -1.17
C PHE E 452 17.79 38.88 -0.32
N THR E 453 18.06 38.80 0.97
CA THR E 453 17.11 38.24 1.91
C THR E 453 17.19 38.97 3.26
N ILE E 454 16.10 38.96 3.99
CA ILE E 454 16.04 39.63 5.28
C ILE E 454 15.83 38.59 6.38
N SER E 455 16.56 38.73 7.48
CA SER E 455 16.43 37.80 8.59
C SER E 455 15.04 37.96 9.14
N ASP E 456 14.51 36.87 9.72
CA ASP E 456 13.16 36.91 10.28
C ASP E 456 13.00 37.93 11.41
N ASN E 457 14.08 38.26 12.12
CA ASN E 457 13.97 39.24 13.17
C ASN E 457 14.21 40.68 12.66
N SER E 458 14.26 40.83 11.34
CA SER E 458 14.45 42.13 10.70
C SER E 458 15.75 42.86 11.03
N ARG E 459 16.77 42.13 11.48
CA ARG E 459 18.03 42.79 11.86
C ARG E 459 19.13 42.72 10.83
N PHE E 460 19.18 41.65 10.05
CA PHE E 460 20.23 41.53 9.08
C PHE E 460 19.71 41.50 7.67
N ILE E 461 20.53 41.96 6.74
CA ILE E 461 20.16 41.92 5.32
C ILE E 461 21.32 41.30 4.56
N ALA E 462 21.14 40.06 4.11
CA ALA E 462 22.20 39.37 3.35
C ALA E 462 21.86 39.52 1.89
N TYR E 463 22.86 39.82 1.06
CA TYR E 463 22.67 40.02 -0.37
C TYR E 463 23.93 39.75 -1.19
N GLY E 464 23.72 39.45 -2.48
CA GLY E 464 24.85 39.21 -3.37
C GLY E 464 25.41 40.56 -3.81
N PHE E 465 26.71 40.77 -3.67
CA PHE E 465 27.31 42.05 -4.07
C PHE E 465 28.29 41.81 -5.23
N PRO E 466 27.86 42.11 -6.47
CA PRO E 466 28.76 41.90 -7.61
C PRO E 466 29.98 42.81 -7.60
N LEU E 467 31.16 42.22 -7.80
CA LEU E 467 32.41 42.99 -7.77
C LEU E 467 33.42 42.55 -8.81
N LYS E 468 34.49 43.35 -8.90
CA LYS E 468 35.62 43.11 -9.80
C LYS E 468 36.87 43.60 -9.09
N HIS E 469 38.01 43.04 -9.45
CA HIS E 469 39.26 43.46 -8.85
C HIS E 469 40.05 44.11 -9.99
N GLY E 470 39.41 45.04 -10.67
CA GLY E 470 40.06 45.69 -11.79
C GLY E 470 39.02 46.27 -12.74
N GLU E 471 39.24 47.49 -13.21
CA GLU E 471 38.30 48.13 -14.11
C GLU E 471 38.23 47.52 -15.50
N THR E 472 38.77 46.31 -15.67
CA THR E 472 38.76 45.66 -16.97
C THR E 472 38.76 44.14 -16.88
N ASP E 473 38.47 43.62 -15.69
CA ASP E 473 38.46 42.17 -15.49
C ASP E 473 37.47 41.51 -16.43
N GLY E 474 37.79 40.29 -16.84
CA GLY E 474 36.90 39.56 -17.74
C GLY E 474 35.70 38.94 -17.06
N TYR E 475 35.79 38.74 -15.75
CA TYR E 475 34.69 38.15 -15.00
C TYR E 475 34.26 39.04 -13.84
N VAL E 476 33.04 38.84 -13.37
CA VAL E 476 32.53 39.61 -12.25
C VAL E 476 32.24 38.64 -11.12
N MET E 477 32.87 38.89 -9.97
CA MET E 477 32.68 38.02 -8.84
C MET E 477 31.49 38.49 -8.06
N GLN E 478 31.03 37.66 -7.13
CA GLN E 478 29.90 38.02 -6.26
C GLN E 478 30.12 37.42 -4.88
N ALA E 479 30.11 38.31 -3.90
CA ALA E 479 30.33 37.95 -2.52
C ALA E 479 29.11 38.35 -1.74
N ILE E 480 28.64 37.46 -0.87
CA ILE E 480 27.48 37.79 -0.06
C ILE E 480 27.88 38.84 0.99
N HIS E 481 27.05 39.85 1.16
CA HIS E 481 27.31 40.88 2.15
C HIS E 481 26.19 40.87 3.17
N VAL E 482 26.51 41.15 4.42
CA VAL E 482 25.44 41.19 5.39
C VAL E 482 25.45 42.56 6.04
N TYR E 483 24.27 43.16 6.10
CA TYR E 483 24.08 44.49 6.69
C TYR E 483 23.28 44.36 7.97
N ASP E 484 23.80 44.99 9.01
CA ASP E 484 23.18 44.97 10.33
C ASP E 484 22.40 46.27 10.57
N MET E 485 21.09 46.20 10.82
CA MET E 485 20.29 47.41 11.05
C MET E 485 20.74 48.16 12.32
N GLU E 486 21.33 47.43 13.26
CA GLU E 486 21.83 48.04 14.48
C GLU E 486 23.32 48.25 14.29
N GLY E 487 23.77 49.49 14.45
CA GLY E 487 25.18 49.75 14.28
C GLY E 487 25.38 50.12 12.84
N ARG E 488 24.39 49.79 12.03
CA ARG E 488 24.42 50.09 10.60
C ARG E 488 25.82 49.88 10.00
N LYS E 489 26.23 48.63 9.84
CA LYS E 489 27.52 48.33 9.26
C LYS E 489 27.50 47.08 8.40
N ILE E 490 28.25 47.11 7.31
CA ILE E 490 28.33 46.00 6.38
C ILE E 490 29.46 45.02 6.71
N PHE E 491 29.20 43.72 6.58
CA PHE E 491 30.21 42.67 6.85
C PHE E 491 30.32 41.73 5.65
N ALA E 492 31.50 41.12 5.50
CA ALA E 492 31.73 40.19 4.39
C ALA E 492 31.44 38.78 4.85
N ALA E 493 30.37 38.21 4.33
CA ALA E 493 30.01 36.86 4.68
C ALA E 493 30.87 35.90 3.88
N THR E 494 31.27 36.32 2.70
CA THR E 494 32.03 35.45 1.84
C THR E 494 33.24 36.18 1.23
N THR E 495 34.19 35.42 0.68
CA THR E 495 35.37 35.99 0.05
C THR E 495 35.05 36.37 -1.38
N GLU E 496 35.86 37.20 -2.02
CA GLU E 496 35.53 37.61 -3.38
C GLU E 496 36.25 36.88 -4.50
N ASN E 497 36.23 35.55 -4.45
CA ASN E 497 36.90 34.77 -5.48
C ASN E 497 36.02 33.94 -6.41
N SER E 498 34.71 33.95 -6.22
CA SER E 498 33.87 33.20 -7.13
C SER E 498 32.48 33.83 -7.15
N HIS E 499 31.46 32.98 -7.21
CA HIS E 499 30.08 33.43 -7.27
C HIS E 499 29.29 32.79 -6.11
N ASP E 500 28.94 33.61 -5.11
CA ASP E 500 28.18 33.16 -3.95
C ASP E 500 26.81 33.84 -4.01
N TYR E 501 25.73 33.06 -3.86
CA TYR E 501 24.37 33.62 -3.97
C TYR E 501 23.30 32.92 -3.12
N ALA E 502 22.05 33.30 -3.42
CA ALA E 502 20.88 32.76 -2.77
C ALA E 502 20.95 32.77 -1.24
N PRO E 503 21.46 33.85 -0.65
CA PRO E 503 21.52 33.89 0.81
C PRO E 503 20.14 33.63 1.44
N ALA E 504 20.11 33.05 2.62
CA ALA E 504 18.85 32.77 3.30
C ALA E 504 19.09 32.48 4.79
N PHE E 505 18.30 33.10 5.66
CA PHE E 505 18.47 32.91 7.12
C PHE E 505 17.52 31.82 7.60
N ASP E 506 17.84 31.26 8.76
CA ASP E 506 16.97 30.23 9.32
C ASP E 506 15.95 30.95 10.16
N ALA E 507 14.85 30.27 10.46
CA ALA E 507 13.77 30.86 11.25
C ALA E 507 14.26 31.65 12.48
N ASP E 508 15.01 30.99 13.37
CA ASP E 508 15.51 31.63 14.58
C ASP E 508 16.56 32.70 14.29
N SER E 509 16.94 32.82 13.03
CA SER E 509 17.94 33.81 12.62
C SER E 509 19.25 33.59 13.40
N LYS E 510 19.78 32.37 13.33
CA LYS E 510 21.01 32.04 14.03
C LYS E 510 22.15 31.72 13.05
N ASN E 511 21.80 31.21 11.88
CA ASN E 511 22.79 30.91 10.86
C ASN E 511 22.35 31.41 9.51
N LEU E 512 23.31 31.77 8.66
CA LEU E 512 23.02 32.23 7.32
C LEU E 512 23.40 31.12 6.34
N TYR E 513 22.48 30.77 5.44
CA TYR E 513 22.73 29.76 4.44
C TYR E 513 22.81 30.43 3.07
N TYR E 514 23.59 29.83 2.18
CA TYR E 514 23.72 30.38 0.83
C TYR E 514 24.37 29.32 -0.06
N LEU E 515 24.37 29.56 -1.37
CA LEU E 515 24.96 28.63 -2.34
C LEU E 515 26.17 29.29 -3.02
N SER E 516 27.02 28.49 -3.64
CA SER E 516 28.19 29.01 -4.35
C SER E 516 28.72 28.03 -5.40
N TYR E 517 29.32 28.56 -6.45
CA TYR E 517 29.88 27.73 -7.51
C TYR E 517 31.36 27.54 -7.21
N ARG E 518 31.67 27.05 -6.03
CA ARG E 518 33.06 26.89 -5.70
C ARG E 518 33.56 25.47 -5.74
N SER E 519 32.66 24.51 -5.81
CA SER E 519 33.08 23.12 -5.81
C SER E 519 33.59 22.61 -7.15
N LEU E 520 34.60 23.30 -7.66
CA LEU E 520 35.18 22.97 -8.95
C LEU E 520 35.52 21.52 -9.13
N ASP E 521 35.10 21.02 -10.28
CA ASP E 521 35.36 19.66 -10.69
C ASP E 521 34.91 19.60 -12.15
N PRO E 522 35.84 19.36 -13.07
CA PRO E 522 35.53 19.29 -14.50
C PRO E 522 34.67 18.13 -15.00
N SER E 523 33.79 18.40 -15.96
CA SER E 523 32.99 17.35 -16.57
C SER E 523 33.46 17.29 -18.04
N PRO E 524 33.69 16.08 -18.54
CA PRO E 524 34.14 15.86 -19.91
C PRO E 524 33.07 16.16 -20.95
N ASP E 525 33.50 16.64 -22.12
CA ASP E 525 32.65 16.94 -23.26
C ASP E 525 32.62 15.64 -24.10
N ARG E 526 31.44 15.21 -24.54
CA ARG E 526 31.39 13.96 -25.27
C ARG E 526 31.75 14.05 -26.76
N VAL E 527 31.95 15.26 -27.28
CA VAL E 527 32.26 15.44 -28.69
C VAL E 527 33.60 16.10 -28.94
N VAL E 528 33.77 17.27 -28.34
CA VAL E 528 34.97 18.06 -28.52
C VAL E 528 35.88 17.93 -27.33
N LEU E 529 37.19 17.78 -27.56
CA LEU E 529 38.14 17.66 -26.47
C LEU E 529 38.06 18.91 -25.60
N ASN E 530 37.24 18.85 -24.57
CA ASN E 530 37.06 20.02 -23.72
C ASN E 530 36.42 19.60 -22.40
N PHE E 531 36.50 20.46 -21.39
CA PHE E 531 35.90 20.16 -20.11
C PHE E 531 35.19 21.39 -19.61
N SER E 532 34.08 21.19 -18.90
CA SER E 532 33.29 22.32 -18.40
C SER E 532 32.84 22.14 -16.96
N PHE E 533 32.60 23.23 -16.25
CA PHE E 533 32.09 23.11 -14.87
C PHE E 533 30.57 23.03 -14.91
N GLU E 534 30.09 21.79 -14.90
CA GLU E 534 28.68 21.46 -14.95
C GLU E 534 28.01 21.43 -13.58
N VAL E 535 28.50 20.57 -12.70
CA VAL E 535 27.93 20.46 -11.35
C VAL E 535 28.94 20.84 -10.29
N VAL E 536 29.08 22.13 -10.07
CA VAL E 536 30.03 22.65 -9.09
C VAL E 536 29.35 23.51 -8.03
N SER E 537 28.04 23.31 -7.87
CA SER E 537 27.27 24.07 -6.90
C SER E 537 27.11 23.29 -5.61
N LYS E 538 27.20 24.01 -4.50
CA LYS E 538 27.08 23.35 -3.23
C LYS E 538 26.66 24.38 -2.18
N PRO E 539 25.89 23.93 -1.17
CA PRO E 539 25.43 24.83 -0.10
C PRO E 539 26.43 24.94 1.06
N PHE E 540 26.40 26.10 1.72
CA PHE E 540 27.30 26.38 2.83
C PHE E 540 26.48 27.08 3.90
N VAL E 541 27.04 27.22 5.09
CA VAL E 541 26.35 27.87 6.18
C VAL E 541 27.33 28.66 7.03
N ILE E 542 26.82 29.67 7.73
CA ILE E 542 27.66 30.53 8.58
C ILE E 542 26.89 30.92 9.82
N PRO E 543 27.26 30.34 10.98
CA PRO E 543 26.57 30.67 12.23
C PRO E 543 26.95 32.09 12.60
N LEU E 544 25.94 32.89 12.92
CA LEU E 544 26.11 34.31 13.29
C LEU E 544 26.71 34.48 14.69
N ILE E 545 26.83 33.37 15.43
CA ILE E 545 27.39 33.36 16.76
C ILE E 545 28.64 32.50 16.83
N PRO E 546 29.82 33.15 16.85
CA PRO E 546 31.11 32.45 16.90
C PRO E 546 31.08 31.38 17.98
N GLY E 547 31.64 30.22 17.67
CA GLY E 547 31.70 29.14 18.63
C GLY E 547 30.68 28.07 18.34
N SER E 548 29.58 28.49 17.74
CA SER E 548 28.52 27.54 17.40
C SER E 548 28.93 26.79 16.15
N PRO E 549 28.76 25.46 16.16
CA PRO E 549 29.13 24.63 15.01
C PRO E 549 28.10 24.62 13.90
N ASN E 550 28.43 23.90 12.83
CA ASN E 550 27.56 23.76 11.69
C ASN E 550 26.35 22.99 12.16
N PRO E 551 25.20 23.63 12.17
CA PRO E 551 24.01 22.91 12.63
C PRO E 551 23.77 21.57 11.93
N THR E 552 24.16 21.45 10.68
CA THR E 552 23.91 20.18 9.98
C THR E 552 24.88 19.09 10.39
N LYS E 553 25.93 19.46 11.10
CA LYS E 553 26.89 18.47 11.54
C LYS E 553 26.41 17.64 12.71
N LEU E 554 25.23 17.96 13.21
CA LEU E 554 24.64 17.20 14.33
C LEU E 554 25.62 16.98 15.49
N VAL E 555 26.24 18.06 15.94
CA VAL E 555 27.17 17.99 17.06
C VAL E 555 26.38 18.03 18.37
N PRO E 556 26.39 16.92 19.13
CA PRO E 556 25.67 16.82 20.40
C PRO E 556 25.76 18.10 21.23
N ARG E 557 24.60 18.59 21.68
CA ARG E 557 24.55 19.81 22.48
C ARG E 557 25.39 19.70 23.74
N SER E 558 25.41 18.52 24.37
CA SER E 558 26.18 18.31 25.58
C SER E 558 27.67 18.46 25.35
N MET E 559 28.08 18.41 24.09
CA MET E 559 29.48 18.51 23.72
C MET E 559 29.88 19.84 23.09
N THR E 560 28.95 20.81 23.11
CA THR E 560 29.21 22.14 22.58
C THR E 560 28.72 23.16 23.59
N SER E 561 29.15 24.40 23.40
CA SER E 561 28.74 25.46 24.30
C SER E 561 28.34 26.69 23.52
N GLU E 562 27.24 26.60 22.77
CA GLU E 562 26.77 27.74 21.97
C GLU E 562 26.28 28.87 22.87
N ALA E 563 25.18 29.49 22.48
CA ALA E 563 24.61 30.58 23.24
C ALA E 563 25.61 31.71 23.53
N GLY E 564 26.43 32.05 22.54
CA GLY E 564 27.37 33.14 22.70
C GLY E 564 26.62 34.42 22.43
N GLU E 565 27.02 35.16 21.40
CA GLU E 565 26.36 36.41 21.06
C GLU E 565 26.71 36.81 19.62
N TYR E 566 25.80 37.47 18.92
CA TYR E 566 26.06 37.87 17.55
C TYR E 566 27.44 38.52 17.41
N ASP E 567 28.17 38.13 16.37
CA ASP E 567 29.49 38.69 16.08
C ASP E 567 29.73 38.37 14.61
N LEU E 568 29.45 39.32 13.72
CA LEU E 568 29.62 39.08 12.29
C LEU E 568 31.03 39.31 11.75
N ASN E 569 31.99 39.62 12.61
CA ASN E 569 33.38 39.85 12.17
C ASN E 569 34.10 38.60 11.70
N ASP E 570 34.71 38.68 10.53
CA ASP E 570 35.43 37.55 9.98
C ASP E 570 34.58 36.32 10.02
N MET E 571 33.29 36.48 9.75
CA MET E 571 32.39 35.34 9.75
C MET E 571 32.68 34.45 8.54
N TYR E 572 33.27 35.01 7.50
CA TYR E 572 33.59 34.21 6.33
C TYR E 572 34.64 33.15 6.68
N LYS E 573 35.25 33.25 7.86
CA LYS E 573 36.23 32.26 8.29
C LYS E 573 35.57 31.04 8.94
N ARG E 574 34.42 31.28 9.57
CA ARG E 574 33.67 30.23 10.25
C ARG E 574 32.80 29.46 9.26
N SER E 575 32.80 29.89 8.00
CA SER E 575 31.96 29.26 6.99
C SER E 575 32.24 27.77 6.93
N SER E 576 31.19 27.01 6.61
CA SER E 576 31.26 25.55 6.51
C SER E 576 30.23 25.04 5.49
N PRO E 577 30.58 23.99 4.73
CA PRO E 577 29.65 23.47 3.73
C PRO E 577 28.65 22.49 4.34
N ILE E 578 27.63 22.14 3.59
CA ILE E 578 26.72 21.15 4.11
C ILE E 578 26.88 19.97 3.15
N ASN E 579 27.04 18.80 3.74
CA ASN E 579 27.28 17.53 3.05
C ASN E 579 26.21 17.11 2.07
N VAL E 580 26.21 17.74 0.90
CA VAL E 580 25.25 17.46 -0.16
C VAL E 580 25.97 17.40 -1.49
N ASP E 581 25.78 16.33 -2.25
CA ASP E 581 26.45 16.19 -3.55
C ASP E 581 26.39 17.46 -4.42
N PRO E 582 27.49 17.78 -5.10
CA PRO E 582 27.57 18.95 -5.98
C PRO E 582 26.61 18.82 -7.15
N GLY E 583 26.05 19.96 -7.56
CA GLY E 583 25.12 19.97 -8.67
C GLY E 583 24.89 21.40 -9.14
N ASP E 584 23.66 21.69 -9.58
CA ASP E 584 23.27 23.03 -10.06
C ASP E 584 22.04 23.55 -9.30
N TYR E 585 22.31 24.12 -8.12
CA TYR E 585 21.31 24.66 -7.22
C TYR E 585 20.99 26.14 -7.41
N ARG E 586 19.72 26.51 -7.24
CA ARG E 586 19.32 27.91 -7.42
C ARG E 586 18.71 28.49 -6.17
N MET E 587 18.38 27.66 -5.19
CA MET E 587 17.80 28.15 -3.94
C MET E 587 18.00 27.15 -2.82
N ILE E 588 18.12 27.69 -1.63
CA ILE E 588 18.28 26.86 -0.45
C ILE E 588 17.38 27.42 0.63
N ILE E 589 16.54 26.55 1.20
CA ILE E 589 15.60 26.95 2.25
C ILE E 589 15.79 26.10 3.50
N PRO E 590 16.31 26.73 4.56
CA PRO E 590 16.55 26.03 5.82
C PRO E 590 15.26 25.86 6.61
N LEU E 591 14.97 24.61 6.97
CA LEU E 591 13.79 24.29 7.76
C LEU E 591 14.20 23.72 9.11
N GLU E 592 13.21 23.33 9.91
CA GLU E 592 13.49 22.79 11.25
C GLU E 592 14.50 21.65 11.30
N SER E 593 14.19 20.55 10.62
CA SER E 593 15.10 19.41 10.62
C SER E 593 15.43 18.92 9.20
N SER E 594 15.23 19.81 8.24
CA SER E 594 15.51 19.49 6.86
C SER E 594 15.84 20.78 6.14
N ILE E 595 16.28 20.66 4.89
CA ILE E 595 16.62 21.79 4.05
C ILE E 595 16.09 21.55 2.64
N LEU E 596 15.40 22.51 2.08
CA LEU E 596 14.88 22.34 0.74
C LEU E 596 15.86 22.94 -0.24
N ILE E 597 16.12 22.23 -1.34
CA ILE E 597 17.03 22.72 -2.36
C ILE E 597 16.44 22.61 -3.74
N TYR E 598 16.59 23.67 -4.53
CA TYR E 598 16.08 23.72 -5.91
C TYR E 598 17.21 23.32 -6.87
N SER E 599 17.05 22.17 -7.49
CA SER E 599 18.04 21.63 -8.40
C SER E 599 17.66 21.76 -9.86
N VAL E 600 18.66 21.97 -10.71
CA VAL E 600 18.41 22.11 -12.14
C VAL E 600 19.32 21.17 -12.89
N PRO E 601 18.79 20.01 -13.29
CA PRO E 601 19.56 19.01 -14.04
C PRO E 601 20.19 19.63 -15.30
N VAL E 602 21.41 19.23 -15.59
CA VAL E 602 22.14 19.73 -16.75
C VAL E 602 21.28 19.48 -18.00
N HIS E 603 21.35 20.43 -18.92
CA HIS E 603 20.58 20.35 -20.15
C HIS E 603 21.16 21.31 -21.17
N GLY E 604 20.78 21.15 -22.44
CA GLY E 604 21.26 22.03 -23.50
C GLY E 604 20.64 23.41 -23.36
N GLU E 605 21.13 24.37 -24.14
CA GLU E 605 20.60 25.70 -24.06
C GLU E 605 20.01 26.20 -25.35
N PHE E 606 19.88 25.32 -26.32
CA PHE E 606 19.32 25.73 -27.58
C PHE E 606 17.93 26.32 -27.40
N ALA E 607 16.99 25.51 -26.93
CA ALA E 607 15.62 25.98 -26.74
C ALA E 607 15.51 27.29 -25.93
N ALA E 608 16.34 27.39 -24.89
CA ALA E 608 16.34 28.58 -24.04
C ALA E 608 16.87 29.81 -24.76
N TYR E 609 17.86 29.60 -25.62
CA TYR E 609 18.49 30.69 -26.36
C TYR E 609 17.64 31.22 -27.51
N TYR E 610 16.98 30.33 -28.25
CA TYR E 610 16.16 30.80 -29.37
C TYR E 610 14.67 30.91 -29.07
N GLN E 611 14.13 29.93 -28.34
CA GLN E 611 12.72 29.92 -28.00
C GLN E 611 12.43 30.51 -26.62
N GLY E 612 13.47 30.98 -25.92
CA GLY E 612 13.27 31.54 -24.60
C GLY E 612 12.64 30.54 -23.65
N ALA E 613 12.64 29.27 -24.05
CA ALA E 613 12.08 28.18 -23.24
C ALA E 613 12.60 28.22 -21.80
N PRO E 614 11.69 28.15 -20.80
CA PRO E 614 12.03 28.18 -19.39
C PRO E 614 12.89 26.98 -19.02
N GLU E 615 13.67 27.15 -17.96
CA GLU E 615 14.57 26.13 -17.48
C GLU E 615 13.80 25.18 -16.56
N LYS E 616 14.13 23.88 -16.58
CA LYS E 616 13.44 22.89 -15.72
C LYS E 616 14.19 22.49 -14.44
N GLY E 617 13.52 22.67 -13.30
CA GLY E 617 14.10 22.34 -12.02
C GLY E 617 13.28 21.34 -11.25
N VAL E 618 13.71 21.03 -10.02
CA VAL E 618 13.00 20.07 -9.20
C VAL E 618 13.32 20.38 -7.73
N LEU E 619 12.28 20.37 -6.90
CA LEU E 619 12.43 20.69 -5.48
C LEU E 619 12.91 19.47 -4.74
N LEU E 620 14.09 19.57 -4.11
CA LEU E 620 14.67 18.46 -3.36
C LEU E 620 14.66 18.72 -1.86
N LYS E 621 14.63 17.63 -1.09
CA LYS E 621 14.64 17.74 0.35
C LYS E 621 15.78 16.93 0.96
N TYR E 622 16.50 17.56 1.88
CA TYR E 622 17.61 16.93 2.57
C TYR E 622 17.30 16.88 4.06
N ASP E 623 17.20 15.68 4.60
CA ASP E 623 16.92 15.49 6.02
C ASP E 623 18.24 15.52 6.77
N VAL E 624 18.42 16.50 7.64
CA VAL E 624 19.67 16.62 8.39
C VAL E 624 20.04 15.37 9.18
N LYS E 625 19.05 14.74 9.79
CA LYS E 625 19.26 13.53 10.57
C LYS E 625 19.70 12.35 9.72
N THR E 626 18.85 11.96 8.77
CA THR E 626 19.13 10.82 7.89
C THR E 626 20.15 11.11 6.78
N ARG E 627 20.42 12.39 6.54
CA ARG E 627 21.36 12.82 5.49
C ARG E 627 20.95 12.25 4.13
N LYS E 628 19.68 11.88 4.00
CA LYS E 628 19.18 11.33 2.75
C LYS E 628 18.40 12.39 1.99
N VAL E 629 18.44 12.32 0.68
CA VAL E 629 17.75 13.27 -0.17
C VAL E 629 16.53 12.63 -0.84
N THR E 630 15.53 13.46 -1.14
CA THR E 630 14.33 12.97 -1.78
C THR E 630 13.77 14.05 -2.68
N GLU E 631 12.79 13.67 -3.49
CA GLU E 631 12.16 14.60 -4.40
C GLU E 631 10.81 15.05 -3.83
N VAL E 632 10.59 16.35 -3.79
CA VAL E 632 9.35 16.89 -3.29
C VAL E 632 8.41 17.26 -4.44
N LYS E 633 8.95 17.81 -5.52
CA LYS E 633 8.12 18.22 -6.63
C LYS E 633 8.98 18.36 -7.87
N ASN E 634 8.50 17.88 -9.01
CA ASN E 634 9.31 17.99 -10.22
C ASN E 634 8.64 18.87 -11.28
N ASN E 635 9.21 18.89 -12.47
CA ASN E 635 8.68 19.69 -13.55
C ASN E 635 8.42 21.13 -13.18
N LEU E 636 9.20 21.65 -12.26
CA LEU E 636 9.07 23.03 -11.85
C LEU E 636 9.88 23.95 -12.78
N THR E 637 9.34 25.13 -13.10
CA THR E 637 10.09 26.07 -13.93
C THR E 637 10.27 27.36 -13.15
N ASP E 638 9.71 27.39 -11.94
CA ASP E 638 9.80 28.57 -11.09
C ASP E 638 9.16 28.26 -9.72
N LEU E 639 9.68 28.88 -8.68
CA LEU E 639 9.17 28.63 -7.35
C LEU E 639 9.23 29.87 -6.45
N ARG E 640 8.24 30.02 -5.59
CA ARG E 640 8.20 31.12 -4.66
C ARG E 640 7.84 30.50 -3.31
N LEU E 641 8.26 31.14 -2.23
CA LEU E 641 7.93 30.62 -0.91
C LEU E 641 7.42 31.72 -0.01
N SER E 642 6.39 31.37 0.76
CA SER E 642 5.76 32.27 1.71
C SER E 642 6.76 32.85 2.69
N ALA E 643 6.32 33.86 3.44
CA ALA E 643 7.19 34.48 4.43
C ALA E 643 7.23 33.58 5.65
N ASP E 644 6.14 32.82 5.88
CA ASP E 644 6.03 31.91 7.01
C ASP E 644 6.66 30.55 6.70
N ARG E 645 7.15 30.39 5.48
CA ARG E 645 7.78 29.14 5.05
C ARG E 645 6.81 27.94 5.10
N LYS E 646 5.51 28.23 5.11
CA LYS E 646 4.53 27.15 5.18
C LYS E 646 3.81 26.93 3.86
N THR E 647 3.79 27.96 3.01
CA THR E 647 3.11 27.86 1.73
C THR E 647 4.08 27.93 0.55
N VAL E 648 3.92 27.03 -0.41
CA VAL E 648 4.78 27.03 -1.57
C VAL E 648 3.95 27.31 -2.82
N MET E 649 4.47 28.18 -3.67
CA MET E 649 3.81 28.53 -4.92
C MET E 649 4.82 28.20 -6.01
N VAL E 650 4.38 27.53 -7.06
CA VAL E 650 5.30 27.17 -8.14
C VAL E 650 4.64 27.12 -9.50
N ARG E 651 5.45 27.18 -10.55
CA ARG E 651 4.95 27.09 -11.90
C ARG E 651 5.62 25.87 -12.52
N LYS E 652 4.85 25.04 -13.22
CA LYS E 652 5.42 23.86 -13.82
C LYS E 652 5.65 24.04 -15.31
N ASP E 653 6.35 23.07 -15.91
CA ASP E 653 6.65 23.12 -17.34
C ASP E 653 5.43 23.17 -18.24
N ASP E 654 4.24 23.11 -17.63
CA ASP E 654 3.00 23.15 -18.38
C ASP E 654 2.44 24.57 -18.33
N GLY E 655 3.22 25.49 -17.77
CA GLY E 655 2.79 26.87 -17.70
C GLY E 655 1.83 27.22 -16.59
N LYS E 656 1.11 26.23 -16.05
CA LYS E 656 0.17 26.51 -14.96
C LYS E 656 0.88 26.79 -13.64
N ILE E 657 0.16 27.43 -12.73
CA ILE E 657 0.71 27.77 -11.42
C ILE E 657 -0.01 26.93 -10.39
N TYR E 658 0.74 26.39 -9.42
CA TYR E 658 0.14 25.59 -8.38
C TYR E 658 0.55 26.07 -7.04
N THR E 659 -0.12 25.57 -6.01
CA THR E 659 0.19 25.97 -4.66
C THR E 659 -0.06 24.78 -3.72
N PHE E 660 0.87 24.54 -2.81
CA PHE E 660 0.74 23.43 -1.87
C PHE E 660 1.45 23.71 -0.56
N PRO E 661 0.96 23.14 0.54
CA PRO E 661 1.57 23.32 1.86
C PRO E 661 2.88 22.57 1.87
N LEU E 662 3.90 23.18 2.45
CA LEU E 662 5.21 22.54 2.52
C LEU E 662 5.14 21.22 3.32
N GLU E 663 4.30 21.20 4.35
CA GLU E 663 4.13 20.02 5.20
C GLU E 663 3.43 18.88 4.44
N LYS E 664 2.46 19.22 3.58
CA LYS E 664 1.75 18.23 2.81
C LYS E 664 1.80 18.60 1.32
N PRO E 665 2.99 18.51 0.71
CA PRO E 665 3.20 18.83 -0.70
C PRO E 665 2.36 18.04 -1.67
N GLU E 666 1.69 17.01 -1.17
CA GLU E 666 0.85 16.19 -2.02
C GLU E 666 -0.47 16.91 -2.27
N ASP E 667 -0.80 17.86 -1.39
CA ASP E 667 -2.05 18.63 -1.50
C ASP E 667 -1.90 19.96 -2.24
N GLU E 668 -1.69 19.91 -3.55
CA GLU E 668 -1.56 21.15 -4.31
C GLU E 668 -2.86 21.45 -5.08
N ARG E 669 -3.15 22.74 -5.26
CA ARG E 669 -4.32 23.17 -6.01
C ARG E 669 -3.78 24.00 -7.14
N THR E 670 -4.61 24.21 -8.16
CA THR E 670 -4.23 25.01 -9.31
C THR E 670 -4.69 26.45 -9.10
N VAL E 671 -3.80 27.39 -9.34
CA VAL E 671 -4.16 28.79 -9.17
C VAL E 671 -4.82 29.33 -10.43
N GLU E 672 -6.13 29.54 -10.37
CA GLU E 672 -6.82 30.07 -11.53
C GLU E 672 -6.94 31.59 -11.50
N THR E 673 -6.81 32.23 -12.66
CA THR E 673 -6.88 33.69 -12.72
C THR E 673 -7.75 34.19 -13.85
N ASP E 674 -8.07 33.30 -14.79
CA ASP E 674 -8.88 33.67 -15.95
C ASP E 674 -10.39 33.72 -15.69
N LYS E 675 -10.77 33.81 -14.42
CA LYS E 675 -12.19 33.87 -14.08
C LYS E 675 -12.71 35.29 -14.36
N ARG E 676 -11.99 36.28 -13.85
CA ARG E 676 -12.36 37.69 -14.03
C ARG E 676 -11.64 38.32 -15.22
N PRO E 677 -12.39 38.86 -16.20
CA PRO E 677 -11.79 39.48 -17.38
C PRO E 677 -10.89 40.66 -17.00
N LEU E 678 -9.77 40.80 -17.70
CA LEU E 678 -8.84 41.89 -17.46
C LEU E 678 -9.36 43.08 -18.29
N VAL E 679 -9.57 44.24 -17.67
CA VAL E 679 -10.10 45.40 -18.40
C VAL E 679 -9.15 46.60 -18.55
N SER E 680 -9.08 47.14 -19.77
CA SER E 680 -8.21 48.28 -20.02
C SER E 680 -8.68 49.15 -21.19
N SER E 681 -7.99 50.28 -21.38
CA SER E 681 -8.26 51.24 -22.44
C SER E 681 -7.09 51.31 -23.44
N ILE E 682 -7.36 51.07 -24.72
CA ILE E 682 -6.31 51.09 -25.73
C ILE E 682 -5.53 52.41 -25.71
N HIS E 683 -6.21 53.55 -25.71
CA HIS E 683 -5.47 54.82 -25.72
C HIS E 683 -4.69 55.12 -24.45
N GLU E 684 -5.14 54.60 -23.31
CA GLU E 684 -4.39 54.86 -22.10
C GLU E 684 -3.13 53.97 -22.09
N GLU E 685 -3.29 52.72 -22.54
CA GLU E 685 -2.18 51.75 -22.60
C GLU E 685 -1.16 52.14 -23.65
N PHE E 686 -1.64 52.52 -24.84
CA PHE E 686 -0.75 52.92 -25.94
C PHE E 686 0.18 54.06 -25.53
N LEU E 687 -0.34 55.03 -24.79
CA LEU E 687 0.45 56.16 -24.32
C LEU E 687 1.48 55.65 -23.32
N GLN E 688 1.02 54.81 -22.41
CA GLN E 688 1.88 54.25 -21.37
C GLN E 688 3.02 53.50 -22.00
N MET E 689 2.69 52.65 -22.98
CA MET E 689 3.68 51.84 -23.71
C MET E 689 4.69 52.67 -24.50
N TYR E 690 4.22 53.76 -25.10
CA TYR E 690 5.08 54.63 -25.87
C TYR E 690 6.11 55.25 -24.94
N ASP E 691 5.61 55.89 -23.88
CA ASP E 691 6.51 56.52 -22.92
C ASP E 691 7.56 55.56 -22.37
N GLU E 692 7.16 54.31 -22.11
CA GLU E 692 8.11 53.33 -21.55
C GLU E 692 9.17 53.00 -22.59
N ALA E 693 8.71 52.74 -23.82
CA ALA E 693 9.61 52.40 -24.93
C ALA E 693 10.55 53.57 -25.14
N TRP E 694 10.01 54.78 -25.02
CA TRP E 694 10.80 56.00 -25.20
C TRP E 694 11.82 56.13 -24.05
N LYS E 695 11.45 55.68 -22.85
CA LYS E 695 12.34 55.81 -21.69
C LYS E 695 13.45 54.78 -21.69
N LEU E 696 13.10 53.54 -21.99
CA LEU E 696 14.11 52.48 -22.05
C LEU E 696 15.13 52.85 -23.11
N ALA E 697 14.64 53.23 -24.29
CA ALA E 697 15.52 53.60 -25.38
C ALA E 697 16.52 54.64 -24.89
N ARG E 698 16.05 55.58 -24.07
CA ARG E 698 16.92 56.63 -23.57
C ARG E 698 17.84 56.17 -22.45
N ASP E 699 17.26 55.48 -21.50
CA ASP E 699 17.99 55.00 -20.35
C ASP E 699 19.01 53.90 -20.65
N ASN E 700 18.83 53.16 -21.74
CA ASN E 700 19.76 52.09 -22.06
C ASN E 700 20.74 52.34 -23.20
N TYR E 701 20.60 53.45 -23.92
CA TYR E 701 21.52 53.74 -25.01
C TYR E 701 22.93 53.70 -24.44
N TRP E 702 23.85 53.07 -25.15
CA TRP E 702 25.23 52.95 -24.67
C TRP E 702 25.85 54.29 -24.29
N ASN E 703 25.59 55.31 -25.10
CA ASN E 703 26.15 56.62 -24.81
C ASN E 703 25.12 57.56 -24.18
N GLU E 704 25.31 57.82 -22.89
CA GLU E 704 24.40 58.67 -22.15
C GLU E 704 24.24 60.06 -22.79
N ALA E 705 25.35 60.65 -23.22
CA ALA E 705 25.30 61.98 -23.84
C ALA E 705 24.32 62.02 -25.03
N VAL E 706 24.62 61.21 -26.05
CA VAL E 706 23.79 61.11 -27.25
C VAL E 706 22.33 60.85 -26.88
N ALA E 707 22.14 60.12 -25.79
CA ALA E 707 20.81 59.78 -25.31
C ALA E 707 20.01 61.00 -24.89
N LYS E 708 20.60 61.84 -24.03
CA LYS E 708 19.93 63.05 -23.57
C LYS E 708 19.44 63.92 -24.73
N GLU E 709 20.20 63.97 -25.82
CA GLU E 709 19.86 64.79 -26.99
C GLU E 709 18.82 64.14 -27.89
N ILE E 710 19.08 62.91 -28.33
CA ILE E 710 18.15 62.23 -29.21
C ILE E 710 16.76 62.10 -28.57
N SER E 711 16.73 61.63 -27.35
CA SER E 711 15.46 61.47 -26.66
C SER E 711 14.68 62.80 -26.66
N GLU E 712 15.25 63.83 -26.04
CA GLU E 712 14.59 65.11 -25.96
C GLU E 712 14.17 65.72 -27.30
N ARG E 713 14.81 65.29 -28.37
CA ARG E 713 14.51 65.82 -29.70
C ARG E 713 13.47 65.02 -30.49
N ILE E 714 13.20 63.79 -30.06
CA ILE E 714 12.23 62.95 -30.80
C ILE E 714 10.95 62.63 -30.02
N TYR E 715 10.95 62.90 -28.72
CA TYR E 715 9.78 62.61 -27.90
C TYR E 715 8.44 63.10 -28.47
N GLU E 716 8.13 64.39 -28.28
CA GLU E 716 6.87 64.99 -28.75
C GLU E 716 6.52 64.59 -30.19
N LYS E 717 7.50 64.70 -31.11
CA LYS E 717 7.28 64.39 -32.52
C LYS E 717 6.55 63.07 -32.74
N TYR E 718 6.98 62.04 -32.01
CA TYR E 718 6.37 60.74 -32.15
C TYR E 718 5.23 60.48 -31.19
N ARG E 719 5.15 61.27 -30.13
CA ARG E 719 4.08 61.09 -29.17
C ARG E 719 2.75 61.51 -29.78
N ASN E 720 2.78 62.50 -30.68
CA ASN E 720 1.57 63.01 -31.32
C ASN E 720 0.92 62.01 -32.29
N LEU E 721 1.62 60.92 -32.59
CA LEU E 721 1.06 59.92 -33.49
C LEU E 721 0.31 58.83 -32.71
N VAL E 722 0.67 58.64 -31.44
CA VAL E 722 0.07 57.61 -30.59
C VAL E 722 -1.48 57.67 -30.62
N PRO E 723 -2.07 58.88 -30.44
CA PRO E 723 -3.52 59.01 -30.46
C PRO E 723 -4.18 58.63 -31.81
N LEU E 724 -3.38 58.48 -32.86
CA LEU E 724 -3.93 58.08 -34.15
C LEU E 724 -3.92 56.57 -34.26
N CYS E 725 -3.20 55.93 -33.34
CA CYS E 725 -3.08 54.47 -33.32
C CYS E 725 -4.28 53.78 -32.69
N LYS E 726 -4.74 52.75 -33.36
CA LYS E 726 -5.90 51.99 -32.90
C LYS E 726 -5.55 50.52 -32.67
N THR E 727 -4.46 50.07 -33.30
CA THR E 727 -4.06 48.69 -33.17
C THR E 727 -2.61 48.57 -32.72
N ARG E 728 -2.26 47.42 -32.14
CA ARG E 728 -0.88 47.21 -31.68
C ARG E 728 0.10 47.46 -32.84
N TYR E 729 -0.34 47.20 -34.06
CA TYR E 729 0.49 47.39 -35.23
C TYR E 729 0.70 48.87 -35.48
N ASP E 730 -0.32 49.68 -35.20
CA ASP E 730 -0.18 51.15 -35.38
C ASP E 730 0.91 51.65 -34.43
N LEU E 731 0.86 51.18 -33.18
CA LEU E 731 1.82 51.57 -32.15
C LEU E 731 3.21 51.17 -32.56
N SER E 732 3.31 49.98 -33.15
CA SER E 732 4.60 49.48 -33.58
C SER E 732 5.23 50.45 -34.55
N ASN E 733 4.46 50.88 -35.55
CA ASN E 733 4.98 51.82 -36.55
C ASN E 733 5.56 53.05 -35.89
N VAL E 734 4.81 53.65 -34.97
CA VAL E 734 5.29 54.84 -34.27
C VAL E 734 6.57 54.51 -33.47
N ILE E 735 6.48 53.51 -32.58
CA ILE E 735 7.62 53.11 -31.76
C ILE E 735 8.89 52.79 -32.54
N VAL E 736 8.77 51.95 -33.58
CA VAL E 736 9.96 51.60 -34.35
C VAL E 736 10.61 52.83 -34.98
N GLU E 737 9.79 53.72 -35.55
CA GLU E 737 10.30 54.93 -36.17
C GLU E 737 11.04 55.77 -35.15
N MET E 738 10.55 55.77 -33.91
CA MET E 738 11.21 56.57 -32.89
C MET E 738 12.49 55.86 -32.43
N GLN E 739 12.52 54.53 -32.53
CA GLN E 739 13.74 53.81 -32.14
C GLN E 739 14.82 54.09 -33.18
N GLY E 740 14.39 54.25 -34.45
CA GLY E 740 15.32 54.48 -35.53
C GLY E 740 16.01 55.80 -35.35
N GLU E 741 15.41 56.67 -34.55
CA GLU E 741 16.00 57.97 -34.29
C GLU E 741 17.37 57.92 -33.58
N TYR E 742 17.76 56.74 -33.08
CA TYR E 742 19.05 56.60 -32.41
C TYR E 742 20.12 56.21 -33.42
N ARG E 743 19.71 56.06 -34.67
CA ARG E 743 20.62 55.75 -35.76
C ARG E 743 21.66 54.70 -35.37
N THR E 744 21.23 53.67 -34.67
CA THR E 744 22.17 52.63 -34.27
C THR E 744 21.58 51.25 -34.54
N SER E 745 22.43 50.23 -34.50
CA SER E 745 21.98 48.86 -34.72
C SER E 745 21.38 48.24 -33.45
N HIS E 746 20.74 47.09 -33.62
CA HIS E 746 20.12 46.33 -32.53
C HIS E 746 18.89 46.91 -31.81
N SER E 747 18.24 47.91 -32.41
CA SER E 747 17.02 48.51 -31.83
C SER E 747 15.89 47.70 -32.42
N TYR E 748 15.55 46.61 -31.77
CA TYR E 748 14.49 45.76 -32.27
C TYR E 748 13.23 45.82 -31.42
N GLU E 749 12.19 45.16 -31.92
CA GLU E 749 10.91 45.05 -31.22
C GLU E 749 10.37 43.63 -31.47
N MET E 750 10.38 42.82 -30.41
CA MET E 750 9.92 41.43 -30.47
C MET E 750 8.79 41.14 -29.48
N GLY E 751 8.10 40.03 -29.67
CA GLY E 751 7.02 39.69 -28.77
C GLY E 751 5.81 40.58 -28.96
N GLY E 752 4.98 40.71 -27.94
CA GLY E 752 3.80 41.54 -28.04
C GLY E 752 2.65 40.81 -28.74
N THR E 753 1.44 41.27 -28.46
CA THR E 753 0.24 40.68 -29.04
C THR E 753 -0.33 41.62 -30.09
N PHE E 754 -0.30 41.18 -31.35
CA PHE E 754 -0.79 41.99 -32.48
C PHE E 754 -2.06 41.45 -33.08
N THR E 755 -2.43 40.22 -32.74
CA THR E 755 -3.63 39.62 -33.30
C THR E 755 -4.14 38.37 -32.59
N ASP E 756 -5.42 38.05 -32.78
CA ASP E 756 -5.99 36.86 -32.18
C ASP E 756 -6.03 35.77 -33.24
N LYS E 757 -5.47 36.05 -34.41
CA LYS E 757 -5.40 35.09 -35.51
C LYS E 757 -4.29 34.05 -35.29
N ASP E 758 -4.60 32.79 -35.55
CA ASP E 758 -3.59 31.75 -35.37
C ASP E 758 -2.53 31.81 -36.45
N PRO E 759 -1.29 31.48 -36.10
CA PRO E 759 -0.25 31.53 -37.13
C PRO E 759 -0.56 30.65 -38.36
N PHE E 760 -0.01 31.04 -39.50
CA PHE E 760 -0.19 30.31 -40.73
C PHE E 760 0.52 28.99 -40.66
N ARG E 761 -0.05 27.97 -41.26
CA ARG E 761 0.59 26.65 -41.25
C ARG E 761 1.17 26.34 -42.64
N SER E 762 2.23 25.56 -42.65
CA SER E 762 2.86 25.18 -43.90
C SER E 762 3.31 23.73 -43.83
N GLY E 763 2.70 22.88 -44.66
CA GLY E 763 3.06 21.48 -44.65
C GLY E 763 4.35 21.22 -45.41
N ARG E 764 5.36 20.69 -44.72
CA ARG E 764 6.64 20.42 -45.36
C ARG E 764 7.20 18.99 -45.20
N ILE E 765 7.82 18.51 -46.27
CA ILE E 765 8.41 17.17 -46.28
C ILE E 765 9.80 17.25 -46.89
N ALA E 766 10.46 18.39 -46.69
CA ALA E 766 11.80 18.59 -47.20
C ALA E 766 11.89 18.17 -48.67
N CYS E 767 11.09 18.80 -49.50
CA CYS E 767 11.10 18.50 -50.92
C CYS E 767 10.74 19.74 -51.72
N ASP E 768 11.07 19.72 -53.00
CA ASP E 768 10.74 20.80 -53.92
C ASP E 768 9.86 20.22 -55.01
N PHE E 769 8.70 20.86 -55.25
CA PHE E 769 7.76 20.38 -56.25
C PHE E 769 7.74 21.23 -57.51
N LYS E 770 7.41 20.59 -58.63
CA LYS E 770 7.35 21.29 -59.90
C LYS E 770 6.15 20.80 -60.70
N LEU E 771 5.36 21.72 -61.23
CA LEU E 771 4.17 21.35 -62.02
C LEU E 771 4.58 20.94 -63.41
N ASP E 772 4.38 19.67 -63.76
CA ASP E 772 4.75 19.23 -65.09
C ASP E 772 3.60 18.46 -65.71
N GLY E 773 2.75 19.18 -66.45
CA GLY E 773 1.60 18.56 -67.06
C GLY E 773 0.46 18.68 -66.10
N ASP E 774 0.08 17.57 -65.49
CA ASP E 774 -1.05 17.55 -64.55
C ASP E 774 -0.68 16.84 -63.25
N HIS E 775 0.64 16.69 -63.04
CA HIS E 775 1.17 16.04 -61.85
C HIS E 775 2.32 16.86 -61.29
N TYR E 776 2.51 16.75 -59.98
CA TYR E 776 3.61 17.43 -59.31
C TYR E 776 4.76 16.44 -59.25
N VAL E 777 5.97 16.89 -59.55
CA VAL E 777 7.13 16.00 -59.50
C VAL E 777 8.11 16.47 -58.42
N VAL E 778 8.75 15.52 -57.75
CA VAL E 778 9.71 15.86 -56.71
C VAL E 778 10.94 16.40 -57.41
N ALA E 779 11.00 17.72 -57.56
CA ALA E 779 12.13 18.39 -58.21
C ALA E 779 13.41 18.20 -57.41
N LYS E 780 13.29 18.18 -56.08
CA LYS E 780 14.45 18.02 -55.19
C LYS E 780 14.06 17.39 -53.85
N ALA E 781 14.95 16.57 -53.31
CA ALA E 781 14.70 15.92 -52.02
C ALA E 781 15.90 16.22 -51.12
N TYR E 782 15.76 17.28 -50.31
CA TYR E 782 16.82 17.68 -49.40
C TYR E 782 17.25 16.66 -48.33
N ALA E 783 18.56 16.59 -48.10
CA ALA E 783 19.15 15.68 -47.11
C ALA E 783 20.56 16.16 -46.78
N GLY E 784 20.92 16.07 -45.51
CA GLY E 784 22.24 16.49 -45.05
C GLY E 784 23.02 15.30 -44.55
N ASP E 785 22.96 15.03 -43.25
CA ASP E 785 23.68 13.87 -42.70
C ASP E 785 22.66 12.79 -42.35
N TYR E 786 22.44 11.89 -43.29
CA TYR E 786 21.51 10.80 -43.13
C TYR E 786 21.42 10.20 -41.75
N SER E 787 22.55 10.09 -41.07
CA SER E 787 22.55 9.48 -39.75
C SER E 787 22.25 10.45 -38.62
N ASN E 788 22.21 11.75 -38.91
CA ASN E 788 21.89 12.70 -37.86
C ASN E 788 20.39 12.72 -37.71
N GLU E 789 19.92 13.56 -36.80
CA GLU E 789 18.49 13.68 -36.56
C GLU E 789 17.95 14.88 -37.32
N GLY E 790 16.71 14.75 -37.78
CA GLY E 790 16.06 15.82 -38.50
C GLY E 790 16.86 16.49 -39.59
N GLU E 791 17.44 15.71 -40.50
CA GLU E 791 18.23 16.28 -41.58
C GLU E 791 17.96 15.67 -42.96
N LYS E 792 16.70 15.35 -43.24
CA LYS E 792 16.39 14.77 -44.54
C LYS E 792 14.89 14.68 -44.70
N SER E 793 14.47 14.45 -45.94
CA SER E 793 13.04 14.31 -46.20
C SER E 793 12.56 13.08 -45.47
N PRO E 794 11.47 13.22 -44.72
CA PRO E 794 10.95 12.05 -43.99
C PRO E 794 10.68 10.87 -44.90
N ILE E 795 10.69 11.08 -46.22
CA ILE E 795 10.44 9.97 -47.13
C ILE E 795 11.60 8.99 -47.11
N PHE E 796 12.81 9.50 -46.91
CA PHE E 796 13.99 8.65 -46.86
C PHE E 796 13.88 7.47 -45.89
N GLU E 797 13.17 7.64 -44.78
CA GLU E 797 13.05 6.55 -43.81
C GLU E 797 12.49 5.28 -44.45
N TYR E 798 11.81 5.40 -45.58
CA TYR E 798 11.24 4.23 -46.25
C TYR E 798 12.19 3.70 -47.30
N GLY E 799 13.47 4.06 -47.16
CA GLY E 799 14.48 3.59 -48.09
C GLY E 799 14.23 3.89 -49.55
N ILE E 800 13.98 5.16 -49.89
CA ILE E 800 13.75 5.58 -51.27
C ILE E 800 13.92 7.08 -51.40
N ASP E 801 14.70 7.49 -52.39
CA ASP E 801 14.94 8.91 -52.63
C ASP E 801 13.80 9.37 -53.53
N PRO E 802 12.88 10.20 -52.99
CA PRO E 802 11.72 10.73 -53.72
C PRO E 802 12.04 11.53 -54.99
N THR E 803 13.24 12.10 -55.04
CA THR E 803 13.62 12.87 -56.21
C THR E 803 13.18 12.14 -57.49
N GLY E 804 12.60 12.89 -58.42
CA GLY E 804 12.15 12.31 -59.69
C GLY E 804 10.76 11.72 -59.72
N TYR E 805 10.32 11.15 -58.59
CA TYR E 805 8.99 10.55 -58.48
C TYR E 805 7.86 11.56 -58.72
N LEU E 806 6.66 11.05 -58.98
CA LEU E 806 5.47 11.87 -59.22
C LEU E 806 4.52 11.69 -58.05
N ILE E 807 4.10 12.80 -57.46
CA ILE E 807 3.17 12.74 -56.36
C ILE E 807 1.74 12.60 -56.87
N GLU E 808 1.12 11.45 -56.63
CA GLU E 808 -0.24 11.19 -57.07
C GLU E 808 -1.27 11.88 -56.20
N ASP E 809 -1.36 11.44 -54.95
CA ASP E 809 -2.33 12.02 -54.03
C ASP E 809 -1.86 11.93 -52.60
N ILE E 810 -2.44 12.78 -51.76
CA ILE E 810 -2.10 12.82 -50.36
C ILE E 810 -3.38 12.64 -49.56
N ASP E 811 -3.39 11.64 -48.66
CA ASP E 811 -4.55 11.35 -47.83
C ASP E 811 -5.82 11.23 -48.67
N GLY E 812 -5.71 10.50 -49.78
CA GLY E 812 -6.85 10.31 -50.64
C GLY E 812 -7.06 11.41 -51.67
N GLU E 813 -6.97 12.67 -51.24
CA GLU E 813 -7.17 13.78 -52.18
C GLU E 813 -6.09 13.85 -53.26
N THR E 814 -6.53 13.92 -54.51
CA THR E 814 -5.61 13.98 -55.64
C THR E 814 -5.06 15.39 -55.78
N VAL E 815 -3.75 15.49 -55.90
CA VAL E 815 -3.09 16.78 -56.07
C VAL E 815 -2.51 16.89 -57.50
N GLY E 816 -2.28 18.12 -57.96
CA GLY E 816 -1.75 18.29 -59.30
C GLY E 816 -2.34 19.54 -59.95
N ALA E 817 -2.38 19.53 -61.29
CA ALA E 817 -2.90 20.66 -62.08
C ALA E 817 -4.09 21.42 -61.47
N GLY E 818 -5.10 20.69 -61.01
CA GLY E 818 -6.23 21.38 -60.44
C GLY E 818 -6.29 21.30 -58.92
N SER E 819 -5.18 20.92 -58.29
CA SER E 819 -5.17 20.80 -56.84
C SER E 819 -3.85 21.23 -56.21
N ASN E 820 -3.90 22.39 -55.55
CA ASN E 820 -2.73 22.98 -54.89
C ASN E 820 -2.10 22.06 -53.82
N ILE E 821 -0.97 21.45 -54.15
CA ILE E 821 -0.31 20.55 -53.20
C ILE E 821 0.15 21.32 -51.95
N TYR E 822 0.49 22.58 -52.14
CA TYR E 822 0.95 23.40 -51.01
C TYR E 822 -0.16 23.52 -49.99
N ARG E 823 -1.39 23.74 -50.46
CA ARG E 823 -2.52 23.87 -49.55
C ARG E 823 -2.79 22.52 -48.84
N VAL E 824 -2.92 21.46 -49.63
CA VAL E 824 -3.16 20.14 -49.08
C VAL E 824 -2.13 19.85 -48.00
N LEU E 825 -0.86 20.01 -48.33
CA LEU E 825 0.16 19.75 -47.33
C LEU E 825 -0.08 20.63 -46.12
N SER E 826 -0.46 21.88 -46.37
CA SER E 826 -0.70 22.78 -45.23
C SER E 826 -1.72 22.18 -44.24
N GLU E 827 -2.79 21.60 -44.79
CA GLU E 827 -3.85 21.04 -43.98
C GLU E 827 -3.50 19.73 -43.27
N LYS E 828 -2.31 19.21 -43.53
CA LYS E 828 -1.89 17.96 -42.91
C LYS E 828 -0.63 18.21 -42.06
N ALA E 829 -0.22 19.47 -41.96
CA ALA E 829 0.95 19.81 -41.18
C ALA E 829 0.87 19.32 -39.74
N GLY E 830 1.94 18.67 -39.30
CA GLY E 830 1.98 18.20 -37.94
C GLY E 830 1.31 16.85 -37.73
N THR E 831 1.01 16.15 -38.82
CA THR E 831 0.39 14.84 -38.72
C THR E 831 1.03 13.94 -39.73
N SER E 832 0.57 12.71 -39.77
CA SER E 832 1.12 11.76 -40.71
C SER E 832 0.06 11.46 -41.76
N ALA E 833 0.44 11.57 -43.02
CA ALA E 833 -0.50 11.32 -44.12
C ALA E 833 0.00 10.28 -45.11
N ARG E 834 -0.95 9.61 -45.75
CA ARG E 834 -0.62 8.59 -46.74
C ARG E 834 -0.36 9.30 -48.06
N ILE E 835 0.84 9.12 -48.59
CA ILE E 835 1.23 9.72 -49.85
C ILE E 835 1.53 8.66 -50.89
N ARG E 836 0.85 8.72 -52.03
CA ARG E 836 1.06 7.76 -53.11
C ARG E 836 2.06 8.39 -54.06
N LEU E 837 3.16 7.71 -54.34
CA LEU E 837 4.20 8.22 -55.25
C LEU E 837 4.37 7.30 -56.46
N SER E 838 5.15 7.75 -57.45
CA SER E 838 5.42 6.97 -58.67
C SER E 838 6.75 7.33 -59.30
N GLY E 839 7.65 6.35 -59.40
CA GLY E 839 8.95 6.61 -60.00
C GLY E 839 9.06 6.00 -61.39
N LYS E 840 10.30 5.76 -61.83
CA LYS E 840 10.57 5.16 -63.14
C LYS E 840 9.89 3.80 -63.27
N GLY E 841 9.38 3.53 -64.48
CA GLY E 841 8.71 2.27 -64.73
C GLY E 841 7.38 2.21 -63.99
N GLY E 842 7.00 1.01 -63.56
CA GLY E 842 5.75 0.86 -62.85
C GLY E 842 5.93 0.99 -61.34
N ASP E 843 7.06 1.58 -60.94
CA ASP E 843 7.38 1.77 -59.53
C ASP E 843 6.36 2.71 -58.86
N LYS E 844 5.66 2.20 -57.85
CA LYS E 844 4.66 2.99 -57.13
C LYS E 844 4.76 2.76 -55.60
N ARG E 845 4.83 3.85 -54.86
CA ARG E 845 4.96 3.78 -53.40
C ARG E 845 3.75 4.38 -52.71
N ASP E 846 3.43 3.82 -51.55
CA ASP E 846 2.30 4.28 -50.76
C ASP E 846 2.71 4.25 -49.29
N LEU E 847 3.32 5.34 -48.84
CA LEU E 847 3.81 5.43 -47.46
C LEU E 847 3.15 6.46 -46.56
N MET E 848 3.27 6.23 -45.25
CA MET E 848 2.72 7.15 -44.25
C MET E 848 3.86 8.09 -43.92
N ILE E 849 3.79 9.30 -44.47
CA ILE E 849 4.81 10.30 -44.27
C ILE E 849 4.48 11.30 -43.18
N ASP E 850 5.52 11.74 -42.48
CA ASP E 850 5.33 12.72 -41.44
C ASP E 850 5.35 14.08 -42.09
N ILE E 851 4.22 14.77 -42.09
CA ILE E 851 4.17 16.08 -42.68
C ILE E 851 4.65 17.07 -41.63
N LEU E 852 5.87 17.57 -41.78
CA LEU E 852 6.47 18.51 -40.84
C LEU E 852 5.91 19.92 -40.93
N ASP E 853 6.05 20.68 -39.86
CA ASP E 853 5.58 22.06 -39.84
C ASP E 853 6.64 22.99 -40.43
N ASP E 854 7.86 22.49 -40.56
CA ASP E 854 8.96 23.30 -41.07
C ASP E 854 10.08 22.40 -41.54
N ASP E 855 10.89 22.87 -42.49
CA ASP E 855 12.04 22.08 -42.97
C ASP E 855 13.28 22.93 -43.29
N ARG E 856 13.35 24.10 -42.66
CA ARG E 856 14.46 25.04 -42.80
C ARG E 856 15.81 24.39 -42.47
N PHE E 857 15.91 23.87 -41.25
CA PHE E 857 17.12 23.21 -40.77
C PHE E 857 17.52 22.09 -41.73
N ILE E 858 16.56 21.27 -42.16
CA ILE E 858 16.92 20.23 -43.11
C ILE E 858 17.52 20.84 -44.39
N ARG E 859 16.99 21.99 -44.82
CA ARG E 859 17.52 22.63 -46.01
C ARG E 859 18.90 23.22 -45.73
N TYR E 860 19.08 23.80 -44.54
CA TYR E 860 20.36 24.39 -44.15
C TYR E 860 21.43 23.31 -44.15
N ARG E 861 21.15 22.20 -43.49
CA ARG E 861 22.11 21.11 -43.40
C ARG E 861 22.39 20.55 -44.79
N SER E 862 21.37 20.52 -45.63
CA SER E 862 21.52 20.04 -47.01
C SER E 862 22.54 20.92 -47.73
N TRP E 863 22.35 22.24 -47.61
CA TRP E 863 23.23 23.23 -48.21
C TRP E 863 24.68 23.04 -47.71
N VAL E 864 24.87 23.07 -46.40
CA VAL E 864 26.19 22.93 -45.86
C VAL E 864 26.84 21.69 -46.41
N GLU E 865 26.15 20.56 -46.34
CA GLU E 865 26.75 19.31 -46.85
C GLU E 865 27.05 19.38 -48.34
N ALA E 866 26.25 20.12 -49.08
CA ALA E 866 26.49 20.24 -50.50
C ALA E 866 27.80 21.00 -50.69
N ASN E 867 27.91 22.16 -50.04
CA ASN E 867 29.10 22.98 -50.14
C ASN E 867 30.33 22.21 -49.68
N ARG E 868 30.15 21.39 -48.64
CA ARG E 868 31.23 20.59 -48.10
C ARG E 868 31.66 19.57 -49.16
N ARG E 869 30.71 18.88 -49.78
CA ARG E 869 31.08 17.90 -50.81
C ARG E 869 31.76 18.60 -51.97
N TYR E 870 31.27 19.81 -52.29
CA TYR E 870 31.81 20.59 -53.37
C TYR E 870 33.27 20.92 -53.11
N VAL E 871 33.53 21.56 -51.98
CA VAL E 871 34.90 21.91 -51.62
C VAL E 871 35.87 20.70 -51.68
N HIS E 872 35.41 19.52 -51.30
CA HIS E 872 36.30 18.38 -51.36
C HIS E 872 36.68 18.07 -52.80
N GLU E 873 35.68 17.79 -53.62
CA GLU E 873 35.91 17.43 -55.01
C GLU E 873 36.73 18.42 -55.82
N ARG E 874 36.48 19.71 -55.61
CA ARG E 874 37.21 20.74 -56.35
C ARG E 874 38.66 20.91 -55.86
N SER E 875 38.91 20.68 -54.59
CA SER E 875 40.28 20.82 -54.09
C SER E 875 40.97 19.44 -54.11
N LYS E 876 40.41 18.52 -54.90
CA LYS E 876 40.95 17.18 -55.03
C LYS E 876 41.18 16.60 -53.64
N GLY E 877 40.25 16.83 -52.72
CA GLY E 877 40.36 16.32 -51.36
C GLY E 877 41.49 16.91 -50.52
N THR E 878 41.79 18.19 -50.73
CA THR E 878 42.85 18.86 -49.97
C THR E 878 42.38 20.06 -49.13
N ILE E 879 41.09 20.35 -49.20
CA ILE E 879 40.52 21.44 -48.43
C ILE E 879 39.27 21.03 -47.62
N GLY E 880 39.16 21.58 -46.42
CA GLY E 880 38.02 21.31 -45.57
C GLY E 880 37.00 22.44 -45.69
N TYR E 881 35.82 22.22 -45.12
CA TYR E 881 34.76 23.21 -45.16
C TYR E 881 33.97 23.21 -43.86
N ILE E 882 33.60 24.39 -43.41
CA ILE E 882 32.85 24.53 -42.17
C ILE E 882 32.02 25.79 -42.36
N HIS E 883 30.77 25.75 -41.94
CA HIS E 883 29.92 26.92 -42.03
C HIS E 883 29.30 27.26 -40.68
N ILE E 884 29.29 28.55 -40.35
CA ILE E 884 28.74 29.03 -39.09
C ILE E 884 27.54 29.95 -39.36
N PRO E 885 26.32 29.44 -39.13
CA PRO E 885 25.04 30.12 -39.33
C PRO E 885 24.86 31.32 -38.43
N ASP E 886 25.36 31.24 -37.21
CA ASP E 886 25.25 32.40 -36.32
C ASP E 886 26.27 32.21 -35.23
N MET E 887 26.30 33.15 -34.29
CA MET E 887 27.24 33.07 -33.19
C MET E 887 26.47 32.77 -31.92
N GLY E 888 25.44 31.92 -32.06
CA GLY E 888 24.62 31.53 -30.92
C GLY E 888 24.82 30.04 -30.65
N MET E 889 23.86 29.39 -30.01
CA MET E 889 24.01 27.99 -29.74
C MET E 889 24.10 27.20 -31.02
N MET E 890 23.29 27.55 -32.01
CA MET E 890 23.35 26.80 -33.26
C MET E 890 24.72 26.90 -33.90
N GLY E 891 25.31 28.10 -33.87
CA GLY E 891 26.62 28.32 -34.48
C GLY E 891 27.64 27.38 -33.86
N LEU E 892 27.66 27.42 -32.54
CA LEU E 892 28.51 26.55 -31.76
C LEU E 892 28.28 25.09 -32.21
N ASN E 893 27.02 24.71 -32.43
CA ASN E 893 26.68 23.34 -32.88
C ASN E 893 27.26 22.99 -34.26
N GLU E 894 27.00 23.86 -35.24
CA GLU E 894 27.45 23.64 -36.62
C GLU E 894 28.96 23.70 -36.79
N PHE E 895 29.59 24.64 -36.06
CA PHE E 895 31.05 24.78 -36.13
C PHE E 895 31.67 23.46 -35.67
N TYR E 896 31.33 22.99 -34.49
CA TYR E 896 31.94 21.74 -34.04
C TYR E 896 31.46 20.52 -34.81
N ARG E 897 30.24 20.58 -35.35
CA ARG E 897 29.70 19.46 -36.13
C ARG E 897 30.60 19.06 -37.32
N LEU E 898 31.27 20.04 -37.92
CA LEU E 898 32.19 19.75 -39.02
C LEU E 898 33.66 20.03 -38.65
N PHE E 899 33.89 20.88 -37.66
CA PHE E 899 35.24 21.22 -37.25
C PHE E 899 36.03 19.97 -36.92
N ILE E 900 35.34 18.92 -36.48
CA ILE E 900 36.01 17.69 -36.09
C ILE E 900 36.35 16.77 -37.27
N ASN E 901 35.88 17.10 -38.48
CA ASN E 901 36.21 16.27 -39.64
C ASN E 901 36.97 17.05 -40.71
N GLU E 902 36.89 18.37 -40.65
CA GLU E 902 37.51 19.24 -41.65
C GLU E 902 38.75 20.01 -41.23
N SER E 903 39.05 19.99 -39.94
CA SER E 903 40.18 20.76 -39.44
C SER E 903 41.54 20.21 -39.83
N SER E 904 41.60 18.98 -40.32
CA SER E 904 42.91 18.39 -40.65
C SER E 904 43.23 18.22 -42.11
N TYR E 905 42.73 19.13 -42.92
CA TYR E 905 43.04 19.11 -44.33
C TYR E 905 44.17 20.13 -44.55
N GLN E 906 44.76 20.11 -45.74
CA GLN E 906 45.82 21.06 -46.06
C GLN E 906 45.30 22.49 -45.87
N GLY E 907 44.07 22.73 -46.30
CA GLY E 907 43.49 24.05 -46.16
C GLY E 907 42.10 23.97 -45.56
N LEU E 908 41.63 25.08 -44.99
CA LEU E 908 40.31 25.13 -44.39
C LEU E 908 39.54 26.38 -44.78
N ILE E 909 38.27 26.19 -45.09
CA ILE E 909 37.42 27.31 -45.45
C ILE E 909 36.39 27.46 -44.35
N VAL E 910 36.42 28.60 -43.68
CA VAL E 910 35.48 28.87 -42.60
C VAL E 910 34.40 29.83 -43.18
N ASP E 911 33.43 29.26 -43.89
CA ASP E 911 32.36 30.04 -44.50
C ASP E 911 31.45 30.59 -43.44
N VAL E 912 31.45 31.90 -43.26
CA VAL E 912 30.55 32.46 -42.24
C VAL E 912 29.48 33.40 -42.84
N ARG E 913 29.15 33.19 -44.12
CA ARG E 913 28.16 34.03 -44.81
C ARG E 913 26.80 33.85 -44.15
N PHE E 914 25.97 34.89 -44.17
CA PHE E 914 24.62 34.86 -43.58
C PHE E 914 24.65 34.69 -42.06
N ASN E 915 25.82 34.85 -41.47
CA ASN E 915 25.95 34.69 -40.04
C ASN E 915 25.14 35.71 -39.24
N GLY E 916 24.13 35.21 -38.51
CA GLY E 916 23.24 36.04 -37.74
C GLY E 916 23.72 36.70 -36.46
N GLY E 917 25.00 36.58 -36.16
CA GLY E 917 25.49 37.15 -34.92
C GLY E 917 25.15 36.31 -33.67
N GLY E 918 25.53 36.85 -32.51
CA GLY E 918 25.27 36.16 -31.26
C GLY E 918 26.25 36.70 -30.22
N PHE E 919 27.21 35.87 -29.80
CA PHE E 919 28.20 36.27 -28.81
C PHE E 919 29.35 35.27 -28.66
N VAL E 920 29.23 34.09 -29.25
CA VAL E 920 30.27 33.07 -29.10
C VAL E 920 31.41 33.13 -30.11
N SER E 921 31.54 34.25 -30.82
CA SER E 921 32.60 34.37 -31.81
C SER E 921 33.97 34.22 -31.15
N GLN E 922 34.13 34.86 -30.01
CA GLN E 922 35.41 34.79 -29.34
C GLN E 922 35.83 33.34 -29.12
N LEU E 923 34.87 32.48 -28.79
CA LEU E 923 35.12 31.05 -28.53
C LEU E 923 35.55 30.26 -29.76
N ILE E 924 34.97 30.62 -30.90
CA ILE E 924 35.32 29.96 -32.15
C ILE E 924 36.69 30.43 -32.64
N ILE E 925 36.98 31.72 -32.47
CA ILE E 925 38.27 32.27 -32.85
C ILE E 925 39.35 31.57 -32.03
N GLU E 926 39.17 31.54 -30.71
CA GLU E 926 40.10 30.90 -29.79
C GLU E 926 40.48 29.49 -30.29
N LYS E 927 39.51 28.80 -30.90
CA LYS E 927 39.77 27.47 -31.44
C LYS E 927 40.71 27.59 -32.64
N LEU E 928 40.28 28.31 -33.66
CA LEU E 928 41.07 28.49 -34.88
C LEU E 928 42.46 29.09 -34.62
N MET E 929 42.57 29.83 -33.53
CA MET E 929 43.81 30.47 -33.12
C MET E 929 44.91 29.44 -32.81
N ASN E 930 44.51 28.19 -32.55
CA ASN E 930 45.47 27.18 -32.24
C ASN E 930 46.39 26.83 -33.41
N LYS E 931 47.68 26.69 -33.12
CA LYS E 931 48.65 26.35 -34.16
C LYS E 931 49.28 25.01 -33.82
N ARG E 932 49.31 24.12 -34.81
CA ARG E 932 49.87 22.78 -34.63
C ARG E 932 51.40 22.84 -34.47
N ILE E 933 51.93 22.42 -33.31
CA ILE E 933 53.36 22.47 -33.08
C ILE E 933 54.00 21.13 -32.71
N GLY E 934 53.20 20.07 -32.71
CA GLY E 934 53.74 18.75 -32.38
C GLY E 934 52.82 17.57 -32.72
N TYR E 935 53.30 16.37 -32.46
CA TYR E 935 52.55 15.18 -32.72
C TYR E 935 52.85 14.12 -31.67
N ASP E 936 51.98 13.12 -31.61
CA ASP E 936 52.14 12.02 -30.69
C ASP E 936 52.34 10.80 -31.55
N ASN E 937 53.45 10.11 -31.35
CA ASN E 937 53.71 8.90 -32.12
C ASN E 937 53.38 7.66 -31.33
N PRO E 938 52.35 6.94 -31.77
CA PRO E 938 51.92 5.72 -31.10
C PRO E 938 52.56 4.48 -31.66
N ARG E 939 52.58 3.43 -30.85
CA ARG E 939 53.12 2.16 -31.28
C ARG E 939 52.18 1.60 -32.36
N ARG E 940 50.89 1.87 -32.22
CA ARG E 940 49.87 1.40 -33.16
C ARG E 940 48.84 2.50 -33.34
N GLY E 941 48.52 2.80 -34.59
CA GLY E 941 47.55 3.85 -34.84
C GLY E 941 48.19 4.98 -35.61
N THR E 942 47.49 6.10 -35.70
CA THR E 942 47.99 7.23 -36.46
C THR E 942 48.48 8.36 -35.55
N LEU E 943 49.09 9.39 -36.13
CA LEU E 943 49.60 10.51 -35.36
C LEU E 943 48.50 11.29 -34.67
N SER E 944 48.83 11.92 -33.55
CA SER E 944 47.83 12.72 -32.84
C SER E 944 48.35 14.15 -32.84
N PRO E 945 47.66 15.03 -33.54
CA PRO E 945 48.14 16.42 -33.56
C PRO E 945 47.97 17.15 -32.22
N TYR E 946 48.95 17.99 -31.91
CA TYR E 946 48.97 18.78 -30.68
C TYR E 946 49.07 20.27 -31.03
N PRO E 947 48.10 21.10 -30.62
CA PRO E 947 46.91 20.65 -29.90
C PRO E 947 45.99 19.87 -30.81
N THR E 948 44.99 19.26 -30.19
CA THR E 948 43.99 18.48 -30.90
C THR E 948 43.08 19.42 -31.69
N ASN E 949 42.66 20.51 -31.06
CA ASN E 949 41.79 21.46 -31.71
C ASN E 949 42.59 22.47 -32.52
N SER E 950 43.63 21.98 -33.17
CA SER E 950 44.46 22.86 -34.00
C SER E 950 44.15 22.67 -35.48
N VAL E 951 44.05 23.77 -36.22
CA VAL E 951 43.82 23.62 -37.63
C VAL E 951 45.16 23.23 -38.23
N ARG E 952 45.12 22.21 -39.10
CA ARG E 952 46.32 21.69 -39.74
C ARG E 952 47.12 22.65 -40.63
N GLY E 953 46.42 23.42 -41.47
CA GLY E 953 47.11 24.33 -42.37
C GLY E 953 46.58 25.74 -42.57
N LYS E 954 46.41 26.11 -43.85
CA LYS E 954 45.96 27.47 -44.23
C LYS E 954 44.47 27.62 -44.11
N ILE E 955 44.04 28.73 -43.55
CA ILE E 955 42.63 28.97 -43.37
C ILE E 955 42.17 30.14 -44.22
N ILE E 956 40.90 30.14 -44.62
CA ILE E 956 40.36 31.24 -45.43
C ILE E 956 38.89 31.38 -45.11
N ALA E 957 38.49 32.62 -44.84
CA ALA E 957 37.12 32.95 -44.49
C ALA E 957 36.31 33.59 -45.63
N ILE E 958 35.03 33.21 -45.72
CA ILE E 958 34.09 33.75 -46.71
C ILE E 958 33.01 34.52 -45.95
N THR E 959 32.67 35.72 -46.41
CA THR E 959 31.67 36.54 -45.72
C THR E 959 30.90 37.43 -46.69
N ASN E 960 29.60 37.62 -46.42
CA ASN E 960 28.78 38.51 -47.25
C ASN E 960 28.14 39.60 -46.38
N GLU E 961 27.27 40.39 -47.00
CA GLU E 961 26.60 41.48 -46.31
C GLU E 961 25.51 40.97 -45.36
N TYR E 962 25.21 39.67 -45.44
CA TYR E 962 24.17 39.09 -44.58
C TYR E 962 24.74 38.48 -43.30
N ALA E 963 25.99 38.83 -42.98
CA ALA E 963 26.63 38.37 -41.75
C ALA E 963 26.87 39.64 -40.94
N GLY E 964 26.30 39.70 -39.74
CA GLY E 964 26.49 40.89 -38.93
C GLY E 964 26.65 40.64 -37.44
N SER E 965 26.61 41.72 -36.65
CA SER E 965 26.74 41.63 -35.21
C SER E 965 28.02 40.91 -34.82
N ASP E 966 27.88 39.86 -34.01
CA ASP E 966 29.07 39.13 -33.61
C ASP E 966 29.74 38.70 -34.91
N GLY E 967 28.93 38.52 -35.97
CA GLY E 967 29.42 38.15 -37.29
C GLY E 967 30.40 39.23 -37.75
N ASP E 968 30.08 40.47 -37.39
CA ASP E 968 30.93 41.61 -37.72
C ASP E 968 32.22 41.44 -36.93
N ILE E 969 32.10 41.21 -35.63
CA ILE E 969 33.24 41.05 -34.75
C ILE E 969 34.18 39.92 -35.19
N PHE E 970 33.60 38.77 -35.51
CA PHE E 970 34.37 37.63 -35.98
C PHE E 970 35.19 37.97 -37.24
N SER E 971 34.56 38.66 -38.19
CA SER E 971 35.20 39.03 -39.45
C SER E 971 36.41 39.96 -39.27
N PHE E 972 36.22 41.01 -38.48
CA PHE E 972 37.29 41.97 -38.20
C PHE E 972 38.41 41.23 -37.50
N SER E 973 38.04 40.41 -36.52
CA SER E 973 39.02 39.65 -35.77
C SER E 973 39.81 38.69 -36.63
N PHE E 974 39.13 37.93 -37.47
CA PHE E 974 39.83 36.98 -38.33
C PHE E 974 40.97 37.69 -39.05
N LYS E 975 40.71 38.87 -39.58
CA LYS E 975 41.75 39.61 -40.27
C LYS E 975 42.75 40.11 -39.24
N LYS E 976 42.27 40.89 -38.29
CA LYS E 976 43.10 41.46 -37.23
C LYS E 976 44.12 40.48 -36.64
N LEU E 977 43.74 39.20 -36.50
CA LEU E 977 44.65 38.22 -35.94
C LEU E 977 45.43 37.53 -37.03
N GLY E 978 45.16 37.88 -38.27
CA GLY E 978 45.86 37.27 -39.39
C GLY E 978 45.72 35.77 -39.50
N LEU E 979 44.53 35.23 -39.24
CA LEU E 979 44.34 33.78 -39.37
C LEU E 979 44.24 33.34 -40.84
N GLY E 980 44.06 34.32 -41.73
CA GLY E 980 43.96 34.05 -43.16
C GLY E 980 43.32 35.20 -43.85
N LYS E 981 43.03 35.03 -45.15
CA LYS E 981 42.38 36.12 -45.91
C LYS E 981 40.86 36.10 -45.77
N LEU E 982 40.25 37.24 -46.00
CA LEU E 982 38.81 37.34 -45.92
C LEU E 982 38.25 37.62 -47.31
N ILE E 983 37.34 36.77 -47.78
CA ILE E 983 36.76 36.92 -49.10
C ILE E 983 35.25 37.14 -49.03
N GLY E 984 34.74 37.98 -49.91
CA GLY E 984 33.31 38.23 -49.93
C GLY E 984 32.92 39.67 -50.19
N THR E 985 31.97 40.16 -49.40
CA THR E 985 31.47 41.53 -49.54
C THR E 985 31.33 42.13 -48.13
N ARG E 986 31.45 43.45 -48.03
CA ARG E 986 31.36 44.13 -46.74
C ARG E 986 30.17 43.60 -45.97
N THR E 987 30.37 43.41 -44.68
CA THR E 987 29.35 42.88 -43.77
C THR E 987 28.41 43.95 -43.23
N TRP E 988 27.34 43.49 -42.58
CA TRP E 988 26.28 44.31 -41.97
C TRP E 988 26.67 45.59 -41.26
N GLY E 989 27.47 45.47 -40.21
CA GLY E 989 27.91 46.65 -39.47
C GLY E 989 27.09 47.13 -38.26
N GLY E 990 26.77 46.21 -37.35
CA GLY E 990 26.00 46.56 -36.18
C GLY E 990 26.61 45.88 -34.96
N VAL E 991 27.62 46.50 -34.40
CA VAL E 991 28.29 45.93 -33.25
C VAL E 991 27.98 46.57 -31.91
N VAL E 992 26.76 47.06 -31.75
CA VAL E 992 26.35 47.58 -30.46
C VAL E 992 25.37 46.59 -29.82
N GLY E 993 25.90 45.70 -28.97
CA GLY E 993 25.08 44.68 -28.34
C GLY E 993 23.98 45.12 -27.40
N ILE E 994 23.11 44.16 -27.09
CA ILE E 994 21.96 44.43 -26.20
C ILE E 994 21.70 43.28 -25.22
N THR E 995 20.98 43.62 -24.16
CA THR E 995 20.58 42.67 -23.14
C THR E 995 19.30 43.20 -22.50
N PRO E 996 18.15 43.00 -23.17
CA PRO E 996 16.89 43.48 -22.62
C PRO E 996 16.62 42.91 -21.22
N LYS E 997 16.05 43.73 -20.35
CA LYS E 997 15.77 43.24 -19.01
C LYS E 997 14.41 43.70 -18.51
N ARG E 998 13.61 44.28 -19.41
CA ARG E 998 12.27 44.74 -19.04
C ARG E 998 11.36 44.70 -20.26
N ARG E 999 10.11 44.32 -20.06
CA ARG E 999 9.20 44.27 -21.19
C ARG E 999 7.93 45.13 -21.02
N LEU E 1000 7.20 45.33 -22.12
CA LEU E 1000 5.97 46.13 -22.06
C LEU E 1000 4.83 45.32 -21.49
N ILE E 1001 3.85 46.00 -20.91
CA ILE E 1001 2.69 45.36 -20.32
C ILE E 1001 1.97 44.34 -21.21
N ASP E 1002 2.26 44.33 -22.51
CA ASP E 1002 1.60 43.41 -23.40
C ASP E 1002 2.53 42.27 -23.79
N GLY E 1003 3.67 42.24 -23.11
CA GLY E 1003 4.66 41.20 -23.35
C GLY E 1003 5.74 41.60 -24.31
N THR E 1004 5.51 42.69 -25.01
CA THR E 1004 6.46 43.18 -26.00
C THR E 1004 7.84 43.32 -25.37
N VAL E 1005 8.84 42.83 -26.08
CA VAL E 1005 10.21 42.95 -25.61
C VAL E 1005 10.98 43.87 -26.56
N LEU E 1006 11.22 45.11 -26.13
CA LEU E 1006 11.99 46.04 -26.96
C LEU E 1006 13.48 45.87 -26.58
N THR E 1007 14.40 46.23 -27.49
CA THR E 1007 15.83 46.14 -27.27
C THR E 1007 16.44 47.52 -27.53
N GLN E 1008 17.55 47.81 -26.84
CA GLN E 1008 18.23 49.08 -26.98
C GLN E 1008 19.73 48.88 -27.06
N PRO E 1009 20.39 49.47 -28.08
CA PRO E 1009 21.84 49.34 -28.22
C PRO E 1009 22.52 49.89 -26.95
N GLU E 1010 22.94 48.97 -26.10
CA GLU E 1010 23.55 49.30 -24.82
C GLU E 1010 25.03 48.98 -24.65
N PHE E 1011 25.58 48.15 -25.54
CA PHE E 1011 26.98 47.77 -25.41
C PHE E 1011 27.81 47.99 -26.67
N ALA E 1012 28.39 49.18 -26.79
CA ALA E 1012 29.19 49.55 -27.94
C ALA E 1012 30.52 48.83 -27.93
N PHE E 1013 30.79 48.07 -28.98
CA PHE E 1013 32.04 47.35 -29.14
C PHE E 1013 33.16 48.27 -29.66
N TRP E 1014 34.31 48.22 -29.00
CA TRP E 1014 35.43 49.05 -29.34
C TRP E 1014 36.64 48.21 -29.76
N PHE E 1015 36.93 48.18 -31.05
CA PHE E 1015 38.07 47.41 -31.52
C PHE E 1015 39.30 48.23 -31.33
N ARG E 1016 40.35 47.62 -30.78
CA ARG E 1016 41.61 48.32 -30.60
C ARG E 1016 42.13 48.72 -31.99
N ASP E 1017 42.66 49.94 -32.10
CA ASP E 1017 43.20 50.41 -33.37
C ASP E 1017 42.12 50.55 -34.47
N ALA E 1018 40.90 50.86 -34.07
CA ALA E 1018 39.80 51.03 -35.03
C ALA E 1018 38.60 51.68 -34.34
N GLY E 1019 38.59 51.62 -33.02
CA GLY E 1019 37.49 52.21 -32.26
C GLY E 1019 36.13 51.62 -32.57
N PHE E 1020 35.13 52.48 -32.63
CA PHE E 1020 33.78 52.01 -32.91
C PHE E 1020 33.50 51.99 -34.41
N GLY E 1021 34.57 52.22 -35.19
CA GLY E 1021 34.48 52.23 -36.64
C GLY E 1021 33.61 51.15 -37.25
N VAL E 1022 33.63 49.94 -36.70
CA VAL E 1022 32.84 48.87 -37.29
C VAL E 1022 31.34 49.18 -37.33
N GLU E 1023 30.84 49.83 -36.29
CA GLU E 1023 29.42 50.18 -36.23
C GLU E 1023 29.05 51.09 -37.38
N ASN E 1024 27.89 50.78 -37.96
CA ASN E 1024 27.34 51.50 -39.10
C ASN E 1024 28.26 51.47 -40.31
N TYR E 1025 28.98 50.37 -40.48
CA TYR E 1025 29.88 50.24 -41.62
C TYR E 1025 30.08 48.80 -42.02
N GLY E 1026 30.57 47.98 -41.08
CA GLY E 1026 30.80 46.57 -41.34
C GLY E 1026 32.27 46.29 -41.47
N VAL E 1027 32.62 45.22 -42.16
CA VAL E 1027 34.01 44.83 -42.33
C VAL E 1027 34.33 44.62 -43.81
N ASP E 1028 35.49 45.11 -44.23
CA ASP E 1028 35.92 44.98 -45.60
C ASP E 1028 36.76 43.74 -45.80
N PRO E 1029 36.38 42.88 -46.76
CA PRO E 1029 37.14 41.67 -47.05
C PRO E 1029 38.41 42.03 -47.83
N ASP E 1030 39.47 41.26 -47.63
CA ASP E 1030 40.72 41.54 -48.33
C ASP E 1030 40.48 41.55 -49.84
N VAL E 1031 39.63 40.64 -50.30
CA VAL E 1031 39.31 40.54 -51.71
C VAL E 1031 37.79 40.59 -51.78
N GLU E 1032 37.27 41.48 -52.62
CA GLU E 1032 35.83 41.62 -52.79
C GLU E 1032 35.35 40.75 -53.96
N ILE E 1033 34.45 39.83 -53.67
CA ILE E 1033 33.90 38.98 -54.72
C ILE E 1033 32.40 39.14 -54.69
N GLU E 1034 31.88 39.93 -55.62
CA GLU E 1034 30.44 40.14 -55.68
C GLU E 1034 29.75 38.86 -56.12
N TYR E 1035 28.45 38.78 -55.89
CA TYR E 1035 27.63 37.64 -56.28
C TYR E 1035 26.49 38.22 -57.09
N ALA E 1036 26.79 38.68 -58.30
CA ALA E 1036 25.80 39.30 -59.18
C ALA E 1036 24.63 38.39 -59.59
N PRO E 1037 23.51 38.98 -60.01
CA PRO E 1037 22.33 38.22 -60.45
C PRO E 1037 22.66 37.25 -61.56
N HIS E 1038 23.61 37.63 -62.42
CA HIS E 1038 23.97 36.74 -63.52
C HIS E 1038 24.73 35.50 -63.01
N ASP E 1039 25.40 35.65 -61.87
CA ASP E 1039 26.13 34.53 -61.24
C ASP E 1039 25.10 33.50 -60.77
N TYR E 1040 23.94 33.98 -60.33
CA TYR E 1040 22.89 33.08 -59.87
C TYR E 1040 22.26 32.41 -61.06
N LEU E 1041 22.14 33.15 -62.18
CA LEU E 1041 21.54 32.59 -63.40
C LEU E 1041 22.42 31.52 -64.01
N SER E 1042 23.74 31.63 -63.81
CA SER E 1042 24.66 30.62 -64.34
C SER E 1042 24.83 29.48 -63.35
N GLY E 1043 24.21 29.61 -62.18
CA GLY E 1043 24.32 28.57 -61.16
C GLY E 1043 25.72 28.40 -60.62
N LYS E 1044 26.44 29.50 -60.47
CA LYS E 1044 27.81 29.45 -59.96
C LYS E 1044 27.94 30.31 -58.71
N ASP E 1045 28.76 29.85 -57.77
CA ASP E 1045 29.00 30.61 -56.53
C ASP E 1045 30.42 31.14 -56.67
N PRO E 1046 30.55 32.40 -57.14
CA PRO E 1046 31.84 33.08 -57.34
C PRO E 1046 32.56 33.29 -56.03
N GLN E 1047 31.83 33.28 -54.93
CA GLN E 1047 32.45 33.46 -53.63
C GLN E 1047 33.17 32.20 -53.16
N ILE E 1048 32.48 31.06 -53.18
CA ILE E 1048 33.10 29.84 -52.73
C ILE E 1048 34.14 29.35 -53.72
N ASP E 1049 33.93 29.65 -54.99
CA ASP E 1049 34.88 29.21 -56.00
C ASP E 1049 36.22 29.92 -55.80
N TYR E 1050 36.16 31.23 -55.66
CA TYR E 1050 37.36 32.02 -55.47
C TYR E 1050 38.10 31.49 -54.25
N ALA E 1051 37.37 31.30 -53.16
CA ALA E 1051 37.96 30.81 -51.91
C ALA E 1051 38.76 29.54 -52.13
N ILE E 1052 38.14 28.56 -52.80
CA ILE E 1052 38.77 27.27 -53.10
C ILE E 1052 40.00 27.43 -54.01
N ASP E 1053 39.79 28.14 -55.12
CA ASP E 1053 40.87 28.34 -56.05
C ASP E 1053 42.03 29.11 -55.39
N ALA E 1054 41.69 30.05 -54.52
CA ALA E 1054 42.69 30.84 -53.82
C ALA E 1054 43.54 29.99 -52.90
N LEU E 1055 42.90 29.08 -52.17
CA LEU E 1055 43.62 28.20 -51.25
C LEU E 1055 44.55 27.24 -51.98
N ILE E 1056 44.09 26.73 -53.10
CA ILE E 1056 44.91 25.82 -53.89
C ILE E 1056 46.19 26.55 -54.25
N GLU E 1057 46.07 27.84 -54.53
CA GLU E 1057 47.25 28.62 -54.88
C GLU E 1057 48.20 28.69 -53.69
N GLU E 1058 47.69 28.99 -52.51
CA GLU E 1058 48.54 29.04 -51.30
C GLU E 1058 49.10 27.68 -50.91
N LEU E 1059 48.37 26.63 -51.28
CA LEU E 1059 48.75 25.28 -50.96
C LEU E 1059 49.73 24.67 -51.99
N ARG E 1060 50.42 25.52 -52.72
CA ARG E 1060 51.39 25.05 -53.70
C ARG E 1060 52.77 24.94 -53.02
N ASN E 1061 52.94 25.67 -51.93
CA ASN E 1061 54.21 25.66 -51.21
C ASN E 1061 54.51 24.25 -50.69
N ARG F 1 23.82 38.52 -21.06
CA ARG F 1 24.42 38.07 -22.31
C ARG F 1 24.29 39.09 -23.45
N VAL F 2 25.33 39.70 -23.98
CA VAL F 2 25.63 40.71 -25.00
C VAL F 2 25.78 40.17 -26.42
N ARG F 3 24.55 39.90 -26.95
CA ARG F 3 24.18 39.49 -28.13
C ARG F 3 24.45 40.66 -29.14
N LYS F 4 24.72 40.66 -30.39
CA LYS F 4 25.33 41.41 -31.44
C LYS F 4 24.98 40.83 -32.80
N MET G 39 67.94 -22.97 -3.37
CA MET G 39 67.05 -21.79 -3.61
C MET G 39 67.40 -20.58 -2.74
N PRO G 40 68.32 -19.72 -3.22
CA PRO G 40 68.72 -18.53 -2.47
C PRO G 40 67.66 -17.41 -2.56
N ASN G 41 67.82 -16.41 -1.70
CA ASN G 41 66.90 -15.29 -1.64
C ASN G 41 67.40 -14.15 -2.49
N LEU G 42 66.69 -13.02 -2.40
CA LEU G 42 67.06 -11.82 -3.12
C LEU G 42 67.45 -10.85 -2.03
N LEU G 43 68.74 -10.64 -1.85
CA LEU G 43 69.21 -9.73 -0.81
C LEU G 43 69.32 -8.32 -1.40
N LEU G 44 69.15 -7.32 -0.55
CA LEU G 44 69.23 -5.97 -1.05
C LEU G 44 69.20 -4.89 0.00
N ASN G 45 69.60 -3.68 -0.42
CA ASN G 45 69.65 -2.48 0.41
C ASN G 45 70.34 -2.67 1.74
N PRO G 46 71.62 -3.00 1.73
CA PRO G 46 72.36 -3.22 2.98
C PRO G 46 72.93 -1.96 3.59
N ASP G 47 73.41 -2.11 4.83
CA ASP G 47 74.07 -1.05 5.57
C ASP G 47 75.15 -1.78 6.37
N ILE G 48 76.28 -1.12 6.57
CA ILE G 48 77.38 -1.74 7.28
C ILE G 48 77.78 -0.98 8.53
N HIS G 49 78.41 -1.71 9.44
CA HIS G 49 78.91 -1.14 10.68
C HIS G 49 79.82 -2.15 11.33
N GLY G 50 81.12 -1.95 11.13
CA GLY G 50 82.10 -2.84 11.71
C GLY G 50 82.04 -4.18 11.03
N ASP G 51 81.82 -5.23 11.79
CA ASP G 51 81.70 -6.57 11.21
C ASP G 51 80.26 -6.89 10.88
N ARG G 52 79.34 -6.20 11.57
CA ARG G 52 77.92 -6.41 11.37
C ARG G 52 77.42 -5.75 10.08
N ILE G 53 76.45 -6.39 9.43
CA ILE G 53 75.88 -5.92 8.20
C ILE G 53 74.39 -6.22 8.11
N ILE G 54 73.56 -5.18 8.18
CA ILE G 54 72.11 -5.36 8.08
C ILE G 54 71.67 -5.22 6.61
N PHE G 55 70.64 -5.95 6.23
CA PHE G 55 70.15 -5.89 4.87
C PHE G 55 68.70 -6.41 4.82
N VAL G 56 68.02 -6.21 3.69
CA VAL G 56 66.64 -6.68 3.57
C VAL G 56 66.51 -7.96 2.75
N CYS G 57 65.72 -8.88 3.29
CA CYS G 57 65.38 -10.15 2.64
C CYS G 57 63.95 -10.50 3.02
N CYS G 58 63.13 -10.79 2.01
CA CYS G 58 61.73 -11.12 2.24
C CYS G 58 61.03 -10.04 3.04
N ASP G 59 61.17 -8.79 2.62
CA ASP G 59 60.51 -7.67 3.30
C ASP G 59 60.98 -7.45 4.74
N ASP G 60 61.64 -8.45 5.32
CA ASP G 60 62.13 -8.35 6.68
C ASP G 60 63.60 -7.92 6.77
N LEU G 61 64.01 -7.46 7.94
CA LEU G 61 65.37 -6.99 8.17
C LEU G 61 66.26 -8.06 8.77
N TRP G 62 67.42 -8.24 8.17
CA TRP G 62 68.36 -9.23 8.67
C TRP G 62 69.70 -8.61 9.06
N GLU G 63 70.44 -9.36 9.87
CA GLU G 63 71.76 -8.92 10.32
C GLU G 63 72.77 -10.03 10.07
N HIS G 64 73.91 -9.66 9.51
CA HIS G 64 74.96 -10.63 9.23
C HIS G 64 76.29 -10.24 9.85
N ASP G 65 76.96 -11.21 10.43
CA ASP G 65 78.27 -10.98 11.05
C ASP G 65 79.41 -11.65 10.29
N LEU G 66 80.12 -10.86 9.49
CA LEU G 66 81.24 -11.32 8.69
C LEU G 66 82.15 -12.21 9.48
N LYS G 67 82.40 -11.81 10.72
CA LYS G 67 83.26 -12.57 11.60
C LYS G 67 82.79 -14.03 11.65
N SER G 68 81.70 -14.28 12.37
CA SER G 68 81.16 -15.63 12.52
C SER G 68 80.56 -16.20 11.24
N GLY G 69 80.11 -15.33 10.34
CA GLY G 69 79.50 -15.81 9.11
C GLY G 69 78.05 -16.23 9.29
N SER G 70 77.46 -15.91 10.44
CA SER G 70 76.05 -16.27 10.70
C SER G 70 75.11 -15.12 10.32
N THR G 71 73.83 -15.45 10.18
CA THR G 71 72.84 -14.46 9.81
C THR G 71 71.59 -14.69 10.66
N ARG G 72 70.80 -13.64 10.87
CA ARG G 72 69.58 -13.76 11.65
C ARG G 72 68.59 -12.64 11.34
N LYS G 73 67.31 -12.95 11.47
CA LYS G 73 66.29 -11.95 11.24
C LYS G 73 66.10 -11.18 12.54
N ILE G 74 66.44 -9.89 12.54
CA ILE G 74 66.30 -9.04 13.73
C ILE G 74 64.95 -8.35 13.90
N VAL G 75 64.14 -8.30 12.85
CA VAL G 75 62.84 -7.65 12.94
C VAL G 75 61.94 -8.14 11.81
N SER G 76 60.67 -8.35 12.10
CA SER G 76 59.74 -8.83 11.10
C SER G 76 58.29 -8.53 11.45
N ASN G 77 57.38 -8.86 10.53
CA ASN G 77 55.96 -8.66 10.70
C ASN G 77 55.55 -7.20 10.92
N LEU G 78 56.29 -6.28 10.31
CA LEU G 78 55.99 -4.85 10.41
C LEU G 78 55.42 -4.39 9.09
N GLY G 79 55.58 -5.24 8.08
CA GLY G 79 55.14 -4.89 6.75
C GLY G 79 56.35 -4.95 5.84
N VAL G 80 56.33 -4.20 4.75
CA VAL G 80 57.45 -4.23 3.82
C VAL G 80 58.52 -3.16 4.13
N ILE G 81 59.74 -3.66 4.39
CA ILE G 81 60.88 -2.83 4.70
C ILE G 81 61.81 -2.77 3.52
N ASN G 82 62.27 -1.56 3.19
CA ASN G 82 63.20 -1.34 2.07
C ASN G 82 64.48 -0.59 2.45
N ASN G 83 64.54 0.01 3.64
CA ASN G 83 65.71 0.75 4.06
C ASN G 83 65.92 0.61 5.57
N ALA G 84 67.16 0.36 5.96
CA ALA G 84 67.50 0.21 7.36
C ALA G 84 68.83 0.94 7.52
N ARG G 85 68.90 1.85 8.48
CA ARG G 85 70.12 2.59 8.72
C ARG G 85 70.66 2.48 10.13
N PHE G 86 71.97 2.25 10.23
CA PHE G 86 72.66 2.13 11.50
C PHE G 86 72.82 3.51 12.10
N PHE G 87 72.57 3.61 13.39
CA PHE G 87 72.78 4.86 14.11
C PHE G 87 74.30 5.01 14.26
N PRO G 88 74.77 6.15 14.78
CA PRO G 88 76.20 6.34 14.97
C PRO G 88 76.80 5.24 15.85
N ASP G 89 76.30 5.11 17.07
CA ASP G 89 76.84 4.11 17.99
C ASP G 89 76.71 2.68 17.45
N GLY G 90 76.00 2.51 16.34
CA GLY G 90 75.84 1.16 15.80
C GLY G 90 74.90 0.28 16.62
N ARG G 91 74.33 0.84 17.69
CA ARG G 91 73.42 0.12 18.55
C ARG G 91 72.01 0.07 18.02
N LYS G 92 71.38 1.23 17.82
CA LYS G 92 70.01 1.33 17.30
C LYS G 92 70.01 1.39 15.78
N ILE G 93 68.84 1.16 15.19
CA ILE G 93 68.67 1.16 13.75
C ILE G 93 67.37 1.86 13.35
N ALA G 94 67.44 2.79 12.40
CA ALA G 94 66.23 3.45 11.93
C ALA G 94 65.75 2.63 10.73
N ILE G 95 64.48 2.26 10.74
CA ILE G 95 63.87 1.45 9.68
C ILE G 95 62.67 2.13 9.03
N ARG G 96 62.59 2.08 7.69
CA ARG G 96 61.48 2.65 6.95
C ARG G 96 60.62 1.47 6.49
N VAL G 97 59.36 1.44 6.91
CA VAL G 97 58.50 0.34 6.53
C VAL G 97 57.26 0.84 5.80
N MET G 98 56.82 0.08 4.81
CA MET G 98 55.63 0.45 4.02
C MET G 98 54.44 -0.48 4.37
N ARG G 99 53.23 0.09 4.29
CA ARG G 99 51.99 -0.62 4.53
C ARG G 99 50.91 -0.22 3.52
N GLY G 100 49.82 -0.98 3.46
CA GLY G 100 48.77 -0.70 2.49
C GLY G 100 48.89 -1.75 1.41
N SER G 101 47.77 -2.14 0.82
CA SER G 101 47.82 -3.17 -0.22
C SER G 101 48.90 -2.94 -1.28
N SER G 102 49.06 -1.68 -1.69
CA SER G 102 50.02 -1.30 -2.71
C SER G 102 51.18 -0.49 -2.16
N LEU G 103 51.45 -0.65 -0.87
CA LEU G 103 52.55 0.06 -0.22
C LEU G 103 52.44 1.54 -0.49
N ASN G 104 51.20 2.03 -0.46
CA ASN G 104 50.88 3.44 -0.71
C ASN G 104 51.18 4.35 0.50
N THR G 105 51.49 3.73 1.64
CA THR G 105 51.80 4.48 2.84
C THR G 105 53.07 4.00 3.50
N ALA G 106 53.72 4.88 4.26
CA ALA G 106 54.95 4.52 4.94
C ALA G 106 55.25 5.40 6.17
N ASP G 107 56.01 4.82 7.11
CA ASP G 107 56.43 5.49 8.34
C ASP G 107 57.71 4.86 8.88
N LEU G 108 58.36 5.58 9.79
CA LEU G 108 59.62 5.14 10.36
C LEU G 108 59.57 4.50 11.77
N TYR G 109 60.42 3.49 11.97
CA TYR G 109 60.52 2.75 13.22
C TYR G 109 61.96 2.70 13.75
N PHE G 110 62.09 2.51 15.07
CA PHE G 110 63.39 2.41 15.74
C PHE G 110 63.57 0.98 16.20
N TYR G 111 64.82 0.54 16.25
CA TYR G 111 65.15 -0.81 16.69
C TYR G 111 66.33 -0.76 17.62
N ASN G 112 66.14 -1.20 18.85
CA ASN G 112 67.20 -1.21 19.83
C ASN G 112 67.76 -2.62 19.92
N GLY G 113 68.93 -2.85 19.33
CA GLY G 113 69.52 -4.17 19.35
C GLY G 113 69.99 -4.57 20.74
N GLU G 114 69.85 -3.68 21.72
CA GLU G 114 70.29 -4.01 23.06
C GLU G 114 69.21 -4.82 23.76
N ASN G 115 67.97 -4.32 23.76
CA ASN G 115 66.87 -5.01 24.41
C ASN G 115 65.88 -5.62 23.42
N GLY G 116 66.09 -5.34 22.15
CA GLY G 116 65.19 -5.87 21.14
C GLY G 116 63.87 -5.12 21.14
N GLU G 117 63.93 -3.84 21.49
CA GLU G 117 62.74 -3.00 21.52
C GLU G 117 62.45 -2.51 20.10
N ILE G 118 61.18 -2.35 19.79
CA ILE G 118 60.76 -1.86 18.49
C ILE G 118 59.80 -0.73 18.82
N LYS G 119 59.84 0.35 18.05
CA LYS G 119 58.99 1.52 18.31
C LYS G 119 58.76 2.39 17.07
N ARG G 120 57.50 2.70 16.80
CA ARG G 120 57.14 3.54 15.67
C ARG G 120 57.53 4.97 16.03
N ILE G 121 58.31 5.62 15.17
CA ILE G 121 58.77 6.96 15.38
C ILE G 121 57.92 8.07 14.76
N THR G 122 57.45 7.85 13.54
CA THR G 122 56.64 8.86 12.84
C THR G 122 55.22 8.39 12.51
N TYR G 123 54.26 9.30 12.58
CA TYR G 123 52.88 8.99 12.31
C TYR G 123 52.42 9.96 11.26
N PHE G 124 53.25 10.09 10.23
CA PHE G 124 52.99 11.02 9.12
C PHE G 124 52.16 10.37 8.01
N SER G 125 52.28 9.05 7.92
CA SER G 125 51.63 8.26 6.87
C SER G 125 52.01 8.86 5.51
N GLY G 126 53.31 9.06 5.33
CA GLY G 126 53.85 9.64 4.11
C GLY G 126 53.39 8.89 2.87
N LYS G 127 53.05 9.64 1.83
CA LYS G 127 52.59 9.02 0.59
C LYS G 127 53.82 8.58 -0.23
N SER G 128 53.78 7.36 -0.75
CA SER G 128 54.89 6.90 -1.55
C SER G 128 54.44 6.02 -2.72
N THR G 129 55.29 5.91 -3.74
CA THR G 129 55.00 5.10 -4.91
C THR G 129 56.30 4.39 -5.21
N GLY G 130 56.28 3.44 -6.13
CA GLY G 130 57.52 2.72 -6.44
C GLY G 130 58.66 3.66 -6.83
N ARG G 131 58.35 4.64 -7.69
CA ARG G 131 59.34 5.59 -8.17
C ARG G 131 59.78 6.65 -7.15
N ARG G 132 58.89 7.02 -6.24
CA ARG G 132 59.21 8.03 -5.25
C ARG G 132 58.82 7.56 -3.86
N MET G 133 59.67 6.73 -3.26
CA MET G 133 59.43 6.20 -1.93
C MET G 133 59.91 7.18 -0.87
N PHE G 134 59.17 8.28 -0.75
CA PHE G 134 59.50 9.35 0.18
C PHE G 134 59.33 9.02 1.66
N THR G 135 59.79 9.92 2.53
CA THR G 135 59.75 9.73 3.98
C THR G 135 60.69 8.58 4.38
N ASP G 136 61.97 8.93 4.47
CA ASP G 136 63.05 8.00 4.79
C ASP G 136 64.09 8.65 5.68
N VAL G 137 65.19 7.94 5.94
CA VAL G 137 66.27 8.46 6.76
C VAL G 137 67.20 9.26 5.87
N ALA G 138 67.44 10.52 6.23
CA ALA G 138 68.32 11.38 5.44
C ALA G 138 69.78 11.22 5.82
N GLY G 139 70.01 10.96 7.10
CA GLY G 139 71.36 10.79 7.59
C GLY G 139 71.41 11.06 9.08
N PHE G 140 72.60 11.30 9.60
CA PHE G 140 72.75 11.58 11.03
C PHE G 140 73.66 12.78 11.25
N ASP G 141 73.22 13.69 12.11
CA ASP G 141 74.01 14.88 12.41
C ASP G 141 75.20 14.54 13.30
N PRO G 142 76.16 15.47 13.42
CA PRO G 142 77.35 15.22 14.24
C PRO G 142 77.04 14.70 15.65
N ASP G 143 75.99 15.24 16.27
CA ASP G 143 75.60 14.82 17.61
C ASP G 143 75.07 13.40 17.68
N GLY G 144 74.93 12.76 16.52
CA GLY G 144 74.42 11.41 16.48
C GLY G 144 72.91 11.33 16.40
N ASN G 145 72.26 12.41 15.97
CA ASN G 145 70.82 12.41 15.83
C ASN G 145 70.39 12.10 14.42
N LEU G 146 69.22 11.47 14.32
CA LEU G 146 68.64 11.08 13.04
C LEU G 146 67.98 12.24 12.30
N ILE G 147 68.31 12.37 11.02
CA ILE G 147 67.74 13.41 10.18
C ILE G 147 66.91 12.67 9.14
N ILE G 148 65.62 13.02 9.08
CA ILE G 148 64.73 12.39 8.14
C ILE G 148 64.28 13.33 7.04
N SER G 149 63.89 12.72 5.94
CA SER G 149 63.41 13.45 4.78
C SER G 149 61.95 13.09 4.54
N THR G 150 61.05 14.07 4.67
CA THR G 150 59.63 13.81 4.43
C THR G 150 58.87 15.02 3.87
N ASP G 151 57.75 14.72 3.23
CA ASP G 151 56.87 15.73 2.64
C ASP G 151 55.52 15.74 3.36
N ALA G 152 55.44 14.96 4.43
CA ALA G 152 54.20 14.85 5.21
C ALA G 152 53.53 16.19 5.51
N MET G 153 54.33 17.23 5.79
CA MET G 153 53.77 18.52 6.11
C MET G 153 53.92 19.55 5.01
N GLN G 154 54.27 19.06 3.83
CA GLN G 154 54.47 19.93 2.68
C GLN G 154 53.34 19.77 1.69
N PRO G 155 53.11 20.81 0.86
CA PRO G 155 52.05 20.84 -0.15
C PRO G 155 52.37 19.97 -1.37
N PHE G 156 53.65 19.86 -1.72
CA PHE G 156 54.03 19.06 -2.86
C PHE G 156 54.84 17.87 -2.40
N SER G 157 54.55 16.70 -2.98
CA SER G 157 55.25 15.49 -2.60
C SER G 157 56.76 15.64 -2.75
N SER G 158 57.20 16.29 -3.83
CA SER G 158 58.63 16.49 -4.04
C SER G 158 59.32 17.36 -2.97
N MET G 159 58.56 18.08 -2.14
CA MET G 159 59.18 18.87 -1.09
C MET G 159 59.55 17.94 0.07
N THR G 160 60.46 17.01 -0.19
CA THR G 160 60.88 16.08 0.85
C THR G 160 61.93 16.80 1.71
N CYS G 161 61.47 17.82 2.42
CA CYS G 161 62.31 18.64 3.27
C CYS G 161 62.99 17.87 4.43
N LEU G 162 64.09 18.39 4.95
CA LEU G 162 64.82 17.73 6.01
C LEU G 162 64.37 18.10 7.42
N TYR G 163 64.26 17.08 8.29
CA TYR G 163 63.83 17.26 9.68
C TYR G 163 64.68 16.47 10.68
N ARG G 164 64.99 17.09 11.81
CA ARG G 164 65.76 16.41 12.86
C ARG G 164 64.78 15.76 13.86
N VAL G 165 64.95 14.46 14.08
CA VAL G 165 64.10 13.73 15.01
C VAL G 165 64.46 13.94 16.46
N GLU G 166 63.49 14.34 17.28
CA GLU G 166 63.75 14.55 18.70
C GLU G 166 62.80 13.75 19.59
N ASN G 167 63.30 13.34 20.76
CA ASN G 167 62.50 12.58 21.73
C ASN G 167 61.81 11.39 21.11
N ASP G 168 62.49 10.73 20.20
CA ASP G 168 61.94 9.54 19.55
C ASP G 168 60.62 9.79 18.82
N GLY G 169 60.52 10.91 18.10
CA GLY G 169 59.29 11.20 17.37
C GLY G 169 58.35 12.17 18.05
N ILE G 170 58.75 12.68 19.21
CA ILE G 170 57.90 13.63 19.95
C ILE G 170 57.87 14.95 19.20
N ASN G 171 59.04 15.53 18.97
CA ASN G 171 59.17 16.82 18.29
C ASN G 171 59.97 16.65 16.99
N PHE G 172 59.79 17.59 16.06
CA PHE G 172 60.51 17.60 14.78
C PHE G 172 61.04 18.98 14.48
N VAL G 173 62.36 19.13 14.41
CA VAL G 173 62.96 20.45 14.10
C VAL G 173 63.44 20.53 12.66
N PRO G 174 62.85 21.45 11.86
CA PRO G 174 63.24 21.62 10.45
C PRO G 174 64.63 22.23 10.24
N LEU G 175 65.36 21.71 9.26
CA LEU G 175 66.69 22.21 8.95
C LEU G 175 66.65 23.31 7.90
N ASN G 176 65.46 23.56 7.35
CA ASN G 176 65.25 24.60 6.34
C ASN G 176 66.31 24.63 5.29
N LEU G 177 66.69 23.46 4.78
CA LEU G 177 67.70 23.36 3.75
C LEU G 177 67.06 23.03 2.41
N GLY G 178 65.73 23.04 2.37
CA GLY G 178 65.05 22.73 1.14
C GLY G 178 64.90 21.22 0.97
N PRO G 179 64.34 20.75 -0.16
CA PRO G 179 64.16 19.31 -0.42
C PRO G 179 65.46 18.56 -0.55
N ALA G 180 65.53 17.40 0.12
CA ALA G 180 66.76 16.60 0.08
C ALA G 180 66.50 15.13 0.31
N THR G 181 67.39 14.31 -0.22
CA THR G 181 67.25 12.89 -0.10
C THR G 181 68.35 12.36 0.82
N HIS G 182 69.49 13.03 0.85
CA HIS G 182 70.61 12.64 1.71
C HIS G 182 71.24 13.88 2.34
N ILE G 183 71.73 13.73 3.56
CA ILE G 183 72.40 14.81 4.25
C ILE G 183 73.60 14.19 4.98
N LEU G 184 74.82 14.49 4.52
CA LEU G 184 76.03 13.95 5.13
C LEU G 184 76.77 15.08 5.79
N PHE G 185 77.78 14.75 6.59
CA PHE G 185 78.56 15.80 7.24
C PHE G 185 80.06 15.49 7.08
N ALA G 186 80.84 16.53 6.85
CA ALA G 186 82.26 16.34 6.70
C ALA G 186 82.96 17.63 7.10
N ASP G 187 83.83 17.51 8.10
CA ASP G 187 84.60 18.66 8.56
C ASP G 187 83.70 19.85 8.91
N GLY G 188 82.57 19.54 9.55
CA GLY G 188 81.66 20.59 9.95
C GLY G 188 80.96 21.20 8.76
N ARG G 189 80.91 20.47 7.66
CA ARG G 189 80.25 20.98 6.47
C ARG G 189 79.07 20.11 6.06
N ARG G 190 77.93 20.76 5.84
CA ARG G 190 76.74 20.03 5.43
C ARG G 190 76.88 19.65 3.97
N VAL G 191 76.56 18.40 3.66
CA VAL G 191 76.62 17.91 2.29
C VAL G 191 75.20 17.47 1.95
N ILE G 192 74.59 18.13 0.98
CA ILE G 192 73.20 17.82 0.59
C ILE G 192 73.07 17.12 -0.76
N GLY G 193 72.35 16.00 -0.74
CA GLY G 193 72.12 15.22 -1.93
C GLY G 193 70.67 15.37 -2.36
N ARG G 194 70.46 16.04 -3.50
CA ARG G 194 69.14 16.30 -4.06
C ARG G 194 68.68 15.26 -5.09
N ASN G 195 67.52 14.66 -4.85
CA ASN G 195 66.97 13.67 -5.77
C ASN G 195 67.98 12.57 -6.01
N THR G 196 68.72 12.25 -4.96
CA THR G 196 69.75 11.23 -5.05
C THR G 196 69.32 9.78 -4.77
N PHE G 197 68.03 9.49 -4.88
CA PHE G 197 67.57 8.11 -4.67
C PHE G 197 67.82 7.35 -5.96
N GLU G 198 67.70 6.03 -5.93
CA GLU G 198 67.95 5.26 -7.13
C GLU G 198 66.81 5.36 -8.14
N LEU G 199 67.15 5.27 -9.43
CA LEU G 199 66.13 5.31 -10.45
C LEU G 199 66.25 4.07 -11.34
N PRO G 200 65.91 2.91 -10.82
CA PRO G 200 66.00 1.69 -11.62
C PRO G 200 65.10 1.67 -12.84
N HIS G 201 63.98 2.38 -12.75
CA HIS G 201 63.00 2.40 -13.82
C HIS G 201 63.43 3.23 -15.02
N TRP G 202 64.48 4.02 -14.84
CA TRP G 202 64.95 4.86 -15.94
C TRP G 202 66.45 4.92 -15.99
N LYS G 203 67.06 3.97 -16.66
CA LYS G 203 68.50 3.97 -16.76
C LYS G 203 68.94 5.03 -17.77
N GLY G 204 70.11 5.62 -17.51
CA GLY G 204 70.61 6.67 -18.39
C GLY G 204 69.82 7.98 -18.37
N TYR G 205 69.05 8.20 -17.30
CA TYR G 205 68.25 9.41 -17.16
C TYR G 205 69.18 10.62 -17.08
N ARG G 206 68.90 11.64 -17.90
CA ARG G 206 69.71 12.85 -17.95
C ARG G 206 68.85 14.10 -17.87
N GLY G 207 67.67 13.96 -17.27
CA GLY G 207 66.77 15.10 -17.13
C GLY G 207 67.11 16.07 -16.00
N GLY G 208 66.32 17.13 -15.88
CA GLY G 208 66.56 18.12 -14.85
C GLY G 208 66.40 17.67 -13.41
N THR G 209 65.76 16.53 -13.20
CA THR G 209 65.54 16.05 -11.83
C THR G 209 66.63 15.05 -11.44
N ARG G 210 67.69 15.02 -12.22
CA ARG G 210 68.81 14.12 -11.98
C ARG G 210 69.44 14.47 -10.65
N GLY G 211 69.83 13.44 -9.91
CA GLY G 211 70.47 13.62 -8.62
C GLY G 211 71.71 14.50 -8.70
N LYS G 212 71.81 15.45 -7.77
CA LYS G 212 72.92 16.39 -7.69
C LYS G 212 73.43 16.52 -6.25
N ILE G 213 74.68 16.97 -6.07
CA ILE G 213 75.21 17.16 -4.73
C ILE G 213 75.72 18.57 -4.48
N TRP G 214 75.29 19.15 -3.36
CA TRP G 214 75.73 20.49 -2.98
C TRP G 214 76.61 20.39 -1.73
N ILE G 215 77.23 21.50 -1.34
CA ILE G 215 78.09 21.53 -0.17
C ILE G 215 78.21 22.92 0.47
N GLU G 216 78.28 22.93 1.80
CA GLU G 216 78.43 24.18 2.53
C GLU G 216 79.89 24.65 2.40
N VAL G 217 80.08 25.98 2.38
CA VAL G 217 81.42 26.58 2.26
C VAL G 217 81.64 27.75 3.21
N ASN G 218 80.54 28.37 3.63
CA ASN G 218 80.61 29.50 4.53
C ASN G 218 79.48 29.48 5.57
N SER G 219 79.58 28.54 6.52
CA SER G 219 78.59 28.32 7.60
C SER G 219 77.22 28.91 7.30
N GLY G 220 76.74 28.63 6.09
CA GLY G 220 75.45 29.12 5.65
C GLY G 220 75.43 29.25 4.13
N ALA G 221 76.60 29.32 3.50
CA ALA G 221 76.64 29.44 2.06
C ALA G 221 76.86 28.07 1.42
N PHE G 222 76.08 27.79 0.37
CA PHE G 222 76.17 26.50 -0.31
C PHE G 222 76.56 26.53 -1.77
N LYS G 223 77.27 25.51 -2.21
CA LYS G 223 77.73 25.43 -3.58
C LYS G 223 77.54 24.05 -4.17
N LYS G 224 76.97 24.03 -5.35
CA LYS G 224 76.73 22.78 -6.05
C LYS G 224 78.06 22.20 -6.53
N ILE G 225 78.37 20.97 -6.12
CA ILE G 225 79.64 20.37 -6.51
C ILE G 225 79.59 19.15 -7.41
N VAL G 226 78.52 18.38 -7.36
CA VAL G 226 78.44 17.26 -8.30
C VAL G 226 77.17 17.43 -9.09
N ASP G 227 77.33 17.70 -10.38
CA ASP G 227 76.22 17.91 -11.29
C ASP G 227 76.67 17.35 -12.64
N MET G 228 76.75 16.03 -12.74
CA MET G 228 77.12 15.39 -14.00
C MET G 228 75.92 15.40 -14.96
N SER G 229 76.12 14.86 -16.17
CA SER G 229 75.05 14.86 -17.15
C SER G 229 73.99 13.85 -16.79
N THR G 230 74.41 12.78 -16.12
CA THR G 230 73.49 11.73 -15.69
C THR G 230 73.12 11.85 -14.22
N HIS G 231 72.30 10.90 -13.80
CA HIS G 231 71.80 10.79 -12.44
C HIS G 231 72.84 10.25 -11.42
N VAL G 232 72.91 10.91 -10.27
CA VAL G 232 73.81 10.50 -9.22
C VAL G 232 73.00 10.03 -8.03
N SER G 233 73.25 8.78 -7.59
CA SER G 233 72.51 8.19 -6.46
C SER G 233 73.35 7.64 -5.32
N SER G 234 72.70 7.48 -4.17
CA SER G 234 73.29 6.92 -2.96
C SER G 234 74.71 7.38 -2.60
N PRO G 235 74.87 8.66 -2.22
CA PRO G 235 76.18 9.21 -1.86
C PRO G 235 76.65 8.86 -0.44
N VAL G 236 77.95 8.62 -0.33
CA VAL G 236 78.61 8.30 0.94
C VAL G 236 79.95 9.01 1.00
N ILE G 237 80.48 9.17 2.21
CA ILE G 237 81.75 9.85 2.39
C ILE G 237 82.74 9.02 3.20
N VAL G 238 83.79 8.51 2.54
CA VAL G 238 84.80 7.73 3.24
C VAL G 238 86.05 8.57 3.21
N GLY G 239 86.47 9.03 4.39
CA GLY G 239 87.64 9.87 4.49
C GLY G 239 87.24 11.27 4.07
N HIS G 240 87.71 11.71 2.92
CA HIS G 240 87.33 13.03 2.44
C HIS G 240 86.90 12.99 0.99
N ARG G 241 86.25 11.88 0.62
CA ARG G 241 85.75 11.70 -0.73
C ARG G 241 84.31 11.23 -0.67
N ILE G 242 83.50 11.73 -1.59
CA ILE G 242 82.12 11.36 -1.66
C ILE G 242 82.02 10.29 -2.73
N TYR G 243 81.55 9.12 -2.34
CA TYR G 243 81.38 8.04 -3.28
C TYR G 243 79.90 7.94 -3.61
N PHE G 244 79.61 7.87 -4.89
CA PHE G 244 78.24 7.77 -5.34
C PHE G 244 78.20 6.86 -6.54
N ILE G 245 77.02 6.77 -7.14
CA ILE G 245 76.82 5.90 -8.29
C ILE G 245 76.22 6.65 -9.42
N THR G 246 76.65 6.33 -10.64
CA THR G 246 76.11 6.96 -11.85
C THR G 246 76.36 6.04 -13.05
N ASP G 247 75.68 6.30 -14.16
CA ASP G 247 75.86 5.47 -15.33
C ASP G 247 76.23 6.31 -16.51
N ILE G 248 77.13 7.28 -16.29
CA ILE G 248 77.55 8.14 -17.36
C ILE G 248 78.28 7.39 -18.48
N ASP G 249 78.94 6.30 -18.10
CA ASP G 249 79.70 5.49 -19.06
C ASP G 249 78.83 4.47 -19.78
N GLY G 250 77.54 4.45 -19.45
CA GLY G 250 76.62 3.52 -20.10
C GLY G 250 76.13 2.43 -19.17
N PHE G 251 76.64 2.44 -17.95
CA PHE G 251 76.24 1.43 -16.98
C PHE G 251 76.50 1.97 -15.58
N GLY G 252 75.79 1.42 -14.59
CA GLY G 252 75.94 1.85 -13.22
C GLY G 252 77.29 1.42 -12.66
N GLN G 253 77.99 2.36 -12.04
CA GLN G 253 79.29 2.09 -11.44
C GLN G 253 79.49 3.02 -10.25
N ILE G 254 80.52 2.75 -9.47
CA ILE G 254 80.82 3.59 -8.31
C ILE G 254 81.94 4.56 -8.65
N TYR G 255 81.80 5.80 -8.17
CA TYR G 255 82.80 6.84 -8.41
C TYR G 255 82.96 7.62 -7.11
N SER G 256 83.86 8.60 -7.12
CA SER G 256 84.07 9.45 -5.96
C SER G 256 84.81 10.69 -6.42
N THR G 257 84.78 11.71 -5.58
CA THR G 257 85.45 12.97 -5.89
C THR G 257 85.73 13.65 -4.55
N ASP G 258 86.68 14.58 -4.52
CA ASP G 258 86.97 15.26 -3.28
C ASP G 258 85.75 16.10 -2.88
N LEU G 259 85.81 16.72 -1.70
CA LEU G 259 84.70 17.52 -1.23
C LEU G 259 84.51 18.79 -2.06
N ASP G 260 84.95 18.74 -3.32
CA ASP G 260 84.81 19.86 -4.24
C ASP G 260 84.35 19.40 -5.60
N GLY G 261 83.86 18.18 -5.65
CA GLY G 261 83.37 17.65 -6.90
C GLY G 261 84.44 17.51 -7.95
N LYS G 262 85.71 17.64 -7.54
CA LYS G 262 86.83 17.52 -8.46
C LYS G 262 87.52 16.15 -8.34
N ASP G 263 88.43 15.89 -9.26
CA ASP G 263 89.16 14.64 -9.28
C ASP G 263 88.26 13.41 -9.39
N LEU G 264 87.47 13.34 -10.46
CA LEU G 264 86.58 12.21 -10.66
C LEU G 264 87.36 10.92 -10.86
N ARG G 265 86.82 9.82 -10.32
CA ARG G 265 87.42 8.50 -10.45
C ARG G 265 86.36 7.40 -10.57
N LYS G 266 86.58 6.52 -11.54
CA LYS G 266 85.70 5.38 -11.80
C LYS G 266 86.32 4.18 -11.09
N HIS G 267 85.62 3.64 -10.10
CA HIS G 267 86.12 2.51 -9.32
C HIS G 267 85.68 1.12 -9.79
N THR G 268 84.39 0.87 -9.85
CA THR G 268 83.92 -0.44 -10.26
C THR G 268 83.76 -0.52 -11.76
N SER G 269 83.58 -1.71 -12.30
CA SER G 269 83.41 -1.89 -13.75
C SER G 269 82.37 -2.98 -14.08
N PHE G 270 81.35 -3.07 -13.24
CA PHE G 270 80.30 -4.04 -13.42
C PHE G 270 79.70 -4.10 -14.83
N THR G 271 79.06 -5.23 -15.13
CA THR G 271 78.40 -5.43 -16.42
C THR G 271 77.12 -6.26 -16.28
N ASP G 272 76.98 -7.01 -15.17
CA ASP G 272 75.82 -7.87 -14.91
C ASP G 272 74.55 -7.15 -14.44
N TYR G 273 74.65 -6.39 -13.34
CA TYR G 273 73.52 -5.63 -12.82
C TYR G 273 74.00 -4.35 -12.17
N TYR G 274 73.21 -3.29 -12.29
CA TYR G 274 73.57 -2.03 -11.68
C TYR G 274 73.68 -2.17 -10.14
N PRO G 275 74.68 -1.52 -9.52
CA PRO G 275 74.88 -1.56 -8.07
C PRO G 275 73.89 -0.57 -7.47
N ARG G 276 73.46 -0.77 -6.23
CA ARG G 276 72.50 0.15 -5.63
C ARG G 276 72.61 0.23 -4.12
N HIS G 277 72.05 1.29 -3.56
CA HIS G 277 72.00 1.50 -2.12
C HIS G 277 73.36 1.55 -1.41
N LEU G 278 74.20 2.53 -1.73
CA LEU G 278 75.50 2.61 -1.06
C LEU G 278 75.35 3.04 0.40
N ASN G 279 76.11 2.43 1.26
CA ASN G 279 76.05 2.78 2.66
C ASN G 279 77.40 2.44 3.29
N THR G 280 77.82 3.26 4.23
CA THR G 280 79.12 3.04 4.87
C THR G 280 79.09 3.31 6.35
N ASP G 281 80.23 3.07 6.97
CA ASP G 281 80.45 3.25 8.41
C ASP G 281 81.67 4.14 8.64
N GLY G 282 82.29 4.56 7.54
CA GLY G 282 83.47 5.40 7.62
C GLY G 282 84.70 4.65 7.13
N ARG G 283 84.65 3.32 7.14
CA ARG G 283 85.76 2.52 6.70
C ARG G 283 85.47 1.90 5.33
N ARG G 284 84.54 0.95 5.28
CA ARG G 284 84.20 0.30 4.01
C ARG G 284 82.79 0.60 3.55
N ILE G 285 82.57 0.50 2.24
CA ILE G 285 81.28 0.77 1.65
C ILE G 285 80.53 -0.53 1.40
N LEU G 286 79.22 -0.49 1.60
CA LEU G 286 78.36 -1.66 1.39
C LEU G 286 77.31 -1.35 0.30
N PHE G 287 76.88 -2.37 -0.42
CA PHE G 287 75.89 -2.18 -1.46
C PHE G 287 75.36 -3.52 -1.97
N SER G 288 74.34 -3.46 -2.81
CA SER G 288 73.76 -4.68 -3.35
C SER G 288 73.79 -4.68 -4.86
N LYS G 289 73.81 -5.88 -5.43
CA LYS G 289 73.81 -6.01 -6.89
C LYS G 289 73.27 -7.36 -7.32
N GLY G 290 72.36 -7.36 -8.29
CA GLY G 290 71.77 -8.59 -8.76
C GLY G 290 71.28 -9.51 -7.66
N GLY G 291 70.95 -8.94 -6.50
CA GLY G 291 70.45 -9.75 -5.41
C GLY G 291 71.44 -10.23 -4.36
N SER G 292 72.70 -9.81 -4.48
CA SER G 292 73.73 -10.20 -3.51
C SER G 292 74.26 -8.95 -2.80
N ILE G 293 74.90 -9.15 -1.66
CA ILE G 293 75.47 -8.05 -0.93
C ILE G 293 77.01 -8.04 -1.15
N TYR G 294 77.51 -6.90 -1.56
CA TYR G 294 78.91 -6.74 -1.83
C TYR G 294 79.58 -5.72 -0.90
N ILE G 295 80.92 -5.72 -0.90
CA ILE G 295 81.71 -4.77 -0.12
C ILE G 295 82.82 -4.19 -0.99
N PHE G 296 83.12 -2.93 -0.75
CA PHE G 296 84.13 -2.20 -1.46
C PHE G 296 84.96 -1.50 -0.40
N ASN G 297 86.27 -1.73 -0.43
CA ASN G 297 87.17 -1.09 0.54
C ASN G 297 87.84 0.08 -0.19
N PRO G 298 87.57 1.32 0.25
CA PRO G 298 88.14 2.51 -0.36
C PRO G 298 89.66 2.45 -0.47
N ASP G 299 90.30 1.91 0.54
CA ASP G 299 91.76 1.81 0.54
C ASP G 299 92.26 0.79 -0.46
N THR G 300 91.88 -0.46 -0.25
CA THR G 300 92.31 -1.53 -1.13
C THR G 300 91.70 -1.41 -2.52
N GLU G 301 90.51 -0.82 -2.58
CA GLU G 301 89.77 -0.65 -3.82
C GLU G 301 89.32 -2.03 -4.32
N LYS G 302 89.25 -2.99 -3.40
CA LYS G 302 88.83 -4.35 -3.72
C LYS G 302 87.33 -4.58 -3.50
N ILE G 303 86.73 -5.30 -4.45
CA ILE G 303 85.32 -5.61 -4.38
C ILE G 303 85.18 -7.08 -4.02
N GLU G 304 84.41 -7.34 -2.99
CA GLU G 304 84.16 -8.70 -2.56
C GLU G 304 82.70 -8.95 -2.18
N LYS G 305 82.23 -10.13 -2.55
CA LYS G 305 80.86 -10.58 -2.31
C LYS G 305 80.76 -11.27 -0.95
N ILE G 306 79.75 -10.92 -0.18
CA ILE G 306 79.58 -11.52 1.13
C ILE G 306 78.80 -12.83 0.93
N GLU G 307 79.17 -13.86 1.69
CA GLU G 307 78.50 -15.15 1.57
C GLU G 307 77.37 -15.21 2.57
N ILE G 308 76.16 -15.55 2.11
CA ILE G 308 75.01 -15.63 3.00
C ILE G 308 74.16 -16.89 2.80
N GLY G 309 74.08 -17.34 1.56
CA GLY G 309 73.32 -18.53 1.25
C GLY G 309 71.84 -18.40 1.55
N ASP G 310 71.16 -19.54 1.55
CA ASP G 310 69.73 -19.59 1.79
C ASP G 310 69.35 -18.99 3.14
N LEU G 311 68.21 -18.32 3.20
CA LEU G 311 67.78 -17.69 4.44
C LEU G 311 66.33 -18.00 4.79
N GLU G 312 65.46 -17.90 3.80
CA GLU G 312 64.05 -18.14 4.03
C GLU G 312 63.31 -18.58 2.77
N SER G 313 62.50 -19.64 2.91
CA SER G 313 61.73 -20.18 1.80
C SER G 313 60.30 -20.47 2.30
N PRO G 314 59.43 -19.44 2.31
CA PRO G 314 58.05 -19.58 2.75
C PRO G 314 57.22 -20.53 1.91
N GLU G 315 56.02 -20.85 2.41
CA GLU G 315 55.09 -21.74 1.74
C GLU G 315 54.76 -21.25 0.35
N ASP G 316 55.10 -22.05 -0.65
CA ASP G 316 54.87 -21.67 -2.04
C ASP G 316 53.42 -21.69 -2.44
N ARG G 317 52.64 -22.57 -1.82
CA ARG G 317 51.23 -22.67 -2.13
C ARG G 317 50.45 -21.66 -1.28
N ILE G 318 49.92 -20.62 -1.94
CA ILE G 318 49.18 -19.56 -1.27
C ILE G 318 47.70 -19.56 -1.57
N ILE G 319 46.95 -19.00 -0.61
CA ILE G 319 45.50 -18.89 -0.70
C ILE G 319 45.10 -17.41 -0.85
N SER G 320 44.25 -17.12 -1.83
CA SER G 320 43.79 -15.75 -2.07
C SER G 320 42.27 -15.69 -2.12
N ILE G 321 41.74 -14.48 -1.95
CA ILE G 321 40.33 -14.23 -1.98
C ILE G 321 39.85 -13.86 -3.37
N PRO G 322 39.07 -14.74 -4.01
CA PRO G 322 38.57 -14.45 -5.36
C PRO G 322 37.99 -13.06 -5.65
N SER G 323 37.23 -12.50 -4.73
CA SER G 323 36.63 -11.19 -4.94
C SER G 323 37.71 -10.11 -5.13
N LYS G 324 38.82 -10.26 -4.40
CA LYS G 324 39.92 -9.29 -4.48
C LYS G 324 40.61 -9.23 -5.84
N PHE G 325 40.42 -10.25 -6.67
CA PHE G 325 41.06 -10.26 -7.98
C PHE G 325 40.12 -10.65 -9.08
N ALA G 326 38.82 -10.67 -8.77
CA ALA G 326 37.82 -11.06 -9.74
C ALA G 326 37.66 -10.07 -10.89
N GLU G 327 36.99 -10.53 -11.95
CA GLU G 327 36.74 -9.74 -13.15
C GLU G 327 36.06 -10.58 -14.23
N ASP G 328 35.52 -9.90 -15.23
CA ASP G 328 34.84 -10.62 -16.32
C ASP G 328 33.64 -11.51 -15.87
N PHE G 329 32.86 -11.07 -14.88
CA PHE G 329 31.70 -11.84 -14.42
C PHE G 329 30.68 -11.93 -15.56
N SER G 330 30.21 -13.13 -15.86
CA SER G 330 29.23 -13.33 -16.95
C SER G 330 28.15 -14.37 -16.61
N PRO G 331 26.88 -14.11 -16.97
CA PRO G 331 25.77 -15.03 -16.70
C PRO G 331 25.65 -16.13 -17.75
N LEU G 332 25.43 -17.37 -17.32
CA LEU G 332 25.31 -18.50 -18.23
C LEU G 332 23.90 -19.08 -18.19
N ASP G 333 23.74 -20.29 -18.72
CA ASP G 333 22.43 -20.96 -18.73
C ASP G 333 22.22 -21.63 -17.38
N GLY G 334 21.02 -22.17 -17.17
CA GLY G 334 20.70 -22.84 -15.93
C GLY G 334 20.97 -21.94 -14.74
N ASP G 335 20.94 -20.62 -14.96
CA ASP G 335 21.18 -19.64 -13.90
C ASP G 335 22.57 -19.81 -13.28
N LEU G 336 23.57 -20.09 -14.12
CA LEU G 336 24.94 -20.26 -13.65
C LEU G 336 25.70 -18.96 -13.92
N ILE G 337 26.89 -18.90 -13.35
CA ILE G 337 27.76 -17.73 -13.47
C ILE G 337 29.18 -18.12 -13.89
N ALA G 338 29.86 -17.24 -14.61
CA ALA G 338 31.24 -17.49 -14.99
C ALA G 338 32.03 -16.23 -14.62
N PHE G 339 33.23 -16.41 -14.10
CA PHE G 339 34.05 -15.25 -13.76
C PHE G 339 35.52 -15.63 -13.73
N VAL G 340 36.38 -14.63 -13.89
CA VAL G 340 37.82 -14.86 -13.89
C VAL G 340 38.45 -14.17 -12.67
N SER G 341 39.48 -14.80 -12.12
CA SER G 341 40.18 -14.21 -10.99
C SER G 341 41.59 -14.73 -10.91
N ARG G 342 42.50 -13.81 -10.62
CA ARG G 342 43.92 -14.14 -10.49
C ARG G 342 44.35 -15.10 -11.61
N GLY G 343 43.80 -14.90 -12.80
CA GLY G 343 44.15 -15.74 -13.92
C GLY G 343 43.43 -17.05 -14.06
N GLN G 344 42.58 -17.39 -13.11
CA GLN G 344 41.81 -18.63 -13.14
C GLN G 344 40.36 -18.38 -13.49
N ALA G 345 39.66 -19.39 -13.98
CA ALA G 345 38.26 -19.22 -14.35
C ALA G 345 37.35 -20.17 -13.58
N PHE G 346 36.10 -19.76 -13.37
CA PHE G 346 35.16 -20.57 -12.66
C PHE G 346 33.69 -20.55 -13.14
N ILE G 347 33.03 -21.70 -12.97
CA ILE G 347 31.62 -21.87 -13.30
C ILE G 347 30.97 -22.17 -11.95
N GLN G 348 30.14 -21.25 -11.47
CA GLN G 348 29.49 -21.43 -10.20
C GLN G 348 28.06 -20.92 -10.21
N ASP G 349 27.35 -21.17 -9.11
CA ASP G 349 25.96 -20.70 -8.97
C ASP G 349 26.04 -19.38 -8.23
N VAL G 350 25.01 -18.55 -8.36
CA VAL G 350 25.03 -17.25 -7.69
C VAL G 350 25.56 -17.38 -6.24
N SER G 351 25.12 -18.43 -5.57
CA SER G 351 25.51 -18.71 -4.20
C SER G 351 27.00 -18.83 -3.96
N GLY G 352 27.69 -19.46 -4.91
CA GLY G 352 29.12 -19.66 -4.77
C GLY G 352 29.38 -20.95 -4.00
N THR G 353 28.35 -21.77 -3.87
CA THR G 353 28.51 -23.01 -3.13
C THR G 353 29.02 -24.12 -4.04
N TYR G 354 28.52 -24.16 -5.28
CA TYR G 354 28.93 -25.16 -6.25
C TYR G 354 29.84 -24.44 -7.24
N VAL G 355 31.13 -24.69 -7.13
CA VAL G 355 32.12 -24.01 -7.98
C VAL G 355 32.97 -24.98 -8.76
N LEU G 356 33.21 -24.66 -10.04
CA LEU G 356 34.08 -25.50 -10.88
C LEU G 356 35.15 -24.62 -11.49
N LYS G 357 36.40 -25.06 -11.40
CA LYS G 357 37.48 -24.31 -12.01
C LYS G 357 37.73 -24.82 -13.44
N VAL G 358 37.98 -23.92 -14.37
CA VAL G 358 38.27 -24.37 -15.70
C VAL G 358 39.66 -25.03 -15.62
N PRO G 359 39.79 -26.27 -16.14
CA PRO G 359 41.06 -27.02 -16.15
C PRO G 359 42.01 -26.49 -17.22
N GLU G 360 42.63 -25.35 -16.96
CA GLU G 360 43.57 -24.72 -17.89
C GLU G 360 44.67 -23.98 -17.12
N PRO G 361 45.92 -24.06 -17.61
CA PRO G 361 47.05 -23.40 -16.97
C PRO G 361 46.82 -21.89 -16.81
N LEU G 362 47.79 -21.22 -16.18
CA LEU G 362 47.68 -19.79 -15.96
C LEU G 362 47.40 -18.88 -17.17
N ARG G 363 46.74 -17.80 -16.81
CA ARG G 363 46.29 -16.72 -17.64
C ARG G 363 45.10 -16.94 -18.56
N ILE G 364 43.92 -16.90 -17.96
CA ILE G 364 42.69 -17.00 -18.72
C ILE G 364 42.26 -15.55 -18.75
N ARG G 365 42.25 -14.97 -19.95
CA ARG G 365 41.85 -13.57 -20.07
C ARG G 365 40.34 -13.40 -20.10
N TYR G 366 39.64 -14.23 -20.87
CA TYR G 366 38.20 -14.10 -20.95
C TYR G 366 37.39 -15.40 -20.97
N VAL G 367 36.19 -15.34 -20.41
CA VAL G 367 35.30 -16.49 -20.38
C VAL G 367 33.94 -16.07 -20.95
N ARG G 368 33.44 -16.84 -21.89
CA ARG G 368 32.17 -16.51 -22.53
C ARG G 368 31.25 -17.70 -22.84
N ARG G 369 29.97 -17.54 -22.50
CA ARG G 369 28.97 -18.58 -22.73
C ARG G 369 28.98 -19.03 -24.20
N GLY G 370 29.16 -20.33 -24.41
CA GLY G 370 29.21 -20.85 -25.77
C GLY G 370 28.31 -22.05 -25.98
N GLY G 371 27.31 -22.20 -25.13
CA GLY G 371 26.41 -23.34 -25.27
C GLY G 371 25.74 -23.69 -23.96
N ASP G 372 24.82 -24.66 -24.00
CA ASP G 372 24.12 -25.08 -22.79
C ASP G 372 25.04 -25.36 -21.62
N THR G 373 26.07 -26.16 -21.86
CA THR G 373 27.02 -26.50 -20.82
C THR G 373 28.45 -26.20 -21.25
N LYS G 374 28.59 -25.53 -22.39
CA LYS G 374 29.91 -25.20 -22.92
C LYS G 374 30.24 -23.71 -22.88
N VAL G 375 31.48 -23.38 -22.50
CA VAL G 375 31.94 -21.99 -22.40
C VAL G 375 33.22 -21.80 -23.22
N ALA G 376 33.33 -20.70 -23.95
CA ALA G 376 34.53 -20.44 -24.72
C ALA G 376 35.45 -19.52 -23.94
N PHE G 377 36.75 -19.73 -24.02
CA PHE G 377 37.66 -18.89 -23.26
C PHE G 377 38.86 -18.41 -24.05
N ILE G 378 39.53 -17.39 -23.52
CA ILE G 378 40.70 -16.84 -24.16
C ILE G 378 41.84 -17.08 -23.18
N HIS G 379 42.82 -17.90 -23.59
CA HIS G 379 43.99 -18.25 -22.78
C HIS G 379 45.19 -17.50 -23.30
N GLY G 380 45.94 -16.87 -22.41
CA GLY G 380 47.12 -16.11 -22.84
C GLY G 380 48.42 -16.70 -22.35
N THR G 381 49.43 -16.63 -23.21
CA THR G 381 50.77 -17.13 -22.88
C THR G 381 51.77 -16.11 -23.37
N ARG G 382 53.04 -16.38 -23.11
CA ARG G 382 54.13 -15.49 -23.52
C ARG G 382 54.10 -15.29 -25.05
N GLU G 383 53.59 -16.30 -25.75
CA GLU G 383 53.48 -16.26 -27.22
C GLU G 383 52.33 -15.38 -27.71
N GLY G 384 51.23 -15.41 -26.97
CA GLY G 384 50.07 -14.62 -27.32
C GLY G 384 48.77 -15.15 -26.75
N ASP G 385 47.67 -14.73 -27.36
CA ASP G 385 46.36 -15.17 -26.90
C ASP G 385 45.73 -16.17 -27.85
N PHE G 386 45.11 -17.19 -27.26
CA PHE G 386 44.49 -18.26 -28.01
C PHE G 386 43.07 -18.56 -27.54
N LEU G 387 42.22 -18.97 -28.49
CA LEU G 387 40.84 -19.30 -28.20
C LEU G 387 40.75 -20.72 -27.68
N GLY G 388 39.87 -20.92 -26.70
CA GLY G 388 39.65 -22.22 -26.10
C GLY G 388 38.17 -22.48 -25.87
N ILE G 389 37.85 -23.72 -25.53
CA ILE G 389 36.47 -24.13 -25.27
C ILE G 389 36.43 -25.17 -24.18
N TYR G 390 35.48 -25.03 -23.27
CA TYR G 390 35.35 -25.96 -22.16
C TYR G 390 33.89 -26.30 -21.89
N ASP G 391 33.65 -27.57 -21.57
CA ASP G 391 32.29 -28.06 -21.29
C ASP G 391 32.27 -28.51 -19.82
N TYR G 392 31.77 -27.64 -18.95
CA TYR G 392 31.72 -27.94 -17.53
C TYR G 392 30.83 -29.12 -17.15
N ARG G 393 30.21 -29.75 -18.15
CA ARG G 393 29.36 -30.91 -17.89
C ARG G 393 30.16 -32.20 -18.12
N THR G 394 30.61 -32.39 -19.36
CA THR G 394 31.40 -33.56 -19.71
C THR G 394 32.83 -33.43 -19.18
N GLY G 395 33.58 -32.47 -19.71
CA GLY G 395 34.95 -32.28 -19.28
C GLY G 395 35.85 -31.91 -20.45
N LYS G 396 35.42 -32.27 -21.66
CA LYS G 396 36.17 -31.99 -22.87
C LYS G 396 36.62 -30.53 -22.91
N ALA G 397 37.94 -30.34 -22.98
CA ALA G 397 38.51 -29.00 -23.02
C ALA G 397 39.60 -28.87 -24.08
N GLU G 398 39.22 -29.03 -25.35
CA GLU G 398 40.17 -28.94 -26.45
C GLU G 398 40.57 -27.49 -26.66
N LYS G 399 41.84 -27.18 -26.40
CA LYS G 399 42.34 -25.82 -26.54
C LYS G 399 43.02 -25.63 -27.91
N PHE G 400 42.69 -24.54 -28.60
CA PHE G 400 43.27 -24.29 -29.90
C PHE G 400 44.71 -23.81 -29.80
N GLU G 401 45.37 -23.69 -30.96
CA GLU G 401 46.76 -23.25 -31.03
C GLU G 401 46.96 -22.07 -31.98
N GLU G 402 45.98 -21.80 -32.84
CA GLU G 402 46.08 -20.69 -33.77
C GLU G 402 46.17 -19.39 -32.98
N ASN G 403 47.30 -18.69 -33.09
CA ASN G 403 47.49 -17.45 -32.36
C ASN G 403 46.57 -16.33 -32.86
N LEU G 404 46.06 -15.53 -31.92
CA LEU G 404 45.15 -14.44 -32.27
C LEU G 404 45.72 -13.09 -31.92
N GLY G 405 46.96 -13.08 -31.48
CA GLY G 405 47.57 -11.83 -31.12
C GLY G 405 47.15 -11.48 -29.71
N ASN G 406 46.98 -10.18 -29.46
CA ASN G 406 46.59 -9.74 -28.13
C ASN G 406 45.10 -9.45 -28.10
N VAL G 407 44.33 -10.40 -27.62
CA VAL G 407 42.87 -10.23 -27.56
C VAL G 407 42.36 -9.30 -26.46
N PHE G 408 41.40 -8.45 -26.81
CA PHE G 408 40.83 -7.54 -25.84
C PHE G 408 39.30 -7.57 -25.81
N ALA G 409 38.70 -8.36 -26.70
CA ALA G 409 37.26 -8.50 -26.74
C ALA G 409 36.94 -9.84 -27.38
N MET G 410 35.99 -10.56 -26.80
CA MET G 410 35.63 -11.86 -27.31
C MET G 410 34.15 -12.10 -27.09
N GLY G 411 33.52 -12.76 -28.04
CA GLY G 411 32.11 -13.07 -27.93
C GLY G 411 31.78 -14.30 -28.76
N VAL G 412 30.63 -14.91 -28.45
CA VAL G 412 30.20 -16.09 -29.18
C VAL G 412 28.76 -15.93 -29.61
N ASP G 413 28.44 -16.42 -30.82
CA ASP G 413 27.07 -16.32 -31.31
C ASP G 413 26.16 -17.16 -30.44
N ARG G 414 24.86 -16.93 -30.56
CA ARG G 414 23.90 -17.65 -29.77
C ARG G 414 23.73 -19.11 -30.17
N ASN G 415 24.32 -19.48 -31.30
CA ASN G 415 24.18 -20.85 -31.74
C ASN G 415 25.50 -21.61 -31.72
N GLY G 416 26.42 -21.15 -30.86
CA GLY G 416 27.72 -21.77 -30.69
C GLY G 416 28.45 -22.27 -31.92
N LYS G 417 28.30 -21.57 -33.04
CA LYS G 417 28.94 -21.95 -34.28
C LYS G 417 30.31 -21.28 -34.36
N PHE G 418 30.34 -19.97 -34.17
CA PHE G 418 31.60 -19.24 -34.24
C PHE G 418 31.74 -18.23 -33.11
N ALA G 419 32.85 -17.50 -33.13
CA ALA G 419 33.10 -16.50 -32.12
C ALA G 419 33.69 -15.27 -32.81
N VAL G 420 33.54 -14.11 -32.16
CA VAL G 420 34.10 -12.87 -32.69
C VAL G 420 35.19 -12.46 -31.70
N VAL G 421 36.32 -12.00 -32.26
CA VAL G 421 37.49 -11.58 -31.48
C VAL G 421 38.09 -10.27 -31.99
N ALA G 422 38.58 -9.45 -31.06
CA ALA G 422 39.22 -8.19 -31.37
C ALA G 422 40.62 -8.22 -30.74
N ASN G 423 41.66 -7.92 -31.53
CA ASN G 423 43.05 -7.91 -31.06
C ASN G 423 43.63 -6.50 -31.09
N ASP G 424 44.86 -6.36 -30.64
CA ASP G 424 45.51 -5.05 -30.62
C ASP G 424 46.12 -4.69 -31.96
N ARG G 425 45.75 -5.46 -32.98
CA ARG G 425 46.21 -5.23 -34.32
C ARG G 425 45.09 -4.41 -34.96
N PHE G 426 44.03 -4.19 -34.19
CA PHE G 426 42.89 -3.42 -34.67
C PHE G 426 42.03 -4.23 -35.63
N GLU G 427 42.07 -5.55 -35.47
CA GLU G 427 41.30 -6.44 -36.33
C GLU G 427 40.10 -7.03 -35.62
N ILE G 428 39.07 -7.33 -36.39
CA ILE G 428 37.89 -7.99 -35.84
C ILE G 428 37.81 -9.24 -36.71
N MET G 429 37.61 -10.38 -36.07
CA MET G 429 37.59 -11.62 -36.79
C MET G 429 36.62 -12.66 -36.25
N THR G 430 36.36 -13.66 -37.06
CA THR G 430 35.48 -14.75 -36.70
C THR G 430 36.29 -16.04 -36.63
N VAL G 431 36.22 -16.72 -35.49
CA VAL G 431 36.93 -17.96 -35.31
C VAL G 431 35.93 -19.11 -35.30
N ASP G 432 36.15 -20.08 -36.17
CA ASP G 432 35.28 -21.25 -36.27
C ASP G 432 35.41 -22.05 -34.97
N LEU G 433 34.38 -22.05 -34.12
CA LEU G 433 34.46 -22.79 -32.86
C LEU G 433 34.63 -24.31 -33.00
N GLU G 434 34.65 -24.79 -34.25
CA GLU G 434 34.79 -26.21 -34.50
C GLU G 434 36.22 -26.51 -34.96
N THR G 435 36.63 -25.88 -36.06
CA THR G 435 37.97 -26.07 -36.60
C THR G 435 39.03 -25.24 -35.84
N GLY G 436 38.79 -23.93 -35.73
CA GLY G 436 39.71 -23.07 -35.02
C GLY G 436 40.29 -22.01 -35.94
N LYS G 437 39.88 -22.06 -37.21
CA LYS G 437 40.35 -21.13 -38.20
C LYS G 437 39.80 -19.71 -38.07
N PRO G 438 40.65 -18.77 -37.63
CA PRO G 438 40.20 -17.40 -37.49
C PRO G 438 40.17 -16.77 -38.90
N THR G 439 39.21 -15.88 -39.12
CA THR G 439 39.10 -15.22 -40.40
C THR G 439 38.87 -13.75 -40.17
N VAL G 440 39.84 -12.95 -40.59
CA VAL G 440 39.79 -11.51 -40.42
C VAL G 440 38.70 -10.90 -41.30
N ILE G 441 37.84 -10.12 -40.69
CA ILE G 441 36.76 -9.49 -41.40
C ILE G 441 37.18 -8.10 -41.83
N GLU G 442 37.66 -7.33 -40.88
CA GLU G 442 38.10 -5.98 -41.20
C GLU G 442 39.11 -5.48 -40.19
N ARG G 443 40.01 -4.62 -40.65
CA ARG G 443 41.04 -4.07 -39.79
C ARG G 443 41.06 -2.56 -39.80
N SER G 444 40.88 -1.97 -38.63
CA SER G 444 40.90 -0.53 -38.47
C SER G 444 42.35 -0.12 -38.35
N ARG G 445 42.68 1.13 -38.66
CA ARG G 445 44.05 1.53 -38.55
C ARG G 445 44.20 2.60 -37.48
N GLU G 446 43.14 2.81 -36.70
CA GLU G 446 43.17 3.83 -35.67
C GLU G 446 43.11 3.27 -34.26
N ALA G 447 42.18 2.34 -34.02
CA ALA G 447 42.00 1.76 -32.68
C ALA G 447 41.37 0.38 -32.77
N MET G 448 41.25 -0.31 -31.63
CA MET G 448 40.68 -1.66 -31.61
C MET G 448 39.17 -1.68 -31.86
N ILE G 449 38.67 -2.78 -32.39
CA ILE G 449 37.24 -2.93 -32.66
C ILE G 449 36.67 -3.83 -31.56
N THR G 450 36.51 -3.26 -30.38
CA THR G 450 36.00 -3.99 -29.23
C THR G 450 34.48 -3.97 -29.05
N ASP G 451 33.81 -3.00 -29.67
CA ASP G 451 32.36 -2.85 -29.55
C ASP G 451 31.60 -3.48 -30.72
N PHE G 452 31.15 -4.72 -30.49
CA PHE G 452 30.42 -5.47 -31.50
C PHE G 452 29.32 -6.34 -30.95
N THR G 453 28.38 -6.69 -31.83
CA THR G 453 27.29 -7.54 -31.46
C THR G 453 26.91 -8.46 -32.62
N ILE G 454 26.37 -9.62 -32.28
CA ILE G 454 25.97 -10.61 -33.27
C ILE G 454 24.47 -10.75 -33.28
N SER G 455 23.86 -10.81 -34.47
CA SER G 455 22.41 -10.96 -34.56
C SER G 455 22.04 -12.34 -33.99
N ASP G 456 20.85 -12.44 -33.43
CA ASP G 456 20.41 -13.71 -32.87
C ASP G 456 20.41 -14.85 -33.87
N ASN G 457 20.22 -14.56 -35.16
CA ASN G 457 20.21 -15.63 -36.14
C ASN G 457 21.61 -15.93 -36.66
N SER G 458 22.62 -15.32 -36.05
CA SER G 458 24.02 -15.56 -36.42
C SER G 458 24.40 -15.13 -37.84
N ARG G 459 23.62 -14.23 -38.45
CA ARG G 459 23.91 -13.81 -39.81
C ARG G 459 24.64 -12.49 -39.96
N PHE G 460 24.36 -11.56 -39.06
CA PHE G 460 25.03 -10.28 -39.17
C PHE G 460 25.93 -9.98 -38.00
N ILE G 461 26.96 -9.18 -38.24
CA ILE G 461 27.87 -8.78 -37.15
C ILE G 461 28.00 -7.28 -37.22
N ALA G 462 27.38 -6.59 -36.27
CA ALA G 462 27.46 -5.13 -36.23
C ALA G 462 28.55 -4.74 -35.23
N TYR G 463 29.37 -3.76 -35.61
CA TYR G 463 30.48 -3.32 -34.78
C TYR G 463 30.88 -1.85 -35.03
N GLY G 464 31.56 -1.26 -34.03
CA GLY G 464 32.04 0.10 -34.19
C GLY G 464 33.37 0.07 -34.91
N PHE G 465 33.50 0.83 -36.00
CA PHE G 465 34.75 0.84 -36.76
C PHE G 465 35.43 2.22 -36.67
N PRO G 466 36.45 2.35 -35.82
CA PRO G 466 37.14 3.64 -35.69
C PRO G 466 37.88 4.05 -36.97
N LEU G 467 37.63 5.29 -37.40
CA LEU G 467 38.23 5.81 -38.61
C LEU G 467 38.69 7.27 -38.52
N LYS G 468 39.43 7.67 -39.55
CA LYS G 468 39.95 9.03 -39.70
C LYS G 468 39.90 9.36 -41.18
N HIS G 469 39.83 10.64 -41.48
CA HIS G 469 39.79 11.08 -42.87
C HIS G 469 41.08 11.87 -43.07
N GLY G 470 42.19 11.25 -42.69
CA GLY G 470 43.47 11.92 -42.81
C GLY G 470 44.47 11.33 -41.83
N GLU G 471 45.70 11.12 -42.29
CA GLU G 471 46.73 10.53 -41.44
C GLU G 471 47.23 11.44 -40.32
N THR G 472 46.49 12.51 -40.03
CA THR G 472 46.89 13.44 -38.98
C THR G 472 45.71 14.15 -38.33
N ASP G 473 44.49 13.64 -38.56
CA ASP G 473 43.28 14.25 -37.98
C ASP G 473 43.37 14.30 -36.47
N GLY G 474 42.77 15.33 -35.88
CA GLY G 474 42.80 15.47 -34.44
C GLY G 474 41.81 14.56 -33.69
N TYR G 475 40.78 14.13 -34.40
CA TYR G 475 39.79 13.26 -33.80
C TYR G 475 39.63 11.96 -34.59
N VAL G 476 39.08 10.94 -33.95
CA VAL G 476 38.86 9.66 -34.58
C VAL G 476 37.38 9.42 -34.59
N MET G 477 36.82 9.23 -35.77
CA MET G 477 35.38 9.00 -35.87
C MET G 477 35.13 7.50 -35.71
N GLN G 478 33.85 7.14 -35.56
CA GLN G 478 33.47 5.74 -35.45
C GLN G 478 32.13 5.53 -36.08
N ALA G 479 32.12 4.64 -37.06
CA ALA G 479 30.92 4.32 -37.83
C ALA G 479 30.60 2.87 -37.61
N ILE G 480 29.33 2.55 -37.41
CA ILE G 480 28.93 1.17 -37.21
C ILE G 480 29.01 0.45 -38.53
N HIS G 481 29.61 -0.74 -38.52
CA HIS G 481 29.70 -1.54 -39.73
C HIS G 481 28.93 -2.83 -39.53
N VAL G 482 28.31 -3.33 -40.59
CA VAL G 482 27.61 -4.58 -40.46
C VAL G 482 28.18 -5.56 -41.47
N TYR G 483 28.50 -6.74 -40.98
CA TYR G 483 29.06 -7.80 -41.80
C TYR G 483 28.07 -8.93 -41.92
N ASP G 484 27.83 -9.36 -43.16
CA ASP G 484 26.88 -10.44 -43.47
C ASP G 484 27.64 -11.76 -43.66
N MET G 485 27.30 -12.80 -42.90
CA MET G 485 27.99 -14.08 -43.05
C MET G 485 27.73 -14.69 -44.44
N GLU G 486 26.58 -14.36 -45.02
CA GLU G 486 26.23 -14.87 -46.33
C GLU G 486 26.59 -13.80 -47.34
N GLY G 487 27.43 -14.16 -48.31
CA GLY G 487 27.84 -13.18 -49.31
C GLY G 487 29.11 -12.54 -48.81
N ARG G 488 29.36 -12.72 -47.51
CA ARG G 488 30.55 -12.19 -46.86
C ARG G 488 30.88 -10.78 -47.37
N LYS G 489 30.09 -9.78 -46.97
CA LYS G 489 30.35 -8.41 -47.40
C LYS G 489 29.99 -7.41 -46.31
N ILE G 490 30.81 -6.36 -46.23
CA ILE G 490 30.61 -5.32 -45.22
C ILE G 490 29.75 -4.16 -45.73
N PHE G 491 28.88 -3.65 -44.86
CA PHE G 491 28.01 -2.53 -45.22
C PHE G 491 28.13 -1.40 -44.19
N ALA G 492 27.82 -0.19 -44.63
CA ALA G 492 27.92 0.97 -43.75
C ALA G 492 26.59 1.27 -43.14
N ALA G 493 26.47 0.98 -41.85
CA ALA G 493 25.22 1.23 -41.14
C ALA G 493 25.10 2.70 -40.82
N THR G 494 26.24 3.34 -40.62
CA THR G 494 26.22 4.75 -40.27
C THR G 494 27.25 5.56 -41.08
N THR G 495 27.10 6.88 -41.09
CA THR G 495 28.04 7.76 -41.78
C THR G 495 29.28 8.00 -40.91
N GLU G 496 30.38 8.47 -41.50
CA GLU G 496 31.57 8.66 -40.67
C GLU G 496 31.83 10.09 -40.21
N ASN G 497 30.82 10.70 -39.57
CA ASN G 497 30.98 12.07 -39.11
C ASN G 497 30.95 12.32 -37.61
N SER G 498 30.77 11.26 -36.83
CA SER G 498 30.78 11.41 -35.39
C SER G 498 31.14 10.11 -34.74
N HIS G 499 30.51 9.82 -33.62
CA HIS G 499 30.77 8.61 -32.84
C HIS G 499 29.48 7.82 -32.66
N ASP G 500 29.36 6.70 -33.38
CA ASP G 500 28.20 5.82 -33.30
C ASP G 500 28.65 4.52 -32.63
N TYR G 501 27.90 4.03 -31.63
CA TYR G 501 28.30 2.81 -30.91
C TYR G 501 27.18 1.96 -30.34
N ALA G 502 27.59 1.02 -29.49
CA ALA G 502 26.67 0.11 -28.80
C ALA G 502 25.66 -0.56 -29.72
N PRO G 503 26.08 -0.98 -30.93
CA PRO G 503 25.12 -1.64 -31.83
C PRO G 503 24.44 -2.80 -31.11
N ALA G 504 23.19 -3.10 -31.48
CA ALA G 504 22.45 -4.23 -30.86
C ALA G 504 21.25 -4.59 -31.73
N PHE G 505 21.07 -5.90 -31.97
CA PHE G 505 19.96 -6.37 -32.82
C PHE G 505 18.78 -6.76 -31.96
N ASP G 506 17.58 -6.76 -32.56
CA ASP G 506 16.39 -7.16 -31.82
C ASP G 506 16.26 -8.67 -31.94
N ALA G 507 15.52 -9.27 -31.03
CA ALA G 507 15.32 -10.72 -31.01
C ALA G 507 15.10 -11.35 -32.39
N ASP G 508 14.10 -10.85 -33.11
CA ASP G 508 13.77 -11.37 -34.44
C ASP G 508 14.81 -11.01 -35.48
N SER G 509 15.78 -10.20 -35.09
CA SER G 509 16.84 -9.78 -36.02
C SER G 509 16.23 -9.08 -37.23
N LYS G 510 15.41 -8.08 -36.98
CA LYS G 510 14.78 -7.33 -38.05
C LYS G 510 15.29 -5.87 -38.14
N ASN G 511 15.68 -5.32 -36.99
CA ASN G 511 16.20 -3.96 -36.96
C ASN G 511 17.45 -3.91 -36.09
N LEU G 512 18.35 -2.99 -36.44
CA LEU G 512 19.59 -2.80 -35.71
C LEU G 512 19.49 -1.51 -34.90
N TYR G 513 19.77 -1.59 -33.60
CA TYR G 513 19.72 -0.41 -32.74
C TYR G 513 21.13 -0.06 -32.35
N TYR G 514 21.35 1.20 -32.04
CA TYR G 514 22.69 1.67 -31.66
C TYR G 514 22.56 3.07 -31.09
N LEU G 515 23.64 3.57 -30.49
CA LEU G 515 23.64 4.94 -29.92
C LEU G 515 24.64 5.82 -30.66
N SER G 516 24.52 7.12 -30.50
CA SER G 516 25.46 8.05 -31.14
C SER G 516 25.48 9.42 -30.44
N TYR G 517 26.63 10.07 -30.47
CA TYR G 517 26.77 11.40 -29.90
C TYR G 517 26.53 12.45 -31.00
N ARG G 518 25.40 12.37 -31.66
CA ARG G 518 25.18 13.33 -32.74
C ARG G 518 24.16 14.42 -32.38
N SER G 519 23.43 14.25 -31.28
CA SER G 519 22.44 15.23 -30.90
C SER G 519 23.03 16.50 -30.26
N LEU G 520 23.95 17.12 -30.99
CA LEU G 520 24.61 18.30 -30.49
C LEU G 520 23.68 19.35 -29.95
N ASP G 521 24.07 19.87 -28.79
CA ASP G 521 23.34 20.91 -28.09
C ASP G 521 24.24 21.27 -26.93
N PRO G 522 24.77 22.50 -26.92
CA PRO G 522 25.68 22.98 -25.87
C PRO G 522 25.12 23.19 -24.45
N SER G 523 25.92 22.86 -23.46
CA SER G 523 25.53 23.09 -22.08
C SER G 523 26.51 24.14 -21.53
N PRO G 524 25.99 25.14 -20.83
CA PRO G 524 26.79 26.24 -20.25
C PRO G 524 27.63 25.81 -19.08
N ASP G 525 28.78 26.44 -18.92
CA ASP G 525 29.74 26.17 -17.84
C ASP G 525 29.37 27.20 -16.77
N ARG G 526 29.28 26.77 -15.53
CA ARG G 526 28.86 27.69 -14.48
C ARG G 526 29.96 28.60 -13.90
N VAL G 527 31.20 28.38 -14.33
CA VAL G 527 32.31 29.18 -13.81
C VAL G 527 33.05 29.96 -14.90
N VAL G 528 33.53 29.22 -15.89
CA VAL G 528 34.28 29.80 -16.99
C VAL G 528 33.42 29.97 -18.23
N LEU G 529 33.55 31.11 -18.91
CA LEU G 529 32.80 31.35 -20.14
C LEU G 529 33.12 30.26 -21.15
N ASN G 530 32.34 29.18 -21.15
CA ASN G 530 32.59 28.08 -22.04
C ASN G 530 31.32 27.23 -22.17
N PHE G 531 31.28 26.36 -23.18
CA PHE G 531 30.14 25.46 -23.38
C PHE G 531 30.66 24.11 -23.77
N SER G 532 29.99 23.06 -23.31
CA SER G 532 30.42 21.69 -23.58
C SER G 532 29.28 20.76 -23.98
N PHE G 533 29.58 19.71 -24.74
CA PHE G 533 28.56 18.77 -25.12
C PHE G 533 28.41 17.72 -24.02
N GLU G 534 27.46 17.98 -23.13
CA GLU G 534 27.17 17.12 -21.98
C GLU G 534 26.18 15.98 -22.28
N VAL G 535 24.97 16.35 -22.73
CA VAL G 535 23.94 15.37 -23.02
C VAL G 535 23.54 15.43 -24.47
N VAL G 536 24.36 14.82 -25.33
CA VAL G 536 24.11 14.79 -26.77
C VAL G 536 23.95 13.36 -27.30
N SER G 537 23.67 12.42 -26.40
CA SER G 537 23.54 11.03 -26.77
C SER G 537 22.08 10.68 -27.02
N LYS G 538 21.85 9.89 -28.06
CA LYS G 538 20.50 9.53 -28.39
C LYS G 538 20.53 8.22 -29.16
N PRO G 539 19.46 7.41 -29.02
CA PRO G 539 19.38 6.13 -29.73
C PRO G 539 18.74 6.25 -31.12
N PHE G 540 19.16 5.36 -32.02
CA PHE G 540 18.67 5.32 -33.39
C PHE G 540 18.38 3.88 -33.75
N VAL G 541 17.68 3.65 -34.86
CA VAL G 541 17.34 2.30 -35.30
C VAL G 541 17.43 2.22 -36.82
N ILE G 542 17.66 1.03 -37.33
CA ILE G 542 17.76 0.83 -38.76
C ILE G 542 17.14 -0.52 -39.11
N PRO G 543 15.97 -0.53 -39.77
CA PRO G 543 15.31 -1.77 -40.17
C PRO G 543 16.10 -2.38 -41.32
N LEU G 544 16.42 -3.65 -41.18
CA LEU G 544 17.21 -4.40 -42.16
C LEU G 544 16.46 -4.67 -43.45
N ILE G 545 15.16 -4.36 -43.42
CA ILE G 545 14.28 -4.58 -44.57
C ILE G 545 13.71 -3.28 -45.05
N PRO G 546 14.22 -2.77 -46.18
CA PRO G 546 13.76 -1.51 -46.76
C PRO G 546 12.24 -1.49 -46.86
N GLY G 547 11.66 -0.35 -46.51
CA GLY G 547 10.22 -0.21 -46.59
C GLY G 547 9.58 -0.30 -45.22
N SER G 548 10.22 -1.04 -44.33
CA SER G 548 9.70 -1.18 -42.99
C SER G 548 10.02 0.11 -42.21
N PRO G 549 9.02 0.62 -41.47
CA PRO G 549 9.20 1.84 -40.69
C PRO G 549 9.90 1.62 -39.36
N ASN G 550 10.09 2.71 -38.64
CA ASN G 550 10.72 2.67 -37.34
C ASN G 550 9.76 1.94 -36.42
N PRO G 551 10.14 0.76 -35.94
CA PRO G 551 9.23 0.04 -35.05
C PRO G 551 8.70 0.86 -33.87
N THR G 552 9.49 1.77 -33.34
CA THR G 552 9.01 2.54 -32.21
C THR G 552 7.98 3.61 -32.58
N LYS G 553 7.86 3.88 -33.87
CA LYS G 553 6.89 4.88 -34.32
C LYS G 553 5.47 4.39 -34.26
N LEU G 554 5.28 3.13 -33.89
CA LEU G 554 3.94 2.55 -33.78
C LEU G 554 3.05 2.81 -35.00
N VAL G 555 3.56 2.51 -36.19
CA VAL G 555 2.79 2.72 -37.42
C VAL G 555 1.91 1.51 -37.64
N PRO G 556 0.58 1.70 -37.55
CA PRO G 556 -0.40 0.63 -37.74
C PRO G 556 -0.03 -0.34 -38.86
N ARG G 557 -0.03 -1.62 -38.54
CA ARG G 557 0.31 -2.64 -39.53
C ARG G 557 -0.56 -2.57 -40.79
N SER G 558 -1.85 -2.24 -40.61
CA SER G 558 -2.78 -2.15 -41.71
C SER G 558 -2.43 -1.03 -42.65
N MET G 559 -1.59 -0.12 -42.17
CA MET G 559 -1.17 1.03 -42.97
C MET G 559 0.26 0.95 -43.51
N THR G 560 0.88 -0.21 -43.34
CA THR G 560 2.22 -0.44 -43.85
C THR G 560 2.27 -1.78 -44.58
N SER G 561 3.33 -2.00 -45.33
CA SER G 561 3.48 -3.24 -46.07
C SER G 561 4.89 -3.77 -45.92
N GLU G 562 5.25 -4.18 -44.71
CA GLU G 562 6.59 -4.72 -44.47
C GLU G 562 6.77 -6.07 -45.17
N ALA G 563 7.45 -6.98 -44.49
CA ALA G 563 7.68 -8.31 -45.04
C ALA G 563 8.37 -8.27 -46.40
N GLY G 564 9.36 -7.40 -46.54
CA GLY G 564 10.11 -7.31 -47.79
C GLY G 564 11.19 -8.37 -47.74
N GLU G 565 12.44 -7.94 -47.78
CA GLU G 565 13.54 -8.89 -47.73
C GLU G 565 14.83 -8.15 -47.34
N TYR G 566 15.74 -8.82 -46.62
CA TYR G 566 16.98 -8.18 -46.23
C TYR G 566 17.65 -7.44 -47.36
N ASP G 567 18.08 -6.21 -47.09
CA ASP G 567 18.78 -5.39 -48.09
C ASP G 567 19.57 -4.37 -47.27
N LEU G 568 20.85 -4.64 -47.04
CA LEU G 568 21.65 -3.71 -46.23
C LEU G 568 22.28 -2.56 -46.99
N ASN G 569 21.96 -2.41 -48.28
CA ASN G 569 22.54 -1.32 -49.07
C ASN G 569 21.98 0.05 -48.71
N ASP G 570 22.88 1.01 -48.51
CA ASP G 570 22.47 2.37 -48.16
C ASP G 570 21.49 2.36 -47.01
N MET G 571 21.69 1.43 -46.07
CA MET G 571 20.80 1.35 -44.93
C MET G 571 20.98 2.57 -44.03
N TYR G 572 22.15 3.21 -44.09
CA TYR G 572 22.37 4.39 -43.28
C TYR G 572 21.41 5.52 -43.70
N LYS G 573 20.71 5.33 -44.81
CA LYS G 573 19.77 6.35 -45.27
C LYS G 573 18.41 6.16 -44.62
N ARG G 574 18.10 4.91 -44.29
CA ARG G 574 16.81 4.57 -43.69
C ARG G 574 16.85 4.78 -42.18
N SER G 575 18.03 5.16 -41.68
CA SER G 575 18.19 5.36 -40.24
C SER G 575 17.17 6.32 -39.70
N SER G 576 16.78 6.10 -38.45
CA SER G 576 15.78 6.91 -37.76
C SER G 576 16.05 6.89 -36.24
N PRO G 577 15.78 8.02 -35.56
CA PRO G 577 16.02 8.08 -34.12
C PRO G 577 14.82 7.57 -33.33
N ILE G 578 15.03 7.33 -32.04
CA ILE G 578 13.89 6.92 -31.26
C ILE G 578 13.68 8.07 -30.28
N ASN G 579 12.43 8.50 -30.18
CA ASN G 579 12.00 9.63 -29.37
C ASN G 579 12.28 9.52 -27.88
N VAL G 580 13.54 9.75 -27.52
CA VAL G 580 13.99 9.68 -26.12
C VAL G 580 14.90 10.87 -25.85
N ASP G 581 14.61 11.61 -24.79
CA ASP G 581 15.43 12.77 -24.45
C ASP G 581 16.93 12.51 -24.49
N PRO G 582 17.70 13.47 -25.01
CA PRO G 582 19.16 13.36 -25.10
C PRO G 582 19.82 13.26 -23.72
N GLY G 583 20.88 12.47 -23.64
CA GLY G 583 21.58 12.30 -22.39
C GLY G 583 22.93 11.68 -22.65
N ASP G 584 23.36 10.81 -21.72
CA ASP G 584 24.64 10.10 -21.79
C ASP G 584 24.45 8.58 -21.63
N TYR G 585 24.06 7.96 -22.74
CA TYR G 585 23.79 6.53 -22.84
C TYR G 585 24.99 5.64 -23.20
N ARG G 586 25.06 4.46 -22.59
CA ARG G 586 26.18 3.55 -22.84
C ARG G 586 25.73 2.22 -23.41
N MET G 587 24.43 1.95 -23.38
CA MET G 587 23.92 0.71 -23.92
C MET G 587 22.45 0.82 -24.23
N ILE G 588 22.04 0.08 -25.25
CA ILE G 588 20.63 0.06 -25.63
C ILE G 588 20.25 -1.40 -25.88
N ILE G 589 19.19 -1.83 -25.22
CA ILE G 589 18.70 -3.20 -25.35
C ILE G 589 17.25 -3.23 -25.81
N PRO G 590 17.02 -3.66 -27.05
CA PRO G 590 15.68 -3.73 -27.60
C PRO G 590 14.92 -4.97 -27.10
N LEU G 591 13.75 -4.71 -26.53
CA LEU G 591 12.90 -5.78 -26.01
C LEU G 591 11.61 -5.84 -26.77
N GLU G 592 10.72 -6.75 -26.38
CA GLU G 592 9.44 -6.91 -27.08
C GLU G 592 8.62 -5.63 -27.25
N SER G 593 8.25 -4.99 -26.15
CA SER G 593 7.47 -3.77 -26.22
C SER G 593 8.09 -2.64 -25.42
N SER G 594 9.39 -2.77 -25.14
CA SER G 594 10.14 -1.75 -24.40
C SER G 594 11.58 -1.84 -24.80
N ILE G 595 12.35 -0.85 -24.35
CA ILE G 595 13.77 -0.77 -24.65
C ILE G 595 14.51 -0.38 -23.37
N LEU G 596 15.57 -1.09 -23.03
CA LEU G 596 16.32 -0.74 -21.84
C LEU G 596 17.48 0.15 -22.25
N ILE G 597 17.74 1.19 -21.47
CA ILE G 597 18.83 2.09 -21.76
C ILE G 597 19.65 2.38 -20.52
N TYR G 598 20.97 2.33 -20.67
CA TYR G 598 21.89 2.59 -19.57
C TYR G 598 22.33 4.04 -19.60
N SER G 599 21.88 4.79 -18.60
CA SER G 599 22.17 6.21 -18.51
C SER G 599 23.24 6.54 -17.50
N VAL G 600 24.04 7.56 -17.79
CA VAL G 600 25.08 7.99 -16.88
C VAL G 600 24.95 9.47 -16.64
N PRO G 601 24.35 9.85 -15.52
CA PRO G 601 24.18 11.24 -15.16
C PRO G 601 25.52 11.97 -15.16
N VAL G 602 25.52 13.23 -15.63
CA VAL G 602 26.73 14.06 -15.68
C VAL G 602 27.34 14.16 -14.29
N HIS G 603 28.66 14.14 -14.27
CA HIS G 603 29.38 14.20 -13.01
C HIS G 603 30.85 14.64 -13.26
N GLY G 604 31.55 15.05 -12.21
CA GLY G 604 32.92 15.45 -12.35
C GLY G 604 33.80 14.25 -12.64
N GLU G 605 35.06 14.50 -12.99
CA GLU G 605 35.96 13.40 -13.31
C GLU G 605 37.17 13.34 -12.39
N PHE G 606 37.16 14.12 -11.33
CA PHE G 606 38.26 14.11 -10.42
C PHE G 606 38.51 12.72 -9.88
N ALA G 607 37.53 12.21 -9.15
CA ALA G 607 37.67 10.88 -8.53
C ALA G 607 38.07 9.79 -9.53
N ALA G 608 37.50 9.83 -10.73
CA ALA G 608 37.78 8.85 -11.76
C ALA G 608 39.20 8.95 -12.29
N TYR G 609 39.70 10.19 -12.38
CA TYR G 609 41.05 10.47 -12.87
C TYR G 609 42.17 10.12 -11.90
N TYR G 610 41.98 10.42 -10.62
CA TYR G 610 43.02 10.12 -9.65
C TYR G 610 42.80 8.83 -8.86
N GLN G 611 41.57 8.57 -8.46
CA GLN G 611 41.25 7.38 -7.67
C GLN G 611 40.72 6.25 -8.52
N GLY G 612 40.67 6.44 -9.84
CA GLY G 612 40.15 5.39 -10.71
C GLY G 612 38.72 4.98 -10.36
N ALA G 613 38.06 5.80 -9.54
CA ALA G 613 36.68 5.57 -9.12
C ALA G 613 35.77 5.26 -10.32
N PRO G 614 35.00 4.16 -10.22
CA PRO G 614 34.08 3.74 -11.28
C PRO G 614 33.01 4.78 -11.51
N GLU G 615 32.47 4.78 -12.72
CA GLU G 615 31.43 5.71 -13.13
C GLU G 615 30.04 5.19 -12.68
N LYS G 616 29.13 6.08 -12.28
CA LYS G 616 27.80 5.66 -11.84
C LYS G 616 26.68 5.81 -12.88
N GLY G 617 26.00 4.70 -13.16
CA GLY G 617 24.92 4.70 -14.14
C GLY G 617 23.61 4.24 -13.53
N VAL G 618 22.58 4.10 -14.35
CA VAL G 618 21.28 3.68 -13.89
C VAL G 618 20.54 3.08 -15.09
N LEU G 619 19.93 1.91 -14.86
CA LEU G 619 19.19 1.21 -15.91
C LEU G 619 17.80 1.79 -16.08
N LEU G 620 17.53 2.34 -17.27
CA LEU G 620 16.24 2.94 -17.58
C LEU G 620 15.42 2.09 -18.54
N LYS G 621 14.10 2.26 -18.47
CA LYS G 621 13.21 1.52 -19.33
C LYS G 621 12.28 2.47 -20.07
N TYR G 622 12.14 2.24 -21.38
CA TYR G 622 11.27 3.06 -22.22
C TYR G 622 10.22 2.14 -22.83
N ASP G 623 8.96 2.44 -22.51
CA ASP G 623 7.85 1.66 -23.03
C ASP G 623 7.43 2.28 -24.38
N VAL G 624 7.57 1.50 -25.46
CA VAL G 624 7.23 1.99 -26.79
C VAL G 624 5.81 2.53 -26.89
N LYS G 625 4.87 1.82 -26.27
CA LYS G 625 3.46 2.21 -26.28
C LYS G 625 3.20 3.51 -25.55
N THR G 626 3.52 3.55 -24.25
CA THR G 626 3.29 4.72 -23.42
C THR G 626 4.32 5.84 -23.62
N ARG G 627 5.44 5.50 -24.27
CA ARG G 627 6.52 6.46 -24.52
C ARG G 627 6.99 7.10 -23.22
N LYS G 628 6.74 6.42 -22.10
CA LYS G 628 7.14 6.91 -20.80
C LYS G 628 8.39 6.17 -20.32
N VAL G 629 9.24 6.89 -19.58
CA VAL G 629 10.46 6.30 -19.06
C VAL G 629 10.37 6.03 -17.54
N THR G 630 11.12 5.03 -17.09
CA THR G 630 11.14 4.67 -15.68
C THR G 630 12.50 4.15 -15.28
N GLU G 631 12.71 4.02 -13.99
CA GLU G 631 13.97 3.51 -13.47
C GLU G 631 13.84 2.04 -13.09
N VAL G 632 14.75 1.22 -13.58
CA VAL G 632 14.73 -0.20 -13.28
C VAL G 632 15.71 -0.53 -12.17
N LYS G 633 16.87 0.11 -12.18
CA LYS G 633 17.88 -0.18 -11.16
C LYS G 633 18.88 0.97 -11.12
N ASN G 634 19.28 1.40 -9.92
CA ASN G 634 20.23 2.49 -9.85
C ASN G 634 21.53 2.05 -9.19
N ASN G 635 22.39 3.02 -8.92
CA ASN G 635 23.69 2.74 -8.31
C ASN G 635 24.48 1.67 -9.03
N LEU G 636 24.29 1.58 -10.34
CA LEU G 636 25.01 0.59 -11.12
C LEU G 636 26.35 1.15 -11.56
N THR G 637 27.40 0.32 -11.56
CA THR G 637 28.71 0.78 -12.04
C THR G 637 29.14 -0.10 -13.21
N ASP G 638 28.30 -1.09 -13.54
CA ASP G 638 28.60 -2.01 -14.62
C ASP G 638 27.41 -2.96 -14.83
N LEU G 639 27.17 -3.36 -16.07
CA LEU G 639 26.06 -4.24 -16.36
C LEU G 639 26.35 -5.22 -17.48
N ARG G 640 25.82 -6.43 -17.36
CA ARG G 640 25.99 -7.45 -18.36
C ARG G 640 24.62 -8.03 -18.57
N LEU G 641 24.37 -8.57 -19.77
CA LEU G 641 23.07 -9.16 -20.05
C LEU G 641 23.23 -10.50 -20.71
N SER G 642 22.38 -11.44 -20.30
CA SER G 642 22.37 -12.79 -20.82
C SER G 642 22.17 -12.83 -22.32
N ALA G 643 22.41 -13.99 -22.92
CA ALA G 643 22.22 -14.15 -24.35
C ALA G 643 20.73 -14.24 -24.66
N ASP G 644 19.98 -14.77 -23.71
CA ASP G 644 18.53 -14.91 -23.84
C ASP G 644 17.78 -13.62 -23.47
N ARG G 645 18.52 -12.60 -23.03
CA ARG G 645 17.93 -11.32 -22.63
C ARG G 645 16.97 -11.47 -21.46
N LYS G 646 17.09 -12.57 -20.71
CA LYS G 646 16.21 -12.79 -19.57
C LYS G 646 16.90 -12.59 -18.23
N THR G 647 18.22 -12.73 -18.22
CA THR G 647 18.97 -12.56 -16.98
C THR G 647 19.88 -11.33 -17.01
N VAL G 648 19.85 -10.54 -15.94
CA VAL G 648 20.69 -9.37 -15.86
C VAL G 648 21.70 -9.52 -14.73
N MET G 649 22.95 -9.16 -15.01
CA MET G 649 24.01 -9.25 -14.02
C MET G 649 24.57 -7.84 -13.95
N VAL G 650 24.80 -7.34 -12.74
CA VAL G 650 25.30 -5.98 -12.58
C VAL G 650 26.15 -5.80 -11.34
N ARG G 651 26.92 -4.72 -11.32
CA ARG G 651 27.75 -4.42 -10.17
C ARG G 651 27.33 -3.04 -9.72
N LYS G 652 27.13 -2.86 -8.42
CA LYS G 652 26.71 -1.56 -7.91
C LYS G 652 27.86 -0.79 -7.30
N ASP G 653 27.61 0.46 -6.97
CA ASP G 653 28.63 1.33 -6.40
C ASP G 653 29.18 0.82 -5.08
N ASP G 654 28.65 -0.29 -4.61
CA ASP G 654 29.15 -0.86 -3.35
C ASP G 654 30.13 -1.98 -3.64
N GLY G 655 30.46 -2.15 -4.91
CA GLY G 655 31.40 -3.18 -5.29
C GLY G 655 30.83 -4.57 -5.45
N LYS G 656 29.70 -4.85 -4.81
CA LYS G 656 29.11 -6.19 -4.92
C LYS G 656 28.48 -6.43 -6.28
N ILE G 657 28.26 -7.70 -6.59
CA ILE G 657 27.66 -8.08 -7.87
C ILE G 657 26.30 -8.67 -7.58
N TYR G 658 25.31 -8.32 -8.39
CA TYR G 658 23.97 -8.85 -8.18
C TYR G 658 23.44 -9.42 -9.46
N THR G 659 22.32 -10.13 -9.34
CA THR G 659 21.72 -10.72 -10.51
C THR G 659 20.22 -10.75 -10.30
N PHE G 660 19.48 -10.37 -11.34
CA PHE G 660 18.03 -10.37 -11.26
C PHE G 660 17.38 -10.59 -12.63
N PRO G 661 16.18 -11.21 -12.63
CA PRO G 661 15.46 -11.48 -13.88
C PRO G 661 14.98 -10.15 -14.43
N LEU G 662 15.07 -9.98 -15.74
CA LEU G 662 14.64 -8.74 -16.37
C LEU G 662 13.15 -8.52 -16.17
N GLU G 663 12.38 -9.61 -16.17
CA GLU G 663 10.94 -9.55 -15.99
C GLU G 663 10.58 -9.13 -14.55
N LYS G 664 11.33 -9.61 -13.58
CA LYS G 664 11.10 -9.27 -12.18
C LYS G 664 12.38 -8.72 -11.55
N PRO G 665 12.79 -7.51 -11.95
CA PRO G 665 14.00 -6.86 -11.45
C PRO G 665 14.01 -6.61 -9.97
N GLU G 666 12.89 -6.85 -9.32
CA GLU G 666 12.82 -6.65 -7.88
C GLU G 666 13.45 -7.85 -7.17
N ASP G 667 13.53 -8.98 -7.88
CA ASP G 667 14.09 -10.22 -7.33
C ASP G 667 15.56 -10.44 -7.63
N GLU G 668 16.43 -9.65 -7.00
CA GLU G 668 17.86 -9.81 -7.24
C GLU G 668 18.52 -10.55 -6.06
N ARG G 669 19.56 -11.33 -6.37
CA ARG G 669 20.31 -12.04 -5.35
C ARG G 669 21.73 -11.51 -5.45
N THR G 670 22.52 -11.76 -4.43
CA THR G 670 23.92 -11.32 -4.41
C THR G 670 24.79 -12.47 -4.89
N VAL G 671 25.71 -12.18 -5.79
CA VAL G 671 26.59 -13.21 -6.31
C VAL G 671 27.79 -13.35 -5.40
N GLU G 672 27.86 -14.45 -4.66
CA GLU G 672 28.99 -14.64 -3.77
C GLU G 672 30.06 -15.51 -4.42
N THR G 673 31.32 -15.17 -4.15
CA THR G 673 32.43 -15.93 -4.74
C THR G 673 33.52 -16.31 -3.75
N ASP G 674 33.49 -15.66 -2.59
CA ASP G 674 34.50 -15.90 -1.55
C ASP G 674 34.27 -17.14 -0.69
N LYS G 675 33.44 -18.07 -1.19
CA LYS G 675 33.16 -19.28 -0.43
C LYS G 675 34.36 -20.25 -0.58
N ARG G 676 34.80 -20.44 -1.83
CA ARG G 676 35.91 -21.34 -2.14
C ARG G 676 37.22 -20.57 -2.25
N PRO G 677 38.21 -20.91 -1.41
CA PRO G 677 39.52 -20.23 -1.46
C PRO G 677 40.18 -20.33 -2.84
N LEU G 678 40.86 -19.26 -3.25
CA LEU G 678 41.53 -19.25 -4.54
C LEU G 678 42.91 -19.83 -4.29
N VAL G 679 43.33 -20.84 -5.03
CA VAL G 679 44.65 -21.46 -4.81
C VAL G 679 45.69 -21.29 -5.92
N SER G 680 46.92 -20.95 -5.55
CA SER G 680 47.98 -20.76 -6.51
C SER G 680 49.37 -20.98 -5.94
N SER G 681 50.36 -20.93 -6.83
CA SER G 681 51.79 -21.11 -6.48
C SER G 681 52.56 -19.81 -6.76
N ILE G 682 53.26 -19.32 -5.74
CA ILE G 682 54.04 -18.09 -5.89
C ILE G 682 55.03 -18.17 -7.04
N HIS G 683 55.82 -19.24 -7.11
CA HIS G 683 56.79 -19.33 -8.20
C HIS G 683 56.20 -19.50 -9.60
N GLU G 684 55.01 -20.08 -9.70
CA GLU G 684 54.42 -20.23 -11.00
C GLU G 684 53.85 -18.88 -11.44
N GLU G 685 53.24 -18.17 -10.49
CA GLU G 685 52.65 -16.87 -10.76
C GLU G 685 53.71 -15.80 -11.05
N PHE G 686 54.77 -15.79 -10.25
CA PHE G 686 55.84 -14.83 -10.43
C PHE G 686 56.46 -14.90 -11.83
N LEU G 687 56.64 -16.12 -12.33
CA LEU G 687 57.20 -16.30 -13.67
C LEU G 687 56.21 -15.78 -14.68
N GLN G 688 54.95 -16.16 -14.50
CA GLN G 688 53.90 -15.74 -15.40
C GLN G 688 53.88 -14.23 -15.47
N MET G 689 53.87 -13.59 -14.30
CA MET G 689 53.81 -12.13 -14.18
C MET G 689 55.02 -11.42 -14.79
N TYR G 690 56.19 -12.03 -14.66
CA TYR G 690 57.40 -11.44 -15.23
C TYR G 690 57.31 -11.44 -16.73
N ASP G 691 57.01 -12.60 -17.31
CA ASP G 691 56.90 -12.71 -18.75
C ASP G 691 55.88 -11.73 -19.32
N GLU G 692 54.75 -11.52 -18.63
CA GLU G 692 53.73 -10.60 -19.13
C GLU G 692 54.25 -9.17 -19.06
N ALA G 693 54.88 -8.81 -17.94
CA ALA G 693 55.44 -7.48 -17.78
C ALA G 693 56.50 -7.26 -18.85
N TRP G 694 57.28 -8.29 -19.10
CA TRP G 694 58.32 -8.23 -20.12
C TRP G 694 57.71 -8.09 -21.52
N LYS G 695 56.56 -8.74 -21.76
CA LYS G 695 55.92 -8.70 -23.07
C LYS G 695 55.24 -7.38 -23.34
N LEU G 696 54.51 -6.86 -22.35
CA LEU G 696 53.81 -5.59 -22.50
C LEU G 696 54.87 -4.51 -22.77
N ALA G 697 55.92 -4.51 -21.95
CA ALA G 697 56.98 -3.53 -22.12
C ALA G 697 57.46 -3.54 -23.56
N ARG G 698 57.58 -4.74 -24.14
CA ARG G 698 58.06 -4.86 -25.52
C ARG G 698 57.01 -4.47 -26.55
N ASP G 699 55.81 -5.01 -26.36
CA ASP G 699 54.73 -4.77 -27.28
C ASP G 699 54.19 -3.34 -27.30
N ASN G 700 54.37 -2.61 -26.21
CA ASN G 700 53.84 -1.24 -26.18
C ASN G 700 54.86 -0.12 -26.32
N TYR G 701 56.16 -0.43 -26.33
CA TYR G 701 57.16 0.62 -26.47
C TYR G 701 56.84 1.38 -27.75
N TRP G 702 56.91 2.71 -27.69
CA TRP G 702 56.57 3.56 -28.83
C TRP G 702 57.36 3.18 -30.08
N ASN G 703 58.64 2.83 -29.94
CA ASN G 703 59.44 2.46 -31.09
C ASN G 703 59.62 0.96 -31.17
N GLU G 704 58.97 0.37 -32.17
CA GLU G 704 59.04 -1.07 -32.37
C GLU G 704 60.47 -1.59 -32.53
N ALA G 705 61.28 -0.87 -33.30
CA ALA G 705 62.66 -1.27 -33.54
C ALA G 705 63.43 -1.45 -32.23
N VAL G 706 63.53 -0.36 -31.47
CA VAL G 706 64.24 -0.35 -30.19
C VAL G 706 63.71 -1.46 -29.27
N ALA G 707 62.43 -1.75 -29.43
CA ALA G 707 61.78 -2.77 -28.63
C ALA G 707 62.35 -4.15 -28.91
N LYS G 708 62.42 -4.53 -30.18
CA LYS G 708 62.93 -5.85 -30.55
C LYS G 708 64.31 -6.08 -29.95
N GLU G 709 65.14 -5.03 -29.92
CA GLU G 709 66.50 -5.16 -29.39
C GLU G 709 66.58 -5.19 -27.85
N ILE G 710 66.01 -4.18 -27.20
CA ILE G 710 66.04 -4.11 -25.75
C ILE G 710 65.43 -5.35 -25.12
N SER G 711 64.25 -5.72 -25.58
CA SER G 711 63.59 -6.90 -25.03
C SER G 711 64.50 -8.11 -25.11
N GLU G 712 64.87 -8.50 -26.33
CA GLU G 712 65.73 -9.66 -26.53
C GLU G 712 67.04 -9.64 -25.77
N ARG G 713 67.49 -8.45 -25.40
CA ARG G 713 68.77 -8.31 -24.69
C ARG G 713 68.65 -8.29 -23.16
N ILE G 714 67.45 -8.08 -22.63
CA ILE G 714 67.26 -8.02 -21.19
C ILE G 714 66.46 -9.17 -20.60
N TYR G 715 65.76 -9.92 -21.45
CA TYR G 715 64.92 -11.02 -20.99
C TYR G 715 65.57 -11.99 -19.98
N GLU G 716 66.40 -12.90 -20.47
CA GLU G 716 67.07 -13.91 -19.64
C GLU G 716 67.75 -13.31 -18.39
N LYS G 717 68.48 -12.22 -18.59
CA LYS G 717 69.19 -11.56 -17.49
C LYS G 717 68.35 -11.31 -16.26
N TYR G 718 67.12 -10.84 -16.47
CA TYR G 718 66.23 -10.57 -15.36
C TYR G 718 65.32 -11.74 -15.02
N ARG G 719 65.17 -12.68 -15.93
CA ARG G 719 64.32 -13.83 -15.67
C ARG G 719 64.97 -14.73 -14.63
N ASN G 720 66.30 -14.76 -14.61
CA ASN G 720 67.03 -15.59 -13.64
C ASN G 720 66.91 -15.13 -12.20
N LEU G 721 66.35 -13.95 -12.00
CA LEU G 721 66.18 -13.43 -10.65
C LEU G 721 64.80 -13.80 -10.07
N VAL G 722 63.84 -14.04 -10.94
CA VAL G 722 62.48 -14.38 -10.53
C VAL G 722 62.48 -15.52 -9.50
N PRO G 723 63.20 -16.61 -9.76
CA PRO G 723 63.23 -17.74 -8.81
C PRO G 723 63.79 -17.41 -7.42
N LEU G 724 64.44 -16.25 -7.30
CA LEU G 724 64.99 -15.84 -6.01
C LEU G 724 63.95 -15.01 -5.25
N CYS G 725 62.89 -14.61 -5.94
CA CYS G 725 61.87 -13.83 -5.34
C CYS G 725 60.87 -14.68 -4.58
N LYS G 726 60.50 -14.19 -3.40
CA LYS G 726 59.56 -14.88 -2.53
C LYS G 726 58.36 -14.01 -2.22
N THR G 727 58.54 -12.69 -2.36
CA THR G 727 57.45 -11.73 -2.09
C THR G 727 57.16 -10.84 -3.29
N ARG G 728 55.96 -10.28 -3.32
CA ARG G 728 55.57 -9.39 -4.41
C ARG G 728 56.58 -8.25 -4.53
N TYR G 729 57.22 -7.91 -3.43
CA TYR G 729 58.19 -6.83 -3.42
C TYR G 729 59.44 -7.29 -4.11
N ASP G 730 59.78 -8.56 -3.95
CA ASP G 730 60.97 -9.11 -4.62
C ASP G 730 60.76 -9.01 -6.15
N LEU G 731 59.58 -9.43 -6.60
CA LEU G 731 59.22 -9.38 -8.02
C LEU G 731 59.30 -7.96 -8.54
N SER G 732 58.82 -7.02 -7.73
CA SER G 732 58.81 -5.62 -8.13
C SER G 732 60.21 -5.19 -8.44
N ASN G 733 61.16 -5.51 -7.55
CA ASN G 733 62.56 -5.13 -7.78
C ASN G 733 63.07 -5.61 -9.13
N VAL G 734 62.83 -6.89 -9.43
CA VAL G 734 63.25 -7.46 -10.70
C VAL G 734 62.56 -6.75 -11.86
N ILE G 735 61.23 -6.74 -11.85
CA ILE G 735 60.47 -6.10 -12.90
C ILE G 735 60.84 -4.62 -13.16
N VAL G 736 60.91 -3.81 -12.12
CA VAL G 736 61.23 -2.40 -12.32
C VAL G 736 62.62 -2.22 -12.98
N GLU G 737 63.60 -2.97 -12.51
CA GLU G 737 64.93 -2.91 -13.08
C GLU G 737 64.90 -3.28 -14.57
N MET G 738 64.04 -4.22 -14.93
CA MET G 738 63.94 -4.61 -16.33
C MET G 738 63.18 -3.54 -17.13
N GLN G 739 62.29 -2.80 -16.49
CA GLN G 739 61.58 -1.76 -17.19
C GLN G 739 62.57 -0.63 -17.46
N GLY G 740 63.48 -0.42 -16.52
CA GLY G 740 64.47 0.63 -16.66
C GLY G 740 65.36 0.40 -17.86
N GLU G 741 65.44 -0.84 -18.29
CA GLU G 741 66.26 -1.17 -19.43
C GLU G 741 65.81 -0.48 -20.73
N TYR G 742 64.64 0.14 -20.75
CA TYR G 742 64.18 0.84 -21.96
C TYR G 742 64.65 2.28 -21.93
N ARG G 743 65.34 2.65 -20.87
CA ARG G 743 65.90 3.99 -20.74
C ARG G 743 64.95 5.08 -21.18
N THR G 744 63.68 4.98 -20.79
CA THR G 744 62.68 5.98 -21.17
C THR G 744 61.83 6.35 -19.95
N SER G 745 61.10 7.45 -20.07
CA SER G 745 60.22 7.91 -19.01
C SER G 745 58.88 7.19 -19.05
N HIS G 746 58.11 7.36 -17.97
CA HIS G 746 56.77 6.77 -17.82
C HIS G 746 56.65 5.25 -17.67
N SER G 747 57.73 4.57 -17.33
CA SER G 747 57.69 3.13 -17.11
C SER G 747 57.44 2.96 -15.64
N TYR G 748 56.17 2.96 -15.26
CA TYR G 748 55.83 2.84 -13.86
C TYR G 748 55.21 1.48 -13.51
N GLU G 749 55.00 1.27 -12.22
CA GLU G 749 54.37 0.07 -11.68
C GLU G 749 53.46 0.49 -10.51
N MET G 750 52.15 0.42 -10.74
CA MET G 750 51.17 0.80 -9.74
C MET G 750 50.21 -0.36 -9.40
N GLY G 751 49.48 -0.23 -8.28
CA GLY G 751 48.53 -1.26 -7.90
C GLY G 751 49.24 -2.48 -7.44
N GLY G 752 48.59 -3.63 -7.48
CA GLY G 752 49.24 -4.86 -7.02
C GLY G 752 49.12 -5.01 -5.52
N THR G 753 49.17 -6.27 -5.06
CA THR G 753 49.06 -6.59 -3.64
C THR G 753 50.42 -6.97 -3.07
N PHE G 754 50.94 -6.13 -2.18
CA PHE G 754 52.26 -6.35 -1.60
C PHE G 754 52.21 -6.75 -0.13
N THR G 755 51.06 -6.58 0.50
CA THR G 755 50.95 -6.90 1.93
C THR G 755 49.51 -6.97 2.46
N ASP G 756 49.33 -7.65 3.58
CA ASP G 756 48.01 -7.75 4.18
C ASP G 756 47.92 -6.73 5.32
N LYS G 757 48.94 -5.89 5.46
CA LYS G 757 48.98 -4.86 6.49
C LYS G 757 48.13 -3.67 6.08
N ASP G 758 47.37 -3.13 7.02
CA ASP G 758 46.56 -1.96 6.70
C ASP G 758 47.41 -0.73 6.58
N PRO G 759 47.01 0.19 5.71
CA PRO G 759 47.81 1.40 5.57
C PRO G 759 47.98 2.17 6.87
N PHE G 760 49.08 2.90 6.96
CA PHE G 760 49.36 3.71 8.14
C PHE G 760 48.37 4.87 8.21
N ARG G 761 48.01 5.27 9.42
CA ARG G 761 47.07 6.36 9.60
C ARG G 761 47.79 7.58 10.14
N SER G 762 47.32 8.77 9.76
CA SER G 762 47.93 10.00 10.23
C SER G 762 46.83 11.02 10.54
N GLY G 763 46.73 11.40 11.81
CA GLY G 763 45.70 12.35 12.23
C GLY G 763 46.13 13.75 11.90
N ARG G 764 45.34 14.44 11.08
CA ARG G 764 45.65 15.81 10.69
C ARG G 764 44.55 16.83 10.91
N ILE G 765 44.96 18.04 11.33
CA ILE G 765 44.03 19.14 11.53
C ILE G 765 44.58 20.41 10.89
N ALA G 766 45.31 20.23 9.79
CA ALA G 766 45.88 21.34 9.08
C ALA G 766 46.60 22.31 10.03
N CYS G 767 47.56 21.80 10.79
CA CYS G 767 48.31 22.63 11.72
C CYS G 767 49.73 22.11 11.84
N ASP G 768 50.61 22.96 12.38
CA ASP G 768 52.01 22.60 12.59
C ASP G 768 52.28 22.77 14.07
N PHE G 769 52.85 21.75 14.68
CA PHE G 769 53.10 21.79 16.11
C PHE G 769 54.57 21.94 16.44
N LYS G 770 54.85 22.52 17.59
CA LYS G 770 56.23 22.73 18.03
C LYS G 770 56.33 22.44 19.54
N LEU G 771 57.32 21.67 19.96
CA LEU G 771 57.48 21.36 21.37
C LEU G 771 58.17 22.53 22.06
N ASP G 772 57.47 23.16 22.99
CA ASP G 772 58.05 24.29 23.70
C ASP G 772 57.84 24.11 25.18
N GLY G 773 58.81 23.49 25.83
CA GLY G 773 58.71 23.24 27.25
C GLY G 773 58.09 21.88 27.45
N ASP G 774 56.83 21.86 27.86
CA ASP G 774 56.12 20.61 28.12
C ASP G 774 54.75 20.62 27.46
N HIS G 775 54.58 21.54 26.51
CA HIS G 775 53.33 21.71 25.79
C HIS G 775 53.59 21.88 24.32
N TYR G 776 52.65 21.46 23.48
CA TYR G 776 52.76 21.62 22.03
C TYR G 776 52.06 22.93 21.68
N VAL G 777 52.68 23.72 20.83
CA VAL G 777 52.07 24.99 20.43
C VAL G 777 51.73 24.96 18.92
N VAL G 778 50.62 25.57 18.56
CA VAL G 778 50.22 25.63 17.17
C VAL G 778 51.18 26.59 16.48
N ALA G 779 52.23 26.05 15.88
CA ALA G 779 53.23 26.84 15.17
C ALA G 779 52.63 27.52 13.94
N LYS G 780 51.71 26.81 13.27
CA LYS G 780 51.07 27.32 12.07
C LYS G 780 49.67 26.72 11.87
N ALA G 781 48.75 27.52 11.32
CA ALA G 781 47.40 27.05 11.07
C ALA G 781 47.06 27.34 9.63
N TYR G 782 47.26 26.34 8.77
CA TYR G 782 47.01 26.49 7.33
C TYR G 782 45.58 26.81 6.92
N ALA G 783 45.46 27.72 5.96
CA ALA G 783 44.16 28.12 5.39
C ALA G 783 44.38 28.76 4.01
N GLY G 784 43.48 28.46 3.07
CA GLY G 784 43.56 28.99 1.73
C GLY G 784 42.41 29.94 1.46
N ASP G 785 41.31 29.43 0.92
CA ASP G 785 40.14 30.27 0.65
C ASP G 785 39.07 29.89 1.65
N TYR G 786 39.02 30.64 2.75
CA TYR G 786 38.04 30.44 3.81
C TYR G 786 36.64 30.01 3.39
N SER G 787 36.15 30.55 2.29
CA SER G 787 34.83 30.22 1.83
C SER G 787 34.75 29.01 0.92
N ASN G 788 35.90 28.47 0.51
CA ASN G 788 35.89 27.29 -0.32
C ASN G 788 35.70 26.12 0.60
N GLU G 789 35.68 24.92 0.02
CA GLU G 789 35.52 23.70 0.81
C GLU G 789 36.85 23.08 1.04
N GLY G 790 36.99 22.43 2.20
CA GLY G 790 38.22 21.75 2.57
C GLY G 790 39.52 22.52 2.31
N GLU G 791 39.60 23.75 2.80
CA GLU G 791 40.78 24.56 2.61
C GLU G 791 41.28 25.29 3.84
N LYS G 792 41.13 24.69 5.02
CA LYS G 792 41.58 25.36 6.22
C LYS G 792 41.52 24.39 7.39
N SER G 793 42.15 24.78 8.48
CA SER G 793 42.15 23.93 9.66
C SER G 793 40.73 23.84 10.15
N PRO G 794 40.26 22.64 10.42
CA PRO G 794 38.89 22.48 10.91
C PRO G 794 38.63 23.30 12.17
N ILE G 795 39.67 23.79 12.80
CA ILE G 795 39.46 24.60 13.98
C ILE G 795 38.80 25.94 13.64
N PHE G 796 39.11 26.46 12.46
CA PHE G 796 38.53 27.74 12.03
C PHE G 796 37.00 27.79 12.11
N GLU G 797 36.32 26.66 11.89
CA GLU G 797 34.85 26.65 11.94
C GLU G 797 34.30 27.17 13.26
N TYR G 798 35.13 27.15 14.32
CA TYR G 798 34.69 27.63 15.62
C TYR G 798 35.04 29.10 15.83
N GLY G 799 35.32 29.78 14.73
CA GLY G 799 35.67 31.19 14.79
C GLY G 799 36.88 31.54 15.65
N ILE G 800 38.02 30.88 15.40
CA ILE G 800 39.25 31.14 16.14
C ILE G 800 40.46 30.59 15.40
N ASP G 801 41.48 31.43 15.21
CA ASP G 801 42.69 31.02 14.54
C ASP G 801 43.58 30.36 15.62
N PRO G 802 43.76 29.02 15.54
CA PRO G 802 44.56 28.26 16.49
C PRO G 802 46.01 28.70 16.63
N THR G 803 46.56 29.33 15.59
CA THR G 803 47.95 29.79 15.62
C THR G 803 48.26 30.42 16.96
N GLY G 804 49.39 30.05 17.55
CA GLY G 804 49.76 30.62 18.84
C GLY G 804 49.28 29.88 20.10
N TYR G 805 48.08 29.32 20.02
CA TYR G 805 47.48 28.58 21.14
C TYR G 805 48.30 27.37 21.55
N LEU G 806 48.02 26.88 22.76
CA LEU G 806 48.72 25.71 23.33
C LEU G 806 47.76 24.55 23.40
N ILE G 807 48.16 23.42 22.83
CA ILE G 807 47.30 22.25 22.85
C ILE G 807 47.47 21.51 24.19
N GLU G 808 46.41 21.50 25.01
CA GLU G 808 46.44 20.85 26.29
C GLU G 808 46.27 19.34 26.21
N ASP G 809 45.11 18.93 25.74
CA ASP G 809 44.84 17.51 25.62
C ASP G 809 43.86 17.22 24.51
N ILE G 810 43.85 15.98 24.06
CA ILE G 810 42.95 15.56 23.01
C ILE G 810 42.20 14.34 23.53
N ASP G 811 40.87 14.41 23.48
CA ASP G 811 40.01 13.32 23.94
C ASP G 811 40.42 12.85 25.35
N GLY G 812 40.64 13.80 26.25
CA GLY G 812 41.01 13.44 27.61
C GLY G 812 42.50 13.21 27.82
N GLU G 813 43.16 12.48 26.92
CA GLU G 813 44.58 12.22 27.07
C GLU G 813 45.43 13.48 26.91
N THR G 814 46.31 13.70 27.88
CA THR G 814 47.17 14.85 27.87
C THR G 814 48.35 14.63 26.92
N VAL G 815 48.59 15.61 26.04
CA VAL G 815 49.69 15.54 25.08
C VAL G 815 50.74 16.57 25.44
N GLY G 816 51.98 16.33 25.00
CA GLY G 816 53.05 17.26 25.29
C GLY G 816 54.37 16.53 25.49
N ALA G 817 55.27 17.15 26.26
CA ALA G 817 56.61 16.58 26.54
C ALA G 817 56.66 15.06 26.65
N GLY G 818 55.75 14.46 27.40
CA GLY G 818 55.79 13.03 27.52
C GLY G 818 54.70 12.31 26.75
N SER G 819 54.07 13.00 25.82
CA SER G 819 53.00 12.37 25.05
C SER G 819 52.95 12.82 23.59
N ASN G 820 53.31 11.89 22.72
CA ASN G 820 53.37 12.14 21.28
C ASN G 820 52.03 12.57 20.66
N ILE G 821 51.90 13.86 20.36
CA ILE G 821 50.65 14.34 19.80
C ILE G 821 50.38 13.70 18.45
N TYR G 822 51.47 13.43 17.71
CA TYR G 822 51.33 12.81 16.38
C TYR G 822 50.65 11.45 16.48
N ARG G 823 51.05 10.68 17.49
CA ARG G 823 50.46 9.37 17.69
C ARG G 823 49.00 9.52 18.11
N VAL G 824 48.74 10.33 19.14
CA VAL G 824 47.38 10.53 19.60
C VAL G 824 46.50 10.93 18.41
N LEU G 825 46.91 11.95 17.65
CA LEU G 825 46.10 12.34 16.54
C LEU G 825 45.91 11.16 15.60
N SER G 826 46.95 10.37 15.43
CA SER G 826 46.83 9.23 14.52
C SER G 826 45.67 8.31 14.95
N GLU G 827 45.57 8.08 16.25
CA GLU G 827 44.55 7.21 16.78
C GLU G 827 43.13 7.76 16.74
N LYS G 828 42.98 9.02 16.33
CA LYS G 828 41.67 9.65 16.26
C LYS G 828 41.36 10.05 14.81
N ALA G 829 42.25 9.69 13.88
CA ALA G 829 42.04 10.02 12.49
C ALA G 829 40.70 9.52 11.98
N GLY G 830 39.99 10.39 11.28
CA GLY G 830 38.70 10.02 10.72
C GLY G 830 37.54 10.10 11.68
N THR G 831 37.75 10.73 12.82
CA THR G 831 36.68 10.90 13.81
C THR G 831 36.75 12.30 14.36
N SER G 832 35.86 12.58 15.30
CA SER G 832 35.83 13.91 15.88
C SER G 832 36.24 13.79 17.34
N ALA G 833 37.21 14.61 17.75
CA ALA G 833 37.71 14.54 19.12
C ALA G 833 37.65 15.88 19.83
N ARG G 834 37.55 15.82 21.15
CA ARG G 834 37.50 17.03 21.96
C ARG G 834 38.94 17.48 22.19
N ILE G 835 39.22 18.71 21.78
CA ILE G 835 40.55 19.28 21.93
C ILE G 835 40.48 20.51 22.81
N ARG G 836 41.25 20.52 23.89
CA ARG G 836 41.31 21.66 24.79
C ARG G 836 42.48 22.52 24.35
N LEU G 837 42.23 23.80 24.08
CA LEU G 837 43.30 24.73 23.64
C LEU G 837 43.47 25.87 24.65
N SER G 838 44.50 26.70 24.45
CA SER G 838 44.78 27.84 25.31
C SER G 838 45.57 28.93 24.60
N GLY G 839 44.98 30.13 24.50
CA GLY G 839 45.67 31.24 23.84
C GLY G 839 46.17 32.26 24.84
N LYS G 840 46.34 33.50 24.37
CA LYS G 840 46.81 34.62 25.20
C LYS G 840 45.86 34.86 26.37
N GLY G 841 46.44 35.19 27.52
CA GLY G 841 45.64 35.43 28.70
C GLY G 841 45.03 34.15 29.23
N GLY G 842 43.83 34.26 29.80
CA GLY G 842 43.15 33.08 30.32
C GLY G 842 42.24 32.46 29.28
N ASP G 843 42.47 32.78 28.01
CA ASP G 843 41.67 32.27 26.91
C ASP G 843 41.85 30.74 26.79
N LYS G 844 40.74 29.99 26.94
CA LYS G 844 40.76 28.54 26.85
C LYS G 844 39.58 28.02 26.02
N ARG G 845 39.87 27.17 25.04
CA ARG G 845 38.83 26.62 24.17
C ARG G 845 38.72 25.11 24.31
N ASP G 846 37.51 24.62 24.13
CA ASP G 846 37.24 23.20 24.23
C ASP G 846 36.25 22.81 23.15
N LEU G 847 36.77 22.52 21.95
CA LEU G 847 35.93 22.19 20.80
C LEU G 847 36.04 20.76 20.28
N MET G 848 35.01 20.33 19.55
CA MET G 848 34.98 19.01 18.92
C MET G 848 35.50 19.21 17.52
N ILE G 849 36.75 18.81 17.33
CA ILE G 849 37.43 18.98 16.05
C ILE G 849 37.38 17.72 15.20
N ASP G 850 37.27 17.92 13.90
CA ASP G 850 37.27 16.82 12.98
C ASP G 850 38.74 16.48 12.70
N ILE G 851 39.16 15.30 13.14
CA ILE G 851 40.53 14.89 12.89
C ILE G 851 40.58 14.25 11.50
N LEU G 852 41.07 14.99 10.52
CA LEU G 852 41.17 14.51 9.14
C LEU G 852 42.25 13.45 8.94
N ASP G 853 42.10 12.64 7.89
CA ASP G 853 43.10 11.63 7.56
C ASP G 853 44.23 12.23 6.73
N ASP G 854 44.02 13.43 6.21
CA ASP G 854 45.02 14.06 5.36
C ASP G 854 44.73 15.57 5.30
N ASP G 855 45.76 16.39 5.03
CA ASP G 855 45.57 17.83 4.91
C ASP G 855 46.50 18.45 3.85
N ARG G 856 46.91 17.63 2.89
CA ARG G 856 47.78 18.06 1.77
C ARG G 856 47.16 19.21 0.98
N PHE G 857 45.97 18.97 0.48
CA PHE G 857 45.26 19.95 -0.32
C PHE G 857 45.11 21.24 0.46
N ILE G 858 44.78 21.14 1.75
CA ILE G 858 44.65 22.36 2.54
C ILE G 858 45.99 23.07 2.57
N ARG G 859 47.08 22.33 2.63
CA ARG G 859 48.39 22.95 2.64
C ARG G 859 48.74 23.54 1.26
N TYR G 860 48.37 22.83 0.20
CA TYR G 860 48.62 23.29 -1.16
C TYR G 860 47.87 24.63 -1.39
N ARG G 861 46.59 24.67 -1.07
CA ARG G 861 45.80 25.87 -1.25
C ARG G 861 46.35 27.02 -0.42
N SER G 862 46.82 26.68 0.77
CA SER G 862 47.41 27.67 1.68
C SER G 862 48.63 28.32 0.97
N TRP G 863 49.49 27.47 0.42
CA TRP G 863 50.69 27.88 -0.29
C TRP G 863 50.30 28.76 -1.48
N VAL G 864 49.40 28.28 -2.33
CA VAL G 864 49.03 29.06 -3.48
C VAL G 864 48.55 30.44 -3.04
N GLU G 865 47.62 30.49 -2.08
CA GLU G 865 47.10 31.78 -1.63
C GLU G 865 48.20 32.67 -1.01
N ALA G 866 49.19 32.05 -0.38
CA ALA G 866 50.26 32.85 0.20
C ALA G 866 51.03 33.49 -0.93
N ASN G 867 51.44 32.68 -1.91
CA ASN G 867 52.19 33.20 -3.05
C ASN G 867 51.38 34.27 -3.80
N ARG G 868 50.08 34.03 -3.89
CA ARG G 868 49.19 34.96 -4.55
C ARG G 868 49.19 36.30 -3.77
N ARG G 869 49.00 36.25 -2.46
CA ARG G 869 49.01 37.48 -1.67
C ARG G 869 50.37 38.17 -1.80
N TYR G 870 51.42 37.37 -1.82
CA TYR G 870 52.77 37.89 -1.95
C TYR G 870 52.92 38.68 -3.27
N VAL G 871 52.61 38.03 -4.40
CA VAL G 871 52.74 38.67 -5.68
C VAL G 871 51.96 39.98 -5.75
N HIS G 872 50.82 40.08 -5.07
CA HIS G 872 50.08 41.33 -5.13
C HIS G 872 50.83 42.43 -4.42
N GLU G 873 51.13 42.21 -3.15
CA GLU G 873 51.84 43.20 -2.35
C GLU G 873 53.16 43.68 -2.94
N ARG G 874 53.95 42.76 -3.46
CA ARG G 874 55.24 43.13 -4.03
C ARG G 874 55.11 43.90 -5.36
N SER G 875 54.10 43.60 -6.17
CA SER G 875 53.97 44.30 -7.43
C SER G 875 53.05 45.49 -7.24
N LYS G 876 52.86 45.89 -6.00
CA LYS G 876 51.99 47.02 -5.68
C LYS G 876 50.64 46.82 -6.35
N GLY G 877 50.14 45.59 -6.32
CA GLY G 877 48.85 45.30 -6.94
C GLY G 877 48.78 45.44 -8.45
N THR G 878 49.87 45.12 -9.14
CA THR G 878 49.90 45.22 -10.60
C THR G 878 50.17 43.87 -11.31
N ILE G 879 50.35 42.81 -10.53
CA ILE G 879 50.60 41.50 -11.10
C ILE G 879 49.70 40.39 -10.52
N GLY G 880 49.24 39.49 -11.39
CA GLY G 880 48.39 38.40 -10.98
C GLY G 880 49.22 37.16 -10.76
N TYR G 881 48.61 36.13 -10.17
CA TYR G 881 49.31 34.87 -9.88
C TYR G 881 48.37 33.68 -10.07
N ILE G 882 48.90 32.62 -10.65
CA ILE G 882 48.13 31.42 -10.89
C ILE G 882 49.13 30.26 -10.81
N HIS G 883 48.73 29.16 -10.17
CA HIS G 883 49.61 28.03 -10.06
C HIS G 883 48.91 26.79 -10.57
N ILE G 884 49.63 25.97 -11.33
CA ILE G 884 49.10 24.74 -11.89
C ILE G 884 49.87 23.53 -11.34
N PRO G 885 49.26 22.79 -10.42
CA PRO G 885 49.81 21.61 -9.76
C PRO G 885 50.09 20.44 -10.69
N ASP G 886 49.24 20.29 -11.70
CA ASP G 886 49.46 19.23 -12.67
C ASP G 886 48.64 19.53 -13.88
N MET G 887 48.69 18.64 -14.87
CA MET G 887 47.93 18.86 -16.09
C MET G 887 46.80 17.87 -16.15
N GLY G 888 46.19 17.62 -15.00
CA GLY G 888 45.09 16.68 -14.92
C GLY G 888 43.84 17.42 -14.48
N MET G 889 42.89 16.74 -13.88
CA MET G 889 41.69 17.41 -13.46
C MET G 889 41.99 18.48 -12.42
N MET G 890 42.85 18.17 -11.48
CA MET G 890 43.17 19.17 -10.48
C MET G 890 43.76 20.42 -11.08
N GLY G 891 44.65 20.25 -12.06
CA GLY G 891 45.30 21.39 -12.71
C GLY G 891 44.27 22.31 -13.31
N LEU G 892 43.38 21.69 -14.08
CA LEU G 892 42.30 22.38 -14.73
C LEU G 892 41.50 23.15 -13.65
N ASN G 893 41.31 22.53 -12.47
CA ASN G 893 40.60 23.18 -11.36
C ASN G 893 41.31 24.42 -10.83
N GLU G 894 42.58 24.25 -10.46
CA GLU G 894 43.39 25.32 -9.91
C GLU G 894 43.63 26.47 -10.87
N PHE G 895 43.83 26.13 -12.14
CA PHE G 895 44.07 27.14 -13.17
C PHE G 895 42.86 28.04 -13.22
N TYR G 896 41.69 27.47 -13.45
CA TYR G 896 40.50 28.31 -13.52
C TYR G 896 40.10 28.95 -12.19
N ARG G 897 40.45 28.30 -11.08
CA ARG G 897 40.13 28.82 -9.76
C ARG G 897 40.69 30.23 -9.54
N LEU G 898 41.86 30.49 -10.10
CA LEU G 898 42.47 31.82 -9.98
C LEU G 898 42.52 32.60 -11.31
N PHE G 899 42.51 31.88 -12.42
CA PHE G 899 42.54 32.52 -13.71
C PHE G 899 41.45 33.57 -13.84
N ILE G 900 40.34 33.36 -13.16
CA ILE G 900 39.21 34.26 -13.24
C ILE G 900 39.34 35.52 -12.39
N ASN G 901 40.37 35.60 -11.56
CA ASN G 901 40.56 36.82 -10.74
C ASN G 901 41.90 37.48 -11.01
N GLU G 902 42.83 36.74 -11.61
CA GLU G 902 44.18 37.22 -11.85
C GLU G 902 44.53 37.55 -13.29
N SER G 903 43.69 37.15 -14.22
CA SER G 903 43.97 37.37 -15.62
C SER G 903 43.91 38.83 -16.08
N SER G 904 43.31 39.72 -15.29
CA SER G 904 43.22 41.12 -15.71
C SER G 904 44.12 42.14 -15.00
N TYR G 905 45.32 41.72 -14.67
CA TYR G 905 46.25 42.62 -14.03
C TYR G 905 47.23 43.01 -15.14
N GLN G 906 48.09 43.98 -14.85
CA GLN G 906 49.07 44.43 -15.84
C GLN G 906 49.93 43.26 -16.28
N GLY G 907 50.31 42.44 -15.32
CA GLY G 907 51.13 41.29 -15.64
C GLY G 907 50.59 40.03 -14.99
N LEU G 908 51.00 38.88 -15.51
CA LEU G 908 50.55 37.61 -14.97
C LEU G 908 51.69 36.63 -14.80
N ILE G 909 51.69 35.93 -13.67
CA ILE G 909 52.72 34.92 -13.42
C ILE G 909 52.02 33.58 -13.42
N VAL G 910 52.40 32.72 -14.35
CA VAL G 910 51.82 31.40 -14.44
C VAL G 910 52.79 30.40 -13.83
N ASP G 911 52.82 30.33 -12.50
CA ASP G 911 53.72 29.43 -11.79
C ASP G 911 53.33 27.97 -12.03
N VAL G 912 54.19 27.22 -12.71
CA VAL G 912 53.86 25.82 -12.94
C VAL G 912 54.86 24.86 -12.33
N ARG G 913 55.60 25.34 -11.32
CA ARG G 913 56.60 24.52 -10.62
C ARG G 913 55.92 23.30 -9.98
N PHE G 914 56.63 22.19 -9.90
CA PHE G 914 56.11 20.96 -9.29
C PHE G 914 54.97 20.35 -10.06
N ASN G 915 54.75 20.86 -11.27
CA ASN G 915 53.66 20.35 -12.09
C ASN G 915 53.83 18.86 -12.43
N GLY G 916 52.86 18.06 -11.99
CA GLY G 916 52.93 16.63 -12.19
C GLY G 916 52.57 16.06 -13.54
N GLY G 917 52.34 16.90 -14.52
CA GLY G 917 51.97 16.38 -15.83
C GLY G 917 50.51 15.96 -15.91
N GLY G 918 50.12 15.42 -17.06
CA GLY G 918 48.76 14.99 -17.28
C GLY G 918 48.52 14.96 -18.77
N PHE G 919 47.67 15.86 -19.26
CA PHE G 919 47.36 15.93 -20.69
C PHE G 919 46.58 17.17 -21.12
N VAL G 920 46.14 17.99 -20.15
CA VAL G 920 45.36 19.17 -20.46
C VAL G 920 46.16 20.44 -20.67
N SER G 921 47.47 20.33 -20.93
CA SER G 921 48.31 21.52 -21.14
C SER G 921 47.83 22.27 -22.35
N GLN G 922 47.56 21.54 -23.42
CA GLN G 922 47.10 22.18 -24.63
C GLN G 922 45.91 23.11 -24.36
N LEU G 923 44.99 22.65 -23.51
CA LEU G 923 43.79 23.44 -23.16
C LEU G 923 44.08 24.72 -22.39
N ILE G 924 45.09 24.69 -21.52
CA ILE G 924 45.45 25.84 -20.74
C ILE G 924 46.20 26.82 -21.61
N ILE G 925 47.03 26.31 -22.51
CA ILE G 925 47.79 27.17 -23.42
C ILE G 925 46.78 27.93 -24.30
N GLU G 926 45.86 27.19 -24.90
CA GLU G 926 44.84 27.76 -25.77
C GLU G 926 44.20 28.94 -25.08
N LYS G 927 44.05 28.86 -23.76
CA LYS G 927 43.45 29.96 -23.01
C LYS G 927 44.39 31.17 -23.02
N LEU G 928 45.60 30.99 -22.48
CA LEU G 928 46.59 32.05 -22.41
C LEU G 928 46.96 32.63 -23.79
N MET G 929 46.72 31.84 -24.82
CA MET G 929 47.02 32.23 -26.19
C MET G 929 46.12 33.40 -26.64
N ASN G 930 45.01 33.60 -25.95
CA ASN G 930 44.11 34.66 -26.30
C ASN G 930 44.71 36.06 -26.09
N LYS G 931 44.49 36.93 -27.08
CA LYS G 931 44.99 38.29 -27.00
C LYS G 931 43.82 39.26 -26.99
N ARG G 932 43.84 40.20 -26.06
CA ARG G 932 42.78 41.20 -25.90
C ARG G 932 42.81 42.20 -27.05
N ILE G 933 41.76 42.22 -27.87
CA ILE G 933 41.72 43.15 -29.00
C ILE G 933 40.52 44.11 -29.00
N GLY G 934 39.70 44.06 -27.96
CA GLY G 934 38.56 44.95 -27.89
C GLY G 934 37.86 45.02 -26.53
N TYR G 935 36.84 45.86 -26.46
CA TYR G 935 36.09 46.03 -25.24
C TYR G 935 34.62 46.28 -25.54
N ASP G 936 33.79 46.12 -24.52
CA ASP G 936 32.36 46.34 -24.64
C ASP G 936 32.05 47.49 -23.70
N ASN G 937 31.49 48.56 -24.25
CA ASN G 937 31.15 49.71 -23.43
C ASN G 937 29.70 49.70 -23.08
N PRO G 938 29.42 49.53 -21.78
CA PRO G 938 28.03 49.50 -21.32
C PRO G 938 27.54 50.86 -20.84
N ARG G 939 26.23 51.01 -20.81
CA ARG G 939 25.63 52.24 -20.35
C ARG G 939 25.88 52.33 -18.84
N ARG G 940 25.89 51.17 -18.18
CA ARG G 940 26.13 51.08 -16.74
C ARG G 940 26.99 49.87 -16.45
N GLY G 941 28.04 50.07 -15.66
CA GLY G 941 28.93 48.98 -15.34
C GLY G 941 30.31 49.25 -15.87
N THR G 942 31.16 48.23 -15.87
CA THR G 942 32.52 48.38 -16.31
C THR G 942 32.78 47.72 -17.68
N LEU G 943 33.95 47.96 -18.25
CA LEU G 943 34.28 47.42 -19.55
C LEU G 943 34.29 45.90 -19.56
N SER G 944 34.04 45.31 -20.72
CA SER G 944 34.09 43.85 -20.81
C SER G 944 35.16 43.53 -21.85
N PRO G 945 36.25 42.89 -21.40
CA PRO G 945 37.30 42.56 -22.35
C PRO G 945 36.91 41.47 -23.31
N TYR G 946 37.36 41.63 -24.56
CA TYR G 946 37.10 40.66 -25.63
C TYR G 946 38.44 40.17 -26.20
N PRO G 947 38.74 38.86 -26.12
CA PRO G 947 37.85 37.86 -25.53
C PRO G 947 37.84 38.01 -24.02
N THR G 948 36.89 37.31 -23.41
CA THR G 948 36.74 37.30 -21.96
C THR G 948 37.92 36.55 -21.35
N ASN G 949 38.24 35.39 -21.92
CA ASN G 949 39.34 34.58 -21.43
C ASN G 949 40.67 35.05 -21.98
N SER G 950 40.83 36.35 -22.07
CA SER G 950 42.07 36.90 -22.58
C SER G 950 42.91 37.46 -21.45
N VAL G 951 44.22 37.20 -21.48
CA VAL G 951 45.06 37.77 -20.46
C VAL G 951 45.26 39.24 -20.83
N ARG G 952 45.13 40.10 -19.84
CA ARG G 952 45.24 41.53 -20.07
C ARG G 952 46.60 42.05 -20.57
N GLY G 953 47.69 41.57 -19.96
CA GLY G 953 49.02 42.05 -20.36
C GLY G 953 50.18 41.06 -20.56
N LYS G 954 51.29 41.35 -19.90
CA LYS G 954 52.48 40.52 -19.98
C LYS G 954 52.40 39.29 -19.08
N ILE G 955 52.83 38.15 -19.61
CA ILE G 955 52.80 36.91 -18.88
C ILE G 955 54.21 36.39 -18.63
N ILE G 956 54.39 35.68 -17.53
CA ILE G 956 55.69 35.12 -17.24
C ILE G 956 55.52 33.82 -16.49
N ALA G 957 56.24 32.80 -16.94
CA ALA G 957 56.16 31.46 -16.36
C ALA G 957 57.33 31.09 -15.46
N ILE G 958 57.03 30.38 -14.37
CA ILE G 958 58.05 29.88 -13.42
C ILE G 958 58.02 28.35 -13.51
N THR G 959 59.18 27.73 -13.57
CA THR G 959 59.27 26.28 -13.67
C THR G 959 60.54 25.71 -12.98
N ASN G 960 60.40 24.55 -12.35
CA ASN G 960 61.56 23.91 -11.73
C ASN G 960 61.73 22.50 -12.30
N GLU G 961 62.67 21.76 -11.72
CA GLU G 961 62.94 20.40 -12.16
C GLU G 961 61.86 19.43 -11.72
N TYR G 962 60.95 19.90 -10.87
CA TYR G 962 59.88 19.03 -10.38
C TYR G 962 58.62 19.15 -11.21
N ALA G 963 58.74 19.72 -12.40
CA ALA G 963 57.61 19.84 -13.31
C ALA G 963 58.00 18.99 -14.52
N GLY G 964 57.21 17.96 -14.83
CA GLY G 964 57.53 17.11 -15.96
C GLY G 964 56.34 16.68 -16.79
N SER G 965 56.59 15.73 -17.71
CA SER G 965 55.57 15.21 -18.61
C SER G 965 54.83 16.33 -19.35
N ASP G 966 53.52 16.37 -19.20
CA ASP G 966 52.78 17.41 -19.88
C ASP G 966 53.40 18.72 -19.43
N GLY G 967 53.90 18.69 -18.20
CA GLY G 967 54.56 19.87 -17.64
C GLY G 967 55.72 20.26 -18.54
N ASP G 968 56.38 19.24 -19.09
CA ASP G 968 57.47 19.43 -20.01
C ASP G 968 56.91 20.10 -21.28
N ILE G 969 55.83 19.53 -21.80
CA ILE G 969 55.22 20.04 -23.02
C ILE G 969 54.77 21.48 -22.89
N PHE G 970 54.10 21.77 -21.78
CA PHE G 970 53.63 23.13 -21.50
C PHE G 970 54.80 24.16 -21.53
N SER G 971 55.88 23.79 -20.84
CA SER G 971 57.05 24.66 -20.75
C SER G 971 57.68 24.99 -22.10
N PHE G 972 57.91 23.97 -22.91
CA PHE G 972 58.48 24.14 -24.24
C PHE G 972 57.51 25.01 -25.07
N SER G 973 56.23 24.67 -24.99
CA SER G 973 55.24 25.40 -25.72
C SER G 973 55.18 26.86 -25.33
N PHE G 974 55.12 27.13 -24.03
CA PHE G 974 55.07 28.53 -23.58
C PHE G 974 56.15 29.36 -24.29
N LYS G 975 57.38 28.85 -24.34
CA LYS G 975 58.43 29.56 -25.01
C LYS G 975 58.16 29.57 -26.51
N LYS G 976 58.06 28.38 -27.10
CA LYS G 976 57.82 28.21 -28.52
C LYS G 976 56.75 29.14 -29.08
N LEU G 977 55.70 29.44 -28.31
CA LEU G 977 54.65 30.32 -28.80
C LEU G 977 54.92 31.76 -28.41
N GLY G 978 56.02 31.97 -27.69
CA GLY G 978 56.37 33.31 -27.25
C GLY G 978 55.31 34.01 -26.39
N LEU G 979 54.70 33.29 -25.45
CA LEU G 979 53.72 33.90 -24.58
C LEU G 979 54.40 34.75 -23.50
N GLY G 980 55.70 34.52 -23.32
CA GLY G 980 56.46 35.26 -22.32
C GLY G 980 57.76 34.57 -22.01
N LYS G 981 58.48 35.03 -20.98
CA LYS G 981 59.73 34.39 -20.63
C LYS G 981 59.53 33.23 -19.67
N LEU G 982 60.48 32.31 -19.67
CA LEU G 982 60.41 31.18 -18.78
C LEU G 982 61.54 31.29 -17.74
N ILE G 983 61.18 31.29 -16.46
CA ILE G 983 62.15 31.40 -15.37
C ILE G 983 62.17 30.14 -14.50
N GLY G 984 63.34 29.76 -14.05
CA GLY G 984 63.43 28.58 -13.20
C GLY G 984 64.64 27.72 -13.43
N THR G 985 64.41 26.41 -13.48
CA THR G 985 65.48 25.44 -13.68
C THR G 985 64.98 24.38 -14.66
N ARG G 986 65.89 23.75 -15.40
CA ARG G 986 65.49 22.76 -16.39
C ARG G 986 64.51 21.79 -15.77
N THR G 987 63.49 21.43 -16.54
CA THR G 987 62.44 20.52 -16.10
C THR G 987 62.80 19.04 -16.26
N TRP G 988 61.95 18.18 -15.70
CA TRP G 988 62.07 16.71 -15.72
C TRP G 988 62.57 16.05 -16.98
N GLY G 989 61.79 16.16 -18.06
CA GLY G 989 62.20 15.57 -19.33
C GLY G 989 61.67 14.18 -19.70
N GLY G 990 60.37 13.96 -19.53
CA GLY G 990 59.78 12.68 -19.86
C GLY G 990 58.49 12.89 -20.64
N VAL G 991 58.63 13.07 -21.94
CA VAL G 991 57.46 13.30 -22.77
C VAL G 991 56.99 12.13 -23.63
N VAL G 992 57.08 10.91 -23.08
CA VAL G 992 56.63 9.75 -23.82
C VAL G 992 55.44 9.23 -23.06
N GLY G 993 54.26 9.65 -23.49
CA GLY G 993 53.03 9.25 -22.81
C GLY G 993 52.64 7.78 -22.77
N ILE G 994 51.66 7.50 -21.93
CA ILE G 994 51.18 6.12 -21.74
C ILE G 994 49.67 6.03 -21.59
N THR G 995 49.16 4.83 -21.86
CA THR G 995 47.74 4.53 -21.72
C THR G 995 47.62 3.04 -21.46
N PRO G 996 47.85 2.62 -20.21
CA PRO G 996 47.75 1.19 -19.88
C PRO G 996 46.37 0.60 -20.20
N LYS G 997 46.34 -0.63 -20.69
CA LYS G 997 45.05 -1.22 -21.02
C LYS G 997 45.00 -2.66 -20.58
N ARG G 998 46.00 -3.09 -19.83
CA ARG G 998 46.03 -4.46 -19.36
C ARG G 998 46.77 -4.58 -18.03
N ARG G 999 46.26 -5.40 -17.11
CA ARG G 999 46.92 -5.51 -15.82
C ARG G 999 47.35 -6.92 -15.46
N LEU G 1000 48.20 -7.05 -14.45
CA LEU G 1000 48.67 -8.38 -14.03
C LEU G 1000 47.59 -9.07 -13.20
N ILE G 1001 47.67 -10.39 -13.14
CA ILE G 1001 46.71 -11.21 -12.39
C ILE G 1001 46.54 -10.83 -10.94
N ASP G 1002 47.42 -10.00 -10.40
CA ASP G 1002 47.30 -9.60 -8.99
C ASP G 1002 46.79 -8.18 -8.87
N GLY G 1003 46.40 -7.63 -10.02
CA GLY G 1003 45.84 -6.28 -10.07
C GLY G 1003 46.86 -5.25 -10.46
N THR G 1004 48.12 -5.64 -10.41
CA THR G 1004 49.19 -4.72 -10.77
C THR G 1004 48.98 -4.05 -12.12
N VAL G 1005 49.16 -2.74 -12.15
CA VAL G 1005 49.02 -2.04 -13.40
C VAL G 1005 50.39 -1.47 -13.82
N LEU G 1006 51.01 -2.10 -14.81
CA LEU G 1006 52.29 -1.63 -15.31
C LEU G 1006 52.01 -0.63 -16.46
N THR G 1007 52.93 0.29 -16.70
CA THR G 1007 52.80 1.28 -17.77
C THR G 1007 54.02 1.17 -18.69
N GLN G 1008 53.83 1.50 -19.96
CA GLN G 1008 54.92 1.43 -20.95
C GLN G 1008 54.91 2.66 -21.84
N PRO G 1009 56.07 3.33 -21.98
CA PRO G 1009 56.15 4.53 -22.83
C PRO G 1009 55.74 4.15 -24.24
N GLU G 1010 54.51 4.54 -24.60
CA GLU G 1010 53.91 4.19 -25.89
C GLU G 1010 53.65 5.35 -26.85
N PHE G 1011 53.68 6.58 -26.33
CA PHE G 1011 53.43 7.74 -27.16
C PHE G 1011 54.48 8.83 -27.13
N ALA G 1012 55.47 8.70 -28.00
CA ALA G 1012 56.57 9.65 -28.09
C ALA G 1012 56.14 10.99 -28.67
N PHE G 1013 56.33 12.05 -27.89
CA PHE G 1013 55.97 13.40 -28.33
C PHE G 1013 57.06 13.99 -29.21
N TRP G 1014 56.65 14.56 -30.33
CA TRP G 1014 57.55 15.14 -31.30
C TRP G 1014 57.27 16.61 -31.48
N PHE G 1015 58.14 17.46 -30.94
CA PHE G 1015 57.95 18.89 -31.09
C PHE G 1015 58.52 19.31 -32.44
N ARG G 1016 57.77 20.12 -33.17
CA ARG G 1016 58.23 20.59 -34.46
C ARG G 1016 59.49 21.44 -34.22
N ASP G 1017 60.50 21.26 -35.06
CA ASP G 1017 61.76 22.00 -34.95
C ASP G 1017 62.54 21.67 -33.66
N ALA G 1018 62.39 20.44 -33.17
CA ALA G 1018 63.11 20.02 -31.97
C ALA G 1018 63.06 18.50 -31.85
N GLY G 1019 62.10 17.90 -32.55
CA GLY G 1019 61.98 16.45 -32.53
C GLY G 1019 61.67 15.89 -31.15
N PHE G 1020 62.25 14.75 -30.83
CA PHE G 1020 62.01 14.14 -29.54
C PHE G 1020 62.98 14.66 -28.51
N GLY G 1021 63.73 15.69 -28.88
CA GLY G 1021 64.72 16.29 -28.02
C GLY G 1021 64.32 16.46 -26.56
N VAL G 1022 63.07 16.81 -26.31
CA VAL G 1022 62.63 17.02 -24.95
C VAL G 1022 62.77 15.80 -24.04
N GLU G 1023 62.53 14.62 -24.60
CA GLU G 1023 62.67 13.40 -23.82
C GLU G 1023 64.09 13.18 -23.33
N ASN G 1024 64.17 12.79 -22.08
CA ASN G 1024 65.44 12.56 -21.40
C ASN G 1024 66.30 13.82 -21.33
N TYR G 1025 65.66 14.98 -21.21
CA TYR G 1025 66.39 16.22 -21.12
C TYR G 1025 65.61 17.29 -20.34
N GLY G 1026 64.39 17.57 -20.81
CA GLY G 1026 63.60 18.59 -20.16
C GLY G 1026 63.56 19.87 -20.98
N VAL G 1027 63.21 20.97 -20.33
CA VAL G 1027 63.15 22.27 -21.00
C VAL G 1027 64.03 23.32 -20.28
N ASP G 1028 64.77 24.09 -21.07
CA ASP G 1028 65.63 25.13 -20.53
C ASP G 1028 64.88 26.44 -20.42
N PRO G 1029 64.91 27.06 -19.22
CA PRO G 1029 64.23 28.35 -19.02
C PRO G 1029 65.12 29.45 -19.59
N ASP G 1030 64.50 30.51 -20.09
CA ASP G 1030 65.25 31.61 -20.66
C ASP G 1030 66.27 32.15 -19.66
N VAL G 1031 65.86 32.20 -18.40
CA VAL G 1031 66.73 32.67 -17.33
C VAL G 1031 66.72 31.58 -16.28
N GLU G 1032 67.91 31.15 -15.87
CA GLU G 1032 68.04 30.12 -14.86
C GLU G 1032 68.16 30.72 -13.47
N ILE G 1033 67.20 30.40 -12.60
CA ILE G 1033 67.27 30.91 -11.23
C ILE G 1033 67.26 29.73 -10.27
N GLU G 1034 68.44 29.37 -9.79
CA GLU G 1034 68.57 28.26 -8.88
C GLU G 1034 67.90 28.61 -7.57
N TYR G 1035 67.60 27.59 -6.76
CA TYR G 1035 66.98 27.74 -5.44
C TYR G 1035 67.89 27.01 -4.49
N ALA G 1036 69.06 27.58 -4.20
CA ALA G 1036 70.03 26.94 -3.31
C ALA G 1036 69.57 26.71 -1.87
N PRO G 1037 70.24 25.81 -1.15
CA PRO G 1037 69.89 25.51 0.25
C PRO G 1037 69.96 26.76 1.12
N HIS G 1038 70.88 27.66 0.79
CA HIS G 1038 71.01 28.89 1.56
C HIS G 1038 69.81 29.81 1.33
N ASP G 1039 69.18 29.70 0.16
CA ASP G 1039 67.98 30.51 -0.16
C ASP G 1039 66.84 30.03 0.74
N TYR G 1040 66.80 28.73 1.04
CA TYR G 1040 65.76 28.22 1.91
C TYR G 1040 66.06 28.66 3.35
N LEU G 1041 67.34 28.72 3.71
CA LEU G 1041 67.74 29.13 5.06
C LEU G 1041 67.41 30.61 5.33
N SER G 1042 67.40 31.42 4.26
CA SER G 1042 67.09 32.83 4.40
C SER G 1042 65.59 33.07 4.26
N GLY G 1043 64.88 32.01 3.92
CA GLY G 1043 63.44 32.12 3.77
C GLY G 1043 63.04 32.98 2.61
N LYS G 1044 63.78 32.87 1.53
CA LYS G 1044 63.48 33.66 0.34
C LYS G 1044 63.28 32.74 -0.87
N ASP G 1045 62.34 33.09 -1.74
CA ASP G 1045 62.08 32.34 -2.95
C ASP G 1045 62.67 33.16 -4.09
N PRO G 1046 63.89 32.83 -4.50
CA PRO G 1046 64.59 33.54 -5.57
C PRO G 1046 63.91 33.39 -6.91
N GLN G 1047 63.11 32.33 -7.06
CA GLN G 1047 62.41 32.11 -8.30
C GLN G 1047 61.21 33.02 -8.46
N ILE G 1048 60.35 33.09 -7.44
CA ILE G 1048 59.18 33.94 -7.55
C ILE G 1048 59.56 35.41 -7.48
N ASP G 1049 60.63 35.72 -6.75
CA ASP G 1049 61.06 37.10 -6.61
C ASP G 1049 61.53 37.62 -7.95
N TYR G 1050 62.38 36.85 -8.61
CA TYR G 1050 62.90 37.24 -9.90
C TYR G 1050 61.75 37.48 -10.84
N ALA G 1051 60.82 36.52 -10.90
CA ALA G 1051 59.66 36.63 -11.77
C ALA G 1051 58.91 37.93 -11.59
N ILE G 1052 58.63 38.28 -10.33
CA ILE G 1052 57.93 39.52 -9.99
C ILE G 1052 58.73 40.75 -10.38
N ASP G 1053 59.99 40.77 -9.95
CA ASP G 1053 60.84 41.91 -10.26
C ASP G 1053 61.02 42.05 -11.75
N ALA G 1054 61.10 40.92 -12.45
CA ALA G 1054 61.27 40.94 -13.92
C ALA G 1054 60.05 41.57 -14.62
N LEU G 1055 58.85 41.19 -14.19
CA LEU G 1055 57.64 41.71 -14.78
C LEU G 1055 57.49 43.22 -14.55
N ILE G 1056 57.85 43.68 -13.37
CA ILE G 1056 57.76 45.10 -13.04
C ILE G 1056 58.62 45.83 -14.04
N GLU G 1057 59.75 45.23 -14.41
CA GLU G 1057 60.63 45.86 -15.37
C GLU G 1057 59.93 45.98 -16.73
N GLU G 1058 59.30 44.89 -17.19
CA GLU G 1058 58.59 44.93 -18.46
C GLU G 1058 57.37 45.82 -18.43
N LEU G 1059 56.81 45.99 -17.24
CA LEU G 1059 55.62 46.80 -17.04
C LEU G 1059 55.94 48.29 -16.85
N ARG G 1060 57.10 48.72 -17.31
CA ARG G 1060 57.47 50.12 -17.20
C ARG G 1060 57.04 50.84 -18.48
N ASN G 1061 56.81 50.09 -19.54
CA ASN G 1061 56.38 50.70 -20.80
C ASN G 1061 55.01 51.36 -20.65
N ARG H 1 43.50 7.98 -23.17
CA ARG H 1 44.05 9.22 -22.65
C ARG H 1 45.57 9.16 -22.40
N VAL H 2 46.44 9.87 -23.09
CA VAL H 2 47.89 10.06 -23.19
C VAL H 2 48.46 11.11 -22.24
N ARG H 3 48.55 10.59 -20.98
CA ARG H 3 49.02 11.08 -19.87
C ARG H 3 50.58 11.17 -20.04
N LYS H 4 51.45 11.96 -19.50
CA LYS H 4 52.74 12.52 -19.67
C LYS H 4 53.22 13.19 -18.39
N MET I 39 -54.05 -18.80 43.27
CA MET I 39 -53.71 -18.31 41.90
C MET I 39 -54.15 -19.27 40.79
N PRO I 40 -55.39 -19.13 40.30
CA PRO I 40 -55.91 -19.98 39.23
C PRO I 40 -55.37 -19.56 37.86
N ASN I 41 -55.57 -20.43 36.89
CA ASN I 41 -55.10 -20.20 35.53
C ASN I 41 -56.18 -19.58 34.67
N LEU I 42 -55.90 -19.44 33.38
CA LEU I 42 -56.84 -18.90 32.43
C LEU I 42 -57.17 -20.08 31.53
N LEU I 43 -58.35 -20.65 31.71
CA LEU I 43 -58.73 -21.80 30.92
C LEU I 43 -59.47 -21.31 29.69
N LEU I 44 -59.39 -22.07 28.60
CA LEU I 44 -60.06 -21.64 27.39
C LEU I 44 -60.04 -22.63 26.26
N ASN I 45 -60.93 -22.38 25.29
CA ASN I 45 -61.12 -23.19 24.08
C ASN I 45 -61.24 -24.70 24.35
N PRO I 46 -62.29 -25.10 25.07
CA PRO I 46 -62.49 -26.51 25.39
C PRO I 46 -63.22 -27.28 24.31
N ASP I 47 -63.23 -28.60 24.50
CA ASP I 47 -63.92 -29.53 23.62
C ASP I 47 -64.39 -30.62 24.56
N ILE I 48 -65.54 -31.20 24.28
CA ILE I 48 -66.09 -32.23 25.15
C ILE I 48 -66.32 -33.55 24.45
N HIS I 49 -66.33 -34.61 25.24
CA HIS I 49 -66.59 -35.95 24.75
C HIS I 49 -66.87 -36.85 25.92
N GLY I 50 -68.16 -37.09 26.17
CA GLY I 50 -68.56 -37.94 27.26
C GLY I 50 -68.28 -37.25 28.56
N ASP I 51 -67.48 -37.90 29.41
CA ASP I 51 -67.15 -37.30 30.70
C ASP I 51 -65.85 -36.52 30.56
N ARG I 52 -65.05 -36.87 29.56
CA ARG I 52 -63.78 -36.21 29.35
C ARG I 52 -63.94 -34.85 28.69
N ILE I 53 -63.07 -33.91 29.05
CA ILE I 53 -63.11 -32.56 28.55
C ILE I 53 -61.70 -31.99 28.38
N ILE I 54 -61.27 -31.79 27.12
CA ILE I 54 -59.96 -31.23 26.85
C ILE I 54 -60.07 -29.69 26.71
N PHE I 55 -59.01 -29.00 27.12
CA PHE I 55 -59.03 -27.55 27.05
C PHE I 55 -57.59 -27.03 27.07
N VAL I 56 -57.39 -25.74 26.77
CA VAL I 56 -56.06 -25.16 26.79
C VAL I 56 -55.77 -24.32 28.04
N CYS I 57 -54.58 -24.54 28.62
CA CYS I 57 -54.09 -23.82 29.79
C CYS I 57 -52.58 -23.71 29.64
N CYS I 58 -52.07 -22.48 29.73
CA CYS I 58 -50.64 -22.23 29.60
C CYS I 58 -50.12 -22.78 28.27
N ASP I 59 -50.78 -22.44 27.17
CA ASP I 59 -50.35 -22.90 25.86
C ASP I 59 -50.37 -24.41 25.65
N ASP I 60 -50.49 -25.15 26.74
CA ASP I 60 -50.51 -26.61 26.68
C ASP I 60 -51.93 -27.17 26.73
N LEU I 61 -52.09 -28.42 26.32
CA LEU I 61 -53.39 -29.08 26.28
C LEU I 61 -53.64 -29.92 27.51
N TRP I 62 -54.80 -29.75 28.10
CA TRP I 62 -55.16 -30.51 29.29
C TRP I 62 -56.43 -31.32 29.09
N GLU I 63 -56.60 -32.34 29.92
CA GLU I 63 -57.78 -33.19 29.89
C GLU I 63 -58.40 -33.25 31.27
N HIS I 64 -59.71 -33.10 31.33
CA HIS I 64 -60.41 -33.15 32.61
C HIS I 64 -61.56 -34.17 32.60
N ASP I 65 -61.66 -34.94 33.68
CA ASP I 65 -62.69 -35.97 33.82
C ASP I 65 -63.73 -35.61 34.88
N LEU I 66 -64.86 -35.10 34.42
CA LEU I 66 -65.97 -34.71 35.28
C LEU I 66 -66.23 -35.75 36.35
N LYS I 67 -66.20 -37.00 35.92
CA LYS I 67 -66.44 -38.11 36.83
C LYS I 67 -65.52 -37.98 38.06
N SER I 68 -64.24 -38.31 37.88
CA SER I 68 -63.28 -38.25 38.96
C SER I 68 -62.96 -36.84 39.44
N GLY I 69 -63.12 -35.85 38.56
CA GLY I 69 -62.81 -34.49 38.94
C GLY I 69 -61.32 -34.16 38.86
N SER I 70 -60.53 -35.06 38.26
CA SER I 70 -59.09 -34.84 38.13
C SER I 70 -58.74 -34.20 36.79
N THR I 71 -57.54 -33.63 36.71
CA THR I 71 -57.09 -32.98 35.50
C THR I 71 -55.63 -33.38 35.25
N ARG I 72 -55.22 -33.32 33.99
CA ARG I 72 -53.84 -33.67 33.64
C ARG I 72 -53.42 -33.05 32.30
N LYS I 73 -52.13 -32.77 32.17
CA LYS I 73 -51.62 -32.23 30.92
C LYS I 73 -51.30 -33.40 30.02
N ILE I 74 -52.04 -33.54 28.91
CA ILE I 74 -51.81 -34.63 27.96
C ILE I 74 -50.78 -34.35 26.85
N VAL I 75 -50.41 -33.09 26.66
CA VAL I 75 -49.43 -32.76 25.63
C VAL I 75 -48.81 -31.40 25.93
N SER I 76 -47.51 -31.25 25.70
CA SER I 76 -46.85 -29.99 25.96
C SER I 76 -45.55 -29.85 25.18
N ASN I 77 -44.93 -28.67 25.30
CA ASN I 77 -43.67 -28.37 24.65
C ASN I 77 -43.71 -28.45 23.12
N LEU I 78 -44.86 -28.15 22.55
CA LEU I 78 -45.02 -28.16 21.10
C LEU I 78 -45.08 -26.72 20.60
N GLY I 79 -45.26 -25.81 21.54
CA GLY I 79 -45.41 -24.41 21.20
C GLY I 79 -46.76 -23.97 21.74
N VAL I 80 -47.32 -22.93 21.13
CA VAL I 80 -48.60 -22.42 21.59
C VAL I 80 -49.82 -23.08 20.89
N ILE I 81 -50.66 -23.69 21.70
CA ILE I 81 -51.84 -24.38 21.24
C ILE I 81 -53.05 -23.57 21.60
N ASN I 82 -53.97 -23.43 20.64
CA ASN I 82 -55.22 -22.68 20.85
C ASN I 82 -56.48 -23.46 20.50
N ASN I 83 -56.34 -24.61 19.84
CA ASN I 83 -57.51 -25.41 19.45
C ASN I 83 -57.19 -26.90 19.51
N ALA I 84 -58.10 -27.66 20.10
CA ALA I 84 -57.93 -29.10 20.22
C ALA I 84 -59.29 -29.69 19.92
N ARG I 85 -59.33 -30.64 18.99
CA ARG I 85 -60.59 -31.27 18.65
C ARG I 85 -60.60 -32.78 18.78
N PHE I 86 -61.66 -33.29 19.41
CA PHE I 86 -61.85 -34.72 19.62
C PHE I 86 -62.27 -35.37 18.31
N PHE I 87 -61.67 -36.51 18.02
CA PHE I 87 -62.02 -37.26 16.83
C PHE I 87 -63.39 -37.90 17.15
N PRO I 88 -64.02 -38.56 16.16
CA PRO I 88 -65.32 -39.19 16.41
C PRO I 88 -65.21 -40.21 17.56
N ASP I 89 -64.33 -41.22 17.41
CA ASP I 89 -64.19 -42.24 18.43
C ASP I 89 -63.78 -41.66 19.78
N GLY I 90 -63.43 -40.38 19.83
CA GLY I 90 -63.01 -39.80 21.10
C GLY I 90 -61.63 -40.26 21.56
N ARG I 91 -60.99 -41.10 20.76
CA ARG I 91 -59.66 -41.62 21.07
C ARG I 91 -58.52 -40.64 20.74
N LYS I 92 -58.43 -40.27 19.46
CA LYS I 92 -57.40 -39.33 19.00
C LYS I 92 -57.89 -37.90 19.09
N ILE I 93 -56.95 -36.97 19.00
CA ILE I 93 -57.26 -35.54 19.06
C ILE I 93 -56.45 -34.72 18.03
N ALA I 94 -57.12 -33.86 17.29
CA ALA I 94 -56.42 -33.03 16.32
C ALA I 94 -56.11 -31.73 17.05
N ILE I 95 -54.85 -31.31 16.97
CA ILE I 95 -54.37 -30.10 17.65
C ILE I 95 -53.71 -29.11 16.70
N ARG I 96 -54.05 -27.84 16.86
CA ARG I 96 -53.47 -26.77 16.05
C ARG I 96 -52.45 -26.03 16.93
N VAL I 97 -51.19 -26.01 16.52
CA VAL I 97 -50.18 -25.37 17.32
C VAL I 97 -49.46 -24.30 16.53
N MET I 98 -49.14 -23.19 17.21
CA MET I 98 -48.44 -22.07 16.58
C MET I 98 -46.97 -21.99 17.05
N ARG I 99 -46.10 -21.52 16.15
CA ARG I 99 -44.67 -21.36 16.41
C ARG I 99 -44.18 -20.04 15.79
N GLY I 100 -42.97 -19.62 16.15
CA GLY I 100 -42.44 -18.36 15.65
C GLY I 100 -42.54 -17.38 16.79
N SER I 101 -41.59 -16.45 16.88
CA SER I 101 -41.62 -15.47 17.97
C SER I 101 -42.99 -14.83 18.17
N SER I 102 -43.67 -14.51 17.07
CA SER I 102 -44.98 -13.86 17.11
C SER I 102 -46.10 -14.77 16.66
N LEU I 103 -45.88 -16.06 16.76
CA LEU I 103 -46.89 -17.04 16.38
C LEU I 103 -47.36 -16.74 14.98
N ASN I 104 -46.41 -16.39 14.11
CA ASN I 104 -46.69 -16.07 12.71
C ASN I 104 -46.87 -17.32 11.85
N THR I 105 -46.57 -18.49 12.41
CA THR I 105 -46.71 -19.74 11.68
C THR I 105 -47.48 -20.78 12.48
N ALA I 106 -48.09 -21.73 11.78
CA ALA I 106 -48.87 -22.77 12.44
C ALA I 106 -49.04 -24.05 11.59
N ASP I 107 -49.24 -25.16 12.27
CA ASP I 107 -49.46 -26.47 11.65
C ASP I 107 -50.24 -27.40 12.59
N LEU I 108 -50.77 -28.48 12.02
CA LEU I 108 -51.57 -29.43 12.77
C LEU I 108 -50.87 -30.73 13.22
N TYR I 109 -51.22 -31.19 14.43
CA TYR I 109 -50.67 -32.40 15.05
C TYR I 109 -51.78 -33.35 15.49
N PHE I 110 -51.42 -34.64 15.58
CA PHE I 110 -52.34 -35.70 16.02
C PHE I 110 -51.89 -36.17 17.39
N TYR I 111 -52.85 -36.61 18.19
CA TYR I 111 -52.56 -37.13 19.53
C TYR I 111 -53.36 -38.40 19.76
N ASN I 112 -52.66 -39.49 20.01
CA ASN I 112 -53.30 -40.78 20.26
C ASN I 112 -53.30 -41.01 21.76
N GLY I 113 -54.45 -40.83 22.41
CA GLY I 113 -54.53 -41.04 23.84
C GLY I 113 -54.39 -42.49 24.22
N GLU I 114 -54.24 -43.39 23.25
CA GLU I 114 -54.10 -44.80 23.55
C GLU I 114 -52.65 -45.11 23.90
N ASN I 115 -51.72 -44.70 23.04
CA ASN I 115 -50.31 -44.95 23.31
C ASN I 115 -49.52 -43.69 23.67
N GLY I 116 -50.20 -42.55 23.59
CA GLY I 116 -49.54 -41.29 23.91
C GLY I 116 -48.62 -40.86 22.78
N GLU I 117 -48.98 -41.24 21.56
CA GLU I 117 -48.20 -40.88 20.39
C GLU I 117 -48.53 -39.48 19.97
N ILE I 118 -47.53 -38.75 19.46
CA ILE I 118 -47.72 -37.38 18.98
C ILE I 118 -47.13 -37.39 17.56
N LYS I 119 -47.79 -36.69 16.65
CA LYS I 119 -47.33 -36.67 15.26
C LYS I 119 -47.80 -35.44 14.48
N ARG I 120 -46.84 -34.76 13.83
CA ARG I 120 -47.16 -33.59 13.02
C ARG I 120 -47.86 -34.08 11.76
N ILE I 121 -49.03 -33.52 11.46
CA ILE I 121 -49.82 -33.89 10.31
C ILE I 121 -49.63 -33.05 9.06
N THR I 122 -49.50 -31.74 9.22
CA THR I 122 -49.35 -30.84 8.08
C THR I 122 -48.02 -30.06 8.12
N TYR I 123 -47.44 -29.85 6.95
CA TYR I 123 -46.19 -29.11 6.84
C TYR I 123 -46.43 -27.96 5.89
N PHE I 124 -47.54 -27.27 6.12
CA PHE I 124 -47.96 -26.15 5.27
C PHE I 124 -47.37 -24.82 5.74
N SER I 125 -47.06 -24.76 7.03
CA SER I 125 -46.55 -23.55 7.67
C SER I 125 -47.51 -22.41 7.33
N GLY I 126 -48.80 -22.65 7.61
CA GLY I 126 -49.84 -21.68 7.35
C GLY I 126 -49.58 -20.36 8.01
N LYS I 127 -49.84 -19.26 7.30
CA LYS I 127 -49.62 -17.95 7.87
C LYS I 127 -50.82 -17.56 8.75
N SER I 128 -50.56 -17.03 9.92
CA SER I 128 -51.65 -16.64 10.79
C SER I 128 -51.32 -15.38 11.58
N THR I 129 -52.36 -14.68 12.05
CA THR I 129 -52.20 -13.48 12.84
C THR I 129 -53.21 -13.62 13.96
N GLY I 130 -53.17 -12.73 14.94
CA GLY I 130 -54.14 -12.83 16.02
C GLY I 130 -55.59 -12.85 15.53
N ARG I 131 -55.90 -11.95 14.60
CA ARG I 131 -57.25 -11.83 14.07
C ARG I 131 -57.67 -12.94 13.10
N ARG I 132 -56.71 -13.51 12.39
CA ARG I 132 -57.01 -14.57 11.44
C ARG I 132 -56.10 -15.75 11.64
N MET I 133 -56.41 -16.59 12.62
CA MET I 133 -55.60 -17.76 12.92
C MET I 133 -56.02 -18.93 12.03
N PHE I 134 -55.66 -18.82 10.76
CA PHE I 134 -56.01 -19.82 9.75
C PHE I 134 -55.28 -21.15 9.86
N THR I 135 -55.72 -22.15 9.09
CA THR I 135 -55.16 -23.49 9.11
C THR I 135 -55.50 -24.16 10.43
N ASP I 136 -56.73 -24.66 10.52
CA ASP I 136 -57.28 -25.30 11.71
C ASP I 136 -58.17 -26.50 11.33
N VAL I 137 -58.85 -27.09 12.32
CA VAL I 137 -59.72 -28.22 12.10
C VAL I 137 -61.08 -27.70 11.73
N ALA I 138 -61.60 -28.12 10.57
CA ALA I 138 -62.91 -27.67 10.10
C ALA I 138 -64.05 -28.51 10.68
N GLY I 139 -63.77 -29.79 10.90
CA GLY I 139 -64.75 -30.70 11.43
C GLY I 139 -64.40 -32.12 11.03
N PHE I 140 -65.38 -33.02 11.12
CA PHE I 140 -65.17 -34.41 10.76
C PHE I 140 -66.31 -34.94 9.91
N ASP I 141 -65.94 -35.63 8.82
CA ASP I 141 -66.94 -36.18 7.91
C ASP I 141 -67.62 -37.40 8.52
N PRO I 142 -68.74 -37.84 7.93
CA PRO I 142 -69.46 -39.01 8.46
C PRO I 142 -68.58 -40.22 8.71
N ASP I 143 -67.62 -40.47 7.82
CA ASP I 143 -66.71 -41.61 7.95
C ASP I 143 -65.74 -41.49 9.14
N GLY I 144 -65.77 -40.34 9.80
CA GLY I 144 -64.89 -40.13 10.92
C GLY I 144 -63.54 -39.54 10.53
N ASN I 145 -63.45 -38.96 9.35
CA ASN I 145 -62.22 -38.34 8.91
C ASN I 145 -62.17 -36.86 9.22
N LEU I 146 -60.95 -36.38 9.46
CA LEU I 146 -60.71 -34.97 9.77
C LEU I 146 -60.73 -34.08 8.54
N ILE I 147 -61.47 -32.99 8.64
CA ILE I 147 -61.57 -32.02 7.56
C ILE I 147 -60.90 -30.74 8.09
N ILE I 148 -59.88 -30.29 7.36
CA ILE I 148 -59.18 -29.09 7.75
C ILE I 148 -59.44 -27.91 6.84
N SER I 149 -59.21 -26.72 7.39
CA SER I 149 -59.40 -25.49 6.66
C SER I 149 -58.06 -24.79 6.56
N THR I 150 -57.55 -24.63 5.34
CA THR I 150 -56.26 -23.92 5.17
C THR I 150 -56.15 -23.14 3.85
N ASP I 151 -55.25 -22.18 3.84
CA ASP I 151 -54.99 -21.36 2.67
C ASP I 151 -53.57 -21.61 2.18
N ALA I 152 -52.89 -22.57 2.78
CA ALA I 152 -51.51 -22.90 2.42
C ALA I 152 -51.28 -22.99 0.91
N MET I 153 -52.24 -23.53 0.16
CA MET I 153 -52.07 -23.66 -1.27
C MET I 153 -52.89 -22.68 -2.09
N GLN I 154 -53.43 -21.68 -1.40
CA GLN I 154 -54.22 -20.66 -2.06
C GLN I 154 -53.46 -19.35 -2.19
N PRO I 155 -53.87 -18.51 -3.13
CA PRO I 155 -53.24 -17.21 -3.39
C PRO I 155 -53.62 -16.17 -2.36
N PHE I 156 -54.83 -16.24 -1.84
CA PHE I 156 -55.26 -15.27 -0.83
C PHE I 156 -55.45 -15.96 0.51
N SER I 157 -54.97 -15.31 1.57
CA SER I 157 -55.10 -15.87 2.90
C SER I 157 -56.54 -16.23 3.23
N SER I 158 -57.48 -15.35 2.88
CA SER I 158 -58.91 -15.63 3.13
C SER I 158 -59.47 -16.87 2.41
N MET I 159 -58.76 -17.42 1.43
CA MET I 159 -59.25 -18.62 0.77
C MET I 159 -58.90 -19.82 1.66
N THR I 160 -59.51 -19.88 2.85
CA THR I 160 -59.25 -20.99 3.76
C THR I 160 -60.13 -22.14 3.33
N CYS I 161 -59.83 -22.68 2.16
CA CYS I 161 -60.60 -23.76 1.57
C CYS I 161 -60.58 -25.06 2.39
N LEU I 162 -61.57 -25.93 2.18
CA LEU I 162 -61.68 -27.15 2.94
C LEU I 162 -60.96 -28.35 2.30
N TYR I 163 -60.25 -29.11 3.14
CA TYR I 163 -59.50 -30.30 2.72
C TYR I 163 -59.69 -31.52 3.63
N ARG I 164 -59.81 -32.71 3.04
CA ARG I 164 -59.93 -33.93 3.83
C ARG I 164 -58.55 -34.54 4.03
N VAL I 165 -58.20 -34.79 5.30
CA VAL I 165 -56.91 -35.38 5.64
C VAL I 165 -56.86 -36.90 5.42
N GLU I 166 -55.88 -37.35 4.65
CA GLU I 166 -55.72 -38.78 4.40
C GLU I 166 -54.33 -39.30 4.76
N ASN I 167 -54.28 -40.54 5.21
CA ASN I 167 -53.02 -41.20 5.57
C ASN I 167 -52.20 -40.37 6.54
N ASP I 168 -52.88 -39.73 7.48
CA ASP I 168 -52.21 -38.93 8.48
C ASP I 168 -51.34 -37.81 7.89
N GLY I 169 -51.85 -37.10 6.89
CA GLY I 169 -51.09 -36.01 6.28
C GLY I 169 -50.35 -36.35 5.00
N ILE I 170 -50.48 -37.59 4.54
CA ILE I 170 -49.80 -38.02 3.31
C ILE I 170 -50.45 -37.31 2.11
N ASN I 171 -51.76 -37.49 1.95
CA ASN I 171 -52.52 -36.91 0.85
C ASN I 171 -53.58 -35.95 1.38
N PHE I 172 -54.00 -35.01 0.52
CA PHE I 172 -55.05 -34.03 0.87
C PHE I 172 -56.07 -33.94 -0.25
N VAL I 173 -57.33 -34.31 0.03
CA VAL I 173 -58.38 -34.25 -0.99
C VAL I 173 -59.30 -33.02 -0.78
N PRO I 174 -59.32 -32.09 -1.74
CA PRO I 174 -60.16 -30.88 -1.65
C PRO I 174 -61.68 -31.16 -1.76
N LEU I 175 -62.46 -30.45 -0.97
CA LEU I 175 -63.90 -30.60 -0.97
C LEU I 175 -64.57 -29.61 -1.93
N ASN I 176 -63.76 -28.73 -2.50
CA ASN I 176 -64.23 -27.69 -3.43
C ASN I 176 -65.54 -27.05 -3.04
N LEU I 177 -65.64 -26.66 -1.77
CA LEU I 177 -66.83 -26.04 -1.25
C LEU I 177 -66.56 -24.57 -1.02
N GLY I 178 -65.39 -24.09 -1.44
CA GLY I 178 -65.05 -22.69 -1.23
C GLY I 178 -64.48 -22.46 0.15
N PRO I 179 -64.17 -21.21 0.53
CA PRO I 179 -63.62 -20.90 1.85
C PRO I 179 -64.57 -21.18 3.00
N ALA I 180 -64.04 -21.81 4.05
CA ALA I 180 -64.89 -22.16 5.19
C ALA I 180 -64.09 -22.28 6.49
N THR I 181 -64.79 -22.06 7.58
CA THR I 181 -64.18 -22.12 8.87
C THR I 181 -64.68 -23.34 9.65
N HIS I 182 -65.92 -23.75 9.37
CA HIS I 182 -66.52 -24.93 10.00
C HIS I 182 -67.29 -25.75 8.96
N ILE I 183 -67.28 -27.06 9.15
CA ILE I 183 -68.02 -27.94 8.27
C ILE I 183 -68.67 -29.02 9.15
N LEU I 184 -69.98 -28.96 9.31
CA LEU I 184 -70.71 -29.94 10.14
C LEU I 184 -71.54 -30.83 9.22
N PHE I 185 -72.08 -31.91 9.77
CA PHE I 185 -72.92 -32.81 8.97
C PHE I 185 -74.19 -33.15 9.74
N ALA I 186 -75.31 -33.19 9.02
CA ALA I 186 -76.57 -33.52 9.67
C ALA I 186 -77.50 -34.13 8.64
N ASP I 187 -77.90 -35.36 8.92
CA ASP I 187 -78.82 -36.06 8.03
C ASP I 187 -78.31 -36.11 6.59
N GLY I 188 -77.01 -36.35 6.45
CA GLY I 188 -76.40 -36.44 5.14
C GLY I 188 -76.35 -35.08 4.47
N ARG I 189 -76.41 -34.01 5.25
CA ARG I 189 -76.37 -32.68 4.68
C ARG I 189 -75.16 -31.90 5.18
N ARG I 190 -74.42 -31.32 4.24
CA ARG I 190 -73.25 -30.55 4.60
C ARG I 190 -73.69 -29.21 5.14
N VAL I 191 -73.11 -28.80 6.26
CA VAL I 191 -73.42 -27.52 6.86
C VAL I 191 -72.12 -26.72 6.85
N ILE I 192 -72.10 -25.60 6.12
CA ILE I 192 -70.89 -24.78 6.03
C ILE I 192 -70.94 -23.44 6.77
N GLY I 193 -69.93 -23.22 7.59
CA GLY I 193 -69.82 -22.00 8.37
C GLY I 193 -68.72 -21.13 7.80
N ARG I 194 -69.11 -20.00 7.23
CA ARG I 194 -68.20 -19.04 6.61
C ARG I 194 -67.78 -17.92 7.54
N ASN I 195 -66.48 -17.73 7.70
CA ASN I 195 -65.97 -16.67 8.57
C ASN I 195 -66.56 -16.78 9.98
N THR I 196 -66.80 -18.00 10.42
CA THR I 196 -67.42 -18.24 11.71
C THR I 196 -66.47 -18.33 12.91
N PHE I 197 -65.25 -17.81 12.78
CA PHE I 197 -64.32 -17.85 13.91
C PHE I 197 -64.70 -16.71 14.85
N GLU I 198 -64.16 -16.69 16.06
CA GLU I 198 -64.47 -15.63 16.99
C GLU I 198 -63.81 -14.29 16.62
N LEU I 199 -64.48 -13.19 16.94
CA LEU I 199 -63.93 -11.89 16.67
C LEU I 199 -63.89 -11.05 17.95
N PRO I 200 -63.05 -11.43 18.91
CA PRO I 200 -62.97 -10.69 20.17
C PRO I 200 -62.55 -9.26 20.02
N HIS I 201 -61.76 -8.98 18.99
CA HIS I 201 -61.24 -7.64 18.75
C HIS I 201 -62.25 -6.67 18.22
N TRP I 202 -63.40 -7.17 17.78
CA TRP I 202 -64.43 -6.30 17.24
C TRP I 202 -65.81 -6.73 17.67
N LYS I 203 -66.25 -6.27 18.82
CA LYS I 203 -67.56 -6.67 19.29
C LYS I 203 -68.63 -5.88 18.53
N GLY I 204 -69.77 -6.52 18.30
CA GLY I 204 -70.83 -5.87 17.56
C GLY I 204 -70.54 -5.64 16.08
N TYR I 205 -69.61 -6.41 15.52
CA TYR I 205 -69.25 -6.29 14.11
C TYR I 205 -70.44 -6.68 13.26
N ARG I 206 -70.78 -5.83 12.29
CA ARG I 206 -71.92 -6.05 11.41
C ARG I 206 -71.55 -5.85 9.94
N GLY I 207 -70.26 -6.03 9.63
CA GLY I 207 -69.79 -5.88 8.26
C GLY I 207 -70.05 -7.08 7.37
N GLY I 208 -69.68 -6.96 6.10
CA GLY I 208 -69.90 -8.01 5.15
C GLY I 208 -69.17 -9.33 5.38
N THR I 209 -68.11 -9.30 6.20
CA THR I 209 -67.35 -10.52 6.47
C THR I 209 -67.86 -11.23 7.71
N ARG I 210 -69.04 -10.85 8.15
CA ARG I 210 -69.65 -11.44 9.34
C ARG I 210 -69.92 -12.90 9.08
N GLY I 211 -69.73 -13.71 10.12
CA GLY I 211 -69.95 -15.14 10.03
C GLY I 211 -71.35 -15.48 9.59
N LYS I 212 -71.46 -16.41 8.64
CA LYS I 212 -72.75 -16.86 8.11
C LYS I 212 -72.79 -18.38 7.98
N ILE I 213 -73.99 -18.96 7.94
CA ILE I 213 -74.10 -20.40 7.78
C ILE I 213 -74.94 -20.81 6.58
N TRP I 214 -74.41 -21.74 5.78
CA TRP I 214 -75.13 -22.26 4.61
C TRP I 214 -75.50 -23.73 4.88
N ILE I 215 -76.30 -24.30 3.99
CA ILE I 215 -76.71 -25.69 4.12
C ILE I 215 -77.07 -26.36 2.79
N GLU I 216 -76.69 -27.63 2.65
CA GLU I 216 -77.02 -28.39 1.45
C GLU I 216 -78.53 -28.76 1.48
N VAL I 217 -79.14 -28.83 0.30
CA VAL I 217 -80.55 -29.15 0.15
C VAL I 217 -80.85 -30.13 -0.96
N ASN I 218 -79.93 -30.18 -1.93
CA ASN I 218 -80.09 -31.08 -3.06
C ASN I 218 -78.75 -31.68 -3.49
N SER I 219 -78.24 -32.61 -2.68
CA SER I 219 -76.96 -33.29 -2.89
C SER I 219 -76.00 -32.56 -3.86
N GLY I 220 -75.87 -31.25 -3.63
CA GLY I 220 -75.02 -30.42 -4.44
C GLY I 220 -75.52 -28.98 -4.41
N ALA I 221 -76.78 -28.78 -4.06
CA ALA I 221 -77.30 -27.42 -4.01
C ALA I 221 -77.22 -26.87 -2.60
N PHE I 222 -76.77 -25.62 -2.48
CA PHE I 222 -76.65 -25.00 -1.16
C PHE I 222 -77.46 -23.73 -0.94
N LYS I 223 -77.91 -23.55 0.30
CA LYS I 223 -78.72 -22.40 0.64
C LYS I 223 -78.27 -21.78 1.93
N LYS I 224 -78.14 -20.46 1.89
CA LYS I 224 -77.74 -19.71 3.06
C LYS I 224 -78.88 -19.70 4.08
N ILE I 225 -78.63 -20.15 5.31
CA ILE I 225 -79.67 -20.21 6.31
C ILE I 225 -79.51 -19.32 7.52
N VAL I 226 -78.29 -18.99 7.90
CA VAL I 226 -78.15 -18.09 9.03
C VAL I 226 -77.32 -16.92 8.57
N ASP I 227 -77.96 -15.77 8.48
CA ASP I 227 -77.33 -14.55 8.02
C ASP I 227 -77.96 -13.41 8.82
N MET I 228 -77.62 -13.33 10.11
CA MET I 228 -78.12 -12.24 10.96
C MET I 228 -77.38 -10.93 10.67
N SER I 229 -77.74 -9.87 11.36
CA SER I 229 -77.10 -8.58 11.09
C SER I 229 -75.70 -8.57 11.68
N THR I 230 -75.53 -9.32 12.77
CA THR I 230 -74.23 -9.41 13.43
C THR I 230 -73.48 -10.67 13.09
N HIS I 231 -72.30 -10.80 13.68
CA HIS I 231 -71.39 -11.93 13.50
C HIS I 231 -71.80 -13.21 14.23
N VAL I 232 -71.73 -14.32 13.52
CA VAL I 232 -72.08 -15.61 14.08
C VAL I 232 -70.83 -16.48 14.16
N SER I 233 -70.51 -16.96 15.36
CA SER I 233 -69.30 -17.77 15.57
C SER I 233 -69.52 -19.13 16.26
N SER I 234 -68.53 -20.00 16.08
CA SER I 234 -68.49 -21.32 16.69
C SER I 234 -69.80 -22.13 16.66
N PRO I 235 -70.22 -22.56 15.47
CA PRO I 235 -71.45 -23.34 15.32
C PRO I 235 -71.32 -24.82 15.67
N VAL I 236 -72.37 -25.36 16.29
CA VAL I 236 -72.46 -26.76 16.68
C VAL I 236 -73.87 -27.26 16.43
N ILE I 237 -74.02 -28.57 16.32
CA ILE I 237 -75.32 -29.18 16.06
C ILE I 237 -75.69 -30.26 17.07
N VAL I 238 -76.64 -29.97 17.94
CA VAL I 238 -77.08 -30.96 18.92
C VAL I 238 -78.48 -31.34 18.53
N GLY I 239 -78.65 -32.60 18.13
CA GLY I 239 -79.95 -33.08 17.69
C GLY I 239 -80.16 -32.58 16.28
N HIS I 240 -81.08 -31.64 16.12
CA HIS I 240 -81.31 -31.09 14.80
C HIS I 240 -81.38 -29.57 14.85
N ARG I 241 -80.55 -29.01 15.70
CA ARG I 241 -80.47 -27.57 15.85
C ARG I 241 -79.02 -27.14 15.85
N ILE I 242 -78.77 -26.01 15.21
CA ILE I 242 -77.43 -25.48 15.13
C ILE I 242 -77.32 -24.43 16.21
N TYR I 243 -76.37 -24.63 17.12
CA TYR I 243 -76.16 -23.67 18.20
C TYR I 243 -74.92 -22.88 17.88
N PHE I 244 -75.04 -21.57 17.96
CA PHE I 244 -73.94 -20.71 17.67
C PHE I 244 -73.97 -19.54 18.62
N ILE I 245 -73.08 -18.58 18.41
CA ILE I 245 -72.97 -17.43 19.28
C ILE I 245 -73.05 -16.16 18.47
N THR I 246 -73.68 -15.15 19.04
CA THR I 246 -73.79 -13.85 18.39
C THR I 246 -74.08 -12.76 19.44
N ASP I 247 -73.91 -11.50 19.09
CA ASP I 247 -74.16 -10.46 20.05
C ASP I 247 -75.15 -9.46 19.48
N ILE I 248 -76.18 -9.98 18.82
CA ILE I 248 -77.18 -9.11 18.25
C ILE I 248 -77.94 -8.28 19.29
N ASP I 249 -78.05 -8.84 20.51
CA ASP I 249 -78.75 -8.18 21.59
C ASP I 249 -77.88 -7.20 22.35
N GLY I 250 -76.62 -7.09 21.94
CA GLY I 250 -75.70 -6.17 22.59
C GLY I 250 -74.60 -6.87 23.37
N PHE I 251 -74.66 -8.20 23.40
CA PHE I 251 -73.67 -8.96 24.12
C PHE I 251 -73.67 -10.38 23.57
N GLY I 252 -72.55 -11.09 23.78
CA GLY I 252 -72.40 -12.44 23.30
C GLY I 252 -73.29 -13.39 24.07
N GLN I 253 -74.01 -14.25 23.35
CA GLN I 253 -74.90 -15.22 23.95
C GLN I 253 -75.01 -16.42 23.03
N ILE I 254 -75.61 -17.49 23.52
CA ILE I 254 -75.78 -18.68 22.72
C ILE I 254 -77.20 -18.74 22.17
N TYR I 255 -77.35 -19.17 20.92
CA TYR I 255 -78.64 -19.28 20.26
C TYR I 255 -78.62 -20.56 19.46
N SER I 256 -79.74 -20.86 18.80
CA SER I 256 -79.85 -22.04 17.96
C SER I 256 -81.05 -21.86 17.07
N THR I 257 -81.11 -22.65 16.01
CA THR I 257 -82.23 -22.60 15.06
C THR I 257 -82.29 -23.96 14.38
N ASP I 258 -83.42 -24.32 13.82
CA ASP I 258 -83.53 -25.60 13.14
C ASP I 258 -82.58 -25.59 11.92
N LEU I 259 -82.47 -26.74 11.24
CA LEU I 259 -81.61 -26.82 10.08
C LEU I 259 -82.12 -25.99 8.90
N ASP I 260 -82.89 -24.95 9.22
CA ASP I 260 -83.41 -24.04 8.20
C ASP I 260 -83.28 -22.59 8.61
N GLY I 261 -82.48 -22.36 9.63
CA GLY I 261 -82.23 -21.02 10.10
C GLY I 261 -83.48 -20.38 10.68
N LYS I 262 -84.51 -21.19 10.91
CA LYS I 262 -85.76 -20.69 11.46
C LYS I 262 -85.88 -21.00 12.94
N ASP I 263 -86.88 -20.42 13.58
CA ASP I 263 -87.14 -20.63 15.00
C ASP I 263 -85.98 -20.20 15.89
N LEU I 264 -85.59 -18.94 15.80
CA LEU I 264 -84.48 -18.45 16.60
C LEU I 264 -84.82 -18.50 18.09
N ARG I 265 -83.81 -18.82 18.90
CA ARG I 265 -83.96 -18.88 20.35
C ARG I 265 -82.69 -18.40 21.06
N LYS I 266 -82.88 -17.56 22.07
CA LYS I 266 -81.81 -17.01 22.89
C LYS I 266 -81.76 -17.87 24.14
N HIS I 267 -80.64 -18.58 24.34
CA HIS I 267 -80.46 -19.46 25.49
C HIS I 267 -79.76 -18.87 26.71
N THR I 268 -78.53 -18.38 26.55
CA THR I 268 -77.82 -17.80 27.68
C THR I 268 -78.13 -16.34 27.83
N SER I 269 -77.75 -15.77 28.98
CA SER I 269 -77.99 -14.34 29.23
C SER I 269 -76.82 -13.67 29.94
N PHE I 270 -75.61 -14.12 29.65
CA PHE I 270 -74.41 -13.60 30.24
C PHE I 270 -74.29 -12.08 30.26
N THR I 271 -73.42 -11.57 31.14
CA THR I 271 -73.18 -10.14 31.24
C THR I 271 -71.73 -9.82 31.61
N ASP I 272 -71.03 -10.82 32.17
CA ASP I 272 -69.63 -10.67 32.60
C ASP I 272 -68.58 -10.71 31.47
N TYR I 273 -68.59 -11.78 30.68
CA TYR I 273 -67.67 -11.92 29.55
C TYR I 273 -68.30 -12.72 28.44
N TYR I 274 -67.98 -12.36 27.20
CA TYR I 274 -68.53 -13.08 26.06
C TYR I 274 -68.11 -14.54 26.09
N PRO I 275 -69.01 -15.46 25.70
CA PRO I 275 -68.73 -16.90 25.67
C PRO I 275 -67.97 -17.17 24.37
N ARG I 276 -67.12 -18.19 24.32
CA ARG I 276 -66.38 -18.46 23.09
C ARG I 276 -66.04 -19.92 22.91
N HIS I 277 -65.75 -20.30 21.67
CA HIS I 277 -65.31 -21.65 21.31
C HIS I 277 -66.32 -22.76 21.62
N LEU I 278 -67.47 -22.74 20.98
CA LEU I 278 -68.46 -23.80 21.24
C LEU I 278 -68.01 -25.11 20.65
N ASN I 279 -68.21 -26.19 21.39
CA ASN I 279 -67.84 -27.50 20.91
C ASN I 279 -68.74 -28.52 21.60
N THR I 280 -69.10 -29.57 20.87
CA THR I 280 -69.98 -30.58 21.43
C THR I 280 -69.57 -31.98 21.02
N ASP I 281 -70.32 -32.94 21.55
CA ASP I 281 -70.12 -34.37 21.31
C ASP I 281 -71.42 -34.99 20.82
N GLY I 282 -72.46 -34.17 20.72
CA GLY I 282 -73.76 -34.65 20.30
C GLY I 282 -74.77 -34.56 21.44
N ARG I 283 -74.29 -34.54 22.67
CA ARG I 283 -75.16 -34.47 23.83
C ARG I 283 -75.10 -33.08 24.45
N ARG I 284 -73.98 -32.72 25.07
CA ARG I 284 -73.87 -31.39 25.69
C ARG I 284 -72.86 -30.49 25.00
N ILE I 285 -73.04 -29.19 25.16
CA ILE I 285 -72.16 -28.21 24.55
C ILE I 285 -71.13 -27.71 25.57
N LEU I 286 -69.92 -27.49 25.10
CA LEU I 286 -68.82 -27.00 25.95
C LEU I 286 -68.33 -25.64 25.45
N PHE I 287 -67.84 -24.81 26.35
CA PHE I 287 -67.35 -23.48 25.96
C PHE I 287 -66.61 -22.81 27.09
N SER I 288 -65.99 -21.67 26.82
CA SER I 288 -65.23 -20.97 27.84
C SER I 288 -65.72 -19.56 27.98
N LYS I 289 -65.53 -18.99 29.17
CA LYS I 289 -65.96 -17.62 29.43
C LYS I 289 -65.15 -17.01 30.58
N GLY I 290 -64.63 -15.81 30.36
CA GLY I 290 -63.84 -15.15 31.40
C GLY I 290 -62.77 -16.04 32.02
N GLY I 291 -62.29 -17.03 31.27
CA GLY I 291 -61.25 -17.88 31.77
C GLY I 291 -61.66 -19.19 32.42
N SER I 292 -62.96 -19.50 32.42
CA SER I 292 -63.45 -20.74 33.02
C SER I 292 -64.12 -21.59 31.95
N ILE I 293 -64.26 -22.87 32.23
CA ILE I 293 -64.89 -23.77 31.29
C ILE I 293 -66.32 -24.06 31.80
N TYR I 294 -67.29 -23.85 30.92
CA TYR I 294 -68.67 -24.06 31.24
C TYR I 294 -69.32 -25.18 30.40
N ILE I 295 -70.50 -25.61 30.83
CA ILE I 295 -71.27 -26.61 30.10
C ILE I 295 -72.72 -26.15 29.98
N PHE I 296 -73.32 -26.50 28.85
CA PHE I 296 -74.70 -26.16 28.55
C PHE I 296 -75.34 -27.46 28.06
N ASN I 297 -76.44 -27.85 28.68
CA ASN I 297 -77.15 -29.06 28.27
C ASN I 297 -78.36 -28.60 27.44
N PRO I 298 -78.39 -28.95 26.15
CA PRO I 298 -79.48 -28.57 25.25
C PRO I 298 -80.85 -28.96 25.80
N ASP I 299 -80.94 -30.13 26.41
CA ASP I 299 -82.19 -30.60 26.97
C ASP I 299 -82.61 -29.81 28.18
N THR I 300 -81.79 -29.87 29.22
CA THR I 300 -82.09 -29.16 30.45
C THR I 300 -82.03 -27.65 30.29
N GLU I 301 -81.18 -27.22 29.37
CA GLU I 301 -80.97 -25.80 29.10
C GLU I 301 -80.27 -25.17 30.30
N LYS I 302 -79.60 -26.01 31.09
CA LYS I 302 -78.88 -25.55 32.28
C LYS I 302 -77.40 -25.25 32.01
N ILE I 303 -76.92 -24.15 32.57
CA ILE I 303 -75.54 -23.76 32.42
C ILE I 303 -74.84 -24.03 33.74
N GLU I 304 -73.72 -24.76 33.65
CA GLU I 304 -72.93 -25.06 34.81
C GLU I 304 -71.43 -24.93 34.55
N LYS I 305 -70.73 -24.42 35.56
CA LYS I 305 -69.29 -24.20 35.52
C LYS I 305 -68.58 -25.44 36.00
N ILE I 306 -67.55 -25.84 35.27
CA ILE I 306 -66.77 -27.01 35.66
C ILE I 306 -65.72 -26.56 36.69
N GLU I 307 -65.46 -27.37 37.70
CA GLU I 307 -64.48 -27.04 38.72
C GLU I 307 -63.12 -27.61 38.34
N ILE I 308 -62.10 -26.76 38.31
CA ILE I 308 -60.76 -27.24 37.94
C ILE I 308 -59.66 -26.76 38.89
N GLY I 309 -59.84 -25.56 39.41
CA GLY I 309 -58.86 -25.00 40.31
C GLY I 309 -57.49 -24.81 39.71
N ASP I 310 -56.50 -24.56 40.57
CA ASP I 310 -55.13 -24.32 40.14
C ASP I 310 -54.58 -25.47 39.33
N LEU I 311 -53.76 -25.17 38.33
CA LEU I 311 -53.20 -26.21 37.48
C LEU I 311 -51.70 -26.06 37.29
N GLU I 312 -51.26 -24.84 36.99
CA GLU I 312 -49.85 -24.60 36.77
C GLU I 312 -49.45 -23.17 37.08
N SER I 313 -48.34 -23.03 37.80
CA SER I 313 -47.81 -21.72 38.19
C SER I 313 -46.29 -21.71 37.97
N PRO I 314 -45.85 -21.45 36.73
CA PRO I 314 -44.42 -21.43 36.39
C PRO I 314 -43.64 -20.34 37.11
N GLU I 315 -42.31 -20.42 36.99
CA GLU I 315 -41.39 -19.47 37.59
C GLU I 315 -41.69 -18.04 37.14
N ASP I 316 -42.07 -17.20 38.10
CA ASP I 316 -42.40 -15.83 37.81
C ASP I 316 -41.22 -14.98 37.40
N ARG I 317 -40.05 -15.28 37.94
CA ARG I 317 -38.86 -14.53 37.62
C ARG I 317 -38.22 -15.09 36.34
N ILE I 318 -38.31 -14.31 35.26
CA ILE I 318 -37.79 -14.71 33.96
C ILE I 318 -36.55 -13.95 33.53
N ILE I 319 -35.76 -14.62 32.68
CA ILE I 319 -34.53 -14.08 32.13
C ILE I 319 -34.70 -13.81 30.62
N SER I 320 -34.34 -12.61 30.17
CA SER I 320 -34.46 -12.26 28.76
C SER I 320 -33.14 -11.71 28.22
N ILE I 321 -33.03 -11.71 26.90
CA ILE I 321 -31.86 -11.24 26.21
C ILE I 321 -31.98 -9.76 25.86
N PRO I 322 -31.20 -8.89 26.51
CA PRO I 322 -31.28 -7.46 26.20
C PRO I 322 -31.31 -7.01 24.73
N SER I 323 -30.51 -7.64 23.88
CA SER I 323 -30.49 -7.25 22.47
C SER I 323 -31.85 -7.44 21.82
N LYS I 324 -32.56 -8.49 22.21
CA LYS I 324 -33.89 -8.78 21.66
C LYS I 324 -34.94 -7.72 21.94
N PHE I 325 -34.71 -6.87 22.94
CA PHE I 325 -35.70 -5.84 23.27
C PHE I 325 -35.07 -4.47 23.45
N ALA I 326 -33.82 -4.36 23.04
CA ALA I 326 -33.08 -3.11 23.19
C ALA I 326 -33.64 -1.98 22.33
N GLU I 327 -33.21 -0.76 22.64
CA GLU I 327 -33.63 0.45 21.93
C GLU I 327 -33.09 1.70 22.61
N ASP I 328 -33.13 2.83 21.91
CA ASP I 328 -32.64 4.08 22.46
C ASP I 328 -31.14 4.07 22.88
N PHE I 329 -30.27 3.37 22.13
CA PHE I 329 -28.86 3.32 22.45
C PHE I 329 -28.27 4.73 22.33
N SER I 330 -27.55 5.21 23.35
CA SER I 330 -26.94 6.55 23.33
C SER I 330 -25.53 6.59 23.95
N PRO I 331 -24.59 7.33 23.33
CA PRO I 331 -23.22 7.44 23.83
C PRO I 331 -23.10 8.51 24.93
N LEU I 332 -22.35 8.19 25.99
CA LEU I 332 -22.16 9.12 27.10
C LEU I 332 -20.69 9.53 27.19
N ASP I 333 -20.31 10.11 28.33
CA ASP I 333 -18.93 10.53 28.57
C ASP I 333 -18.09 9.32 29.01
N GLY I 334 -16.79 9.52 29.12
CA GLY I 334 -15.91 8.45 29.53
C GLY I 334 -16.07 7.22 28.65
N ASP I 335 -16.56 7.43 27.42
CA ASP I 335 -16.75 6.36 26.47
C ASP I 335 -17.73 5.33 27.01
N LEU I 336 -18.79 5.80 27.65
CA LEU I 336 -19.82 4.92 28.18
C LEU I 336 -21.00 4.90 27.24
N ILE I 337 -21.91 3.97 27.48
CA ILE I 337 -23.10 3.79 26.67
C ILE I 337 -24.37 3.72 27.53
N ALA I 338 -25.48 4.18 26.99
CA ALA I 338 -26.75 4.10 27.70
C ALA I 338 -27.75 3.48 26.72
N PHE I 339 -28.62 2.59 27.21
CA PHE I 339 -29.61 1.97 26.35
C PHE I 339 -30.78 1.46 27.16
N VAL I 340 -31.93 1.33 26.51
CA VAL I 340 -33.13 0.85 27.17
C VAL I 340 -33.55 -0.52 26.60
N SER I 341 -34.08 -1.36 27.46
CA SER I 341 -34.54 -2.67 27.03
C SER I 341 -35.62 -3.19 27.94
N ARG I 342 -36.64 -3.78 27.33
CA ARG I 342 -37.75 -4.34 28.06
C ARG I 342 -38.17 -3.43 29.21
N GLY I 343 -38.12 -2.13 28.97
CA GLY I 343 -38.51 -1.17 29.98
C GLY I 343 -37.48 -0.78 31.01
N GLN I 344 -36.30 -1.40 30.97
CA GLN I 344 -35.22 -1.11 31.91
C GLN I 344 -34.13 -0.29 31.25
N ALA I 345 -33.33 0.41 32.04
CA ALA I 345 -32.25 1.20 31.47
C ALA I 345 -30.88 0.79 32.01
N PHE I 346 -29.85 1.01 31.21
CA PHE I 346 -28.50 0.64 31.62
C PHE I 346 -27.36 1.58 31.18
N ILE I 347 -26.34 1.67 32.04
CA ILE I 347 -25.12 2.43 31.78
C ILE I 347 -24.03 1.38 31.73
N GLN I 348 -23.44 1.18 30.55
CA GLN I 348 -22.41 0.18 30.39
C GLN I 348 -21.29 0.63 29.48
N ASP I 349 -20.23 -0.16 29.40
CA ASP I 349 -19.12 0.16 28.50
C ASP I 349 -19.38 -0.59 27.20
N VAL I 350 -18.79 -0.15 26.10
CA VAL I 350 -19.01 -0.81 24.81
C VAL I 350 -18.98 -2.33 24.96
N SER I 351 -18.04 -2.81 25.76
CA SER I 351 -17.87 -4.23 26.01
C SER I 351 -19.09 -4.94 26.57
N GLY I 352 -19.80 -4.25 27.47
CA GLY I 352 -20.97 -4.84 28.10
C GLY I 352 -20.53 -5.64 29.32
N THR I 353 -19.31 -5.42 29.75
CA THR I 353 -18.79 -6.14 30.91
C THR I 353 -19.17 -5.45 32.22
N TYR I 354 -19.11 -4.13 32.23
CA TYR I 354 -19.46 -3.32 33.38
C TYR I 354 -20.81 -2.70 33.09
N VAL I 355 -21.86 -3.24 33.69
CA VAL I 355 -23.22 -2.76 33.44
C VAL I 355 -23.90 -2.28 34.71
N LEU I 356 -24.62 -1.17 34.61
CA LEU I 356 -25.38 -0.64 35.75
C LEU I 356 -26.80 -0.42 35.33
N LYS I 357 -27.74 -0.90 36.13
CA LYS I 357 -29.14 -0.68 35.82
C LYS I 357 -29.64 0.58 36.52
N VAL I 358 -30.46 1.37 35.85
CA VAL I 358 -30.98 2.55 36.48
C VAL I 358 -31.99 2.04 37.52
N PRO I 359 -31.85 2.49 38.79
CA PRO I 359 -32.75 2.09 39.89
C PRO I 359 -34.10 2.80 39.80
N GLU I 360 -34.95 2.32 38.89
CA GLU I 360 -36.28 2.89 38.68
C GLU I 360 -37.25 1.80 38.26
N PRO I 361 -38.49 1.85 38.76
CA PRO I 361 -39.52 0.85 38.44
C PRO I 361 -39.77 0.76 36.93
N LEU I 362 -40.68 -0.14 36.52
CA LEU I 362 -40.97 -0.35 35.11
C LEU I 362 -41.39 0.87 34.30
N ARG I 363 -41.03 0.74 33.03
CA ARG I 363 -41.24 1.67 31.95
C ARG I 363 -40.41 2.93 31.88
N ILE I 364 -39.18 2.75 31.40
CA ILE I 364 -38.29 3.87 31.19
C ILE I 364 -38.41 4.02 29.68
N ARG I 365 -38.94 5.16 29.25
CA ARG I 365 -39.09 5.37 27.82
C ARG I 365 -37.81 5.88 27.18
N TYR I 366 -37.16 6.86 27.81
CA TYR I 366 -35.95 7.42 27.24
C TYR I 366 -34.81 7.72 28.21
N VAL I 367 -33.57 7.55 27.74
CA VAL I 367 -32.39 7.84 28.54
C VAL I 367 -31.49 8.81 27.77
N ARG I 368 -31.08 9.88 28.43
CA ARG I 368 -30.27 10.90 27.79
C ARG I 368 -29.16 11.51 28.63
N ARG I 369 -27.96 11.57 28.06
CA ARG I 369 -26.79 12.14 28.75
C ARG I 369 -27.11 13.53 29.33
N GLY I 370 -26.92 13.69 30.63
CA GLY I 370 -27.20 14.96 31.27
C GLY I 370 -26.08 15.47 32.14
N GLY I 371 -24.86 15.00 31.90
CA GLY I 371 -23.74 15.44 32.71
C GLY I 371 -22.62 14.42 32.70
N ASP I 372 -21.49 14.77 33.31
CA ASP I 372 -20.34 13.86 33.37
C ASP I 372 -20.71 12.47 33.81
N THR I 373 -21.44 12.38 34.92
CA THR I 373 -21.85 11.08 35.42
C THR I 373 -23.36 11.03 35.65
N LYS I 374 -24.07 12.04 35.15
CA LYS I 374 -25.51 12.12 35.32
C LYS I 374 -26.30 11.95 34.01
N VAL I 375 -27.37 11.17 34.06
CA VAL I 375 -28.21 10.93 32.89
C VAL I 375 -29.68 11.27 33.19
N ALA I 376 -30.37 11.90 32.25
CA ALA I 376 -31.77 12.24 32.45
C ALA I 376 -32.63 11.19 31.79
N PHE I 377 -33.75 10.84 32.40
CA PHE I 377 -34.59 9.81 31.81
C PHE I 377 -36.07 10.16 31.81
N ILE I 378 -36.84 9.43 31.02
CA ILE I 378 -38.27 9.64 30.94
C ILE I 378 -38.91 8.36 31.43
N HIS I 379 -39.63 8.45 32.54
CA HIS I 379 -40.30 7.30 33.17
C HIS I 379 -41.80 7.39 32.88
N GLY I 380 -42.38 6.29 32.43
CA GLY I 380 -43.81 6.30 32.13
C GLY I 380 -44.62 5.42 33.05
N THR I 381 -45.82 5.89 33.37
CA THR I 381 -46.74 5.15 34.24
C THR I 381 -48.12 5.28 33.63
N ARG I 382 -49.09 4.62 34.26
CA ARG I 382 -50.48 4.64 33.80
C ARG I 382 -50.99 6.09 33.76
N GLU I 383 -50.44 6.94 34.63
CA GLU I 383 -50.81 8.34 34.71
C GLU I 383 -50.22 9.18 33.56
N GLY I 384 -49.00 8.85 33.18
CA GLY I 384 -48.34 9.57 32.10
C GLY I 384 -46.82 9.46 32.15
N ASP I 385 -46.17 10.37 31.44
CA ASP I 385 -44.73 10.39 31.39
C ASP I 385 -44.13 11.49 32.22
N PHE I 386 -43.05 11.16 32.92
CA PHE I 386 -42.39 12.09 33.82
C PHE I 386 -40.88 12.11 33.63
N LEU I 387 -40.29 13.28 33.84
CA LEU I 387 -38.85 13.46 33.69
C LEU I 387 -38.14 13.01 34.95
N GLY I 388 -36.98 12.39 34.77
CA GLY I 388 -36.18 11.90 35.88
C GLY I 388 -34.70 12.15 35.63
N ILE I 389 -33.90 11.96 36.67
CA ILE I 389 -32.45 12.17 36.59
C ILE I 389 -31.74 11.16 37.46
N TYR I 390 -30.65 10.60 36.94
CA TYR I 390 -29.88 9.61 37.67
C TYR I 390 -28.39 9.85 37.50
N ASP I 391 -27.64 9.64 38.59
CA ASP I 391 -26.18 9.81 38.61
C ASP I 391 -25.55 8.45 38.88
N TYR I 392 -25.12 7.77 37.83
CA TYR I 392 -24.55 6.44 37.98
C TYR I 392 -23.24 6.39 38.76
N ARG I 393 -22.80 7.54 39.26
CA ARG I 393 -21.58 7.59 40.07
C ARG I 393 -21.93 7.57 41.57
N THR I 394 -22.68 8.59 41.99
CA THR I 394 -23.10 8.68 43.38
C THR I 394 -24.24 7.71 43.65
N GLY I 395 -25.39 7.97 43.04
CA GLY I 395 -26.55 7.12 43.23
C GLY I 395 -27.83 7.92 43.30
N LYS I 396 -27.70 9.20 43.61
CA LYS I 396 -28.85 10.10 43.71
C LYS I 396 -29.75 9.98 42.48
N ALA I 397 -31.01 9.60 42.71
CA ALA I 397 -31.97 9.44 41.62
C ALA I 397 -33.31 10.07 41.94
N GLU I 398 -33.31 11.40 42.10
CA GLU I 398 -34.53 12.13 42.42
C GLU I 398 -35.44 12.19 41.19
N LYS I 399 -36.58 11.51 41.26
CA LYS I 399 -37.52 11.48 40.15
C LYS I 399 -38.59 12.55 40.33
N PHE I 400 -38.89 13.28 39.25
CA PHE I 400 -39.90 14.33 39.33
C PHE I 400 -41.31 13.76 39.31
N GLU I 401 -42.29 14.64 39.52
CA GLU I 401 -43.71 14.26 39.55
C GLU I 401 -44.57 15.08 38.60
N GLU I 402 -44.05 16.20 38.12
CA GLU I 402 -44.79 17.02 37.19
C GLU I 402 -45.07 16.22 35.91
N ASN I 403 -46.34 15.97 35.61
CA ASN I 403 -46.70 15.20 34.42
C ASN I 403 -46.39 15.96 33.13
N LEU I 404 -45.91 15.22 32.13
CA LEU I 404 -45.54 15.81 30.85
C LEU I 404 -46.39 15.30 29.71
N GLY I 405 -47.36 14.49 30.04
CA GLY I 405 -48.20 13.93 29.01
C GLY I 405 -47.52 12.72 28.43
N ASN I 406 -47.69 12.53 27.13
CA ASN I 406 -47.07 11.39 26.47
C ASN I 406 -45.83 11.85 25.73
N VAL I 407 -44.68 11.64 26.34
CA VAL I 407 -43.44 12.07 25.72
C VAL I 407 -42.94 11.19 24.56
N PHE I 408 -42.48 11.83 23.48
CA PHE I 408 -41.96 11.09 22.35
C PHE I 408 -40.57 11.55 21.91
N ALA I 409 -40.07 12.61 22.53
CA ALA I 409 -38.74 13.12 22.22
C ALA I 409 -38.23 13.83 23.45
N MET I 410 -36.95 13.63 23.77
CA MET I 410 -36.35 14.24 24.94
C MET I 410 -34.89 14.50 24.69
N GLY I 411 -34.43 15.63 25.21
CA GLY I 411 -33.04 15.99 25.04
C GLY I 411 -32.59 16.89 26.16
N VAL I 412 -31.27 16.96 26.36
CA VAL I 412 -30.72 17.80 27.41
C VAL I 412 -29.62 18.70 26.85
N ASP I 413 -29.57 19.94 27.32
CA ASP I 413 -28.53 20.85 26.84
C ASP I 413 -27.16 20.34 27.27
N ARG I 414 -26.12 20.90 26.66
CA ARG I 414 -24.77 20.46 26.97
C ARG I 414 -24.28 20.92 28.32
N ASN I 415 -25.04 21.78 28.98
CA ASN I 415 -24.59 22.25 30.26
C ASN I 415 -25.53 21.80 31.39
N GLY I 416 -26.23 20.70 31.14
CA GLY I 416 -27.14 20.12 32.12
C GLY I 416 -28.00 21.05 32.95
N LYS I 417 -28.45 22.15 32.35
CA LYS I 417 -29.28 23.11 33.03
C LYS I 417 -30.73 22.73 32.84
N PHE I 418 -31.14 22.55 31.60
CA PHE I 418 -32.53 22.17 31.32
C PHE I 418 -32.62 21.04 30.30
N ALA I 419 -33.86 20.69 29.96
CA ALA I 419 -34.11 19.65 29.00
C ALA I 419 -35.24 20.09 28.09
N VAL I 420 -35.29 19.50 26.89
CA VAL I 420 -36.35 19.82 25.94
C VAL I 420 -37.16 18.54 25.80
N VAL I 421 -38.49 18.69 25.76
CA VAL I 421 -39.42 17.57 25.67
C VAL I 421 -40.55 17.83 24.67
N ALA I 422 -40.97 16.78 23.98
CA ALA I 422 -42.05 16.84 23.00
C ALA I 422 -43.08 15.80 23.41
N ASN I 423 -44.34 16.22 23.53
CA ASN I 423 -45.45 15.31 23.89
C ASN I 423 -46.44 15.13 22.74
N ASP I 424 -47.44 14.29 22.96
CA ASP I 424 -48.43 14.04 21.92
C ASP I 424 -49.52 15.11 21.90
N ARG I 425 -49.25 16.19 22.62
CA ARG I 425 -50.17 17.31 22.66
C ARG I 425 -49.64 18.27 21.62
N PHE I 426 -48.52 17.90 21.00
CA PHE I 426 -47.90 18.70 19.95
C PHE I 426 -47.18 19.91 20.55
N GLU I 427 -46.73 19.75 21.79
CA GLU I 427 -46.02 20.82 22.48
C GLU I 427 -44.53 20.55 22.60
N ILE I 428 -43.76 21.62 22.60
CA ILE I 428 -42.33 21.50 22.81
C ILE I 428 -42.12 22.37 24.07
N MET I 429 -41.37 21.83 25.02
CA MET I 429 -41.15 22.54 26.26
C MET I 429 -39.78 22.33 26.87
N THR I 430 -39.47 23.21 27.81
CA THR I 430 -38.20 23.17 28.52
C THR I 430 -38.50 22.86 29.99
N VAL I 431 -37.84 21.83 30.50
CA VAL I 431 -38.02 21.43 31.88
C VAL I 431 -36.74 21.77 32.64
N ASP I 432 -36.91 22.53 33.73
CA ASP I 432 -35.77 22.91 34.56
C ASP I 432 -35.22 21.65 35.24
N LEU I 433 -34.02 21.19 34.84
CA LEU I 433 -33.46 19.99 35.43
C LEU I 433 -33.15 20.08 36.93
N GLU I 434 -33.41 21.25 37.51
CA GLU I 434 -33.16 21.46 38.92
C GLU I 434 -34.47 21.43 39.70
N THR I 435 -35.39 22.33 39.35
CA THR I 435 -36.69 22.41 40.00
C THR I 435 -37.67 21.36 39.48
N GLY I 436 -37.85 21.30 38.16
CA GLY I 436 -38.74 20.31 37.57
C GLY I 436 -39.88 20.98 36.83
N LYS I 437 -39.89 22.31 36.86
CA LYS I 437 -40.95 23.10 36.22
C LYS I 437 -40.86 23.14 34.71
N PRO I 438 -41.79 22.42 34.04
CA PRO I 438 -41.79 22.42 32.57
C PRO I 438 -42.40 23.76 32.11
N THR I 439 -41.90 24.29 31.01
CA THR I 439 -42.42 25.53 30.47
C THR I 439 -42.63 25.35 28.99
N VAL I 440 -43.90 25.41 28.57
CA VAL I 440 -44.27 25.23 27.17
C VAL I 440 -43.77 26.42 26.35
N ILE I 441 -43.09 26.12 25.27
CA ILE I 441 -42.56 27.14 24.41
C ILE I 441 -43.51 27.39 23.29
N GLU I 442 -43.90 26.33 22.60
CA GLU I 442 -44.83 26.48 21.50
C GLU I 442 -45.57 25.17 21.26
N ARG I 443 -46.81 25.31 20.79
CA ARG I 443 -47.65 24.17 20.51
C ARG I 443 -48.17 24.14 19.07
N SER I 444 -47.81 23.10 18.34
CA SER I 444 -48.26 22.93 16.96
C SER I 444 -49.66 22.34 17.02
N ARG I 445 -50.44 22.50 15.97
CA ARG I 445 -51.77 21.93 16.01
C ARG I 445 -51.93 20.86 14.94
N GLU I 446 -50.80 20.47 14.34
CA GLU I 446 -50.84 19.47 13.30
C GLU I 446 -50.18 18.17 13.67
N ALA I 447 -48.97 18.24 14.22
CA ALA I 447 -48.20 17.05 14.60
C ALA I 447 -47.21 17.36 15.72
N MET I 448 -46.54 16.33 16.24
CA MET I 448 -45.56 16.52 17.31
C MET I 448 -44.28 17.24 16.88
N ILE I 449 -43.65 17.90 17.83
CA ILE I 449 -42.41 18.63 17.55
C ILE I 449 -41.25 17.79 18.11
N THR I 450 -40.95 16.70 17.42
CA THR I 450 -39.89 15.81 17.83
C THR I 450 -38.47 16.13 17.30
N ASP I 451 -38.39 16.94 16.25
CA ASP I 451 -37.11 17.30 15.64
C ASP I 451 -36.60 18.66 16.12
N PHE I 452 -35.71 18.62 17.11
CA PHE I 452 -35.14 19.82 17.68
C PHE I 452 -33.70 19.67 18.10
N THR I 453 -33.02 20.79 18.24
CA THR I 453 -31.64 20.80 18.67
C THR I 453 -31.37 22.04 19.54
N ILE I 454 -30.38 21.90 20.40
CA ILE I 454 -30.02 22.99 21.30
C ILE I 454 -28.61 23.49 20.96
N SER I 455 -28.45 24.81 20.93
CA SER I 455 -27.15 25.39 20.65
C SER I 455 -26.19 25.00 21.77
N ASP I 456 -24.91 24.87 21.44
CA ASP I 456 -23.92 24.48 22.44
C ASP I 456 -23.84 25.44 23.62
N ASN I 457 -24.19 26.71 23.41
CA ASN I 457 -24.14 27.65 24.51
C ASN I 457 -25.46 27.70 25.29
N SER I 458 -26.36 26.75 24.98
CA SER I 458 -27.64 26.66 25.66
C SER I 458 -28.56 27.87 25.51
N ARG I 459 -28.35 28.69 24.48
CA ARG I 459 -29.18 29.88 24.32
C ARG I 459 -30.31 29.78 23.31
N PHE I 460 -30.10 29.01 22.25
CA PHE I 460 -31.15 28.89 21.27
C PHE I 460 -31.67 27.47 21.16
N ILE I 461 -32.91 27.35 20.74
CA ILE I 461 -33.52 26.03 20.54
C ILE I 461 -34.15 26.03 19.17
N ALA I 462 -33.54 25.31 18.23
CA ALA I 462 -34.07 25.24 16.87
C ALA I 462 -34.88 23.94 16.75
N TYR I 463 -36.06 24.02 16.14
CA TYR I 463 -36.92 22.86 15.98
C TYR I 463 -37.86 22.95 14.76
N GLY I 464 -38.32 21.79 14.32
CA GLY I 464 -39.25 21.75 13.20
C GLY I 464 -40.66 22.00 13.73
N PHE I 465 -41.37 22.95 13.15
CA PHE I 465 -42.71 23.27 13.59
C PHE I 465 -43.73 22.96 12.50
N PRO I 466 -44.42 21.80 12.62
CA PRO I 466 -45.41 21.46 11.60
C PRO I 466 -46.60 22.41 11.54
N LEU I 467 -46.94 22.86 10.34
CA LEU I 467 -48.03 23.82 10.17
C LEU I 467 -48.87 23.58 8.91
N LYS I 468 -49.99 24.30 8.86
CA LYS I 468 -50.95 24.27 7.76
C LYS I 468 -51.47 25.67 7.57
N HIS I 469 -51.91 25.98 6.36
CA HIS I 469 -52.46 27.29 6.07
C HIS I 469 -53.93 27.04 5.76
N GLY I 470 -54.60 26.34 6.65
CA GLY I 470 -56.00 26.02 6.45
C GLY I 470 -56.39 24.79 7.22
N GLU I 471 -57.57 24.81 7.84
CA GLU I 471 -58.03 23.69 8.63
C GLU I 471 -58.41 22.45 7.82
N THR I 472 -58.01 22.42 6.55
CA THR I 472 -58.35 21.27 5.70
C THR I 472 -57.31 21.04 4.60
N ASP I 473 -56.14 21.67 4.71
CA ASP I 473 -55.09 21.50 3.71
C ASP I 473 -54.72 20.04 3.55
N GLY I 474 -54.34 19.66 2.33
CA GLY I 474 -53.95 18.28 2.07
C GLY I 474 -52.55 17.91 2.55
N TYR I 475 -51.69 18.92 2.72
CA TYR I 475 -50.34 18.69 3.16
C TYR I 475 -50.02 19.50 4.39
N VAL I 476 -48.99 19.08 5.12
CA VAL I 476 -48.58 19.78 6.32
C VAL I 476 -47.17 20.28 6.08
N MET I 477 -46.99 21.58 6.19
CA MET I 477 -45.68 22.15 5.99
C MET I 477 -44.89 22.11 7.32
N GLN I 478 -43.60 22.38 7.24
CA GLN I 478 -42.76 22.41 8.43
C GLN I 478 -41.68 23.46 8.26
N ALA I 479 -41.71 24.41 9.19
CA ALA I 479 -40.76 25.51 9.19
C ALA I 479 -39.92 25.43 10.45
N ILE I 480 -38.61 25.64 10.32
CA ILE I 480 -37.75 25.59 11.50
C ILE I 480 -38.02 26.84 12.32
N HIS I 481 -38.14 26.66 13.64
CA HIS I 481 -38.35 27.80 14.54
C HIS I 481 -37.17 27.88 15.48
N VAL I 482 -36.79 29.09 15.86
CA VAL I 482 -35.71 29.20 16.80
C VAL I 482 -36.22 29.98 18.01
N TYR I 483 -35.96 29.42 19.18
CA TYR I 483 -36.37 30.02 20.44
C TYR I 483 -35.15 30.48 21.22
N ASP I 484 -35.19 31.72 21.66
CA ASP I 484 -34.09 32.33 22.42
C ASP I 484 -34.38 32.30 23.92
N MET I 485 -33.51 31.67 24.72
CA MET I 485 -33.75 31.62 26.16
C MET I 485 -33.74 33.02 26.77
N GLU I 486 -33.02 33.94 26.16
CA GLU I 486 -32.94 35.31 26.66
C GLU I 486 -33.93 36.15 25.87
N GLY I 487 -34.85 36.79 26.56
CA GLY I 487 -35.86 37.59 25.88
C GLY I 487 -37.05 36.68 25.62
N ARG I 488 -36.81 35.38 25.71
CA ARG I 488 -37.84 34.36 25.53
C ARG I 488 -38.75 34.72 24.36
N LYS I 489 -38.25 34.60 23.14
CA LYS I 489 -39.06 34.90 21.96
C LYS I 489 -38.74 33.96 20.80
N ILE I 490 -39.78 33.61 20.05
CA ILE I 490 -39.64 32.70 18.93
C ILE I 490 -39.40 33.45 17.61
N PHE I 491 -38.51 32.93 16.76
CA PHE I 491 -38.22 33.53 15.46
C PHE I 491 -38.39 32.51 14.34
N ALA I 492 -38.67 33.00 13.14
CA ALA I 492 -38.85 32.12 11.98
C ALA I 492 -37.57 31.97 11.21
N ALA I 493 -36.94 30.81 11.33
CA ALA I 493 -35.69 30.55 10.64
C ALA I 493 -35.98 30.27 9.17
N THR I 494 -37.15 29.71 8.90
CA THR I 494 -37.49 29.35 7.54
C THR I 494 -38.91 29.76 7.19
N THR I 495 -39.23 29.78 5.90
CA THR I 495 -40.58 30.15 5.43
C THR I 495 -41.48 28.94 5.51
N GLU I 496 -42.79 29.12 5.44
CA GLU I 496 -43.67 27.96 5.56
C GLU I 496 -44.23 27.41 4.24
N ASN I 497 -43.35 27.11 3.29
CA ASN I 497 -43.80 26.61 2.00
C ASN I 497 -43.37 25.17 1.65
N SER I 498 -42.62 24.52 2.52
CA SER I 498 -42.23 23.16 2.23
C SER I 498 -41.92 22.44 3.52
N HIS I 499 -40.89 21.59 3.49
CA HIS I 499 -40.49 20.79 4.64
C HIS I 499 -39.02 21.05 4.96
N ASP I 500 -38.77 21.78 6.05
CA ASP I 500 -37.41 22.10 6.50
C ASP I 500 -37.18 21.36 7.82
N TYR I 501 -36.06 20.66 7.94
CA TYR I 501 -35.78 19.84 9.15
C TYR I 501 -34.33 19.66 9.50
N ALA I 502 -34.11 18.75 10.44
CA ALA I 502 -32.78 18.42 10.96
C ALA I 502 -31.94 19.63 11.37
N PRO I 503 -32.55 20.63 12.04
CA PRO I 503 -31.75 21.79 12.44
C PRO I 503 -30.52 21.35 13.26
N ALA I 504 -29.43 22.10 13.19
CA ALA I 504 -28.22 21.79 13.95
C ALA I 504 -27.31 23.02 14.01
N PHE I 505 -26.79 23.32 15.20
CA PHE I 505 -25.90 24.48 15.38
C PHE I 505 -24.45 24.06 15.27
N ASP I 506 -23.57 25.03 14.98
CA ASP I 506 -22.16 24.70 14.90
C ASP I 506 -21.58 24.88 16.30
N ALA I 507 -20.42 24.30 16.55
CA ALA I 507 -19.78 24.35 17.84
C ALA I 507 -19.82 25.71 18.49
N ASP I 508 -19.30 26.72 17.79
CA ASP I 508 -19.25 28.09 18.31
C ASP I 508 -20.62 28.74 18.40
N SER I 509 -21.64 28.03 17.92
CA SER I 509 -23.00 28.55 17.93
C SER I 509 -23.08 29.90 17.19
N LYS I 510 -22.59 29.92 15.95
CA LYS I 510 -22.61 31.14 15.15
C LYS I 510 -23.58 31.03 13.94
N ASN I 511 -23.75 29.81 13.44
CA ASN I 511 -24.65 29.59 12.32
C ASN I 511 -25.51 28.37 12.57
N LEU I 512 -26.72 28.41 12.03
CA LEU I 512 -27.67 27.31 12.16
C LEU I 512 -27.75 26.55 10.84
N TYR I 513 -27.56 25.24 10.88
CA TYR I 513 -27.62 24.43 9.67
C TYR I 513 -28.88 23.59 9.74
N TYR I 514 -29.41 23.21 8.57
CA TYR I 514 -30.62 22.39 8.50
C TYR I 514 -30.79 21.88 7.08
N LEU I 515 -31.73 20.97 6.87
CA LEU I 515 -31.99 20.40 5.56
C LEU I 515 -33.42 20.76 5.12
N SER I 516 -33.70 20.67 3.83
CA SER I 516 -35.04 20.93 3.30
C SER I 516 -35.28 20.24 1.96
N TYR I 517 -36.53 19.88 1.70
CA TYR I 517 -36.89 19.26 0.44
C TYR I 517 -37.37 20.37 -0.53
N ARG I 518 -36.54 21.39 -0.73
CA ARG I 518 -36.96 22.45 -1.60
C ARG I 518 -36.34 22.43 -2.97
N SER I 519 -35.31 21.62 -3.15
CA SER I 519 -34.62 21.58 -4.44
C SER I 519 -35.36 20.79 -5.50
N LEU I 520 -36.59 21.16 -5.75
CA LEU I 520 -37.43 20.48 -6.70
C LEU I 520 -36.78 20.24 -8.04
N ASP I 521 -36.94 19.01 -8.52
CA ASP I 521 -36.41 18.56 -9.79
C ASP I 521 -36.96 17.16 -9.97
N PRO I 522 -37.85 16.98 -10.96
CA PRO I 522 -38.47 15.69 -11.24
C PRO I 522 -37.61 14.53 -11.73
N SER I 523 -37.91 13.32 -11.29
CA SER I 523 -37.19 12.14 -11.76
C SER I 523 -38.24 11.30 -12.49
N PRO I 524 -37.89 10.80 -13.67
CA PRO I 524 -38.78 9.99 -14.52
C PRO I 524 -39.03 8.61 -13.93
N ASP I 525 -40.21 8.06 -14.19
CA ASP I 525 -40.63 6.74 -13.74
C ASP I 525 -40.29 5.83 -14.93
N ARG I 526 -39.67 4.69 -14.67
CA ARG I 526 -39.28 3.84 -15.78
C ARG I 526 -40.39 2.91 -16.34
N VAL I 527 -41.57 2.92 -15.73
CA VAL I 527 -42.65 2.05 -16.16
C VAL I 527 -43.89 2.81 -16.55
N VAL I 528 -44.37 3.62 -15.62
CA VAL I 528 -45.59 4.41 -15.81
C VAL I 528 -45.28 5.87 -16.12
N LEU I 529 -45.97 6.43 -17.10
CA LEU I 529 -45.76 7.83 -17.45
C LEU I 529 -46.01 8.70 -16.22
N ASN I 530 -44.97 8.95 -15.44
CA ASN I 530 -45.11 9.75 -14.23
C ASN I 530 -43.74 10.29 -13.81
N PHE I 531 -43.75 11.28 -12.91
CA PHE I 531 -42.51 11.84 -12.42
C PHE I 531 -42.64 12.06 -10.92
N SER I 532 -41.55 11.86 -10.19
CA SER I 532 -41.57 11.99 -8.73
C SER I 532 -40.37 12.78 -8.20
N PHE I 533 -40.52 13.41 -7.04
CA PHE I 533 -39.40 14.10 -6.43
C PHE I 533 -38.59 13.14 -5.58
N GLU I 534 -37.57 12.56 -6.21
CA GLU I 534 -36.67 11.57 -5.61
C GLU I 534 -35.51 12.21 -4.83
N VAL I 535 -34.69 13.01 -5.52
CA VAL I 535 -33.55 13.66 -4.89
C VAL I 535 -33.67 15.16 -4.91
N VAL I 536 -34.46 15.69 -3.98
CA VAL I 536 -34.67 17.15 -3.88
C VAL I 536 -34.25 17.72 -2.53
N SER I 537 -33.42 16.96 -1.82
CA SER I 537 -32.94 17.37 -0.52
C SER I 537 -31.60 18.10 -0.64
N LYS I 538 -31.45 19.16 0.14
CA LYS I 538 -30.23 19.93 0.09
C LYS I 538 -30.06 20.68 1.40
N PRO I 539 -28.80 20.88 1.83
CA PRO I 539 -28.52 21.61 3.08
C PRO I 539 -28.44 23.12 2.89
N PHE I 540 -28.79 23.84 3.96
CA PHE I 540 -28.77 25.30 3.97
C PHE I 540 -28.14 25.75 5.28
N VAL I 541 -27.77 27.02 5.37
CA VAL I 541 -27.19 27.57 6.59
C VAL I 541 -27.73 28.98 6.84
N ILE I 542 -27.71 29.40 8.10
CA ILE I 542 -28.18 30.73 8.45
C ILE I 542 -27.31 31.29 9.56
N PRO I 543 -26.48 32.29 9.26
CA PRO I 543 -25.61 32.90 10.26
C PRO I 543 -26.46 33.73 11.19
N LEU I 544 -26.26 33.51 12.49
CA LEU I 544 -27.03 34.18 13.54
C LEU I 544 -26.65 35.64 13.71
N ILE I 545 -25.59 36.05 13.01
CA ILE I 545 -25.12 37.41 13.04
C ILE I 545 -25.18 38.05 11.67
N PRO I 546 -26.16 38.93 11.44
CA PRO I 546 -26.34 39.62 10.17
C PRO I 546 -25.02 40.21 9.68
N GLY I 547 -24.78 40.07 8.38
CA GLY I 547 -23.56 40.60 7.80
C GLY I 547 -22.53 39.52 7.55
N SER I 548 -22.58 38.48 8.37
CA SER I 548 -21.65 37.38 8.23
C SER I 548 -22.12 36.53 7.03
N PRO I 549 -21.18 36.14 6.16
CA PRO I 549 -21.49 35.33 5.00
C PRO I 549 -21.61 33.84 5.30
N ASN I 550 -21.93 33.10 4.26
CA ASN I 550 -22.06 31.66 4.38
C ASN I 550 -20.67 31.11 4.66
N PRO I 551 -20.48 30.55 5.85
CA PRO I 551 -19.16 30.01 6.16
C PRO I 551 -18.59 29.05 5.12
N THR I 552 -19.43 28.30 4.44
CA THR I 552 -18.90 27.37 3.45
C THR I 552 -18.45 28.06 2.16
N LYS I 553 -18.84 29.32 1.98
CA LYS I 553 -18.44 30.04 0.79
C LYS I 553 -16.97 30.45 0.80
N LEU I 554 -16.30 30.20 1.91
CA LEU I 554 -14.89 30.52 2.01
C LEU I 554 -14.54 31.96 1.61
N VAL I 555 -15.28 32.91 2.16
CA VAL I 555 -15.03 34.31 1.84
C VAL I 555 -13.91 34.84 2.72
N PRO I 556 -12.77 35.18 2.12
CA PRO I 556 -11.60 35.70 2.84
C PRO I 556 -11.98 36.65 3.96
N ARG I 557 -11.44 36.38 5.16
CA ARG I 557 -11.73 37.21 6.33
C ARG I 557 -11.36 38.66 6.10
N SER I 558 -10.25 38.90 5.39
CA SER I 558 -9.80 40.26 5.11
C SER I 558 -10.78 41.03 4.26
N MET I 559 -11.68 40.29 3.60
CA MET I 559 -12.68 40.91 2.73
C MET I 559 -14.10 40.95 3.31
N THR I 560 -14.22 40.60 4.58
CA THR I 560 -15.50 40.63 5.26
C THR I 560 -15.33 41.31 6.61
N SER I 561 -16.44 41.68 7.22
CA SER I 561 -16.40 42.35 8.51
C SER I 561 -17.42 41.76 9.45
N GLU I 562 -17.24 40.50 9.83
CA GLU I 562 -18.18 39.84 10.74
C GLU I 562 -18.13 40.45 12.13
N ALA I 563 -18.21 39.60 13.15
CA ALA I 563 -18.15 40.06 14.52
C ALA I 563 -19.20 41.13 14.83
N GLY I 564 -20.42 40.94 14.32
CA GLY I 564 -21.49 41.86 14.59
C GLY I 564 -22.09 41.47 15.93
N GLU I 565 -23.36 41.10 15.93
CA GLU I 565 -24.02 40.70 17.16
C GLU I 565 -25.29 39.90 16.84
N TYR I 566 -25.65 38.93 17.69
CA TYR I 566 -26.86 38.13 17.45
C TYR I 566 -28.05 38.99 17.06
N ASP I 567 -28.76 38.57 16.02
CA ASP I 567 -29.95 39.28 15.55
C ASP I 567 -30.72 38.25 14.75
N LEU I 568 -31.70 37.58 15.38
CA LEU I 568 -32.47 36.57 14.67
C LEU I 568 -33.65 37.07 13.85
N ASN I 569 -33.83 38.38 13.73
CA ASN I 569 -34.92 38.94 12.96
C ASN I 569 -34.77 38.77 11.46
N ASP I 570 -35.82 38.27 10.82
CA ASP I 570 -35.80 38.05 9.37
C ASP I 570 -34.55 37.29 8.98
N MET I 571 -34.17 36.32 9.81
CA MET I 571 -32.97 35.55 9.51
C MET I 571 -33.26 34.64 8.32
N TYR I 572 -34.53 34.31 8.09
CA TYR I 572 -34.86 33.46 6.95
C TYR I 572 -34.51 34.15 5.64
N LYS I 573 -34.18 35.44 5.70
CA LYS I 573 -33.82 36.16 4.48
C LYS I 573 -32.34 35.99 4.15
N ARG I 574 -31.54 35.82 5.21
CA ARG I 574 -30.09 35.65 5.09
C ARG I 574 -29.73 34.21 4.76
N SER I 575 -30.73 33.34 4.76
CA SER I 575 -30.49 31.93 4.47
C SER I 575 -29.72 31.75 3.18
N SER I 576 -28.92 30.69 3.15
CA SER I 576 -28.08 30.36 1.99
C SER I 576 -27.85 28.85 1.94
N PRO I 577 -27.75 28.29 0.72
CA PRO I 577 -27.54 26.85 0.59
C PRO I 577 -26.06 26.48 0.63
N ILE I 578 -25.77 25.20 0.80
CA ILE I 578 -24.38 24.82 0.76
C ILE I 578 -24.27 23.95 -0.47
N ASN I 579 -23.29 24.27 -1.30
CA ASN I 579 -23.01 23.62 -2.59
C ASN I 579 -22.75 22.13 -2.53
N VAL I 580 -23.83 21.38 -2.40
CA VAL I 580 -23.76 19.92 -2.31
C VAL I 580 -24.89 19.35 -3.17
N ASP I 581 -24.55 18.42 -4.05
CA ASP I 581 -25.54 17.82 -4.93
C ASP I 581 -26.81 17.38 -4.21
N PRO I 582 -27.98 17.59 -4.84
CA PRO I 582 -29.27 17.21 -4.26
C PRO I 582 -29.40 15.71 -4.10
N GLY I 583 -30.08 15.28 -3.03
CA GLY I 583 -30.25 13.87 -2.77
C GLY I 583 -31.33 13.68 -1.72
N ASP I 584 -31.14 12.67 -0.87
CA ASP I 584 -32.07 12.33 0.22
C ASP I 584 -31.33 12.26 1.55
N TYR I 585 -31.14 13.44 2.13
CA TYR I 585 -30.47 13.65 3.40
C TYR I 585 -31.35 13.59 4.66
N ARG I 586 -30.84 13.01 5.75
CA ARG I 586 -31.61 12.90 6.99
C ARG I 586 -30.93 13.61 8.17
N MET I 587 -29.68 13.99 8.00
CA MET I 587 -28.97 14.67 9.06
C MET I 587 -27.79 15.45 8.53
N ILE I 588 -27.50 16.55 9.20
CA ILE I 588 -26.37 17.38 8.82
C ILE I 588 -25.64 17.77 10.09
N ILE I 589 -24.34 17.51 10.11
CA ILE I 589 -23.49 17.80 11.27
C ILE I 589 -22.34 18.71 10.90
N PRO I 590 -22.38 19.96 11.33
CA PRO I 590 -21.32 20.92 11.03
C PRO I 590 -20.10 20.70 11.91
N LEU I 591 -18.95 20.55 11.25
CA LEU I 591 -17.68 20.34 11.95
C LEU I 591 -16.75 21.50 11.66
N GLU I 592 -15.54 21.43 12.20
CA GLU I 592 -14.56 22.50 12.02
C GLU I 592 -14.32 22.92 10.58
N SER I 593 -13.84 22.00 9.74
CA SER I 593 -13.57 22.31 8.34
C SER I 593 -14.25 21.32 7.40
N SER I 594 -15.28 20.64 7.90
CA SER I 594 -16.04 19.69 7.11
C SER I 594 -17.44 19.60 7.68
N ILE I 595 -18.30 18.89 6.96
CA ILE I 595 -19.69 18.72 7.35
C ILE I 595 -20.08 17.26 7.09
N LEU I 596 -20.67 16.60 8.06
CA LEU I 596 -21.10 15.23 7.87
C LEU I 596 -22.55 15.23 7.43
N ILE I 597 -22.87 14.40 6.44
CA ILE I 597 -24.24 14.30 5.97
C ILE I 597 -24.68 12.87 5.83
N TYR I 598 -25.89 12.58 6.30
CA TYR I 598 -26.45 11.23 6.25
C TYR I 598 -27.32 11.12 5.00
N SER I 599 -26.86 10.29 4.07
CA SER I 599 -27.55 10.11 2.81
C SER I 599 -28.30 8.78 2.73
N VAL I 600 -29.44 8.78 2.06
CA VAL I 600 -30.22 7.58 1.88
C VAL I 600 -30.51 7.37 0.41
N PRO I 601 -29.75 6.50 -0.23
CA PRO I 601 -29.93 6.20 -1.65
C PRO I 601 -31.35 5.75 -1.93
N VAL I 602 -31.91 6.19 -3.06
CA VAL I 602 -33.28 5.84 -3.47
C VAL I 602 -33.45 4.31 -3.49
N HIS I 603 -34.60 3.87 -3.08
CA HIS I 603 -34.88 2.46 -3.01
C HIS I 603 -36.40 2.22 -2.93
N GLY I 604 -36.84 0.99 -3.24
CA GLY I 604 -38.25 0.67 -3.16
C GLY I 604 -38.72 0.67 -1.72
N GLU I 605 -40.03 0.59 -1.54
CA GLU I 605 -40.57 0.58 -0.18
C GLU I 605 -41.35 -0.67 0.17
N PHE I 606 -41.27 -1.68 -0.67
CA PHE I 606 -41.98 -2.89 -0.38
C PHE I 606 -41.56 -3.48 0.95
N ALA I 607 -40.29 -3.85 1.06
CA ALA I 607 -39.77 -4.45 2.29
C ALA I 607 -40.09 -3.64 3.54
N ALA I 608 -39.97 -2.32 3.45
CA ALA I 608 -40.22 -1.42 4.56
C ALA I 608 -41.69 -1.40 4.95
N TYR I 609 -42.55 -1.49 3.95
CA TYR I 609 -44.00 -1.46 4.16
C TYR I 609 -44.58 -2.74 4.74
N TYR I 610 -44.11 -3.89 4.28
CA TYR I 610 -44.64 -5.14 4.80
C TYR I 610 -43.77 -5.79 5.89
N GLN I 611 -42.45 -5.79 5.70
CA GLN I 611 -41.54 -6.41 6.65
C GLN I 611 -40.95 -5.42 7.64
N GLY I 612 -41.38 -4.16 7.56
CA GLY I 612 -40.84 -3.16 8.47
C GLY I 612 -39.33 -3.00 8.39
N ALA I 613 -38.76 -3.59 7.34
CA ALA I 613 -37.33 -3.53 7.08
C ALA I 613 -36.79 -2.10 7.18
N PRO I 614 -35.72 -1.92 7.97
CA PRO I 614 -35.09 -0.61 8.19
C PRO I 614 -34.54 -0.04 6.88
N GLU I 615 -34.43 1.28 6.84
CA GLU I 615 -33.95 1.98 5.66
C GLU I 615 -32.41 2.03 5.69
N LYS I 616 -31.77 1.94 4.52
CA LYS I 616 -30.29 1.96 4.44
C LYS I 616 -29.68 3.30 4.06
N GLY I 617 -28.80 3.81 4.92
CA GLY I 617 -28.13 5.07 4.67
C GLY I 617 -26.62 4.92 4.64
N VAL I 618 -25.93 6.05 4.51
CA VAL I 618 -24.48 6.04 4.46
C VAL I 618 -23.98 7.41 4.92
N LEU I 619 -22.98 7.42 5.80
CA LEU I 619 -22.43 8.66 6.33
C LEU I 619 -21.44 9.28 5.35
N LEU I 620 -21.75 10.48 4.89
CA LEU I 620 -20.88 11.18 3.95
C LEU I 620 -20.18 12.37 4.57
N LYS I 621 -19.03 12.73 3.99
CA LYS I 621 -18.27 13.85 4.49
C LYS I 621 -17.98 14.84 3.37
N TYR I 622 -18.20 16.11 3.66
CA TYR I 622 -17.96 17.19 2.72
C TYR I 622 -16.90 18.12 3.28
N ASP I 623 -15.78 18.24 2.58
CA ASP I 623 -14.69 19.11 3.03
C ASP I 623 -14.94 20.50 2.45
N VAL I 624 -15.14 21.48 3.33
CA VAL I 624 -15.43 22.84 2.89
C VAL I 624 -14.37 23.39 1.94
N LYS I 625 -13.10 23.12 2.26
CA LYS I 625 -11.98 23.60 1.45
C LYS I 625 -11.96 22.96 0.06
N THR I 626 -11.84 21.64 0.01
CA THR I 626 -11.77 20.91 -1.25
C THR I 626 -13.11 20.76 -1.96
N ARG I 627 -14.20 21.02 -1.24
CA ARG I 627 -15.55 20.87 -1.78
C ARG I 627 -15.77 19.48 -2.36
N LYS I 628 -14.98 18.52 -1.90
CA LYS I 628 -15.09 17.13 -2.36
C LYS I 628 -15.81 16.29 -1.31
N VAL I 629 -16.56 15.30 -1.78
CA VAL I 629 -17.30 14.42 -0.90
C VAL I 629 -16.68 13.03 -0.82
N THR I 630 -16.86 12.38 0.32
CA THR I 630 -16.31 11.04 0.52
C THR I 630 -17.24 10.23 1.41
N GLU I 631 -16.96 8.94 1.49
CA GLU I 631 -17.76 8.04 2.30
C GLU I 631 -17.05 7.73 3.59
N VAL I 632 -17.75 7.92 4.70
CA VAL I 632 -17.18 7.65 6.02
C VAL I 632 -17.59 6.28 6.53
N LYS I 633 -18.85 5.91 6.29
CA LYS I 633 -19.31 4.61 6.77
C LYS I 633 -20.58 4.23 6.01
N ASN I 634 -20.71 2.98 5.59
CA ASN I 634 -21.90 2.60 4.88
C ASN I 634 -22.72 1.56 5.64
N ASN I 635 -23.72 1.00 4.96
CA ASN I 635 -24.59 -0.01 5.56
C ASN I 635 -25.18 0.43 6.89
N LEU I 636 -25.38 1.72 7.05
CA LEU I 636 -25.93 2.25 8.28
C LEU I 636 -27.44 2.22 8.22
N THR I 637 -28.11 1.92 9.34
CA THR I 637 -29.57 1.93 9.35
C THR I 637 -30.03 2.89 10.42
N ASP I 638 -29.06 3.48 11.12
CA ASP I 638 -29.35 4.41 12.19
C ASP I 638 -28.04 5.00 12.73
N LEU I 639 -28.08 6.26 13.18
CA LEU I 639 -26.89 6.90 13.69
C LEU I 639 -27.18 7.88 14.81
N ARG I 640 -26.28 7.95 15.78
CA ARG I 640 -26.42 8.86 16.90
C ARG I 640 -25.07 9.52 17.04
N LEU I 641 -25.05 10.73 17.57
CA LEU I 641 -23.78 11.43 17.75
C LEU I 641 -23.68 12.03 19.14
N SER I 642 -22.50 11.92 19.71
CA SER I 642 -22.21 12.44 21.03
C SER I 642 -22.50 13.91 21.15
N ALA I 643 -22.50 14.43 22.38
CA ALA I 643 -22.75 15.85 22.59
C ALA I 643 -21.48 16.62 22.25
N ASP I 644 -20.33 15.96 22.41
CA ASP I 644 -19.03 16.56 22.12
C ASP I 644 -18.67 16.44 20.64
N ARG I 645 -19.53 15.78 19.86
CA ARG I 645 -19.30 15.58 18.44
C ARG I 645 -18.03 14.77 18.16
N LYS I 646 -17.54 14.05 19.15
CA LYS I 646 -16.33 13.26 18.97
C LYS I 646 -16.59 11.77 18.87
N THR I 647 -17.71 11.33 19.42
CA THR I 647 -18.06 9.90 19.37
C THR I 647 -19.28 9.63 18.51
N VAL I 648 -19.17 8.62 17.66
CA VAL I 648 -20.29 8.26 16.80
C VAL I 648 -20.77 6.86 17.15
N MET I 649 -22.09 6.70 17.24
CA MET I 649 -22.71 5.42 17.56
C MET I 649 -23.65 5.16 16.39
N VAL I 650 -23.63 3.95 15.86
CA VAL I 650 -24.49 3.62 14.71
C VAL I 650 -24.90 2.17 14.71
N ARG I 651 -25.95 1.87 13.94
CA ARG I 651 -26.42 0.50 13.79
C ARG I 651 -26.35 0.21 12.29
N LYS I 652 -25.83 -0.95 11.94
CA LYS I 652 -25.72 -1.31 10.54
C LYS I 652 -26.83 -2.28 10.12
N ASP I 653 -26.91 -2.52 8.81
CA ASP I 653 -27.91 -3.41 8.27
C ASP I 653 -27.85 -4.84 8.78
N ASP I 654 -26.87 -5.11 9.64
CA ASP I 654 -26.71 -6.45 10.19
C ASP I 654 -27.31 -6.47 11.59
N GLY I 655 -27.95 -5.37 11.96
CA GLY I 655 -28.58 -5.29 13.27
C GLY I 655 -27.66 -4.94 14.43
N LYS I 656 -26.36 -5.17 14.29
CA LYS I 656 -25.43 -4.88 15.38
C LYS I 656 -25.21 -3.38 15.55
N ILE I 657 -24.71 -2.99 16.71
CA ILE I 657 -24.42 -1.60 17.01
C ILE I 657 -22.91 -1.42 17.10
N TYR I 658 -22.41 -0.34 16.53
CA TYR I 658 -20.97 -0.08 16.58
C TYR I 658 -20.71 1.31 17.08
N THR I 659 -19.46 1.58 17.39
CA THR I 659 -19.09 2.89 17.89
C THR I 659 -17.67 3.18 17.42
N PHE I 660 -17.46 4.39 16.91
CA PHE I 660 -16.14 4.78 16.46
C PHE I 660 -15.92 6.30 16.60
N PRO I 661 -14.65 6.71 16.81
CA PRO I 661 -14.30 8.13 16.96
C PRO I 661 -14.48 8.79 15.61
N LEU I 662 -15.05 10.00 15.61
CA LEU I 662 -15.26 10.71 14.36
C LEU I 662 -13.94 11.00 13.66
N GLU I 663 -12.89 11.25 14.45
CA GLU I 663 -11.56 11.55 13.91
C GLU I 663 -10.93 10.31 13.26
N LYS I 664 -11.16 9.15 13.86
CA LYS I 664 -10.62 7.91 13.33
C LYS I 664 -11.75 6.88 13.17
N PRO I 665 -12.63 7.12 12.19
CA PRO I 665 -13.77 6.26 11.90
C PRO I 665 -13.40 4.82 11.54
N GLU I 666 -12.12 4.59 11.33
CA GLU I 666 -11.66 3.25 10.98
C GLU I 666 -11.63 2.41 12.24
N ASP I 667 -11.54 3.07 13.40
CA ASP I 667 -11.47 2.37 14.69
C ASP I 667 -12.80 2.17 15.40
N GLU I 668 -13.63 1.27 14.87
CA GLU I 668 -14.93 1.03 15.48
C GLU I 668 -14.92 -0.26 16.28
N ARG I 669 -15.69 -0.30 17.35
CA ARG I 669 -15.81 -1.50 18.18
C ARG I 669 -17.26 -1.89 18.14
N THR I 670 -17.57 -3.12 18.52
CA THR I 670 -18.94 -3.59 18.54
C THR I 670 -19.49 -3.42 19.94
N VAL I 671 -20.70 -2.87 20.04
CA VAL I 671 -21.32 -2.65 21.36
C VAL I 671 -22.05 -3.90 21.77
N GLU I 672 -21.52 -4.60 22.76
CA GLU I 672 -22.18 -5.83 23.21
C GLU I 672 -23.06 -5.56 24.42
N THR I 673 -24.20 -6.22 24.48
CA THR I 673 -25.12 -6.02 25.60
C THR I 673 -25.67 -7.29 26.18
N ASP I 674 -25.49 -8.39 25.45
CA ASP I 674 -25.98 -9.69 25.91
C ASP I 674 -25.10 -10.41 26.94
N LYS I 675 -24.22 -9.67 27.60
CA LYS I 675 -23.33 -10.28 28.59
C LYS I 675 -24.13 -10.51 29.88
N ARG I 676 -24.85 -9.47 30.31
CA ARG I 676 -25.64 -9.53 31.54
C ARG I 676 -27.10 -9.87 31.24
N PRO I 677 -27.62 -10.97 31.81
CA PRO I 677 -29.01 -11.38 31.57
C PRO I 677 -29.99 -10.29 32.01
N LEU I 678 -31.08 -10.12 31.25
CA LEU I 678 -32.10 -9.11 31.58
C LEU I 678 -33.07 -9.82 32.52
N VAL I 679 -33.33 -9.23 33.69
CA VAL I 679 -34.23 -9.87 34.66
C VAL I 679 -35.55 -9.17 34.93
N SER I 680 -36.64 -9.93 34.97
CA SER I 680 -37.95 -9.36 35.21
C SER I 680 -38.94 -10.35 35.80
N SER I 681 -40.12 -9.84 36.16
CA SER I 681 -41.22 -10.61 36.75
C SER I 681 -42.44 -10.62 35.80
N ILE I 682 -42.90 -11.82 35.43
CA ILE I 682 -44.04 -11.95 34.53
C ILE I 682 -45.25 -11.18 35.02
N HIS I 683 -45.63 -11.36 36.30
CA HIS I 683 -46.80 -10.64 36.80
C HIS I 683 -46.65 -9.12 36.90
N GLU I 684 -45.44 -8.63 37.11
CA GLU I 684 -45.28 -7.20 37.18
C GLU I 684 -45.35 -6.63 35.77
N GLU I 685 -44.75 -7.33 34.81
CA GLU I 685 -44.73 -6.91 33.41
C GLU I 685 -46.11 -6.99 32.77
N PHE I 686 -46.81 -8.10 33.03
CA PHE I 686 -48.14 -8.30 32.46
C PHE I 686 -49.09 -7.17 32.85
N LEU I 687 -49.01 -6.73 34.10
CA LEU I 687 -49.86 -5.65 34.57
C LEU I 687 -49.48 -4.39 33.88
N GLN I 688 -48.18 -4.15 33.82
CA GLN I 688 -47.66 -2.95 33.18
C GLN I 688 -48.15 -2.90 31.75
N MET I 689 -47.98 -4.01 31.03
CA MET I 689 -48.39 -4.12 29.62
C MET I 689 -49.90 -3.94 29.38
N TYR I 690 -50.70 -4.45 30.32
CA TYR I 690 -52.14 -4.31 30.22
C TYR I 690 -52.51 -2.87 30.34
N ASP I 691 -52.04 -2.23 31.39
CA ASP I 691 -52.35 -0.82 31.60
C ASP I 691 -51.96 0.03 30.41
N GLU I 692 -50.80 -0.23 29.80
CA GLU I 692 -50.35 0.56 28.64
C GLU I 692 -51.26 0.33 27.45
N ALA I 693 -51.58 -0.94 27.18
CA ALA I 693 -52.49 -1.30 26.09
C ALA I 693 -53.83 -0.64 26.33
N TRP I 694 -54.26 -0.64 27.59
CA TRP I 694 -55.52 -0.02 27.95
C TRP I 694 -55.46 1.50 27.77
N LYS I 695 -54.31 2.10 28.03
CA LYS I 695 -54.16 3.55 27.92
C LYS I 695 -54.08 4.02 26.50
N LEU I 696 -53.28 3.33 25.67
CA LEU I 696 -53.13 3.70 24.25
C LEU I 696 -54.50 3.57 23.60
N ALA I 697 -55.17 2.45 23.84
CA ALA I 697 -56.50 2.25 23.27
C ALA I 697 -57.40 3.45 23.57
N ARG I 698 -57.29 3.98 24.79
CA ARG I 698 -58.11 5.12 25.19
C ARG I 698 -57.61 6.44 24.61
N ASP I 699 -56.31 6.65 24.71
CA ASP I 699 -55.71 7.87 24.23
C ASP I 699 -55.69 8.04 22.73
N ASN I 700 -55.76 6.95 21.98
CA ASN I 700 -55.73 7.06 20.52
C ASN I 700 -57.06 6.84 19.79
N TYR I 701 -58.12 6.43 20.50
CA TYR I 701 -59.39 6.23 19.84
C TYR I 701 -59.75 7.54 19.13
N TRP I 702 -60.23 7.44 17.90
CA TRP I 702 -60.58 8.62 17.11
C TRP I 702 -61.55 9.56 17.83
N ASN I 703 -62.51 9.01 18.54
CA ASN I 703 -63.47 9.84 19.25
C ASN I 703 -63.17 9.89 20.74
N GLU I 704 -62.70 11.04 21.19
CA GLU I 704 -62.36 11.24 22.59
C GLU I 704 -63.50 10.93 23.53
N ALA I 705 -64.70 11.40 23.20
CA ALA I 705 -65.87 11.16 24.04
C ALA I 705 -66.09 9.66 24.31
N VAL I 706 -66.32 8.90 23.24
CA VAL I 706 -66.55 7.45 23.33
C VAL I 706 -65.44 6.77 24.12
N ALA I 707 -64.24 7.35 24.01
CA ALA I 707 -63.07 6.81 24.69
C ALA I 707 -63.20 6.91 26.21
N LYS I 708 -63.55 8.09 26.72
CA LYS I 708 -63.68 8.28 28.14
C LYS I 708 -64.65 7.28 28.75
N GLU I 709 -65.72 6.95 28.00
CA GLU I 709 -66.73 6.02 28.51
C GLU I 709 -66.31 4.55 28.40
N ILE I 710 -65.92 4.11 27.21
CA ILE I 710 -65.52 2.73 27.02
C ILE I 710 -64.39 2.34 27.95
N SER I 711 -63.35 3.16 27.97
CA SER I 711 -62.21 2.88 28.81
C SER I 711 -62.65 2.67 30.25
N GLU I 712 -63.24 3.70 30.84
CA GLU I 712 -63.68 3.62 32.22
C GLU I 712 -64.61 2.48 32.55
N ARG I 713 -65.29 1.97 31.53
CA ARG I 713 -66.24 0.89 31.73
C ARG I 713 -65.68 -0.53 31.54
N ILE I 714 -64.50 -0.64 30.91
CA ILE I 714 -63.91 -1.94 30.67
C ILE I 714 -62.62 -2.21 31.43
N TYR I 715 -62.03 -1.18 32.01
CA TYR I 715 -60.78 -1.33 32.74
C TYR I 715 -60.72 -2.48 33.75
N GLU I 716 -61.30 -2.27 34.93
CA GLU I 716 -61.32 -3.27 36.00
C GLU I 716 -61.73 -4.66 35.53
N LYS I 717 -62.81 -4.75 34.76
CA LYS I 717 -63.32 -6.02 34.26
C LYS I 717 -62.25 -6.90 33.64
N TYR I 718 -61.38 -6.31 32.83
CA TYR I 718 -60.34 -7.08 32.18
C TYR I 718 -59.03 -7.11 32.97
N ARG I 719 -58.87 -6.17 33.90
CA ARG I 719 -57.66 -6.13 34.69
C ARG I 719 -57.62 -7.31 35.64
N ASN I 720 -58.79 -7.77 36.07
CA ASN I 720 -58.87 -8.92 37.00
C ASN I 720 -58.48 -10.24 36.38
N LEU I 721 -58.27 -10.25 35.07
CA LEU I 721 -57.87 -11.48 34.40
C LEU I 721 -56.36 -11.57 34.27
N VAL I 722 -55.69 -10.43 34.27
CA VAL I 722 -54.24 -10.38 34.12
C VAL I 722 -53.54 -11.35 35.10
N PRO I 723 -53.89 -11.30 36.41
CA PRO I 723 -53.26 -12.20 37.38
C PRO I 723 -53.44 -13.69 37.10
N LEU I 724 -54.37 -14.02 36.20
CA LEU I 724 -54.57 -15.44 35.86
C LEU I 724 -53.69 -15.82 34.69
N CYS I 725 -53.08 -14.83 34.06
CA CYS I 725 -52.23 -15.07 32.92
C CYS I 725 -50.83 -15.45 33.33
N LYS I 726 -50.30 -16.45 32.64
CA LYS I 726 -48.96 -16.97 32.89
C LYS I 726 -48.09 -16.88 31.67
N THR I 727 -48.72 -16.81 30.51
CA THR I 727 -47.98 -16.73 29.25
C THR I 727 -48.39 -15.52 28.41
N ARG I 728 -47.51 -15.10 27.51
CA ARG I 728 -47.79 -13.96 26.65
C ARG I 728 -49.11 -14.18 25.91
N TYR I 729 -49.44 -15.43 25.65
CA TYR I 729 -50.66 -15.77 24.96
C TYR I 729 -51.85 -15.53 25.86
N ASP I 730 -51.68 -15.76 27.15
CA ASP I 730 -52.77 -15.52 28.11
C ASP I 730 -53.10 -14.02 28.09
N LEU I 731 -52.04 -13.20 28.15
CA LEU I 731 -52.19 -11.75 28.14
C LEU I 731 -52.88 -11.31 26.88
N SER I 732 -52.48 -11.90 25.76
CA SER I 732 -53.07 -11.55 24.48
C SER I 732 -54.60 -11.71 24.54
N ASN I 733 -55.06 -12.86 25.04
CA ASN I 733 -56.49 -13.11 25.15
C ASN I 733 -57.21 -11.99 25.91
N VAL I 734 -56.66 -11.60 27.06
CA VAL I 734 -57.25 -10.54 27.85
C VAL I 734 -57.22 -9.22 27.08
N ILE I 735 -56.04 -8.82 26.63
CA ILE I 735 -55.90 -7.57 25.90
C ILE I 735 -56.81 -7.46 24.66
N VAL I 736 -56.80 -8.48 23.80
CA VAL I 736 -57.62 -8.43 22.59
C VAL I 736 -59.10 -8.24 22.93
N GLU I 737 -59.58 -9.00 23.91
CA GLU I 737 -60.97 -8.89 24.32
C GLU I 737 -61.30 -7.48 24.80
N MET I 738 -60.33 -6.84 25.42
CA MET I 738 -60.56 -5.50 25.92
C MET I 738 -60.48 -4.50 24.77
N GLN I 739 -59.72 -4.83 23.73
CA GLN I 739 -59.64 -3.93 22.59
C GLN I 739 -60.98 -4.01 21.85
N GLY I 740 -61.57 -5.21 21.84
CA GLY I 740 -62.83 -5.42 21.17
C GLY I 740 -63.93 -4.58 21.77
N GLU I 741 -63.74 -4.16 23.01
CA GLU I 741 -64.72 -3.34 23.69
C GLU I 741 -64.95 -1.99 23.04
N TYR I 742 -64.11 -1.62 22.06
CA TYR I 742 -64.29 -0.34 21.38
C TYR I 742 -65.19 -0.50 20.17
N ARG I 743 -65.59 -1.75 19.93
CA ARG I 743 -66.49 -2.05 18.83
C ARG I 743 -66.13 -1.33 17.54
N THR I 744 -64.83 -1.30 17.21
CA THR I 744 -64.40 -0.63 15.99
C THR I 744 -63.38 -1.49 15.26
N SER I 745 -63.15 -1.17 14.00
CA SER I 745 -62.18 -1.90 13.18
C SER I 745 -60.75 -1.43 13.46
N HIS I 746 -59.79 -2.19 12.95
CA HIS I 746 -58.36 -1.88 13.08
C HIS I 746 -57.70 -1.96 14.45
N SER I 747 -58.35 -2.63 15.40
CA SER I 747 -57.77 -2.80 16.74
C SER I 747 -57.02 -4.11 16.66
N TYR I 748 -55.78 -4.05 16.23
CA TYR I 748 -54.99 -5.25 16.10
C TYR I 748 -53.87 -5.35 17.13
N GLU I 749 -53.23 -6.52 17.15
CA GLU I 749 -52.10 -6.80 18.05
C GLU I 749 -51.08 -7.64 17.27
N MET I 750 -49.96 -6.98 16.95
CA MET I 750 -48.87 -7.60 16.18
C MET I 750 -47.54 -7.59 16.94
N GLY I 751 -46.59 -8.41 16.50
CA GLY I 751 -45.29 -8.44 17.14
C GLY I 751 -45.38 -9.14 18.46
N GLY I 752 -44.45 -8.85 19.36
CA GLY I 752 -44.46 -9.48 20.67
C GLY I 752 -43.82 -10.85 20.62
N THR I 753 -43.32 -11.30 21.77
CA THR I 753 -42.66 -12.59 21.88
C THR I 753 -43.59 -13.56 22.62
N PHE I 754 -44.05 -14.59 21.91
CA PHE I 754 -44.98 -15.58 22.48
C PHE I 754 -44.35 -16.95 22.69
N THR I 755 -43.15 -17.17 22.12
CA THR I 755 -42.50 -18.47 22.23
C THR I 755 -41.03 -18.50 21.80
N ASP I 756 -40.31 -19.51 22.27
CA ASP I 756 -38.92 -19.64 21.90
C ASP I 756 -38.81 -20.70 20.81
N LYS I 757 -39.95 -21.18 20.34
CA LYS I 757 -39.99 -22.18 19.28
C LYS I 757 -39.76 -21.52 17.91
N ASP I 758 -38.97 -22.15 17.06
CA ASP I 758 -38.73 -21.59 15.75
C ASP I 758 -39.94 -21.77 14.87
N PRO I 759 -40.13 -20.85 13.94
CA PRO I 759 -41.29 -20.98 13.06
C PRO I 759 -41.29 -22.27 12.26
N PHE I 760 -42.48 -22.73 11.91
CA PHE I 760 -42.64 -23.94 11.12
C PHE I 760 -42.11 -23.69 9.71
N ARG I 761 -41.54 -24.72 9.10
CA ARG I 761 -41.01 -24.58 7.75
C ARG I 761 -41.89 -25.36 6.78
N SER I 762 -41.98 -24.87 5.55
CA SER I 762 -42.77 -25.53 4.52
C SER I 762 -42.00 -25.49 3.20
N GLY I 763 -41.65 -26.65 2.69
CA GLY I 763 -40.93 -26.70 1.42
C GLY I 763 -41.88 -26.56 0.25
N ARG I 764 -41.65 -25.54 -0.56
CA ARG I 764 -42.52 -25.30 -1.71
C ARG I 764 -41.79 -25.15 -3.06
N ILE I 765 -42.41 -25.69 -4.11
CA ILE I 765 -41.88 -25.60 -5.47
C ILE I 765 -42.99 -25.18 -6.43
N ALA I 766 -43.92 -24.39 -5.92
CA ALA I 766 -45.03 -23.93 -6.72
C ALA I 766 -45.69 -25.07 -7.49
N CYS I 767 -46.14 -26.08 -6.78
CA CYS I 767 -46.79 -27.22 -7.41
C CYS I 767 -47.87 -27.79 -6.49
N ASP I 768 -48.76 -28.59 -7.07
CA ASP I 768 -49.81 -29.25 -6.32
C ASP I 768 -49.66 -30.73 -6.54
N PHE I 769 -49.63 -31.48 -5.44
CA PHE I 769 -49.43 -32.92 -5.51
C PHE I 769 -50.69 -33.71 -5.24
N LYS I 770 -50.76 -34.91 -5.81
CA LYS I 770 -51.91 -35.78 -5.62
C LYS I 770 -51.43 -37.24 -5.47
N LEU I 771 -51.94 -37.94 -4.47
CA LEU I 771 -51.53 -39.32 -4.26
C LEU I 771 -52.32 -40.20 -5.23
N ASP I 772 -51.61 -40.86 -6.13
CA ASP I 772 -52.27 -41.73 -7.08
C ASP I 772 -51.56 -43.07 -7.12
N GLY I 773 -52.04 -43.98 -6.28
CA GLY I 773 -51.42 -45.29 -6.21
C GLY I 773 -50.34 -45.25 -5.15
N ASP I 774 -49.09 -45.24 -5.57
CA ASP I 774 -47.97 -45.24 -4.65
C ASP I 774 -46.95 -44.17 -5.03
N HIS I 775 -47.40 -43.23 -5.83
CA HIS I 775 -46.57 -42.14 -6.34
C HIS I 775 -47.33 -40.84 -6.26
N TYR I 776 -46.59 -39.74 -6.10
CA TYR I 776 -47.19 -38.41 -6.08
C TYR I 776 -47.11 -37.86 -7.50
N VAL I 777 -48.19 -37.26 -7.97
CA VAL I 777 -48.18 -36.70 -9.31
C VAL I 777 -48.35 -35.18 -9.24
N VAL I 778 -47.67 -34.47 -10.14
CA VAL I 778 -47.78 -33.02 -10.19
C VAL I 778 -49.16 -32.69 -10.72
N ALA I 779 -50.11 -32.46 -9.81
CA ALA I 779 -51.48 -32.14 -10.20
C ALA I 779 -51.55 -30.78 -10.91
N LYS I 780 -50.71 -29.86 -10.46
CA LYS I 780 -50.67 -28.51 -11.01
C LYS I 780 -49.31 -27.85 -10.86
N ALA I 781 -48.92 -27.05 -11.85
CA ALA I 781 -47.63 -26.36 -11.81
C ALA I 781 -47.89 -24.88 -12.04
N TYR I 782 -47.98 -24.12 -10.96
CA TYR I 782 -48.27 -22.69 -11.03
C TYR I 782 -47.23 -21.84 -11.75
N ALA I 783 -47.72 -20.89 -12.55
CA ALA I 783 -46.88 -19.94 -13.28
C ALA I 783 -47.72 -18.72 -13.70
N GLY I 784 -47.12 -17.55 -13.59
CA GLY I 784 -47.80 -16.32 -13.96
C GLY I 784 -47.15 -15.69 -15.19
N ASP I 785 -46.19 -14.78 -14.99
CA ASP I 785 -45.48 -14.18 -16.13
C ASP I 785 -44.07 -14.75 -16.20
N TYR I 786 -43.93 -15.81 -17.00
CA TYR I 786 -42.66 -16.51 -17.23
C TYR I 786 -41.41 -15.64 -17.24
N SER I 787 -41.51 -14.43 -17.80
CA SER I 787 -40.37 -13.54 -17.86
C SER I 787 -40.19 -12.64 -16.66
N ASN I 788 -41.14 -12.63 -15.74
CA ASN I 788 -40.99 -11.83 -14.55
C ASN I 788 -40.15 -12.64 -13.58
N GLU I 789 -39.92 -12.07 -12.40
CA GLU I 789 -39.13 -12.74 -11.39
C GLU I 789 -40.06 -13.39 -10.39
N GLY I 790 -39.62 -14.52 -9.87
CA GLY I 790 -40.39 -15.25 -8.88
C GLY I 790 -41.87 -15.44 -9.17
N GLU I 791 -42.20 -15.97 -10.35
CA GLU I 791 -43.60 -16.17 -10.72
C GLU I 791 -43.87 -17.50 -11.38
N LYS I 792 -43.16 -18.55 -10.98
CA LYS I 792 -43.38 -19.85 -11.58
C LYS I 792 -42.65 -20.94 -10.80
N SER I 793 -43.03 -22.17 -11.03
CA SER I 793 -42.37 -23.26 -10.36
C SER I 793 -40.93 -23.25 -10.79
N PRO I 794 -40.02 -23.34 -9.82
CA PRO I 794 -38.61 -23.35 -10.16
C PRO I 794 -38.24 -24.48 -11.14
N ILE I 795 -39.13 -25.44 -11.35
CA ILE I 795 -38.84 -26.50 -12.29
C ILE I 795 -38.80 -25.97 -13.70
N PHE I 796 -39.61 -24.98 -13.99
CA PHE I 796 -39.64 -24.39 -15.34
C PHE I 796 -38.27 -23.97 -15.88
N GLU I 797 -37.36 -23.54 -15.01
CA GLU I 797 -36.05 -23.11 -15.46
C GLU I 797 -35.32 -24.18 -16.25
N TYR I 798 -35.72 -25.43 -16.07
CA TYR I 798 -35.08 -26.53 -16.79
C TYR I 798 -35.81 -26.85 -18.07
N GLY I 799 -36.63 -25.90 -18.52
CA GLY I 799 -37.39 -26.09 -19.75
C GLY I 799 -38.32 -27.29 -19.79
N ILE I 800 -39.18 -27.43 -18.79
CA ILE I 800 -40.14 -28.54 -18.73
C ILE I 800 -41.27 -28.22 -17.75
N ASP I 801 -42.50 -28.39 -18.20
CA ASP I 801 -43.65 -28.15 -17.36
C ASP I 801 -43.90 -29.44 -16.57
N PRO I 802 -43.63 -29.42 -15.26
CA PRO I 802 -43.81 -30.57 -14.36
C PRO I 802 -45.20 -31.19 -14.33
N THR I 803 -46.23 -30.40 -14.66
CA THR I 803 -47.60 -30.88 -14.66
C THR I 803 -47.67 -32.27 -15.30
N GLY I 804 -48.36 -33.19 -14.64
CA GLY I 804 -48.48 -34.52 -15.17
C GLY I 804 -47.41 -35.55 -14.77
N TYR I 805 -46.18 -35.08 -14.60
CA TYR I 805 -45.06 -35.92 -14.22
C TYR I 805 -45.26 -36.57 -12.85
N LEU I 806 -44.48 -37.62 -12.59
CA LEU I 806 -44.54 -38.36 -11.32
C LEU I 806 -43.27 -38.08 -10.53
N ILE I 807 -43.44 -37.66 -9.29
CA ILE I 807 -42.28 -37.41 -8.44
C ILE I 807 -41.78 -38.72 -7.82
N GLU I 808 -40.58 -39.14 -8.22
CA GLU I 808 -39.99 -40.37 -7.73
C GLU I 808 -39.38 -40.21 -6.35
N ASP I 809 -38.35 -39.40 -6.27
CA ASP I 809 -37.68 -39.17 -5.01
C ASP I 809 -37.05 -37.80 -4.93
N ILE I 810 -36.79 -37.36 -3.72
CA ILE I 810 -36.18 -36.06 -3.49
C ILE I 810 -34.94 -36.29 -2.64
N ASP I 811 -33.79 -35.81 -3.11
CA ASP I 811 -32.52 -35.95 -2.40
C ASP I 811 -32.28 -37.41 -1.96
N GLY I 812 -32.51 -38.34 -2.86
CA GLY I 812 -32.29 -39.74 -2.54
C GLY I 812 -33.48 -40.41 -1.89
N GLU I 813 -34.11 -39.78 -0.92
CA GLU I 813 -35.26 -40.38 -0.24
C GLU I 813 -36.48 -40.51 -1.14
N THR I 814 -37.02 -41.73 -1.19
CA THR I 814 -38.19 -42.02 -2.00
C THR I 814 -39.46 -41.51 -1.33
N VAL I 815 -40.26 -40.74 -2.07
CA VAL I 815 -41.52 -40.20 -1.57
C VAL I 815 -42.68 -40.90 -2.25
N GLY I 816 -43.84 -40.88 -1.60
CA GLY I 816 -45.00 -41.54 -2.17
C GLY I 816 -45.88 -42.14 -1.09
N ALA I 817 -46.66 -43.18 -1.46
CA ALA I 817 -47.56 -43.87 -0.53
C ALA I 817 -47.09 -43.97 0.91
N GLY I 818 -45.85 -44.37 1.13
CA GLY I 818 -45.37 -44.48 2.49
C GLY I 818 -44.40 -43.40 2.90
N SER I 819 -44.36 -42.29 2.15
CA SER I 819 -43.43 -41.22 2.48
C SER I 819 -44.00 -39.84 2.18
N ASN I 820 -44.29 -39.11 3.25
CA ASN I 820 -44.88 -37.78 3.16
C ASN I 820 -44.01 -36.78 2.38
N ILE I 821 -44.41 -36.45 1.17
CA ILE I 821 -43.63 -35.51 0.38
C ILE I 821 -43.60 -34.15 1.02
N TYR I 822 -44.70 -33.79 1.69
CA TYR I 822 -44.79 -32.49 2.34
C TYR I 822 -43.71 -32.36 3.41
N ARG I 823 -43.50 -33.42 4.18
CA ARG I 823 -42.48 -33.41 5.21
C ARG I 823 -41.08 -33.32 4.58
N VAL I 824 -40.81 -34.21 3.64
CA VAL I 824 -39.52 -34.20 2.96
C VAL I 824 -39.24 -32.81 2.42
N LEU I 825 -40.18 -32.24 1.67
CA LEU I 825 -39.94 -30.91 1.15
C LEU I 825 -39.68 -29.95 2.28
N SER I 826 -40.41 -30.09 3.38
CA SER I 826 -40.20 -29.19 4.51
C SER I 826 -38.72 -29.22 4.98
N GLU I 827 -38.16 -30.42 5.04
CA GLU I 827 -36.78 -30.58 5.49
C GLU I 827 -35.71 -30.09 4.51
N LYS I 828 -36.13 -29.68 3.32
CA LYS I 828 -35.19 -29.18 2.31
C LYS I 828 -35.49 -27.71 2.00
N ALA I 829 -36.44 -27.12 2.71
CA ALA I 829 -36.82 -25.74 2.47
C ALA I 829 -35.63 -24.83 2.56
N GLY I 830 -35.52 -23.94 1.60
CA GLY I 830 -34.41 -23.00 1.59
C GLY I 830 -33.09 -23.53 1.05
N THR I 831 -33.14 -24.68 0.39
CA THR I 831 -31.93 -25.25 -0.20
C THR I 831 -32.26 -25.81 -1.56
N SER I 832 -31.27 -26.39 -2.19
CA SER I 832 -31.49 -26.96 -3.50
C SER I 832 -31.37 -28.47 -3.38
N ALA I 833 -32.37 -29.21 -3.88
CA ALA I 833 -32.38 -30.65 -3.79
C ALA I 833 -32.53 -31.31 -5.15
N ARG I 834 -32.02 -32.53 -5.26
CA ARG I 834 -32.12 -33.28 -6.50
C ARG I 834 -33.48 -33.97 -6.50
N ILE I 835 -34.27 -33.71 -7.53
CA ILE I 835 -35.59 -34.29 -7.66
C ILE I 835 -35.66 -35.13 -8.92
N ARG I 836 -36.01 -36.40 -8.79
CA ARG I 836 -36.14 -37.27 -9.95
C ARG I 836 -37.62 -37.25 -10.35
N LEU I 837 -37.90 -36.94 -11.62
CA LEU I 837 -39.29 -36.88 -12.12
C LEU I 837 -39.50 -37.89 -13.24
N SER I 838 -40.75 -38.06 -13.67
CA SER I 838 -41.10 -38.98 -14.75
C SER I 838 -42.39 -38.58 -15.47
N GLY I 839 -42.28 -38.31 -16.77
CA GLY I 839 -43.45 -37.92 -17.55
C GLY I 839 -43.93 -39.05 -18.45
N LYS I 840 -44.64 -38.67 -19.52
CA LYS I 840 -45.17 -39.61 -20.50
C LYS I 840 -44.04 -40.41 -21.15
N GLY I 841 -44.30 -41.70 -21.39
CA GLY I 841 -43.31 -42.56 -21.98
C GLY I 841 -42.17 -42.83 -21.01
N GLY I 842 -40.96 -42.99 -21.54
CA GLY I 842 -39.81 -43.25 -20.69
C GLY I 842 -39.12 -41.96 -20.28
N ASP I 843 -39.84 -40.84 -20.41
CA ASP I 843 -39.29 -39.54 -20.06
C ASP I 843 -38.98 -39.45 -18.55
N LYS I 844 -37.71 -39.22 -18.22
CA LYS I 844 -37.28 -39.13 -16.83
C LYS I 844 -36.31 -37.95 -16.63
N ARG I 845 -36.60 -37.11 -15.65
CA ARG I 845 -35.77 -35.93 -15.36
C ARG I 845 -35.14 -36.03 -13.99
N ASP I 846 -33.95 -35.44 -13.89
CA ASP I 846 -33.20 -35.43 -12.63
C ASP I 846 -32.52 -34.08 -12.48
N LEU I 847 -33.26 -33.12 -11.92
CA LEU I 847 -32.77 -31.76 -11.77
C LEU I 847 -32.55 -31.28 -10.33
N MET I 848 -31.72 -30.24 -10.19
CA MET I 848 -31.46 -29.63 -8.88
C MET I 848 -32.44 -28.49 -8.77
N ILE I 849 -33.48 -28.71 -7.98
CA ILE I 849 -34.53 -27.72 -7.81
C ILE I 849 -34.35 -26.88 -6.55
N ASP I 850 -34.72 -25.62 -6.66
CA ASP I 850 -34.65 -24.73 -5.52
C ASP I 850 -35.93 -24.94 -4.70
N ILE I 851 -35.79 -25.48 -3.50
CA ILE I 851 -36.95 -25.68 -2.66
C ILE I 851 -37.21 -24.38 -1.91
N LEU I 852 -38.20 -23.63 -2.36
CA LEU I 852 -38.55 -22.35 -1.74
C LEU I 852 -39.24 -22.48 -0.39
N ASP I 853 -39.16 -21.42 0.41
CA ASP I 853 -39.82 -21.43 1.72
C ASP I 853 -41.29 -21.03 1.59
N ASP I 854 -41.66 -20.44 0.47
CA ASP I 854 -43.02 -19.99 0.26
C ASP I 854 -43.29 -19.85 -1.24
N ASP I 855 -44.56 -19.98 -1.66
CA ASP I 855 -44.92 -19.83 -3.07
C ASP I 855 -46.27 -19.14 -3.28
N ARG I 856 -46.66 -18.34 -2.28
CA ARG I 856 -47.91 -17.58 -2.30
C ARG I 856 -48.00 -16.64 -3.49
N PHE I 857 -47.02 -15.76 -3.59
CA PHE I 857 -46.96 -14.80 -4.67
C PHE I 857 -47.02 -15.54 -6.02
N ILE I 858 -46.24 -16.61 -6.18
CA ILE I 858 -46.29 -17.32 -7.44
C ILE I 858 -47.71 -17.79 -7.68
N ARG I 859 -48.42 -18.20 -6.63
CA ARG I 859 -49.81 -18.65 -6.82
C ARG I 859 -50.74 -17.48 -7.13
N TYR I 860 -50.50 -16.34 -6.49
CA TYR I 860 -51.29 -15.15 -6.72
C TYR I 860 -51.15 -14.70 -8.19
N ARG I 861 -49.93 -14.60 -8.66
CA ARG I 861 -49.67 -14.18 -10.03
C ARG I 861 -50.27 -15.16 -11.01
N SER I 862 -50.22 -16.44 -10.66
CA SER I 862 -50.80 -17.50 -11.49
C SER I 862 -52.31 -17.23 -11.65
N TRP I 863 -52.96 -16.98 -10.53
CA TRP I 863 -54.38 -16.69 -10.49
C TRP I 863 -54.71 -15.46 -11.32
N VAL I 864 -53.99 -14.39 -11.08
CA VAL I 864 -54.27 -13.17 -11.81
C VAL I 864 -54.15 -13.45 -13.31
N GLU I 865 -53.06 -14.07 -13.73
CA GLU I 865 -52.89 -14.35 -15.15
C GLU I 865 -53.96 -15.27 -15.71
N ALA I 866 -54.42 -16.19 -14.88
CA ALA I 866 -55.47 -17.09 -15.34
C ALA I 866 -56.73 -16.28 -15.61
N ASN I 867 -57.14 -15.48 -14.63
CA ASN I 867 -58.34 -14.66 -14.77
C ASN I 867 -58.20 -13.70 -15.95
N ARG I 868 -56.99 -13.18 -16.13
CA ARG I 868 -56.69 -12.28 -17.23
C ARG I 868 -56.91 -13.03 -18.55
N ARG I 869 -56.30 -14.21 -18.69
CA ARG I 869 -56.47 -14.98 -19.93
C ARG I 869 -57.94 -15.29 -20.14
N TYR I 870 -58.64 -15.60 -19.05
CA TYR I 870 -60.04 -15.93 -19.10
C TYR I 870 -60.85 -14.76 -19.67
N VAL I 871 -60.71 -13.60 -19.05
CA VAL I 871 -61.44 -12.42 -19.51
C VAL I 871 -61.19 -12.13 -20.98
N HIS I 872 -59.99 -12.39 -21.49
CA HIS I 872 -59.77 -12.11 -22.89
C HIS I 872 -60.58 -13.04 -23.76
N GLU I 873 -60.37 -14.33 -23.60
CA GLU I 873 -61.08 -15.33 -24.39
C GLU I 873 -62.60 -15.20 -24.38
N ARG I 874 -63.17 -14.96 -23.21
CA ARG I 874 -64.61 -14.85 -23.10
C ARG I 874 -65.18 -13.56 -23.72
N SER I 875 -64.42 -12.47 -23.68
CA SER I 875 -64.93 -11.23 -24.26
C SER I 875 -64.44 -11.12 -25.69
N LYS I 876 -64.02 -12.24 -26.25
CA LYS I 876 -63.52 -12.27 -27.62
C LYS I 876 -62.46 -11.19 -27.79
N GLY I 877 -61.62 -11.01 -26.79
CA GLY I 877 -60.56 -10.04 -26.88
C GLY I 877 -61.01 -8.59 -26.87
N THR I 878 -62.08 -8.27 -26.15
CA THR I 878 -62.58 -6.92 -26.10
C THR I 878 -62.60 -6.32 -24.69
N ILE I 879 -62.19 -7.10 -23.70
CA ILE I 879 -62.15 -6.63 -22.32
C ILE I 879 -60.80 -6.88 -21.63
N GLY I 880 -60.38 -5.90 -20.83
CA GLY I 880 -59.13 -5.99 -20.09
C GLY I 880 -59.40 -6.46 -18.67
N TYR I 881 -58.34 -6.85 -17.95
CA TYR I 881 -58.45 -7.31 -16.57
C TYR I 881 -57.28 -6.79 -15.74
N ILE I 882 -57.57 -6.38 -14.52
CA ILE I 882 -56.56 -5.90 -13.59
C ILE I 882 -57.05 -6.29 -12.19
N HIS I 883 -56.15 -6.77 -11.35
CA HIS I 883 -56.53 -7.12 -10.01
C HIS I 883 -55.65 -6.41 -9.00
N ILE I 884 -56.27 -5.87 -7.96
CA ILE I 884 -55.58 -5.17 -6.89
C ILE I 884 -55.68 -5.93 -5.55
N PRO I 885 -54.60 -6.62 -5.13
CA PRO I 885 -54.51 -7.42 -3.91
C PRO I 885 -54.66 -6.59 -2.64
N ASP I 886 -54.16 -5.36 -2.66
CA ASP I 886 -54.32 -4.53 -1.50
C ASP I 886 -54.07 -3.12 -1.91
N MET I 887 -54.14 -2.19 -0.96
CA MET I 887 -53.91 -0.79 -1.29
C MET I 887 -52.59 -0.34 -0.70
N GLY I 888 -51.60 -1.23 -0.77
CA GLY I 888 -50.29 -0.90 -0.25
C GLY I 888 -49.28 -0.90 -1.38
N MET I 889 -48.02 -1.16 -1.10
CA MET I 889 -47.04 -1.18 -2.16
C MET I 889 -47.33 -2.29 -3.17
N MET I 890 -47.72 -3.45 -2.69
CA MET I 890 -48.01 -4.52 -3.62
C MET I 890 -49.13 -4.17 -4.56
N GLY I 891 -50.17 -3.51 -4.02
CA GLY I 891 -51.32 -3.12 -4.83
C GLY I 891 -50.90 -2.22 -5.98
N LEU I 892 -50.16 -1.21 -5.58
CA LEU I 892 -49.61 -0.26 -6.50
C LEU I 892 -48.83 -1.05 -7.58
N ASN I 893 -48.08 -2.08 -7.16
CA ASN I 893 -47.32 -2.91 -8.10
C ASN I 893 -48.19 -3.66 -9.11
N GLU I 894 -49.15 -4.40 -8.59
CA GLU I 894 -50.04 -5.20 -9.42
C GLU I 894 -50.95 -4.40 -10.32
N PHE I 895 -51.45 -3.28 -9.80
CA PHE I 895 -52.30 -2.40 -10.60
C PHE I 895 -51.52 -1.96 -11.85
N TYR I 896 -50.36 -1.34 -11.66
CA TYR I 896 -49.61 -0.87 -12.80
C TYR I 896 -49.04 -2.02 -13.67
N ARG I 897 -48.77 -3.16 -13.05
CA ARG I 897 -48.23 -4.32 -13.78
C ARG I 897 -49.13 -4.73 -14.95
N LEU I 898 -50.44 -4.56 -14.78
CA LEU I 898 -51.39 -4.92 -15.84
C LEU I 898 -52.10 -3.70 -16.41
N PHE I 899 -52.18 -2.64 -15.63
CA PHE I 899 -52.83 -1.44 -16.11
C PHE I 899 -52.24 -0.96 -17.44
N ILE I 900 -50.96 -1.24 -17.66
CA ILE I 900 -50.30 -0.81 -18.86
C ILE I 900 -50.58 -1.67 -20.08
N ASN I 901 -51.25 -2.80 -19.91
CA ASN I 901 -51.55 -3.65 -21.07
C ASN I 901 -53.05 -3.84 -21.25
N GLU I 902 -53.82 -3.57 -20.20
CA GLU I 902 -55.27 -3.78 -20.20
C GLU I 902 -56.14 -2.53 -20.27
N SER I 903 -55.54 -1.39 -20.08
CA SER I 903 -56.30 -0.15 -20.06
C SER I 903 -56.87 0.29 -21.42
N SER I 904 -56.39 -0.29 -22.53
CA SER I 904 -56.90 0.14 -23.84
C SER I 904 -57.81 -0.83 -24.57
N TYR I 905 -58.63 -1.54 -23.83
CA TYR I 905 -59.57 -2.45 -24.44
C TYR I 905 -60.89 -1.73 -24.41
N GLN I 906 -61.89 -2.28 -25.10
CA GLN I 906 -63.22 -1.66 -25.12
C GLN I 906 -63.76 -1.53 -23.70
N GLY I 907 -63.51 -2.55 -22.89
CA GLY I 907 -63.98 -2.53 -21.53
C GLY I 907 -62.91 -2.95 -20.56
N LEU I 908 -63.03 -2.55 -19.30
CA LEU I 908 -62.05 -2.91 -18.28
C LEU I 908 -62.70 -3.45 -17.03
N ILE I 909 -62.12 -4.50 -16.47
CA ILE I 909 -62.61 -5.06 -15.23
C ILE I 909 -61.52 -4.80 -14.18
N VAL I 910 -61.87 -4.02 -13.17
CA VAL I 910 -60.95 -3.75 -12.09
C VAL I 910 -61.32 -4.63 -10.89
N ASP I 911 -60.91 -5.90 -10.95
CA ASP I 911 -61.19 -6.87 -9.88
C ASP I 911 -60.44 -6.49 -8.60
N VAL I 912 -61.16 -6.10 -7.57
CA VAL I 912 -60.48 -5.76 -6.33
C VAL I 912 -60.88 -6.67 -5.16
N ARG I 913 -61.40 -7.86 -5.47
CA ARG I 913 -61.78 -8.84 -4.45
C ARG I 913 -60.59 -9.21 -3.57
N PHE I 914 -60.85 -9.52 -2.31
CA PHE I 914 -59.77 -9.90 -1.37
C PHE I 914 -58.79 -8.77 -1.08
N ASN I 915 -59.14 -7.56 -1.49
CA ASN I 915 -58.25 -6.42 -1.26
C ASN I 915 -58.03 -6.13 0.21
N GLY I 916 -56.77 -6.24 0.62
CA GLY I 916 -56.41 -6.05 2.02
C GLY I 916 -56.31 -4.66 2.58
N GLY I 917 -56.72 -3.66 1.82
CA GLY I 917 -56.62 -2.30 2.33
C GLY I 917 -55.19 -1.76 2.27
N GLY I 918 -55.03 -0.53 2.75
CA GLY I 918 -53.75 0.13 2.75
C GLY I 918 -53.99 1.62 2.83
N PHE I 919 -53.68 2.35 1.76
CA PHE I 919 -53.87 3.80 1.72
C PHE I 919 -53.74 4.44 0.34
N VAL I 920 -53.31 3.67 -0.64
CA VAL I 920 -53.10 4.20 -1.98
C VAL I 920 -54.30 4.13 -2.92
N SER I 921 -55.48 3.94 -2.36
CA SER I 921 -56.69 3.86 -3.19
C SER I 921 -56.89 5.14 -3.94
N GLN I 922 -56.76 6.24 -3.23
CA GLN I 922 -56.93 7.52 -3.86
C GLN I 922 -56.07 7.65 -5.15
N LEU I 923 -54.84 7.13 -5.11
CA LEU I 923 -53.93 7.20 -6.24
C LEU I 923 -54.37 6.37 -7.43
N ILE I 924 -54.97 5.23 -7.16
CA ILE I 924 -55.44 4.34 -8.22
C ILE I 924 -56.70 4.91 -8.84
N ILE I 925 -57.56 5.49 -8.00
CA ILE I 925 -58.80 6.09 -8.48
C ILE I 925 -58.43 7.25 -9.43
N GLU I 926 -57.54 8.12 -8.96
CA GLU I 926 -57.09 9.27 -9.74
C GLU I 926 -56.69 8.82 -11.13
N LYS I 927 -56.11 7.62 -11.23
CA LYS I 927 -55.71 7.10 -12.53
C LYS I 927 -56.95 6.79 -13.36
N LEU I 928 -57.79 5.88 -12.86
CA LEU I 928 -59.01 5.48 -13.55
C LEU I 928 -59.96 6.64 -13.86
N MET I 929 -59.82 7.71 -13.09
CA MET I 929 -60.62 8.92 -13.23
C MET I 929 -60.37 9.62 -14.58
N ASN I 930 -59.22 9.33 -15.18
CA ASN I 930 -58.88 9.95 -16.44
C ASN I 930 -59.79 9.56 -17.58
N LYS I 931 -60.18 10.54 -18.39
CA LYS I 931 -61.07 10.28 -19.53
C LYS I 931 -60.34 10.64 -20.82
N ARG I 932 -60.39 9.73 -21.78
CA ARG I 932 -59.70 9.91 -23.08
C ARG I 932 -60.42 10.97 -23.91
N ILE I 933 -59.76 12.09 -24.19
CA ILE I 933 -60.40 13.15 -24.95
C ILE I 933 -59.64 13.54 -26.25
N GLY I 934 -58.56 12.83 -26.55
CA GLY I 934 -57.81 13.13 -27.76
C GLY I 934 -56.79 12.07 -28.16
N TYR I 935 -56.12 12.31 -29.28
CA TYR I 935 -55.11 11.42 -29.79
C TYR I 935 -53.99 12.19 -30.48
N ASP I 936 -52.88 11.50 -30.68
CA ASP I 936 -51.72 12.08 -31.33
C ASP I 936 -51.53 11.28 -32.61
N ASN I 937 -51.55 11.96 -33.74
CA ASN I 937 -51.37 11.25 -35.00
C ASN I 937 -49.96 11.40 -35.48
N PRO I 938 -49.23 10.28 -35.52
CA PRO I 938 -47.84 10.28 -35.97
C PRO I 938 -47.70 9.98 -37.45
N ARG I 939 -46.58 10.40 -38.02
CA ARG I 939 -46.31 10.14 -39.40
C ARG I 939 -46.09 8.63 -39.56
N ARG I 940 -45.50 8.01 -38.53
CA ARG I 940 -45.24 6.58 -38.52
C ARG I 940 -45.53 6.03 -37.13
N GLY I 941 -46.29 4.94 -37.07
CA GLY I 941 -46.62 4.37 -35.78
C GLY I 941 -48.11 4.42 -35.54
N THR I 942 -48.52 4.14 -34.33
CA THR I 942 -49.93 4.11 -33.99
C THR I 942 -50.37 5.33 -33.17
N LEU I 943 -51.68 5.50 -33.00
CA LEU I 943 -52.20 6.62 -32.23
C LEU I 943 -51.70 6.64 -30.79
N SER I 944 -51.63 7.82 -30.21
CA SER I 944 -51.23 7.92 -28.82
C SER I 944 -52.39 8.54 -28.07
N PRO I 945 -53.03 7.76 -27.18
CA PRO I 945 -54.16 8.31 -26.43
C PRO I 945 -53.75 9.37 -25.39
N TYR I 946 -54.57 10.41 -25.29
CA TYR I 946 -54.37 11.54 -24.36
C TYR I 946 -55.59 11.62 -23.44
N PRO I 947 -55.38 11.52 -22.10
CA PRO I 947 -54.09 11.21 -21.50
C PRO I 947 -53.65 9.78 -21.79
N THR I 948 -52.39 9.52 -21.48
CA THR I 948 -51.81 8.21 -21.66
C THR I 948 -52.43 7.26 -20.64
N ASN I 949 -52.52 7.73 -19.39
CA ASN I 949 -53.07 6.91 -18.33
C ASN I 949 -54.57 6.97 -18.30
N SER I 950 -55.18 7.01 -19.48
CA SER I 950 -56.63 7.06 -19.55
C SER I 950 -57.21 5.71 -19.94
N VAL I 951 -58.29 5.32 -19.29
CA VAL I 951 -58.90 4.06 -19.64
C VAL I 951 -59.68 4.33 -20.93
N ARG I 952 -59.53 3.44 -21.89
CA ARG I 952 -60.18 3.60 -23.19
C ARG I 952 -61.72 3.63 -23.19
N GLY I 953 -62.34 2.70 -22.44
CA GLY I 953 -63.80 2.63 -22.43
C GLY I 953 -64.59 2.45 -21.14
N LYS I 954 -65.45 1.44 -21.12
CA LYS I 954 -66.28 1.15 -19.95
C LYS I 954 -65.53 0.34 -18.90
N ILE I 955 -65.70 0.74 -17.64
CA ILE I 955 -65.04 0.05 -16.55
C ILE I 955 -66.06 -0.64 -15.64
N ILE I 956 -65.62 -1.72 -15.01
CA ILE I 956 -66.50 -2.41 -14.11
C ILE I 956 -65.68 -3.04 -13.00
N ALA I 957 -66.13 -2.83 -11.76
CA ALA I 957 -65.44 -3.34 -10.57
C ALA I 957 -66.09 -4.57 -9.93
N ILE I 958 -65.25 -5.49 -9.47
CA ILE I 958 -65.70 -6.71 -8.79
C ILE I 958 -65.21 -6.62 -7.36
N THR I 959 -66.07 -6.93 -6.39
CA THR I 959 -65.71 -6.85 -4.98
C THR I 959 -66.43 -7.91 -4.11
N ASN I 960 -65.75 -8.44 -3.10
CA ASN I 960 -66.37 -9.39 -2.20
C ASN I 960 -66.23 -8.89 -0.77
N GLU I 961 -66.62 -9.75 0.17
CA GLU I 961 -66.56 -9.41 1.59
C GLU I 961 -65.14 -9.47 2.12
N TYR I 962 -64.21 -9.97 1.32
CA TYR I 962 -62.83 -10.09 1.76
C TYR I 962 -61.99 -8.88 1.36
N ALA I 963 -62.65 -7.80 0.93
CA ALA I 963 -61.97 -6.57 0.56
C ALA I 963 -62.42 -5.53 1.58
N GLY I 964 -61.48 -4.94 2.31
CA GLY I 964 -61.86 -3.97 3.32
C GLY I 964 -60.93 -2.80 3.46
N SER I 965 -61.12 -2.03 4.53
CA SER I 965 -60.30 -0.84 4.80
C SER I 965 -60.25 0.10 3.58
N ASP I 966 -59.04 0.41 3.13
CA ASP I 966 -58.93 1.27 1.99
C ASP I 966 -59.77 0.61 0.88
N GLY I 967 -59.84 -0.72 0.93
CA GLY I 967 -60.62 -1.47 -0.03
C GLY I 967 -62.05 -1.00 0.06
N ASP I 968 -62.48 -0.68 1.27
CA ASP I 968 -63.82 -0.18 1.53
C ASP I 968 -63.95 1.19 0.85
N ILE I 969 -62.95 2.04 1.09
CA ILE I 969 -62.96 3.39 0.55
C ILE I 969 -62.99 3.37 -0.95
N PHE I 970 -62.13 2.55 -1.55
CA PHE I 970 -62.07 2.43 -3.02
C PHE I 970 -63.48 2.05 -3.62
N SER I 971 -64.10 1.04 -3.02
CA SER I 971 -65.41 0.58 -3.47
C SER I 971 -66.48 1.66 -3.47
N PHE I 972 -66.62 2.35 -2.34
CA PHE I 972 -67.59 3.42 -2.20
C PHE I 972 -67.27 4.50 -3.23
N SER I 973 -66.00 4.85 -3.32
CA SER I 973 -65.58 5.86 -4.25
C SER I 973 -65.88 5.50 -5.69
N PHE I 974 -65.52 4.28 -6.10
CA PHE I 974 -65.79 3.86 -7.47
C PHE I 974 -67.24 4.16 -7.85
N LYS I 975 -68.17 3.82 -6.97
CA LYS I 975 -69.57 4.11 -7.26
C LYS I 975 -69.80 5.62 -7.19
N LYS I 976 -69.51 6.20 -6.04
CA LYS I 976 -69.66 7.64 -5.83
C LYS I 976 -69.20 8.51 -7.00
N LEU I 977 -68.12 8.12 -7.68
CA LEU I 977 -67.62 8.90 -8.78
C LEU I 977 -68.23 8.44 -10.09
N GLY I 978 -69.02 7.37 -10.01
CA GLY I 978 -69.64 6.84 -11.22
C GLY I 978 -68.68 6.35 -12.30
N LEU I 979 -67.59 5.68 -11.90
CA LEU I 979 -66.65 5.18 -12.89
C LEU I 979 -67.20 3.93 -13.57
N GLY I 980 -68.24 3.35 -12.97
CA GLY I 980 -68.84 2.15 -13.52
C GLY I 980 -69.65 1.42 -12.48
N LYS I 981 -70.15 0.23 -12.79
CA LYS I 981 -70.93 -0.53 -11.82
C LYS I 981 -70.06 -1.37 -10.89
N LEU I 982 -70.60 -1.67 -9.73
CA LEU I 982 -69.90 -2.48 -8.77
C LEU I 982 -70.62 -3.82 -8.62
N ILE I 983 -69.91 -4.92 -8.85
CA ILE I 983 -70.49 -6.25 -8.74
C ILE I 983 -69.82 -7.05 -7.63
N GLY I 984 -70.60 -7.87 -6.94
CA GLY I 984 -70.03 -8.68 -5.90
C GLY I 984 -70.90 -8.84 -4.66
N THR I 985 -70.27 -8.72 -3.50
CA THR I 985 -70.95 -8.86 -2.23
C THR I 985 -70.48 -7.76 -1.31
N ARG I 986 -71.32 -7.37 -0.34
CA ARG I 986 -70.93 -6.28 0.58
C ARG I 986 -69.54 -6.54 1.14
N THR I 987 -68.77 -5.47 1.22
CA THR I 987 -67.40 -5.52 1.69
C THR I 987 -67.28 -5.46 3.21
N TRP I 988 -66.06 -5.70 3.71
CA TRP I 988 -65.70 -5.71 5.14
C TRP I 988 -66.29 -4.67 6.06
N GLY I 989 -66.01 -3.40 5.81
CA GLY I 989 -66.56 -2.34 6.61
C GLY I 989 -65.75 -1.80 7.78
N GLY I 990 -64.47 -1.50 7.56
CA GLY I 990 -63.63 -0.97 8.62
C GLY I 990 -62.77 0.17 8.10
N VAL I 991 -63.37 1.34 8.10
CA VAL I 991 -62.67 2.50 7.59
C VAL I 991 -62.14 3.48 8.63
N VAL I 992 -61.66 2.95 9.76
CA VAL I 992 -61.10 3.81 10.79
C VAL I 992 -59.62 3.48 10.83
N GLY I 993 -58.83 4.27 10.12
CA GLY I 993 -57.40 4.02 10.04
C GLY I 993 -56.56 4.13 11.31
N ILE I 994 -55.32 3.65 11.20
CA ILE I 994 -54.38 3.65 12.32
C ILE I 994 -52.97 3.99 11.92
N THR I 995 -52.21 4.46 12.91
CA THR I 995 -50.79 4.78 12.73
C THR I 995 -50.10 4.60 14.09
N PRO I 996 -49.78 3.34 14.43
CA PRO I 996 -49.13 3.08 15.72
C PRO I 996 -47.82 3.84 15.86
N LYS I 997 -47.53 4.33 17.06
CA LYS I 997 -46.30 5.08 17.25
C LYS I 997 -45.64 4.73 18.54
N ARG I 998 -46.14 3.68 19.18
CA ARG I 998 -45.57 3.24 20.44
C ARG I 998 -45.77 1.74 20.64
N ARG I 999 -44.76 1.05 21.17
CA ARG I 999 -44.91 -0.40 21.36
C ARG I 999 -44.72 -0.87 22.80
N LEU I 1000 -45.12 -2.09 23.09
CA LEU I 1000 -44.97 -2.63 24.43
C LEU I 1000 -43.52 -3.06 24.69
N ILE I 1001 -43.13 -3.13 25.96
CA ILE I 1001 -41.80 -3.51 26.35
C ILE I 1001 -41.31 -4.83 25.81
N ASP I 1002 -42.20 -5.65 25.24
CA ASP I 1002 -41.79 -6.93 24.70
C ASP I 1002 -41.76 -6.89 23.16
N GLY I 1003 -41.95 -5.69 22.64
CA GLY I 1003 -41.92 -5.44 21.22
C GLY I 1003 -43.28 -5.43 20.59
N THR I 1004 -44.25 -5.93 21.35
CA THR I 1004 -45.64 -5.95 20.87
C THR I 1004 -46.08 -4.60 20.30
N VAL I 1005 -46.70 -4.64 19.13
CA VAL I 1005 -47.18 -3.41 18.54
C VAL I 1005 -48.69 -3.49 18.46
N LEU I 1006 -49.35 -2.72 19.32
CA LEU I 1006 -50.80 -2.68 19.35
C LEU I 1006 -51.26 -1.53 18.44
N THR I 1007 -52.46 -1.63 17.87
CA THR I 1007 -52.99 -0.56 16.99
C THR I 1007 -54.34 -0.08 17.57
N GLN I 1008 -54.68 1.18 17.34
CA GLN I 1008 -55.92 1.77 17.83
C GLN I 1008 -56.60 2.61 16.76
N PRO I 1009 -57.90 2.34 16.49
CA PRO I 1009 -58.62 3.10 15.47
C PRO I 1009 -58.58 4.57 15.84
N GLU I 1010 -57.72 5.31 15.12
CA GLU I 1010 -57.49 6.71 15.37
C GLU I 1010 -57.94 7.69 14.30
N PHE I 1011 -58.20 7.18 13.11
CA PHE I 1011 -58.60 8.05 11.99
C PHE I 1011 -59.90 7.65 11.29
N ALA I 1012 -61.01 8.16 11.81
CA ALA I 1012 -62.32 7.87 11.26
C ALA I 1012 -62.55 8.54 9.92
N PHE I 1013 -62.85 7.73 8.91
CA PHE I 1013 -63.10 8.23 7.55
C PHE I 1013 -64.54 8.69 7.41
N TRP I 1014 -64.69 9.90 6.87
CA TRP I 1014 -66.00 10.50 6.70
C TRP I 1014 -66.30 10.74 5.22
N PHE I 1015 -67.18 9.93 4.66
CA PHE I 1015 -67.53 10.12 3.28
C PHE I 1015 -68.60 11.20 3.19
N ARG I 1016 -68.42 12.13 2.25
CA ARG I 1016 -69.39 13.19 2.06
C ARG I 1016 -70.72 12.54 1.65
N ASP I 1017 -71.81 13.02 2.21
CA ASP I 1017 -73.15 12.49 1.89
C ASP I 1017 -73.34 11.03 2.34
N ALA I 1018 -72.67 10.63 3.41
CA ALA I 1018 -72.79 9.27 3.90
C ALA I 1018 -72.21 9.20 5.31
N GLY I 1019 -71.38 10.17 5.66
CA GLY I 1019 -70.78 10.21 6.99
C GLY I 1019 -69.88 9.02 7.28
N PHE I 1020 -69.94 8.52 8.50
CA PHE I 1020 -69.12 7.39 8.89
C PHE I 1020 -69.83 6.10 8.60
N GLY I 1021 -70.95 6.21 7.89
CA GLY I 1021 -71.73 5.05 7.55
C GLY I 1021 -70.99 3.80 7.11
N VAL I 1022 -69.92 3.97 6.34
CA VAL I 1022 -69.18 2.81 5.89
C VAL I 1022 -68.63 1.94 7.01
N GLU I 1023 -68.18 2.55 8.10
CA GLU I 1023 -67.67 1.79 9.23
C GLU I 1023 -68.72 0.86 9.82
N ASN I 1024 -68.27 -0.35 10.10
CA ASN I 1024 -69.10 -1.39 10.64
C ASN I 1024 -70.27 -1.73 9.72
N TYR I 1025 -70.03 -1.64 8.42
CA TYR I 1025 -71.05 -2.01 7.47
C TYR I 1025 -70.46 -2.49 6.14
N GLY I 1026 -69.62 -1.67 5.54
CA GLY I 1026 -69.05 -2.03 4.27
C GLY I 1026 -69.69 -1.26 3.13
N VAL I 1027 -69.54 -1.78 1.92
CA VAL I 1027 -70.10 -1.15 0.72
C VAL I 1027 -71.03 -2.13 -0.05
N ASP I 1028 -72.17 -1.63 -0.48
CA ASP I 1028 -73.12 -2.42 -1.23
C ASP I 1028 -72.88 -2.31 -2.73
N PRO I 1029 -72.70 -3.46 -3.42
CA PRO I 1029 -72.47 -3.45 -4.87
C PRO I 1029 -73.80 -3.21 -5.57
N ASP I 1030 -73.74 -2.55 -6.71
CA ASP I 1030 -74.96 -2.26 -7.47
C ASP I 1030 -75.73 -3.56 -7.77
N VAL I 1031 -74.99 -4.62 -8.05
CA VAL I 1031 -75.57 -5.91 -8.33
C VAL I 1031 -74.89 -6.89 -7.40
N GLU I 1032 -75.68 -7.65 -6.66
CA GLU I 1032 -75.13 -8.63 -5.73
C GLU I 1032 -75.00 -10.01 -6.40
N ILE I 1033 -73.78 -10.52 -6.49
CA ILE I 1033 -73.57 -11.83 -7.07
C ILE I 1033 -72.89 -12.72 -6.05
N GLU I 1034 -73.67 -13.56 -5.39
CA GLU I 1034 -73.11 -14.43 -4.39
C GLU I 1034 -72.21 -15.47 -5.05
N TYR I 1035 -71.38 -16.12 -4.25
CA TYR I 1035 -70.46 -17.16 -4.72
C TYR I 1035 -70.74 -18.36 -3.84
N ALA I 1036 -71.88 -19.00 -4.03
CA ALA I 1036 -72.27 -20.15 -3.21
C ALA I 1036 -71.32 -21.36 -3.28
N PRO I 1037 -71.40 -22.26 -2.30
CA PRO I 1037 -70.56 -23.46 -2.27
C PRO I 1037 -70.77 -24.32 -3.52
N HIS I 1038 -71.99 -24.30 -4.05
CA HIS I 1038 -72.26 -25.10 -5.24
C HIS I 1038 -71.57 -24.51 -6.47
N ASP I 1039 -71.35 -23.20 -6.45
CA ASP I 1039 -70.63 -22.52 -7.55
C ASP I 1039 -69.16 -23.00 -7.53
N TYR I 1040 -68.61 -23.24 -6.35
CA TYR I 1040 -67.26 -23.73 -6.29
C TYR I 1040 -67.21 -25.17 -6.77
N LEU I 1041 -68.26 -25.94 -6.44
CA LEU I 1041 -68.31 -27.36 -6.83
C LEU I 1041 -68.44 -27.53 -8.34
N SER I 1042 -69.02 -26.53 -9.01
CA SER I 1042 -69.17 -26.57 -10.46
C SER I 1042 -67.96 -25.94 -11.14
N GLY I 1043 -67.07 -25.39 -10.32
CA GLY I 1043 -65.87 -24.78 -10.85
C GLY I 1043 -66.15 -23.55 -11.69
N LYS I 1044 -67.11 -22.76 -11.26
CA LYS I 1044 -67.47 -21.55 -11.98
C LYS I 1044 -67.37 -20.34 -11.06
N ASP I 1045 -66.93 -19.22 -11.62
CA ASP I 1045 -66.83 -17.98 -10.85
C ASP I 1045 -67.99 -17.10 -11.33
N PRO I 1046 -69.09 -17.11 -10.60
CA PRO I 1046 -70.28 -16.33 -10.94
C PRO I 1046 -70.05 -14.84 -10.88
N GLN I 1047 -69.03 -14.44 -10.13
CA GLN I 1047 -68.73 -13.02 -10.02
C GLN I 1047 -67.99 -12.50 -11.24
N ILE I 1048 -66.94 -13.18 -11.67
CA ILE I 1048 -66.19 -12.71 -12.84
C ILE I 1048 -66.98 -12.94 -14.11
N ASP I 1049 -67.83 -13.98 -14.13
CA ASP I 1049 -68.65 -14.25 -15.31
C ASP I 1049 -69.63 -13.12 -15.53
N TYR I 1050 -70.37 -12.79 -14.48
CA TYR I 1050 -71.36 -11.73 -14.55
C TYR I 1050 -70.70 -10.47 -15.04
N ALA I 1051 -69.57 -10.13 -14.44
CA ALA I 1051 -68.84 -8.91 -14.81
C ALA I 1051 -68.55 -8.85 -16.32
N ILE I 1052 -68.02 -9.96 -16.85
CA ILE I 1052 -67.69 -10.06 -18.27
C ILE I 1052 -68.94 -9.96 -19.14
N ASP I 1053 -69.91 -10.78 -18.82
CA ASP I 1053 -71.14 -10.78 -19.57
C ASP I 1053 -71.84 -9.43 -19.50
N ALA I 1054 -71.76 -8.77 -18.36
CA ALA I 1054 -72.39 -7.46 -18.20
C ALA I 1054 -71.73 -6.38 -19.08
N LEU I 1055 -70.40 -6.42 -19.16
CA LEU I 1055 -69.66 -5.45 -19.97
C LEU I 1055 -69.96 -5.65 -21.47
N ILE I 1056 -70.04 -6.90 -21.89
CA ILE I 1056 -70.32 -7.20 -23.28
C ILE I 1056 -71.64 -6.53 -23.62
N GLU I 1057 -72.57 -6.56 -22.67
CA GLU I 1057 -73.86 -5.93 -22.89
C GLU I 1057 -73.70 -4.42 -23.08
N GLU I 1058 -72.93 -3.76 -22.22
CA GLU I 1058 -72.72 -2.33 -22.34
C GLU I 1058 -71.90 -1.97 -23.57
N LEU I 1059 -71.09 -2.93 -24.01
CA LEU I 1059 -70.24 -2.73 -25.18
C LEU I 1059 -70.93 -3.03 -26.50
N ARG I 1060 -72.25 -2.99 -26.50
CA ARG I 1060 -73.01 -3.23 -27.72
C ARG I 1060 -73.26 -1.89 -28.43
N ASN I 1061 -73.16 -0.80 -27.68
CA ASN I 1061 -73.38 0.51 -28.27
C ASN I 1061 -72.34 0.82 -29.34
N ARG J 1 -48.61 7.48 8.27
CA ARG J 1 -49.35 6.79 7.21
C ARG J 1 -50.60 6.06 7.73
N VAL J 2 -51.81 6.42 7.40
CA VAL J 2 -53.20 6.05 7.68
C VAL J 2 -53.77 4.94 6.77
N ARG J 3 -53.28 3.74 7.17
CA ARG J 3 -53.52 2.53 6.75
C ARG J 3 -55.00 2.17 7.17
N LYS J 4 -55.84 1.37 6.65
CA LYS J 4 -57.25 1.10 6.55
C LYS J 4 -57.49 -0.27 5.93
N MET K 39 -21.52 35.14 -59.16
CA MET K 39 -21.96 34.69 -57.82
C MET K 39 -22.41 35.83 -56.90
N PRO K 40 -23.70 36.20 -56.95
CA PRO K 40 -24.22 37.28 -56.10
C PRO K 40 -24.46 36.79 -54.66
N ASN K 41 -24.65 37.75 -53.76
CA ASN K 41 -24.88 37.47 -52.36
C ASN K 41 -26.38 37.37 -52.05
N LEU K 42 -26.70 37.28 -50.77
CA LEU K 42 -28.08 37.21 -50.29
C LEU K 42 -28.26 38.49 -49.50
N LEU K 43 -28.95 39.46 -50.10
CA LEU K 43 -29.15 40.72 -49.41
C LEU K 43 -30.42 40.63 -48.61
N LEU K 44 -30.49 41.41 -47.53
CA LEU K 44 -31.70 41.37 -46.72
C LEU K 44 -31.75 42.39 -45.60
N ASN K 45 -32.96 42.54 -45.06
CA ASN K 45 -33.27 43.47 -43.95
C ASN K 45 -32.71 44.87 -44.14
N PRO K 46 -33.17 45.58 -45.17
CA PRO K 46 -32.67 46.93 -45.42
C PRO K 46 -33.42 48.00 -44.66
N ASP K 47 -32.85 49.20 -44.71
CA ASP K 47 -33.44 50.39 -44.12
C ASP K 47 -33.05 51.49 -45.10
N ILE K 48 -33.93 52.48 -45.25
CA ILE K 48 -33.66 53.57 -46.17
C ILE K 48 -33.62 54.95 -45.50
N HIS K 49 -32.92 55.87 -46.16
CA HIS K 49 -32.82 57.24 -45.69
C HIS K 49 -32.26 58.07 -46.81
N GLY K 50 -33.15 58.77 -47.49
CA GLY K 50 -32.75 59.62 -48.60
C GLY K 50 -32.29 58.77 -49.75
N ASP K 51 -31.05 58.97 -50.17
CA ASP K 51 -30.49 58.20 -51.27
C ASP K 51 -29.74 57.01 -50.73
N ARG K 52 -29.33 57.12 -49.47
CA ARG K 52 -28.57 56.04 -48.80
C ARG K 52 -29.48 54.90 -48.37
N ILE K 53 -28.96 53.69 -48.45
CA ILE K 53 -29.70 52.50 -48.10
C ILE K 53 -28.81 51.45 -47.43
N ILE K 54 -29.02 51.21 -46.14
CA ILE K 54 -28.22 50.21 -45.43
C ILE K 54 -28.93 48.86 -45.47
N PHE K 55 -28.16 47.79 -45.49
CA PHE K 55 -28.74 46.45 -45.53
C PHE K 55 -27.70 45.42 -45.04
N VAL K 56 -28.14 44.18 -44.81
CA VAL K 56 -27.23 43.15 -44.34
C VAL K 56 -26.83 42.16 -45.44
N CYS K 57 -25.52 41.89 -45.48
CA CYS K 57 -24.91 40.93 -46.42
C CYS K 57 -23.76 40.26 -45.69
N CYS K 58 -23.75 38.93 -45.70
CA CYS K 58 -22.70 38.16 -45.04
C CYS K 58 -22.58 38.58 -43.56
N ASP K 59 -23.69 38.63 -42.85
CA ASP K 59 -23.67 38.98 -41.45
C ASP K 59 -23.20 40.39 -41.15
N ASP K 60 -22.58 41.04 -42.13
CA ASP K 60 -22.06 42.40 -41.95
C ASP K 60 -23.04 43.44 -42.50
N LEU K 61 -22.85 44.68 -42.07
CA LEU K 61 -23.70 45.79 -42.49
C LEU K 61 -23.13 46.57 -43.67
N TRP K 62 -23.96 46.84 -44.67
CA TRP K 62 -23.50 47.56 -45.84
C TRP K 62 -24.34 48.78 -46.10
N GLU K 63 -23.78 49.71 -46.86
CA GLU K 63 -24.47 50.94 -47.22
C GLU K 63 -24.43 51.13 -48.72
N HIS K 64 -25.56 51.50 -49.29
CA HIS K 64 -25.64 51.71 -50.72
C HIS K 64 -26.22 53.08 -51.09
N ASP K 65 -25.58 53.73 -52.05
CA ASP K 65 -26.01 55.05 -52.51
C ASP K 65 -26.60 55.02 -53.91
N LEU K 66 -27.94 55.02 -53.97
CA LEU K 66 -28.68 55.00 -55.22
C LEU K 66 -28.11 55.99 -56.22
N LYS K 67 -27.74 57.16 -55.73
CA LYS K 67 -27.19 58.20 -56.55
C LYS K 67 -25.98 57.64 -57.33
N SER K 68 -24.85 57.47 -56.66
CA SER K 68 -23.64 56.96 -57.29
C SER K 68 -23.73 55.50 -57.71
N GLY K 69 -24.57 54.73 -57.03
CA GLY K 69 -24.70 53.33 -57.37
C GLY K 69 -23.59 52.48 -56.75
N SER K 70 -22.84 53.05 -55.83
CA SER K 70 -21.76 52.31 -55.17
C SER K 70 -22.22 51.68 -53.85
N THR K 71 -21.46 50.72 -53.36
CA THR K 71 -21.77 50.04 -52.12
C THR K 71 -20.49 49.87 -51.28
N ARG K 72 -20.64 49.79 -49.97
CA ARG K 72 -19.49 49.61 -49.09
C ARG K 72 -19.89 49.01 -47.74
N LYS K 73 -18.98 48.25 -47.15
CA LYS K 73 -19.25 47.67 -45.85
C LYS K 73 -18.87 48.70 -44.79
N ILE K 74 -19.88 49.18 -44.06
CA ILE K 74 -19.65 50.17 -43.01
C ILE K 74 -19.32 49.61 -41.62
N VAL K 75 -19.56 48.33 -41.40
CA VAL K 75 -19.27 47.74 -40.11
C VAL K 75 -19.15 46.23 -40.25
N SER K 76 -18.21 45.62 -39.53
CA SER K 76 -18.03 44.17 -39.61
C SER K 76 -17.28 43.63 -38.41
N ASN K 77 -17.15 42.31 -38.37
CA ASN K 77 -16.44 41.58 -37.31
C ASN K 77 -17.03 41.78 -35.92
N LEU K 78 -18.34 42.02 -35.87
CA LEU K 78 -19.04 42.22 -34.59
C LEU K 78 -19.84 40.97 -34.28
N GLY K 79 -19.96 40.12 -35.29
CA GLY K 79 -20.70 38.88 -35.16
C GLY K 79 -21.82 38.93 -36.19
N VAL K 80 -22.93 38.24 -35.92
CA VAL K 80 -24.04 38.22 -36.86
C VAL K 80 -25.05 39.34 -36.64
N ILE K 81 -25.21 40.17 -37.66
CA ILE K 81 -26.14 41.31 -37.64
C ILE K 81 -27.32 40.99 -38.51
N ASN K 82 -28.52 41.28 -38.00
CA ASN K 82 -29.77 41.02 -38.74
C ASN K 82 -30.68 42.25 -38.85
N ASN K 83 -30.40 43.31 -38.09
CA ASN K 83 -31.22 44.51 -38.14
C ASN K 83 -30.37 45.77 -37.96
N ALA K 84 -30.59 46.76 -38.80
CA ALA K 84 -29.86 48.01 -38.71
C ALA K 84 -30.90 49.10 -38.92
N ARG K 85 -30.93 50.07 -38.02
CA ARG K 85 -31.88 51.15 -38.13
C ARG K 85 -31.27 52.54 -38.14
N PHE K 86 -31.71 53.36 -39.09
CA PHE K 86 -31.26 54.74 -39.24
C PHE K 86 -31.88 55.60 -38.16
N PHE K 87 -31.06 56.46 -37.56
CA PHE K 87 -31.54 57.38 -36.55
C PHE K 87 -32.33 58.45 -37.33
N PRO K 88 -32.99 59.37 -36.62
CA PRO K 88 -33.75 60.42 -37.31
C PRO K 88 -32.82 61.25 -38.25
N ASP K 89 -31.78 61.86 -37.67
CA ASP K 89 -30.87 62.65 -38.46
C ASP K 89 -30.22 61.86 -39.61
N GLY K 90 -30.40 60.54 -39.62
CA GLY K 90 -29.79 59.74 -40.68
C GLY K 90 -28.26 59.61 -40.52
N ARG K 91 -27.71 60.20 -39.45
CA ARG K 91 -26.28 60.16 -39.20
C ARG K 91 -25.84 58.87 -38.52
N LYS K 92 -26.39 58.59 -37.34
CA LYS K 92 -26.05 57.37 -36.58
C LYS K 92 -26.97 56.22 -36.96
N ILE K 93 -26.56 55.02 -36.59
CA ILE K 93 -27.34 53.81 -36.88
C ILE K 93 -27.35 52.85 -35.69
N ALA K 94 -28.53 52.36 -35.33
CA ALA K 94 -28.65 51.41 -34.25
C ALA K 94 -28.59 50.02 -34.90
N ILE K 95 -27.70 49.18 -34.37
CA ILE K 95 -27.48 47.83 -34.89
C ILE K 95 -27.71 46.74 -33.83
N ARG K 96 -28.39 45.67 -34.22
CA ARG K 96 -28.62 44.52 -33.34
C ARG K 96 -27.69 43.42 -33.83
N VAL K 97 -26.79 42.96 -32.96
CA VAL K 97 -25.87 41.91 -33.35
C VAL K 97 -25.99 40.71 -32.42
N MET K 98 -25.86 39.51 -32.99
CA MET K 98 -25.95 38.27 -32.20
C MET K 98 -24.57 37.59 -32.08
N ARG K 99 -24.36 36.92 -30.95
CA ARG K 99 -23.13 36.18 -30.66
C ARG K 99 -23.45 34.83 -29.99
N GLY K 100 -22.45 33.96 -29.89
CA GLY K 100 -22.66 32.64 -29.32
C GLY K 100 -22.68 31.65 -30.47
N SER K 101 -22.20 30.44 -30.26
CA SER K 101 -22.19 29.48 -31.34
C SER K 101 -23.50 29.37 -32.13
N SER K 102 -24.62 29.44 -31.41
CA SER K 102 -25.94 29.33 -32.04
C SER K 102 -26.71 30.63 -32.00
N LEU K 103 -26.00 31.73 -31.89
CA LEU K 103 -26.63 33.04 -31.86
C LEU K 103 -27.67 33.07 -30.77
N ASN K 104 -27.36 32.45 -29.64
CA ASN K 104 -28.25 32.38 -28.49
C ASN K 104 -28.26 33.66 -27.64
N THR K 105 -27.36 34.59 -27.97
CA THR K 105 -27.28 35.86 -27.25
C THR K 105 -27.22 37.05 -28.20
N ALA K 106 -27.68 38.21 -27.72
CA ALA K 106 -27.67 39.41 -28.55
C ALA K 106 -27.65 40.71 -27.74
N ASP K 107 -27.13 41.76 -28.36
CA ASP K 107 -27.05 43.09 -27.77
C ASP K 107 -26.98 44.18 -28.85
N LEU K 108 -27.24 45.42 -28.45
CA LEU K 108 -27.27 46.54 -29.38
C LEU K 108 -26.02 47.43 -29.43
N TYR K 109 -25.69 47.90 -30.64
CA TYR K 109 -24.54 48.75 -30.90
C TYR K 109 -24.93 50.01 -31.67
N PHE K 110 -24.13 51.08 -31.50
CA PHE K 110 -24.31 52.37 -32.19
C PHE K 110 -23.23 52.51 -33.23
N TYR K 111 -23.55 53.21 -34.30
CA TYR K 111 -22.60 53.46 -35.37
C TYR K 111 -22.69 54.91 -35.79
N ASN K 112 -21.59 55.64 -35.66
CA ASN K 112 -21.55 57.04 -36.04
C ASN K 112 -20.88 57.16 -37.40
N GLY K 113 -21.67 57.36 -38.45
CA GLY K 113 -21.10 57.46 -39.79
C GLY K 113 -20.28 58.72 -39.97
N GLU K 114 -20.22 59.57 -38.94
CA GLU K 114 -19.43 60.79 -39.05
C GLU K 114 -17.96 60.50 -38.81
N ASN K 115 -17.67 59.85 -37.69
CA ASN K 115 -16.29 59.52 -37.34
C ASN K 115 -15.98 58.03 -37.46
N GLY K 116 -17.00 57.24 -37.76
CA GLY K 116 -16.79 55.81 -37.89
C GLY K 116 -16.60 55.15 -36.54
N GLU K 117 -17.21 55.74 -35.52
CA GLU K 117 -17.15 55.21 -34.18
C GLU K 117 -18.15 54.06 -34.03
N ILE K 118 -17.78 53.07 -33.22
CA ILE K 118 -18.64 51.92 -32.97
C ILE K 118 -18.69 51.81 -31.44
N LYS K 119 -19.86 51.51 -30.91
CA LYS K 119 -20.04 51.43 -29.46
C LYS K 119 -21.19 50.54 -29.01
N ARG K 120 -20.90 49.61 -28.11
CA ARG K 120 -21.93 48.70 -27.58
C ARG K 120 -22.81 49.51 -26.64
N ILE K 121 -24.11 49.46 -26.88
CA ILE K 121 -25.10 50.20 -26.11
C ILE K 121 -25.74 49.45 -24.93
N THR K 122 -26.06 48.18 -25.15
CA THR K 122 -26.70 47.38 -24.12
C THR K 122 -25.88 46.16 -23.69
N TYR K 123 -25.89 45.86 -22.40
CA TYR K 123 -25.18 44.72 -21.86
C TYR K 123 -26.19 43.84 -21.16
N PHE K 124 -27.28 43.55 -21.86
CA PHE K 124 -28.38 42.73 -21.32
C PHE K 124 -28.20 41.27 -21.63
N SER K 125 -27.49 41.00 -22.72
CA SER K 125 -27.26 39.63 -23.20
C SER K 125 -28.63 38.97 -23.36
N GLY K 126 -29.52 39.67 -24.06
CA GLY K 126 -30.87 39.17 -24.31
C GLY K 126 -30.89 37.78 -24.94
N LYS K 127 -31.80 36.94 -24.48
CA LYS K 127 -31.89 35.60 -25.01
C LYS K 127 -32.69 35.62 -26.31
N SER K 128 -32.21 34.94 -27.34
CA SER K 128 -32.94 34.91 -28.59
C SER K 128 -32.83 33.56 -29.30
N THR K 129 -33.79 33.28 -30.18
CA THR K 129 -33.80 32.04 -30.94
C THR K 129 -34.18 32.45 -32.35
N GLY K 130 -34.10 31.54 -33.30
CA GLY K 130 -34.45 31.92 -34.66
C GLY K 130 -35.84 32.51 -34.77
N ARG K 131 -36.81 31.87 -34.12
CA ARG K 131 -38.22 32.33 -34.16
C ARG K 131 -38.53 33.58 -33.34
N ARG K 132 -37.79 33.81 -32.26
CA ARG K 132 -38.00 34.99 -31.44
C ARG K 132 -36.70 35.71 -31.16
N MET K 133 -36.28 36.54 -32.12
CA MET K 133 -35.04 37.29 -31.99
C MET K 133 -35.28 38.61 -31.25
N PHE K 134 -35.56 38.48 -29.97
CA PHE K 134 -35.83 39.60 -29.10
C PHE K 134 -34.64 40.55 -28.82
N THR K 135 -34.95 41.69 -28.20
CA THR K 135 -33.96 42.72 -27.87
C THR K 135 -33.49 43.37 -29.17
N ASP K 136 -34.32 44.28 -29.69
CA ASP K 136 -34.08 44.98 -30.94
C ASP K 136 -34.48 46.45 -30.85
N VAL K 137 -34.44 47.15 -31.97
CA VAL K 137 -34.83 48.55 -32.02
C VAL K 137 -36.34 48.63 -32.26
N ALA K 138 -37.05 49.30 -31.36
CA ALA K 138 -38.52 49.40 -31.45
C ALA K 138 -38.93 50.57 -32.35
N GLY K 139 -38.11 51.61 -32.36
CA GLY K 139 -38.39 52.78 -33.17
C GLY K 139 -37.73 54.00 -32.57
N PHE K 140 -38.19 55.19 -32.97
CA PHE K 140 -37.63 56.44 -32.45
C PHE K 140 -38.73 57.42 -32.06
N ASP K 141 -38.59 58.01 -30.87
CA ASP K 141 -39.59 58.96 -30.37
C ASP K 141 -39.44 60.28 -31.10
N PRO K 142 -40.44 61.17 -30.99
CA PRO K 142 -40.40 62.47 -31.65
C PRO K 142 -39.10 63.25 -31.43
N ASP K 143 -38.56 63.20 -30.22
CA ASP K 143 -37.31 63.91 -29.91
C ASP K 143 -36.11 63.33 -30.64
N GLY K 144 -36.30 62.21 -31.32
CA GLY K 144 -35.22 61.56 -32.04
C GLY K 144 -34.45 60.56 -31.20
N ASN K 145 -35.07 60.07 -30.12
CA ASN K 145 -34.42 59.08 -29.27
C ASN K 145 -34.82 57.66 -29.65
N LEU K 146 -33.87 56.75 -29.45
CA LEU K 146 -34.07 55.34 -29.75
C LEU K 146 -34.90 54.65 -28.70
N ILE K 147 -35.87 53.87 -29.16
CA ILE K 147 -36.74 53.10 -28.28
C ILE K 147 -36.47 51.64 -28.60
N ILE K 148 -36.07 50.90 -27.58
CA ILE K 148 -35.76 49.50 -27.76
C ILE K 148 -36.80 48.58 -27.12
N SER K 149 -36.85 47.37 -27.63
CA SER K 149 -37.75 46.35 -27.12
C SER K 149 -36.92 45.20 -26.55
N THR K 150 -37.03 44.97 -25.25
CA THR K 150 -36.28 43.86 -24.65
C THR K 150 -36.96 43.21 -23.46
N ASP K 151 -36.58 41.97 -23.19
CA ASP K 151 -37.13 41.20 -22.06
C ASP K 151 -36.01 40.94 -21.04
N ALA K 152 -34.85 41.54 -21.25
CA ALA K 152 -33.72 41.37 -20.36
C ALA K 152 -34.05 41.46 -18.87
N MET K 153 -34.94 42.37 -18.51
CA MET K 153 -35.32 42.53 -17.11
C MET K 153 -36.70 42.01 -16.77
N GLN K 154 -37.25 41.21 -17.69
CA GLN K 154 -38.56 40.63 -17.49
C GLN K 154 -38.47 39.14 -17.19
N PRO K 155 -39.50 38.60 -16.51
CA PRO K 155 -39.57 37.19 -16.14
C PRO K 155 -39.90 36.27 -17.32
N PHE K 156 -40.67 36.78 -18.27
CA PHE K 156 -40.99 35.98 -19.42
C PHE K 156 -40.36 36.58 -20.68
N SER K 157 -39.82 35.73 -21.53
CA SER K 157 -39.19 36.20 -22.74
C SER K 157 -40.15 37.03 -23.57
N SER K 158 -41.40 36.60 -23.68
CA SER K 158 -42.38 37.35 -24.46
C SER K 158 -42.66 38.76 -23.92
N MET K 159 -42.26 39.06 -22.68
CA MET K 159 -42.47 40.42 -22.17
C MET K 159 -41.39 41.33 -22.75
N THR K 160 -41.40 41.50 -24.07
CA THR K 160 -40.41 42.36 -24.71
C THR K 160 -40.91 43.80 -24.58
N CYS K 161 -40.95 44.27 -23.34
CA CYS K 161 -41.38 45.62 -23.02
C CYS K 161 -40.54 46.75 -23.69
N LEU K 162 -41.15 47.91 -23.84
CA LEU K 162 -40.46 49.04 -24.47
C LEU K 162 -39.64 49.93 -23.53
N TYR K 163 -38.45 50.32 -23.97
CA TYR K 163 -37.54 51.14 -23.17
C TYR K 163 -36.86 52.26 -23.99
N ARG K 164 -36.73 53.44 -23.40
CA ARG K 164 -36.08 54.55 -24.08
C ARG K 164 -34.62 54.62 -23.69
N VAL K 165 -33.75 54.61 -24.68
CA VAL K 165 -32.31 54.65 -24.44
C VAL K 165 -31.79 56.03 -24.10
N GLU K 166 -31.04 56.13 -22.99
CA GLU K 166 -30.48 57.40 -22.59
C GLU K 166 -28.97 57.34 -22.33
N ASN K 167 -28.29 58.44 -22.63
CA ASN K 167 -26.86 58.54 -22.42
C ASN K 167 -26.10 57.38 -23.06
N ASP K 168 -26.57 56.95 -24.24
CA ASP K 168 -25.91 55.88 -24.95
C ASP K 168 -25.82 54.56 -24.15
N GLY K 169 -26.90 54.18 -23.48
CA GLY K 169 -26.90 52.93 -22.72
C GLY K 169 -26.65 53.07 -21.23
N ILE K 170 -26.48 54.32 -20.78
CA ILE K 170 -26.25 54.57 -19.36
C ILE K 170 -27.51 54.26 -18.56
N ASN K 171 -28.61 54.93 -18.91
CA ASN K 171 -29.89 54.76 -18.25
C ASN K 171 -30.96 54.26 -19.21
N PHE K 172 -32.00 53.61 -18.66
CA PHE K 172 -33.11 53.08 -19.45
C PHE K 172 -34.43 53.47 -18.82
N VAL K 173 -35.24 54.26 -19.53
CA VAL K 173 -36.55 54.67 -19.00
C VAL K 173 -37.68 53.89 -19.66
N PRO K 174 -38.43 53.09 -18.86
CA PRO K 174 -39.55 52.29 -19.36
C PRO K 174 -40.74 53.12 -19.84
N LEU K 175 -41.38 52.68 -20.92
CA LEU K 175 -42.55 53.39 -21.45
C LEU K 175 -43.85 52.80 -20.91
N ASN K 176 -43.72 51.71 -20.15
CA ASN K 176 -44.87 51.02 -19.54
C ASN K 176 -46.05 50.90 -20.47
N LEU K 177 -45.78 50.48 -21.70
CA LEU K 177 -46.84 50.31 -22.68
C LEU K 177 -47.09 48.81 -22.90
N GLY K 178 -46.43 47.96 -22.13
CA GLY K 178 -46.58 46.52 -22.28
C GLY K 178 -45.66 46.01 -23.35
N PRO K 179 -45.72 44.69 -23.67
CA PRO K 179 -44.87 44.09 -24.69
C PRO K 179 -45.13 44.63 -26.10
N ALA K 180 -44.05 44.97 -26.82
CA ALA K 180 -44.18 45.51 -28.16
C ALA K 180 -42.98 45.20 -29.03
N THR K 181 -43.23 45.12 -30.32
CA THR K 181 -42.16 44.83 -31.27
C THR K 181 -41.83 46.10 -32.08
N HIS K 182 -42.82 46.99 -32.26
CA HIS K 182 -42.63 48.24 -32.99
C HIS K 182 -43.37 49.36 -32.28
N ILE K 183 -42.82 50.56 -32.34
CA ILE K 183 -43.45 51.73 -31.74
C ILE K 183 -43.23 52.90 -32.72
N LEU K 184 -44.30 53.33 -33.38
CA LEU K 184 -44.21 54.42 -34.36
C LEU K 184 -44.93 55.64 -33.76
N PHE K 185 -44.79 56.79 -34.40
CA PHE K 185 -45.45 57.99 -33.92
C PHE K 185 -46.09 58.70 -35.08
N ALA K 186 -47.30 59.22 -34.87
CA ALA K 186 -47.98 59.95 -35.92
C ALA K 186 -48.92 60.96 -35.30
N ASP K 187 -48.67 62.23 -35.60
CA ASP K 187 -49.52 63.30 -35.09
C ASP K 187 -49.62 63.29 -33.56
N GLY K 188 -48.50 63.00 -32.91
CA GLY K 188 -48.46 62.96 -31.46
C GLY K 188 -49.20 61.76 -30.92
N ARG K 189 -49.33 60.73 -31.75
CA ARG K 189 -50.04 59.53 -31.32
C ARG K 189 -49.13 58.30 -31.38
N ARG K 190 -49.06 57.59 -30.27
CA ARG K 190 -48.24 56.40 -30.20
C ARG K 190 -48.93 55.28 -30.98
N VAL K 191 -48.17 54.57 -31.81
CA VAL K 191 -48.70 53.46 -32.60
C VAL K 191 -47.90 52.26 -32.14
N ILE K 192 -48.58 51.26 -31.56
CA ILE K 192 -47.89 50.07 -31.06
C ILE K 192 -48.16 48.82 -31.88
N GLY K 193 -47.07 48.15 -32.26
CA GLY K 193 -47.15 46.91 -33.04
C GLY K 193 -46.77 45.74 -32.15
N ARG K 194 -47.74 44.88 -31.87
CA ARG K 194 -47.57 43.71 -31.00
C ARG K 194 -47.27 42.43 -31.77
N ASN K 195 -46.15 41.78 -31.45
CA ASN K 195 -45.78 40.52 -32.11
C ASN K 195 -45.75 40.73 -33.61
N THR K 196 -45.29 41.91 -34.02
CA THR K 196 -45.23 42.25 -35.42
C THR K 196 -43.92 41.90 -36.16
N PHE K 197 -43.14 40.97 -35.62
CA PHE K 197 -41.89 40.57 -36.29
C PHE K 197 -42.29 39.57 -37.38
N GLU K 198 -41.38 39.23 -38.27
CA GLU K 198 -41.72 38.31 -39.34
C GLU K 198 -41.82 36.87 -38.85
N LEU K 199 -42.63 36.04 -39.50
CA LEU K 199 -42.75 34.65 -39.11
C LEU K 199 -42.56 33.77 -40.35
N PRO K 200 -41.35 33.75 -40.91
CA PRO K 200 -41.09 32.93 -42.07
C PRO K 200 -41.32 31.45 -41.86
N HIS K 201 -41.16 30.99 -40.63
CA HIS K 201 -41.31 29.56 -40.32
C HIS K 201 -42.74 29.08 -40.31
N TRP K 202 -43.69 30.03 -40.32
CA TRP K 202 -45.09 29.67 -40.28
C TRP K 202 -45.90 30.57 -41.16
N LYS K 203 -45.99 30.22 -42.43
CA LYS K 203 -46.78 31.03 -43.34
C LYS K 203 -48.28 30.75 -43.13
N GLY K 204 -49.09 31.78 -43.28
CA GLY K 204 -50.52 31.64 -43.09
C GLY K 204 -50.95 31.45 -41.64
N TYR K 205 -50.06 31.82 -40.72
CA TYR K 205 -50.36 31.71 -39.30
C TYR K 205 -51.55 32.60 -38.94
N ARG K 206 -52.54 32.02 -38.25
CA ARG K 206 -53.75 32.74 -37.85
C ARG K 206 -54.09 32.55 -36.37
N GLY K 207 -53.06 32.25 -35.57
CA GLY K 207 -53.25 32.03 -34.14
C GLY K 207 -53.35 33.30 -33.33
N GLY K 208 -53.58 33.15 -32.04
CA GLY K 208 -53.72 34.30 -31.16
C GLY K 208 -52.52 35.20 -30.99
N THR K 209 -51.33 34.72 -31.34
CA THR K 209 -50.11 35.52 -31.21
C THR K 209 -49.80 36.26 -32.48
N ARG K 210 -50.80 36.34 -33.37
CA ARG K 210 -50.62 37.02 -34.66
C ARG K 210 -50.42 38.49 -34.40
N GLY K 211 -49.54 39.08 -35.21
CA GLY K 211 -49.23 40.49 -35.10
C GLY K 211 -50.45 41.38 -35.22
N LYS K 212 -50.55 42.35 -34.31
CA LYS K 212 -51.65 43.28 -34.29
C LYS K 212 -51.16 44.72 -34.08
N ILE K 213 -51.99 45.71 -34.42
CA ILE K 213 -51.59 47.11 -34.24
C ILE K 213 -52.62 47.90 -33.44
N TRP K 214 -52.13 48.64 -32.45
CA TRP K 214 -52.97 49.47 -31.60
C TRP K 214 -52.63 50.92 -31.87
N ILE K 215 -53.42 51.83 -31.30
CA ILE K 215 -53.17 53.27 -31.49
C ILE K 215 -53.75 54.13 -30.35
N GLU K 216 -53.02 55.20 -30.02
CA GLU K 216 -53.46 56.10 -28.97
C GLU K 216 -54.57 56.99 -29.53
N VAL K 217 -55.50 57.40 -28.67
CA VAL K 217 -56.63 58.23 -29.07
C VAL K 217 -56.93 59.33 -28.07
N ASN K 218 -56.52 59.11 -26.83
CA ASN K 218 -56.77 60.08 -25.77
C ASN K 218 -55.58 60.16 -24.81
N SER K 219 -54.48 60.74 -25.31
CA SER K 219 -53.23 60.91 -24.56
C SER K 219 -53.08 59.96 -23.36
N GLY K 220 -53.35 58.68 -23.61
CA GLY K 220 -53.28 57.67 -22.58
C GLY K 220 -54.22 56.53 -22.91
N ALA K 221 -55.23 56.79 -23.75
CA ALA K 221 -56.17 55.74 -24.11
C ALA K 221 -55.77 55.10 -25.45
N PHE K 222 -55.79 53.77 -25.49
CA PHE K 222 -55.42 53.05 -26.70
C PHE K 222 -56.51 52.19 -27.31
N LYS K 223 -56.46 52.05 -28.62
CA LYS K 223 -57.46 51.29 -29.34
C LYS K 223 -56.83 50.41 -30.41
N LYS K 224 -57.22 49.15 -30.41
CA LYS K 224 -56.71 48.21 -31.39
C LYS K 224 -57.29 48.54 -32.75
N ILE K 225 -56.42 48.79 -33.73
CA ILE K 225 -56.90 49.14 -35.07
C ILE K 225 -56.63 48.15 -36.18
N VAL K 226 -55.57 47.35 -36.10
CA VAL K 226 -55.36 46.39 -37.15
C VAL K 226 -55.29 45.05 -36.48
N ASP K 227 -56.30 44.23 -36.73
CA ASP K 227 -56.42 42.89 -36.16
C ASP K 227 -57.05 42.00 -37.23
N MET K 228 -56.29 41.68 -38.28
CA MET K 228 -56.80 40.83 -39.34
C MET K 228 -56.80 39.36 -38.89
N SER K 229 -57.25 38.45 -39.75
CA SER K 229 -57.29 37.06 -39.36
C SER K 229 -55.86 36.47 -39.37
N THR K 230 -55.01 37.02 -40.24
CA THR K 230 -53.65 36.54 -40.33
C THR K 230 -52.66 37.47 -39.62
N HIS K 231 -51.40 37.10 -39.73
CA HIS K 231 -50.28 37.80 -39.10
C HIS K 231 -49.88 39.06 -39.82
N VAL K 232 -49.65 40.12 -39.05
CA VAL K 232 -49.23 41.40 -39.61
C VAL K 232 -47.82 41.72 -39.12
N SER K 233 -46.89 41.90 -40.06
CA SER K 233 -45.49 42.21 -39.73
C SER K 233 -44.90 43.49 -40.35
N SER K 234 -43.81 43.94 -39.74
CA SER K 234 -43.06 45.11 -40.19
C SER K 234 -43.87 46.34 -40.61
N PRO K 235 -44.52 46.99 -39.64
CA PRO K 235 -45.31 48.19 -39.92
C PRO K 235 -44.51 49.49 -40.09
N VAL K 236 -44.96 50.32 -41.01
CA VAL K 236 -44.36 51.62 -41.30
C VAL K 236 -45.47 52.63 -41.58
N ILE K 237 -45.14 53.91 -41.42
CA ILE K 237 -46.10 54.97 -41.63
C ILE K 237 -45.60 56.02 -42.63
N VAL K 238 -46.17 56.05 -43.83
CA VAL K 238 -45.78 57.04 -44.83
C VAL K 238 -46.97 57.98 -44.97
N GLY K 239 -46.78 59.23 -44.56
CA GLY K 239 -47.85 60.17 -44.62
C GLY K 239 -48.78 59.93 -43.45
N HIS K 240 -49.96 59.42 -43.73
CA HIS K 240 -50.89 59.11 -42.66
C HIS K 240 -51.51 57.73 -42.84
N ARG K 241 -50.68 56.83 -43.36
CA ARG K 241 -51.09 55.46 -43.58
C ARG K 241 -50.03 54.51 -43.05
N ILE K 242 -50.50 53.42 -42.44
CA ILE K 242 -49.61 52.42 -41.88
C ILE K 242 -49.50 51.32 -42.92
N TYR K 243 -48.28 51.08 -43.38
CA TYR K 243 -48.05 50.04 -44.35
C TYR K 243 -47.43 48.87 -43.63
N PHE K 244 -47.97 47.69 -43.87
CA PHE K 244 -47.46 46.49 -43.23
C PHE K 244 -47.55 45.35 -44.21
N ILE K 245 -47.23 44.16 -43.74
CA ILE K 245 -47.26 42.98 -44.59
C ILE K 245 -48.12 41.89 -43.97
N THR K 246 -48.83 41.15 -44.82
CA THR K 246 -49.66 40.05 -44.36
C THR K 246 -49.90 39.08 -45.54
N ASP K 247 -50.38 37.88 -45.24
CA ASP K 247 -50.63 36.94 -46.29
C ASP K 247 -52.06 36.44 -46.26
N ILE K 248 -52.98 37.36 -46.01
CA ILE K 248 -54.38 36.98 -45.93
C ILE K 248 -54.89 36.43 -47.24
N ASP K 249 -54.32 36.90 -48.36
CA ASP K 249 -54.74 36.45 -49.68
C ASP K 249 -54.06 35.15 -50.12
N GLY K 250 -53.23 34.61 -49.24
CA GLY K 250 -52.54 33.38 -49.56
C GLY K 250 -51.05 33.54 -49.81
N PHE K 251 -50.60 34.78 -49.75
CA PHE K 251 -49.19 35.05 -49.99
C PHE K 251 -48.84 36.40 -49.36
N GLY K 252 -47.56 36.59 -49.07
CA GLY K 252 -47.12 37.83 -48.47
C GLY K 252 -47.22 38.99 -49.44
N GLN K 253 -47.78 40.10 -48.98
CA GLN K 253 -47.93 41.30 -49.80
C GLN K 253 -47.93 42.53 -48.89
N ILE K 254 -47.84 43.70 -49.50
CA ILE K 254 -47.85 44.93 -48.74
C ILE K 254 -49.24 45.55 -48.80
N TYR K 255 -49.69 46.11 -47.68
CA TYR K 255 -50.99 46.75 -47.57
C TYR K 255 -50.78 48.02 -46.72
N SER K 256 -51.87 48.76 -46.53
CA SER K 256 -51.84 49.94 -45.70
C SER K 256 -53.27 50.29 -45.35
N THR K 257 -53.44 51.16 -44.36
CA THR K 257 -54.75 51.60 -43.91
C THR K 257 -54.55 52.91 -43.19
N ASP K 258 -55.59 53.72 -43.10
CA ASP K 258 -55.47 55.01 -42.41
C ASP K 258 -55.15 54.74 -40.94
N LEU K 259 -54.88 55.81 -40.18
CA LEU K 259 -54.57 55.67 -38.76
C LEU K 259 -55.77 55.17 -37.94
N ASP K 260 -56.69 54.47 -38.61
CA ASP K 260 -57.86 53.92 -37.95
C ASP K 260 -58.14 52.51 -38.41
N GLY K 261 -57.12 51.91 -39.02
CA GLY K 261 -57.24 50.54 -39.50
C GLY K 261 -58.31 50.36 -40.54
N LYS K 262 -58.80 51.47 -41.07
CA LYS K 262 -59.84 51.43 -42.10
C LYS K 262 -59.25 51.64 -43.51
N ASP K 263 -60.08 51.42 -44.52
CA ASP K 263 -59.68 51.61 -45.90
C ASP K 263 -58.51 50.71 -46.30
N LEU K 264 -58.71 49.42 -46.17
CA LEU K 264 -57.64 48.49 -46.53
C LEU K 264 -57.32 48.53 -48.02
N ARG K 265 -56.04 48.37 -48.34
CA ARG K 265 -55.57 48.37 -49.73
C ARG K 265 -54.41 47.40 -49.92
N LYS K 266 -54.51 46.60 -50.98
CA LYS K 266 -53.50 45.63 -51.35
C LYS K 266 -52.64 46.30 -52.44
N HIS K 267 -51.35 46.52 -52.13
CA HIS K 267 -50.44 47.18 -53.05
C HIS K 267 -49.59 46.26 -53.93
N THR K 268 -48.80 45.38 -53.34
CA THR K 268 -47.97 44.48 -54.14
C THR K 268 -48.74 43.21 -54.51
N SER K 269 -48.19 42.43 -55.44
CA SER K 269 -48.84 41.19 -55.87
C SER K 269 -47.82 40.10 -56.16
N PHE K 270 -46.76 40.08 -55.37
CA PHE K 270 -45.69 39.11 -55.50
C PHE K 270 -46.15 37.65 -55.59
N THR K 271 -45.29 36.80 -56.13
CA THR K 271 -45.58 35.36 -56.25
C THR K 271 -44.32 34.49 -56.06
N ASP K 272 -43.14 35.10 -56.19
CA ASP K 272 -41.87 34.41 -56.05
C ASP K 272 -41.40 34.14 -54.60
N TYR K 273 -41.34 35.19 -53.78
CA TYR K 273 -40.92 35.07 -52.38
C TYR K 273 -41.58 36.13 -51.56
N TYR K 274 -41.91 35.80 -50.32
CA TYR K 274 -42.58 36.76 -49.45
C TYR K 274 -41.65 37.93 -49.20
N PRO K 275 -42.21 39.14 -49.11
CA PRO K 275 -41.44 40.36 -48.85
C PRO K 275 -41.19 40.43 -47.34
N ARG K 276 -40.12 41.09 -46.90
CA ARG K 276 -39.86 41.14 -45.46
C ARG K 276 -39.10 42.38 -45.04
N HIS K 277 -39.17 42.70 -43.75
CA HIS K 277 -38.45 43.81 -43.16
C HIS K 277 -38.75 45.20 -43.74
N LEU K 278 -39.99 45.67 -43.63
CA LEU K 278 -40.32 47.00 -44.17
C LEU K 278 -39.66 48.09 -43.34
N ASN K 279 -39.16 49.11 -44.01
CA ASN K 279 -38.53 50.21 -43.32
C ASN K 279 -38.63 51.44 -44.22
N THR K 280 -38.85 52.59 -43.60
CA THR K 280 -38.98 53.81 -44.37
C THR K 280 -38.29 54.98 -43.72
N ASP K 281 -38.34 56.11 -44.43
CA ASP K 281 -37.73 57.39 -44.02
C ASP K 281 -38.78 58.48 -44.03
N GLY K 282 -40.00 58.12 -44.41
CA GLY K 282 -41.07 59.08 -44.49
C GLY K 282 -41.51 59.30 -45.94
N ARG K 283 -40.62 59.01 -46.88
CA ARG K 283 -40.94 59.18 -48.30
C ARG K 283 -41.19 57.83 -48.96
N ARG K 284 -40.14 57.02 -49.13
CA ARG K 284 -40.32 55.69 -49.75
C ARG K 284 -40.07 54.54 -48.79
N ILE K 285 -40.62 53.38 -49.11
CA ILE K 285 -40.48 52.20 -48.28
C ILE K 285 -39.43 51.27 -48.85
N LEU K 286 -38.68 50.64 -47.96
CA LEU K 286 -37.63 49.72 -48.36
C LEU K 286 -37.92 48.32 -47.82
N PHE K 287 -37.47 47.28 -48.52
CA PHE K 287 -37.69 45.92 -48.06
C PHE K 287 -36.87 44.92 -48.87
N SER K 288 -36.88 43.66 -48.46
CA SER K 288 -36.12 42.66 -49.18
C SER K 288 -37.02 41.52 -49.61
N LYS K 289 -36.60 40.84 -50.67
CA LYS K 289 -37.37 39.71 -51.18
C LYS K 289 -36.48 38.77 -51.97
N GLY K 290 -36.61 37.46 -51.70
CA GLY K 290 -35.79 36.48 -52.37
C GLY K 290 -34.31 36.82 -52.44
N GLY K 291 -33.84 37.64 -51.51
CA GLY K 291 -32.41 37.97 -51.49
C GLY K 291 -32.01 39.26 -52.16
N SER K 292 -32.97 40.04 -52.64
CA SER K 292 -32.66 41.34 -53.27
C SER K 292 -33.31 42.45 -52.46
N ILE K 293 -32.86 43.66 -52.69
CA ILE K 293 -33.43 44.81 -51.99
C ILE K 293 -34.33 45.59 -52.98
N TYR K 294 -35.56 45.82 -52.57
CA TYR K 294 -36.56 46.50 -53.38
C TYR K 294 -37.02 47.82 -52.77
N ILE K 295 -37.67 48.64 -53.60
CA ILE K 295 -38.21 49.93 -53.16
C ILE K 295 -39.64 50.08 -53.64
N PHE K 296 -40.44 50.72 -52.81
CA PHE K 296 -41.85 50.96 -53.10
C PHE K 296 -42.10 52.43 -52.78
N ASN K 297 -42.64 53.15 -53.76
CA ASN K 297 -42.95 54.57 -53.57
C ASN K 297 -44.45 54.67 -53.31
N PRO K 298 -44.83 55.09 -52.10
CA PRO K 298 -46.25 55.23 -51.73
C PRO K 298 -47.03 56.05 -52.73
N ASP K 299 -46.42 57.13 -53.23
CA ASP K 299 -47.09 58.00 -54.20
C ASP K 299 -47.28 57.32 -55.54
N THR K 300 -46.17 56.98 -56.18
CA THR K 300 -46.21 56.35 -57.49
C THR K 300 -46.78 54.94 -57.42
N GLU K 301 -46.59 54.29 -56.27
CA GLU K 301 -47.05 52.93 -56.04
C GLU K 301 -46.23 51.99 -56.94
N LYS K 302 -45.05 52.44 -57.36
CA LYS K 302 -44.17 51.65 -58.21
C LYS K 302 -43.14 50.85 -57.41
N ILE K 303 -42.93 49.61 -57.83
CA ILE K 303 -41.98 48.74 -57.18
C ILE K 303 -40.75 48.60 -58.08
N GLU K 304 -39.60 48.86 -57.51
CA GLU K 304 -38.37 48.76 -58.27
C GLU K 304 -37.26 48.09 -57.44
N LYS K 305 -36.46 47.28 -58.15
CA LYS K 305 -35.35 46.55 -57.57
C LYS K 305 -34.08 47.38 -57.63
N ILE K 306 -33.34 47.41 -56.53
CA ILE K 306 -32.08 48.17 -56.49
C ILE K 306 -30.99 47.27 -57.06
N GLU K 307 -30.07 47.85 -57.82
CA GLU K 307 -28.97 47.08 -58.40
C GLU K 307 -27.78 47.13 -57.48
N ILE K 308 -27.23 45.96 -57.15
CA ILE K 308 -26.08 45.94 -56.24
C ILE K 308 -24.98 45.00 -56.71
N GLY K 309 -25.38 43.91 -57.36
CA GLY K 309 -24.42 42.95 -57.85
C GLY K 309 -23.58 42.31 -56.78
N ASP K 310 -22.52 41.63 -57.21
CA ASP K 310 -21.61 40.93 -56.30
C ASP K 310 -21.01 41.86 -55.23
N LEU K 311 -20.84 41.35 -54.03
CA LEU K 311 -20.29 42.16 -52.94
C LEU K 311 -19.16 41.48 -52.18
N GLU K 312 -19.35 40.21 -51.86
CA GLU K 312 -18.35 39.48 -51.13
C GLU K 312 -18.43 37.98 -51.37
N SER K 313 -17.28 37.37 -51.59
CA SER K 313 -17.19 35.94 -51.86
C SER K 313 -15.99 35.38 -51.07
N PRO K 314 -16.19 35.08 -49.78
CA PRO K 314 -15.13 34.54 -48.91
C PRO K 314 -14.63 33.17 -49.34
N GLU K 315 -13.53 32.76 -48.71
CA GLU K 315 -12.87 31.49 -48.97
C GLU K 315 -13.83 30.33 -48.80
N ASP K 316 -14.11 29.62 -49.89
CA ASP K 316 -15.04 28.50 -49.85
C ASP K 316 -14.51 27.29 -49.10
N ARG K 317 -13.19 27.10 -49.13
CA ARG K 317 -12.59 25.97 -48.43
C ARG K 317 -12.33 26.35 -46.96
N ILE K 318 -13.11 25.74 -46.06
CA ILE K 318 -13.04 26.02 -44.64
C ILE K 318 -12.47 24.87 -43.81
N ILE K 319 -11.87 25.27 -42.68
CA ILE K 319 -11.24 24.35 -41.74
C ILE K 319 -12.07 24.30 -40.44
N SER K 320 -12.40 23.10 -39.99
CA SER K 320 -13.17 22.92 -38.76
C SER K 320 -12.50 21.96 -37.80
N ILE K 321 -12.92 22.04 -36.55
CA ILE K 321 -12.36 21.19 -35.49
C ILE K 321 -13.16 19.91 -35.34
N PRO K 322 -12.57 18.77 -35.69
CA PRO K 322 -13.30 17.51 -35.56
C PRO K 322 -14.06 17.23 -34.26
N SER K 323 -13.49 17.60 -33.11
CA SER K 323 -14.16 17.34 -31.85
C SER K 323 -15.49 18.08 -31.75
N LYS K 324 -15.54 19.28 -32.31
CA LYS K 324 -16.75 20.10 -32.28
C LYS K 324 -17.93 19.48 -33.06
N PHE K 325 -17.67 18.51 -33.94
CA PHE K 325 -18.74 17.91 -34.71
C PHE K 325 -18.65 16.43 -34.74
N ALA K 326 -17.81 15.88 -33.88
CA ALA K 326 -17.62 14.44 -33.82
C ALA K 326 -18.84 13.67 -33.33
N GLU K 327 -18.82 12.35 -33.55
CA GLU K 327 -19.90 11.45 -33.15
C GLU K 327 -19.65 10.03 -33.66
N ASP K 328 -20.39 9.07 -33.13
CA ASP K 328 -20.23 7.68 -33.54
C ASP K 328 -18.82 7.09 -33.34
N PHE K 329 -18.12 7.48 -32.29
CA PHE K 329 -16.78 6.94 -32.01
C PHE K 329 -16.84 5.43 -31.77
N SER K 330 -16.02 4.65 -32.48
CA SER K 330 -16.04 3.19 -32.33
C SER K 330 -14.63 2.55 -32.37
N PRO K 331 -14.39 1.56 -31.48
CA PRO K 331 -13.07 0.89 -31.42
C PRO K 331 -12.94 -0.21 -32.46
N LEU K 332 -11.79 -0.28 -33.12
CA LEU K 332 -11.53 -1.29 -34.15
C LEU K 332 -10.41 -2.25 -33.69
N ASP K 333 -9.88 -3.02 -34.63
CA ASP K 333 -8.79 -3.94 -34.34
C ASP K 333 -7.48 -3.19 -34.31
N GLY K 334 -6.40 -3.89 -33.95
CA GLY K 334 -5.09 -3.25 -33.90
C GLY K 334 -5.09 -1.99 -33.06
N ASP K 335 -6.05 -1.90 -32.13
CA ASP K 335 -6.18 -0.73 -31.25
C ASP K 335 -6.41 0.55 -32.05
N LEU K 336 -7.22 0.45 -33.09
CA LEU K 336 -7.56 1.60 -33.93
C LEU K 336 -8.94 2.13 -33.51
N ILE K 337 -9.25 3.33 -33.99
CA ILE K 337 -10.51 4.00 -33.69
C ILE K 337 -11.20 4.48 -34.96
N ALA K 338 -12.52 4.50 -34.93
CA ALA K 338 -13.29 5.01 -36.07
C ALA K 338 -14.27 6.04 -35.49
N PHE K 339 -14.50 7.12 -36.23
CA PHE K 339 -15.42 8.14 -35.77
C PHE K 339 -15.89 8.99 -36.95
N VAL K 340 -17.06 9.61 -36.78
CA VAL K 340 -17.64 10.45 -37.83
C VAL K 340 -17.68 11.90 -37.36
N SER K 341 -17.50 12.83 -38.29
CA SER K 341 -17.57 14.25 -37.95
C SER K 341 -17.92 15.06 -39.17
N ARG K 342 -18.78 16.05 -38.94
CA ARG K 342 -19.22 16.93 -40.00
C ARG K 342 -19.46 16.14 -41.29
N GLY K 343 -19.99 14.93 -41.15
CA GLY K 343 -20.30 14.12 -42.30
C GLY K 343 -19.17 13.30 -42.89
N GLN K 344 -17.97 13.41 -42.34
CA GLN K 344 -16.82 12.67 -42.83
C GLN K 344 -16.44 11.56 -41.87
N ALA K 345 -15.74 10.55 -42.35
CA ALA K 345 -15.36 9.45 -41.46
C ALA K 345 -13.83 9.27 -41.39
N PHE K 346 -13.34 8.73 -40.27
CA PHE K 346 -11.91 8.55 -40.11
C PHE K 346 -11.49 7.30 -39.32
N ILE K 347 -10.32 6.77 -39.70
CA ILE K 347 -9.71 5.62 -39.05
C ILE K 347 -8.39 6.16 -38.50
N GLN K 348 -8.29 6.25 -37.18
CA GLN K 348 -7.10 6.79 -36.56
C GLN K 348 -6.69 6.00 -35.33
N ASP K 349 -5.52 6.33 -34.77
CA ASP K 349 -5.05 5.69 -33.56
C ASP K 349 -5.48 6.62 -32.41
N VAL K 350 -5.59 6.08 -31.20
CA VAL K 350 -6.03 6.87 -30.06
C VAL K 350 -5.37 8.24 -30.06
N SER K 351 -4.09 8.26 -30.39
CA SER K 351 -3.31 9.49 -30.43
C SER K 351 -3.85 10.57 -31.38
N GLY K 352 -4.36 10.12 -32.52
CA GLY K 352 -4.88 11.06 -33.51
C GLY K 352 -3.74 11.53 -34.40
N THR K 353 -2.62 10.82 -34.34
CA THR K 353 -1.46 11.20 -35.13
C THR K 353 -1.54 10.60 -36.54
N TYR K 354 -1.97 9.35 -36.62
CA TYR K 354 -2.13 8.65 -37.91
C TYR K 354 -3.63 8.61 -38.20
N VAL K 355 -4.07 9.48 -39.11
CA VAL K 355 -5.50 9.56 -39.46
C VAL K 355 -5.76 9.26 -40.93
N LEU K 356 -6.84 8.53 -41.21
CA LEU K 356 -7.22 8.23 -42.59
C LEU K 356 -8.67 8.59 -42.76
N LYS K 357 -8.97 9.31 -43.83
CA LYS K 357 -10.36 9.68 -44.10
C LYS K 357 -10.96 8.64 -45.04
N VAL K 358 -12.21 8.29 -44.80
CA VAL K 358 -12.83 7.32 -45.68
C VAL K 358 -13.08 8.10 -46.99
N PRO K 359 -12.67 7.51 -48.13
CA PRO K 359 -12.85 8.13 -49.45
C PRO K 359 -14.29 8.00 -49.93
N GLU K 360 -15.17 8.85 -49.39
CA GLU K 360 -16.58 8.84 -49.77
C GLU K 360 -17.15 10.26 -49.66
N PRO K 361 -18.00 10.64 -50.62
CA PRO K 361 -18.63 11.97 -50.64
C PRO K 361 -19.39 12.27 -49.34
N LEU K 362 -19.98 13.47 -49.27
CA LEU K 362 -20.70 13.89 -48.05
C LEU K 362 -21.80 12.98 -47.56
N ARG K 363 -21.96 13.10 -46.25
CA ARG K 363 -22.92 12.39 -45.41
C ARG K 363 -22.73 10.92 -45.13
N ILE K 364 -21.81 10.64 -44.20
CA ILE K 364 -21.55 9.28 -43.75
C ILE K 364 -22.29 9.31 -42.42
N ARG K 365 -23.34 8.52 -42.32
CA ARG K 365 -24.10 8.48 -41.09
C ARG K 365 -23.46 7.57 -40.04
N TYR K 366 -23.04 6.38 -40.45
CA TYR K 366 -22.46 5.44 -39.50
C TYR K 366 -21.23 4.66 -39.96
N VAL K 367 -20.32 4.38 -39.03
CA VAL K 367 -19.11 3.62 -39.34
C VAL K 367 -19.02 2.45 -38.37
N ARG K 368 -18.81 1.25 -38.90
CA ARG K 368 -18.76 0.07 -38.06
C ARG K 368 -17.73 -0.97 -38.46
N ARG K 369 -16.98 -1.46 -37.47
CA ARG K 369 -15.96 -2.47 -37.70
C ARG K 369 -16.54 -3.67 -38.46
N GLY K 370 -15.91 -4.02 -39.60
CA GLY K 370 -16.39 -5.13 -40.39
C GLY K 370 -15.30 -6.09 -40.80
N GLY K 371 -14.18 -6.11 -40.06
CA GLY K 371 -13.10 -7.01 -40.41
C GLY K 371 -11.79 -6.47 -39.89
N ASP K 372 -10.73 -7.26 -40.04
CA ASP K 372 -9.39 -6.86 -39.58
C ASP K 372 -9.01 -5.46 -40.02
N THR K 373 -9.15 -5.18 -41.31
CA THR K 373 -8.81 -3.88 -41.83
C THR K 373 -9.96 -3.30 -42.60
N LYS K 374 -11.12 -3.93 -42.51
CA LYS K 374 -12.33 -3.48 -43.22
C LYS K 374 -13.43 -2.92 -42.30
N VAL K 375 -14.02 -1.80 -42.71
CA VAL K 375 -15.08 -1.16 -41.94
C VAL K 375 -16.32 -0.93 -42.81
N ALA K 376 -17.51 -1.19 -42.27
CA ALA K 376 -18.74 -0.99 -43.03
C ALA K 376 -19.32 0.37 -42.67
N PHE K 377 -19.86 1.08 -43.64
CA PHE K 377 -20.43 2.38 -43.35
C PHE K 377 -21.81 2.59 -43.94
N ILE K 378 -22.49 3.64 -43.46
CA ILE K 378 -23.81 3.98 -43.96
C ILE K 378 -23.69 5.37 -44.55
N HIS K 379 -23.87 5.46 -45.88
CA HIS K 379 -23.78 6.73 -46.62
C HIS K 379 -25.18 7.24 -46.96
N GLY K 380 -25.42 8.51 -46.68
CA GLY K 380 -26.72 9.07 -46.96
C GLY K 380 -26.73 10.12 -48.04
N THR K 381 -27.78 10.12 -48.84
CA THR K 381 -27.94 11.07 -49.94
C THR K 381 -29.37 11.52 -49.92
N ARG K 382 -29.70 12.45 -50.82
CA ARG K 382 -31.07 12.98 -50.94
C ARG K 382 -32.08 11.82 -51.20
N GLU K 383 -31.60 10.78 -51.88
CA GLU K 383 -32.40 9.62 -52.19
C GLU K 383 -32.66 8.72 -50.97
N GLY K 384 -31.67 8.61 -50.11
CA GLY K 384 -31.79 7.79 -48.92
C GLY K 384 -30.46 7.30 -48.35
N ASP K 385 -30.51 6.25 -47.55
CA ASP K 385 -29.33 5.70 -46.94
C ASP K 385 -28.95 4.40 -47.58
N PHE K 386 -27.63 4.24 -47.77
CA PHE K 386 -27.07 3.03 -48.40
C PHE K 386 -25.87 2.48 -47.65
N LEU K 387 -25.76 1.16 -47.69
CA LEU K 387 -24.67 0.47 -47.02
C LEU K 387 -23.40 0.49 -47.86
N GLY K 388 -22.26 0.64 -47.19
CA GLY K 388 -20.98 0.71 -47.86
C GLY K 388 -19.93 -0.05 -47.09
N ILE K 389 -18.78 -0.25 -47.72
CA ILE K 389 -17.68 -0.98 -47.10
C ILE K 389 -16.36 -0.38 -47.55
N TYR K 390 -15.43 -0.25 -46.62
CA TYR K 390 -14.12 0.32 -46.90
C TYR K 390 -13.02 -0.45 -46.17
N ASP K 391 -11.91 -0.63 -46.86
CA ASP K 391 -10.74 -1.35 -46.34
C ASP K 391 -9.59 -0.35 -46.22
N TYR K 392 -9.39 0.20 -45.03
CA TYR K 392 -8.35 1.17 -44.85
C TYR K 392 -6.93 0.66 -45.07
N ARG K 393 -6.80 -0.59 -45.46
CA ARG K 393 -5.48 -1.16 -45.72
C ARG K 393 -5.18 -1.14 -47.22
N THR K 394 -6.03 -1.82 -47.99
CA THR K 394 -5.87 -1.85 -49.43
C THR K 394 -6.35 -0.55 -50.05
N GLY K 395 -7.65 -0.30 -49.97
CA GLY K 395 -8.22 0.91 -50.52
C GLY K 395 -9.59 0.66 -51.12
N LYS K 396 -9.85 -0.60 -51.45
CA LYS K 396 -11.11 -1.01 -52.06
C LYS K 396 -12.29 -0.46 -51.28
N ALA K 397 -13.13 0.35 -51.94
CA ALA K 397 -14.29 0.94 -51.31
C ALA K 397 -15.52 0.83 -52.19
N GLU K 398 -15.97 -0.41 -52.44
CA GLU K 398 -17.15 -0.65 -53.26
C GLU K 398 -18.40 -0.25 -52.48
N LYS K 399 -19.09 0.79 -52.93
CA LYS K 399 -20.30 1.28 -52.27
C LYS K 399 -21.55 0.68 -52.93
N PHE K 400 -22.47 0.19 -52.11
CA PHE K 400 -23.69 -0.38 -52.66
C PHE K 400 -24.67 0.68 -53.15
N GLU K 401 -25.75 0.22 -53.78
CA GLU K 401 -26.78 1.10 -54.33
C GLU K 401 -28.19 0.74 -53.85
N GLU K 402 -28.34 -0.46 -53.31
CA GLU K 402 -29.65 -0.87 -52.80
C GLU K 402 -30.07 0.07 -51.67
N ASN K 403 -31.16 0.81 -51.87
CA ASN K 403 -31.64 1.76 -50.87
C ASN K 403 -32.17 1.04 -49.62
N LEU K 404 -31.88 1.60 -48.45
CA LEU K 404 -32.31 1.02 -47.19
C LEU K 404 -33.26 1.92 -46.42
N GLY K 405 -33.64 3.02 -47.06
CA GLY K 405 -34.53 3.96 -46.41
C GLY K 405 -33.73 4.84 -45.49
N ASN K 406 -34.33 5.20 -44.35
CA ASN K 406 -33.64 6.04 -43.40
C ASN K 406 -33.05 5.20 -42.27
N VAL K 407 -31.75 4.93 -42.35
CA VAL K 407 -31.09 4.11 -41.33
C VAL K 407 -30.80 4.83 -40.03
N PHE K 408 -31.07 4.15 -38.92
CA PHE K 408 -30.79 4.73 -37.61
C PHE K 408 -29.96 3.82 -36.69
N ALA K 409 -29.70 2.60 -37.16
CA ALA K 409 -28.89 1.67 -36.40
C ALA K 409 -28.25 0.72 -37.38
N MET K 410 -26.97 0.39 -37.18
CA MET K 410 -26.26 -0.49 -38.08
C MET K 410 -25.23 -1.25 -37.30
N GLY K 411 -25.05 -2.50 -37.69
CA GLY K 411 -24.07 -3.36 -37.03
C GLY K 411 -23.60 -4.46 -37.95
N VAL K 412 -22.45 -5.05 -37.63
CA VAL K 412 -21.91 -6.13 -38.44
C VAL K 412 -21.55 -7.33 -37.57
N ASP K 413 -21.76 -8.53 -38.08
CA ASP K 413 -21.43 -9.70 -37.30
C ASP K 413 -19.93 -9.79 -37.11
N ARG K 414 -19.48 -10.64 -36.21
CA ARG K 414 -18.07 -10.76 -35.92
C ARG K 414 -17.31 -11.48 -37.00
N ASN K 415 -18.03 -12.06 -37.94
CA ASN K 415 -17.34 -12.76 -39.01
C ASN K 415 -17.51 -12.09 -40.38
N GLY K 416 -17.75 -10.78 -40.35
CA GLY K 416 -17.92 -9.99 -41.56
C GLY K 416 -18.69 -10.58 -42.73
N LYS K 417 -19.70 -11.40 -42.44
CA LYS K 417 -20.52 -12.01 -43.47
C LYS K 417 -21.68 -11.08 -43.83
N PHE K 418 -22.42 -10.64 -42.82
CA PHE K 418 -23.56 -9.77 -43.05
C PHE K 418 -23.61 -8.61 -42.08
N ALA K 419 -24.65 -7.80 -42.21
CA ALA K 419 -24.83 -6.66 -41.34
C ALA K 419 -26.32 -6.56 -40.98
N VAL K 420 -26.60 -5.90 -39.86
CA VAL K 420 -27.97 -5.71 -39.42
C VAL K 420 -28.22 -4.22 -39.50
N VAL K 421 -29.40 -3.86 -40.01
CA VAL K 421 -29.80 -2.46 -40.18
C VAL K 421 -31.24 -2.20 -39.74
N ALA K 422 -31.47 -1.03 -39.18
CA ALA K 422 -32.79 -0.61 -38.72
C ALA K 422 -33.11 0.72 -39.41
N ASN K 423 -34.28 0.81 -40.03
CA ASN K 423 -34.71 2.04 -40.70
C ASN K 423 -35.91 2.68 -40.01
N ASP K 424 -36.36 3.81 -40.56
CA ASP K 424 -37.51 4.51 -39.98
C ASP K 424 -38.84 3.94 -40.49
N ARG K 425 -38.76 2.77 -41.11
CA ARG K 425 -39.93 2.09 -41.58
C ARG K 425 -40.26 1.09 -40.48
N PHE K 426 -39.41 1.06 -39.47
CA PHE K 426 -39.57 0.15 -38.32
C PHE K 426 -39.19 -1.29 -38.68
N GLU K 427 -38.27 -1.42 -39.63
CA GLU K 427 -37.83 -2.74 -40.07
C GLU K 427 -36.42 -3.05 -39.58
N ILE K 428 -36.16 -4.33 -39.38
CA ILE K 428 -34.84 -4.77 -38.99
C ILE K 428 -34.52 -5.74 -40.12
N MET K 429 -33.31 -5.62 -40.65
CA MET K 429 -32.92 -6.46 -41.76
C MET K 429 -31.45 -6.85 -41.79
N THR K 430 -31.16 -7.86 -42.60
CA THR K 430 -29.81 -8.35 -42.77
C THR K 430 -29.35 -8.07 -44.21
N VAL K 431 -28.23 -7.37 -44.35
CA VAL K 431 -27.69 -7.06 -45.67
C VAL K 431 -26.44 -7.90 -45.90
N ASP K 432 -26.43 -8.63 -47.00
CA ASP K 432 -25.30 -9.49 -47.35
C ASP K 432 -24.10 -8.60 -47.66
N LEU K 433 -23.09 -8.59 -46.78
CA LEU K 433 -21.91 -7.74 -47.03
C LEU K 433 -21.12 -8.07 -48.28
N GLU K 434 -21.56 -9.09 -49.01
CA GLU K 434 -20.89 -9.50 -50.23
C GLU K 434 -21.67 -9.02 -51.44
N THR K 435 -22.91 -9.49 -51.54
CA THR K 435 -23.80 -9.11 -52.66
C THR K 435 -24.40 -7.72 -52.47
N GLY K 436 -25.06 -7.51 -51.33
CA GLY K 436 -25.67 -6.22 -51.06
C GLY K 436 -27.17 -6.33 -50.89
N LYS K 437 -27.66 -7.55 -51.04
CA LYS K 437 -29.08 -7.84 -50.92
C LYS K 437 -29.62 -7.78 -49.50
N PRO K 438 -30.39 -6.72 -49.18
CA PRO K 438 -30.96 -6.60 -47.85
C PRO K 438 -32.17 -7.56 -47.75
N THR K 439 -32.37 -8.15 -46.58
CA THR K 439 -33.48 -9.06 -46.39
C THR K 439 -34.17 -8.68 -45.09
N VAL K 440 -35.42 -8.26 -45.20
CA VAL K 440 -36.20 -7.84 -44.05
C VAL K 440 -36.54 -9.03 -43.20
N ILE K 441 -36.25 -8.93 -41.91
CA ILE K 441 -36.53 -10.03 -41.01
C ILE K 441 -37.88 -9.81 -40.36
N GLU K 442 -38.07 -8.62 -39.80
CA GLU K 442 -39.34 -8.32 -39.16
C GLU K 442 -39.58 -6.82 -39.11
N ARG K 443 -40.85 -6.43 -39.16
CA ARG K 443 -41.20 -5.02 -39.15
C ARG K 443 -42.18 -4.70 -38.04
N SER K 444 -41.78 -3.80 -37.15
CA SER K 444 -42.63 -3.38 -36.04
C SER K 444 -43.55 -2.29 -36.59
N ARG K 445 -44.70 -2.09 -35.95
CA ARG K 445 -45.60 -1.05 -36.43
C ARG K 445 -45.75 0.08 -35.42
N GLU K 446 -44.88 0.09 -34.42
CA GLU K 446 -44.95 1.12 -33.41
C GLU K 446 -43.71 2.03 -33.39
N ALA K 447 -42.51 1.44 -33.45
CA ALA K 447 -41.28 2.21 -33.39
C ALA K 447 -40.13 1.47 -34.04
N MET K 448 -38.97 2.12 -34.16
CA MET K 448 -37.80 1.49 -34.79
C MET K 448 -37.20 0.38 -33.96
N ILE K 449 -36.53 -0.56 -34.64
CA ILE K 449 -35.87 -1.67 -33.95
C ILE K 449 -34.35 -1.40 -33.94
N THR K 450 -33.95 -0.44 -33.12
CA THR K 450 -32.57 -0.04 -33.03
C THR K 450 -31.71 -0.83 -32.02
N ASP K 451 -32.36 -1.53 -31.09
CA ASP K 451 -31.65 -2.29 -30.06
C ASP K 451 -31.56 -3.76 -30.41
N PHE K 452 -30.41 -4.14 -30.96
CA PHE K 452 -30.15 -5.51 -31.36
C PHE K 452 -28.72 -5.94 -31.17
N THR K 453 -28.52 -7.26 -31.11
CA THR K 453 -27.20 -7.83 -30.97
C THR K 453 -27.10 -9.14 -31.78
N ILE K 454 -25.88 -9.47 -32.17
CA ILE K 454 -25.65 -10.68 -32.94
C ILE K 454 -24.77 -11.64 -32.13
N SER K 455 -25.12 -12.91 -32.13
CA SER K 455 -24.36 -13.90 -31.42
C SER K 455 -22.98 -13.97 -32.05
N ASP K 456 -21.98 -14.34 -31.25
CA ASP K 456 -20.61 -14.43 -31.76
C ASP K 456 -20.46 -15.46 -32.88
N ASN K 457 -21.30 -16.49 -32.93
CA ASN K 457 -21.18 -17.46 -34.00
C ASN K 457 -22.02 -17.05 -35.23
N SER K 458 -22.55 -15.83 -35.21
CA SER K 458 -23.32 -15.33 -36.33
C SER K 458 -24.62 -16.08 -36.64
N ARG K 459 -25.15 -16.83 -35.68
CA ARG K 459 -26.38 -17.59 -35.93
C ARG K 459 -27.68 -16.97 -35.44
N PHE K 460 -27.62 -16.23 -34.36
CA PHE K 460 -28.84 -15.67 -33.85
C PHE K 460 -28.80 -14.16 -33.84
N ILE K 461 -29.97 -13.54 -33.92
CA ILE K 461 -30.04 -12.10 -33.84
C ILE K 461 -31.12 -11.76 -32.83
N ALA K 462 -30.70 -11.24 -31.67
CA ALA K 462 -31.65 -10.86 -30.61
C ALA K 462 -31.85 -9.35 -30.72
N TYR K 463 -33.10 -8.91 -30.60
CA TYR K 463 -33.44 -7.50 -30.73
C TYR K 463 -34.73 -7.12 -29.99
N GLY K 464 -34.87 -5.83 -29.69
CA GLY K 464 -36.07 -5.38 -29.00
C GLY K 464 -37.14 -5.14 -30.04
N PHE K 465 -38.32 -5.73 -29.85
CA PHE K 465 -39.41 -5.56 -30.81
C PHE K 465 -40.57 -4.77 -30.20
N PRO K 466 -40.66 -3.47 -30.49
CA PRO K 466 -41.76 -2.68 -29.91
C PRO K 466 -43.16 -3.10 -30.40
N LEU K 467 -44.07 -3.29 -29.46
CA LEU K 467 -45.42 -3.74 -29.78
C LEU K 467 -46.50 -3.09 -28.96
N LYS K 468 -47.74 -3.37 -29.35
CA LYS K 468 -48.96 -2.86 -28.71
C LYS K 468 -50.01 -3.95 -28.85
N HIS K 469 -50.97 -3.96 -27.94
CA HIS K 469 -52.03 -4.94 -28.00
C HIS K 469 -53.29 -4.14 -28.25
N GLY K 470 -53.24 -3.30 -29.28
CA GLY K 470 -54.39 -2.47 -29.60
C GLY K 470 -53.95 -1.25 -30.38
N GLU K 471 -54.71 -0.88 -31.40
CA GLU K 471 -54.36 0.28 -32.21
C GLU K 471 -54.53 1.63 -31.54
N THR K 472 -54.66 1.62 -30.22
CA THR K 472 -54.84 2.88 -29.47
C THR K 472 -54.30 2.80 -28.05
N ASP K 473 -53.50 1.78 -27.77
CA ASP K 473 -52.95 1.60 -26.42
C ASP K 473 -52.15 2.82 -26.00
N GLY K 474 -52.17 3.11 -24.70
CA GLY K 474 -51.43 4.27 -24.20
C GLY K 474 -49.93 4.03 -24.05
N TYR K 475 -49.55 2.77 -23.96
CA TYR K 475 -48.14 2.42 -23.82
C TYR K 475 -47.69 1.45 -24.90
N VAL K 476 -46.39 1.39 -25.14
CA VAL K 476 -45.83 0.49 -26.14
C VAL K 476 -44.92 -0.47 -25.41
N MET K 477 -45.21 -1.74 -25.56
CA MET K 477 -44.40 -2.76 -24.91
C MET K 477 -43.23 -3.11 -25.80
N GLN K 478 -42.28 -3.87 -25.25
CA GLN K 478 -41.12 -4.30 -26.03
C GLN K 478 -40.67 -5.66 -25.53
N ALA K 479 -40.65 -6.60 -26.46
CA ALA K 479 -40.29 -7.96 -26.18
C ALA K 479 -39.09 -8.30 -27.00
N ILE K 480 -38.12 -8.99 -26.40
CA ILE K 480 -36.92 -9.37 -27.15
C ILE K 480 -37.29 -10.50 -28.11
N HIS K 481 -36.82 -10.40 -29.35
CA HIS K 481 -37.08 -11.44 -30.34
C HIS K 481 -35.77 -12.03 -30.76
N VAL K 482 -35.76 -13.31 -31.07
CA VAL K 482 -34.51 -13.88 -31.52
C VAL K 482 -34.76 -14.50 -32.88
N TYR K 483 -33.86 -14.20 -33.81
CA TYR K 483 -33.95 -14.69 -35.17
C TYR K 483 -32.80 -15.63 -35.44
N ASP K 484 -33.14 -16.80 -35.96
CA ASP K 484 -32.17 -17.84 -36.28
C ASP K 484 -31.82 -17.82 -37.76
N MET K 485 -30.55 -17.63 -38.12
CA MET K 485 -30.15 -17.62 -39.55
C MET K 485 -30.42 -18.97 -40.23
N GLU K 486 -30.41 -20.04 -39.45
CA GLU K 486 -30.66 -21.36 -39.99
C GLU K 486 -32.13 -21.68 -39.71
N GLY K 487 -32.88 -21.98 -40.75
CA GLY K 487 -34.28 -22.29 -40.55
C GLY K 487 -35.03 -21.00 -40.70
N ARG K 488 -34.29 -19.90 -40.62
CA ARG K 488 -34.86 -18.57 -40.76
C ARG K 488 -36.22 -18.45 -40.06
N LYS K 489 -36.22 -18.44 -38.73
CA LYS K 489 -37.47 -18.31 -37.99
C LYS K 489 -37.31 -17.47 -36.73
N ILE K 490 -38.34 -16.68 -36.42
CA ILE K 490 -38.34 -15.81 -35.26
C ILE K 490 -38.93 -16.47 -34.00
N PHE K 491 -38.29 -16.25 -32.86
CA PHE K 491 -38.77 -16.81 -31.58
C PHE K 491 -38.94 -15.71 -30.54
N ALA K 492 -39.85 -15.95 -29.59
CA ALA K 492 -40.11 -14.98 -28.53
C ALA K 492 -39.24 -15.29 -27.30
N ALA K 493 -38.25 -14.45 -27.08
CA ALA K 493 -37.39 -14.64 -25.95
C ALA K 493 -38.10 -14.18 -24.69
N THR K 494 -38.94 -13.17 -24.85
CA THR K 494 -39.62 -12.60 -23.71
C THR K 494 -41.12 -12.41 -23.96
N THR K 495 -41.89 -12.18 -22.89
CA THR K 495 -43.33 -11.99 -23.01
C THR K 495 -43.60 -10.53 -23.34
N GLU K 496 -44.80 -10.21 -23.81
CA GLU K 496 -45.07 -8.82 -24.17
C GLU K 496 -45.83 -8.00 -23.14
N ASN K 497 -45.35 -8.02 -21.90
CA ASN K 497 -46.03 -7.27 -20.84
C ASN K 497 -45.28 -6.08 -20.22
N SER K 498 -44.06 -5.83 -20.67
CA SER K 498 -43.35 -4.68 -20.14
C SER K 498 -42.32 -4.23 -21.17
N HIS K 499 -41.15 -3.81 -20.68
CA HIS K 499 -40.09 -3.32 -21.52
C HIS K 499 -38.80 -4.15 -21.26
N ASP K 500 -38.44 -5.00 -22.23
CA ASP K 500 -37.25 -5.83 -22.15
C ASP K 500 -36.27 -5.35 -23.22
N TYR K 501 -35.00 -5.12 -22.85
CA TYR K 501 -34.00 -4.58 -23.77
C TYR K 501 -32.56 -5.02 -23.54
N ALA K 502 -31.67 -4.33 -24.26
CA ALA K 502 -30.24 -4.57 -24.19
C ALA K 502 -29.83 -6.03 -24.32
N PRO K 503 -30.44 -6.77 -25.24
CA PRO K 503 -30.06 -8.19 -25.39
C PRO K 503 -28.55 -8.32 -25.65
N ALA K 504 -27.97 -9.44 -25.22
CA ALA K 504 -26.54 -9.66 -25.42
C ALA K 504 -26.20 -11.14 -25.20
N PHE K 505 -25.41 -11.72 -26.12
CA PHE K 505 -25.04 -13.13 -26.02
C PHE K 505 -23.70 -13.28 -25.34
N ASP K 506 -23.44 -14.47 -24.82
CA ASP K 506 -22.16 -14.69 -24.18
C ASP K 506 -21.20 -15.16 -25.25
N ALA K 507 -19.90 -15.10 -24.97
CA ALA K 507 -18.88 -15.50 -25.93
C ALA K 507 -19.18 -16.82 -26.65
N ASP K 508 -19.37 -17.89 -25.88
CA ASP K 508 -19.65 -19.21 -26.45
C ASP K 508 -21.01 -19.30 -27.11
N SER K 509 -21.80 -18.23 -26.98
CA SER K 509 -23.15 -18.17 -27.57
C SER K 509 -24.00 -19.32 -27.04
N LYS K 510 -24.08 -19.43 -25.72
CA LYS K 510 -24.86 -20.49 -25.07
C LYS K 510 -26.09 -19.93 -24.33
N ASN K 511 -25.98 -18.69 -23.84
CA ASN K 511 -27.08 -18.07 -23.14
C ASN K 511 -27.27 -16.64 -23.62
N LEU K 512 -28.52 -16.18 -23.61
CA LEU K 512 -28.82 -14.80 -23.99
C LEU K 512 -29.10 -13.97 -22.72
N TYR K 513 -28.44 -12.83 -22.59
CA TYR K 513 -28.67 -11.95 -21.47
C TYR K 513 -29.38 -10.70 -21.95
N TYR K 514 -30.16 -10.10 -21.05
CA TYR K 514 -30.89 -8.88 -21.39
C TYR K 514 -31.38 -8.22 -20.09
N LEU K 515 -31.88 -7.00 -20.20
CA LEU K 515 -32.41 -6.27 -19.05
C LEU K 515 -33.90 -6.04 -19.23
N SER K 516 -34.60 -5.70 -18.14
CA SER K 516 -36.05 -5.42 -18.21
C SER K 516 -36.52 -4.60 -17.01
N TYR K 517 -37.55 -3.79 -17.21
CA TYR K 517 -38.10 -2.98 -16.16
C TYR K 517 -39.29 -3.73 -15.56
N ARG K 518 -39.05 -4.94 -15.11
CA ARG K 518 -40.15 -5.70 -14.57
C ARG K 518 -40.14 -5.81 -13.06
N SER K 519 -39.05 -5.42 -12.43
CA SER K 519 -38.94 -5.55 -10.97
C SER K 519 -39.65 -4.45 -10.23
N LEU K 520 -40.94 -4.29 -10.54
CA LEU K 520 -41.75 -3.27 -9.91
C LEU K 520 -41.64 -3.19 -8.40
N ASP K 521 -41.44 -1.97 -7.95
CA ASP K 521 -41.35 -1.65 -6.53
C ASP K 521 -41.39 -0.13 -6.47
N PRO K 522 -42.44 0.44 -5.87
CA PRO K 522 -42.59 1.90 -5.78
C PRO K 522 -41.61 2.68 -4.89
N SER K 523 -41.22 3.86 -5.33
CA SER K 523 -40.37 4.70 -4.53
C SER K 523 -41.22 5.93 -4.19
N PRO K 524 -41.17 6.36 -2.92
CA PRO K 524 -41.93 7.52 -2.43
C PRO K 524 -41.40 8.85 -2.94
N ASP K 525 -42.31 9.80 -3.13
CA ASP K 525 -41.98 11.15 -3.60
C ASP K 525 -41.80 11.99 -2.31
N ARG K 526 -40.77 12.80 -2.24
CA ARG K 526 -40.53 13.53 -1.01
C ARG K 526 -41.33 14.80 -0.82
N VAL K 527 -42.08 15.19 -1.84
CA VAL K 527 -42.86 16.43 -1.78
C VAL K 527 -44.36 16.21 -1.97
N VAL K 528 -44.70 15.55 -3.07
CA VAL K 528 -46.08 15.33 -3.42
C VAL K 528 -46.48 13.91 -3.14
N LEU K 529 -47.66 13.72 -2.56
CA LEU K 529 -48.15 12.38 -2.28
C LEU K 529 -48.21 11.57 -3.57
N ASN K 530 -47.14 10.85 -3.88
CA ASN K 530 -47.10 10.09 -5.12
C ASN K 530 -45.99 9.06 -5.03
N PHE K 531 -46.01 8.08 -5.92
CA PHE K 531 -44.97 7.06 -5.95
C PHE K 531 -44.57 6.81 -7.39
N SER K 532 -43.29 6.52 -7.61
CA SER K 532 -42.80 6.29 -8.96
C SER K 532 -41.88 5.08 -9.07
N PHE K 533 -41.78 4.48 -10.25
CA PHE K 533 -40.89 3.34 -10.43
C PHE K 533 -39.51 3.86 -10.82
N GLU K 534 -38.69 4.04 -9.79
CA GLU K 534 -37.32 4.53 -9.89
C GLU K 534 -36.28 3.46 -10.22
N VAL K 535 -36.18 2.46 -9.36
CA VAL K 535 -35.22 1.38 -9.54
C VAL K 535 -35.90 0.05 -9.68
N VAL K 536 -36.40 -0.23 -10.87
CA VAL K 536 -37.09 -1.50 -11.15
C VAL K 536 -36.43 -2.27 -12.28
N SER K 537 -35.15 -2.00 -12.51
CA SER K 537 -34.39 -2.64 -13.58
C SER K 537 -33.58 -3.81 -13.03
N LYS K 538 -33.55 -4.89 -13.77
CA LYS K 538 -32.85 -6.05 -13.33
C LYS K 538 -32.49 -6.91 -14.52
N PRO K 539 -31.34 -7.60 -14.45
CA PRO K 539 -30.89 -8.49 -15.54
C PRO K 539 -31.45 -9.91 -15.45
N PHE K 540 -31.60 -10.54 -16.60
CA PHE K 540 -32.15 -11.89 -16.71
C PHE K 540 -31.31 -12.63 -17.71
N VAL K 541 -31.47 -13.95 -17.78
CA VAL K 541 -30.71 -14.76 -18.72
C VAL K 541 -31.59 -15.90 -19.25
N ILE K 542 -31.24 -16.41 -20.43
CA ILE K 542 -32.00 -17.49 -21.03
C ILE K 542 -31.05 -18.41 -21.76
N PRO K 543 -30.83 -19.61 -21.22
CA PRO K 543 -29.94 -20.58 -21.86
C PRO K 543 -30.62 -21.08 -23.12
N LEU K 544 -29.89 -21.06 -24.23
CA LEU K 544 -30.38 -21.47 -25.55
C LEU K 544 -30.55 -22.99 -25.66
N ILE K 545 -30.07 -23.71 -24.65
CA ILE K 545 -30.15 -25.17 -24.59
C ILE K 545 -30.98 -25.62 -23.41
N PRO K 546 -32.22 -26.04 -23.66
CA PRO K 546 -33.10 -26.51 -22.60
C PRO K 546 -32.39 -27.51 -21.70
N GLY K 547 -32.62 -27.38 -20.39
CA GLY K 547 -32.01 -28.30 -19.45
C GLY K 547 -30.86 -27.66 -18.73
N SER K 548 -30.21 -26.73 -19.40
CA SER K 548 -29.07 -26.05 -18.81
C SER K 548 -29.58 -25.00 -17.83
N PRO K 549 -28.98 -24.93 -16.65
CA PRO K 549 -29.39 -23.97 -15.64
C PRO K 549 -28.83 -22.57 -15.84
N ASN K 550 -29.21 -21.67 -14.95
CA ASN K 550 -28.75 -20.29 -14.99
C ASN K 550 -27.28 -20.35 -14.67
N PRO K 551 -26.45 -19.98 -15.64
CA PRO K 551 -25.02 -20.03 -15.36
C PRO K 551 -24.59 -19.27 -14.11
N THR K 552 -25.30 -18.21 -13.74
CA THR K 552 -24.87 -17.46 -12.56
C THR K 552 -25.25 -18.15 -11.27
N LYS K 553 -26.09 -19.16 -11.37
CA LYS K 553 -26.49 -19.89 -10.17
C LYS K 553 -25.41 -20.83 -9.64
N LEU K 554 -24.31 -20.93 -10.36
CA LEU K 554 -23.21 -21.76 -9.93
C LEU K 554 -23.64 -23.18 -9.54
N VAL K 555 -24.40 -23.83 -10.41
CA VAL K 555 -24.85 -25.18 -10.14
C VAL K 555 -23.76 -26.17 -10.55
N PRO K 556 -23.17 -26.87 -9.59
CA PRO K 556 -22.11 -27.85 -9.84
C PRO K 556 -22.32 -28.67 -11.09
N ARG K 557 -21.31 -28.71 -11.97
CA ARG K 557 -21.42 -29.47 -13.20
C ARG K 557 -21.74 -30.92 -12.97
N SER K 558 -21.18 -31.50 -11.91
CA SER K 558 -21.41 -32.92 -11.59
C SER K 558 -22.87 -33.19 -11.25
N MET K 559 -23.60 -32.12 -10.95
CA MET K 559 -25.01 -32.23 -10.56
C MET K 559 -25.98 -31.78 -11.65
N THR K 560 -25.46 -31.50 -12.83
CA THR K 560 -26.29 -31.12 -13.97
C THR K 560 -25.88 -31.92 -15.19
N SER K 561 -26.72 -31.90 -16.21
CA SER K 561 -26.42 -32.63 -17.43
C SER K 561 -26.70 -31.77 -18.64
N GLU K 562 -25.92 -30.71 -18.82
CA GLU K 562 -26.12 -29.81 -19.97
C GLU K 562 -25.76 -30.52 -21.27
N ALA K 563 -25.12 -29.79 -22.17
CA ALA K 563 -24.71 -30.35 -23.46
C ALA K 563 -25.89 -30.96 -24.24
N GLY K 564 -27.03 -30.28 -24.23
CA GLY K 564 -28.18 -30.78 -24.96
C GLY K 564 -28.03 -30.28 -26.38
N GLU K 565 -28.96 -29.46 -26.85
CA GLU K 565 -28.89 -28.93 -28.21
C GLU K 565 -29.77 -27.69 -28.35
N TYR K 566 -29.38 -26.74 -29.18
CA TYR K 566 -30.19 -25.53 -29.36
C TYR K 566 -31.65 -25.85 -29.53
N ASP K 567 -32.51 -25.11 -28.83
CA ASP K 567 -33.97 -25.27 -28.91
C ASP K 567 -34.55 -23.96 -28.41
N LEU K 568 -34.87 -23.03 -29.31
CA LEU K 568 -35.39 -21.74 -28.88
C LEU K 568 -36.90 -21.70 -28.60
N ASN K 569 -37.59 -22.84 -28.66
CA ASN K 569 -39.03 -22.87 -28.42
C ASN K 569 -39.41 -22.64 -26.97
N ASP K 570 -40.34 -21.72 -26.74
CA ASP K 570 -40.80 -21.42 -25.40
C ASP K 570 -39.62 -21.16 -24.50
N MET K 571 -38.60 -20.51 -25.03
CA MET K 571 -37.43 -20.21 -24.22
C MET K 571 -37.79 -19.15 -23.19
N TYR K 572 -38.83 -18.36 -23.44
CA TYR K 572 -39.22 -17.34 -22.48
C TYR K 572 -39.70 -18.00 -21.17
N LYS K 573 -39.89 -19.31 -21.20
CA LYS K 573 -40.32 -20.03 -19.99
C LYS K 573 -39.11 -20.42 -19.11
N ARG K 574 -37.96 -20.64 -19.74
CA ARG K 574 -36.74 -21.01 -19.05
C ARG K 574 -36.03 -19.79 -18.53
N SER K 575 -36.56 -18.60 -18.81
CA SER K 575 -35.92 -17.38 -18.36
C SER K 575 -35.72 -17.40 -16.85
N SER K 576 -34.65 -16.74 -16.43
CA SER K 576 -34.26 -16.65 -15.02
C SER K 576 -33.51 -15.34 -14.78
N PRO K 577 -33.70 -14.74 -13.59
CA PRO K 577 -33.01 -13.48 -13.29
C PRO K 577 -31.62 -13.71 -12.73
N ILE K 578 -30.82 -12.65 -12.66
CA ILE K 578 -29.53 -12.83 -12.06
C ILE K 578 -29.58 -11.96 -10.80
N ASN K 579 -29.16 -12.57 -9.68
CA ASN K 579 -29.19 -11.97 -8.35
C ASN K 579 -28.40 -10.70 -8.19
N VAL K 580 -28.96 -9.60 -8.65
CA VAL K 580 -28.33 -8.28 -8.59
C VAL K 580 -29.39 -7.26 -8.19
N ASP K 581 -29.10 -6.46 -7.17
CA ASP K 581 -30.06 -5.46 -6.70
C ASP K 581 -30.69 -4.63 -7.83
N PRO K 582 -32.00 -4.34 -7.73
CA PRO K 582 -32.71 -3.56 -8.74
C PRO K 582 -32.18 -2.13 -8.81
N GLY K 583 -32.18 -1.58 -10.01
CA GLY K 583 -31.72 -0.22 -10.22
C GLY K 583 -32.14 0.28 -11.59
N ASP K 584 -31.28 1.09 -12.21
CA ASP K 584 -31.51 1.66 -13.56
C ASP K 584 -30.34 1.33 -14.50
N TYR K 585 -30.40 0.13 -15.08
CA TYR K 585 -29.40 -0.42 -15.97
C TYR K 585 -29.65 -0.16 -17.47
N ARG K 586 -28.58 0.09 -18.22
CA ARG K 586 -28.72 0.38 -19.64
C ARG K 586 -27.99 -0.62 -20.51
N MET K 587 -27.10 -1.41 -19.90
CA MET K 587 -26.35 -2.41 -20.67
C MET K 587 -25.86 -3.51 -19.77
N ILE K 588 -25.77 -4.70 -20.36
CA ILE K 588 -25.28 -5.86 -19.65
C ILE K 588 -24.31 -6.59 -20.56
N ILE K 589 -23.11 -6.84 -20.06
CA ILE K 589 -22.07 -7.53 -20.82
C ILE K 589 -21.58 -8.76 -20.09
N PRO K 590 -21.91 -9.94 -20.62
CA PRO K 590 -21.50 -11.19 -20.01
C PRO K 590 -20.04 -11.52 -20.32
N LEU K 591 -19.26 -11.76 -19.26
CA LEU K 591 -17.86 -12.12 -19.40
C LEU K 591 -17.62 -13.51 -18.84
N GLU K 592 -16.37 -13.95 -18.87
CA GLU K 592 -16.03 -15.28 -18.41
C GLU K 592 -16.54 -15.64 -17.02
N SER K 593 -16.11 -14.91 -15.99
CA SER K 593 -16.55 -15.19 -14.63
C SER K 593 -17.11 -13.95 -13.93
N SER K 594 -17.54 -12.99 -14.75
CA SER K 594 -18.13 -11.77 -14.25
C SER K 594 -19.07 -11.20 -15.28
N ILE K 595 -19.80 -10.16 -14.90
CA ILE K 595 -20.75 -9.50 -15.79
C ILE K 595 -20.63 -7.98 -15.59
N LEU K 596 -20.50 -7.23 -16.67
CA LEU K 596 -20.41 -5.79 -16.54
C LEU K 596 -21.79 -5.21 -16.71
N ILE K 597 -22.13 -4.25 -15.86
CA ILE K 597 -23.43 -3.60 -15.94
C ILE K 597 -23.30 -2.08 -15.88
N TYR K 598 -24.03 -1.41 -16.75
CA TYR K 598 -24.01 0.06 -16.82
C TYR K 598 -25.19 0.61 -16.01
N SER K 599 -24.86 1.28 -14.91
CA SER K 599 -25.85 1.81 -14.01
C SER K 599 -26.00 3.31 -14.12
N VAL K 600 -27.24 3.79 -13.96
CA VAL K 600 -27.50 5.23 -14.01
C VAL K 600 -28.24 5.66 -12.75
N PRO K 601 -27.50 6.21 -11.78
CA PRO K 601 -28.09 6.67 -10.52
C PRO K 601 -29.25 7.65 -10.79
N VAL K 602 -30.32 7.53 -10.01
CA VAL K 602 -31.47 8.40 -10.13
C VAL K 602 -31.04 9.85 -10.04
N HIS K 603 -31.70 10.68 -10.84
CA HIS K 603 -31.37 12.10 -10.89
C HIS K 603 -32.52 12.88 -11.52
N GLY K 604 -32.51 14.20 -11.35
CA GLY K 604 -33.56 15.03 -11.94
C GLY K 604 -33.42 15.09 -13.44
N GLU K 605 -34.42 15.63 -14.12
CA GLU K 605 -34.35 15.72 -15.56
C GLU K 605 -34.37 17.11 -16.10
N PHE K 606 -34.31 18.09 -15.21
CA PHE K 606 -34.33 19.46 -15.65
C PHE K 606 -33.22 19.73 -16.67
N ALA K 607 -31.96 19.60 -16.25
CA ALA K 607 -30.83 19.86 -17.12
C ALA K 607 -30.91 19.13 -18.46
N ALA K 608 -31.35 17.88 -18.42
CA ALA K 608 -31.48 17.06 -19.63
C ALA K 608 -32.59 17.54 -20.56
N TYR K 609 -33.66 18.05 -19.97
CA TYR K 609 -34.81 18.55 -20.73
C TYR K 609 -34.59 19.90 -21.38
N TYR K 610 -33.93 20.82 -20.69
CA TYR K 610 -33.71 22.14 -21.27
C TYR K 610 -32.31 22.33 -21.88
N GLN K 611 -31.29 21.84 -21.18
CA GLN K 611 -29.91 21.98 -21.64
C GLN K 611 -29.42 20.76 -22.42
N GLY K 612 -30.29 19.77 -22.60
CA GLY K 612 -29.87 18.58 -23.33
C GLY K 612 -28.69 17.88 -22.66
N ALA K 613 -28.40 18.29 -21.42
CA ALA K 613 -27.30 17.72 -20.64
C ALA K 613 -27.33 16.17 -20.65
N PRO K 614 -26.18 15.54 -20.97
CA PRO K 614 -26.07 14.08 -21.02
C PRO K 614 -26.31 13.46 -19.66
N GLU K 615 -26.76 12.22 -19.69
CA GLU K 615 -27.06 11.47 -18.48
C GLU K 615 -25.77 10.84 -17.90
N LYS K 616 -25.65 10.77 -16.57
CA LYS K 616 -24.44 10.21 -15.92
C LYS K 616 -24.58 8.77 -15.44
N GLY K 617 -23.68 7.90 -15.92
CA GLY K 617 -23.71 6.51 -15.55
C GLY K 617 -22.40 6.06 -14.93
N VAL K 618 -22.31 4.77 -14.62
CA VAL K 618 -21.10 4.23 -14.01
C VAL K 618 -21.02 2.73 -14.35
N LEU K 619 -19.84 2.29 -14.77
CA LEU K 619 -19.62 0.89 -15.14
C LEU K 619 -19.41 0.03 -13.91
N LEU K 620 -20.30 -0.93 -13.70
CA LEU K 620 -20.21 -1.83 -12.54
C LEU K 620 -19.82 -3.25 -12.93
N LYS K 621 -19.21 -3.94 -11.99
CA LYS K 621 -18.80 -5.30 -12.22
C LYS K 621 -19.35 -6.25 -11.17
N TYR K 622 -19.92 -7.37 -11.62
CA TYR K 622 -20.49 -8.36 -10.74
C TYR K 622 -19.73 -9.66 -10.95
N ASP K 623 -19.09 -10.13 -9.87
CA ASP K 623 -18.34 -11.38 -9.92
C ASP K 623 -19.31 -12.52 -9.61
N VAL K 624 -19.50 -13.43 -10.56
CA VAL K 624 -20.43 -14.53 -10.37
C VAL K 624 -20.11 -15.38 -9.13
N LYS K 625 -18.82 -15.62 -8.91
CA LYS K 625 -18.37 -16.42 -7.77
C LYS K 625 -18.65 -15.74 -6.43
N THR K 626 -18.06 -14.56 -6.23
CA THR K 626 -18.22 -13.81 -5.00
C THR K 626 -19.56 -13.10 -4.85
N ARG K 627 -20.30 -12.97 -5.96
CA ARG K 627 -21.60 -12.30 -5.97
C ARG K 627 -21.47 -10.88 -5.42
N LYS K 628 -20.27 -10.33 -5.46
CA LYS K 628 -20.04 -8.98 -4.98
C LYS K 628 -19.91 -8.02 -6.14
N VAL K 629 -20.34 -6.78 -5.92
CA VAL K 629 -20.29 -5.77 -6.96
C VAL K 629 -19.20 -4.75 -6.67
N THR K 630 -18.68 -4.13 -7.73
CA THR K 630 -17.64 -3.13 -7.61
C THR K 630 -17.77 -2.11 -8.73
N GLU K 631 -17.04 -1.02 -8.58
CA GLU K 631 -17.05 0.04 -9.58
C GLU K 631 -15.81 -0.06 -10.46
N VAL K 632 -16.03 -0.06 -11.76
CA VAL K 632 -14.94 -0.14 -12.73
C VAL K 632 -14.59 1.25 -13.24
N LYS K 633 -15.59 2.09 -13.48
CA LYS K 633 -15.32 3.42 -14.03
C LYS K 633 -16.52 4.31 -13.76
N ASN K 634 -16.28 5.54 -13.35
CA ASN K 634 -17.42 6.42 -13.11
C ASN K 634 -17.46 7.62 -14.06
N ASN K 635 -18.35 8.56 -13.78
CA ASN K 635 -18.47 9.77 -14.59
C ASN K 635 -18.61 9.50 -16.07
N LEU K 636 -19.17 8.35 -16.40
CA LEU K 636 -19.36 7.98 -17.80
C LEU K 636 -20.67 8.58 -18.33
N THR K 637 -20.67 9.05 -19.58
CA THR K 637 -21.91 9.58 -20.16
C THR K 637 -22.26 8.77 -21.40
N ASP K 638 -21.40 7.82 -21.72
CA ASP K 638 -21.58 6.96 -22.89
C ASP K 638 -20.49 5.88 -22.91
N LEU K 639 -20.82 4.71 -23.45
CA LEU K 639 -19.86 3.64 -23.49
C LEU K 639 -20.05 2.75 -24.72
N ARG K 640 -18.94 2.26 -25.26
CA ARG K 640 -18.97 1.38 -26.40
C ARG K 640 -18.02 0.24 -26.05
N LEU K 641 -18.27 -0.94 -26.63
CA LEU K 641 -17.40 -2.06 -26.36
C LEU K 641 -17.03 -2.77 -27.64
N SER K 642 -15.76 -3.16 -27.72
CA SER K 642 -15.19 -3.85 -28.85
C SER K 642 -15.96 -5.11 -29.19
N ALA K 643 -15.66 -5.69 -30.35
CA ALA K 643 -16.33 -6.93 -30.76
C ALA K 643 -15.67 -8.09 -30.01
N ASP K 644 -14.40 -7.92 -29.67
CA ASP K 644 -13.65 -8.95 -28.93
C ASP K 644 -13.87 -8.86 -27.42
N ARG K 645 -14.62 -7.84 -27.00
CA ARG K 645 -14.92 -7.63 -25.59
C ARG K 645 -13.65 -7.35 -24.77
N LYS K 646 -12.58 -6.93 -25.43
CA LYS K 646 -11.34 -6.67 -24.72
C LYS K 646 -11.04 -5.19 -24.61
N THR K 647 -11.62 -4.40 -25.51
CA THR K 647 -11.37 -2.95 -25.50
C THR K 647 -12.63 -2.17 -25.16
N VAL K 648 -12.49 -1.19 -24.26
CA VAL K 648 -13.62 -0.36 -23.88
C VAL K 648 -13.36 1.08 -24.29
N MET K 649 -14.38 1.71 -24.88
CA MET K 649 -14.29 3.11 -25.31
C MET K 649 -15.45 3.79 -24.58
N VAL K 650 -15.18 4.95 -23.99
CA VAL K 650 -16.20 5.65 -23.25
C VAL K 650 -16.02 7.15 -23.28
N ARG K 651 -17.08 7.88 -22.98
CA ARG K 651 -17.02 9.33 -22.91
C ARG K 651 -17.43 9.70 -21.47
N LYS K 652 -16.69 10.62 -20.86
CA LYS K 652 -17.01 11.01 -19.50
C LYS K 652 -17.73 12.35 -19.46
N ASP K 653 -18.24 12.70 -18.28
CA ASP K 653 -18.97 13.96 -18.10
C ASP K 653 -18.16 15.20 -18.45
N ASP K 654 -16.90 15.00 -18.81
CA ASP K 654 -16.03 16.12 -19.18
C ASP K 654 -15.97 16.25 -20.68
N GLY K 655 -16.80 15.46 -21.37
CA GLY K 655 -16.85 15.52 -22.82
C GLY K 655 -15.74 14.77 -23.55
N LYS K 656 -14.62 14.52 -22.89
CA LYS K 656 -13.54 13.79 -23.55
C LYS K 656 -13.85 12.30 -23.73
N ILE K 657 -13.13 11.65 -24.63
CA ILE K 657 -13.31 10.24 -24.90
C ILE K 657 -12.08 9.52 -24.43
N TYR K 658 -12.26 8.36 -23.80
CA TYR K 658 -11.13 7.58 -23.33
C TYR K 658 -11.23 6.18 -23.78
N THR K 659 -10.16 5.43 -23.60
CA THR K 659 -10.17 4.04 -24.01
C THR K 659 -9.26 3.26 -23.06
N PHE K 660 -9.72 2.09 -22.64
CA PHE K 660 -8.95 1.26 -21.72
C PHE K 660 -9.28 -0.21 -21.88
N PRO K 661 -8.29 -1.08 -21.60
CA PRO K 661 -8.48 -2.53 -21.71
C PRO K 661 -9.40 -2.96 -20.59
N LEU K 662 -10.34 -3.85 -20.92
CA LEU K 662 -11.27 -4.33 -19.90
C LEU K 662 -10.53 -5.06 -18.75
N GLU K 663 -9.45 -5.75 -19.09
CA GLU K 663 -8.66 -6.48 -18.10
C GLU K 663 -7.91 -5.53 -17.17
N LYS K 664 -7.43 -4.41 -17.71
CA LYS K 664 -6.71 -3.42 -16.93
C LYS K 664 -7.33 -2.03 -17.13
N PRO K 665 -8.55 -1.84 -16.61
CA PRO K 665 -9.29 -0.59 -16.71
C PRO K 665 -8.59 0.62 -16.12
N GLU K 666 -7.49 0.37 -15.42
CA GLU K 666 -6.73 1.46 -14.83
C GLU K 666 -5.87 2.13 -15.89
N ASP K 667 -5.60 1.39 -16.97
CA ASP K 667 -4.78 1.91 -18.07
C ASP K 667 -5.58 2.53 -19.22
N GLU K 668 -6.15 3.70 -18.99
CA GLU K 668 -6.90 4.36 -20.04
C GLU K 668 -6.09 5.50 -20.66
N ARG K 669 -6.31 5.74 -21.95
CA ARG K 669 -5.64 6.82 -22.66
C ARG K 669 -6.75 7.71 -23.15
N THR K 670 -6.38 8.94 -23.52
CA THR K 670 -7.35 9.90 -24.04
C THR K 670 -7.35 9.84 -25.56
N VAL K 671 -8.53 9.75 -26.15
CA VAL K 671 -8.62 9.69 -27.61
C VAL K 671 -8.60 11.10 -28.20
N GLU K 672 -7.50 11.46 -28.84
CA GLU K 672 -7.41 12.80 -29.42
C GLU K 672 -7.77 12.78 -30.89
N THR K 673 -8.46 13.82 -31.35
CA THR K 673 -8.88 13.89 -32.74
C THR K 673 -8.62 15.23 -33.38
N ASP K 674 -8.35 16.24 -32.55
CA ASP K 674 -8.10 17.58 -33.04
C ASP K 674 -6.68 17.82 -33.58
N LYS K 675 -5.97 16.75 -33.90
CA LYS K 675 -4.62 16.89 -34.44
C LYS K 675 -4.70 17.30 -35.92
N ARG K 676 -5.52 16.58 -36.69
CA ARG K 676 -5.70 16.85 -38.13
C ARG K 676 -6.91 17.74 -38.37
N PRO K 677 -6.72 18.92 -38.99
CA PRO K 677 -7.84 19.83 -39.28
C PRO K 677 -8.91 19.16 -40.16
N LEU K 678 -10.17 19.47 -39.88
CA LEU K 678 -11.27 18.92 -40.67
C LEU K 678 -11.46 19.88 -41.87
N VAL K 679 -11.45 19.35 -43.08
CA VAL K 679 -11.59 20.19 -44.28
C VAL K 679 -12.87 20.00 -45.09
N SER K 680 -13.48 21.11 -45.48
CA SER K 680 -14.70 21.05 -46.27
C SER K 680 -14.92 22.30 -47.12
N SER K 681 -15.97 22.25 -47.95
CA SER K 681 -16.38 23.33 -48.85
C SER K 681 -17.76 23.87 -48.46
N ILE K 682 -17.83 25.17 -48.19
CA ILE K 682 -19.10 25.79 -47.81
C ILE K 682 -20.23 25.50 -48.79
N HIS K 683 -20.00 25.70 -50.09
CA HIS K 683 -21.08 25.47 -51.06
C HIS K 683 -21.46 23.99 -51.22
N GLU K 684 -20.54 23.07 -50.96
CA GLU K 684 -20.91 21.67 -51.08
C GLU K 684 -21.74 21.29 -49.87
N GLU K 685 -21.33 21.77 -48.69
CA GLU K 685 -22.02 21.49 -47.43
C GLU K 685 -23.40 22.14 -47.36
N PHE K 686 -23.47 23.41 -47.76
CA PHE K 686 -24.74 24.14 -47.76
C PHE K 686 -25.81 23.43 -48.59
N LEU K 687 -25.43 22.92 -49.76
CA LEU K 687 -26.35 22.19 -50.60
C LEU K 687 -26.79 20.92 -49.90
N GLN K 688 -25.82 20.21 -49.34
CA GLN K 688 -26.08 18.96 -48.66
C GLN K 688 -27.04 19.21 -47.53
N MET K 689 -26.78 20.25 -46.74
CA MET K 689 -27.63 20.61 -45.60
C MET K 689 -29.06 21.01 -45.98
N TYR K 690 -29.16 21.71 -47.10
CA TYR K 690 -30.47 22.16 -47.57
C TYR K 690 -31.31 20.93 -47.93
N ASP K 691 -30.75 20.08 -48.78
CA ASP K 691 -31.44 18.88 -49.19
C ASP K 691 -31.88 18.03 -48.02
N GLU K 692 -31.05 17.92 -46.99
CA GLU K 692 -31.41 17.08 -45.83
C GLU K 692 -32.55 17.76 -45.07
N ALA K 693 -32.44 19.07 -44.86
CA ALA K 693 -33.47 19.82 -44.17
C ALA K 693 -34.77 19.69 -44.94
N TRP K 694 -34.65 19.75 -46.27
CA TRP K 694 -35.81 19.62 -47.15
C TRP K 694 -36.40 18.20 -47.08
N LYS K 695 -35.54 17.19 -46.88
CA LYS K 695 -36.02 15.82 -46.85
C LYS K 695 -36.70 15.49 -45.54
N LEU K 696 -36.07 15.89 -44.44
CA LEU K 696 -36.65 15.62 -43.11
C LEU K 696 -38.01 16.30 -43.03
N ALA K 697 -38.05 17.57 -43.44
CA ALA K 697 -39.31 18.30 -43.42
C ALA K 697 -40.40 17.50 -44.12
N ARG K 698 -40.03 16.88 -45.24
CA ARG K 698 -40.99 16.09 -46.01
C ARG K 698 -41.31 14.74 -45.38
N ASP K 699 -40.24 14.03 -45.03
CA ASP K 699 -40.38 12.73 -44.44
C ASP K 699 -41.03 12.68 -43.06
N ASN K 700 -40.97 13.77 -42.30
CA ASN K 700 -41.55 13.78 -40.96
C ASN K 700 -42.86 14.54 -40.80
N TYR K 701 -43.33 15.24 -41.84
CA TYR K 701 -44.58 15.98 -41.70
C TYR K 701 -45.65 14.98 -41.27
N TRP K 702 -46.50 15.36 -40.34
CA TRP K 702 -47.54 14.46 -39.83
C TRP K 702 -48.42 13.89 -40.95
N ASN K 703 -48.74 14.72 -41.93
CA ASN K 703 -49.58 14.25 -43.02
C ASN K 703 -48.78 13.97 -44.26
N GLU K 704 -48.64 12.69 -44.59
CA GLU K 704 -47.88 12.27 -45.74
C GLU K 704 -48.37 12.91 -47.04
N ALA K 705 -49.70 12.97 -47.22
CA ALA K 705 -50.26 13.56 -48.43
C ALA K 705 -49.77 14.99 -48.65
N VAL K 706 -50.09 15.86 -47.70
CA VAL K 706 -49.70 17.27 -47.75
C VAL K 706 -48.19 17.42 -47.98
N ALA K 707 -47.46 16.44 -47.47
CA ALA K 707 -46.01 16.42 -47.60
C ALA K 707 -45.58 16.28 -49.06
N LYS K 708 -46.09 15.25 -49.74
CA LYS K 708 -45.75 15.04 -51.13
C LYS K 708 -45.97 16.28 -52.00
N GLU K 709 -47.00 17.06 -51.69
CA GLU K 709 -47.31 18.27 -52.47
C GLU K 709 -46.46 19.46 -52.10
N ILE K 710 -46.42 19.80 -50.81
CA ILE K 710 -45.64 20.95 -50.38
C ILE K 710 -44.17 20.80 -50.74
N SER K 711 -43.60 19.66 -50.42
CA SER K 711 -42.21 19.43 -50.74
C SER K 711 -41.93 19.68 -52.24
N GLU K 712 -42.58 18.89 -53.10
CA GLU K 712 -42.39 19.02 -54.53
C GLU K 712 -42.63 20.42 -55.09
N ARG K 713 -43.41 21.21 -54.40
CA ARG K 713 -43.72 22.55 -54.87
C ARG K 713 -42.78 23.65 -54.34
N ILE K 714 -41.99 23.36 -53.31
CA ILE K 714 -41.09 24.36 -52.75
C ILE K 714 -39.61 24.06 -52.92
N TYR K 715 -39.29 22.83 -53.29
CA TYR K 715 -37.90 22.44 -53.46
C TYR K 715 -37.03 23.42 -54.30
N GLU K 716 -37.12 23.33 -55.63
CA GLU K 716 -36.34 24.17 -56.53
C GLU K 716 -36.34 25.66 -56.14
N LYS K 717 -37.54 26.19 -55.85
CA LYS K 717 -37.68 27.62 -55.49
C LYS K 717 -36.67 28.08 -54.45
N TYR K 718 -36.49 27.27 -53.41
CA TYR K 718 -35.56 27.61 -52.35
C TYR K 718 -34.16 27.07 -52.54
N ARG K 719 -34.02 26.09 -53.42
CA ARG K 719 -32.69 25.53 -53.66
C ARG K 719 -31.85 26.53 -54.41
N ASN K 720 -32.47 27.35 -55.26
CA ASN K 720 -31.76 28.36 -56.06
C ASN K 720 -31.16 29.48 -55.24
N LEU K 721 -31.53 29.55 -53.96
CA LEU K 721 -30.99 30.61 -53.10
C LEU K 721 -29.71 30.13 -52.36
N VAL K 722 -29.58 28.82 -52.18
CA VAL K 722 -28.44 28.24 -51.50
C VAL K 722 -27.10 28.79 -52.04
N PRO K 723 -26.90 28.76 -53.37
CA PRO K 723 -25.65 29.27 -53.95
C PRO K 723 -25.36 30.75 -53.66
N LEU K 724 -26.36 31.48 -53.18
CA LEU K 724 -26.14 32.89 -52.85
C LEU K 724 -25.71 33.01 -51.39
N CYS K 725 -25.83 31.91 -50.66
CA CYS K 725 -25.46 31.90 -49.26
C CYS K 725 -23.98 31.69 -49.06
N LYS K 726 -23.44 32.49 -48.15
CA LYS K 726 -22.01 32.41 -47.84
C LYS K 726 -21.77 32.11 -46.36
N THR K 727 -22.78 32.34 -45.53
CA THR K 727 -22.67 32.10 -44.11
C THR K 727 -23.78 31.21 -43.60
N ARG K 728 -23.56 30.57 -42.46
CA ARG K 728 -24.57 29.67 -41.88
C ARG K 728 -25.88 30.45 -41.70
N TYR K 729 -25.76 31.76 -41.46
CA TYR K 729 -26.93 32.60 -41.27
C TYR K 729 -27.71 32.76 -42.59
N ASP K 730 -26.98 32.82 -43.70
CA ASP K 730 -27.61 32.93 -45.03
C ASP K 730 -28.45 31.65 -45.24
N LEU K 731 -27.86 30.50 -44.92
CA LEU K 731 -28.53 29.20 -45.10
C LEU K 731 -29.77 29.15 -44.23
N SER K 732 -29.66 29.69 -43.02
CA SER K 732 -30.76 29.66 -42.11
C SER K 732 -31.94 30.35 -42.74
N ASN K 733 -31.70 31.55 -43.29
CA ASN K 733 -32.80 32.32 -43.94
C ASN K 733 -33.52 31.51 -45.00
N VAL K 734 -32.75 30.84 -45.87
CA VAL K 734 -33.35 30.02 -46.90
C VAL K 734 -34.12 28.86 -46.27
N ILE K 735 -33.45 28.07 -45.45
CA ILE K 735 -34.08 26.92 -44.80
C ILE K 735 -35.35 27.26 -44.01
N VAL K 736 -35.29 28.28 -43.15
CA VAL K 736 -36.49 28.62 -42.39
C VAL K 736 -37.67 28.98 -43.29
N GLU K 737 -37.41 29.81 -44.30
CA GLU K 737 -38.47 30.20 -45.23
C GLU K 737 -39.07 28.98 -45.91
N MET K 738 -38.25 27.98 -46.17
CA MET K 738 -38.77 26.79 -46.82
C MET K 738 -39.54 25.94 -45.82
N GLN K 739 -39.17 26.03 -44.52
CA GLN K 739 -39.88 25.25 -43.51
C GLN K 739 -41.28 25.90 -43.33
N GLY K 740 -41.32 27.22 -43.45
CA GLY K 740 -42.57 27.95 -43.32
C GLY K 740 -43.58 27.52 -44.37
N GLU K 741 -43.08 26.95 -45.46
CA GLU K 741 -43.93 26.51 -46.54
C GLU K 741 -44.91 25.41 -46.12
N TYR K 742 -44.73 24.82 -44.94
CA TYR K 742 -45.64 23.77 -44.48
C TYR K 742 -46.79 24.37 -43.70
N ARG K 743 -46.74 25.69 -43.56
CA ARG K 743 -47.81 26.41 -42.87
C ARG K 743 -48.26 25.72 -41.59
N THR K 744 -47.32 25.21 -40.81
CA THR K 744 -47.68 24.54 -39.57
C THR K 744 -46.80 25.01 -38.42
N SER K 745 -47.20 24.70 -37.20
CA SER K 745 -46.43 25.08 -36.01
C SER K 745 -45.31 24.07 -35.74
N HIS K 746 -44.40 24.47 -34.84
CA HIS K 746 -43.27 23.65 -34.41
C HIS K 746 -42.15 23.36 -35.43
N SER K 747 -42.07 24.17 -36.49
CA SER K 747 -41.01 23.99 -37.49
C SER K 747 -39.92 24.93 -37.03
N TYR K 748 -39.05 24.43 -36.18
CA TYR K 748 -37.99 25.25 -35.65
C TYR K 748 -36.63 24.85 -36.17
N GLU K 749 -35.62 25.67 -35.84
CA GLU K 749 -34.23 25.41 -36.20
C GLU K 749 -33.36 25.84 -35.02
N MET K 750 -32.76 24.85 -34.34
CA MET K 750 -31.92 25.09 -33.15
C MET K 750 -30.51 24.49 -33.33
N GLY K 751 -29.61 24.92 -32.47
CA GLY K 751 -28.24 24.43 -32.57
C GLY K 751 -27.52 25.00 -33.78
N GLY K 752 -26.50 24.31 -34.26
CA GLY K 752 -25.77 24.81 -35.42
C GLY K 752 -24.72 25.84 -35.01
N THR K 753 -23.69 25.97 -35.84
CA THR K 753 -22.59 26.90 -35.59
C THR K 753 -22.73 28.08 -36.56
N PHE K 754 -22.99 29.26 -36.02
CA PHE K 754 -23.19 30.46 -36.82
C PHE K 754 -22.06 31.46 -36.64
N THR K 755 -21.23 31.27 -35.63
CA THR K 755 -20.14 32.22 -35.39
C THR K 755 -19.05 31.75 -34.41
N ASP K 756 -17.87 32.34 -34.50
CA ASP K 756 -16.79 31.97 -33.60
C ASP K 756 -16.74 33.01 -32.48
N LYS K 757 -17.72 33.90 -32.44
CA LYS K 757 -17.77 34.93 -31.42
C LYS K 757 -18.36 34.36 -30.14
N ASP K 758 -17.77 34.71 -29.01
CA ASP K 758 -18.28 34.22 -27.71
C ASP K 758 -19.56 34.92 -27.35
N PRO K 759 -20.47 34.20 -26.68
CA PRO K 759 -21.72 34.83 -26.32
C PRO K 759 -21.53 36.09 -25.47
N PHE K 760 -22.48 37.00 -25.60
CA PHE K 760 -22.48 38.23 -24.82
C PHE K 760 -22.68 37.93 -23.34
N ARG K 761 -22.06 38.72 -22.49
CA ARG K 761 -22.20 38.50 -21.05
C ARG K 761 -23.02 39.62 -20.46
N SER K 762 -23.74 39.30 -19.39
CA SER K 762 -24.56 40.29 -18.72
C SER K 762 -24.47 40.08 -17.21
N GLY K 763 -23.93 41.08 -16.50
CA GLY K 763 -23.77 40.97 -15.06
C GLY K 763 -25.07 41.27 -14.35
N ARG K 764 -25.59 40.29 -13.60
CA ARG K 764 -26.84 40.47 -12.88
C ARG K 764 -26.82 40.17 -11.38
N ILE K 765 -27.54 40.99 -10.63
CA ILE K 765 -27.63 40.81 -9.17
C ILE K 765 -29.10 40.93 -8.74
N ALA K 766 -29.99 40.53 -9.65
CA ALA K 766 -31.42 40.56 -9.38
C ALA K 766 -31.82 41.91 -8.83
N CYS K 767 -31.55 42.97 -9.58
CA CYS K 767 -31.92 44.31 -9.16
C CYS K 767 -32.25 45.16 -10.37
N ASP K 768 -32.93 46.28 -10.12
CA ASP K 768 -33.27 47.24 -11.17
C ASP K 768 -32.63 48.56 -10.79
N PHE K 769 -31.90 49.13 -11.72
CA PHE K 769 -31.22 50.40 -11.46
C PHE K 769 -31.89 51.59 -12.15
N LYS K 770 -31.73 52.77 -11.55
CA LYS K 770 -32.31 53.98 -12.09
C LYS K 770 -31.31 55.15 -11.93
N LEU K 771 -31.07 55.89 -13.00
CA LEU K 771 -30.12 57.01 -12.94
C LEU K 771 -30.82 58.19 -12.28
N ASP K 772 -30.33 58.61 -11.12
CA ASP K 772 -30.93 59.74 -10.46
C ASP K 772 -29.83 60.71 -10.03
N GLY K 773 -29.54 61.68 -10.91
CA GLY K 773 -28.52 62.65 -10.63
C GLY K 773 -27.23 62.12 -11.20
N ASP K 774 -26.34 61.66 -10.32
CA ASP K 774 -25.03 61.15 -10.74
C ASP K 774 -24.73 59.82 -10.07
N HIS K 775 -25.79 59.20 -9.56
CA HIS K 775 -25.68 57.92 -8.87
C HIS K 775 -26.79 56.99 -9.34
N TYR K 776 -26.53 55.69 -9.28
CA TYR K 776 -27.53 54.69 -9.66
C TYR K 776 -28.19 54.27 -8.36
N VAL K 777 -29.52 54.17 -8.38
CA VAL K 777 -30.26 53.74 -7.20
C VAL K 777 -30.94 52.39 -7.46
N VAL K 778 -30.98 51.56 -6.42
CA VAL K 778 -31.63 50.27 -6.51
C VAL K 778 -33.13 50.52 -6.58
N ALA K 779 -33.66 50.61 -7.80
CA ALA K 779 -35.09 50.85 -8.02
C ALA K 779 -35.93 49.68 -7.53
N LYS K 780 -35.39 48.47 -7.67
CA LYS K 780 -36.08 47.25 -7.25
C LYS K 780 -35.11 46.13 -6.89
N ALA K 781 -35.48 45.32 -5.89
CA ALA K 781 -34.65 44.20 -5.48
C ALA K 781 -35.52 42.94 -5.48
N TYR K 782 -35.46 42.20 -6.58
CA TYR K 782 -36.27 40.99 -6.74
C TYR K 782 -36.00 39.85 -5.76
N ALA K 783 -37.08 39.23 -5.28
CA ALA K 783 -37.02 38.10 -4.35
C ALA K 783 -38.33 37.33 -4.41
N GLY K 784 -38.22 36.01 -4.33
CA GLY K 784 -39.40 35.15 -4.36
C GLY K 784 -39.56 34.44 -3.02
N ASP K 785 -39.03 33.22 -2.91
CA ASP K 785 -39.11 32.48 -1.64
C ASP K 785 -37.71 32.51 -0.99
N TYR K 786 -37.53 33.47 -0.08
CA TYR K 786 -36.30 33.66 0.63
C TYR K 786 -35.57 32.38 1.04
N SER K 787 -36.32 31.36 1.44
CA SER K 787 -35.70 30.12 1.88
C SER K 787 -35.40 29.14 0.77
N ASN K 788 -35.88 29.40 -0.44
CA ASN K 788 -35.59 28.52 -1.55
C ASN K 788 -34.19 28.84 -2.05
N GLU K 789 -33.76 28.11 -3.05
CA GLU K 789 -32.45 28.36 -3.64
C GLU K 789 -32.61 29.26 -4.89
N GLY K 790 -31.59 30.10 -5.11
CA GLY K 790 -31.58 30.99 -6.25
C GLY K 790 -32.86 31.74 -6.54
N GLU K 791 -33.42 32.41 -5.53
CA GLU K 791 -34.66 33.17 -5.71
C GLU K 791 -34.63 34.56 -5.08
N LYS K 792 -33.51 35.24 -5.16
CA LYS K 792 -33.45 36.58 -4.59
C LYS K 792 -32.13 37.22 -4.93
N SER K 793 -32.07 38.54 -4.75
CA SER K 793 -30.83 39.26 -5.03
C SER K 793 -29.76 38.75 -4.08
N PRO K 794 -28.61 38.37 -4.62
CA PRO K 794 -27.54 37.87 -3.76
C PRO K 794 -27.20 38.84 -2.62
N ILE K 795 -27.68 40.07 -2.72
CA ILE K 795 -27.38 41.04 -1.66
C ILE K 795 -28.10 40.65 -0.37
N PHE K 796 -29.27 40.05 -0.50
CA PHE K 796 -30.04 39.63 0.67
C PHE K 796 -29.26 38.76 1.66
N GLU K 797 -28.33 37.96 1.17
CA GLU K 797 -27.55 37.10 2.06
C GLU K 797 -26.85 37.89 3.17
N TYR K 798 -26.59 39.18 2.94
CA TYR K 798 -25.94 40.02 3.95
C TYR K 798 -26.95 40.69 4.85
N GLY K 799 -28.16 40.14 4.90
CA GLY K 799 -29.20 40.71 5.75
C GLY K 799 -29.54 42.16 5.52
N ILE K 800 -29.81 42.54 4.27
CA ILE K 800 -30.19 43.92 3.92
C ILE K 800 -30.87 43.98 2.57
N ASP K 801 -32.02 44.64 2.52
CA ASP K 801 -32.77 44.81 1.28
C ASP K 801 -32.19 46.03 0.55
N PRO K 802 -31.46 45.79 -0.55
CA PRO K 802 -30.83 46.85 -1.36
C PRO K 802 -31.77 47.93 -1.88
N THR K 803 -33.05 47.59 -2.01
CA THR K 803 -34.01 48.56 -2.52
C THR K 803 -33.78 49.93 -1.86
N GLY K 804 -33.79 50.99 -2.66
CA GLY K 804 -33.60 52.33 -2.14
C GLY K 804 -32.17 52.82 -2.01
N TYR K 805 -31.24 51.91 -1.71
CA TYR K 805 -29.82 52.23 -1.57
C TYR K 805 -29.21 52.80 -2.86
N LEU K 806 -28.06 53.47 -2.70
CA LEU K 806 -27.34 54.06 -3.83
C LEU K 806 -26.07 53.28 -4.08
N ILE K 807 -25.87 52.85 -5.32
CA ILE K 807 -24.67 52.10 -5.67
C ILE K 807 -23.52 53.07 -5.93
N GLU K 808 -22.52 53.03 -5.05
CA GLU K 808 -21.35 53.90 -5.18
C GLU K 808 -20.38 53.41 -6.23
N ASP K 809 -19.77 52.26 -5.97
CA ASP K 809 -18.80 51.71 -6.90
C ASP K 809 -18.76 50.20 -6.82
N ILE K 810 -18.25 49.59 -7.88
CA ILE K 810 -18.13 48.14 -7.94
C ILE K 810 -16.67 47.83 -8.24
N ASP K 811 -16.06 46.98 -7.40
CA ASP K 811 -14.66 46.56 -7.54
C ASP K 811 -13.74 47.78 -7.74
N GLY K 812 -13.96 48.81 -6.92
CA GLY K 812 -13.13 50.00 -7.01
C GLY K 812 -13.65 51.02 -8.02
N GLU K 813 -14.01 50.58 -9.22
CA GLU K 813 -14.49 51.51 -10.25
C GLU K 813 -15.81 52.18 -9.88
N THR K 814 -15.82 53.51 -9.93
CA THR K 814 -17.01 54.28 -9.62
C THR K 814 -18.01 54.22 -10.78
N VAL K 815 -19.26 53.92 -10.46
CA VAL K 815 -20.32 53.84 -11.45
C VAL K 815 -21.31 54.97 -11.23
N GLY K 816 -22.05 55.33 -12.28
CA GLY K 816 -23.02 56.42 -12.17
C GLY K 816 -23.09 57.22 -13.45
N ALA K 817 -23.47 58.49 -13.32
CA ALA K 817 -23.62 59.40 -14.48
C ALA K 817 -22.61 59.21 -15.61
N GLY K 818 -21.33 59.11 -15.27
CA GLY K 818 -20.34 58.93 -16.32
C GLY K 818 -19.80 57.52 -16.41
N SER K 819 -20.48 56.56 -15.78
CA SER K 819 -20.01 55.19 -15.81
C SER K 819 -21.12 54.15 -15.87
N ASN K 820 -21.26 53.53 -17.04
CA ASN K 820 -22.28 52.51 -17.29
C ASN K 820 -22.20 51.31 -16.33
N ILE K 821 -23.10 51.26 -15.35
CA ILE K 821 -23.10 50.16 -14.42
C ILE K 821 -23.37 48.82 -15.12
N TYR K 822 -24.17 48.87 -16.19
CA TYR K 822 -24.48 47.66 -16.93
C TYR K 822 -23.22 47.05 -17.49
N ARG K 823 -22.33 47.89 -18.02
CA ARG K 823 -21.07 47.40 -18.59
C ARG K 823 -20.17 46.84 -17.48
N VAL K 824 -19.97 47.63 -16.42
CA VAL K 824 -19.15 47.19 -15.31
C VAL K 824 -19.64 45.83 -14.81
N LEU K 825 -20.92 45.72 -14.52
CA LEU K 825 -21.43 44.46 -14.06
C LEU K 825 -21.13 43.38 -15.09
N SER K 826 -21.29 43.70 -16.36
CA SER K 826 -21.02 42.71 -17.40
C SER K 826 -19.59 42.14 -17.25
N GLU K 827 -18.64 43.02 -16.97
CA GLU K 827 -17.23 42.60 -16.86
C GLU K 827 -16.90 41.83 -15.58
N LYS K 828 -17.89 41.68 -14.70
CA LYS K 828 -17.69 40.98 -13.45
C LYS K 828 -18.61 39.77 -13.37
N ALA K 829 -19.34 39.52 -14.43
CA ALA K 829 -20.26 38.39 -14.46
C ALA K 829 -19.57 37.09 -14.16
N GLY K 830 -20.20 36.30 -13.29
CA GLY K 830 -19.63 35.01 -12.93
C GLY K 830 -18.54 35.03 -11.89
N THR K 831 -18.38 36.17 -11.22
CA THR K 831 -17.37 36.29 -10.18
C THR K 831 -17.96 37.05 -9.03
N SER K 832 -17.15 37.26 -8.01
CA SER K 832 -17.63 37.98 -6.83
C SER K 832 -16.93 39.32 -6.79
N ALA K 833 -17.70 40.39 -6.65
CA ALA K 833 -17.13 41.73 -6.61
C ALA K 833 -17.53 42.53 -5.37
N ARG K 834 -16.67 43.46 -4.97
CA ARG K 834 -16.94 44.29 -3.81
C ARG K 834 -17.81 45.46 -4.30
N ILE K 835 -18.99 45.58 -3.70
CA ILE K 835 -19.93 46.63 -4.02
C ILE K 835 -20.18 47.52 -2.82
N ARG K 836 -19.93 48.81 -2.98
CA ARG K 836 -20.15 49.77 -1.90
C ARG K 836 -21.56 50.35 -2.11
N LEU K 837 -22.41 50.27 -1.08
CA LEU K 837 -23.78 50.78 -1.17
C LEU K 837 -24.00 51.89 -0.13
N SER K 838 -25.15 52.56 -0.21
CA SER K 838 -25.52 53.63 0.72
C SER K 838 -27.02 53.79 0.86
N GLY K 839 -27.55 53.61 2.07
CA GLY K 839 -28.99 53.74 2.30
C GLY K 839 -29.31 55.02 3.03
N LYS K 840 -30.47 55.03 3.68
CA LYS K 840 -30.93 56.19 4.46
C LYS K 840 -29.91 56.56 5.55
N GLY K 841 -29.76 57.86 5.77
CA GLY K 841 -28.83 58.33 6.77
C GLY K 841 -27.39 58.07 6.34
N GLY K 842 -26.52 57.80 7.31
CA GLY K 842 -25.14 57.53 7.00
C GLY K 842 -24.88 56.05 6.80
N ASP K 843 -25.95 55.29 6.55
CA ASP K 843 -25.85 53.86 6.33
C ASP K 843 -25.04 53.54 5.06
N LYS K 844 -23.93 52.82 5.23
CA LYS K 844 -23.07 52.45 4.10
C LYS K 844 -22.62 51.00 4.21
N ARG K 845 -22.80 50.25 3.12
CA ARG K 845 -22.43 48.83 3.09
C ARG K 845 -21.33 48.57 2.09
N ASP K 846 -20.51 47.58 2.41
CA ASP K 846 -19.40 47.19 1.57
C ASP K 846 -19.30 45.67 1.57
N LEU K 847 -20.05 45.02 0.69
CA LEU K 847 -20.09 43.57 0.62
C LEU K 847 -19.56 42.92 -0.65
N MET K 848 -19.16 41.65 -0.53
CA MET K 848 -18.67 40.87 -1.66
C MET K 848 -19.89 40.19 -2.24
N ILE K 849 -20.39 40.72 -3.33
CA ILE K 849 -21.56 40.18 -3.98
C ILE K 849 -21.24 39.24 -5.14
N ASP K 850 -22.08 38.23 -5.30
CA ASP K 850 -21.92 37.29 -6.38
C ASP K 850 -22.60 37.90 -7.59
N ILE K 851 -21.81 38.25 -8.60
CA ILE K 851 -22.38 38.83 -9.81
C ILE K 851 -22.81 37.66 -10.72
N LEU K 852 -24.10 37.39 -10.76
CA LEU K 852 -24.65 36.29 -11.56
C LEU K 852 -24.64 36.55 -13.06
N ASP K 853 -24.67 35.47 -13.85
CA ASP K 853 -24.70 35.60 -15.30
C ASP K 853 -26.11 35.80 -15.79
N ASP K 854 -27.09 35.53 -14.93
CA ASP K 854 -28.50 35.64 -15.30
C ASP K 854 -29.38 35.72 -14.05
N ASP K 855 -30.53 36.36 -14.15
CA ASP K 855 -31.44 36.45 -13.01
C ASP K 855 -32.92 36.34 -13.40
N ARG K 856 -33.17 35.68 -14.53
CA ARG K 856 -34.52 35.45 -15.07
C ARG K 856 -35.40 34.71 -14.07
N PHE K 857 -34.92 33.54 -13.65
CA PHE K 857 -35.65 32.70 -12.70
C PHE K 857 -35.94 33.48 -11.43
N ILE K 858 -34.95 34.20 -10.91
CA ILE K 858 -35.22 35.00 -9.71
C ILE K 858 -36.33 36.01 -9.98
N ARG K 859 -36.37 36.58 -11.19
CA ARG K 859 -37.44 37.54 -11.52
C ARG K 859 -38.79 36.81 -11.69
N TYR K 860 -38.77 35.60 -12.25
CA TYR K 860 -39.98 34.82 -12.46
C TYR K 860 -40.58 34.50 -11.12
N ARG K 861 -39.77 33.96 -10.23
CA ARG K 861 -40.26 33.57 -8.90
C ARG K 861 -40.78 34.81 -8.16
N SER K 862 -40.12 35.94 -8.35
CA SER K 862 -40.52 37.18 -7.73
C SER K 862 -41.95 37.52 -8.18
N TRP K 863 -42.16 37.46 -9.49
CA TRP K 863 -43.45 37.73 -10.11
C TRP K 863 -44.53 36.78 -9.55
N VAL K 864 -44.28 35.48 -9.63
CA VAL K 864 -45.25 34.52 -9.14
C VAL K 864 -45.60 34.86 -7.71
N GLU K 865 -44.60 35.02 -6.84
CA GLU K 865 -44.89 35.33 -5.43
C GLU K 865 -45.65 36.64 -5.26
N ALA K 866 -45.41 37.60 -6.15
CA ALA K 866 -46.10 38.87 -6.06
C ALA K 866 -47.56 38.61 -6.36
N ASN K 867 -47.82 37.94 -7.47
CA ASN K 867 -49.20 37.64 -7.87
C ASN K 867 -49.89 36.81 -6.79
N ARG K 868 -49.14 35.90 -6.20
CA ARG K 868 -49.67 35.05 -5.15
C ARG K 868 -50.07 35.93 -3.95
N ARG K 869 -49.18 36.82 -3.51
CA ARG K 869 -49.52 37.68 -2.38
C ARG K 869 -50.71 38.56 -2.72
N TYR K 870 -50.75 38.99 -3.98
CA TYR K 870 -51.84 39.83 -4.45
C TYR K 870 -53.17 39.09 -4.36
N VAL K 871 -53.24 37.91 -4.95
CA VAL K 871 -54.48 37.14 -4.89
C VAL K 871 -54.96 36.91 -3.46
N HIS K 872 -54.06 36.71 -2.50
CA HIS K 872 -54.51 36.49 -1.14
C HIS K 872 -55.20 37.72 -0.60
N GLU K 873 -54.48 38.83 -0.57
CA GLU K 873 -55.00 40.08 -0.04
C GLU K 873 -56.30 40.55 -0.65
N ARG K 874 -56.43 40.45 -1.96
CA ARG K 874 -57.65 40.89 -2.62
C ARG K 874 -58.85 39.97 -2.38
N SER K 875 -58.61 38.67 -2.22
CA SER K 875 -59.72 37.75 -1.97
C SER K 875 -59.90 37.57 -0.45
N LYS K 876 -59.33 38.50 0.32
CA LYS K 876 -59.43 38.45 1.77
C LYS K 876 -59.03 37.05 2.24
N GLY K 877 -57.97 36.51 1.66
CA GLY K 877 -57.48 35.19 2.05
C GLY K 877 -58.41 34.01 1.77
N THR K 878 -59.16 34.09 0.67
CA THR K 878 -60.08 33.02 0.31
C THR K 878 -59.77 32.37 -1.04
N ILE K 879 -58.74 32.86 -1.72
CA ILE K 879 -58.36 32.30 -3.01
C ILE K 879 -56.86 31.95 -3.10
N GLY K 880 -56.57 30.84 -3.77
CA GLY K 880 -55.20 30.41 -3.94
C GLY K 880 -54.70 30.84 -5.31
N TYR K 881 -53.39 30.69 -5.54
CA TYR K 881 -52.78 31.06 -6.81
C TYR K 881 -51.67 30.11 -7.16
N ILE K 882 -51.59 29.76 -8.44
CA ILE K 882 -50.57 28.85 -8.94
C ILE K 882 -50.30 29.27 -10.37
N HIS K 883 -49.04 29.27 -10.76
CA HIS K 883 -48.68 29.64 -12.11
C HIS K 883 -47.82 28.57 -12.75
N ILE K 884 -48.15 28.27 -14.00
CA ILE K 884 -47.42 27.23 -14.76
C ILE K 884 -46.71 27.88 -15.98
N PRO K 885 -45.39 28.07 -15.90
CA PRO K 885 -44.52 28.66 -16.92
C PRO K 885 -44.45 27.85 -18.19
N ASP K 886 -44.52 26.53 -18.07
CA ASP K 886 -44.51 25.72 -19.27
C ASP K 886 -44.99 24.35 -18.89
N MET K 887 -45.04 23.44 -19.86
CA MET K 887 -45.51 22.10 -19.59
C MET K 887 -44.34 21.15 -19.66
N GLY K 888 -43.18 21.63 -19.20
CA GLY K 888 -41.96 20.83 -19.19
C GLY K 888 -41.57 20.54 -17.74
N MET K 889 -40.30 20.25 -17.49
CA MET K 889 -39.90 19.97 -16.14
C MET K 889 -40.13 21.15 -15.23
N MET K 890 -39.84 22.34 -15.71
CA MET K 890 -40.05 23.52 -14.88
C MET K 890 -41.52 23.70 -14.48
N GLY K 891 -42.40 23.43 -15.42
CA GLY K 891 -43.82 23.58 -15.15
C GLY K 891 -44.23 22.67 -14.02
N LEU K 892 -43.85 21.42 -14.18
CA LEU K 892 -44.10 20.41 -13.17
C LEU K 892 -43.57 20.93 -11.83
N ASN K 893 -42.37 21.55 -11.82
CA ASN K 893 -41.76 22.10 -10.58
C ASN K 893 -42.59 23.23 -9.95
N GLU K 894 -42.96 24.23 -10.76
CA GLU K 894 -43.72 25.38 -10.29
C GLU K 894 -45.13 25.04 -9.87
N PHE K 895 -45.78 24.16 -10.62
CA PHE K 895 -47.14 23.74 -10.30
C PHE K 895 -47.13 23.13 -8.91
N TYR K 896 -46.30 22.11 -8.68
CA TYR K 896 -46.30 21.50 -7.36
C TYR K 896 -45.73 22.42 -6.27
N ARG K 897 -44.83 23.33 -6.66
CA ARG K 897 -44.22 24.24 -5.69
C ARG K 897 -45.27 25.05 -4.91
N LEU K 898 -46.36 25.41 -5.58
CA LEU K 898 -47.44 26.15 -4.91
C LEU K 898 -48.72 25.32 -4.76
N PHE K 899 -48.88 24.30 -5.59
CA PHE K 899 -50.06 23.47 -5.54
C PHE K 899 -50.27 22.91 -4.14
N ILE K 900 -49.17 22.72 -3.40
CA ILE K 900 -49.24 22.18 -2.05
C ILE K 900 -49.61 23.17 -0.96
N ASN K 901 -49.70 24.47 -1.29
CA ASN K 901 -50.09 25.47 -0.30
C ASN K 901 -51.35 26.22 -0.70
N GLU K 902 -51.68 26.17 -1.98
CA GLU K 902 -52.83 26.91 -2.51
C GLU K 902 -54.06 26.11 -2.89
N SER K 903 -53.91 24.78 -2.93
CA SER K 903 -55.02 23.93 -3.34
C SER K 903 -56.17 23.85 -2.36
N SER K 904 -56.00 24.31 -1.12
CA SER K 904 -57.09 24.19 -0.15
C SER K 904 -57.77 25.49 0.27
N TYR K 905 -57.90 26.40 -0.68
CA TYR K 905 -58.58 27.64 -0.41
C TYR K 905 -59.98 27.47 -1.00
N GLN K 906 -60.89 28.39 -0.69
CA GLN K 906 -62.23 28.34 -1.24
C GLN K 906 -62.16 28.30 -2.76
N GLY K 907 -61.29 29.10 -3.34
CA GLY K 907 -61.14 29.13 -4.77
C GLY K 907 -59.69 29.03 -5.18
N LEU K 908 -59.45 28.63 -6.43
CA LEU K 908 -58.08 28.51 -6.95
C LEU K 908 -57.93 29.13 -8.33
N ILE K 909 -56.84 29.85 -8.52
CA ILE K 909 -56.57 30.45 -9.83
C ILE K 909 -55.36 29.73 -10.39
N VAL K 910 -55.54 29.08 -11.53
CA VAL K 910 -54.45 28.36 -12.17
C VAL K 910 -53.97 29.24 -13.36
N ASP K 911 -53.17 30.25 -13.05
CA ASP K 911 -52.64 31.15 -14.06
C ASP K 911 -51.66 30.42 -14.97
N VAL K 912 -52.02 30.26 -16.23
CA VAL K 912 -51.10 29.59 -17.13
C VAL K 912 -50.65 30.48 -18.29
N ARG K 913 -50.72 31.80 -18.09
CA ARG K 913 -50.30 32.75 -19.12
C ARG K 913 -48.83 32.58 -19.43
N PHE K 914 -48.44 32.87 -20.67
CA PHE K 914 -47.01 32.74 -21.12
C PHE K 914 -46.52 31.30 -21.07
N ASN K 915 -47.44 30.35 -20.91
CA ASN K 915 -47.04 28.97 -20.86
C ASN K 915 -46.37 28.48 -22.18
N GLY K 916 -45.11 28.09 -22.07
CA GLY K 916 -44.34 27.68 -23.21
C GLY K 916 -44.57 26.31 -23.77
N GLY K 917 -45.60 25.61 -23.32
CA GLY K 917 -45.83 24.26 -23.83
C GLY K 917 -44.86 23.19 -23.29
N GLY K 918 -44.99 21.98 -23.80
CA GLY K 918 -44.15 20.89 -23.38
C GLY K 918 -44.89 19.59 -23.64
N PHE K 919 -45.34 18.91 -22.59
CA PHE K 919 -46.05 17.64 -22.74
C PHE K 919 -46.72 17.12 -21.45
N VAL K 920 -46.41 17.73 -20.31
CA VAL K 920 -46.97 17.26 -19.05
C VAL K 920 -48.32 17.84 -18.66
N SER K 921 -49.01 18.45 -19.60
CA SER K 921 -50.31 19.06 -19.29
C SER K 921 -51.27 17.99 -18.78
N GLN K 922 -51.27 16.84 -19.45
CA GLN K 922 -52.17 15.78 -19.05
C GLN K 922 -52.00 15.44 -17.56
N LEU K 923 -50.75 15.44 -17.09
CA LEU K 923 -50.44 15.15 -15.67
C LEU K 923 -50.95 16.19 -14.69
N ILE K 924 -50.91 17.45 -15.09
CA ILE K 924 -51.39 18.51 -14.23
C ILE K 924 -52.91 18.51 -14.20
N ILE K 925 -53.53 18.24 -15.35
CA ILE K 925 -55.00 18.18 -15.43
C ILE K 925 -55.48 17.05 -14.50
N GLU K 926 -54.87 15.88 -14.66
CA GLU K 926 -55.21 14.72 -13.86
C GLU K 926 -55.25 15.07 -12.39
N LYS K 927 -54.36 15.97 -11.98
CA LYS K 927 -54.34 16.41 -10.59
C LYS K 927 -55.61 17.23 -10.29
N LEU K 928 -55.76 18.35 -10.98
CA LEU K 928 -56.91 19.24 -10.81
C LEU K 928 -58.26 18.53 -10.98
N MET K 929 -58.25 17.43 -11.72
CA MET K 929 -59.44 16.65 -11.99
C MET K 929 -60.00 16.03 -10.72
N ASN K 930 -59.16 15.92 -9.69
CA ASN K 930 -59.59 15.31 -8.44
C ASN K 930 -60.64 16.12 -7.72
N LYS K 931 -61.67 15.43 -7.21
CA LYS K 931 -62.74 16.10 -6.49
C LYS K 931 -62.75 15.60 -5.06
N ARG K 932 -62.81 16.53 -4.11
CA ARG K 932 -62.83 16.19 -2.69
C ARG K 932 -64.16 15.53 -2.29
N ILE K 933 -64.12 14.29 -1.82
CA ILE K 933 -65.35 13.59 -1.46
C ILE K 933 -65.36 13.04 -0.02
N GLY K 934 -64.30 13.33 0.73
CA GLY K 934 -64.25 12.85 2.10
C GLY K 934 -63.15 13.48 2.96
N TYR K 935 -63.11 13.09 4.22
CA TYR K 935 -62.12 13.60 5.13
C TYR K 935 -61.72 12.52 6.13
N ASP K 936 -60.62 12.75 6.81
CA ASP K 936 -60.13 11.83 7.81
C ASP K 936 -60.18 12.61 9.11
N ASN K 937 -60.86 12.06 10.11
CA ASN K 937 -60.95 12.73 11.39
C ASN K 937 -60.02 12.10 12.38
N PRO K 938 -58.99 12.87 12.78
CA PRO K 938 -58.00 12.39 13.73
C PRO K 938 -58.34 12.73 15.17
N ARG K 939 -57.75 11.97 16.09
CA ARG K 939 -57.97 12.20 17.50
C ARG K 939 -57.29 13.53 17.85
N ARG K 940 -56.17 13.83 17.18
CA ARG K 940 -55.42 15.06 17.39
C ARG K 940 -54.92 15.55 16.05
N GLY K 941 -55.12 16.84 15.78
CA GLY K 941 -54.68 17.37 14.51
C GLY K 941 -55.86 17.87 13.71
N THR K 942 -55.63 18.17 12.45
CA THR K 942 -56.68 18.70 11.61
C THR K 942 -57.19 17.67 10.59
N LEU K 943 -58.23 18.02 9.86
CA LEU K 943 -58.82 17.12 8.88
C LEU K 943 -57.86 16.82 7.75
N SER K 944 -58.00 15.64 7.14
CA SER K 944 -57.16 15.29 6.01
C SER K 944 -58.09 15.09 4.83
N PRO K 945 -58.01 15.98 3.84
CA PRO K 945 -58.90 15.82 2.68
C PRO K 945 -58.54 14.60 1.81
N TYR K 946 -59.59 13.99 1.28
CA TYR K 946 -59.47 12.83 0.43
C TYR K 946 -60.17 13.05 -0.92
N PRO K 947 -59.42 13.05 -2.03
CA PRO K 947 -58.00 12.71 -2.07
C PRO K 947 -57.21 13.90 -1.52
N THR K 948 -55.93 13.63 -1.32
CA THR K 948 -55.01 14.64 -0.81
C THR K 948 -54.74 15.68 -1.91
N ASN K 949 -54.52 15.20 -3.11
CA ASN K 949 -54.26 16.08 -4.22
C ASN K 949 -55.57 16.58 -4.85
N SER K 950 -56.54 16.88 -4.01
CA SER K 950 -57.81 17.36 -4.50
C SER K 950 -57.94 18.86 -4.27
N VAL K 951 -58.42 19.58 -5.28
CA VAL K 951 -58.62 20.99 -5.08
C VAL K 951 -59.88 21.12 -4.22
N ARG K 952 -59.78 21.98 -3.20
CA ARG K 952 -60.90 22.20 -2.27
C ARG K 952 -62.22 22.76 -2.85
N GLY K 953 -62.11 23.78 -3.70
CA GLY K 953 -63.30 24.41 -4.27
C GLY K 953 -63.36 24.74 -5.75
N LYS K 954 -63.74 25.99 -6.04
CA LYS K 954 -63.88 26.48 -7.42
C LYS K 954 -62.53 26.85 -8.02
N ILE K 955 -62.34 26.47 -9.27
CA ILE K 955 -61.10 26.74 -9.96
C ILE K 955 -61.34 27.70 -11.13
N ILE K 956 -60.33 28.49 -11.48
CA ILE K 956 -60.47 29.40 -12.61
C ILE K 956 -59.09 29.58 -13.25
N ALA K 957 -59.05 29.44 -14.57
CA ALA K 957 -57.83 29.56 -15.34
C ALA K 957 -57.67 30.91 -16.09
N ILE K 958 -56.44 31.41 -16.11
CA ILE K 958 -56.08 32.64 -16.82
C ILE K 958 -55.13 32.24 -17.97
N THR K 959 -55.35 32.78 -19.17
CA THR K 959 -54.53 32.46 -20.31
C THR K 959 -54.42 33.62 -21.29
N ASN K 960 -53.25 33.78 -21.91
CA ASN K 960 -53.07 34.82 -22.92
C ASN K 960 -52.59 34.20 -24.23
N GLU K 961 -52.25 35.06 -25.18
CA GLU K 961 -51.78 34.61 -26.49
C GLU K 961 -50.35 34.09 -26.45
N TYR K 962 -49.71 34.26 -25.29
CA TYR K 962 -48.32 33.80 -25.13
C TYR K 962 -48.23 32.41 -24.53
N ALA K 963 -49.35 31.70 -24.51
CA ALA K 963 -49.39 30.34 -23.98
C ALA K 963 -49.78 29.46 -25.18
N GLY K 964 -48.93 28.52 -25.55
CA GLY K 964 -49.25 27.68 -26.69
C GLY K 964 -48.82 26.23 -26.54
N SER K 965 -48.87 25.49 -27.64
CA SER K 965 -48.50 24.07 -27.65
C SER K 965 -49.28 23.30 -26.60
N ASP K 966 -48.58 22.58 -25.73
CA ASP K 966 -49.26 21.82 -24.71
C ASP K 966 -50.13 22.84 -23.99
N GLY K 967 -49.67 24.10 -23.96
CA GLY K 967 -50.40 25.19 -23.34
C GLY K 967 -51.75 25.32 -23.98
N ASP K 968 -51.77 25.04 -25.29
CA ASP K 968 -53.03 25.07 -26.09
C ASP K 968 -53.90 23.91 -25.62
N ILE K 969 -53.29 22.72 -25.54
CA ILE K 969 -53.98 21.51 -25.12
C ILE K 969 -54.58 21.66 -23.72
N PHE K 970 -53.78 22.15 -22.78
CA PHE K 970 -54.25 22.38 -21.42
C PHE K 970 -55.48 23.28 -21.38
N SER K 971 -55.44 24.38 -22.11
CA SER K 971 -56.53 25.37 -22.16
C SER K 971 -57.85 24.80 -22.68
N PHE K 972 -57.77 24.11 -23.81
CA PHE K 972 -58.94 23.47 -24.41
C PHE K 972 -59.49 22.42 -23.42
N SER K 973 -58.59 21.62 -22.86
CA SER K 973 -58.98 20.61 -21.92
C SER K 973 -59.65 21.18 -20.68
N PHE K 974 -59.05 22.20 -20.08
CA PHE K 974 -59.64 22.79 -18.88
C PHE K 974 -61.12 23.09 -19.13
N LYS K 975 -61.43 23.68 -20.28
CA LYS K 975 -62.82 23.98 -20.59
C LYS K 975 -63.55 22.67 -20.86
N LYS K 976 -63.07 21.92 -21.85
CA LYS K 976 -63.68 20.64 -22.22
C LYS K 976 -64.06 19.77 -21.03
N LEU K 977 -63.28 19.79 -19.96
CA LEU K 977 -63.59 18.96 -18.80
C LEU K 977 -64.40 19.73 -17.79
N GLY K 978 -64.67 20.98 -18.10
CA GLY K 978 -65.44 21.81 -17.19
C GLY K 978 -64.87 21.99 -15.78
N LEU K 979 -63.56 22.15 -15.67
CA LEU K 979 -62.96 22.34 -14.35
C LEU K 979 -63.21 23.75 -13.85
N GLY K 980 -63.62 24.64 -14.76
CA GLY K 980 -63.90 26.02 -14.39
C GLY K 980 -63.92 26.90 -15.61
N LYS K 981 -64.02 28.21 -15.43
CA LYS K 981 -64.03 29.13 -16.57
C LYS K 981 -62.60 29.49 -17.03
N LEU K 982 -62.49 29.91 -18.28
CA LEU K 982 -61.22 30.30 -18.83
C LEU K 982 -61.25 31.80 -19.12
N ILE K 983 -60.32 32.55 -18.53
CA ILE K 983 -60.24 33.99 -18.74
C ILE K 983 -58.95 34.40 -19.43
N GLY K 984 -59.03 35.40 -20.31
CA GLY K 984 -57.84 35.87 -20.99
C GLY K 984 -58.03 36.24 -22.44
N THR K 985 -57.10 35.78 -23.28
CA THR K 985 -57.14 36.06 -24.71
C THR K 985 -56.79 34.77 -25.47
N ARG K 986 -57.29 34.64 -26.69
CA ARG K 986 -57.02 33.44 -27.48
C ARG K 986 -55.55 33.10 -27.43
N THR K 987 -55.27 31.82 -27.29
CA THR K 987 -53.91 31.31 -27.20
C THR K 987 -53.25 31.08 -28.55
N TRP K 988 -51.94 30.83 -28.53
CA TRP K 988 -51.08 30.59 -29.70
C TRP K 988 -51.64 29.78 -30.84
N GLY K 989 -51.97 28.51 -30.59
CA GLY K 989 -52.52 27.66 -31.63
C GLY K 989 -51.57 26.78 -32.45
N GLY K 990 -50.69 26.03 -31.76
CA GLY K 990 -49.75 25.17 -32.44
C GLY K 990 -49.68 23.82 -31.74
N VAL K 991 -50.62 22.96 -32.06
CA VAL K 991 -50.67 21.66 -31.41
C VAL K 991 -50.17 20.50 -32.25
N VAL K 992 -49.19 20.73 -33.11
CA VAL K 992 -48.61 19.62 -33.85
C VAL K 992 -47.20 19.38 -33.27
N GLY K 993 -47.11 18.42 -32.35
CA GLY K 993 -45.85 18.09 -31.72
C GLY K 993 -44.71 17.56 -32.56
N ILE K 994 -43.53 17.59 -31.98
CA ILE K 994 -42.33 17.11 -32.65
C ILE K 994 -41.42 16.27 -31.75
N THR K 995 -40.57 15.47 -32.40
CA THR K 995 -39.57 14.66 -31.72
C THR K 995 -38.39 14.47 -32.68
N PRO K 996 -37.50 15.47 -32.77
CA PRO K 996 -36.36 15.34 -33.68
C PRO K 996 -35.51 14.13 -33.36
N LYS K 997 -35.00 13.47 -34.39
CA LYS K 997 -34.15 12.31 -34.15
C LYS K 997 -32.93 12.30 -35.05
N ARG K 998 -32.70 13.40 -35.76
CA ARG K 998 -31.57 13.48 -36.66
C ARG K 998 -31.12 14.93 -36.79
N ARG K 999 -29.80 15.15 -36.84
CA ARG K 999 -29.33 16.52 -36.96
C ARG K 999 -28.41 16.76 -38.17
N LEU K 1000 -28.18 18.03 -38.50
CA LEU K 1000 -27.31 18.37 -39.64
C LEU K 1000 -25.86 18.21 -39.26
N ILE K 1001 -25.02 17.98 -40.27
CA ILE K 1001 -23.58 17.79 -40.08
C ILE K 1001 -22.89 18.89 -39.26
N ASP K 1002 -23.56 20.01 -39.03
CA ASP K 1002 -22.95 21.10 -38.28
C ASP K 1002 -23.52 21.18 -36.88
N GLY K 1003 -24.31 20.17 -36.54
CA GLY K 1003 -24.94 20.08 -35.24
C GLY K 1003 -26.33 20.63 -35.19
N THR K 1004 -26.70 21.38 -36.23
CA THR K 1004 -28.02 21.98 -36.32
C THR K 1004 -29.11 20.94 -36.08
N VAL K 1005 -30.07 21.30 -35.25
CA VAL K 1005 -31.17 20.40 -34.97
C VAL K 1005 -32.46 21.02 -35.49
N LEU K 1006 -32.96 20.51 -36.61
CA LEU K 1006 -34.20 21.01 -37.20
C LEU K 1006 -35.35 20.18 -36.62
N THR K 1007 -36.55 20.76 -36.58
CA THR K 1007 -37.74 20.08 -36.07
C THR K 1007 -38.81 20.09 -37.17
N GLN K 1008 -39.68 19.08 -37.17
CA GLN K 1008 -40.75 18.98 -38.15
C GLN K 1008 -42.06 18.56 -37.49
N PRO K 1009 -43.16 19.30 -37.73
CA PRO K 1009 -44.45 18.97 -37.13
C PRO K 1009 -44.84 17.55 -37.55
N GLU K 1010 -44.66 16.61 -36.62
CA GLU K 1010 -44.88 15.19 -36.88
C GLU K 1010 -46.04 14.55 -36.14
N PHE K 1011 -46.53 15.22 -35.11
CA PHE K 1011 -47.63 14.65 -34.31
C PHE K 1011 -48.85 15.56 -34.15
N ALA K 1012 -49.78 15.46 -35.09
CA ALA K 1012 -50.97 16.28 -35.08
C ALA K 1012 -51.95 15.86 -33.99
N PHE K 1013 -52.27 16.79 -33.10
CA PHE K 1013 -53.20 16.54 -32.00
C PHE K 1013 -54.64 16.66 -32.48
N TRP K 1014 -55.44 15.66 -32.13
CA TRP K 1014 -56.84 15.61 -32.53
C TRP K 1014 -57.75 15.62 -31.32
N PHE K 1015 -58.42 16.74 -31.08
CA PHE K 1015 -59.31 16.81 -29.94
C PHE K 1015 -60.65 16.21 -30.34
N ARG K 1016 -61.20 15.37 -29.49
CA ARG K 1016 -62.50 14.78 -29.79
C ARG K 1016 -63.52 15.90 -29.86
N ASP K 1017 -64.42 15.83 -30.84
CA ASP K 1017 -65.46 16.84 -31.02
C ASP K 1017 -64.89 18.23 -31.38
N ALA K 1018 -63.75 18.25 -32.07
CA ALA K 1018 -63.15 19.52 -32.47
C ALA K 1018 -62.08 19.26 -33.54
N GLY K 1019 -61.62 18.03 -33.62
CA GLY K 1019 -60.62 17.66 -34.59
C GLY K 1019 -59.30 18.40 -34.44
N PHE K 1020 -58.71 18.78 -35.55
CA PHE K 1020 -57.43 19.49 -35.49
C PHE K 1020 -57.66 21.00 -35.42
N GLY K 1021 -58.92 21.36 -35.22
CA GLY K 1021 -59.29 22.75 -35.12
C GLY K 1021 -58.37 23.64 -34.32
N VAL K 1022 -57.83 23.13 -33.22
CA VAL K 1022 -56.95 23.96 -32.40
C VAL K 1022 -55.73 24.48 -33.18
N GLU K 1023 -55.16 23.65 -34.04
CA GLU K 1023 -54.00 24.06 -34.81
C GLU K 1023 -54.30 25.26 -35.68
N ASN K 1024 -53.36 26.19 -35.69
CA ASN K 1024 -53.44 27.43 -36.42
C ASN K 1024 -54.63 28.26 -36.00
N TYR K 1025 -54.97 28.20 -34.72
CA TYR K 1025 -56.08 28.99 -34.21
C TYR K 1025 -55.91 29.33 -32.73
N GLY K 1026 -55.77 28.30 -31.91
CA GLY K 1026 -55.62 28.51 -30.48
C GLY K 1026 -56.91 28.15 -29.74
N VAL K 1027 -57.07 28.69 -28.55
CA VAL K 1027 -58.24 28.41 -27.74
C VAL K 1027 -58.92 29.68 -27.29
N ASP K 1028 -60.25 29.69 -27.37
CA ASP K 1028 -61.03 30.85 -26.98
C ASP K 1028 -61.45 30.78 -25.52
N PRO K 1029 -61.12 31.81 -24.73
CA PRO K 1029 -61.49 31.85 -23.32
C PRO K 1029 -62.98 32.20 -23.20
N ASP K 1030 -63.63 31.66 -22.18
CA ASP K 1030 -65.06 31.91 -21.98
C ASP K 1030 -65.31 33.41 -21.91
N VAL K 1031 -64.39 34.13 -21.29
CA VAL K 1031 -64.51 35.57 -21.15
C VAL K 1031 -63.21 36.15 -21.66
N GLU K 1032 -63.30 37.10 -22.58
CA GLU K 1032 -62.10 37.72 -23.14
C GLU K 1032 -61.76 38.99 -22.37
N ILE K 1033 -60.57 39.01 -21.78
CA ILE K 1033 -60.14 40.20 -21.06
C ILE K 1033 -58.82 40.66 -21.68
N GLU K 1034 -58.92 41.69 -22.52
CA GLU K 1034 -57.72 42.23 -23.14
C GLU K 1034 -56.82 42.90 -22.11
N TYR K 1035 -55.56 43.07 -22.47
CA TYR K 1035 -54.58 43.72 -21.61
C TYR K 1035 -54.00 44.89 -22.42
N ALA K 1036 -54.81 45.91 -22.66
CA ALA K 1036 -54.38 47.06 -23.46
C ALA K 1036 -53.17 47.84 -22.91
N PRO K 1037 -52.51 48.61 -23.78
CA PRO K 1037 -51.35 49.42 -23.40
C PRO K 1037 -51.66 50.38 -22.28
N HIS K 1038 -52.90 50.87 -22.25
CA HIS K 1038 -53.29 51.79 -21.19
C HIS K 1038 -53.40 51.08 -19.83
N ASP K 1039 -53.70 49.77 -19.86
CA ASP K 1039 -53.78 48.96 -18.64
C ASP K 1039 -52.37 48.88 -18.04
N TYR K 1040 -51.36 48.79 -18.90
CA TYR K 1040 -49.98 48.73 -18.41
C TYR K 1040 -49.58 50.08 -17.86
N LEU K 1041 -50.04 51.16 -18.48
CA LEU K 1041 -49.71 52.52 -18.03
C LEU K 1041 -50.35 52.83 -16.68
N SER K 1042 -51.49 52.19 -16.38
CA SER K 1042 -52.16 52.41 -15.11
C SER K 1042 -51.64 51.42 -14.06
N GLY K 1043 -50.77 50.51 -14.50
CA GLY K 1043 -50.20 49.53 -13.59
C GLY K 1043 -51.23 48.57 -13.02
N LYS K 1044 -52.17 48.18 -13.86
CA LYS K 1044 -53.22 47.26 -13.44
C LYS K 1044 -53.23 46.02 -14.32
N ASP K 1045 -53.52 44.87 -13.74
CA ASP K 1045 -53.58 43.62 -14.50
C ASP K 1045 -55.06 43.27 -14.56
N PRO K 1046 -55.73 43.67 -15.65
CA PRO K 1046 -57.16 43.42 -15.86
C PRO K 1046 -57.50 41.94 -15.97
N GLN K 1047 -56.48 41.13 -16.27
CA GLN K 1047 -56.71 39.71 -16.38
C GLN K 1047 -56.77 39.04 -15.01
N ILE K 1048 -55.80 39.32 -14.16
CA ILE K 1048 -55.82 38.70 -12.84
C ILE K 1048 -56.89 39.30 -11.96
N ASP K 1049 -57.21 40.56 -12.19
CA ASP K 1049 -58.23 41.21 -11.38
C ASP K 1049 -59.57 40.57 -11.66
N TYR K 1050 -59.90 40.45 -12.94
CA TYR K 1050 -61.18 39.86 -13.32
C TYR K 1050 -61.29 38.48 -12.70
N ALA K 1051 -60.23 37.70 -12.87
CA ALA K 1051 -60.22 36.33 -12.33
C ALA K 1051 -60.58 36.27 -10.85
N ILE K 1052 -59.93 37.15 -10.06
CA ILE K 1052 -60.16 37.22 -8.61
C ILE K 1052 -61.59 37.67 -8.30
N ASP K 1053 -61.99 38.78 -8.92
CA ASP K 1053 -63.31 39.31 -8.69
C ASP K 1053 -64.36 38.30 -9.14
N ALA K 1054 -64.09 37.58 -10.22
CA ALA K 1054 -65.05 36.58 -10.73
C ALA K 1054 -65.24 35.43 -9.74
N LEU K 1055 -64.15 34.97 -9.13
CA LEU K 1055 -64.21 33.88 -8.18
C LEU K 1055 -64.97 34.27 -6.93
N ILE K 1056 -64.72 35.49 -6.46
CA ILE K 1056 -65.40 35.98 -5.27
C ILE K 1056 -66.90 35.89 -5.54
N GLU K 1057 -67.29 36.17 -6.77
CA GLU K 1057 -68.70 36.10 -7.11
C GLU K 1057 -69.20 34.66 -6.98
N GLU K 1058 -68.47 33.71 -7.53
CA GLU K 1058 -68.88 32.30 -7.44
C GLU K 1058 -68.81 31.77 -6.02
N LEU K 1059 -67.95 32.38 -5.22
CA LEU K 1059 -67.75 31.98 -3.83
C LEU K 1059 -68.74 32.64 -2.87
N ARG K 1060 -69.87 33.08 -3.39
CA ARG K 1060 -70.89 33.69 -2.55
C ARG K 1060 -71.86 32.61 -2.09
N ASN K 1061 -71.91 31.51 -2.82
CA ASN K 1061 -72.80 30.41 -2.49
C ASN K 1061 -72.46 29.83 -1.12
N ARG L 1 -40.46 11.69 -26.97
CA ARG L 1 -41.22 12.69 -26.25
C ARG L 1 -41.81 13.79 -27.14
N VAL L 2 -43.09 13.95 -27.34
CA VAL L 2 -44.02 14.80 -28.11
C VAL L 2 -44.41 16.09 -27.41
N ARG L 3 -43.39 17.00 -27.49
CA ARG L 3 -43.30 18.23 -27.10
C ARG L 3 -44.25 19.09 -28.03
N LYS L 4 -44.86 20.19 -27.82
CA LYS L 4 -45.99 20.97 -28.25
C LYS L 4 -45.91 22.38 -27.67
#